data_8F41
#
_entry.id   8F41
#
loop_
_entity.id
_entity.type
_entity.pdbx_description
1 polymer '3-methylcrotonyl-CoA carboxylase, beta-subunit'
2 polymer '3-methylcrotonyl-CoA carboxylase, alpha-subunit'
3 non-polymer 5-(HEXAHYDRO-2-OXO-1H-THIENO[3,4-D]IMIDAZOL-6-YL)PENTANAL
#
loop_
_entity_poly.entity_id
_entity_poly.type
_entity_poly.pdbx_seq_one_letter_code
_entity_poly.pdbx_strand_id
1 'polypeptide(L)'
;YAHHPIDYERSTSKSPNILRLPANTSDPTYQENMARMEGLVEQLRARVRYVQAGGVVPEEEAAKAGVSISSIEADDRVRK
LHLSRGKMLARDRIERLIDPGTRFLELSQLAGWDLYWDDKKKEYERCYSGGIVTGIGLVNGVRCMLVANDATVKGGTYYP
ITVKKHLRAQKIAEQNHLPCIYLVDSGGANLSRQDDVFPDEQHFGRIFYNEAQMSIKSISQIAVVMGSCTAGGAYVPAMA
DENIIVARNGTIFLGGPPLVLAATGEKVSSEELGGADVHCRISGVGDHYATDDLHALYLARRAVANLNLKEHNEARNPTD
VKPVPPLYDPRELGGFIPDMLSDVVKSFDVRAIIARIVDGSRFDEFKALYGNTLVCGFARIEGMQVGIIANQGILYSESA
LKGAHFIGLCTQRNVPLLFLQNITGFMVGKKYEEGGIARNGARLVMAVSSAPVPKVTVLIGGSYGAGNYGMCGRAFEPRF
LFMWPNARISVMGGTQAATVLTLTNRNLKNASEAEIAAFKDKVKKKYEKEGSCYYSTARLWDDGVIAPEDTRVVVAEALR
ATRLAP
;
B,D,F,A,C,E
2 'polypeptide(L)'
;ERKVEKLLVANRGEIACRVFRTCREMHIRTVALFCEAERNAKHVAEADEAVCIGPPPAVNSYLRGEHIISVAKQLNVDAI
HPGYGFLSENASFADAITRSGIEFIGPPASAISLMGSKSESKRIMEAAGVPVVPGYYGENQNVSFLAEEAKKVGFPILIK
AVSGGGGKGMKIVERPEDFTFMLESAKREATNFFKDDRVILERYVKRSRHIECQIFFDKHGRGVFFFERDCSVQRRYQKV
LEEAPAPHLSMETRQRIGEVALQAAKAVGYVGAGTVEFIFDTSTGEFYFMEMNTRLQVEHPVTEEVCRIKGAPLDLVKLQ
IKTAMGKPLTFSQEDVTLVGSCIEARVYAESPERGFLPESGPLTFIREPFQGVRGPARTRLDTGFREGDNVLIHYDPMLA
KVISWGRSREEALRGLRQALGEYKVAGINTNIEFLKRCCETPEFARGGVTTNFISEHESQLLKSPVVTPEVAAMAATAWL
LNRCDNWRGAFRLNSDTNATVHFYIDDHPVEVRLHTEGANYHKIFFSVWDHDGSFEVCSGPVTSKHRDQKSIVNDFTFLF
ENGMHHTVLAVATEGDVTVIGSFGLHQLRLLPLTDGFGDSSTAGGTSTKIVSPMPGKVSKLLVKSGDLVEKGQVLVIVEA
MKMEHPVRALQDGRVSFLVKEGEVVGGDHVLATVAEEE
;
I,K,M,H,J,L
#
loop_
_chem_comp.id
_chem_comp.type
_chem_comp.name
_chem_comp.formula
BTI non-polymer 5-(HEXAHYDRO-2-OXO-1H-THIENO[3,4-D]IMIDAZOL-6-YL)PENTANAL 'C10 H16 N2 O2 S'
#
# COMPACT_ATOMS: atom_id res chain seq x y z
N TYR A 1 81.22 17.89 4.95
CA TYR A 1 80.99 17.72 3.51
C TYR A 1 79.65 17.05 3.25
N ALA A 2 78.64 17.86 2.90
CA ALA A 2 77.32 17.31 2.60
C ALA A 2 76.92 16.24 3.61
N HIS A 3 77.41 16.33 4.83
CA HIS A 3 77.02 15.38 5.88
C HIS A 3 76.79 16.10 7.18
N HIS A 4 75.53 16.19 7.61
CA HIS A 4 75.23 16.94 8.83
C HIS A 4 74.10 16.34 9.66
N PRO A 5 74.33 15.15 10.24
CA PRO A 5 73.32 14.56 11.11
C PRO A 5 73.51 14.98 12.56
N ILE A 6 72.80 14.37 13.49
CA ILE A 6 72.97 14.69 14.91
C ILE A 6 73.42 13.47 15.71
N ASP A 7 74.29 12.65 15.13
CA ASP A 7 74.84 11.48 15.83
C ASP A 7 73.90 10.26 15.83
N TYR A 8 72.59 10.48 15.96
CA TYR A 8 71.66 9.34 16.04
C TYR A 8 71.39 9.21 14.58
N GLU A 9 70.48 8.33 14.19
CA GLU A 9 70.29 8.06 12.76
C GLU A 9 71.56 7.38 12.47
N ARG A 10 72.66 8.13 12.59
CA ARG A 10 73.93 7.51 12.47
C ARG A 10 73.80 6.56 13.59
N SER A 11 73.11 6.97 14.65
CA SER A 11 72.85 6.02 15.73
C SER A 11 71.37 5.67 15.76
N THR A 12 70.90 4.97 16.79
CA THR A 12 69.50 4.52 16.86
C THR A 12 68.90 4.13 15.51
N SER A 13 69.65 3.43 14.68
CA SER A 13 69.12 2.95 13.42
C SER A 13 69.56 1.51 13.35
N LYS A 14 68.99 0.75 12.42
CA LYS A 14 69.39 -0.63 12.25
C LYS A 14 70.69 -0.71 11.47
N SER A 15 71.36 0.43 11.32
CA SER A 15 72.63 0.46 10.59
C SER A 15 73.75 1.15 11.37
N PRO A 16 74.00 0.72 12.62
CA PRO A 16 75.14 1.33 13.32
C PRO A 16 76.35 0.42 13.23
N ASN A 17 77.54 1.01 13.10
CA ASN A 17 78.76 0.21 12.99
C ASN A 17 78.98 -0.63 14.24
N ILE A 18 78.34 -0.24 15.34
CA ILE A 18 78.51 -0.95 16.60
C ILE A 18 78.20 -2.44 16.46
N LEU A 19 77.21 -2.77 15.63
CA LEU A 19 76.81 -4.16 15.47
C LEU A 19 77.86 -4.95 14.70
N ARG A 20 77.58 -6.23 14.45
CA ARG A 20 78.50 -7.07 13.71
C ARG A 20 77.75 -7.87 12.68
N LEU A 21 78.35 -8.05 11.49
CA LEU A 21 77.64 -8.75 10.42
C LEU A 21 78.42 -9.93 9.82
N PRO A 22 78.92 -10.84 10.67
CA PRO A 22 79.59 -12.01 10.14
C PRO A 22 78.54 -13.05 9.83
N ALA A 23 78.15 -13.16 8.56
CA ALA A 23 77.19 -14.20 8.17
C ALA A 23 77.89 -15.41 7.57
N ASN A 24 77.65 -16.58 8.12
CA ASN A 24 78.27 -17.81 7.61
C ASN A 24 77.64 -18.28 6.30
N THR A 25 78.33 -19.14 5.57
CA THR A 25 77.82 -19.62 4.29
C THR A 25 77.58 -21.13 4.29
N SER A 26 77.73 -21.75 5.45
CA SER A 26 77.50 -23.19 5.57
C SER A 26 78.20 -23.98 4.45
N ASP A 27 79.53 -23.86 4.35
CA ASP A 27 80.30 -24.62 3.37
C ASP A 27 80.86 -25.88 4.01
N PRO A 28 81.59 -26.70 3.22
CA PRO A 28 82.21 -27.87 3.85
C PRO A 28 82.94 -27.50 5.13
N THR A 29 83.80 -26.49 5.06
CA THR A 29 84.56 -26.09 6.23
C THR A 29 83.61 -25.87 7.38
N TYR A 30 82.50 -25.18 7.12
CA TYR A 30 81.50 -24.98 8.16
C TYR A 30 80.97 -26.32 8.60
N GLN A 31 80.65 -27.20 7.66
CA GLN A 31 80.10 -28.50 8.00
C GLN A 31 81.08 -29.27 8.85
N GLU A 32 82.34 -29.30 8.43
CA GLU A 32 83.35 -30.05 9.16
C GLU A 32 83.36 -29.58 10.60
N ASN A 33 83.32 -28.28 10.78
CA ASN A 33 83.32 -27.72 12.13
C ASN A 33 81.96 -27.91 12.80
N MET A 34 80.90 -27.45 12.13
CA MET A 34 79.58 -27.54 12.73
C MET A 34 79.26 -28.98 13.10
N ALA A 35 79.61 -29.91 12.21
CA ALA A 35 79.28 -31.29 12.48
C ALA A 35 80.02 -31.79 13.69
N ARG A 36 81.29 -31.47 13.79
CA ARG A 36 82.08 -31.99 14.89
C ARG A 36 81.49 -31.50 16.17
N MET A 37 81.14 -30.22 16.19
CA MET A 37 80.63 -29.66 17.41
C MET A 37 79.49 -30.53 17.83
N GLU A 38 78.64 -30.84 16.87
CA GLU A 38 77.52 -31.67 17.17
C GLU A 38 78.05 -32.95 17.71
N GLY A 39 79.21 -33.38 17.22
CA GLY A 39 79.82 -34.60 17.71
C GLY A 39 80.42 -34.41 19.08
N LEU A 40 80.51 -33.15 19.53
CA LEU A 40 81.13 -32.86 20.82
C LEU A 40 80.11 -32.49 21.89
N VAL A 41 78.82 -32.50 21.54
CA VAL A 41 77.80 -32.09 22.51
C VAL A 41 76.80 -33.19 22.85
N GLU A 42 76.43 -34.01 21.88
CA GLU A 42 75.42 -35.04 22.14
C GLU A 42 75.58 -35.78 23.48
N GLN A 43 76.77 -36.28 23.79
CA GLN A 43 76.96 -37.06 25.02
C GLN A 43 77.10 -36.17 26.21
N LEU A 44 77.62 -34.97 26.00
CA LEU A 44 77.73 -34.03 27.07
C LEU A 44 76.34 -33.89 27.54
N ARG A 45 75.47 -33.56 26.62
CA ARG A 45 74.06 -33.40 26.97
C ARG A 45 73.45 -34.71 27.42
N ALA A 46 74.14 -35.81 27.23
CA ALA A 46 73.57 -37.08 27.56
C ALA A 46 73.98 -37.63 28.91
N ARG A 47 75.28 -37.69 29.20
CA ARG A 47 75.72 -38.30 30.45
C ARG A 47 74.94 -37.66 31.55
N VAL A 48 74.61 -36.41 31.34
CA VAL A 48 73.87 -35.70 32.34
C VAL A 48 72.65 -36.53 32.66
N ARG A 49 71.97 -37.02 31.64
CA ARG A 49 70.75 -37.77 31.88
C ARG A 49 71.04 -39.03 32.64
N TYR A 50 72.14 -39.70 32.32
CA TYR A 50 72.47 -40.97 32.96
C TYR A 50 72.76 -40.87 34.47
N VAL A 51 73.50 -39.82 34.86
CA VAL A 51 73.80 -39.62 36.27
C VAL A 51 72.54 -39.15 36.91
N GLN A 52 71.73 -38.44 36.14
CA GLN A 52 70.44 -38.07 36.64
C GLN A 52 69.76 -39.42 36.67
N ALA A 53 68.94 -39.68 37.67
CA ALA A 53 68.42 -41.05 37.81
C ALA A 53 69.55 -42.04 37.64
N GLY A 54 70.62 -41.81 38.40
CA GLY A 54 71.88 -42.52 38.22
C GLY A 54 71.79 -44.02 38.33
N GLY A 55 72.31 -44.71 37.33
CA GLY A 55 72.35 -46.16 37.31
C GLY A 55 71.05 -46.82 36.95
N VAL A 56 70.00 -46.05 36.67
CA VAL A 56 68.71 -46.58 36.24
C VAL A 56 68.35 -45.85 34.95
N VAL A 57 68.72 -46.43 33.82
CA VAL A 57 68.42 -45.89 32.51
C VAL A 57 67.65 -46.95 31.73
N PRO A 58 66.32 -46.92 31.80
CA PRO A 58 65.53 -48.02 31.21
C PRO A 58 65.68 -48.17 29.71
N GLU A 59 66.17 -47.15 29.00
CA GLU A 59 66.28 -47.27 27.55
C GLU A 59 67.33 -48.31 27.17
N GLU A 60 68.38 -48.45 27.98
CA GLU A 60 69.47 -49.39 27.74
C GLU A 60 70.12 -49.20 26.37
N GLU A 61 69.92 -48.04 25.77
CA GLU A 61 70.55 -47.67 24.50
C GLU A 61 71.56 -46.55 24.69
N ALA A 62 72.12 -46.44 25.90
CA ALA A 62 73.06 -45.36 26.19
C ALA A 62 74.44 -45.67 25.66
N ALA A 63 74.51 -46.06 24.38
CA ALA A 63 75.79 -46.24 23.72
C ALA A 63 76.41 -44.92 23.29
N LYS A 64 75.61 -43.87 23.19
CA LYS A 64 76.15 -42.55 22.88
C LYS A 64 77.05 -42.06 24.02
N ALA A 65 76.82 -42.57 25.22
CA ALA A 65 77.72 -42.33 26.35
C ALA A 65 78.64 -43.53 26.50
N GLY A 66 79.95 -43.26 26.56
CA GLY A 66 80.90 -44.32 26.72
C GLY A 66 80.90 -44.98 28.09
N VAL A 67 79.87 -44.73 28.89
CA VAL A 67 79.82 -45.28 30.23
C VAL A 67 79.65 -46.79 30.17
N SER A 68 80.35 -47.50 31.04
CA SER A 68 80.25 -48.95 31.10
C SER A 68 78.87 -49.38 31.58
N ILE A 69 78.47 -50.58 31.18
CA ILE A 69 77.18 -51.12 31.63
C ILE A 69 77.24 -51.40 33.12
N SER A 70 76.21 -50.96 33.84
CA SER A 70 76.12 -51.15 35.28
C SER A 70 74.88 -51.94 35.61
N SER A 71 74.89 -52.56 36.80
CA SER A 71 73.76 -53.36 37.24
C SER A 71 72.58 -52.45 37.55
N ILE A 72 71.68 -52.32 36.58
CA ILE A 72 70.51 -51.46 36.74
C ILE A 72 69.60 -52.00 37.82
N GLU A 73 69.50 -53.33 37.93
CA GLU A 73 68.56 -53.94 38.87
C GLU A 73 68.93 -53.59 40.30
N ALA A 74 70.23 -53.56 40.62
CA ALA A 74 70.64 -53.25 41.99
C ALA A 74 70.25 -51.83 42.37
N ASP A 75 70.49 -50.88 41.46
CA ASP A 75 70.12 -49.50 41.74
C ASP A 75 68.62 -49.34 41.86
N ASP A 76 67.86 -50.00 41.00
CA ASP A 76 66.40 -49.93 41.11
C ASP A 76 65.92 -50.53 42.41
N ARG A 77 66.53 -51.63 42.85
CA ARG A 77 66.17 -52.23 44.13
C ARG A 77 66.44 -51.27 45.27
N VAL A 78 67.61 -50.62 45.25
CA VAL A 78 67.96 -49.68 46.30
C VAL A 78 66.98 -48.52 46.33
N ARG A 79 66.65 -47.99 45.15
CA ARG A 79 65.72 -46.86 45.09
C ARG A 79 64.33 -47.26 45.55
N LYS A 80 63.86 -48.46 45.18
CA LYS A 80 62.56 -48.94 45.65
C LYS A 80 62.55 -49.07 47.17
N LEU A 81 63.61 -49.66 47.74
CA LEU A 81 63.68 -49.80 49.19
C LEU A 81 63.68 -48.44 49.86
N HIS A 82 64.41 -47.47 49.29
CA HIS A 82 64.50 -46.15 49.90
C HIS A 82 63.17 -45.40 49.80
N LEU A 83 62.48 -45.51 48.67
CA LEU A 83 61.22 -44.79 48.50
C LEU A 83 60.11 -45.43 49.31
N SER A 84 60.19 -46.74 49.55
CA SER A 84 59.24 -47.39 50.45
C SER A 84 59.32 -46.83 51.87
N ARG A 85 60.47 -46.29 52.23
CA ARG A 85 60.65 -45.74 53.58
C ARG A 85 59.77 -44.51 53.81
N GLY A 86 59.46 -43.77 52.75
CA GLY A 86 58.66 -42.57 52.84
C GLY A 86 59.38 -41.29 52.47
N LYS A 87 60.63 -41.37 52.03
CA LYS A 87 61.41 -40.20 51.64
C LYS A 87 61.71 -40.27 50.16
N MET A 88 61.69 -39.11 49.49
CA MET A 88 61.85 -39.06 48.04
C MET A 88 63.32 -39.17 47.66
N LEU A 89 63.70 -40.30 47.04
CA LEU A 89 65.07 -40.47 46.55
C LEU A 89 65.17 -39.89 45.16
N ALA A 90 65.56 -38.60 45.11
CA ALA A 90 65.87 -37.91 43.87
C ALA A 90 66.31 -36.51 44.22
N ARG A 91 66.56 -35.73 43.18
CA ARG A 91 66.67 -34.30 43.33
C ARG A 91 65.32 -33.63 43.47
N ASP A 92 64.26 -34.45 43.59
CA ASP A 92 62.89 -33.93 43.62
C ASP A 92 62.68 -32.88 44.70
N ARG A 93 63.36 -33.03 45.84
CA ARG A 93 63.27 -32.06 46.91
C ARG A 93 63.55 -30.65 46.40
N ILE A 94 64.49 -30.54 45.46
CA ILE A 94 64.87 -29.23 44.93
C ILE A 94 63.73 -28.60 44.14
N GLU A 95 63.26 -29.26 43.07
CA GLU A 95 62.28 -28.60 42.22
C GLU A 95 60.92 -28.49 42.92
N ARG A 96 60.70 -29.31 43.95
CA ARG A 96 59.58 -29.00 44.84
C ARG A 96 59.86 -27.72 45.62
N LEU A 97 61.11 -27.49 46.01
CA LEU A 97 61.43 -26.35 46.87
C LEU A 97 61.41 -25.02 46.13
N ILE A 98 61.85 -25.00 44.87
CA ILE A 98 61.97 -23.75 44.11
C ILE A 98 60.63 -23.38 43.50
N ASP A 99 60.38 -22.08 43.39
CA ASP A 99 59.11 -21.59 42.86
C ASP A 99 58.94 -22.02 41.41
N PRO A 100 57.73 -22.42 41.00
CA PRO A 100 57.51 -22.77 39.60
C PRO A 100 57.66 -21.58 38.67
N GLY A 101 58.08 -21.86 37.45
CA GLY A 101 58.29 -20.82 36.45
C GLY A 101 59.59 -20.08 36.58
N THR A 102 60.47 -20.48 37.50
CA THR A 102 61.73 -19.80 37.77
C THR A 102 62.89 -20.59 37.18
N ARG A 103 64.09 -20.07 37.39
CA ARG A 103 65.29 -20.64 36.79
C ARG A 103 66.06 -21.50 37.79
N PHE A 104 67.05 -22.21 37.27
CA PHE A 104 67.95 -23.05 38.06
C PHE A 104 69.27 -23.12 37.32
N LEU A 105 70.33 -23.51 38.02
CA LEU A 105 71.64 -23.52 37.39
C LEU A 105 72.34 -24.86 37.41
N GLU A 106 72.26 -25.62 38.51
CA GLU A 106 73.03 -26.84 38.70
C GLU A 106 74.52 -26.55 38.56
N LEU A 107 75.03 -25.79 39.53
CA LEU A 107 76.40 -25.30 39.53
C LEU A 107 77.42 -26.36 39.13
N SER A 108 77.55 -27.42 39.90
CA SER A 108 78.47 -28.49 39.61
C SER A 108 77.69 -29.75 39.27
N GLN A 109 77.99 -30.33 38.12
CA GLN A 109 77.32 -31.51 37.61
C GLN A 109 78.35 -32.46 37.04
N LEU A 110 77.96 -33.74 36.93
CA LEU A 110 78.90 -34.80 36.56
C LEU A 110 80.06 -34.88 37.54
N ALA A 111 79.84 -34.39 38.77
CA ALA A 111 80.91 -34.40 39.76
C ALA A 111 81.33 -35.82 40.09
N GLY A 112 82.63 -36.01 40.25
CA GLY A 112 83.14 -37.34 40.56
C GLY A 112 82.85 -38.34 39.48
N TRP A 113 82.82 -37.89 38.22
CA TRP A 113 82.66 -38.80 37.10
C TRP A 113 83.86 -39.73 37.06
N ASP A 114 83.60 -41.03 37.16
CA ASP A 114 84.60 -42.11 37.05
C ASP A 114 85.95 -41.70 37.62
N LEU A 115 85.94 -41.29 38.90
CA LEU A 115 87.10 -40.73 39.56
C LEU A 115 88.03 -41.80 40.13
N TYR A 116 87.51 -42.63 41.03
CA TYR A 116 88.31 -43.58 41.79
C TYR A 116 88.38 -44.91 41.05
N TRP A 117 89.56 -45.52 41.05
CA TRP A 117 89.72 -46.86 40.49
C TRP A 117 89.68 -47.89 41.61
N ASP A 118 88.75 -48.82 41.51
CA ASP A 118 88.55 -49.79 42.59
C ASP A 118 89.60 -50.90 42.51
N ASP A 119 89.46 -51.88 43.41
CA ASP A 119 90.33 -53.05 43.36
C ASP A 119 90.11 -53.82 42.05
N LYS A 120 88.86 -53.94 41.63
CA LYS A 120 88.56 -54.51 40.32
C LYS A 120 89.09 -53.60 39.24
N LYS A 121 89.91 -54.16 38.36
CA LYS A 121 90.63 -53.34 37.39
C LYS A 121 89.69 -52.65 36.42
N LYS A 122 88.65 -53.35 35.98
CA LYS A 122 87.69 -52.81 35.03
C LYS A 122 86.57 -52.02 35.69
N GLU A 123 86.58 -51.90 37.02
CA GLU A 123 85.49 -51.22 37.74
C GLU A 123 85.99 -49.95 38.41
N TYR A 124 85.22 -48.88 38.24
CA TYR A 124 85.42 -47.63 38.97
C TYR A 124 84.31 -47.50 40.00
N GLU A 125 84.53 -46.65 41.00
CA GLU A 125 83.48 -46.39 41.98
C GLU A 125 82.34 -45.65 41.31
N ARG A 126 81.11 -46.12 41.57
CA ARG A 126 79.92 -45.60 40.90
C ARG A 126 79.40 -44.37 41.63
N CYS A 127 80.16 -43.27 41.49
CA CYS A 127 79.73 -41.97 41.99
C CYS A 127 79.15 -41.20 40.81
N TYR A 128 77.84 -41.40 40.59
CA TYR A 128 77.18 -40.71 39.48
C TYR A 128 77.23 -39.20 39.66
N SER A 129 77.10 -38.73 40.89
CA SER A 129 77.35 -37.34 41.24
C SER A 129 78.45 -37.31 42.29
N GLY A 130 78.69 -36.12 42.84
CA GLY A 130 79.68 -35.98 43.89
C GLY A 130 79.15 -36.41 45.24
N GLY A 131 77.95 -36.99 45.24
CA GLY A 131 77.23 -37.30 46.44
C GLY A 131 76.26 -36.22 46.85
N ILE A 132 76.38 -35.04 46.26
CA ILE A 132 75.47 -33.93 46.48
C ILE A 132 75.12 -33.33 45.12
N VAL A 133 74.10 -32.49 45.11
CA VAL A 133 73.74 -31.71 43.93
C VAL A 133 73.67 -30.24 44.35
N THR A 134 74.29 -29.36 43.57
CA THR A 134 74.42 -27.96 43.92
C THR A 134 73.95 -27.09 42.78
N GLY A 135 73.10 -26.11 43.09
CA GLY A 135 72.62 -25.17 42.10
C GLY A 135 72.02 -23.97 42.78
N ILE A 136 71.97 -22.87 42.02
CA ILE A 136 71.41 -21.62 42.52
C ILE A 136 69.89 -21.66 42.34
N GLY A 137 69.17 -21.43 43.42
CA GLY A 137 67.72 -21.51 43.40
C GLY A 137 67.08 -20.25 43.92
N LEU A 138 65.93 -19.91 43.33
CA LEU A 138 65.16 -18.72 43.69
C LEU A 138 63.93 -19.17 44.45
N VAL A 139 63.90 -18.93 45.76
CA VAL A 139 62.84 -19.43 46.63
C VAL A 139 62.05 -18.25 47.16
N ASN A 140 60.74 -18.26 46.90
CA ASN A 140 59.83 -17.26 47.46
C ASN A 140 60.26 -15.83 47.12
N GLY A 141 60.78 -15.62 45.92
CA GLY A 141 61.32 -14.34 45.56
C GLY A 141 62.69 -14.05 46.11
N VAL A 142 63.35 -15.03 46.73
CA VAL A 142 64.67 -14.87 47.32
C VAL A 142 65.62 -15.83 46.64
N ARG A 143 66.76 -15.31 46.19
CA ARG A 143 67.79 -16.14 45.59
C ARG A 143 68.60 -16.84 46.67
N CYS A 144 68.79 -18.15 46.52
CA CYS A 144 69.45 -18.94 47.54
C CYS A 144 70.32 -20.01 46.90
N MET A 145 71.30 -20.49 47.66
CA MET A 145 72.13 -21.61 47.29
C MET A 145 71.49 -22.88 47.81
N LEU A 146 71.39 -23.90 46.96
CA LEU A 146 70.77 -25.16 47.33
C LEU A 146 71.81 -26.27 47.27
N VAL A 147 72.01 -26.96 48.39
CA VAL A 147 72.90 -28.09 48.49
C VAL A 147 72.10 -29.25 49.05
N ALA A 148 72.07 -30.36 48.32
CA ALA A 148 71.29 -31.54 48.71
C ALA A 148 72.19 -32.76 48.75
N ASN A 149 72.22 -33.45 49.88
CA ASN A 149 73.03 -34.67 50.03
C ASN A 149 72.26 -35.82 49.40
N ASP A 150 72.87 -36.46 48.41
CA ASP A 150 72.22 -37.59 47.76
C ASP A 150 72.23 -38.80 48.70
N ALA A 151 71.27 -39.70 48.48
CA ALA A 151 71.12 -40.86 49.35
C ALA A 151 72.09 -41.98 48.97
N THR A 152 73.01 -41.70 48.06
CA THR A 152 74.03 -42.69 47.74
C THR A 152 75.04 -42.80 48.88
N VAL A 153 74.89 -43.84 49.70
CA VAL A 153 75.81 -44.12 50.80
C VAL A 153 76.54 -45.43 50.61
N LYS A 154 76.41 -46.05 49.43
CA LYS A 154 77.04 -47.33 49.18
C LYS A 154 78.56 -47.25 49.26
N GLY A 155 79.14 -46.18 48.73
CA GLY A 155 80.58 -46.02 48.83
C GLY A 155 81.00 -45.33 50.11
N GLY A 156 80.08 -44.62 50.75
CA GLY A 156 80.42 -43.81 51.91
C GLY A 156 79.88 -42.41 51.73
N THR A 157 79.59 -41.71 52.82
CA THR A 157 78.92 -40.41 52.70
C THR A 157 79.73 -39.42 51.89
N TYR A 158 80.90 -39.03 52.38
CA TYR A 158 81.63 -37.91 51.81
C TYR A 158 83.04 -38.32 51.38
N TYR A 159 83.46 -37.77 50.25
CA TYR A 159 84.74 -38.04 49.60
C TYR A 159 85.52 -36.75 49.46
N PRO A 160 86.79 -36.84 49.01
CA PRO A 160 87.56 -35.61 48.74
C PRO A 160 86.94 -34.73 47.67
N ILE A 161 86.01 -35.29 46.91
CA ILE A 161 85.25 -34.51 45.94
C ILE A 161 83.93 -33.99 46.52
N THR A 162 83.45 -34.58 47.60
CA THR A 162 82.20 -34.13 48.19
C THR A 162 82.40 -32.90 49.07
N VAL A 163 83.37 -32.96 49.98
CA VAL A 163 83.63 -31.84 50.87
C VAL A 163 84.11 -30.63 50.06
N LYS A 164 84.88 -30.86 49.00
CA LYS A 164 85.30 -29.75 48.15
C LYS A 164 84.10 -29.07 47.49
N LYS A 165 83.13 -29.87 47.04
CA LYS A 165 81.92 -29.30 46.45
C LYS A 165 81.13 -28.50 47.47
N HIS A 166 80.97 -29.04 48.68
CA HIS A 166 80.27 -28.33 49.75
C HIS A 166 80.96 -27.02 50.09
N LEU A 167 82.30 -27.04 50.18
CA LEU A 167 83.03 -25.84 50.54
C LEU A 167 83.01 -24.81 49.42
N ARG A 168 83.05 -25.27 48.17
CA ARG A 168 82.90 -24.33 47.06
C ARG A 168 81.55 -23.65 47.11
N ALA A 169 80.49 -24.42 47.41
CA ALA A 169 79.17 -23.83 47.54
C ALA A 169 79.13 -22.80 48.67
N GLN A 170 79.73 -23.12 49.81
CA GLN A 170 79.73 -22.19 50.93
C GLN A 170 80.50 -20.91 50.60
N LYS A 171 81.66 -21.05 49.95
CA LYS A 171 82.42 -19.85 49.57
C LYS A 171 81.64 -19.00 48.58
N ILE A 172 80.97 -19.63 47.61
CA ILE A 172 80.17 -18.88 46.65
C ILE A 172 79.04 -18.12 47.35
N ALA A 173 78.35 -18.80 48.27
CA ALA A 173 77.25 -18.14 48.98
C ALA A 173 77.75 -16.98 49.82
N GLU A 174 78.88 -17.17 50.52
CA GLU A 174 79.40 -16.08 51.35
C GLU A 174 79.85 -14.89 50.50
N GLN A 175 80.51 -15.16 49.37
CA GLN A 175 80.91 -14.07 48.49
C GLN A 175 79.70 -13.31 47.97
N ASN A 176 78.65 -14.04 47.59
CA ASN A 176 77.50 -13.43 46.95
C ASN A 176 76.36 -13.10 47.90
N HIS A 177 76.49 -13.44 49.19
CA HIS A 177 75.43 -13.20 50.16
C HIS A 177 74.10 -13.80 49.71
N LEU A 178 74.17 -15.03 49.21
CA LEU A 178 72.99 -15.84 48.99
C LEU A 178 72.84 -16.80 50.15
N PRO A 179 71.72 -16.80 50.87
CA PRO A 179 71.52 -17.80 51.93
C PRO A 179 71.53 -19.22 51.37
N CYS A 180 72.00 -20.15 52.19
CA CYS A 180 72.12 -21.55 51.80
C CYS A 180 70.97 -22.36 52.39
N ILE A 181 70.60 -23.43 51.69
CA ILE A 181 69.70 -24.46 52.21
C ILE A 181 70.36 -25.81 51.98
N TYR A 182 70.57 -26.57 53.06
CA TYR A 182 71.21 -27.86 52.99
C TYR A 182 70.17 -28.94 53.23
N LEU A 183 70.13 -29.93 52.35
CA LEU A 183 69.29 -31.11 52.53
C LEU A 183 70.20 -32.25 52.97
N VAL A 184 70.01 -32.70 54.22
CA VAL A 184 71.00 -33.53 54.89
C VAL A 184 70.49 -34.97 54.90
N ASP A 185 71.24 -35.85 54.23
CA ASP A 185 71.09 -37.28 54.39
C ASP A 185 72.48 -37.90 54.28
N SER A 186 72.90 -38.60 55.33
CA SER A 186 74.28 -39.07 55.45
C SER A 186 74.31 -40.49 55.96
N GLY A 187 75.38 -41.20 55.57
CA GLY A 187 75.75 -42.45 56.19
C GLY A 187 76.86 -42.31 57.21
N GLY A 188 77.08 -41.10 57.73
CA GLY A 188 78.15 -40.86 58.67
C GLY A 188 79.41 -40.34 57.99
N ALA A 189 80.51 -41.07 58.14
CA ALA A 189 81.78 -40.74 57.52
C ALA A 189 82.24 -41.89 56.64
N ASN A 190 83.40 -41.69 56.02
CA ASN A 190 84.09 -42.74 55.28
C ASN A 190 85.35 -43.12 56.04
N LEU A 191 85.29 -44.26 56.75
CA LEU A 191 86.40 -44.70 57.58
C LEU A 191 87.51 -45.37 56.78
N SER A 192 87.47 -45.27 55.44
CA SER A 192 88.53 -45.80 54.59
C SER A 192 89.50 -44.71 54.14
N ARG A 193 88.97 -43.61 53.57
CA ARG A 193 89.77 -42.46 53.18
C ARG A 193 89.74 -41.35 54.23
N GLN A 194 89.63 -41.72 55.51
CA GLN A 194 89.41 -40.72 56.55
C GLN A 194 90.60 -39.77 56.68
N ASP A 195 91.81 -40.28 56.52
CA ASP A 195 92.98 -39.40 56.56
C ASP A 195 92.91 -38.36 55.45
N ASP A 196 92.26 -38.70 54.34
CA ASP A 196 92.20 -37.78 53.20
C ASP A 196 91.09 -36.75 53.37
N VAL A 197 90.11 -37.02 54.21
CA VAL A 197 88.93 -36.17 54.32
C VAL A 197 88.77 -35.51 55.69
N PHE A 198 89.23 -36.13 56.75
CA PHE A 198 89.00 -35.57 58.08
C PHE A 198 90.05 -34.53 58.51
N PRO A 199 91.33 -34.95 58.62
CA PRO A 199 92.32 -33.99 59.15
C PRO A 199 92.78 -32.95 58.14
N ASP A 200 93.88 -32.26 58.45
CA ASP A 200 94.40 -31.22 57.55
C ASP A 200 93.45 -30.03 57.46
N GLU A 201 93.58 -29.24 56.40
CA GLU A 201 92.74 -28.05 56.25
C GLU A 201 91.88 -28.14 54.99
N GLN A 202 90.90 -27.26 54.86
CA GLN A 202 89.97 -27.33 53.72
C GLN A 202 89.26 -28.65 53.78
N HIS A 203 88.96 -29.10 54.99
CA HIS A 203 88.28 -30.39 55.17
C HIS A 203 86.94 -30.26 55.86
N PHE A 204 86.52 -31.31 56.55
CA PHE A 204 85.21 -31.30 57.17
C PHE A 204 85.09 -30.28 58.29
N GLY A 205 86.20 -29.84 58.87
CA GLY A 205 86.13 -28.78 59.87
C GLY A 205 85.80 -27.43 59.27
N ARG A 206 86.25 -27.18 58.03
CA ARG A 206 86.01 -25.87 57.43
C ARG A 206 84.54 -25.66 57.12
N ILE A 207 83.76 -26.74 56.97
CA ILE A 207 82.32 -26.59 56.85
C ILE A 207 81.76 -25.95 58.11
N PHE A 208 82.19 -26.44 59.27
CA PHE A 208 81.74 -25.88 60.53
C PHE A 208 82.26 -24.46 60.71
N TYR A 209 83.48 -24.20 60.21
CA TYR A 209 84.01 -22.84 60.27
C TYR A 209 83.15 -21.88 59.46
N ASN A 210 82.75 -22.29 58.25
CA ASN A 210 81.98 -21.43 57.38
C ASN A 210 80.57 -21.20 57.90
N GLU A 211 79.95 -22.25 58.47
CA GLU A 211 78.60 -22.08 58.99
C GLU A 211 78.53 -21.13 60.18
N ALA A 212 79.67 -20.78 60.78
CA ALA A 212 79.71 -19.77 61.81
C ALA A 212 80.14 -18.40 61.28
N GLN A 213 81.11 -18.37 60.37
CA GLN A 213 81.50 -17.11 59.77
C GLN A 213 80.35 -16.47 59.01
N MET A 214 79.49 -17.29 58.39
CA MET A 214 78.32 -16.73 57.73
C MET A 214 77.39 -16.05 58.72
N SER A 215 77.11 -16.71 59.85
CA SER A 215 76.19 -16.13 60.82
C SER A 215 76.80 -14.92 61.52
N ILE A 216 78.13 -14.80 61.48
CA ILE A 216 78.74 -13.55 61.93
C ILE A 216 78.34 -12.40 61.01
N LYS A 217 78.40 -12.62 59.70
CA LYS A 217 77.99 -11.61 58.73
C LYS A 217 76.48 -11.52 58.57
N SER A 218 75.73 -12.22 59.44
CA SER A 218 74.26 -12.18 59.44
C SER A 218 73.69 -12.64 58.10
N ILE A 219 74.24 -13.71 57.55
CA ILE A 219 73.72 -14.33 56.34
C ILE A 219 73.05 -15.62 56.77
N SER A 220 71.75 -15.57 57.02
CA SER A 220 71.06 -16.71 57.62
C SER A 220 71.14 -17.93 56.72
N GLN A 221 71.26 -19.10 57.34
CA GLN A 221 71.40 -20.38 56.66
C GLN A 221 70.42 -21.37 57.26
N ILE A 222 69.97 -22.33 56.45
CA ILE A 222 68.94 -23.27 56.83
C ILE A 222 69.37 -24.68 56.42
N ALA A 223 69.11 -25.65 57.28
CA ALA A 223 69.41 -27.05 57.00
C ALA A 223 68.19 -27.90 57.29
N VAL A 224 68.01 -28.95 56.49
CA VAL A 224 66.92 -29.90 56.67
C VAL A 224 67.51 -31.28 56.91
N VAL A 225 67.12 -31.91 58.01
CA VAL A 225 67.68 -33.19 58.40
C VAL A 225 66.72 -34.30 58.01
N MET A 226 66.92 -34.86 56.81
CA MET A 226 66.03 -35.90 56.34
C MET A 226 66.41 -37.26 56.92
N GLY A 227 67.70 -37.53 57.07
CA GLY A 227 68.18 -38.76 57.65
C GLY A 227 69.29 -38.49 58.64
N SER A 228 70.00 -39.55 59.00
CA SER A 228 71.04 -39.45 60.02
C SER A 228 72.19 -38.59 59.54
N CYS A 229 72.73 -37.78 60.45
CA CYS A 229 73.97 -37.02 60.22
C CYS A 229 74.85 -37.22 61.46
N THR A 230 75.65 -38.28 61.43
CA THR A 230 76.49 -38.64 62.56
C THR A 230 77.94 -38.20 62.28
N ALA A 231 78.85 -38.59 63.17
CA ALA A 231 80.29 -38.43 62.96
C ALA A 231 80.68 -36.98 62.67
N GLY A 232 80.18 -36.05 63.47
CA GLY A 232 80.45 -34.65 63.24
C GLY A 232 79.45 -34.02 62.31
N GLY A 233 78.59 -34.84 61.71
CA GLY A 233 77.51 -34.31 60.89
C GLY A 233 76.34 -33.78 61.69
N ALA A 234 76.32 -34.03 63.00
CA ALA A 234 75.23 -33.56 63.83
C ALA A 234 75.39 -32.11 64.27
N TYR A 235 76.51 -31.48 63.92
CA TYR A 235 76.71 -30.08 64.33
C TYR A 235 75.97 -29.12 63.41
N VAL A 236 75.80 -29.47 62.14
CA VAL A 236 75.03 -28.60 61.23
C VAL A 236 73.60 -28.39 61.71
N PRO A 237 72.85 -29.41 62.15
CA PRO A 237 71.57 -29.12 62.79
C PRO A 237 71.71 -28.26 64.03
N ALA A 238 72.82 -28.41 64.77
CA ALA A 238 73.05 -27.59 65.94
C ALA A 238 73.49 -26.18 65.57
N MET A 239 74.32 -26.05 64.54
CA MET A 239 74.77 -24.76 64.02
C MET A 239 73.84 -24.39 62.86
N ALA A 240 72.69 -23.84 63.19
CA ALA A 240 71.71 -23.49 62.16
C ALA A 240 70.70 -22.52 62.75
N ASP A 241 70.37 -21.49 61.97
CA ASP A 241 69.31 -20.58 62.39
C ASP A 241 67.97 -21.30 62.45
N GLU A 242 67.70 -22.15 61.47
CA GLU A 242 66.49 -22.96 61.42
C GLU A 242 66.88 -24.36 60.97
N ASN A 243 66.33 -25.37 61.62
CA ASN A 243 66.60 -26.75 61.23
C ASN A 243 65.31 -27.55 61.30
N ILE A 244 65.23 -28.59 60.47
CA ILE A 244 64.03 -29.38 60.31
C ILE A 244 64.36 -30.85 60.51
N ILE A 245 63.59 -31.51 61.37
CA ILE A 245 63.75 -32.93 61.66
C ILE A 245 62.44 -33.62 61.32
N VAL A 246 62.49 -34.57 60.38
CA VAL A 246 61.28 -35.29 59.98
C VAL A 246 60.84 -36.20 61.11
N ALA A 247 59.52 -36.42 61.20
CA ALA A 247 58.93 -37.02 62.40
C ALA A 247 59.46 -38.44 62.64
N ARG A 248 59.60 -39.24 61.59
CA ARG A 248 59.98 -40.63 61.75
C ARG A 248 61.44 -40.89 61.42
N ASN A 249 61.88 -40.58 60.21
CA ASN A 249 63.20 -40.99 59.76
C ASN A 249 64.28 -39.93 59.95
N GLY A 250 63.95 -38.77 60.53
CA GLY A 250 64.97 -37.78 60.81
C GLY A 250 65.71 -38.04 62.10
N THR A 251 67.02 -38.27 62.01
CA THR A 251 67.81 -38.66 63.18
C THR A 251 69.11 -37.86 63.22
N ILE A 252 69.54 -37.50 64.42
CA ILE A 252 70.80 -36.79 64.63
C ILE A 252 71.53 -37.45 65.80
N PHE A 253 72.80 -37.80 65.59
CA PHE A 253 73.57 -38.51 66.60
C PHE A 253 74.99 -37.98 66.67
N LEU A 254 75.52 -37.90 67.89
CA LEU A 254 76.95 -37.69 68.08
C LEU A 254 77.67 -39.02 68.34
N GLY A 255 76.96 -40.01 68.81
CA GLY A 255 77.50 -41.36 68.94
C GLY A 255 76.54 -42.37 68.37
N GLY A 256 77.08 -43.30 67.57
CA GLY A 256 76.28 -44.25 66.85
C GLY A 256 75.61 -45.29 67.72
N PRO A 257 74.53 -45.88 67.23
CA PRO A 257 73.84 -46.96 67.97
C PRO A 257 74.76 -48.13 68.26
N PRO A 258 75.65 -48.53 67.35
CA PRO A 258 76.64 -49.55 67.73
C PRO A 258 77.62 -49.06 68.80
N LEU A 259 77.78 -47.74 68.97
CA LEU A 259 78.82 -47.24 69.84
C LEU A 259 78.45 -47.41 71.31
N VAL A 260 77.15 -47.38 71.63
CA VAL A 260 76.75 -47.60 73.02
C VAL A 260 77.13 -49.00 73.45
N LEU A 261 77.03 -49.99 72.55
CA LEU A 261 77.51 -51.31 72.85
C LEU A 261 79.04 -51.29 72.92
N ALA A 262 79.59 -52.18 73.75
CA ALA A 262 81.00 -52.28 74.12
C ALA A 262 81.45 -51.14 75.02
N ALA A 263 80.58 -50.17 75.30
CA ALA A 263 80.84 -49.13 76.30
C ALA A 263 79.50 -48.82 76.97
N THR A 264 79.22 -49.53 78.05
CA THR A 264 77.90 -49.48 78.70
C THR A 264 76.80 -49.78 77.69
N GLY A 265 76.81 -51.03 77.22
CA GLY A 265 75.92 -51.44 76.14
C GLY A 265 74.48 -51.69 76.55
N GLU A 266 73.89 -50.76 77.29
CA GLU A 266 72.46 -50.84 77.62
C GLU A 266 71.69 -50.27 76.44
N LYS A 267 71.60 -51.07 75.38
CA LYS A 267 71.00 -50.60 74.14
C LYS A 267 69.52 -50.30 74.34
N VAL A 268 69.09 -49.16 73.78
CA VAL A 268 67.69 -48.79 73.74
C VAL A 268 67.36 -48.30 72.34
N SER A 269 66.11 -47.88 72.15
CA SER A 269 65.59 -47.61 70.82
C SER A 269 66.32 -46.46 70.16
N SER A 270 66.47 -46.55 68.82
CA SER A 270 67.20 -45.53 68.08
C SER A 270 66.52 -44.17 68.19
N GLU A 271 65.22 -44.15 68.47
CA GLU A 271 64.53 -42.89 68.71
C GLU A 271 65.12 -42.17 69.91
N GLU A 272 65.36 -42.89 71.00
CA GLU A 272 65.82 -42.28 72.23
C GLU A 272 67.30 -41.88 72.19
N LEU A 273 68.04 -42.37 71.21
CA LEU A 273 69.47 -42.11 71.11
C LEU A 273 69.78 -40.76 70.48
N GLY A 274 68.77 -40.04 70.01
CA GLY A 274 68.97 -38.74 69.39
C GLY A 274 68.12 -38.48 68.17
N GLY A 275 67.30 -39.44 67.74
CA GLY A 275 66.46 -39.22 66.58
C GLY A 275 65.32 -38.29 66.90
N ALA A 276 64.41 -38.16 65.93
CA ALA A 276 63.27 -37.28 66.10
C ALA A 276 62.46 -37.72 67.31
N ASP A 277 62.51 -36.91 68.36
CA ASP A 277 61.88 -37.24 69.64
C ASP A 277 60.74 -36.26 69.89
N VAL A 278 59.59 -36.56 69.30
CA VAL A 278 58.42 -35.72 69.50
C VAL A 278 57.65 -36.23 70.71
N HIS A 279 58.13 -35.86 71.90
CA HIS A 279 57.45 -36.18 73.15
C HIS A 279 57.66 -35.07 74.16
N CYS A 280 57.98 -33.86 73.68
CA CYS A 280 58.28 -32.71 74.53
C CYS A 280 59.47 -33.01 75.46
N ARG A 281 60.53 -33.57 74.88
CA ARG A 281 61.73 -33.86 75.65
C ARG A 281 62.34 -32.57 76.17
N ILE A 282 63.31 -32.71 77.09
CA ILE A 282 63.94 -31.53 77.66
C ILE A 282 64.76 -30.79 76.61
N SER A 283 65.26 -31.51 75.61
CA SER A 283 66.12 -30.90 74.60
C SER A 283 65.34 -29.93 73.73
N GLY A 284 65.83 -28.71 73.62
CA GLY A 284 65.30 -27.76 72.67
C GLY A 284 66.08 -27.77 71.38
N VAL A 285 66.26 -28.95 70.80
CA VAL A 285 67.05 -29.13 69.61
C VAL A 285 66.13 -29.32 68.42
N GLY A 286 66.35 -28.53 67.38
CA GLY A 286 65.60 -28.67 66.14
C GLY A 286 64.35 -27.83 66.13
N ASP A 287 64.30 -26.82 65.27
CA ASP A 287 63.21 -25.87 65.30
C ASP A 287 61.88 -26.47 64.86
N HIS A 288 61.89 -27.24 63.77
CA HIS A 288 60.66 -27.70 63.14
C HIS A 288 60.56 -29.21 63.21
N TYR A 289 59.39 -29.69 63.60
CA TYR A 289 59.06 -31.11 63.59
C TYR A 289 57.89 -31.31 62.65
N ALA A 290 58.15 -31.88 61.48
CA ALA A 290 57.18 -31.97 60.41
C ALA A 290 56.81 -33.42 60.15
N THR A 291 55.51 -33.67 59.98
CA THR A 291 55.00 -35.03 59.89
C THR A 291 55.31 -35.68 58.54
N ASP A 292 55.54 -34.90 57.50
CA ASP A 292 55.69 -35.46 56.16
C ASP A 292 56.74 -34.66 55.40
N ASP A 293 57.22 -35.24 54.31
CA ASP A 293 58.21 -34.57 53.47
C ASP A 293 57.66 -33.24 52.96
N LEU A 294 56.43 -33.25 52.47
CA LEU A 294 55.82 -32.02 51.97
C LEU A 294 55.68 -31.00 53.09
N HIS A 295 55.30 -31.44 54.29
CA HIS A 295 55.19 -30.53 55.43
C HIS A 295 56.55 -29.90 55.76
N ALA A 296 57.61 -30.70 55.75
CA ALA A 296 58.94 -30.17 56.05
C ALA A 296 59.39 -29.17 55.00
N LEU A 297 59.20 -29.52 53.72
CA LEU A 297 59.58 -28.62 52.64
C LEU A 297 58.79 -27.32 52.75
N TYR A 298 57.51 -27.43 53.10
CA TYR A 298 56.64 -26.26 53.21
C TYR A 298 57.11 -25.35 54.35
N LEU A 299 57.49 -25.93 55.49
CA LEU A 299 58.00 -25.13 56.59
C LEU A 299 59.34 -24.49 56.25
N ALA A 300 60.19 -25.21 55.50
CA ALA A 300 61.43 -24.61 55.02
C ALA A 300 61.15 -23.39 54.18
N ARG A 301 60.21 -23.50 53.25
CA ARG A 301 59.81 -22.37 52.42
C ARG A 301 59.27 -21.23 53.28
N ARG A 302 58.45 -21.55 54.27
CA ARG A 302 57.86 -20.53 55.12
C ARG A 302 58.93 -19.79 55.92
N ALA A 303 59.92 -20.51 56.45
CA ALA A 303 61.02 -19.86 57.15
C ALA A 303 61.84 -19.00 56.20
N VAL A 304 62.10 -19.48 54.99
CA VAL A 304 62.83 -18.69 54.00
C VAL A 304 62.09 -17.38 53.74
N ALA A 305 60.76 -17.42 53.80
CA ALA A 305 59.98 -16.23 53.47
C ALA A 305 60.29 -15.07 54.42
N ASN A 306 60.39 -15.36 55.72
CA ASN A 306 60.54 -14.29 56.71
C ASN A 306 61.99 -13.86 56.90
N LEU A 307 62.63 -13.42 55.82
CA LEU A 307 64.01 -12.94 55.88
C LEU A 307 64.16 -11.51 55.38
N ASN A 308 63.15 -10.95 54.74
CA ASN A 308 63.10 -9.58 54.20
C ASN A 308 64.03 -9.38 53.01
N LEU A 309 64.47 -10.43 52.33
CA LEU A 309 65.36 -10.25 51.19
C LEU A 309 64.59 -10.02 49.89
N LYS A 310 63.27 -10.22 49.90
CA LYS A 310 62.48 -10.08 48.68
C LYS A 310 62.55 -8.66 48.14
N GLU A 311 62.40 -7.67 49.02
CA GLU A 311 62.46 -6.29 48.59
C GLU A 311 63.82 -5.96 47.98
N HIS A 312 64.89 -6.41 48.65
CA HIS A 312 66.23 -6.07 48.20
C HIS A 312 66.54 -6.70 46.84
N ASN A 313 66.18 -7.98 46.65
CA ASN A 313 66.39 -8.62 45.36
C ASN A 313 65.54 -7.99 44.26
N GLU A 314 64.28 -7.69 44.57
CA GLU A 314 63.40 -7.11 43.58
C GLU A 314 63.90 -5.74 43.13
N ALA A 315 64.39 -4.94 44.07
CA ALA A 315 64.98 -3.66 43.73
C ALA A 315 66.25 -3.84 42.90
N ARG A 316 67.11 -4.79 43.30
CA ARG A 316 68.41 -4.88 42.64
C ARG A 316 68.31 -5.53 41.26
N ASN A 317 67.56 -6.62 41.14
CA ASN A 317 67.35 -7.26 39.85
C ASN A 317 65.91 -7.03 39.38
N PRO A 318 65.70 -6.25 38.32
CA PRO A 318 64.33 -5.98 37.88
C PRO A 318 63.65 -7.26 37.40
N THR A 319 62.48 -7.55 37.98
CA THR A 319 61.79 -8.80 37.66
C THR A 319 61.09 -8.71 36.31
N ASP A 320 60.69 -7.51 35.90
CA ASP A 320 59.89 -7.32 34.70
C ASP A 320 60.74 -6.61 33.64
N VAL A 321 61.34 -7.39 32.74
CA VAL A 321 62.26 -6.87 31.75
C VAL A 321 61.89 -7.42 30.38
N LYS A 322 62.30 -6.71 29.34
CA LYS A 322 62.00 -7.08 27.97
C LYS A 322 63.22 -7.75 27.37
N PRO A 323 63.17 -9.04 27.03
CA PRO A 323 64.36 -9.70 26.50
C PRO A 323 64.71 -9.18 25.11
N VAL A 324 65.99 -8.88 24.92
CA VAL A 324 66.53 -8.42 23.65
C VAL A 324 67.40 -9.54 23.08
N PRO A 325 67.00 -10.17 21.97
CA PRO A 325 67.77 -11.28 21.45
C PRO A 325 68.86 -10.80 20.52
N PRO A 326 69.88 -11.63 20.27
CA PRO A 326 70.92 -11.25 19.31
C PRO A 326 70.39 -11.31 17.89
N LEU A 327 71.15 -10.71 16.98
CA LEU A 327 70.74 -10.58 15.58
C LEU A 327 70.95 -11.88 14.79
N TYR A 328 71.73 -12.82 15.31
CA TYR A 328 72.06 -14.04 14.58
C TYR A 328 71.69 -15.25 15.42
N ASP A 329 71.44 -16.35 14.74
CA ASP A 329 70.86 -17.53 15.40
C ASP A 329 71.90 -18.21 16.28
N PRO A 330 71.59 -18.47 17.55
CA PRO A 330 72.59 -19.07 18.46
C PRO A 330 72.98 -20.49 18.10
N ARG A 331 72.26 -21.16 17.20
CA ARG A 331 72.67 -22.49 16.77
C ARG A 331 73.97 -22.44 15.99
N GLU A 332 74.30 -21.29 15.41
CA GLU A 332 75.51 -21.16 14.62
C GLU A 332 76.79 -21.12 15.47
N LEU A 333 76.67 -21.19 16.79
CA LEU A 333 77.86 -21.08 17.64
C LEU A 333 78.78 -22.27 17.48
N GLY A 334 78.21 -23.45 17.19
CA GLY A 334 79.05 -24.62 17.03
C GLY A 334 79.87 -24.61 15.76
N GLY A 335 79.45 -23.82 14.77
CA GLY A 335 80.11 -23.86 13.47
C GLY A 335 81.45 -23.15 13.45
N PHE A 336 81.50 -21.94 13.99
CA PHE A 336 82.75 -21.18 13.98
C PHE A 336 83.82 -21.86 14.82
N ILE A 337 83.42 -22.75 15.72
CA ILE A 337 84.38 -23.55 16.48
C ILE A 337 85.06 -24.55 15.54
N PRO A 338 86.38 -24.58 15.45
CA PRO A 338 87.03 -25.52 14.54
C PRO A 338 86.96 -26.95 15.09
N ASP A 339 87.61 -27.85 14.36
CA ASP A 339 87.55 -29.27 14.67
C ASP A 339 88.55 -29.60 15.78
N MET A 340 88.92 -30.87 15.89
CA MET A 340 89.85 -31.28 16.94
C MET A 340 90.92 -32.23 16.41
N LEU A 341 91.91 -32.52 17.24
CA LEU A 341 92.97 -33.46 16.84
C LEU A 341 93.57 -33.11 15.49
N SER A 342 93.97 -31.85 15.31
CA SER A 342 94.60 -31.45 14.06
C SER A 342 96.08 -31.16 14.29
N ASP A 343 96.94 -31.90 13.59
CA ASP A 343 98.38 -31.71 13.74
C ASP A 343 98.74 -30.27 14.06
N VAL A 344 98.51 -29.37 13.10
CA VAL A 344 98.80 -27.97 13.31
C VAL A 344 97.54 -27.22 13.74
N VAL A 345 97.71 -26.23 14.61
CA VAL A 345 96.57 -25.47 15.09
C VAL A 345 95.72 -25.03 13.91
N LYS A 346 94.41 -25.19 14.01
CA LYS A 346 93.52 -24.71 12.97
C LYS A 346 93.26 -23.22 13.13
N SER A 347 92.49 -22.64 12.22
CA SER A 347 92.16 -21.22 12.32
C SER A 347 91.00 -20.98 13.26
N PHE A 348 90.82 -19.75 13.72
CA PHE A 348 89.74 -19.43 14.64
C PHE A 348 89.33 -17.97 14.58
N ASP A 349 88.12 -17.67 15.02
CA ASP A 349 87.64 -16.29 15.02
C ASP A 349 86.92 -15.97 16.33
N VAL A 350 86.80 -14.69 16.64
CA VAL A 350 86.10 -14.30 17.87
C VAL A 350 84.90 -13.42 17.56
N ARG A 351 85.08 -12.45 16.67
CA ARG A 351 83.99 -11.55 16.32
C ARG A 351 82.67 -12.28 16.18
N ALA A 352 82.67 -13.40 15.47
CA ALA A 352 81.41 -14.11 15.25
C ALA A 352 80.79 -14.56 16.57
N ILE A 353 81.61 -15.09 17.47
CA ILE A 353 81.10 -15.60 18.74
C ILE A 353 80.48 -14.47 19.56
N ILE A 354 81.19 -13.35 19.68
CA ILE A 354 80.67 -12.24 20.48
C ILE A 354 79.42 -11.67 19.82
N ALA A 355 79.42 -11.58 18.49
CA ALA A 355 78.23 -11.08 17.79
C ALA A 355 77.05 -12.02 17.96
N ARG A 356 77.30 -13.31 18.16
CA ARG A 356 76.24 -14.27 18.40
C ARG A 356 75.72 -14.28 19.83
N ILE A 357 76.56 -13.92 20.80
CA ILE A 357 76.19 -14.01 22.21
C ILE A 357 75.58 -12.72 22.74
N VAL A 358 76.17 -11.57 22.42
CA VAL A 358 75.77 -10.32 23.05
C VAL A 358 74.38 -9.86 22.60
N ASP A 359 73.85 -8.84 23.27
CA ASP A 359 72.54 -8.30 22.94
C ASP A 359 72.61 -7.39 21.73
N GLY A 360 71.70 -7.61 20.78
CA GLY A 360 71.67 -6.79 19.58
C GLY A 360 72.83 -7.03 18.66
N SER A 361 73.68 -8.00 18.96
CA SER A 361 74.87 -8.30 18.16
C SER A 361 75.69 -7.04 17.94
N ARG A 362 76.27 -6.51 19.01
CA ARG A 362 76.98 -5.24 18.96
C ARG A 362 78.28 -5.37 19.74
N PHE A 363 79.16 -4.40 19.56
CA PHE A 363 80.38 -4.35 20.37
C PHE A 363 80.96 -2.96 20.36
N ASP A 364 81.83 -2.71 21.35
CA ASP A 364 82.45 -1.40 21.60
C ASP A 364 83.96 -1.61 21.62
N GLU A 365 84.58 -1.57 20.45
CA GLU A 365 85.99 -1.89 20.35
C GLU A 365 86.88 -0.78 20.89
N PHE A 366 87.83 -1.17 21.75
CA PHE A 366 88.99 -0.35 21.93
C PHE A 366 89.97 -0.58 20.78
N LYS A 367 91.21 -0.16 21.00
CA LYS A 367 92.24 -0.26 19.99
C LYS A 367 92.36 -1.68 19.47
N ALA A 368 91.98 -1.87 18.21
CA ALA A 368 92.06 -3.16 17.55
C ALA A 368 93.13 -3.21 16.47
N LEU A 369 93.50 -2.06 15.91
CA LEU A 369 94.63 -2.01 14.98
C LEU A 369 95.94 -2.30 15.68
N TYR A 370 95.99 -2.10 17.00
CA TYR A 370 97.21 -2.14 17.76
C TYR A 370 97.13 -3.26 18.78
N GLY A 371 98.13 -4.13 18.76
CA GLY A 371 98.00 -5.35 19.54
C GLY A 371 96.86 -6.18 19.01
N ASN A 372 96.83 -6.36 17.68
CA ASN A 372 95.76 -7.07 16.99
C ASN A 372 95.52 -8.47 17.53
N THR A 373 96.35 -8.95 18.44
CA THR A 373 96.18 -10.30 18.97
C THR A 373 95.00 -10.39 19.92
N LEU A 374 94.87 -9.45 20.84
CA LEU A 374 93.93 -9.59 21.94
C LEU A 374 92.74 -8.66 21.73
N VAL A 375 91.58 -9.09 22.22
CA VAL A 375 90.31 -8.42 21.99
C VAL A 375 89.73 -7.98 23.33
N CYS A 376 89.35 -6.71 23.42
CA CYS A 376 88.75 -6.14 24.62
C CYS A 376 87.76 -5.04 24.26
N GLY A 377 86.61 -5.03 24.93
CA GLY A 377 85.63 -3.99 24.73
C GLY A 377 84.38 -4.25 25.55
N PHE A 378 83.50 -3.25 25.54
CA PHE A 378 82.24 -3.32 26.28
C PHE A 378 81.20 -4.11 25.48
N ALA A 379 80.04 -4.31 26.09
CA ALA A 379 78.98 -5.10 25.47
C ALA A 379 77.69 -4.89 26.26
N ARG A 380 76.68 -5.70 25.94
CA ARG A 380 75.41 -5.74 26.66
C ARG A 380 74.98 -7.19 26.77
N ILE A 381 74.63 -7.63 27.98
CA ILE A 381 74.13 -8.99 28.21
C ILE A 381 72.84 -8.88 29.00
N GLU A 382 71.71 -8.95 28.30
CA GLU A 382 70.38 -8.96 28.91
C GLU A 382 70.20 -7.82 29.90
N GLY A 383 70.41 -6.61 29.41
CA GLY A 383 70.16 -5.41 30.19
C GLY A 383 71.26 -4.99 31.12
N MET A 384 72.44 -5.59 31.02
CA MET A 384 73.55 -5.29 31.92
C MET A 384 74.80 -5.07 31.09
N GLN A 385 75.54 -4.01 31.39
CA GLN A 385 76.76 -3.72 30.66
C GLN A 385 77.89 -4.62 31.14
N VAL A 386 78.65 -5.18 30.18
CA VAL A 386 79.65 -6.20 30.45
C VAL A 386 80.94 -5.84 29.73
N GLY A 387 82.05 -6.31 30.29
CA GLY A 387 83.34 -6.26 29.61
C GLY A 387 83.81 -7.67 29.31
N ILE A 388 84.33 -7.86 28.10
CA ILE A 388 84.76 -9.17 27.62
C ILE A 388 86.24 -9.10 27.25
N ILE A 389 86.99 -10.11 27.70
CA ILE A 389 88.36 -10.35 27.24
C ILE A 389 88.35 -11.71 26.55
N ALA A 390 88.50 -11.71 25.23
CA ALA A 390 88.61 -12.93 24.45
C ALA A 390 89.93 -12.93 23.71
N ASN A 391 90.64 -14.04 23.74
CA ASN A 391 92.01 -14.12 23.27
C ASN A 391 92.08 -14.76 21.89
N GLN A 392 92.95 -14.23 21.04
CA GLN A 392 93.05 -14.69 19.65
C GLN A 392 94.48 -14.52 19.13
N GLY A 393 95.28 -15.58 19.24
CA GLY A 393 96.62 -15.56 18.68
C GLY A 393 97.72 -15.64 19.72
N ILE A 394 98.89 -15.08 19.41
CA ILE A 394 100.05 -15.16 20.27
C ILE A 394 100.28 -13.80 20.93
N LEU A 395 100.29 -13.78 22.25
CA LEU A 395 100.31 -12.52 23.00
C LEU A 395 101.60 -11.76 22.78
N TYR A 396 101.48 -10.43 22.73
CA TYR A 396 102.62 -9.53 22.70
C TYR A 396 102.62 -8.68 23.95
N SER A 397 103.69 -7.90 24.11
CA SER A 397 103.75 -6.90 25.17
C SER A 397 102.61 -5.89 25.05
N GLU A 398 102.35 -5.41 23.83
CA GLU A 398 101.30 -4.43 23.63
C GLU A 398 99.93 -5.00 23.96
N SER A 399 99.69 -6.28 23.67
CA SER A 399 98.43 -6.89 24.08
C SER A 399 98.27 -6.86 25.60
N ALA A 400 99.36 -7.12 26.33
CA ALA A 400 99.32 -7.05 27.79
C ALA A 400 99.04 -5.62 28.26
N LEU A 401 99.66 -4.63 27.62
CA LEU A 401 99.36 -3.24 27.98
C LEU A 401 97.90 -2.91 27.76
N LYS A 402 97.35 -3.31 26.61
CA LYS A 402 95.95 -3.03 26.33
C LYS A 402 95.03 -3.71 27.33
N GLY A 403 95.36 -4.95 27.69
CA GLY A 403 94.57 -5.62 28.70
C GLY A 403 94.59 -4.90 30.04
N ALA A 404 95.78 -4.45 30.45
CA ALA A 404 95.89 -3.72 31.71
C ALA A 404 95.06 -2.44 31.67
N HIS A 405 95.10 -1.72 30.55
CA HIS A 405 94.34 -0.48 30.42
C HIS A 405 92.84 -0.74 30.50
N PHE A 406 92.36 -1.78 29.80
CA PHE A 406 90.95 -2.13 29.85
C PHE A 406 90.52 -2.50 31.27
N ILE A 407 91.31 -3.32 31.95
CA ILE A 407 90.95 -3.72 33.30
C ILE A 407 90.94 -2.51 34.22
N GLY A 408 91.86 -1.57 34.00
CA GLY A 408 91.85 -0.34 34.78
C GLY A 408 90.54 0.41 34.64
N LEU A 409 90.09 0.61 33.39
CA LEU A 409 88.82 1.31 33.19
C LEU A 409 87.65 0.54 33.82
N CYS A 410 87.63 -0.78 33.64
CA CYS A 410 86.51 -1.57 34.16
C CYS A 410 86.44 -1.49 35.69
N THR A 411 87.58 -1.59 36.35
CA THR A 411 87.58 -1.41 37.81
C THR A 411 87.18 0.00 38.19
N GLN A 412 87.60 1.00 37.39
CA GLN A 412 87.28 2.37 37.73
C GLN A 412 85.77 2.62 37.72
N ARG A 413 85.07 2.04 36.73
CA ARG A 413 83.65 2.33 36.59
C ARG A 413 82.75 1.21 37.09
N ASN A 414 83.31 0.18 37.74
CA ASN A 414 82.55 -0.92 38.31
C ASN A 414 81.76 -1.69 37.25
N VAL A 415 82.47 -2.19 36.26
CA VAL A 415 81.90 -2.99 35.17
C VAL A 415 82.36 -4.42 35.34
N PRO A 416 81.46 -5.40 35.33
CA PRO A 416 81.89 -6.80 35.44
C PRO A 416 82.71 -7.23 34.23
N LEU A 417 83.50 -8.28 34.42
CA LEU A 417 84.36 -8.81 33.37
C LEU A 417 83.99 -10.24 33.03
N LEU A 418 84.14 -10.59 31.76
CA LEU A 418 83.95 -11.94 31.24
C LEU A 418 85.24 -12.36 30.54
N PHE A 419 85.63 -13.61 30.74
CA PHE A 419 86.86 -14.12 30.14
C PHE A 419 86.56 -15.31 29.24
N LEU A 420 87.23 -15.33 28.10
CA LEU A 420 87.11 -16.41 27.11
C LEU A 420 88.52 -16.89 26.82
N GLN A 421 88.91 -18.00 27.45
CA GLN A 421 90.31 -18.39 27.47
C GLN A 421 90.73 -18.99 26.14
N ASN A 422 92.05 -18.94 25.88
CA ASN A 422 92.65 -19.45 24.65
C ASN A 422 94.07 -19.92 24.92
N ILE A 423 94.89 -20.03 23.86
CA ILE A 423 96.24 -20.55 24.02
C ILE A 423 97.09 -19.61 24.87
N THR A 424 98.21 -20.15 25.34
CA THR A 424 99.19 -19.34 26.07
C THR A 424 99.78 -18.25 25.18
N GLY A 425 100.49 -18.64 24.13
CA GLY A 425 100.92 -17.67 23.13
C GLY A 425 101.86 -16.62 23.65
N PHE A 426 102.91 -17.01 24.37
CA PHE A 426 103.98 -16.10 24.72
C PHE A 426 105.12 -16.32 23.72
N MET A 427 105.45 -15.29 22.95
CA MET A 427 106.58 -15.40 22.03
C MET A 427 107.88 -15.62 22.80
N VAL A 428 108.80 -16.35 22.17
CA VAL A 428 110.08 -16.68 22.79
C VAL A 428 111.24 -15.99 22.08
N GLY A 429 110.95 -15.07 21.16
CA GLY A 429 112.01 -14.41 20.43
C GLY A 429 112.93 -13.64 21.36
N LYS A 430 114.21 -13.60 21.00
CA LYS A 430 115.20 -12.95 21.87
C LYS A 430 114.95 -11.45 21.95
N LYS A 431 114.60 -10.82 20.83
CA LYS A 431 114.31 -9.39 20.86
C LYS A 431 113.12 -9.09 21.75
N TYR A 432 112.10 -9.95 21.72
CA TYR A 432 110.93 -9.74 22.58
C TYR A 432 111.30 -9.86 24.05
N GLU A 433 112.14 -10.85 24.38
CA GLU A 433 112.61 -10.98 25.76
C GLU A 433 113.44 -9.77 26.18
N GLU A 434 114.27 -9.27 25.28
CA GLU A 434 115.06 -8.06 25.52
C GLU A 434 114.20 -6.81 25.58
N GLY A 435 112.96 -6.87 25.10
CA GLY A 435 112.09 -5.72 25.13
C GLY A 435 111.26 -5.62 26.40
N GLY A 436 111.67 -6.33 27.45
CA GLY A 436 110.95 -6.29 28.71
C GLY A 436 109.57 -6.88 28.66
N ILE A 437 109.43 -8.05 28.01
CA ILE A 437 108.11 -8.69 27.93
C ILE A 437 107.67 -9.18 29.31
N ALA A 438 108.62 -9.62 30.13
CA ALA A 438 108.27 -10.11 31.46
C ALA A 438 107.66 -9.00 32.31
N ARG A 439 108.20 -7.78 32.20
CA ARG A 439 107.63 -6.66 32.93
C ARG A 439 106.19 -6.39 32.51
N ASN A 440 105.90 -6.49 31.21
CA ASN A 440 104.56 -6.21 30.74
C ASN A 440 103.58 -7.32 31.13
N GLY A 441 104.05 -8.57 31.12
CA GLY A 441 103.24 -9.65 31.64
C GLY A 441 102.91 -9.46 33.12
N ALA A 442 103.89 -9.02 33.90
CA ALA A 442 103.62 -8.69 35.29
C ALA A 442 102.63 -7.55 35.41
N ARG A 443 102.76 -6.53 34.55
CA ARG A 443 101.79 -5.44 34.51
C ARG A 443 100.39 -5.98 34.32
N LEU A 444 100.21 -6.94 33.43
CA LEU A 444 98.89 -7.52 33.22
C LEU A 444 98.39 -8.31 34.42
N VAL A 445 99.22 -9.21 34.96
CA VAL A 445 98.77 -10.08 36.03
C VAL A 445 98.46 -9.28 37.29
N MET A 446 99.24 -8.24 37.56
CA MET A 446 98.99 -7.37 38.70
C MET A 446 97.59 -6.78 38.63
N ALA A 447 97.22 -6.24 37.48
CA ALA A 447 95.89 -5.66 37.31
C ALA A 447 94.81 -6.73 37.38
N VAL A 448 95.07 -7.91 36.82
CA VAL A 448 94.08 -8.98 36.85
C VAL A 448 93.75 -9.36 38.29
N SER A 449 94.78 -9.59 39.11
CA SER A 449 94.56 -10.06 40.47
C SER A 449 94.04 -8.94 41.37
N SER A 450 94.49 -7.71 41.13
CA SER A 450 94.11 -6.61 42.01
C SER A 450 92.66 -6.16 41.83
N ALA A 451 92.00 -6.59 40.76
CA ALA A 451 90.68 -6.04 40.43
C ALA A 451 89.64 -6.53 41.43
N PRO A 452 88.87 -5.63 42.04
CA PRO A 452 87.76 -6.03 42.91
C PRO A 452 86.47 -6.34 42.17
N VAL A 453 86.46 -6.21 40.85
CA VAL A 453 85.31 -6.48 39.99
C VAL A 453 84.97 -7.97 40.02
N PRO A 454 83.69 -8.34 40.05
CA PRO A 454 83.33 -9.76 39.90
C PRO A 454 83.83 -10.30 38.57
N LYS A 455 84.30 -11.55 38.59
CA LYS A 455 84.97 -12.11 37.43
C LYS A 455 84.48 -13.54 37.17
N VAL A 456 84.16 -13.82 35.91
CA VAL A 456 83.72 -15.13 35.46
C VAL A 456 84.53 -15.49 34.23
N THR A 457 84.95 -16.75 34.13
CA THR A 457 85.66 -17.24 32.96
C THR A 457 84.97 -18.46 32.39
N VAL A 458 85.05 -18.60 31.07
CA VAL A 458 84.49 -19.75 30.35
C VAL A 458 85.53 -20.19 29.34
N LEU A 459 85.77 -21.49 29.25
CA LEU A 459 86.80 -22.00 28.35
C LEU A 459 86.23 -22.06 26.93
N ILE A 460 86.89 -21.37 26.00
CA ILE A 460 86.60 -21.50 24.58
C ILE A 460 87.28 -22.78 24.09
N GLY A 461 88.57 -22.90 24.34
CA GLY A 461 89.32 -24.07 23.92
C GLY A 461 90.79 -23.74 23.84
N GLY A 462 91.60 -24.75 24.13
CA GLY A 462 93.04 -24.63 24.06
C GLY A 462 93.69 -23.81 25.15
N SER A 463 93.20 -23.88 26.38
CA SER A 463 93.78 -23.15 27.51
C SER A 463 94.84 -24.01 28.17
N TYR A 464 96.07 -23.89 27.69
CA TYR A 464 97.19 -24.70 28.17
C TYR A 464 98.32 -23.74 28.55
N GLY A 465 98.84 -23.89 29.76
CA GLY A 465 100.09 -23.28 30.12
C GLY A 465 99.89 -22.11 31.05
N ALA A 466 100.93 -21.28 31.14
CA ALA A 466 100.95 -20.13 32.03
C ALA A 466 100.31 -18.90 31.41
N GLY A 467 99.81 -18.99 30.18
CA GLY A 467 99.15 -17.85 29.56
C GLY A 467 97.89 -17.44 30.28
N ASN A 468 97.17 -18.40 30.86
CA ASN A 468 95.94 -18.07 31.58
C ASN A 468 96.22 -17.09 32.71
N TYR A 469 97.45 -17.09 33.23
CA TYR A 469 97.83 -16.12 34.25
C TYR A 469 97.68 -14.70 33.72
N GLY A 470 97.89 -14.52 32.42
CA GLY A 470 97.67 -13.20 31.83
C GLY A 470 96.21 -12.79 31.84
N MET A 471 95.31 -13.70 31.48
CA MET A 471 93.89 -13.38 31.41
C MET A 471 93.19 -13.59 32.76
N CYS A 472 93.11 -14.84 33.21
CA CYS A 472 92.44 -15.18 34.47
C CYS A 472 92.57 -16.68 34.68
N GLY A 473 92.39 -17.10 35.92
CA GLY A 473 92.47 -18.51 36.25
C GLY A 473 91.84 -18.78 37.59
N ARG A 474 91.58 -20.05 37.86
CA ARG A 474 90.94 -20.44 39.11
C ARG A 474 91.68 -19.87 40.31
N ALA A 475 92.99 -19.85 40.26
CA ALA A 475 93.75 -19.29 41.38
C ALA A 475 93.65 -17.77 41.47
N PHE A 476 92.81 -17.11 40.67
CA PHE A 476 92.68 -15.66 40.70
C PHE A 476 91.27 -15.25 41.12
N GLU A 477 90.58 -16.11 41.85
CA GLU A 477 89.25 -15.89 42.41
C GLU A 477 88.20 -15.54 41.36
N PRO A 478 87.87 -16.44 40.43
CA PRO A 478 86.69 -16.20 39.60
C PRO A 478 85.47 -16.78 40.29
N ARG A 479 84.45 -15.94 40.47
CA ARG A 479 83.30 -16.35 41.27
C ARG A 479 82.52 -17.49 40.63
N PHE A 480 82.73 -17.76 39.34
CA PHE A 480 82.16 -18.93 38.68
C PHE A 480 83.12 -19.38 37.59
N LEU A 481 83.10 -20.68 37.28
CA LEU A 481 83.80 -21.17 36.10
C LEU A 481 82.92 -22.16 35.36
N PHE A 482 82.95 -22.08 34.03
CA PHE A 482 82.19 -22.97 33.16
C PHE A 482 83.08 -23.37 31.99
N MET A 483 82.72 -24.46 31.31
CA MET A 483 83.60 -25.03 30.30
C MET A 483 82.83 -25.54 29.09
N TRP A 484 83.48 -25.46 27.92
CA TRP A 484 82.99 -26.06 26.68
C TRP A 484 83.65 -27.42 26.45
N PRO A 485 83.04 -28.28 25.64
CA PRO A 485 83.58 -29.65 25.49
C PRO A 485 84.99 -29.72 24.94
N ASN A 486 85.39 -28.81 24.05
CA ASN A 486 86.69 -28.90 23.39
C ASN A 486 87.74 -28.09 24.15
N ALA A 487 88.03 -28.54 25.37
CA ALA A 487 88.95 -27.83 26.24
C ALA A 487 90.08 -28.75 26.65
N ARG A 488 91.29 -28.19 26.68
CA ARG A 488 92.48 -28.90 27.15
C ARG A 488 93.28 -27.99 28.05
N ILE A 489 93.49 -28.42 29.28
CA ILE A 489 94.24 -27.65 30.28
C ILE A 489 95.50 -28.45 30.62
N SER A 490 96.66 -27.91 30.27
CA SER A 490 97.88 -28.70 30.32
C SER A 490 99.07 -27.80 30.63
N VAL A 491 100.26 -28.32 30.36
CA VAL A 491 101.54 -27.65 30.62
C VAL A 491 101.70 -26.48 29.66
N MET A 492 102.78 -25.71 29.86
CA MET A 492 103.01 -24.52 29.05
C MET A 492 102.95 -24.80 27.55
N GLY A 493 103.13 -26.05 27.14
CA GLY A 493 102.96 -26.41 25.73
C GLY A 493 102.11 -27.63 25.51
N GLY A 494 101.06 -27.51 24.69
CA GLY A 494 100.27 -28.67 24.35
C GLY A 494 100.93 -29.56 23.32
N THR A 495 101.48 -28.94 22.27
CA THR A 495 102.07 -29.71 21.18
C THR A 495 103.57 -29.58 21.22
N GLN A 496 104.05 -28.41 21.59
CA GLN A 496 105.49 -28.19 21.58
C GLN A 496 106.18 -28.92 22.72
N ALA A 497 105.53 -29.00 23.89
CA ALA A 497 106.15 -29.80 24.95
C ALA A 497 106.61 -31.15 24.42
N ALA A 498 105.84 -31.75 23.50
CA ALA A 498 106.27 -33.01 22.90
C ALA A 498 107.62 -32.85 22.22
N THR A 499 107.75 -31.84 21.35
CA THR A 499 109.00 -31.66 20.62
C THR A 499 110.15 -31.35 21.56
N VAL A 500 109.93 -30.47 22.53
CA VAL A 500 111.02 -30.05 23.42
C VAL A 500 111.46 -31.20 24.31
N LEU A 501 110.51 -31.91 24.93
CA LEU A 501 110.85 -33.00 25.83
C LEU A 501 111.32 -34.23 25.08
N THR A 502 111.11 -34.29 23.76
CA THR A 502 111.75 -35.33 22.96
C THR A 502 113.26 -35.21 22.99
N LEU A 503 113.78 -33.97 22.89
CA LEU A 503 115.22 -33.78 22.79
C LEU A 503 115.94 -34.17 24.07
N THR A 504 115.48 -33.66 25.21
CA THR A 504 116.23 -33.77 26.47
C THR A 504 115.71 -34.90 27.35
N ASN A 505 115.72 -36.16 26.86
CA ASN A 505 115.38 -37.27 27.76
C ASN A 505 116.12 -38.53 27.29
N ARG A 506 117.32 -38.73 27.84
CA ARG A 506 118.08 -39.99 27.81
C ARG A 506 117.87 -40.76 26.51
N ASN A 507 117.99 -40.07 25.38
CA ASN A 507 117.74 -40.65 24.07
C ASN A 507 119.05 -40.85 23.35
N LEU A 508 119.25 -42.04 22.80
CA LEU A 508 120.37 -42.28 21.92
C LEU A 508 120.10 -41.66 20.56
N LYS A 509 121.18 -41.33 19.84
CA LYS A 509 121.04 -40.71 18.53
C LYS A 509 120.28 -41.62 17.57
N ASN A 510 120.57 -42.92 17.64
CA ASN A 510 119.98 -43.91 16.76
C ASN A 510 118.61 -44.32 17.30
N ALA A 511 117.99 -45.33 16.67
CA ALA A 511 116.66 -45.81 17.06
C ALA A 511 115.65 -44.67 17.07
N SER A 512 115.74 -43.80 16.06
CA SER A 512 114.92 -42.59 16.04
C SER A 512 113.43 -42.91 15.98
N GLU A 513 113.04 -43.86 15.13
CA GLU A 513 111.63 -44.18 14.97
C GLU A 513 111.04 -44.78 16.25
N ALA A 514 111.74 -45.75 16.84
CA ALA A 514 111.27 -46.34 18.09
C ALA A 514 111.22 -45.29 19.20
N GLU A 515 112.17 -44.35 19.19
CA GLU A 515 112.19 -43.31 20.21
C GLU A 515 111.00 -42.37 20.05
N ILE A 516 110.71 -41.90 18.83
CA ILE A 516 109.59 -40.99 18.65
C ILE A 516 108.27 -41.72 18.91
N ALA A 517 108.24 -43.02 18.65
CA ALA A 517 107.08 -43.82 19.06
C ALA A 517 106.95 -43.86 20.57
N ALA A 518 108.08 -44.00 21.28
CA ALA A 518 108.06 -44.04 22.74
C ALA A 518 108.00 -42.66 23.37
N PHE A 519 108.51 -41.62 22.71
CA PHE A 519 108.48 -40.29 23.31
C PHE A 519 107.28 -39.47 22.84
N LYS A 520 107.23 -39.16 21.54
CA LYS A 520 106.24 -38.19 21.07
C LYS A 520 104.82 -38.72 21.22
N ASP A 521 104.58 -39.97 20.81
CA ASP A 521 103.25 -40.53 20.96
C ASP A 521 102.84 -40.60 22.42
N LYS A 522 103.78 -40.97 23.30
CA LYS A 522 103.46 -41.07 24.72
C LYS A 522 103.09 -39.72 25.30
N VAL A 523 103.86 -38.67 24.98
CA VAL A 523 103.55 -37.36 25.57
C VAL A 523 102.28 -36.78 24.98
N LYS A 524 101.98 -37.09 23.72
CA LYS A 524 100.68 -36.70 23.17
C LYS A 524 99.56 -37.38 23.93
N LYS A 525 99.71 -38.68 24.22
CA LYS A 525 98.71 -39.39 25.00
C LYS A 525 98.56 -38.77 26.38
N LYS A 526 99.66 -38.36 27.00
CA LYS A 526 99.57 -37.75 28.32
C LYS A 526 98.87 -36.40 28.26
N TYR A 527 99.21 -35.56 27.28
CA TYR A 527 98.74 -34.17 27.28
C TYR A 527 97.37 -34.00 26.64
N GLU A 528 96.83 -35.02 25.96
CA GLU A 528 95.43 -35.01 25.60
C GLU A 528 94.62 -36.13 26.27
N LYS A 529 95.22 -36.86 27.19
CA LYS A 529 94.42 -37.70 28.07
C LYS A 529 93.58 -36.85 28.99
N GLU A 530 94.15 -35.77 29.50
CA GLU A 530 93.35 -34.75 30.16
C GLU A 530 92.44 -34.08 29.13
N GLY A 531 91.28 -33.66 29.59
CA GLY A 531 90.32 -33.02 28.70
C GLY A 531 89.26 -32.31 29.50
N SER A 532 88.29 -31.77 28.78
CA SER A 532 87.17 -31.10 29.43
C SER A 532 86.38 -32.09 30.27
N CYS A 533 86.17 -33.30 29.76
CA CYS A 533 85.20 -34.20 30.38
C CYS A 533 85.73 -34.80 31.68
N TYR A 534 86.98 -35.23 31.71
CA TYR A 534 87.47 -35.91 32.91
C TYR A 534 88.27 -35.06 33.90
N TYR A 535 89.41 -34.53 33.47
CA TYR A 535 90.27 -33.78 34.39
C TYR A 535 89.56 -32.57 35.00
N SER A 536 88.54 -32.07 34.31
CA SER A 536 87.82 -30.90 34.82
C SER A 536 86.46 -31.26 35.37
N THR A 537 85.93 -30.42 36.26
CA THR A 537 84.60 -30.65 36.82
C THR A 537 84.54 -31.87 37.72
N ALA A 538 84.90 -33.03 37.18
CA ALA A 538 84.92 -34.25 38.00
C ALA A 538 85.84 -34.02 39.18
N ARG A 539 86.85 -33.18 39.00
CA ARG A 539 87.76 -32.86 40.11
C ARG A 539 87.50 -31.44 40.57
N LEU A 540 86.37 -30.86 40.16
CA LEU A 540 86.06 -29.47 40.51
C LEU A 540 87.18 -28.52 40.12
N TRP A 541 87.84 -28.82 39.00
CA TRP A 541 88.65 -27.84 38.29
C TRP A 541 87.71 -27.22 37.27
N ASP A 542 87.40 -25.93 37.44
CA ASP A 542 86.44 -25.26 36.57
C ASP A 542 85.11 -26.01 36.67
N ASP A 543 84.44 -25.90 37.81
CA ASP A 543 83.40 -26.85 38.20
C ASP A 543 82.26 -26.93 37.19
N GLY A 544 81.90 -25.81 36.57
CA GLY A 544 80.77 -25.75 35.66
C GLY A 544 81.15 -26.27 34.27
N VAL A 545 80.26 -27.07 33.70
CA VAL A 545 80.39 -27.53 32.32
C VAL A 545 79.08 -27.27 31.58
N ILE A 546 79.17 -26.62 30.41
CA ILE A 546 78.00 -26.14 29.71
C ILE A 546 78.07 -26.50 28.23
N ALA A 547 77.11 -26.00 27.46
CA ALA A 547 77.09 -26.12 26.01
C ALA A 547 77.49 -24.79 25.39
N PRO A 548 78.18 -24.79 24.25
CA PRO A 548 78.52 -23.51 23.62
C PRO A 548 77.33 -22.72 23.15
N GLU A 549 76.21 -23.38 22.87
CA GLU A 549 75.05 -22.70 22.31
C GLU A 549 74.32 -21.87 23.35
N ASP A 550 74.27 -22.33 24.60
CA ASP A 550 73.48 -21.69 25.65
C ASP A 550 74.34 -20.89 26.63
N THR A 551 75.37 -20.20 26.13
CA THR A 551 76.31 -19.54 27.03
C THR A 551 75.75 -18.25 27.62
N ARG A 552 75.00 -17.49 26.83
CA ARG A 552 74.55 -16.17 27.30
C ARG A 552 73.58 -16.31 28.46
N VAL A 553 72.70 -17.32 28.41
CA VAL A 553 71.78 -17.54 29.52
C VAL A 553 72.56 -17.83 30.79
N VAL A 554 73.59 -18.68 30.70
CA VAL A 554 74.38 -19.04 31.87
C VAL A 554 75.09 -17.82 32.43
N VAL A 555 75.68 -17.00 31.56
CA VAL A 555 76.41 -15.82 32.03
C VAL A 555 75.45 -14.82 32.66
N ALA A 556 74.24 -14.70 32.12
CA ALA A 556 73.22 -13.87 32.74
C ALA A 556 72.78 -14.40 34.10
N GLU A 557 72.70 -15.71 34.27
CA GLU A 557 72.49 -16.25 35.62
C GLU A 557 73.61 -15.80 36.55
N ALA A 558 74.85 -15.91 36.07
CA ALA A 558 75.99 -15.56 36.90
C ALA A 558 75.95 -14.09 37.33
N LEU A 559 75.63 -13.20 36.40
CA LEU A 559 75.65 -11.77 36.73
C LEU A 559 74.53 -11.40 37.70
N ARG A 560 73.34 -11.98 37.53
CA ARG A 560 72.30 -11.77 38.53
C ARG A 560 72.69 -12.37 39.86
N ALA A 561 73.54 -13.40 39.86
CA ALA A 561 74.00 -13.97 41.11
C ALA A 561 74.97 -13.04 41.84
N THR A 562 75.65 -12.16 41.11
CA THR A 562 76.70 -11.32 41.67
C THR A 562 76.29 -9.86 41.77
N ARG A 563 75.01 -9.57 42.00
CA ARG A 563 74.58 -8.22 42.29
C ARG A 563 73.89 -8.09 43.64
N LEU A 564 73.72 -9.17 44.38
CA LEU A 564 73.32 -9.07 45.78
C LEU A 564 74.53 -8.75 46.66
N ALA A 565 75.73 -8.84 46.10
CA ALA A 565 76.99 -8.63 46.80
C ALA A 565 77.00 -7.28 47.49
N PRO A 566 77.80 -7.11 48.56
CA PRO A 566 77.80 -5.84 49.29
C PRO A 566 78.17 -4.65 48.43
N TYR B 1 36.67 33.43 66.54
CA TYR B 1 35.58 34.34 66.25
C TYR B 1 35.00 34.09 64.87
N ALA B 2 33.89 33.36 64.81
CA ALA B 2 33.24 33.08 63.53
C ALA B 2 34.26 32.71 62.46
N HIS B 3 35.39 32.13 62.85
CA HIS B 3 36.38 31.70 61.88
C HIS B 3 36.95 30.33 62.26
N HIS B 4 36.59 29.30 61.51
CA HIS B 4 37.02 27.95 61.87
C HIS B 4 37.35 27.07 60.66
N PRO B 5 38.42 27.40 59.92
CA PRO B 5 38.82 26.55 58.80
C PRO B 5 39.82 25.49 59.26
N ILE B 6 40.43 24.78 58.32
CA ILE B 6 41.43 23.78 58.68
C ILE B 6 42.79 24.10 58.06
N ASP B 7 43.15 25.38 58.02
CA ASP B 7 44.46 25.80 57.49
C ASP B 7 44.53 25.88 55.96
N TYR B 8 43.88 24.95 55.27
CA TYR B 8 43.97 24.94 53.79
C TYR B 8 42.81 25.82 53.51
N GLU B 9 42.44 26.02 52.25
CA GLU B 9 41.40 26.97 51.93
C GLU B 9 42.11 28.22 52.27
N ARG B 10 42.41 28.39 53.54
CA ARG B 10 43.22 29.49 53.93
C ARG B 10 44.42 29.14 53.12
N SER B 11 44.70 27.85 52.97
CA SER B 11 45.79 27.45 52.09
C SER B 11 45.23 26.79 50.84
N THR B 12 46.08 26.19 50.02
CA THR B 12 45.62 25.58 48.75
C THR B 12 44.48 26.33 48.07
N SER B 13 44.55 27.65 48.04
CA SER B 13 43.55 28.42 47.32
C SER B 13 44.34 29.43 46.53
N LYS B 14 43.69 30.10 45.60
CA LYS B 14 44.37 31.12 44.81
C LYS B 14 44.47 32.40 45.62
N SER B 15 44.19 32.31 46.92
CA SER B 15 44.27 33.50 47.78
C SER B 15 45.10 33.26 49.04
N PRO B 16 46.35 32.79 48.88
CA PRO B 16 47.17 32.67 50.09
C PRO B 16 48.12 33.86 50.21
N ASN B 17 48.36 34.31 51.43
CA ASN B 17 49.22 35.47 51.64
C ASN B 17 50.64 35.18 51.16
N ILE B 18 50.97 33.90 51.02
CA ILE B 18 52.31 33.52 50.60
C ILE B 18 52.70 34.17 49.28
N LEU B 19 51.73 34.32 48.38
CA LEU B 19 52.02 34.90 47.08
C LEU B 19 52.31 36.40 47.17
N ARG B 20 52.55 37.03 46.02
CA ARG B 20 52.82 38.46 46.01
C ARG B 20 52.02 39.12 44.91
N LEU B 21 51.52 40.33 45.17
CA LEU B 21 50.67 40.99 44.18
C LEU B 21 51.12 42.40 43.82
N PRO B 22 52.40 42.58 43.46
CA PRO B 22 52.85 43.88 43.02
C PRO B 22 52.55 44.01 41.55
N ALA B 23 51.46 44.69 41.21
CA ALA B 23 51.14 44.93 39.81
C ALA B 23 51.56 46.32 39.36
N ASN B 24 52.38 46.41 38.32
CA ASN B 24 52.84 47.69 37.81
C ASN B 24 51.75 48.43 37.04
N THR B 25 51.92 49.75 36.86
CA THR B 25 50.92 50.54 36.16
C THR B 25 51.45 51.15 34.87
N SER B 26 52.67 50.78 34.49
CA SER B 26 53.28 51.29 33.26
C SER B 26 53.14 52.81 33.14
N ASP B 27 53.67 53.56 34.10
CA ASP B 27 53.66 55.02 34.04
C ASP B 27 54.95 55.54 33.47
N PRO B 28 55.08 56.88 33.34
CA PRO B 28 56.38 57.38 32.87
C PRO B 28 57.54 56.76 33.64
N THR B 29 57.48 56.79 34.96
CA THR B 29 58.57 56.24 35.76
C THR B 29 58.86 54.84 35.28
N TYR B 30 57.81 54.05 35.07
CA TYR B 30 58.00 52.70 34.56
C TYR B 30 58.66 52.76 33.21
N GLN B 31 58.17 53.65 32.34
CA GLN B 31 58.72 53.76 31.00
C GLN B 31 60.19 54.13 31.08
N GLU B 32 60.51 55.13 31.88
CA GLU B 32 61.89 55.58 31.99
C GLU B 32 62.76 54.41 32.33
N ASN B 33 62.31 53.60 33.29
CA ASN B 33 63.07 52.44 33.70
C ASN B 33 62.97 51.33 32.67
N MET B 34 61.75 50.94 32.31
CA MET B 34 61.59 49.87 31.37
C MET B 34 62.33 50.14 30.08
N ALA B 35 62.25 51.39 29.60
CA ALA B 35 62.88 51.72 28.36
C ALA B 35 64.38 51.57 28.47
N ARG B 36 64.95 52.08 29.56
CA ARG B 36 66.40 52.03 29.69
C ARG B 36 66.85 50.61 29.66
N MET B 37 66.12 49.77 30.38
CA MET B 37 66.54 48.39 30.47
C MET B 37 66.66 47.91 29.07
N GLU B 38 65.66 48.23 28.27
CA GLU B 38 65.68 47.81 26.91
C GLU B 38 66.93 48.39 26.29
N GLY B 39 67.31 49.57 26.74
CA GLY B 39 68.53 50.19 26.22
C GLY B 39 69.77 49.52 26.78
N LEU B 40 69.59 48.66 27.77
CA LEU B 40 70.74 48.00 28.39
C LEU B 40 70.87 46.54 27.99
N VAL B 41 69.98 46.06 27.14
CA VAL B 41 70.01 44.64 26.77
C VAL B 41 70.25 44.39 25.29
N GLU B 42 69.71 45.24 24.43
CA GLU B 42 69.84 45.01 22.99
C GLU B 42 71.25 44.58 22.54
N GLN B 43 72.28 45.29 22.95
CA GLN B 43 73.64 44.97 22.48
C GLN B 43 74.23 43.81 23.24
N LEU B 44 73.80 43.65 24.48
CA LEU B 44 74.24 42.54 25.27
C LEU B 44 73.85 41.38 24.44
N ARG B 45 72.56 41.32 24.12
CA ARG B 45 72.06 40.23 23.32
C ARG B 45 72.68 40.23 21.92
N ALA B 46 73.36 41.30 21.56
CA ALA B 46 73.87 41.39 20.22
C ALA B 46 75.34 41.00 20.09
N ARG B 47 76.21 41.56 20.90
CA ARG B 47 77.64 41.28 20.73
C ARG B 47 77.80 39.81 20.70
N VAL B 48 76.93 39.13 21.42
CA VAL B 48 77.00 37.70 21.45
C VAL B 48 76.99 37.21 20.03
N ARG B 49 76.10 37.76 19.22
CA ARG B 49 76.00 37.29 17.85
C ARG B 49 77.27 37.56 17.08
N TYR B 50 77.87 38.72 17.30
CA TYR B 50 79.09 39.11 16.57
C TYR B 50 80.30 38.23 16.85
N VAL B 51 80.51 37.86 18.10
CA VAL B 51 81.63 37.00 18.47
C VAL B 51 81.27 35.64 17.99
N GLN B 52 79.99 35.35 17.98
CA GLN B 52 79.55 34.09 17.41
C GLN B 52 79.82 34.37 15.93
N ALA B 53 80.28 33.37 15.20
CA ALA B 53 80.72 33.67 13.84
C ALA B 53 81.59 34.91 13.83
N GLY B 54 82.60 34.89 14.72
CA GLY B 54 83.40 36.07 15.02
C GLY B 54 84.10 36.69 13.83
N GLY B 55 83.91 37.99 13.67
CA GLY B 55 84.54 38.73 12.60
C GLY B 55 83.91 38.57 11.25
N VAL B 56 82.84 37.78 11.14
CA VAL B 56 82.11 37.61 9.88
C VAL B 56 80.65 37.91 10.18
N VAL B 57 80.25 39.16 10.00
CA VAL B 57 78.88 39.58 10.21
C VAL B 57 78.37 40.20 8.91
N PRO B 58 77.75 39.39 8.04
CA PRO B 58 77.39 39.87 6.70
C PRO B 58 76.42 41.03 6.70
N GLU B 59 75.67 41.26 7.78
CA GLU B 59 74.70 42.35 7.77
C GLU B 59 75.39 43.70 7.67
N GLU B 60 76.58 43.83 8.26
CA GLU B 60 77.36 45.07 8.27
C GLU B 60 76.58 46.25 8.86
N GLU B 61 75.51 45.95 9.59
CA GLU B 61 74.72 46.96 10.29
C GLU B 61 74.87 46.85 11.79
N ALA B 62 76.00 46.31 12.25
CA ALA B 62 76.22 46.11 13.67
C ALA B 62 76.64 47.40 14.36
N ALA B 63 75.89 48.48 14.11
CA ALA B 63 76.11 49.72 14.83
C ALA B 63 75.53 49.70 16.23
N LYS B 64 74.58 48.79 16.49
CA LYS B 64 74.05 48.65 17.84
C LYS B 64 75.12 48.16 18.79
N ALA B 65 76.15 47.48 18.26
CA ALA B 65 77.33 47.11 19.03
C ALA B 65 78.43 48.13 18.74
N GLY B 66 79.00 48.69 19.81
CA GLY B 66 80.07 49.65 19.65
C GLY B 66 81.37 49.06 19.15
N VAL B 67 81.35 47.83 18.65
CA VAL B 67 82.58 47.19 18.21
C VAL B 67 83.10 47.88 16.96
N SER B 68 84.41 48.05 16.90
CA SER B 68 85.04 48.68 15.74
C SER B 68 84.91 47.79 14.50
N ILE B 69 84.94 48.43 13.34
CA ILE B 69 84.87 47.68 12.09
C ILE B 69 86.14 46.86 11.91
N SER B 70 85.97 45.59 11.55
CA SER B 70 87.08 44.68 11.35
C SER B 70 87.06 44.15 9.93
N SER B 71 88.22 43.67 9.48
CA SER B 71 88.35 43.14 8.13
C SER B 71 87.59 41.83 8.03
N ILE B 72 86.36 41.90 7.53
CA ILE B 72 85.52 40.71 7.40
C ILE B 72 86.11 39.74 6.40
N GLU B 73 86.73 40.29 5.34
CA GLU B 73 87.23 39.44 4.26
C GLU B 73 88.34 38.52 4.76
N ALA B 74 89.21 39.02 5.64
CA ALA B 74 90.30 38.20 6.15
C ALA B 74 89.76 37.03 6.95
N ASP B 75 88.79 37.28 7.83
CA ASP B 75 88.21 36.21 8.63
C ASP B 75 87.49 35.20 7.75
N ASP B 76 86.74 35.68 6.74
CA ASP B 76 86.08 34.75 5.84
C ASP B 76 87.08 33.91 5.06
N ARG B 77 88.18 34.51 4.64
CA ARG B 77 89.23 33.76 3.95
C ARG B 77 89.80 32.68 4.85
N VAL B 78 90.08 33.03 6.11
CA VAL B 78 90.64 32.06 7.05
C VAL B 78 89.66 30.91 7.28
N ARG B 79 88.38 31.25 7.44
CA ARG B 79 87.37 30.21 7.68
C ARG B 79 87.21 29.32 6.45
N LYS B 80 87.22 29.89 5.25
CA LYS B 80 87.14 29.09 4.03
C LYS B 80 88.32 28.14 3.93
N LEU B 81 89.53 28.65 4.18
CA LEU B 81 90.71 27.80 4.12
C LEU B 81 90.63 26.68 5.15
N HIS B 82 90.13 26.99 6.35
CA HIS B 82 90.05 25.98 7.41
C HIS B 82 89.00 24.93 7.09
N LEU B 83 87.85 25.35 6.55
CA LEU B 83 86.78 24.40 6.25
C LEU B 83 87.12 23.56 5.03
N SER B 84 87.92 24.09 4.10
CA SER B 84 88.39 23.28 2.99
C SER B 84 89.25 22.12 3.47
N ARG B 85 89.86 22.24 4.64
CA ARG B 85 90.72 21.18 5.16
C ARG B 85 89.91 19.93 5.49
N GLY B 86 88.64 20.09 5.86
CA GLY B 86 87.78 18.98 6.23
C GLY B 86 87.31 18.99 7.66
N LYS B 87 87.64 20.03 8.43
CA LYS B 87 87.22 20.14 9.82
C LYS B 87 86.29 21.33 9.97
N MET B 88 85.27 21.19 10.82
CA MET B 88 84.24 22.21 10.97
C MET B 88 84.75 23.34 11.86
N LEU B 89 84.96 24.53 11.28
CA LEU B 89 85.35 25.71 12.04
C LEU B 89 84.10 26.39 12.55
N ALA B 90 83.70 26.01 13.77
CA ALA B 90 82.62 26.67 14.50
C ALA B 90 82.48 25.99 15.85
N ARG B 91 81.49 26.43 16.58
CA ARG B 91 81.02 25.68 17.74
C ARG B 91 80.16 24.50 17.34
N ASP B 92 80.09 24.22 16.03
CA ASP B 92 79.21 23.19 15.51
C ASP B 92 79.46 21.84 16.16
N ARG B 93 80.71 21.54 16.50
CA ARG B 93 81.04 20.28 17.15
C ARG B 93 80.18 20.09 18.40
N ILE B 94 79.89 21.18 19.11
CA ILE B 94 79.12 21.10 20.34
C ILE B 94 77.68 20.68 20.07
N GLU B 95 76.94 21.44 19.26
CA GLU B 95 75.52 21.13 19.09
C GLU B 95 75.32 19.86 18.29
N ARG B 96 76.33 19.44 17.53
CA ARG B 96 76.32 18.07 17.03
C ARG B 96 76.48 17.07 18.17
N LEU B 97 77.29 17.41 19.17
CA LEU B 97 77.59 16.44 20.22
C LEU B 97 76.45 16.27 21.22
N ILE B 98 75.72 17.34 21.53
CA ILE B 98 74.67 17.29 22.54
C ILE B 98 73.38 16.76 21.93
N ASP B 99 72.59 16.06 22.74
CA ASP B 99 71.35 15.45 22.28
C ASP B 99 70.37 16.53 21.83
N PRO B 100 69.64 16.32 20.73
CA PRO B 100 68.64 17.31 20.32
C PRO B 100 67.50 17.40 21.32
N GLY B 101 66.90 18.60 21.39
CA GLY B 101 65.82 18.85 22.30
C GLY B 101 66.23 19.13 23.73
N THR B 102 67.52 19.23 24.00
CA THR B 102 68.07 19.41 25.34
C THR B 102 68.54 20.84 25.52
N ARG B 103 69.07 21.12 26.70
CA ARG B 103 69.47 22.47 27.07
C ARG B 103 70.98 22.66 26.93
N PHE B 104 71.40 23.92 27.05
CA PHE B 104 72.80 24.32 27.03
C PHE B 104 72.93 25.58 27.85
N LEU B 105 74.16 25.90 28.26
CA LEU B 105 74.34 27.07 29.11
C LEU B 105 75.29 28.11 28.57
N GLU B 106 76.40 27.70 27.94
CA GLU B 106 77.46 28.63 27.54
C GLU B 106 77.97 29.42 28.75
N LEU B 107 78.62 28.67 29.65
CA LEU B 107 79.09 29.20 30.92
C LEU B 107 79.75 30.57 30.81
N SER B 108 80.86 30.64 30.09
CA SER B 108 81.58 31.90 29.90
C SER B 108 81.48 32.31 28.44
N GLN B 109 81.02 33.52 28.20
CA GLN B 109 80.82 34.07 26.87
C GLN B 109 81.33 35.50 26.84
N LEU B 110 81.61 35.99 25.63
CA LEU B 110 82.27 37.28 25.45
C LEU B 110 83.62 37.32 26.16
N ALA B 111 84.21 36.15 26.38
CA ALA B 111 85.48 36.08 27.08
C ALA B 111 86.57 36.81 26.29
N GLY B 112 87.42 37.52 27.01
CA GLY B 112 88.48 38.27 26.35
C GLY B 112 87.97 39.32 25.40
N TRP B 113 86.82 39.92 25.73
CA TRP B 113 86.29 41.03 24.94
C TRP B 113 87.27 42.18 25.04
N ASP B 114 87.78 42.61 23.88
CA ASP B 114 88.67 43.77 23.74
C ASP B 114 89.60 43.96 24.94
N LEU B 115 90.37 42.90 25.23
CA LEU B 115 91.19 42.85 26.43
C LEU B 115 92.55 43.51 26.24
N TYR B 116 93.33 43.03 25.27
CA TYR B 116 94.71 43.45 25.09
C TYR B 116 94.77 44.64 24.14
N TRP B 117 95.62 45.61 24.46
CA TRP B 117 95.87 46.73 23.55
C TRP B 117 97.14 46.48 22.76
N ASP B 118 97.02 46.47 21.44
CA ASP B 118 98.14 46.14 20.58
C ASP B 118 99.09 47.32 20.44
N ASP B 119 100.13 47.13 19.62
CA ASP B 119 101.03 48.24 19.31
C ASP B 119 100.29 49.35 18.59
N LYS B 120 99.40 48.99 17.67
CA LYS B 120 98.52 49.98 17.05
C LYS B 120 97.57 50.54 18.10
N LYS B 121 97.57 51.87 18.21
CA LYS B 121 96.84 52.51 19.31
C LYS B 121 95.35 52.28 19.20
N LYS B 122 94.81 52.32 17.98
CA LYS B 122 93.38 52.15 17.77
C LYS B 122 92.97 50.69 17.61
N GLU B 123 93.92 49.75 17.69
CA GLU B 123 93.62 48.34 17.50
C GLU B 123 93.82 47.56 18.78
N TYR B 124 92.84 46.70 19.08
CA TYR B 124 92.93 45.70 20.13
C TYR B 124 93.09 44.34 19.49
N GLU B 125 93.58 43.38 20.28
CA GLU B 125 93.68 42.01 19.79
C GLU B 125 92.28 41.43 19.59
N ARG B 126 92.07 40.81 18.42
CA ARG B 126 90.75 40.34 18.03
C ARG B 126 90.51 38.94 18.61
N CYS B 127 90.30 38.92 19.92
CA CYS B 127 89.88 37.71 20.63
C CYS B 127 88.38 37.77 20.81
N TYR B 128 87.64 37.29 19.81
CA TYR B 128 86.18 37.30 19.88
C TYR B 128 85.68 36.47 21.05
N SER B 129 86.33 35.36 21.32
CA SER B 129 86.12 34.57 22.51
C SER B 129 87.43 34.48 23.28
N GLY B 130 87.44 33.65 24.31
CA GLY B 130 88.66 33.44 25.08
C GLY B 130 89.59 32.47 24.39
N GLY B 131 89.25 32.08 23.17
CA GLY B 131 89.94 31.03 22.46
C GLY B 131 89.28 29.68 22.63
N ILE B 132 88.38 29.55 23.60
CA ILE B 132 87.60 28.35 23.82
C ILE B 132 86.16 28.76 24.05
N VAL B 133 85.27 27.78 24.01
CA VAL B 133 83.87 27.96 24.36
C VAL B 133 83.50 26.92 25.41
N THR B 134 82.85 27.35 26.47
CA THR B 134 82.55 26.49 27.62
C THR B 134 81.08 26.56 27.95
N GLY B 135 80.47 25.40 28.13
CA GLY B 135 79.08 25.31 28.53
C GLY B 135 78.76 23.93 29.03
N ILE B 136 77.68 23.86 29.81
CA ILE B 136 77.22 22.60 30.38
C ILE B 136 76.37 21.89 29.35
N GLY B 137 76.71 20.65 29.04
CA GLY B 137 76.01 19.89 28.02
C GLY B 137 75.53 18.55 28.54
N LEU B 138 74.36 18.14 28.04
CA LEU B 138 73.74 16.88 28.42
C LEU B 138 73.87 15.90 27.27
N VAL B 139 74.74 14.90 27.43
CA VAL B 139 75.09 13.98 26.35
C VAL B 139 74.58 12.59 26.71
N ASN B 140 73.74 12.03 25.84
CA ASN B 140 73.26 10.65 25.99
C ASN B 140 72.60 10.42 27.34
N GLY B 141 71.87 11.40 27.84
CA GLY B 141 71.30 11.30 29.17
C GLY B 141 72.27 11.57 30.30
N VAL B 142 73.48 12.02 29.99
CA VAL B 142 74.52 12.27 30.97
C VAL B 142 74.91 13.74 30.90
N ARG B 143 74.91 14.42 32.04
CA ARG B 143 75.33 15.82 32.09
C ARG B 143 76.85 15.90 32.10
N CYS B 144 77.40 16.76 31.24
CA CYS B 144 78.85 16.84 31.08
C CYS B 144 79.26 18.29 30.86
N MET B 145 80.53 18.55 31.15
CA MET B 145 81.16 19.84 30.86
C MET B 145 81.80 19.76 29.49
N LEU B 146 81.55 20.77 28.65
CA LEU B 146 82.07 20.80 27.30
C LEU B 146 83.02 21.97 27.15
N VAL B 147 84.26 21.68 26.77
CA VAL B 147 85.29 22.69 26.51
C VAL B 147 85.80 22.44 25.10
N ALA B 148 85.74 23.46 24.24
CA ALA B 148 86.16 23.34 22.85
C ALA B 148 87.16 24.43 22.54
N ASN B 149 88.33 24.04 22.04
CA ASN B 149 89.37 24.98 21.66
C ASN B 149 89.03 25.55 20.29
N ASP B 150 88.86 26.86 20.21
CA ASP B 150 88.56 27.49 18.93
C ASP B 150 89.79 27.47 18.03
N ALA B 151 89.54 27.53 16.72
CA ALA B 151 90.63 27.44 15.75
C ALA B 151 91.31 28.78 15.55
N THR B 152 90.96 29.78 16.37
CA THR B 152 91.67 31.04 16.30
C THR B 152 93.07 30.92 16.89
N VAL B 153 94.07 30.80 16.01
CA VAL B 153 95.46 30.73 16.40
C VAL B 153 96.26 31.92 15.91
N LYS B 154 95.59 32.93 15.37
CA LYS B 154 96.28 34.09 14.81
C LYS B 154 97.06 34.85 15.87
N GLY B 155 96.48 34.99 17.06
CA GLY B 155 97.20 35.66 18.13
C GLY B 155 98.07 34.70 18.94
N GLY B 156 97.78 33.40 18.85
CA GLY B 156 98.46 32.43 19.67
C GLY B 156 97.44 31.55 20.38
N THR B 157 97.81 30.32 20.71
CA THR B 157 96.83 29.38 21.24
C THR B 157 96.18 29.88 22.52
N TYR B 158 96.97 30.02 23.59
CA TYR B 158 96.41 30.24 24.91
C TYR B 158 96.96 31.52 25.53
N TYR B 159 96.09 32.24 26.22
CA TYR B 159 96.35 33.52 26.87
C TYR B 159 96.07 33.42 28.36
N PRO B 160 96.42 34.47 29.13
CA PRO B 160 96.06 34.47 30.56
C PRO B 160 94.56 34.40 30.80
N ILE B 161 93.76 34.65 29.77
CA ILE B 161 92.33 34.48 29.87
C ILE B 161 91.87 33.11 29.38
N THR B 162 92.70 32.40 28.61
CA THR B 162 92.32 31.09 28.12
C THR B 162 92.55 30.02 29.17
N VAL B 163 93.74 29.99 29.78
CA VAL B 163 94.03 28.99 30.79
C VAL B 163 93.14 29.19 32.02
N LYS B 164 92.83 30.44 32.35
CA LYS B 164 91.92 30.67 33.46
C LYS B 164 90.53 30.11 33.17
N LYS B 165 90.06 30.27 31.93
CA LYS B 165 88.77 29.69 31.57
C LYS B 165 88.79 28.17 31.65
N HIS B 166 89.86 27.56 31.13
CA HIS B 166 89.99 26.10 31.20
C HIS B 166 90.02 25.61 32.64
N LEU B 167 90.77 26.31 33.50
CA LEU B 167 90.88 25.90 34.90
C LEU B 167 89.58 26.12 35.65
N ARG B 168 88.85 27.19 35.33
CA ARG B 168 87.54 27.38 35.94
C ARG B 168 86.61 26.25 35.55
N ALA B 169 86.64 25.84 34.28
CA ALA B 169 85.82 24.72 33.85
C ALA B 169 86.19 23.43 34.59
N GLN B 170 87.49 23.18 34.75
CA GLN B 170 87.92 21.97 35.45
C GLN B 170 87.50 21.99 36.92
N LYS B 171 87.64 23.14 37.59
CA LYS B 171 87.21 23.23 38.97
C LYS B 171 85.71 23.02 39.11
N ILE B 172 84.94 23.60 38.19
CA ILE B 172 83.49 23.41 38.22
C ILE B 172 83.13 21.94 38.04
N ALA B 173 83.75 21.28 37.08
CA ALA B 173 83.45 19.87 36.85
C ALA B 173 83.83 19.02 38.05
N GLU B 174 84.99 19.28 38.65
CA GLU B 174 85.40 18.49 39.81
C GLU B 174 84.46 18.71 41.00
N GLN B 175 84.05 19.96 41.23
CA GLN B 175 83.12 20.22 42.32
C GLN B 175 81.79 19.53 42.09
N ASN B 176 81.31 19.54 40.85
CA ASN B 176 79.99 19.02 40.55
C ASN B 176 79.99 17.58 40.04
N HIS B 177 81.17 16.97 39.87
CA HIS B 177 81.26 15.61 39.34
C HIS B 177 80.53 15.47 38.01
N LEU B 178 80.74 16.44 37.14
CA LEU B 178 80.33 16.33 35.76
C LEU B 178 81.55 15.95 34.93
N PRO B 179 81.53 14.84 34.19
CA PRO B 179 82.66 14.53 33.31
C PRO B 179 82.87 15.61 32.25
N CYS B 180 84.13 15.79 31.86
CA CYS B 180 84.51 16.80 30.89
C CYS B 180 84.72 16.17 29.53
N ILE B 181 84.48 16.96 28.48
CA ILE B 181 84.89 16.62 27.13
C ILE B 181 85.63 17.81 26.54
N TYR B 182 86.86 17.58 26.11
CA TYR B 182 87.71 18.63 25.55
C TYR B 182 87.84 18.42 24.06
N LEU B 183 87.60 19.49 23.29
CA LEU B 183 87.83 19.48 21.85
C LEU B 183 89.11 20.25 21.59
N VAL B 184 90.14 19.55 21.14
CA VAL B 184 91.51 20.06 21.16
C VAL B 184 91.89 20.49 19.75
N ASP B 185 92.15 21.79 19.58
CA ASP B 185 92.82 22.32 18.41
C ASP B 185 93.70 23.46 18.87
N SER B 186 95.01 23.35 18.62
CA SER B 186 95.98 24.28 19.18
C SER B 186 97.01 24.67 18.14
N GLY B 187 97.56 25.87 18.31
CA GLY B 187 98.75 26.29 17.61
C GLY B 187 100.00 26.16 18.45
N GLY B 188 99.97 25.35 19.50
CA GLY B 188 101.10 25.21 20.40
C GLY B 188 100.99 26.11 21.61
N ALA B 189 101.97 26.99 21.79
CA ALA B 189 101.99 27.94 22.88
C ALA B 189 102.08 29.36 22.33
N ASN B 190 102.10 30.33 23.24
CA ASN B 190 102.34 31.73 22.91
C ASN B 190 103.70 32.12 23.46
N LEU B 191 104.70 32.17 22.58
CA LEU B 191 106.07 32.46 22.97
C LEU B 191 106.32 33.95 23.20
N SER B 192 105.27 34.76 23.25
CA SER B 192 105.37 36.18 23.56
C SER B 192 105.04 36.48 25.01
N ARG B 193 103.88 36.03 25.48
CA ARG B 193 103.47 36.16 26.88
C ARG B 193 103.76 34.90 27.68
N GLN B 194 104.82 34.17 27.34
CA GLN B 194 105.06 32.87 27.94
C GLN B 194 105.33 32.97 29.43
N ASP B 195 106.04 34.02 29.86
CA ASP B 195 106.26 34.22 31.29
C ASP B 195 104.94 34.39 32.04
N ASP B 196 103.92 34.92 31.35
CA ASP B 196 102.65 35.18 31.99
C ASP B 196 101.77 33.94 32.04
N VAL B 197 102.04 32.98 31.17
CA VAL B 197 101.16 31.82 31.04
C VAL B 197 101.81 30.49 31.42
N PHE B 198 103.12 30.36 31.26
CA PHE B 198 103.74 29.07 31.54
C PHE B 198 104.14 28.86 33.00
N PRO B 199 105.04 29.70 33.54
CA PRO B 199 105.50 29.43 34.91
C PRO B 199 104.53 29.84 36.00
N ASP B 200 105.00 29.91 37.25
CA ASP B 200 104.13 30.30 38.37
C ASP B 200 103.06 29.23 38.63
N GLU B 201 101.99 29.62 39.31
CA GLU B 201 100.94 28.66 39.65
C GLU B 201 99.62 29.04 39.01
N GLN B 202 98.64 28.14 39.02
CA GLN B 202 97.36 28.42 38.36
C GLN B 202 97.63 28.63 36.89
N HIS B 203 98.58 27.88 36.35
CA HIS B 203 98.94 28.03 34.95
C HIS B 203 98.73 26.75 34.15
N PHE B 204 99.50 26.58 33.09
CA PHE B 204 99.31 25.42 32.23
C PHE B 204 99.64 24.11 32.91
N GLY B 205 100.44 24.13 33.98
CA GLY B 205 100.68 22.91 34.72
C GLY B 205 99.49 22.45 35.53
N ARG B 206 98.66 23.40 36.00
CA ARG B 206 97.52 23.01 36.83
C ARG B 206 96.46 22.29 36.02
N ILE B 207 96.44 22.50 34.69
CA ILE B 207 95.56 21.68 33.85
C ILE B 207 95.95 20.22 33.97
N PHE B 208 97.25 19.93 33.87
CA PHE B 208 97.72 18.57 34.00
C PHE B 208 97.50 18.04 35.41
N TYR B 209 97.61 18.92 36.41
CA TYR B 209 97.32 18.50 37.79
C TYR B 209 95.87 18.08 37.93
N ASN B 210 94.95 18.86 37.36
CA ASN B 210 93.53 18.58 37.50
C ASN B 210 93.13 17.33 36.74
N GLU B 211 93.70 17.12 35.55
CA GLU B 211 93.34 15.93 34.78
C GLU B 211 93.78 14.64 35.45
N ALA B 212 94.65 14.72 36.45
CA ALA B 212 95.00 13.55 37.25
C ALA B 212 94.21 13.47 38.55
N GLN B 213 94.00 14.60 39.21
CA GLN B 213 93.20 14.59 40.42
C GLN B 213 91.77 14.14 40.14
N MET B 214 91.24 14.46 38.96
CA MET B 214 89.92 13.97 38.60
C MET B 214 89.90 12.45 38.49
N SER B 215 90.89 11.87 37.82
CA SER B 215 90.90 10.42 37.65
C SER B 215 91.21 9.71 38.95
N ILE B 216 91.79 10.42 39.92
CA ILE B 216 91.88 9.84 41.27
C ILE B 216 90.50 9.65 41.86
N LYS B 217 89.64 10.67 41.74
CA LYS B 217 88.26 10.58 42.23
C LYS B 217 87.35 9.80 41.29
N SER B 218 87.92 9.15 40.28
CA SER B 218 87.19 8.30 39.34
C SER B 218 86.10 9.09 38.60
N ILE B 219 86.43 10.31 38.18
CA ILE B 219 85.53 11.12 37.36
C ILE B 219 86.09 11.10 35.95
N SER B 220 85.61 10.17 35.12
CA SER B 220 86.21 9.96 33.81
C SER B 220 86.11 11.21 32.95
N GLN B 221 87.16 11.44 32.16
CA GLN B 221 87.27 12.60 31.29
C GLN B 221 87.67 12.14 29.90
N ILE B 222 87.26 12.90 28.89
CA ILE B 222 87.45 12.54 27.49
C ILE B 222 87.96 13.75 26.72
N ALA B 223 88.91 13.51 25.82
CA ALA B 223 89.46 14.56 24.98
C ALA B 223 89.44 14.12 23.53
N VAL B 224 89.21 15.05 22.62
CA VAL B 224 89.20 14.80 21.19
C VAL B 224 90.29 15.65 20.55
N VAL B 225 91.20 15.02 19.81
CA VAL B 225 92.33 15.71 19.22
C VAL B 225 92.05 15.99 17.75
N MET B 226 91.50 17.17 17.46
CA MET B 226 91.16 17.50 16.10
C MET B 226 92.37 17.99 15.31
N GLY B 227 93.24 18.75 15.98
CA GLY B 227 94.45 19.25 15.37
C GLY B 227 95.63 19.08 16.30
N SER B 228 96.72 19.76 15.97
CA SER B 228 97.96 19.63 16.74
C SER B 228 97.80 20.17 18.15
N CYS B 229 98.38 19.46 19.12
CA CYS B 229 98.51 19.92 20.50
C CYS B 229 99.96 19.71 20.94
N THR B 230 100.80 20.70 20.66
CA THR B 230 102.22 20.61 20.97
C THR B 230 102.53 21.39 22.24
N ALA B 231 103.82 21.51 22.56
CA ALA B 231 104.31 22.36 23.63
C ALA B 231 103.65 22.05 24.97
N GLY B 232 103.61 20.78 25.33
CA GLY B 232 102.95 20.39 26.57
C GLY B 232 101.48 20.14 26.38
N GLY B 233 100.97 20.46 25.19
CA GLY B 233 99.59 20.14 24.87
C GLY B 233 99.36 18.69 24.50
N ALA B 234 100.45 17.93 24.30
CA ALA B 234 100.32 16.52 23.93
C ALA B 234 100.09 15.61 25.12
N TYR B 235 100.12 16.16 26.34
CA TYR B 235 99.90 15.30 27.51
C TYR B 235 98.42 15.02 27.75
N VAL B 236 97.54 15.95 27.37
CA VAL B 236 96.10 15.69 27.52
C VAL B 236 95.65 14.46 26.73
N PRO B 237 96.06 14.26 25.48
CA PRO B 237 95.78 12.96 24.85
C PRO B 237 96.40 11.80 25.58
N ALA B 238 97.56 12.01 26.20
CA ALA B 238 98.20 10.95 26.97
C ALA B 238 97.52 10.74 28.31
N MET B 239 97.11 11.83 28.96
CA MET B 239 96.38 11.78 30.22
C MET B 239 94.89 11.86 29.89
N ALA B 240 94.31 10.71 29.54
CA ALA B 240 92.91 10.67 29.16
C ALA B 240 92.43 9.24 29.21
N ASP B 241 91.23 9.05 29.77
CA ASP B 241 90.61 7.74 29.76
C ASP B 241 90.30 7.29 28.33
N GLU B 242 89.80 8.21 27.51
CA GLU B 242 89.53 7.97 26.10
C GLU B 242 90.00 9.17 25.31
N ASN B 243 90.65 8.95 24.18
CA ASN B 243 91.10 10.04 23.33
C ASN B 243 90.85 9.66 21.88
N ILE B 244 90.65 10.69 21.05
CA ILE B 244 90.27 10.51 19.66
C ILE B 244 91.24 11.28 18.78
N ILE B 245 91.78 10.61 17.77
CA ILE B 245 92.70 11.22 16.80
C ILE B 245 92.10 11.05 15.42
N VAL B 246 91.84 12.17 14.75
CA VAL B 246 91.25 12.11 13.42
C VAL B 246 92.28 11.57 12.43
N ALA B 247 91.79 10.87 11.40
CA ALA B 247 92.65 10.05 10.56
C ALA B 247 93.71 10.88 9.85
N ARG B 248 93.35 12.06 9.34
CA ARG B 248 94.27 12.85 8.54
C ARG B 248 94.86 14.02 9.31
N ASN B 249 94.03 14.91 9.84
CA ASN B 249 94.53 16.15 10.41
C ASN B 249 94.75 16.11 11.91
N GLY B 250 94.50 14.98 12.56
CA GLY B 250 94.79 14.86 13.99
C GLY B 250 96.24 14.56 14.28
N THR B 251 96.94 15.47 14.96
CA THR B 251 98.36 15.33 15.21
C THR B 251 98.69 15.64 16.66
N ILE B 252 99.66 14.90 17.21
CA ILE B 252 100.13 15.12 18.57
C ILE B 252 101.65 15.07 18.56
N PHE B 253 102.28 16.10 19.15
CA PHE B 253 103.74 16.22 19.11
C PHE B 253 104.26 16.70 20.45
N LEU B 254 105.40 16.15 20.87
CA LEU B 254 106.17 16.72 21.96
C LEU B 254 107.29 17.62 21.45
N GLY B 255 107.73 17.40 20.22
CA GLY B 255 108.69 18.28 19.58
C GLY B 255 108.23 18.62 18.18
N GLY B 256 108.30 19.91 17.85
CA GLY B 256 107.79 20.42 16.60
C GLY B 256 108.56 19.98 15.38
N PRO B 257 107.91 19.99 14.22
CA PRO B 257 108.59 19.65 12.96
C PRO B 257 109.78 20.55 12.68
N PRO B 258 109.71 21.86 12.97
CA PRO B 258 110.94 22.66 12.88
C PRO B 258 112.01 22.26 13.88
N LEU B 259 111.63 21.60 14.97
CA LEU B 259 112.60 21.35 16.04
C LEU B 259 113.58 20.24 15.67
N VAL B 260 113.16 19.28 14.84
CA VAL B 260 114.10 18.26 14.40
C VAL B 260 115.23 18.89 13.59
N LEU B 261 114.93 19.90 12.79
CA LEU B 261 115.98 20.63 12.11
C LEU B 261 116.79 21.43 13.14
N ALA B 262 118.07 21.62 12.83
CA ALA B 262 119.09 22.23 13.69
C ALA B 262 119.49 21.33 14.85
N ALA B 263 118.84 20.16 15.01
CA ALA B 263 119.25 19.14 15.96
C ALA B 263 118.96 17.79 15.30
N THR B 264 119.94 17.25 14.58
CA THR B 264 119.75 16.06 13.75
C THR B 264 118.58 16.26 12.78
N GLY B 265 118.77 17.20 11.86
CA GLY B 265 117.71 17.61 10.96
C GLY B 265 117.40 16.66 9.82
N GLU B 266 117.26 15.38 10.13
CA GLU B 266 116.84 14.40 9.13
C GLU B 266 115.31 14.46 9.04
N LYS B 267 114.83 15.51 8.38
CA LYS B 267 113.40 15.77 8.34
C LYS B 267 112.67 14.66 7.59
N VAL B 268 111.55 14.23 8.16
CA VAL B 268 110.65 13.28 7.51
C VAL B 268 109.23 13.79 7.66
N SER B 269 108.28 13.00 7.15
CA SER B 269 106.90 13.45 7.01
C SER B 269 106.26 13.74 8.36
N SER B 270 105.38 14.74 8.39
CA SER B 270 104.74 15.14 9.64
C SER B 270 103.89 14.02 10.21
N GLU B 271 103.44 13.09 9.35
CA GLU B 271 102.73 11.92 9.85
C GLU B 271 103.61 11.10 10.78
N GLU B 272 104.86 10.86 10.40
CA GLU B 272 105.75 10.00 11.16
C GLU B 272 106.27 10.66 12.44
N LEU B 273 106.12 11.98 12.56
CA LEU B 273 106.64 12.71 13.70
C LEU B 273 105.73 12.63 14.92
N GLY B 274 104.56 12.02 14.79
CA GLY B 274 103.64 11.90 15.90
C GLY B 274 102.18 12.10 15.53
N GLY B 275 101.87 12.40 14.27
CA GLY B 275 100.50 12.58 13.88
C GLY B 275 99.75 11.28 13.83
N ALA B 276 98.52 11.35 13.33
CA ALA B 276 97.70 10.16 13.23
C ALA B 276 98.39 9.12 12.36
N ASP B 277 98.84 8.05 13.00
CA ASP B 277 99.64 7.01 12.34
C ASP B 277 98.83 5.73 12.30
N VAL B 278 97.94 5.61 11.32
CA VAL B 278 97.14 4.40 11.19
C VAL B 278 97.89 3.43 10.30
N HIS B 279 98.85 2.72 10.88
CA HIS B 279 99.59 1.68 10.20
C HIS B 279 99.97 0.57 11.17
N CYS B 280 99.24 0.47 12.29
CA CYS B 280 99.53 -0.50 13.35
C CYS B 280 100.93 -0.30 13.92
N ARG B 281 101.28 0.97 14.19
CA ARG B 281 102.58 1.26 14.77
C ARG B 281 102.71 0.62 16.14
N ILE B 282 103.94 0.64 16.68
CA ILE B 282 104.17 0.02 17.98
C ILE B 282 103.46 0.81 19.07
N SER B 283 103.29 2.12 18.87
CA SER B 283 102.68 2.95 19.89
C SER B 283 101.22 2.62 20.09
N GLY B 284 100.84 2.36 21.35
CA GLY B 284 99.46 2.22 21.70
C GLY B 284 98.88 3.52 22.21
N VAL B 285 99.06 4.59 21.45
CA VAL B 285 98.63 5.91 21.84
C VAL B 285 97.36 6.29 21.08
N GLY B 286 96.35 6.71 21.83
CA GLY B 286 95.12 7.17 21.23
C GLY B 286 94.12 6.06 21.02
N ASP B 287 93.00 6.11 21.76
CA ASP B 287 92.07 5.00 21.75
C ASP B 287 91.35 4.85 20.42
N HIS B 288 90.87 5.95 19.85
CA HIS B 288 89.98 5.90 18.69
C HIS B 288 90.65 6.55 17.49
N TYR B 289 90.57 5.87 16.35
CA TYR B 289 91.02 6.40 15.07
C TYR B 289 89.81 6.46 14.16
N ALA B 290 89.33 7.68 13.89
CA ALA B 290 88.07 7.89 13.19
C ALA B 290 88.34 8.56 11.85
N THR B 291 87.68 8.07 10.81
CA THR B 291 87.94 8.52 9.45
C THR B 291 87.37 9.91 9.16
N ASP B 292 86.36 10.35 9.90
CA ASP B 292 85.68 11.59 9.59
C ASP B 292 85.28 12.29 10.89
N ASP B 293 84.96 13.57 10.76
CA ASP B 293 84.52 14.34 11.92
C ASP B 293 83.29 13.72 12.57
N LEU B 294 82.31 13.36 11.73
CA LEU B 294 81.10 12.73 12.26
C LEU B 294 81.42 11.40 12.93
N HIS B 295 82.33 10.62 12.35
CA HIS B 295 82.73 9.35 12.95
C HIS B 295 83.37 9.58 14.33
N ALA B 296 84.25 10.57 14.44
CA ALA B 296 84.91 10.86 15.71
C ALA B 296 83.89 11.32 16.75
N LEU B 297 83.00 12.23 16.37
CA LEU B 297 81.99 12.71 17.31
C LEU B 297 81.09 11.56 17.75
N TYR B 298 80.78 10.66 16.82
CA TYR B 298 79.92 9.52 17.13
C TYR B 298 80.60 8.58 18.11
N LEU B 299 81.90 8.32 17.92
CA LEU B 299 82.63 7.47 18.86
C LEU B 299 82.77 8.15 20.23
N ALA B 300 82.94 9.47 20.25
CA ALA B 300 82.94 10.19 21.53
C ALA B 300 81.63 9.98 22.27
N ARG B 301 80.52 10.14 21.55
CA ARG B 301 79.20 9.90 22.14
C ARG B 301 79.07 8.46 22.64
N ARG B 302 79.55 7.50 21.86
CA ARG B 302 79.45 6.10 22.22
C ARG B 302 80.25 5.80 23.49
N ALA B 303 81.46 6.37 23.60
CA ALA B 303 82.24 6.19 24.82
C ALA B 303 81.57 6.85 26.01
N VAL B 304 81.00 8.05 25.81
CA VAL B 304 80.27 8.71 26.89
C VAL B 304 79.14 7.83 27.39
N ALA B 305 78.53 7.06 26.47
CA ALA B 305 77.39 6.24 26.85
C ALA B 305 77.74 5.22 27.93
N ASN B 306 78.89 4.55 27.78
CA ASN B 306 79.25 3.46 28.66
C ASN B 306 79.91 3.92 29.95
N LEU B 307 79.24 4.79 30.71
CA LEU B 307 79.75 5.28 31.98
C LEU B 307 78.83 4.99 33.16
N ASN B 308 77.59 4.56 32.91
CA ASN B 308 76.57 4.22 33.91
C ASN B 308 76.04 5.43 34.67
N LEU B 309 76.23 6.65 34.17
CA LEU B 309 75.74 7.82 34.89
C LEU B 309 74.28 8.13 34.57
N LYS B 310 73.72 7.47 33.54
CA LYS B 310 72.35 7.78 33.13
C LYS B 310 71.36 7.47 34.24
N GLU B 311 71.51 6.32 34.87
CA GLU B 311 70.61 5.94 35.96
C GLU B 311 70.69 6.95 37.10
N HIS B 312 71.90 7.33 37.47
CA HIS B 312 72.10 8.22 38.61
C HIS B 312 71.52 9.61 38.34
N ASN B 313 71.76 10.15 37.14
CA ASN B 313 71.17 11.46 36.81
C ASN B 313 69.65 11.39 36.72
N GLU B 314 69.12 10.33 36.11
CA GLU B 314 67.68 10.21 35.96
C GLU B 314 67.00 10.10 37.33
N ALA B 315 67.61 9.36 38.25
CA ALA B 315 67.07 9.29 39.60
C ALA B 315 67.17 10.64 40.30
N ARG B 316 68.30 11.32 40.17
CA ARG B 316 68.50 12.53 40.95
C ARG B 316 67.69 13.71 40.40
N ASN B 317 67.71 13.91 39.08
CA ASN B 317 66.92 14.97 38.46
C ASN B 317 65.76 14.36 37.69
N PRO B 318 64.52 14.55 38.13
CA PRO B 318 63.38 13.94 37.42
C PRO B 318 63.24 14.52 36.02
N THR B 319 63.24 13.63 35.03
CA THR B 319 63.19 14.06 33.64
C THR B 319 61.79 14.52 33.24
N ASP B 320 60.76 13.97 33.87
CA ASP B 320 59.37 14.23 33.50
C ASP B 320 58.70 15.04 34.58
N VAL B 321 58.67 16.37 34.40
CA VAL B 321 58.15 17.29 35.41
C VAL B 321 57.19 18.26 34.74
N LYS B 322 56.30 18.82 35.55
CA LYS B 322 55.29 19.76 35.08
C LYS B 322 55.74 21.17 35.39
N PRO B 323 56.02 21.99 34.38
CA PRO B 323 56.51 23.35 34.67
C PRO B 323 55.42 24.21 35.30
N VAL B 324 55.79 24.90 36.37
CA VAL B 324 54.89 25.83 37.07
C VAL B 324 55.38 27.24 36.81
N PRO B 325 54.63 28.06 36.08
CA PRO B 325 55.12 29.39 35.74
C PRO B 325 54.76 30.38 36.83
N PRO B 326 55.45 31.52 36.88
CA PRO B 326 55.07 32.56 37.86
C PRO B 326 53.77 33.24 37.46
N LEU B 327 53.20 33.96 38.42
CA LEU B 327 51.90 34.60 38.24
C LEU B 327 51.97 35.88 37.41
N TYR B 328 53.17 36.44 37.22
CA TYR B 328 53.32 37.71 36.53
C TYR B 328 54.29 37.56 35.37
N ASP B 329 54.14 38.42 34.37
CA ASP B 329 54.86 38.23 33.12
C ASP B 329 56.34 38.58 33.29
N PRO B 330 57.24 37.68 32.89
CA PRO B 330 58.68 37.94 33.10
C PRO B 330 59.24 39.10 32.28
N ARG B 331 58.50 39.63 31.30
CA ARG B 331 58.96 40.80 30.58
C ARG B 331 59.01 42.03 31.49
N GLU B 332 58.23 42.02 32.57
CA GLU B 332 58.19 43.17 33.46
C GLU B 332 59.43 43.30 34.33
N LEU B 333 60.39 42.39 34.21
CA LEU B 333 61.57 42.44 35.07
C LEU B 333 62.44 43.65 34.78
N GLY B 334 62.46 44.11 33.53
CA GLY B 334 63.26 45.27 33.20
C GLY B 334 62.71 46.56 33.75
N GLY B 335 61.41 46.60 34.08
CA GLY B 335 60.79 47.84 34.47
C GLY B 335 61.14 48.26 35.89
N PHE B 336 61.04 47.32 36.84
CA PHE B 336 61.32 47.65 38.23
C PHE B 336 62.78 48.04 38.44
N ILE B 337 63.63 47.66 37.50
CA ILE B 337 65.03 48.09 37.53
C ILE B 337 65.10 49.59 37.23
N PRO B 338 65.70 50.40 38.08
CA PRO B 338 65.77 51.84 37.80
C PRO B 338 66.76 52.15 36.69
N ASP B 339 66.93 53.44 36.45
CA ASP B 339 67.76 53.91 35.34
C ASP B 339 69.23 53.90 35.75
N MET B 340 70.06 54.67 35.05
CA MET B 340 71.48 54.69 35.35
C MET B 340 72.03 56.11 35.35
N LEU B 341 73.28 56.26 35.79
CA LEU B 341 73.91 57.58 35.78
C LEU B 341 73.06 58.64 36.45
N SER B 342 72.57 58.36 37.65
CA SER B 342 71.77 59.35 38.38
C SER B 342 72.54 59.89 39.56
N ASP B 343 72.77 61.19 39.59
CA ASP B 343 73.52 61.81 40.68
C ASP B 343 73.31 61.08 41.99
N VAL B 344 72.09 61.15 42.51
CA VAL B 344 71.78 60.47 43.76
C VAL B 344 71.15 59.12 43.49
N VAL B 345 71.44 58.15 44.34
CA VAL B 345 70.90 56.81 44.15
C VAL B 345 69.40 56.89 43.92
N LYS B 346 68.90 56.17 42.94
CA LYS B 346 67.46 56.13 42.71
C LYS B 346 66.81 55.14 43.66
N SER B 347 65.48 55.01 43.58
CA SER B 347 64.77 54.07 44.43
C SER B 347 64.79 52.67 43.83
N PHE B 348 64.50 51.66 44.65
CA PHE B 348 64.52 50.28 44.17
C PHE B 348 63.63 49.37 45.00
N ASP B 349 63.22 48.25 44.43
CA ASP B 349 62.38 47.29 45.14
C ASP B 349 62.86 45.87 44.90
N VAL B 350 62.47 44.95 45.77
CA VAL B 350 62.88 43.55 45.61
C VAL B 350 61.66 42.65 45.48
N ARG B 351 60.66 42.86 46.33
CA ARG B 351 59.46 42.03 46.28
C ARG B 351 59.03 41.74 44.85
N ALA B 352 58.98 42.77 44.01
CA ALA B 352 58.50 42.56 42.65
C ALA B 352 59.38 41.56 41.90
N ILE B 353 60.70 41.68 42.05
CA ILE B 353 61.61 40.81 41.34
C ILE B 353 61.43 39.36 41.76
N ILE B 354 61.37 39.12 43.07
CA ILE B 354 61.23 37.75 43.56
C ILE B 354 59.86 37.20 43.17
N ALA B 355 58.82 38.04 43.23
CA ALA B 355 57.50 37.59 42.82
C ALA B 355 57.45 37.28 41.34
N ARG B 356 58.29 37.92 40.53
CA ARG B 356 58.35 37.65 39.10
C ARG B 356 59.17 36.41 38.76
N ILE B 357 60.17 36.07 39.59
CA ILE B 357 61.08 34.98 39.26
C ILE B 357 60.60 33.64 39.83
N VAL B 358 60.15 33.60 41.09
CA VAL B 358 59.88 32.34 41.76
C VAL B 358 58.65 31.64 41.18
N ASP B 359 58.44 30.39 41.59
CA ASP B 359 57.31 29.60 41.14
C ASP B 359 56.03 30.00 41.86
N GLY B 360 54.96 30.21 41.10
CA GLY B 360 53.69 30.59 41.68
C GLY B 360 53.69 31.98 42.28
N SER B 361 54.75 32.74 42.12
CA SER B 361 54.88 34.07 42.69
C SER B 361 54.58 34.07 44.17
N ARG B 362 55.43 33.42 44.95
CA ARG B 362 55.19 33.23 46.37
C ARG B 362 56.48 33.49 47.13
N PHE B 363 56.36 33.64 48.45
CA PHE B 363 57.55 33.76 49.28
C PHE B 363 57.23 33.40 50.72
N ASP B 364 58.28 33.10 51.48
CA ASP B 364 58.21 32.63 52.86
C ASP B 364 59.07 33.57 53.72
N GLU B 365 58.48 34.68 54.15
CA GLU B 365 59.25 35.70 54.86
C GLU B 365 59.62 35.28 56.26
N PHE B 366 60.89 35.44 56.59
CA PHE B 366 61.25 35.57 57.99
C PHE B 366 60.98 36.99 58.45
N LYS B 367 61.58 37.33 59.60
CA LYS B 367 61.38 38.64 60.20
C LYS B 367 61.67 39.76 59.21
N ALA B 368 60.61 40.47 58.82
CA ALA B 368 60.73 41.60 57.91
C ALA B 368 60.47 42.92 58.58
N LEU B 369 59.74 42.94 59.70
CA LEU B 369 59.57 44.15 60.47
C LEU B 369 60.89 44.58 61.12
N TYR B 370 61.80 43.63 61.31
CA TYR B 370 63.01 43.82 62.08
C TYR B 370 64.22 43.67 61.19
N GLY B 371 65.09 44.67 61.19
CA GLY B 371 66.14 44.69 60.19
C GLY B 371 65.52 44.81 58.82
N ASN B 372 64.61 45.76 58.66
CA ASN B 372 63.87 45.98 57.43
C ASN B 372 64.75 46.18 56.21
N THR B 373 66.07 46.28 56.40
CA THR B 373 66.97 46.50 55.28
C THR B 373 67.13 45.25 54.42
N LEU B 374 67.33 44.09 55.04
CA LEU B 374 67.76 42.91 54.31
C LEU B 374 66.60 41.92 54.23
N VAL B 375 66.59 41.16 53.13
CA VAL B 375 65.49 40.26 52.80
C VAL B 375 66.02 38.84 52.75
N CYS B 376 65.33 37.92 53.44
CA CYS B 376 65.68 36.52 53.48
C CYS B 376 64.44 35.66 53.64
N GLY B 377 64.37 34.56 52.89
CA GLY B 377 63.27 33.63 53.03
C GLY B 377 63.38 32.52 52.01
N PHE B 378 62.50 31.53 52.17
CA PHE B 378 62.45 30.37 51.28
C PHE B 378 61.68 30.71 50.01
N ALA B 379 61.64 29.75 49.08
CA ALA B 379 61.00 29.95 47.79
C ALA B 379 60.86 28.61 47.10
N ARG B 380 60.47 28.65 45.82
CA ARG B 380 60.40 27.48 44.95
C ARG B 380 60.89 27.88 43.57
N ILE B 381 61.82 27.10 43.02
CA ILE B 381 62.34 27.35 41.67
C ILE B 381 62.25 26.04 40.89
N GLU B 382 61.19 25.90 40.09
CA GLU B 382 60.99 24.77 39.20
C GLU B 382 61.14 23.45 39.94
N GLY B 383 60.34 23.28 40.99
CA GLY B 383 60.28 22.04 41.72
C GLY B 383 61.34 21.82 42.77
N MET B 384 62.12 22.85 43.09
CA MET B 384 63.20 22.73 44.05
C MET B 384 63.12 23.88 45.04
N GLN B 385 63.25 23.56 46.33
CA GLN B 385 63.18 24.59 47.36
C GLN B 385 64.49 25.35 47.43
N VAL B 386 64.40 26.68 47.51
CA VAL B 386 65.54 27.57 47.40
C VAL B 386 65.49 28.60 48.53
N GLY B 387 66.66 29.08 48.91
CA GLY B 387 66.77 30.23 49.80
C GLY B 387 67.40 31.40 49.06
N ILE B 388 66.84 32.59 49.26
CA ILE B 388 67.27 33.79 48.56
C ILE B 388 67.70 34.83 49.58
N ILE B 389 68.85 35.45 49.34
CA ILE B 389 69.29 36.65 50.06
C ILE B 389 69.37 37.78 49.04
N ALA B 390 68.46 38.73 49.14
CA ALA B 390 68.47 39.92 48.29
C ALA B 390 68.55 41.16 49.17
N ASN B 391 69.43 42.08 48.80
CA ASN B 391 69.80 43.20 49.64
C ASN B 391 69.07 44.47 49.22
N GLN B 392 68.63 45.27 50.20
CA GLN B 392 67.84 46.47 49.92
C GLN B 392 68.09 47.53 50.98
N GLY B 393 69.03 48.43 50.72
CA GLY B 393 69.27 49.54 51.62
C GLY B 393 70.64 49.51 52.29
N ILE B 394 70.73 50.09 53.49
CA ILE B 394 72.00 50.22 54.20
C ILE B 394 72.01 49.24 55.36
N LEU B 395 73.00 48.35 55.38
CA LEU B 395 73.02 47.25 56.33
C LEU B 395 73.16 47.74 57.77
N TYR B 396 72.48 47.04 58.68
CA TYR B 396 72.63 47.25 60.11
C TYR B 396 73.19 46.00 60.75
N SER B 397 73.50 46.11 62.03
CA SER B 397 73.89 44.95 62.83
C SER B 397 72.79 43.88 62.82
N GLU B 398 71.54 44.32 63.02
CA GLU B 398 70.43 43.38 63.06
C GLU B 398 70.24 42.67 61.72
N SER B 399 70.48 43.35 60.60
CA SER B 399 70.43 42.68 59.32
C SER B 399 71.47 41.57 59.23
N ALA B 400 72.68 41.83 59.75
CA ALA B 400 73.70 40.80 59.78
C ALA B 400 73.30 39.61 60.66
N LEU B 401 72.69 39.89 61.81
CA LEU B 401 72.21 38.81 62.67
C LEU B 401 71.16 37.97 61.95
N LYS B 402 70.21 38.61 61.29
CA LYS B 402 69.18 37.89 60.57
C LYS B 402 69.77 37.04 59.45
N GLY B 403 70.75 37.59 58.74
CA GLY B 403 71.41 36.82 57.71
C GLY B 403 72.10 35.60 58.26
N ALA B 404 72.81 35.76 59.39
CA ALA B 404 73.48 34.62 60.01
C ALA B 404 72.47 33.55 60.42
N HIS B 405 71.34 33.96 60.99
CA HIS B 405 70.32 33.01 61.42
C HIS B 405 69.76 32.24 60.23
N PHE B 406 69.44 32.95 59.14
CA PHE B 406 68.94 32.29 57.93
C PHE B 406 69.94 31.30 57.37
N ILE B 407 71.21 31.70 57.28
CA ILE B 407 72.21 30.79 56.73
C ILE B 407 72.38 29.58 57.64
N GLY B 408 72.25 29.78 58.95
CA GLY B 408 72.29 28.65 59.87
C GLY B 408 71.20 27.64 59.57
N LEU B 409 69.96 28.11 59.42
CA LEU B 409 68.87 27.19 59.09
C LEU B 409 69.10 26.49 57.76
N CYS B 410 69.53 27.26 56.75
CA CYS B 410 69.71 26.67 55.42
C CYS B 410 70.77 25.58 55.42
N THR B 411 71.90 25.83 56.12
CA THR B 411 72.90 24.78 56.24
C THR B 411 72.37 23.60 57.03
N GLN B 412 71.55 23.86 58.05
CA GLN B 412 71.04 22.78 58.88
C GLN B 412 70.17 21.83 58.06
N ARG B 413 69.33 22.36 57.18
CA ARG B 413 68.40 21.53 56.44
C ARG B 413 68.81 21.24 55.00
N ASN B 414 70.03 21.65 54.61
CA ASN B 414 70.56 21.37 53.27
C ASN B 414 69.71 22.02 52.18
N VAL B 415 69.54 23.33 52.27
CA VAL B 415 68.79 24.11 51.30
C VAL B 415 69.78 24.98 50.53
N PRO B 416 69.75 24.97 49.20
CA PRO B 416 70.65 25.83 48.44
C PRO B 416 70.35 27.30 48.65
N LEU B 417 71.34 28.14 48.39
CA LEU B 417 71.22 29.57 48.57
C LEU B 417 71.41 30.31 47.24
N LEU B 418 70.67 31.40 47.08
CA LEU B 418 70.79 32.30 45.95
C LEU B 418 71.08 33.70 46.47
N PHE B 419 71.98 34.42 45.81
CA PHE B 419 72.36 35.76 46.24
C PHE B 419 72.06 36.77 45.15
N LEU B 420 71.56 37.93 45.57
CA LEU B 420 71.23 39.03 44.69
C LEU B 420 71.93 40.27 45.25
N GLN B 421 73.08 40.61 44.69
CA GLN B 421 73.96 41.57 45.32
C GLN B 421 73.43 43.00 45.14
N ASN B 422 73.87 43.87 46.06
CA ASN B 422 73.47 45.28 46.06
C ASN B 422 74.59 46.14 46.66
N ILE B 423 74.25 47.34 47.11
CA ILE B 423 75.27 48.27 47.62
C ILE B 423 75.92 47.72 48.89
N THR B 424 77.06 48.30 49.23
CA THR B 424 77.74 47.96 50.48
C THR B 424 76.89 48.33 51.69
N GLY B 425 76.63 49.63 51.85
CA GLY B 425 75.68 50.05 52.87
C GLY B 425 76.06 49.71 54.29
N PHE B 426 77.30 50.02 54.68
CA PHE B 426 77.70 49.94 56.07
C PHE B 426 77.61 51.34 56.66
N MET B 427 76.74 51.54 57.66
CA MET B 427 76.67 52.83 58.32
C MET B 427 77.99 53.16 59.01
N VAL B 428 78.30 54.45 59.08
CA VAL B 428 79.54 54.93 59.67
C VAL B 428 79.28 55.70 60.96
N GLY B 429 78.05 55.69 61.45
CA GLY B 429 77.74 56.45 62.66
C GLY B 429 78.55 55.96 63.85
N LYS B 430 78.91 56.90 64.73
CA LYS B 430 79.76 56.57 65.87
C LYS B 430 79.05 55.63 66.83
N LYS B 431 77.76 55.85 67.07
CA LYS B 431 77.00 54.96 67.94
C LYS B 431 76.95 53.56 67.38
N TYR B 432 76.79 53.44 66.06
CA TYR B 432 76.76 52.11 65.44
C TYR B 432 78.10 51.41 65.60
N GLU B 433 79.21 52.14 65.42
CA GLU B 433 80.53 51.55 65.63
C GLU B 433 80.72 51.13 67.07
N GLU B 434 80.25 51.95 68.01
CA GLU B 434 80.29 51.65 69.43
C GLU B 434 79.36 50.50 69.80
N GLY B 435 78.41 50.15 68.94
CA GLY B 435 77.50 49.06 69.22
C GLY B 435 77.99 47.70 68.75
N GLY B 436 79.28 47.60 68.48
CA GLY B 436 79.86 46.34 68.04
C GLY B 436 79.39 45.89 66.68
N ILE B 437 79.35 46.81 65.71
CA ILE B 437 78.91 46.45 64.36
C ILE B 437 79.94 45.54 63.69
N ALA B 438 81.23 45.75 64.00
CA ALA B 438 82.26 44.90 63.41
C ALA B 438 82.10 43.45 63.83
N ARG B 439 81.76 43.22 65.09
CA ARG B 439 81.53 41.86 65.56
C ARG B 439 80.38 41.20 64.82
N ASN B 440 79.31 41.95 64.55
CA ASN B 440 78.16 41.37 63.87
C ASN B 440 78.46 41.12 62.39
N GLY B 441 79.23 42.00 61.76
CA GLY B 441 79.69 41.74 60.41
C GLY B 441 80.54 40.48 60.34
N ALA B 442 81.43 40.30 61.32
CA ALA B 442 82.19 39.06 61.40
C ALA B 442 81.28 37.86 61.59
N ARG B 443 80.27 38.00 62.44
CA ARG B 443 79.27 36.94 62.61
C ARG B 443 78.67 36.53 61.28
N LEU B 444 78.33 37.50 60.45
CA LEU B 444 77.77 37.19 59.14
C LEU B 444 78.77 36.51 58.22
N VAL B 445 79.98 37.06 58.10
CA VAL B 445 80.93 36.53 57.13
C VAL B 445 81.38 35.12 57.53
N MET B 446 81.51 34.87 58.83
CA MET B 446 81.86 33.54 59.31
C MET B 446 80.85 32.50 58.83
N ALA B 447 79.56 32.80 58.99
CA ALA B 447 78.53 31.88 58.54
C ALA B 447 78.51 31.76 57.03
N VAL B 448 78.73 32.86 56.32
CA VAL B 448 78.74 32.81 54.86
C VAL B 448 79.82 31.86 54.35
N SER B 449 81.04 32.01 54.87
CA SER B 449 82.15 31.21 54.36
C SER B 449 82.08 29.78 54.86
N SER B 450 81.59 29.57 56.08
CA SER B 450 81.57 28.23 56.65
C SER B 450 80.52 27.31 56.03
N ALA B 451 79.57 27.87 55.28
CA ALA B 451 78.44 27.08 54.81
C ALA B 451 78.87 26.07 53.75
N PRO B 452 78.56 24.78 53.92
CA PRO B 452 78.84 23.79 52.88
C PRO B 452 77.78 23.71 51.80
N VAL B 453 76.73 24.52 51.89
CA VAL B 453 75.63 24.57 50.93
C VAL B 453 76.13 25.09 49.59
N PRO B 454 75.67 24.54 48.46
CA PRO B 454 76.01 25.15 47.17
C PRO B 454 75.50 26.58 47.09
N LYS B 455 76.29 27.44 46.46
CA LYS B 455 76.01 28.87 46.48
C LYS B 455 76.20 29.47 45.09
N VAL B 456 75.21 30.26 44.67
CA VAL B 456 75.23 30.97 43.39
C VAL B 456 74.87 32.42 43.65
N THR B 457 75.56 33.34 42.98
CA THR B 457 75.25 34.75 43.10
C THR B 457 75.01 35.35 41.72
N VAL B 458 74.12 36.35 41.67
CA VAL B 458 73.80 37.07 40.45
C VAL B 458 73.76 38.55 40.80
N LEU B 459 74.39 39.39 39.98
CA LEU B 459 74.43 40.82 40.28
C LEU B 459 73.12 41.46 39.87
N ILE B 460 72.45 42.10 40.82
CA ILE B 460 71.31 42.96 40.54
C ILE B 460 71.83 44.29 40.02
N GLY B 461 72.72 44.91 40.78
CA GLY B 461 73.28 46.19 40.40
C GLY B 461 73.82 46.91 41.63
N GLY B 462 74.89 47.66 41.40
CA GLY B 462 75.49 48.45 42.45
C GLY B 462 76.27 47.69 43.49
N SER B 463 76.98 46.63 43.11
CA SER B 463 77.79 45.86 44.04
C SER B 463 79.19 46.45 44.10
N TYR B 464 79.40 47.40 45.00
CA TYR B 464 80.67 48.10 45.14
C TYR B 464 81.09 48.01 46.60
N GLY B 465 82.33 47.58 46.82
CA GLY B 465 82.95 47.73 48.12
C GLY B 465 83.03 46.41 48.86
N ALA B 466 83.26 46.53 50.17
CA ALA B 466 83.43 45.39 51.04
C ALA B 466 82.11 44.83 51.54
N GLY B 467 80.98 45.41 51.14
CA GLY B 467 79.69 44.89 51.56
C GLY B 467 79.41 43.50 51.04
N ASN B 468 79.91 43.18 49.84
CA ASN B 468 79.69 41.85 49.28
C ASN B 468 80.25 40.78 50.20
N TYR B 469 81.26 41.12 51.01
CA TYR B 469 81.78 40.17 51.98
C TYR B 469 80.69 39.74 52.94
N GLY B 470 79.74 40.62 53.23
CA GLY B 470 78.62 40.24 54.08
C GLY B 470 77.71 39.21 53.42
N MET B 471 77.39 39.40 52.14
CA MET B 471 76.50 38.49 51.44
C MET B 471 77.25 37.31 50.82
N CYS B 472 78.09 37.58 49.83
CA CYS B 472 78.85 36.54 49.13
C CYS B 472 79.72 37.22 48.08
N GLY B 473 80.76 36.50 47.65
CA GLY B 473 81.65 37.03 46.64
C GLY B 473 82.47 35.91 46.03
N ARG B 474 83.10 36.22 44.90
CA ARG B 474 83.88 35.23 44.18
C ARG B 474 84.89 34.56 45.11
N ALA B 475 85.51 35.32 45.99
CA ALA B 475 86.47 34.74 46.90
C ALA B 475 85.83 33.87 47.98
N PHE B 476 84.52 33.61 47.92
CA PHE B 476 83.84 32.79 48.91
C PHE B 476 83.28 31.51 48.30
N GLU B 477 83.85 31.07 47.19
CA GLU B 477 83.53 29.84 46.47
C GLU B 477 82.06 29.77 46.05
N PRO B 478 81.59 30.65 45.16
CA PRO B 478 80.28 30.43 44.55
C PRO B 478 80.44 29.56 43.31
N ARG B 479 79.70 28.46 43.27
CA ARG B 479 79.91 27.49 42.20
C ARG B 479 79.54 28.03 40.83
N PHE B 480 78.80 29.15 40.76
CA PHE B 480 78.54 29.84 39.51
C PHE B 480 78.39 31.32 39.81
N LEU B 481 78.71 32.16 38.83
CA LEU B 481 78.40 33.58 38.92
C LEU B 481 77.84 34.07 37.59
N PHE B 482 76.82 34.93 37.67
CA PHE B 482 76.17 35.52 36.51
C PHE B 482 75.93 36.99 36.79
N MET B 483 75.71 37.78 35.74
CA MET B 483 75.64 39.23 35.90
C MET B 483 74.57 39.85 35.01
N TRP B 484 73.98 40.95 35.49
CA TRP B 484 73.08 41.80 34.73
C TRP B 484 73.83 42.99 34.15
N PRO B 485 73.30 43.61 33.08
CA PRO B 485 74.05 44.69 32.42
C PRO B 485 74.37 45.88 33.30
N ASN B 486 73.51 46.25 34.25
CA ASN B 486 73.70 47.46 35.04
C ASN B 486 74.43 47.13 36.34
N ALA B 487 75.69 46.72 36.19
CA ALA B 487 76.49 46.31 37.33
C ALA B 487 77.77 47.13 37.39
N ARG B 488 78.15 47.50 38.61
CA ARG B 488 79.39 48.22 38.86
C ARG B 488 80.07 47.63 40.08
N ILE B 489 81.29 47.13 39.90
CA ILE B 489 82.08 46.51 40.97
C ILE B 489 83.30 47.39 41.20
N SER B 490 83.38 48.00 42.37
CA SER B 490 84.38 49.05 42.58
C SER B 490 84.79 49.06 44.05
N VAL B 491 85.42 50.17 44.44
CA VAL B 491 85.96 50.39 45.79
C VAL B 491 84.81 50.52 46.77
N MET B 492 85.15 50.61 48.06
CA MET B 492 84.14 50.69 49.12
C MET B 492 83.10 51.80 48.87
N GLY B 493 83.43 52.79 48.05
CA GLY B 493 82.46 53.80 47.68
C GLY B 493 82.41 54.08 46.19
N GLY B 494 81.22 53.98 45.59
CA GLY B 494 81.08 54.32 44.19
C GLY B 494 81.02 55.82 43.96
N THR B 495 80.25 56.52 44.79
CA THR B 495 80.06 57.96 44.62
C THR B 495 80.77 58.70 45.69
N GLN B 496 80.77 58.14 46.89
CA GLN B 496 81.39 58.85 48.01
C GLN B 496 82.90 58.85 47.91
N ALA B 497 83.50 57.75 47.43
CA ALA B 497 84.94 57.80 47.24
C ALA B 497 85.37 59.07 46.53
N ALA B 498 84.56 59.54 45.57
CA ALA B 498 84.87 60.80 44.91
C ALA B 498 84.97 61.94 45.93
N THR B 499 83.95 62.09 46.77
CA THR B 499 83.94 63.18 47.73
C THR B 499 85.08 63.05 48.73
N VAL B 500 85.31 61.84 49.25
CA VAL B 500 86.34 61.66 50.27
C VAL B 500 87.73 61.90 49.70
N LEU B 501 88.03 61.30 48.54
CA LEU B 501 89.34 61.44 47.94
C LEU B 501 89.55 62.81 47.34
N THR B 502 88.49 63.59 47.15
CA THR B 502 88.66 65.00 46.79
C THR B 502 89.38 65.76 47.89
N LEU B 503 89.03 65.51 49.15
CA LEU B 503 89.59 66.28 50.25
C LEU B 503 91.07 66.03 50.42
N THR B 504 91.47 64.78 50.51
CA THR B 504 92.84 64.41 50.91
C THR B 504 93.74 64.10 49.73
N ASN B 505 93.93 65.05 48.80
CA ASN B 505 94.92 64.81 47.74
C ASN B 505 95.48 66.17 47.29
N ARG B 506 96.58 66.57 47.93
CA ARG B 506 97.48 67.65 47.47
C ARG B 506 96.75 68.77 46.75
N ASN B 507 95.65 69.23 47.37
CA ASN B 507 94.81 70.25 46.75
C ASN B 507 95.00 71.58 47.48
N LEU B 508 95.22 72.63 46.72
CA LEU B 508 95.22 73.97 47.29
C LEU B 508 93.79 74.42 47.57
N LYS B 509 93.65 75.33 48.53
CA LYS B 509 92.32 75.81 48.90
C LYS B 509 91.63 76.48 47.72
N ASN B 510 92.39 77.24 46.94
CA ASN B 510 91.87 77.98 45.79
C ASN B 510 91.77 77.05 44.59
N ALA B 511 91.43 77.62 43.43
CA ALA B 511 91.27 76.85 42.18
C ALA B 511 90.28 75.71 42.37
N SER B 512 89.19 76.00 43.08
CA SER B 512 88.24 74.95 43.45
C SER B 512 87.59 74.33 42.22
N GLU B 513 87.18 75.14 41.25
CA GLU B 513 86.50 74.60 40.08
C GLU B 513 87.43 73.74 39.24
N ALA B 514 88.64 74.21 38.98
CA ALA B 514 89.60 73.41 38.22
C ALA B 514 89.95 72.14 38.97
N GLU B 515 90.00 72.20 40.30
CA GLU B 515 90.31 71.02 41.09
C GLU B 515 89.19 69.99 41.02
N ILE B 516 87.93 70.40 41.18
CA ILE B 516 86.84 69.44 41.11
C ILE B 516 86.70 68.89 39.70
N ALA B 517 87.05 69.70 38.70
CA ALA B 517 87.13 69.17 37.34
C ALA B 517 88.22 68.11 37.23
N ALA B 518 89.37 68.35 37.87
CA ALA B 518 90.47 67.40 37.82
C ALA B 518 90.31 66.25 38.81
N PHE B 519 89.62 66.47 39.93
CA PHE B 519 89.47 65.39 40.91
C PHE B 519 88.16 64.63 40.74
N LYS B 520 87.02 65.30 40.94
CA LYS B 520 85.75 64.58 41.01
C LYS B 520 85.40 63.94 39.66
N ASP B 521 85.51 64.69 38.58
CA ASP B 521 85.22 64.13 37.27
C ASP B 521 86.13 62.96 36.94
N LYS B 522 87.42 63.09 37.29
CA LYS B 522 88.36 62.02 37.00
C LYS B 522 88.04 60.75 37.78
N VAL B 523 87.71 60.88 39.07
CA VAL B 523 87.43 59.68 39.85
C VAL B 523 86.10 59.06 39.44
N LYS B 524 85.14 59.89 39.01
CA LYS B 524 83.92 59.32 38.44
C LYS B 524 84.23 58.52 37.19
N LYS B 525 85.08 59.07 36.32
CA LYS B 525 85.48 58.34 35.12
C LYS B 525 86.15 57.03 35.48
N LYS B 526 86.99 57.04 36.52
CA LYS B 526 87.68 55.81 36.93
C LYS B 526 86.70 54.78 37.48
N TYR B 527 85.76 55.20 38.32
CA TYR B 527 84.92 54.26 39.05
C TYR B 527 83.68 53.83 38.27
N GLU B 528 83.35 54.49 37.16
CA GLU B 528 82.36 53.93 36.23
C GLU B 528 82.96 53.58 34.87
N LYS B 529 84.28 53.68 34.71
CA LYS B 529 84.91 53.06 33.54
C LYS B 529 84.81 51.56 33.63
N GLU B 530 84.98 51.00 34.82
CA GLU B 530 84.64 49.62 35.06
C GLU B 530 83.13 49.45 34.96
N GLY B 531 82.70 48.28 34.50
CA GLY B 531 81.29 48.02 34.35
C GLY B 531 81.05 46.55 34.18
N SER B 532 79.78 46.21 33.94
CA SER B 532 79.43 44.82 33.70
C SER B 532 80.09 44.30 32.43
N CYS B 533 80.14 45.13 31.39
CA CYS B 533 80.51 44.62 30.08
C CYS B 533 82.02 44.36 29.96
N TYR B 534 82.85 45.24 30.48
CA TYR B 534 84.30 45.06 30.28
C TYR B 534 85.05 44.44 31.45
N TYR B 535 85.07 45.09 32.61
CA TYR B 535 85.85 44.59 33.73
C TYR B 535 85.43 43.20 34.17
N SER B 536 84.18 42.83 33.88
CA SER B 536 83.70 41.51 34.28
C SER B 536 83.59 40.55 33.11
N THR B 537 83.63 39.26 33.39
CA THR B 537 83.47 38.24 32.33
C THR B 537 84.66 38.22 31.38
N ALA B 538 84.96 39.36 30.74
CA ALA B 538 86.10 39.43 29.85
C ALA B 538 87.35 39.05 30.62
N ARG B 539 87.35 39.32 31.93
CA ARG B 539 88.47 38.94 32.76
C ARG B 539 88.08 37.79 33.66
N LEU B 540 86.96 37.14 33.34
CA LEU B 540 86.46 36.04 34.19
C LEU B 540 86.30 36.46 35.64
N TRP B 541 85.93 37.72 35.84
CA TRP B 541 85.37 38.15 37.12
C TRP B 541 83.86 37.99 36.96
N ASP B 542 83.27 37.07 37.73
CA ASP B 542 81.85 36.78 37.59
C ASP B 542 81.58 36.34 36.15
N ASP B 543 82.06 35.15 35.79
CA ASP B 543 82.25 34.78 34.39
C ASP B 543 80.96 34.85 33.58
N GLY B 544 79.83 34.50 34.19
CA GLY B 544 78.56 34.44 33.48
C GLY B 544 77.94 35.83 33.34
N VAL B 545 77.41 36.11 32.15
CA VAL B 545 76.64 37.33 31.90
C VAL B 545 75.33 36.95 31.23
N ILE B 546 74.22 37.45 31.78
CA ILE B 546 72.89 37.03 31.35
C ILE B 546 71.98 38.22 31.13
N ALA B 547 70.71 37.94 30.87
CA ALA B 547 69.67 38.96 30.78
C ALA B 547 68.82 38.94 32.03
N PRO B 548 68.31 40.08 32.49
CA PRO B 548 67.45 40.06 33.69
C PRO B 548 66.16 39.30 33.49
N GLU B 549 65.67 39.19 32.25
CA GLU B 549 64.38 38.56 32.00
C GLU B 549 64.43 37.05 32.13
N ASP B 550 65.54 36.42 31.75
CA ASP B 550 65.66 34.97 31.71
C ASP B 550 66.48 34.41 32.88
N THR B 551 66.32 34.98 34.07
CA THR B 551 67.17 34.59 35.20
C THR B 551 66.76 33.24 35.80
N ARG B 552 65.46 32.96 35.87
CA ARG B 552 65.01 31.75 36.55
C ARG B 552 65.45 30.50 35.80
N VAL B 553 65.42 30.54 34.47
CA VAL B 553 65.90 29.41 33.70
C VAL B 553 67.36 29.15 33.99
N VAL B 554 68.18 30.20 34.04
CA VAL B 554 69.60 30.04 34.29
C VAL B 554 69.84 29.46 35.67
N VAL B 555 69.12 29.96 36.67
CA VAL B 555 69.32 29.48 38.04
C VAL B 555 68.89 28.03 38.16
N ALA B 556 67.83 27.65 37.45
CA ALA B 556 67.42 26.25 37.40
C ALA B 556 68.44 25.37 36.72
N GLU B 557 69.12 25.86 35.67
CA GLU B 557 70.25 25.11 35.13
C GLU B 557 71.31 24.90 36.20
N ALA B 558 71.61 25.96 36.95
CA ALA B 558 72.65 25.88 37.96
C ALA B 558 72.31 24.86 39.03
N LEU B 559 71.07 24.84 39.50
CA LEU B 559 70.70 23.93 40.58
C LEU B 559 70.70 22.48 40.12
N ARG B 560 70.24 22.21 38.89
CA ARG B 560 70.37 20.86 38.35
C ARG B 560 71.84 20.48 38.17
N ALA B 561 72.70 21.48 37.96
CA ALA B 561 74.13 21.19 37.83
C ALA B 561 74.73 20.79 39.17
N THR B 562 74.15 21.22 40.28
CA THR B 562 74.72 21.01 41.60
C THR B 562 73.95 20.00 42.43
N ARG B 563 73.36 18.99 41.80
CA ARG B 563 72.78 17.88 42.53
C ARG B 563 73.37 16.53 42.16
N LEU B 564 74.32 16.49 41.24
CA LEU B 564 75.13 15.29 41.05
C LEU B 564 76.25 15.21 42.09
N ALA B 565 76.46 16.31 42.82
CA ALA B 565 77.53 16.45 43.82
C ALA B 565 77.46 15.32 44.83
N PRO B 566 78.59 14.98 45.48
CA PRO B 566 78.58 13.86 46.44
C PRO B 566 77.59 14.06 47.57
N TYR C 1 53.90 -40.13 48.64
CA TYR C 1 52.74 -41.01 48.59
C TYR C 1 51.53 -40.29 48.03
N ALA C 2 51.25 -40.51 46.75
CA ALA C 2 50.09 -39.88 46.12
C ALA C 2 49.95 -38.42 46.52
N HIS C 3 51.06 -37.76 46.82
CA HIS C 3 51.02 -36.34 47.17
C HIS C 3 52.18 -35.61 46.51
N HIS C 4 51.89 -34.80 45.51
CA HIS C 4 52.97 -34.12 44.79
C HIS C 4 52.61 -32.70 44.33
N PRO C 5 52.44 -31.77 45.29
CA PRO C 5 52.18 -30.38 44.93
C PRO C 5 53.47 -29.59 44.78
N ILE C 6 53.39 -28.28 44.66
CA ILE C 6 54.60 -27.45 44.58
C ILE C 6 54.66 -26.44 45.71
N ASP C 7 54.25 -26.86 46.91
CA ASP C 7 54.33 -25.98 48.10
C ASP C 7 53.19 -24.96 48.21
N TYR C 8 52.74 -24.41 47.08
CA TYR C 8 51.70 -23.37 47.13
C TYR C 8 50.52 -24.28 47.01
N GLU C 9 49.31 -23.74 46.93
CA GLU C 9 48.12 -24.60 46.95
C GLU C 9 48.19 -25.04 48.36
N ARG C 10 49.22 -25.80 48.69
CA ARG C 10 49.43 -26.14 50.05
C ARG C 10 49.58 -24.77 50.58
N SER C 11 50.16 -23.87 49.79
CA SER C 11 50.22 -22.47 50.22
C SER C 11 49.30 -21.64 49.35
N THR C 12 49.36 -20.31 49.47
CA THR C 12 48.45 -19.43 48.72
C THR C 12 47.05 -19.98 48.51
N SER C 13 46.47 -20.59 49.55
CA SER C 13 45.11 -21.05 49.47
C SER C 13 44.47 -20.59 50.75
N LYS C 14 43.15 -20.66 50.83
CA LYS C 14 42.46 -20.27 52.05
C LYS C 14 42.55 -21.39 53.07
N SER C 15 43.43 -22.36 52.82
CA SER C 15 43.59 -23.48 53.76
C SER C 15 45.04 -23.72 54.13
N PRO C 16 45.76 -22.68 54.60
CA PRO C 16 47.13 -22.96 55.05
C PRO C 16 47.16 -23.11 56.57
N ASN C 17 48.01 -24.01 57.06
CA ASN C 17 48.08 -24.23 58.51
C ASN C 17 48.55 -22.97 59.22
N ILE C 18 49.17 -22.07 58.48
CA ILE C 18 49.70 -20.84 59.09
C ILE C 18 48.61 -20.08 59.83
N LEU C 19 47.39 -20.10 59.31
CA LEU C 19 46.30 -19.36 59.94
C LEU C 19 45.86 -20.00 61.25
N ARG C 20 44.85 -19.42 61.88
CA ARG C 20 44.34 -19.96 63.14
C ARG C 20 42.83 -20.02 63.10
N LEU C 21 42.25 -21.08 63.67
CA LEU C 21 40.80 -21.22 63.62
C LEU C 21 40.13 -21.43 64.97
N PRO C 22 40.43 -20.56 65.95
CA PRO C 22 39.74 -20.67 67.22
C PRO C 22 38.44 -19.93 67.12
N ALA C 23 37.35 -20.65 66.91
CA ALA C 23 36.04 -20.01 66.88
C ALA C 23 35.30 -20.17 68.21
N ASN C 24 34.88 -19.06 68.80
CA ASN C 24 34.17 -19.11 70.08
C ASN C 24 32.73 -19.57 69.92
N THR C 25 32.11 -20.01 71.02
CA THR C 25 30.73 -20.51 70.95
C THR C 25 29.77 -19.65 71.77
N SER C 26 30.25 -18.53 72.29
CA SER C 26 29.41 -17.64 73.08
C SER C 26 28.59 -18.39 74.12
N ASP C 27 29.24 -19.09 75.04
CA ASP C 27 28.55 -19.79 76.12
C ASP C 27 28.55 -18.95 77.38
N PRO C 28 27.93 -19.45 78.46
CA PRO C 28 27.99 -18.66 79.69
C PRO C 28 29.42 -18.21 79.99
N THR C 29 30.37 -19.14 79.98
CA THR C 29 31.74 -18.79 80.28
C THR C 29 32.15 -17.61 79.41
N TYR C 30 31.81 -17.67 78.14
CA TYR C 30 32.11 -16.55 77.25
C TYR C 30 31.40 -15.31 77.74
N GLN C 31 30.11 -15.45 78.08
CA GLN C 31 29.34 -14.31 78.53
C GLN C 31 29.96 -13.72 79.79
N GLU C 32 30.29 -14.58 80.74
CA GLU C 32 30.85 -14.09 82.00
C GLU C 32 32.07 -13.25 81.69
N ASN C 33 32.91 -13.74 80.79
CA ASN C 33 34.11 -13.01 80.41
C ASN C 33 33.76 -11.83 79.53
N MET C 34 33.06 -12.08 78.43
CA MET C 34 32.74 -11.01 77.51
C MET C 34 32.03 -9.89 78.22
N ALA C 35 31.10 -10.24 79.09
CA ALA C 35 30.32 -9.22 79.76
C ALA C 35 31.22 -8.38 80.65
N ARG C 36 32.09 -9.02 81.40
CA ARG C 36 32.93 -8.28 82.32
C ARG C 36 33.75 -7.30 81.55
N MET C 37 34.32 -7.78 80.44
CA MET C 37 35.18 -6.92 79.68
C MET C 37 34.39 -5.68 79.41
N GLU C 38 33.17 -5.87 78.98
CA GLU C 38 32.34 -4.75 78.68
C GLU C 38 32.25 -3.93 79.94
N GLY C 39 32.25 -4.59 81.09
CA GLY C 39 32.19 -3.88 82.35
C GLY C 39 33.52 -3.22 82.68
N LEU C 40 34.56 -3.53 81.90
CA LEU C 40 35.88 -2.99 82.17
C LEU C 40 36.29 -1.92 81.16
N VAL C 41 35.41 -1.61 80.22
CA VAL C 41 35.78 -0.65 79.17
C VAL C 41 34.90 0.59 79.15
N GLU C 42 33.60 0.43 79.42
CA GLU C 42 32.70 1.58 79.35
C GLU C 42 33.25 2.88 79.95
N GLN C 43 33.76 2.83 81.17
CA GLN C 43 34.23 4.07 81.83
C GLN C 43 35.59 4.47 81.35
N LEU C 44 36.38 3.48 80.94
CA LEU C 44 37.68 3.76 80.40
C LEU C 44 37.37 4.66 79.27
N ARG C 45 36.51 4.18 78.39
CA ARG C 45 36.13 4.98 77.23
C ARG C 45 35.40 6.25 77.64
N ALA C 46 34.99 6.33 78.89
CA ALA C 46 34.22 7.47 79.30
C ALA C 46 35.01 8.58 79.97
N ARG C 47 35.81 8.25 80.99
CA ARG C 47 36.52 9.30 81.71
C ARG C 47 37.22 10.14 80.72
N VAL C 48 37.61 9.52 79.63
CA VAL C 48 38.30 10.23 78.60
C VAL C 48 37.45 11.42 78.23
N ARG C 49 36.15 11.19 78.06
CA ARG C 49 35.28 12.27 77.64
C ARG C 49 35.23 13.35 78.68
N TYR C 50 35.18 12.97 79.95
CA TYR C 50 35.06 13.94 81.05
C TYR C 50 36.27 14.88 81.19
N VAL C 51 37.47 14.35 81.05
CA VAL C 51 38.68 15.15 81.15
C VAL C 51 38.74 15.95 79.89
N GLN C 52 38.22 15.39 78.82
CA GLN C 52 38.12 16.14 77.60
C GLN C 52 37.03 17.13 77.98
N ALA C 53 37.14 18.38 77.54
CA ALA C 53 36.22 19.37 78.05
C ALA C 53 36.10 19.24 79.57
N GLY C 54 37.26 19.24 80.21
CA GLY C 54 37.37 18.90 81.62
C GLY C 54 36.56 19.77 82.55
N GLY C 55 35.78 19.13 83.41
CA GLY C 55 34.97 19.82 84.38
C GLY C 55 33.71 20.45 83.84
N VAL C 56 33.44 20.31 82.55
CA VAL C 56 32.21 20.83 81.94
C VAL C 56 31.59 19.65 81.20
N VAL C 57 30.70 18.92 81.86
CA VAL C 57 29.98 17.80 81.27
C VAL C 57 28.50 18.08 81.40
N PRO C 58 27.89 18.71 80.38
CA PRO C 58 26.50 19.15 80.52
C PRO C 58 25.50 18.03 80.74
N GLU C 59 25.84 16.78 80.42
CA GLU C 59 24.87 15.71 80.59
C GLU C 59 24.55 15.49 82.06
N GLU C 60 25.53 15.70 82.94
CA GLU C 60 25.38 15.52 84.38
C GLU C 60 24.92 14.11 84.74
N GLU C 61 25.07 13.16 83.82
CA GLU C 61 24.75 11.76 84.06
C GLU C 61 26.00 10.90 84.07
N ALA C 62 27.14 11.50 84.41
CA ALA C 62 28.41 10.78 84.40
C ALA C 62 28.57 9.93 85.65
N ALA C 63 27.54 9.13 85.97
CA ALA C 63 27.64 8.16 87.03
C ALA C 63 28.40 6.92 86.63
N LYS C 64 28.53 6.66 85.32
CA LYS C 64 29.34 5.54 84.87
C LYS C 64 30.81 5.76 85.21
N ALA C 65 31.21 7.02 85.37
CA ALA C 65 32.53 7.35 85.88
C ALA C 65 32.42 7.65 87.37
N GLY C 66 33.25 6.99 88.16
CA GLY C 66 33.25 7.23 89.60
C GLY C 66 33.78 8.57 90.03
N VAL C 67 33.94 9.51 89.08
CA VAL C 67 34.49 10.81 89.42
C VAL C 67 33.51 11.59 90.28
N SER C 68 34.05 12.28 91.28
CA SER C 68 33.21 13.08 92.17
C SER C 68 32.61 14.26 91.41
N ILE C 69 31.48 14.74 91.91
CA ILE C 69 30.83 15.91 91.30
C ILE C 69 31.69 17.14 91.53
N SER C 70 31.89 17.91 90.47
CA SER C 70 32.71 19.12 90.52
C SER C 70 31.85 20.32 90.11
N SER C 71 32.30 21.49 90.52
CA SER C 71 31.58 22.73 90.22
C SER C 71 31.71 23.02 88.73
N ILE C 72 30.68 22.62 87.97
CA ILE C 72 30.70 22.83 86.52
C ILE C 72 30.66 24.31 86.19
N GLU C 73 29.93 25.08 86.99
CA GLU C 73 29.76 26.51 86.70
C GLU C 73 31.08 27.26 86.75
N ALA C 74 31.95 26.91 87.70
CA ALA C 74 33.23 27.59 87.80
C ALA C 74 34.09 27.35 86.57
N ASP C 75 34.14 26.09 86.11
CA ASP C 75 34.92 25.77 84.92
C ASP C 75 34.34 26.45 83.69
N ASP C 76 33.01 26.45 83.56
CA ASP C 76 32.41 27.13 82.42
C ASP C 76 32.70 28.63 82.45
N ARG C 77 32.66 29.23 83.65
CA ARG C 77 33.00 30.65 83.77
C ARG C 77 34.44 30.91 83.34
N VAL C 78 35.36 30.06 83.79
CA VAL C 78 36.77 30.23 83.42
C VAL C 78 36.94 30.10 81.91
N ARG C 79 36.29 29.11 81.32
CA ARG C 79 36.41 28.91 79.87
C ARG C 79 35.81 30.07 79.10
N LYS C 80 34.66 30.58 79.54
CA LYS C 80 34.06 31.74 78.89
C LYS C 80 34.99 32.94 78.96
N LEU C 81 35.55 33.20 80.14
CA LEU C 81 36.47 34.32 80.28
C LEU C 81 37.68 34.15 79.39
N HIS C 82 38.21 32.94 79.29
CA HIS C 82 39.39 32.69 78.48
C HIS C 82 39.09 32.82 76.99
N LEU C 83 37.93 32.33 76.54
CA LEU C 83 37.60 32.41 75.13
C LEU C 83 37.22 33.82 74.72
N SER C 84 36.69 34.62 75.65
CA SER C 84 36.45 36.02 75.36
C SER C 84 37.74 36.76 75.05
N ARG C 85 38.87 36.26 75.55
CA ARG C 85 40.15 36.93 75.32
C ARG C 85 40.55 36.88 73.85
N GLY C 86 40.12 35.84 73.13
CA GLY C 86 40.45 35.68 71.73
C GLY C 86 41.28 34.45 71.42
N LYS C 87 41.57 33.61 72.41
CA LYS C 87 42.35 32.40 72.23
C LYS C 87 41.48 31.18 72.49
N MET C 88 41.68 30.13 71.72
CA MET C 88 40.83 28.94 71.80
C MET C 88 41.24 28.07 72.98
N LEU C 89 40.40 27.99 74.02
CA LEU C 89 40.66 27.11 75.15
C LEU C 89 40.12 25.73 74.84
N ALA C 90 40.98 24.89 74.29
CA ALA C 90 40.72 23.48 74.06
C ALA C 90 41.95 22.84 73.46
N ARG C 91 41.82 21.57 73.14
CA ARG C 91 42.78 20.93 72.26
C ARG C 91 42.57 21.29 70.81
N ASP C 92 41.67 22.26 70.56
CA ASP C 92 41.30 22.61 69.19
C ASP C 92 42.50 23.00 68.35
N ARG C 93 43.51 23.63 68.95
CA ARG C 93 44.71 24.00 68.23
C ARG C 93 45.30 22.78 67.51
N ILE C 94 45.21 21.62 68.14
CA ILE C 94 45.79 20.41 67.56
C ILE C 94 45.05 19.99 66.29
N GLU C 95 43.74 19.74 66.38
CA GLU C 95 43.05 19.19 65.21
C GLU C 95 42.91 20.25 64.12
N ARG C 96 43.02 21.53 64.48
CA ARG C 96 43.24 22.53 63.44
C ARG C 96 44.60 22.37 62.79
N LEU C 97 45.62 21.99 63.58
CA LEU C 97 46.97 21.94 63.06
C LEU C 97 47.23 20.73 62.18
N ILE C 98 46.62 19.58 62.49
CA ILE C 98 46.89 18.34 61.75
C ILE C 98 46.02 18.28 60.51
N ASP C 99 46.54 17.67 59.46
CA ASP C 99 45.84 17.58 58.18
C ASP C 99 44.55 16.78 58.35
N PRO C 100 43.47 17.20 57.70
CA PRO C 100 42.22 16.43 57.78
C PRO C 100 42.35 15.07 57.09
N GLY C 101 41.59 14.10 57.61
CA GLY C 101 41.62 12.75 57.07
C GLY C 101 42.78 11.90 57.55
N THR C 102 43.58 12.41 58.48
CA THR C 102 44.77 11.74 58.97
C THR C 102 44.52 11.18 60.36
N ARG C 103 45.55 10.54 60.92
CA ARG C 103 45.43 9.86 62.20
C ARG C 103 46.00 10.70 63.34
N PHE C 104 45.74 10.22 64.56
CA PHE C 104 46.24 10.83 65.78
C PHE C 104 46.37 9.74 66.82
N LEU C 105 47.15 9.99 67.87
CA LEU C 105 47.37 8.95 68.86
C LEU C 105 46.98 9.34 70.27
N GLU C 106 47.24 10.57 70.71
CA GLU C 106 47.06 10.97 72.10
C GLU C 106 47.88 10.06 73.03
N LEU C 107 49.20 10.20 72.89
CA LEU C 107 50.16 9.36 73.61
C LEU C 107 49.80 9.13 75.06
N SER C 108 49.78 10.19 75.86
CA SER C 108 49.45 10.09 77.27
C SER C 108 48.13 10.81 77.52
N GLN C 109 47.19 10.10 78.13
CA GLN C 109 45.85 10.60 78.40
C GLN C 109 45.46 10.21 79.81
N LEU C 110 44.47 10.91 80.37
CA LEU C 110 44.10 10.76 81.77
C LEU C 110 45.28 11.02 82.69
N ALA C 111 46.26 11.80 82.21
CA ALA C 111 47.45 12.07 83.00
C ALA C 111 47.08 12.85 84.26
N GLY C 112 47.73 12.50 85.36
CA GLY C 112 47.44 13.15 86.63
C GLY C 112 46.01 12.97 87.07
N TRP C 113 45.42 11.82 86.75
CA TRP C 113 44.09 11.49 87.23
C TRP C 113 44.14 11.40 88.76
N ASP C 114 43.34 12.25 89.42
CA ASP C 114 43.16 12.26 90.87
C ASP C 114 44.44 11.89 91.62
N LEU C 115 45.50 12.65 91.34
CA LEU C 115 46.84 12.35 91.84
C LEU C 115 47.08 12.91 93.24
N TYR C 116 46.95 14.23 93.40
CA TYR C 116 47.32 14.92 94.63
C TYR C 116 46.11 14.99 95.56
N TRP C 117 46.36 14.77 96.85
CA TRP C 117 45.32 14.95 97.86
C TRP C 117 45.46 16.32 98.51
N ASP C 118 44.40 17.12 98.43
CA ASP C 118 44.47 18.49 98.92
C ASP C 118 44.33 18.53 100.43
N ASP C 119 44.30 19.74 100.98
CA ASP C 119 44.04 19.90 102.41
C ASP C 119 42.64 19.41 102.75
N LYS C 120 41.67 19.70 101.89
CA LYS C 120 40.34 19.14 102.06
C LYS C 120 40.40 17.63 101.85
N LYS C 121 39.90 16.89 102.84
CA LYS C 121 40.08 15.44 102.85
C LYS C 121 39.36 14.79 101.68
N LYS C 122 38.16 15.26 101.36
CA LYS C 122 37.36 14.70 100.28
C LYS C 122 37.68 15.29 98.92
N GLU C 123 38.63 16.23 98.85
CA GLU C 123 38.95 16.90 97.59
C GLU C 123 40.35 16.55 97.12
N TYR C 124 40.46 16.23 95.83
CA TYR C 124 41.73 16.08 95.15
C TYR C 124 41.93 17.27 94.23
N GLU C 125 43.18 17.50 93.83
CA GLU C 125 43.46 18.56 92.87
C GLU C 125 42.87 18.20 91.52
N ARG C 126 42.17 19.16 90.91
CA ARG C 126 41.42 18.91 89.68
C ARG C 126 42.34 19.08 88.48
N CYS C 127 43.24 18.11 88.31
CA CYS C 127 44.08 18.02 87.13
C CYS C 127 43.45 17.01 86.19
N TYR C 128 42.54 17.51 85.33
CA TYR C 128 41.87 16.63 84.39
C TYR C 128 42.85 15.99 83.43
N SER C 129 43.87 16.73 83.02
CA SER C 129 45.00 16.21 82.29
C SER C 129 46.27 16.49 83.09
N GLY C 130 47.41 16.21 82.48
CA GLY C 130 48.68 16.49 83.12
C GLY C 130 49.06 17.96 83.01
N GLY C 131 48.14 18.76 82.50
CA GLY C 131 48.41 20.14 82.16
C GLY C 131 48.80 20.33 80.73
N ILE C 132 49.13 19.24 80.03
CA ILE C 132 49.45 19.26 78.62
C ILE C 132 48.71 18.10 77.95
N VAL C 133 48.67 18.11 76.64
CA VAL C 133 48.15 17.00 75.84
C VAL C 133 49.22 16.62 74.82
N THR C 134 49.50 15.33 74.71
CA THR C 134 50.58 14.84 73.88
C THR C 134 50.08 13.76 72.93
N GLY C 135 50.41 13.87 71.66
CA GLY C 135 50.05 12.87 70.68
C GLY C 135 50.88 13.05 69.43
N ILE C 136 50.96 11.95 68.67
CA ILE C 136 51.71 11.95 67.42
C ILE C 136 50.82 12.50 66.31
N GLY C 137 51.31 13.52 65.62
CA GLY C 137 50.53 14.18 64.58
C GLY C 137 51.26 14.22 63.27
N LEU C 138 50.49 14.12 62.19
CA LEU C 138 51.01 14.12 60.82
C LEU C 138 50.64 15.46 60.18
N VAL C 139 51.63 16.33 60.01
CA VAL C 139 51.40 17.70 59.56
C VAL C 139 52.02 17.86 58.17
N ASN C 140 51.20 18.25 57.19
CA ASN C 140 51.67 18.56 55.85
C ASN C 140 52.47 17.42 55.22
N GLY C 141 52.04 16.18 55.49
CA GLY C 141 52.80 15.04 55.03
C GLY C 141 54.01 14.71 55.87
N VAL C 142 54.18 15.37 57.01
CA VAL C 142 55.32 15.17 57.89
C VAL C 142 54.82 14.70 59.25
N ARG C 143 55.38 13.61 59.75
CA ARG C 143 55.02 13.12 61.08
C ARG C 143 55.75 13.93 62.14
N CYS C 144 55.01 14.38 63.15
CA CYS C 144 55.56 15.25 64.18
C CYS C 144 54.97 14.91 65.53
N MET C 145 55.70 15.31 66.58
CA MET C 145 55.23 15.21 67.95
C MET C 145 54.55 16.52 68.31
N LEU C 146 53.37 16.43 68.91
CA LEU C 146 52.59 17.60 69.28
C LEU C 146 52.44 17.65 70.79
N VAL C 147 52.91 18.75 71.39
CA VAL C 147 52.78 19.00 72.82
C VAL C 147 52.09 20.34 72.98
N ALA C 148 50.98 20.36 73.70
CA ALA C 148 50.19 21.58 73.89
C ALA C 148 49.97 21.81 75.38
N ASN C 149 50.35 23.00 75.85
CA ASN C 149 50.16 23.35 77.26
C ASN C 149 48.72 23.79 77.46
N ASP C 150 48.01 23.10 78.34
CA ASP C 150 46.62 23.46 78.60
C ASP C 150 46.57 24.76 79.41
N ALA C 151 45.44 25.47 79.29
CA ALA C 151 45.30 26.76 79.94
C ALA C 151 44.90 26.61 81.40
N THR C 152 44.90 25.37 81.91
CA THR C 152 44.65 25.18 83.33
C THR C 152 45.85 25.65 84.16
N VAL C 153 45.74 26.85 84.73
CA VAL C 153 46.76 27.41 85.60
C VAL C 153 46.26 27.60 87.02
N LYS C 154 45.07 27.07 87.34
CA LYS C 154 44.49 27.25 88.67
C LYS C 154 45.35 26.60 89.74
N GLY C 155 45.88 25.42 89.47
CA GLY C 155 46.76 24.78 90.44
C GLY C 155 48.21 25.21 90.31
N GLY C 156 48.57 25.75 89.14
CA GLY C 156 49.95 26.08 88.86
C GLY C 156 50.35 25.48 87.52
N THR C 157 51.33 26.07 86.84
CA THR C 157 51.65 25.64 85.48
C THR C 157 52.07 24.17 85.43
N TYR C 158 53.19 23.84 86.05
CA TYR C 158 53.80 22.54 85.85
C TYR C 158 54.00 21.80 87.18
N TYR C 159 53.76 20.50 87.14
CA TYR C 159 53.81 19.58 88.27
C TYR C 159 54.84 18.49 88.00
N PRO C 160 55.13 17.65 89.02
CA PRO C 160 56.02 16.50 88.78
C PRO C 160 55.49 15.54 87.73
N ILE C 161 54.21 15.64 87.40
CA ILE C 161 53.64 14.86 86.32
C ILE C 161 53.65 15.61 84.99
N THR C 162 53.80 16.94 85.01
CA THR C 162 53.82 17.70 83.78
C THR C 162 55.19 17.67 83.12
N VAL C 163 56.23 17.95 83.89
CA VAL C 163 57.59 17.93 83.34
C VAL C 163 57.96 16.53 82.89
N LYS C 164 57.52 15.50 83.62
CA LYS C 164 57.79 14.14 83.19
C LYS C 164 57.14 13.83 81.86
N LYS C 165 55.90 14.31 81.66
CA LYS C 165 55.24 14.11 80.37
C LYS C 165 55.96 14.83 79.25
N HIS C 166 56.38 16.08 79.50
CA HIS C 166 57.14 16.83 78.49
C HIS C 166 58.45 16.13 78.14
N LEU C 167 59.16 15.63 79.16
CA LEU C 167 60.44 14.98 78.92
C LEU C 167 60.26 13.65 78.22
N ARG C 168 59.20 12.92 78.55
CA ARG C 168 58.90 11.68 77.83
C ARG C 168 58.65 11.97 76.36
N ALA C 169 57.90 13.05 76.08
CA ALA C 169 57.66 13.42 74.68
C ALA C 169 58.96 13.78 73.98
N GLN C 170 59.84 14.53 74.64
CA GLN C 170 61.10 14.91 74.01
C GLN C 170 61.98 13.69 73.75
N LYS C 171 62.05 12.75 74.70
CA LYS C 171 62.84 11.55 74.48
C LYS C 171 62.28 10.72 73.34
N ILE C 172 60.96 10.60 73.26
CA ILE C 172 60.35 9.87 72.16
C ILE C 172 60.67 10.51 70.82
N ALA C 173 60.56 11.83 70.74
CA ALA C 173 60.84 12.52 69.49
C ALA C 173 62.31 12.36 69.09
N GLU C 174 63.22 12.48 70.06
CA GLU C 174 64.63 12.33 69.73
C GLU C 174 64.97 10.91 69.27
N GLN C 175 64.40 9.90 69.94
CA GLN C 175 64.63 8.53 69.53
C GLN C 175 64.10 8.28 68.12
N ASN C 176 62.92 8.83 67.82
CA ASN C 176 62.27 8.55 66.55
C ASN C 176 62.52 9.59 65.48
N HIS C 177 63.24 10.67 65.80
CA HIS C 177 63.49 11.75 64.83
C HIS C 177 62.20 12.30 64.24
N LEU C 178 61.22 12.50 65.12
CA LEU C 178 60.03 13.25 64.76
C LEU C 178 60.18 14.67 65.29
N PRO C 179 60.10 15.69 64.45
CA PRO C 179 60.14 17.06 64.96
C PRO C 179 58.98 17.35 65.91
N CYS C 180 59.23 18.21 66.88
CA CYS C 180 58.25 18.58 67.89
C CYS C 180 57.61 19.92 67.57
N ILE C 181 56.36 20.09 68.00
CA ILE C 181 55.70 21.37 68.01
C ILE C 181 55.10 21.58 69.40
N TYR C 182 55.50 22.68 70.04
CA TYR C 182 55.05 23.00 71.39
C TYR C 182 54.08 24.17 71.32
N LEU C 183 52.92 24.02 71.95
CA LEU C 183 51.96 25.10 72.11
C LEU C 183 52.06 25.61 73.54
N VAL C 184 52.55 26.83 73.70
CA VAL C 184 53.02 27.33 74.98
C VAL C 184 51.96 28.26 75.55
N ASP C 185 51.39 27.88 76.70
CA ASP C 185 50.62 28.78 77.55
C ASP C 185 50.90 28.39 78.99
N SER C 186 51.41 29.34 79.77
CA SER C 186 51.91 29.05 81.11
C SER C 186 51.47 30.13 82.08
N GLY C 187 51.35 29.73 83.34
CA GLY C 187 51.23 30.65 84.45
C GLY C 187 52.54 30.87 85.18
N GLY C 188 53.66 30.56 84.55
CA GLY C 188 54.97 30.65 85.19
C GLY C 188 55.42 29.34 85.79
N ALA C 189 55.66 29.35 87.09
CA ALA C 189 56.07 28.15 87.83
C ALA C 189 55.08 27.87 88.95
N ASN C 190 55.36 26.80 89.68
CA ASN C 190 54.61 26.46 90.89
C ASN C 190 55.52 26.67 92.09
N LEU C 191 55.34 27.78 92.80
CA LEU C 191 56.19 28.14 93.92
C LEU C 191 55.83 27.39 95.19
N SER C 192 54.99 26.36 95.10
CA SER C 192 54.66 25.52 96.24
C SER C 192 55.45 24.22 96.25
N ARG C 193 55.42 23.48 95.13
CA ARG C 193 56.21 22.27 94.97
C ARG C 193 57.50 22.52 94.20
N GLN C 194 58.09 23.70 94.36
CA GLN C 194 59.24 24.09 93.54
C GLN C 194 60.45 23.19 93.79
N ASP C 195 60.66 22.78 95.05
CA ASP C 195 61.75 21.86 95.34
C ASP C 195 61.57 20.55 94.60
N ASP C 196 60.32 20.17 94.32
CA ASP C 196 60.05 18.89 93.69
C ASP C 196 60.20 18.99 92.17
N VAL C 197 60.10 20.19 91.61
CA VAL C 197 60.08 20.36 90.17
C VAL C 197 61.27 21.12 89.61
N PHE C 198 61.86 22.03 90.37
CA PHE C 198 62.94 22.86 89.82
C PHE C 198 64.32 22.21 89.92
N PRO C 199 64.80 21.93 91.16
CA PRO C 199 66.18 21.43 91.25
C PRO C 199 66.32 19.95 90.91
N ASP C 200 67.46 19.35 91.27
CA ASP C 200 67.72 17.93 90.99
C ASP C 200 67.84 17.68 89.49
N GLU C 201 67.65 16.45 89.06
CA GLU C 201 67.79 16.11 87.64
C GLU C 201 66.49 15.59 87.06
N GLN C 202 66.41 15.48 85.74
CA GLN C 202 65.16 15.07 85.09
C GLN C 202 64.09 16.09 85.44
N HIS C 203 64.49 17.35 85.50
CA HIS C 203 63.56 18.41 85.85
C HIS C 203 63.42 19.45 84.76
N PHE C 204 63.08 20.67 85.14
CA PHE C 204 62.84 21.72 84.15
C PHE C 204 64.10 22.10 83.39
N GLY C 205 65.28 21.82 83.92
CA GLY C 205 66.49 22.08 83.16
C GLY C 205 66.70 21.10 82.03
N ARG C 206 66.24 19.86 82.20
CA ARG C 206 66.45 18.86 81.16
C ARG C 206 65.63 19.17 79.91
N ILE C 207 64.55 19.92 80.05
CA ILE C 207 63.83 20.39 78.86
C ILE C 207 64.76 21.27 78.02
N PHE C 208 65.45 22.20 78.67
CA PHE C 208 66.39 23.06 77.96
C PHE C 208 67.55 22.26 77.41
N TYR C 209 67.98 21.22 78.14
CA TYR C 209 69.04 20.36 77.64
C TYR C 209 68.62 19.65 76.36
N ASN C 210 67.39 19.13 76.34
CA ASN C 210 66.92 18.38 75.19
C ASN C 210 66.69 19.27 73.98
N GLU C 211 66.17 20.49 74.21
CA GLU C 211 65.93 21.39 73.08
C GLU C 211 67.23 21.83 72.41
N ALA C 212 68.38 21.61 73.03
CA ALA C 212 69.65 21.87 72.39
C ALA C 212 70.28 20.61 71.81
N GLN C 213 70.16 19.48 72.51
CA GLN C 213 70.68 18.23 71.97
C GLN C 213 69.96 17.84 70.69
N MET C 214 68.67 18.16 70.58
CA MET C 214 67.96 17.91 69.33
C MET C 214 68.53 18.73 68.19
N SER C 215 68.77 20.02 68.41
CA SER C 215 69.28 20.86 67.34
C SER C 215 70.73 20.52 67.00
N ILE C 216 71.43 19.85 67.91
CA ILE C 216 72.73 19.30 67.54
C ILE C 216 72.57 18.21 66.47
N LYS C 217 71.61 17.32 66.67
CA LYS C 217 71.33 16.26 65.70
C LYS C 217 70.52 16.76 64.51
N SER C 218 70.34 18.08 64.40
CA SER C 218 69.63 18.71 63.28
C SER C 218 68.20 18.19 63.15
N ILE C 219 67.51 18.06 64.28
CA ILE C 219 66.10 17.68 64.31
C ILE C 219 65.32 18.95 64.66
N SER C 220 64.87 19.68 63.65
CA SER C 220 64.29 21.00 63.89
C SER C 220 63.05 20.88 64.76
N GLN C 221 62.87 21.88 65.62
CA GLN C 221 61.76 21.95 66.57
C GLN C 221 61.11 23.32 66.49
N ILE C 222 59.82 23.38 66.79
CA ILE C 222 59.03 24.59 66.64
C ILE C 222 58.18 24.79 67.89
N ALA C 223 58.08 26.04 68.35
CA ALA C 223 57.27 26.39 69.50
C ALA C 223 56.36 27.56 69.15
N VAL C 224 55.15 27.56 69.70
CA VAL C 224 54.19 28.63 69.51
C VAL C 224 53.88 29.24 70.88
N VAL C 225 54.06 30.55 70.99
CA VAL C 225 53.88 31.24 72.27
C VAL C 225 52.52 31.92 72.29
N MET C 226 51.52 31.21 72.82
CA MET C 226 50.17 31.76 72.84
C MET C 226 49.98 32.72 74.01
N GLY C 227 50.57 32.38 75.16
CA GLY C 227 50.50 33.23 76.33
C GLY C 227 51.86 33.35 76.98
N SER C 228 51.85 33.84 78.22
CA SER C 228 53.10 34.10 78.93
C SER C 228 53.84 32.80 79.23
N CYS C 229 55.17 32.84 79.09
CA CYS C 229 56.05 31.76 79.51
C CYS C 229 57.20 32.39 80.31
N THR C 230 56.98 32.55 81.61
CA THR C 230 57.95 33.20 82.48
C THR C 230 58.73 32.15 83.27
N ALA C 231 59.55 32.60 84.21
CA ALA C 231 60.23 31.73 85.18
C ALA C 231 61.04 30.63 84.51
N GLY C 232 61.84 31.00 83.52
CA GLY C 232 62.61 30.01 82.80
C GLY C 232 61.85 29.43 81.63
N GLY C 233 60.57 29.76 81.53
CA GLY C 233 59.79 29.37 80.38
C GLY C 233 60.03 30.21 79.15
N ALA C 234 60.74 31.32 79.29
CA ALA C 234 61.02 32.19 78.15
C ALA C 234 62.19 31.73 77.32
N TYR C 235 62.88 30.66 77.74
CA TYR C 235 64.03 30.20 76.97
C TYR C 235 63.60 29.35 75.77
N VAL C 236 62.47 28.64 75.88
CA VAL C 236 61.98 27.87 74.73
C VAL C 236 61.70 28.75 73.52
N PRO C 237 61.05 29.91 73.64
CA PRO C 237 61.01 30.81 72.48
C PRO C 237 62.38 31.25 72.02
N ALA C 238 63.33 31.39 72.94
CA ALA C 238 64.68 31.77 72.57
C ALA C 238 65.45 30.59 71.96
N MET C 239 65.25 29.39 72.51
CA MET C 239 65.84 28.17 71.98
C MET C 239 64.82 27.52 71.06
N ALA C 240 64.78 28.00 69.82
CA ALA C 240 63.81 27.49 68.86
C ALA C 240 64.24 27.88 67.46
N ASP C 241 64.14 26.93 66.53
CA ASP C 241 64.41 27.25 65.13
C ASP C 241 63.38 28.24 64.59
N GLU C 242 62.11 28.06 64.96
CA GLU C 242 61.03 28.96 64.60
C GLU C 242 60.14 29.13 65.82
N ASN C 243 59.72 30.36 66.08
CA ASN C 243 58.83 30.64 67.19
C ASN C 243 57.78 31.65 66.76
N ILE C 244 56.61 31.57 67.39
CA ILE C 244 55.45 32.38 67.01
C ILE C 244 54.94 33.11 68.23
N ILE C 245 54.75 34.43 68.09
CA ILE C 245 54.22 35.27 69.14
C ILE C 245 52.96 35.94 68.63
N VAL C 246 51.82 35.68 69.30
CA VAL C 246 50.56 36.26 68.87
C VAL C 246 50.58 37.77 69.14
N ALA C 247 49.87 38.51 68.29
CA ALA C 247 50.02 39.96 68.25
C ALA C 247 49.65 40.62 69.58
N ARG C 248 48.57 40.16 70.21
CA ARG C 248 48.09 40.82 71.42
C ARG C 248 48.46 40.05 72.69
N ASN C 249 48.05 38.80 72.81
CA ASN C 249 48.17 38.09 74.08
C ASN C 249 49.43 37.24 74.18
N GLY C 250 50.30 37.23 73.17
CA GLY C 250 51.55 36.51 73.26
C GLY C 250 52.62 37.28 74.00
N THR C 251 53.09 36.76 75.15
CA THR C 251 54.03 37.47 75.99
C THR C 251 55.15 36.54 76.42
N ILE C 252 56.37 37.08 76.51
CA ILE C 252 57.53 36.34 76.99
C ILE C 252 58.30 37.22 77.96
N PHE C 253 58.60 36.67 79.15
CA PHE C 253 59.25 37.45 80.20
C PHE C 253 60.29 36.62 80.91
N LEU C 254 61.42 37.26 81.25
CA LEU C 254 62.37 36.68 82.18
C LEU C 254 62.15 37.21 83.60
N GLY C 255 61.55 38.38 83.72
CA GLY C 255 61.15 38.91 85.02
C GLY C 255 59.72 39.40 84.98
N GLY C 256 58.95 39.02 85.99
CA GLY C 256 57.54 39.30 86.03
C GLY C 256 57.20 40.77 86.22
N PRO C 257 56.00 41.16 85.79
CA PRO C 257 55.55 42.55 85.99
C PRO C 257 55.53 42.96 87.46
N PRO C 258 55.15 42.07 88.39
CA PRO C 258 55.34 42.43 89.80
C PRO C 258 56.79 42.57 90.21
N LEU C 259 57.72 41.96 89.47
CA LEU C 259 59.11 41.92 89.91
C LEU C 259 59.80 43.26 89.73
N VAL C 260 59.38 44.06 88.74
CA VAL C 260 59.97 45.38 88.59
C VAL C 260 59.67 46.24 89.80
N LEU C 261 58.47 46.10 90.37
CA LEU C 261 58.16 46.76 91.63
C LEU C 261 58.98 46.15 92.75
N ALA C 262 59.30 46.97 93.75
CA ALA C 262 60.19 46.67 94.87
C ALA C 262 61.65 46.58 94.45
N ALA C 263 61.95 46.70 93.16
CA ALA C 263 63.32 46.81 92.67
C ALA C 263 63.27 47.74 91.45
N THR C 264 63.45 49.04 91.71
CA THR C 264 63.25 50.07 90.69
C THR C 264 61.86 49.95 90.07
N GLY C 265 60.86 50.21 90.90
CA GLY C 265 59.47 50.00 90.50
C GLY C 265 58.88 51.06 89.60
N GLU C 266 59.61 51.41 88.53
CA GLU C 266 59.07 52.32 87.52
C GLU C 266 58.23 51.49 86.56
N LYS C 267 57.03 51.13 87.03
CA LYS C 267 56.18 50.24 86.27
C LYS C 267 55.74 50.87 84.96
N VAL C 268 55.79 50.08 83.88
CA VAL C 268 55.28 50.48 82.58
C VAL C 268 54.45 49.33 82.02
N SER C 269 53.95 49.52 80.81
CA SER C 269 52.97 48.62 80.23
C SER C 269 53.53 47.23 80.02
N SER C 270 52.68 46.21 80.20
CA SER C 270 53.12 44.83 80.07
C SER C 270 53.61 44.53 78.66
N GLU C 271 53.15 45.31 77.67
CA GLU C 271 53.68 45.17 76.32
C GLU C 271 55.18 45.45 76.29
N GLU C 272 55.62 46.52 76.94
CA GLU C 272 57.01 46.94 76.88
C GLU C 272 57.92 46.06 77.72
N LEU C 273 57.38 45.24 78.61
CA LEU C 273 58.17 44.40 79.50
C LEU C 273 58.66 43.12 78.84
N GLY C 274 58.26 42.87 77.61
CA GLY C 274 58.68 41.67 76.89
C GLY C 274 57.60 41.00 76.09
N GLY C 275 56.36 41.51 76.11
CA GLY C 275 55.30 40.90 75.34
C GLY C 275 55.46 41.17 73.86
N ALA C 276 54.44 40.77 73.10
CA ALA C 276 54.48 40.97 71.66
C ALA C 276 54.63 42.46 71.35
N ASP C 277 55.80 42.82 70.84
CA ASP C 277 56.16 44.22 70.59
C ASP C 277 56.29 44.41 69.10
N VAL C 278 55.17 44.63 68.42
CA VAL C 278 55.20 44.86 66.98
C VAL C 278 55.33 46.36 66.76
N HIS C 279 56.55 46.86 66.86
CA HIS C 279 56.86 48.26 66.56
C HIS C 279 58.27 48.37 65.99
N CYS C 280 58.79 47.27 65.43
CA CYS C 280 60.15 47.21 64.89
C CYS C 280 61.18 47.52 65.97
N ARG C 281 61.01 46.91 67.14
CA ARG C 281 61.96 47.10 68.23
C ARG C 281 63.33 46.60 67.83
N ILE C 282 64.33 46.92 68.64
CA ILE C 282 65.69 46.49 68.35
C ILE C 282 65.81 44.98 68.47
N SER C 283 65.00 44.37 69.33
CA SER C 283 65.11 42.93 69.56
C SER C 283 64.68 42.15 68.34
N GLY C 284 65.55 41.23 67.90
CA GLY C 284 65.18 40.29 66.86
C GLY C 284 64.70 38.99 67.46
N VAL C 285 63.75 39.06 68.38
CA VAL C 285 63.26 37.89 69.09
C VAL C 285 61.90 37.51 68.53
N GLY C 286 61.77 36.24 68.17
CA GLY C 286 60.51 35.71 67.71
C GLY C 286 60.34 35.83 66.21
N ASP C 287 60.31 34.71 65.51
CA ASP C 287 60.33 34.73 64.06
C ASP C 287 59.03 35.28 63.47
N HIS C 288 57.89 34.84 63.98
CA HIS C 288 56.61 35.14 63.36
C HIS C 288 55.75 35.98 64.29
N TYR C 289 55.16 37.03 63.74
CA TYR C 289 54.18 37.87 64.43
C TYR C 289 52.87 37.77 63.68
N ALA C 290 51.91 37.07 64.26
CA ALA C 290 50.66 36.73 63.59
C ALA C 290 49.50 37.43 64.28
N THR C 291 48.60 38.00 63.46
CA THR C 291 47.52 38.81 63.99
C THR C 291 46.41 38.00 64.64
N ASP C 292 46.28 36.72 64.30
CA ASP C 292 45.16 35.93 64.79
C ASP C 292 45.63 34.51 65.04
N ASP C 293 44.81 33.76 65.80
CA ASP C 293 45.13 32.37 66.08
C ASP C 293 45.26 31.57 64.80
N LEU C 294 44.32 31.74 63.88
CA LEU C 294 44.38 31.03 62.62
C LEU C 294 45.62 31.42 61.83
N HIS C 295 45.99 32.71 61.85
CA HIS C 295 47.19 33.16 61.16
C HIS C 295 48.43 32.50 61.75
N ALA C 296 48.52 32.42 63.08
CA ALA C 296 49.67 31.80 63.72
C ALA C 296 49.75 30.32 63.40
N LEU C 297 48.62 29.61 63.50
CA LEU C 297 48.61 28.19 63.18
C LEU C 297 49.01 27.97 61.72
N TYR C 298 48.54 28.85 60.84
CA TYR C 298 48.85 28.74 59.42
C TYR C 298 50.33 28.94 59.17
N LEU C 299 50.95 29.91 59.83
CA LEU C 299 52.39 30.11 59.68
C LEU C 299 53.19 28.96 60.27
N ALA C 300 52.71 28.39 61.38
CA ALA C 300 53.35 27.19 61.91
C ALA C 300 53.35 26.06 60.89
N ARG C 301 52.18 25.83 60.27
CA ARG C 301 52.08 24.83 59.21
C ARG C 301 53.02 25.13 58.06
N ARG C 302 53.08 26.41 57.65
CA ARG C 302 53.93 26.79 56.53
C ARG C 302 55.41 26.56 56.84
N ALA C 303 55.84 26.88 58.06
CA ALA C 303 57.21 26.59 58.45
C ALA C 303 57.48 25.10 58.50
N VAL C 304 56.54 24.32 59.01
CA VAL C 304 56.69 22.87 59.03
C VAL C 304 56.88 22.34 57.62
N ALA C 305 56.23 22.98 56.65
CA ALA C 305 56.31 22.50 55.27
C ALA C 305 57.74 22.50 54.74
N ASN C 306 58.49 23.57 55.00
CA ASN C 306 59.81 23.72 54.41
C ASN C 306 60.90 23.01 55.20
N LEU C 307 60.75 21.70 55.40
CA LEU C 307 61.75 20.90 56.11
C LEU C 307 62.29 19.75 55.28
N ASN C 308 61.68 19.44 54.14
CA ASN C 308 62.07 18.38 53.21
C ASN C 308 61.85 16.97 53.76
N LEU C 309 61.03 16.81 54.80
CA LEU C 309 60.82 15.47 55.35
C LEU C 309 59.72 14.71 54.61
N LYS C 310 58.95 15.40 53.76
CA LYS C 310 57.83 14.76 53.09
C LYS C 310 58.30 13.62 52.20
N GLU C 311 59.36 13.85 51.42
CA GLU C 311 59.89 12.81 50.55
C GLU C 311 60.35 11.60 51.35
N HIS C 312 61.06 11.85 52.45
CA HIS C 312 61.62 10.77 53.24
C HIS C 312 60.52 9.93 53.89
N ASN C 313 59.51 10.58 54.46
CA ASN C 313 58.39 9.83 55.05
C ASN C 313 57.60 9.07 54.00
N GLU C 314 57.34 9.70 52.85
CA GLU C 314 56.57 9.05 51.81
C GLU C 314 57.29 7.82 51.28
N ALA C 315 58.62 7.92 51.12
CA ALA C 315 59.39 6.76 50.70
C ALA C 315 59.38 5.68 51.78
N ARG C 316 59.55 6.07 53.05
CA ARG C 316 59.69 5.06 54.09
C ARG C 316 58.36 4.38 54.44
N ASN C 317 57.31 5.16 54.60
CA ASN C 317 55.98 4.61 54.87
C ASN C 317 55.09 4.77 53.65
N PRO C 318 54.72 3.68 52.96
CA PRO C 318 53.89 3.81 51.76
C PRO C 318 52.52 4.38 52.09
N THR C 319 52.17 5.48 51.42
CA THR C 319 50.91 6.16 51.72
C THR C 319 49.71 5.41 51.14
N ASP C 320 49.92 4.68 50.05
CA ASP C 320 48.83 4.03 49.33
C ASP C 320 48.95 2.52 49.49
N VAL C 321 48.22 1.97 50.46
CA VAL C 321 48.31 0.56 50.81
C VAL C 321 46.91 -0.03 50.90
N LYS C 322 46.83 -1.34 50.74
CA LYS C 322 45.57 -2.05 50.76
C LYS C 322 45.40 -2.71 52.12
N PRO C 323 44.44 -2.30 52.93
CA PRO C 323 44.30 -2.89 54.26
C PRO C 323 43.85 -4.33 54.19
N VAL C 324 44.53 -5.18 54.95
CA VAL C 324 44.21 -6.61 55.04
C VAL C 324 43.64 -6.87 56.43
N PRO C 325 42.36 -7.21 56.55
CA PRO C 325 41.76 -7.38 57.87
C PRO C 325 41.96 -8.79 58.38
N PRO C 326 41.84 -9.01 59.69
CA PRO C 326 41.94 -10.37 60.22
C PRO C 326 40.70 -11.18 59.86
N LEU C 327 40.81 -12.50 60.03
CA LEU C 327 39.76 -13.42 59.65
C LEU C 327 38.61 -13.47 60.66
N TYR C 328 38.82 -12.96 61.87
CA TYR C 328 37.81 -13.04 62.92
C TYR C 328 37.50 -11.65 63.45
N ASP C 329 36.30 -11.50 64.00
CA ASP C 329 35.80 -10.18 64.34
C ASP C 329 36.51 -9.63 65.57
N PRO C 330 37.06 -8.40 65.50
CA PRO C 330 37.81 -7.86 66.64
C PRO C 330 36.97 -7.60 67.88
N ARG C 331 35.64 -7.62 67.78
CA ARG C 331 34.82 -7.46 68.98
C ARG C 331 34.98 -8.64 69.93
N GLU C 332 35.40 -9.80 69.40
CA GLU C 332 35.55 -10.99 70.24
C GLU C 332 36.76 -10.93 71.15
N LEU C 333 37.55 -9.85 71.12
CA LEU C 333 38.77 -9.79 71.92
C LEU C 333 38.44 -9.71 73.41
N GLY C 334 37.32 -9.11 73.76
CA GLY C 334 36.96 -9.00 75.16
C GLY C 334 36.53 -10.33 75.77
N GLY C 335 36.11 -11.28 74.94
CA GLY C 335 35.56 -12.51 75.47
C GLY C 335 36.61 -13.46 76.00
N PHE C 336 37.68 -13.69 75.23
CA PHE C 336 38.71 -14.62 75.67
C PHE C 336 39.42 -14.12 76.91
N ILE C 337 39.32 -12.83 77.21
CA ILE C 337 39.86 -12.28 78.45
C ILE C 337 39.01 -12.79 79.62
N PRO C 338 39.59 -13.42 80.63
CA PRO C 338 38.78 -13.92 81.75
C PRO C 338 38.31 -12.78 82.63
N ASP C 339 37.65 -13.15 83.72
CA ASP C 339 37.03 -12.19 84.62
C ASP C 339 38.07 -11.64 85.58
N MET C 340 37.61 -11.09 86.70
CA MET C 340 38.54 -10.50 87.67
C MET C 340 38.19 -10.88 89.10
N LEU C 341 39.07 -10.55 90.04
CA LEU C 341 38.81 -10.85 91.45
C LEU C 341 38.41 -12.31 91.67
N SER C 342 39.19 -13.23 91.13
CA SER C 342 38.90 -14.65 91.34
C SER C 342 39.95 -15.27 92.26
N ASP C 343 39.50 -15.81 93.39
CA ASP C 343 40.42 -16.42 94.36
C ASP C 343 41.62 -17.05 93.66
N VAL C 344 41.37 -18.11 92.90
CA VAL C 344 42.45 -18.77 92.18
C VAL C 344 42.54 -18.27 90.75
N VAL C 345 43.75 -18.19 90.22
CA VAL C 345 43.91 -17.71 88.86
C VAL C 345 42.96 -18.44 87.92
N LYS C 346 42.29 -17.70 87.05
CA LYS C 346 41.42 -18.35 86.07
C LYS C 346 42.24 -18.86 84.89
N SER C 347 41.58 -19.48 83.92
CA SER C 347 42.28 -19.97 82.74
C SER C 347 42.45 -18.86 81.71
N PHE C 348 43.37 -19.06 80.76
CA PHE C 348 43.61 -18.05 79.74
C PHE C 348 44.19 -18.65 78.47
N ASP C 349 44.05 -17.94 77.36
CA ASP C 349 44.58 -18.41 76.08
C ASP C 349 45.27 -17.28 75.34
N VAL C 350 46.12 -17.61 74.39
CA VAL C 350 46.82 -16.59 73.61
C VAL C 350 46.52 -16.74 72.13
N ARG C 351 46.56 -17.96 71.62
CA ARG C 351 46.29 -18.19 70.20
C ARG C 351 45.13 -17.35 69.70
N ALA C 352 44.03 -17.33 70.44
CA ALA C 352 42.86 -16.59 69.97
C ALA C 352 43.17 -15.11 69.80
N ILE C 353 43.89 -14.53 70.77
CA ILE C 353 44.18 -13.10 70.72
C ILE C 353 45.04 -12.77 69.51
N ILE C 354 46.11 -13.55 69.30
CA ILE C 354 47.00 -13.27 68.17
C ILE C 354 46.27 -13.51 66.85
N ALA C 355 45.43 -14.55 66.80
CA ALA C 355 44.66 -14.80 65.58
C ALA C 355 43.66 -13.69 65.31
N ARG C 356 43.19 -13.01 66.36
CA ARG C 356 42.28 -11.89 66.20
C ARG C 356 42.98 -10.59 65.81
N ILE C 357 44.23 -10.40 66.21
CA ILE C 357 44.93 -9.14 65.99
C ILE C 357 45.69 -9.12 64.67
N VAL C 358 46.42 -10.18 64.35
CA VAL C 358 47.35 -10.16 63.22
C VAL C 358 46.62 -10.12 61.89
N ASP C 359 47.36 -9.88 60.81
CA ASP C 359 46.79 -9.83 59.47
C ASP C 359 46.54 -11.22 58.91
N GLY C 360 45.34 -11.43 58.38
CA GLY C 360 44.99 -12.71 57.82
C GLY C 360 44.82 -13.80 58.84
N SER C 361 44.90 -13.46 60.13
CA SER C 361 44.80 -14.43 61.22
C SER C 361 45.76 -15.58 61.01
N ARG C 362 47.06 -15.30 61.09
CA ARG C 362 48.08 -16.28 60.78
C ARG C 362 49.18 -16.19 61.83
N PHE C 363 50.04 -17.20 61.86
CA PHE C 363 51.21 -17.15 62.74
C PHE C 363 52.28 -18.11 62.25
N ASP C 364 53.51 -17.86 62.72
CA ASP C 364 54.72 -18.59 62.32
C ASP C 364 55.36 -19.14 63.59
N GLU C 365 54.91 -20.31 64.04
CA GLU C 365 55.37 -20.85 65.31
C GLU C 365 56.79 -21.36 65.23
N PHE C 366 57.61 -20.95 66.20
CA PHE C 366 58.77 -21.73 66.53
C PHE C 366 58.37 -22.91 67.42
N LYS C 367 59.36 -23.50 68.06
CA LYS C 367 59.16 -24.65 68.91
C LYS C 367 58.08 -24.39 69.94
N ALA C 368 56.93 -25.08 69.79
CA ALA C 368 55.82 -24.96 70.71
C ALA C 368 55.61 -26.22 71.53
N LEU C 369 56.08 -27.37 71.05
CA LEU C 369 56.05 -28.59 71.86
C LEU C 369 57.00 -28.49 73.04
N TYR C 370 58.00 -27.63 72.93
CA TYR C 370 59.10 -27.57 73.88
C TYR C 370 59.10 -26.21 74.56
N GLY C 371 59.11 -26.22 75.88
CA GLY C 371 58.87 -24.99 76.60
C GLY C 371 57.48 -24.48 76.29
N ASN C 372 56.48 -25.36 76.39
CA ASN C 372 55.10 -25.07 76.06
C ASN C 372 54.55 -23.86 76.81
N THR C 373 55.30 -23.30 77.75
CA THR C 373 54.80 -22.16 78.51
C THR C 373 54.80 -20.87 77.68
N LEU C 374 55.87 -20.60 76.96
CA LEU C 374 56.04 -19.30 76.36
C LEU C 374 55.84 -19.39 74.84
N VAL C 375 55.35 -18.31 74.26
CA VAL C 375 54.94 -18.26 72.86
C VAL C 375 55.79 -17.22 72.14
N CYS C 376 56.36 -17.61 71.00
CA CYS C 376 57.19 -16.73 70.18
C CYS C 376 57.07 -17.12 68.71
N GLY C 377 56.95 -16.11 67.85
CA GLY C 377 56.91 -16.36 66.42
C GLY C 377 56.68 -15.07 65.66
N PHE C 378 56.80 -15.17 64.33
CA PHE C 378 56.62 -14.04 63.44
C PHE C 378 55.13 -13.79 63.18
N ALA C 379 54.85 -12.72 62.44
CA ALA C 379 53.47 -12.33 62.16
C ALA C 379 53.47 -11.28 61.06
N ARG C 380 52.30 -10.68 60.85
CA ARG C 380 52.13 -9.56 59.93
C ARG C 380 51.17 -8.57 60.55
N ILE C 381 51.55 -7.29 60.59
CA ILE C 381 50.70 -6.24 61.11
C ILE C 381 50.64 -5.12 60.06
N GLU C 382 49.57 -5.12 59.27
CA GLU C 382 49.30 -4.08 58.29
C GLU C 382 50.51 -3.82 57.39
N GLY C 383 50.97 -4.89 56.74
CA GLY C 383 52.03 -4.79 55.76
C GLY C 383 53.43 -4.79 56.31
N MET C 384 53.62 -5.07 57.59
CA MET C 384 54.92 -5.04 58.22
C MET C 384 55.12 -6.31 59.02
N GLN C 385 56.28 -6.93 58.87
CA GLN C 385 56.58 -8.16 59.59
C GLN C 385 56.95 -7.85 61.03
N VAL C 386 56.38 -8.62 61.96
CA VAL C 386 56.48 -8.35 63.39
C VAL C 386 56.85 -9.63 64.12
N GLY C 387 57.50 -9.47 65.26
CA GLY C 387 57.73 -10.56 66.20
C GLY C 387 56.97 -10.30 67.49
N ILE C 388 56.33 -11.34 68.00
CA ILE C 388 55.49 -11.24 69.19
C ILE C 388 56.01 -12.19 70.26
N ILE C 389 56.12 -11.69 71.49
CA ILE C 389 56.36 -12.51 72.67
C ILE C 389 55.14 -12.35 73.57
N ALA C 390 54.34 -13.40 73.68
CA ALA C 390 53.19 -13.43 74.58
C ALA C 390 53.35 -14.57 75.56
N ASN C 391 53.11 -14.30 76.84
CA ASN C 391 53.44 -15.21 77.92
C ASN C 391 52.19 -15.96 78.39
N GLN C 392 52.36 -17.26 78.69
CA GLN C 392 51.24 -18.10 79.07
C GLN C 392 51.70 -19.20 80.03
N GLY C 393 51.57 -18.94 81.33
CA GLY C 393 51.89 -19.95 82.32
C GLY C 393 53.07 -19.61 83.21
N ILE C 394 53.77 -20.64 83.70
CA ILE C 394 54.87 -20.47 84.63
C ILE C 394 56.17 -20.75 83.89
N LEU C 395 57.08 -19.77 83.89
CA LEU C 395 58.28 -19.84 83.08
C LEU C 395 59.21 -20.95 83.54
N TYR C 396 59.85 -21.59 82.56
CA TYR C 396 60.90 -22.56 82.82
C TYR C 396 62.22 -22.05 82.26
N SER C 397 63.29 -22.78 82.53
CA SER C 397 64.58 -22.51 81.92
C SER C 397 64.50 -22.59 80.40
N GLU C 398 63.83 -23.64 79.89
CA GLU C 398 63.72 -23.82 78.45
C GLU C 398 62.94 -22.69 77.79
N SER C 399 61.92 -22.16 78.47
CA SER C 399 61.22 -21.00 77.93
C SER C 399 62.16 -19.81 77.79
N ALA C 400 63.04 -19.61 78.77
CA ALA C 400 64.03 -18.53 78.69
C ALA C 400 65.00 -18.76 77.54
N LEU C 401 65.44 -20.01 77.34
CA LEU C 401 66.31 -20.30 76.21
C LEU C 401 65.62 -19.98 74.88
N LYS C 402 64.37 -20.41 74.74
CA LYS C 402 63.64 -20.15 73.51
C LYS C 402 63.47 -18.66 73.27
N GLY C 403 63.17 -17.91 74.33
CA GLY C 403 63.08 -16.47 74.19
C GLY C 403 64.38 -15.85 73.73
N ALA C 404 65.49 -16.27 74.32
CA ALA C 404 66.79 -15.74 73.91
C ALA C 404 67.06 -16.05 72.45
N HIS C 405 66.75 -17.26 72.00
CA HIS C 405 66.97 -17.65 70.61
C HIS C 405 66.13 -16.80 69.66
N PHE C 406 64.86 -16.60 69.99
CA PHE C 406 63.99 -15.76 69.16
C PHE C 406 64.51 -14.33 69.08
N ILE C 407 64.89 -13.76 70.22
CA ILE C 407 65.38 -12.39 70.21
C ILE C 407 66.66 -12.30 69.41
N GLY C 408 67.50 -13.33 69.47
CA GLY C 408 68.70 -13.35 68.65
C GLY C 408 68.38 -13.26 67.17
N LEU C 409 67.43 -14.10 66.70
CA LEU C 409 67.06 -14.04 65.29
C LEU C 409 66.48 -12.67 64.93
N CYS C 410 65.61 -12.14 65.77
CA CYS C 410 64.95 -10.87 65.47
C CYS C 410 65.96 -9.74 65.35
N THR C 411 66.93 -9.68 66.27
CA THR C 411 67.98 -8.68 66.16
C THR C 411 68.83 -8.92 64.92
N GLN C 412 69.07 -10.19 64.57
CA GLN C 412 69.90 -10.49 63.41
C GLN C 412 69.28 -9.96 62.13
N ARG C 413 67.97 -10.10 61.98
CA ARG C 413 67.32 -9.73 60.73
C ARG C 413 66.57 -8.40 60.80
N ASN C 414 66.71 -7.66 61.90
CA ASN C 414 66.09 -6.35 62.05
C ASN C 414 64.56 -6.41 61.98
N VAL C 415 63.97 -7.22 62.85
CA VAL C 415 62.52 -7.39 62.94
C VAL C 415 62.06 -6.76 64.24
N PRO C 416 61.05 -5.88 64.22
CA PRO C 416 60.56 -5.30 65.46
C PRO C 416 59.93 -6.34 66.36
N LEU C 417 59.86 -6.02 67.65
CA LEU C 417 59.30 -6.93 68.65
C LEU C 417 58.08 -6.30 69.32
N LEU C 418 57.11 -7.15 69.66
CA LEU C 418 55.92 -6.79 70.41
C LEU C 418 55.86 -7.67 71.65
N PHE C 419 55.49 -7.08 72.78
CA PHE C 419 55.42 -7.81 74.04
C PHE C 419 54.01 -7.77 74.61
N LEU C 420 53.57 -8.90 75.13
CA LEU C 420 52.26 -9.05 75.75
C LEU C 420 52.48 -9.65 77.13
N GLN C 421 52.49 -8.80 78.15
CA GLN C 421 52.97 -9.20 79.47
C GLN C 421 51.97 -10.09 80.18
N ASN C 422 52.47 -10.88 81.12
CA ASN C 422 51.67 -11.80 81.92
C ASN C 422 52.30 -12.00 83.30
N ILE C 423 51.94 -13.09 83.98
CA ILE C 423 52.42 -13.32 85.34
C ILE C 423 53.94 -13.51 85.36
N THR C 424 54.51 -13.39 86.55
CA THR C 424 55.93 -13.66 86.74
C THR C 424 56.25 -15.13 86.46
N GLY C 425 55.67 -16.03 87.26
CA GLY C 425 55.78 -17.44 86.94
C GLY C 425 57.18 -18.01 86.94
N PHE C 426 57.96 -17.73 87.99
CA PHE C 426 59.24 -18.37 88.19
C PHE C 426 59.02 -19.52 89.19
N MET C 427 59.25 -20.75 88.76
CA MET C 427 59.14 -21.88 89.67
C MET C 427 60.17 -21.77 90.79
N VAL C 428 59.80 -22.27 91.97
CA VAL C 428 60.66 -22.21 93.14
C VAL C 428 61.17 -23.59 93.55
N GLY C 429 60.92 -24.61 92.74
CA GLY C 429 61.34 -25.95 93.10
C GLY C 429 62.85 -26.03 93.25
N LYS C 430 63.28 -26.88 94.20
CA LYS C 430 64.69 -26.99 94.51
C LYS C 430 65.47 -27.56 93.33
N LYS C 431 64.91 -28.57 92.66
CA LYS C 431 65.58 -29.13 91.49
C LYS C 431 65.76 -28.08 90.39
N TYR C 432 64.74 -27.24 90.20
CA TYR C 432 64.84 -26.19 89.19
C TYR C 432 65.93 -25.19 89.55
N GLU C 433 66.03 -24.81 90.83
CA GLU C 433 67.09 -23.92 91.26
C GLU C 433 68.46 -24.56 91.07
N GLU C 434 68.57 -25.85 91.38
CA GLU C 434 69.78 -26.62 91.17
C GLU C 434 70.10 -26.81 89.69
N GLY C 435 69.13 -26.61 88.81
CA GLY C 435 69.36 -26.76 87.38
C GLY C 435 69.86 -25.50 86.69
N GLY C 436 70.34 -24.54 87.47
CA GLY C 436 70.85 -23.30 86.91
C GLY C 436 69.79 -22.44 86.26
N ILE C 437 68.64 -22.29 86.92
CA ILE C 437 67.57 -21.46 86.37
C ILE C 437 67.98 -19.98 86.36
N ALA C 438 68.75 -19.57 87.36
CA ALA C 438 69.19 -18.17 87.43
C ALA C 438 70.07 -17.82 86.22
N ARG C 439 70.94 -18.74 85.83
CA ARG C 439 71.78 -18.51 84.66
C ARG C 439 70.94 -18.33 83.40
N ASN C 440 69.88 -19.12 83.26
CA ASN C 440 69.05 -19.02 82.06
C ASN C 440 68.21 -17.75 82.07
N GLY C 441 67.73 -17.35 83.25
CA GLY C 441 67.07 -16.06 83.35
C GLY C 441 67.99 -14.91 82.98
N ALA C 442 69.24 -14.98 83.42
CA ALA C 442 70.21 -13.98 83.01
C ALA C 442 70.44 -14.02 81.49
N ARG C 443 70.51 -15.23 80.93
CA ARG C 443 70.60 -15.37 79.48
C ARG C 443 69.49 -14.63 78.77
N LEU C 444 68.27 -14.74 79.28
CA LEU C 444 67.14 -14.05 78.68
C LEU C 444 67.24 -12.53 78.83
N VAL C 445 67.51 -12.05 80.04
CA VAL C 445 67.50 -10.60 80.27
C VAL C 445 68.64 -9.92 79.52
N MET C 446 69.78 -10.58 79.41
CA MET C 446 70.90 -10.04 78.64
C MET C 446 70.49 -9.78 77.21
N ALA C 447 69.85 -10.75 76.57
CA ALA C 447 69.40 -10.58 75.20
C ALA C 447 68.31 -9.52 75.10
N VAL C 448 67.41 -9.47 76.07
CA VAL C 448 66.34 -8.48 76.04
C VAL C 448 66.90 -7.07 76.04
N SER C 449 67.83 -6.81 76.96
CA SER C 449 68.36 -5.45 77.10
C SER C 449 69.32 -5.10 75.98
N SER C 450 70.09 -6.08 75.50
CA SER C 450 71.08 -5.80 74.48
C SER C 450 70.50 -5.53 73.11
N ALA C 451 69.23 -5.83 72.89
CA ALA C 451 68.66 -5.77 71.54
C ALA C 451 68.52 -4.33 71.08
N PRO C 452 69.05 -3.99 69.91
CA PRO C 452 68.85 -2.64 69.34
C PRO C 452 67.55 -2.47 68.58
N VAL C 453 66.74 -3.53 68.50
CA VAL C 453 65.46 -3.53 67.81
C VAL C 453 64.46 -2.63 68.53
N PRO C 454 63.64 -1.86 67.83
CA PRO C 454 62.57 -1.11 68.50
C PRO C 454 61.63 -2.05 69.23
N LYS C 455 61.17 -1.63 70.41
CA LYS C 455 60.42 -2.51 71.29
C LYS C 455 59.22 -1.78 71.87
N VAL C 456 58.06 -2.45 71.81
CA VAL C 456 56.80 -1.94 72.35
C VAL C 456 56.19 -3.04 73.20
N THR C 457 55.63 -2.66 74.35
CA THR C 457 54.94 -3.62 75.21
C THR C 457 53.53 -3.13 75.50
N VAL C 458 52.61 -4.09 75.66
CA VAL C 458 51.22 -3.82 75.99
C VAL C 458 50.82 -4.81 77.08
N LEU C 459 50.15 -4.33 78.12
CA LEU C 459 49.77 -5.22 79.22
C LEU C 459 48.53 -6.00 78.83
N ILE C 460 48.62 -7.33 78.87
CA ILE C 460 47.48 -8.20 78.75
C ILE C 460 46.76 -8.23 80.10
N GLY C 461 47.50 -8.54 81.14
CA GLY C 461 46.94 -8.61 82.48
C GLY C 461 47.80 -9.48 83.37
N GLY C 462 47.84 -9.11 84.65
CA GLY C 462 48.58 -9.86 85.64
C GLY C 462 50.08 -9.73 85.57
N SER C 463 50.61 -8.55 85.26
CA SER C 463 52.05 -8.33 85.20
C SER C 463 52.53 -7.87 86.58
N TYR C 464 52.90 -8.83 87.43
CA TYR C 464 53.33 -8.55 88.79
C TYR C 464 54.67 -9.24 89.00
N GLY C 465 55.64 -8.49 89.50
CA GLY C 465 56.85 -9.07 90.02
C GLY C 465 58.02 -8.86 89.09
N ALA C 466 59.06 -9.66 89.33
CA ALA C 466 60.30 -9.57 88.58
C ALA C 466 60.27 -10.36 87.27
N GLY C 467 59.15 -11.03 86.98
CA GLY C 467 59.05 -11.77 85.73
C GLY C 467 59.13 -10.88 84.50
N ASN C 468 58.62 -9.66 84.59
CA ASN C 468 58.68 -8.75 83.46
C ASN C 468 60.11 -8.50 83.02
N TYR C 469 61.06 -8.63 83.94
CA TYR C 469 62.47 -8.53 83.58
C TYR C 469 62.84 -9.57 82.53
N GLY C 470 62.20 -10.73 82.56
CA GLY C 470 62.44 -11.72 81.53
C GLY C 470 61.94 -11.29 80.16
N MET C 471 60.74 -10.71 80.09
CA MET C 471 60.17 -10.29 78.82
C MET C 471 60.60 -8.89 78.44
N CYS C 472 60.16 -7.88 79.19
CA CYS C 472 60.46 -6.47 78.92
C CYS C 472 59.82 -5.63 80.01
N GLY C 473 60.32 -4.42 80.15
CA GLY C 473 59.79 -3.50 81.14
C GLY C 473 60.22 -2.08 80.85
N ARG C 474 59.54 -1.14 81.50
CA ARG C 474 59.84 0.28 81.28
C ARG C 474 61.32 0.56 81.44
N ALA C 475 61.96 -0.06 82.42
CA ALA C 475 63.38 0.17 82.62
C ALA C 475 64.25 -0.47 81.53
N PHE C 476 63.67 -1.04 80.47
CA PHE C 476 64.43 -1.68 79.41
C PHE C 476 64.25 -0.95 78.08
N GLU C 477 63.90 0.33 78.13
CA GLU C 477 63.73 1.23 77.00
C GLU C 477 62.72 0.72 75.98
N PRO C 478 61.44 0.61 76.32
CA PRO C 478 60.42 0.39 75.29
C PRO C 478 59.95 1.73 74.75
N ARG C 479 60.03 1.90 73.43
CA ARG C 479 59.76 3.20 72.84
C ARG C 479 58.31 3.63 73.01
N PHE C 480 57.41 2.71 73.35
CA PHE C 480 56.04 3.03 73.70
C PHE C 480 55.54 2.02 74.72
N LEU C 481 54.59 2.45 75.56
CA LEU C 481 53.89 1.51 76.42
C LEU C 481 52.40 1.82 76.42
N PHE C 482 51.58 0.77 76.37
CA PHE C 482 50.12 0.89 76.40
C PHE C 482 49.57 -0.18 77.34
N MET C 483 48.33 0.02 77.79
CA MET C 483 47.77 -0.85 78.83
C MET C 483 46.31 -1.17 78.59
N TRP C 484 45.90 -2.37 79.02
CA TRP C 484 44.51 -2.79 79.06
C TRP C 484 43.92 -2.57 80.46
N PRO C 485 42.59 -2.48 80.57
CA PRO C 485 41.99 -2.16 81.87
C PRO C 485 42.29 -3.15 82.98
N ASN C 486 42.42 -4.44 82.67
CA ASN C 486 42.57 -5.46 83.72
C ASN C 486 44.05 -5.75 83.95
N ALA C 487 44.75 -4.74 84.47
CA ALA C 487 46.18 -4.84 84.69
C ALA C 487 46.51 -4.57 86.15
N ARG C 488 47.44 -5.35 86.69
CA ARG C 488 47.93 -5.17 88.05
C ARG C 488 49.44 -5.31 88.05
N ILE C 489 50.14 -4.26 88.49
CA ILE C 489 51.59 -4.22 88.54
C ILE C 489 51.99 -4.11 90.00
N SER C 490 52.64 -5.15 90.52
CA SER C 490 52.84 -5.25 91.96
C SER C 490 54.14 -6.00 92.25
N VAL C 491 54.27 -6.45 93.49
CA VAL C 491 55.44 -7.15 94.01
C VAL C 491 55.55 -8.52 93.35
N MET C 492 56.64 -9.23 93.63
CA MET C 492 56.90 -10.54 93.03
C MET C 492 55.71 -11.50 93.18
N GLY C 493 54.83 -11.26 94.14
CA GLY C 493 53.62 -12.06 94.25
C GLY C 493 52.35 -11.25 94.42
N GLY C 494 51.36 -11.47 93.57
CA GLY C 494 50.09 -10.79 93.73
C GLY C 494 49.24 -11.42 94.81
N THR C 495 49.17 -12.74 94.83
CA THR C 495 48.31 -13.44 95.79
C THR C 495 49.15 -14.13 96.82
N GLN C 496 50.30 -14.65 96.39
CA GLN C 496 51.12 -15.40 97.32
C GLN C 496 51.80 -14.47 98.33
N ALA C 497 52.22 -13.27 97.90
CA ALA C 497 52.78 -12.36 98.89
C ALA C 497 51.89 -12.28 100.13
N ALA C 498 50.58 -12.33 99.95
CA ALA C 498 49.68 -12.35 101.10
C ALA C 498 49.99 -13.54 102.01
N THR C 499 50.05 -14.75 101.44
CA THR C 499 50.29 -15.92 102.26
C THR C 499 51.66 -15.88 102.92
N VAL C 500 52.69 -15.49 102.16
CA VAL C 500 54.04 -15.51 102.71
C VAL C 500 54.22 -14.46 103.80
N LEU C 501 53.75 -13.23 103.54
CA LEU C 501 53.90 -12.17 104.53
C LEU C 501 52.95 -12.33 105.70
N THR C 502 51.95 -13.20 105.58
CA THR C 502 51.14 -13.55 106.75
C THR C 502 51.99 -14.26 107.80
N LEU C 503 52.87 -15.17 107.37
CA LEU C 503 53.63 -15.97 108.31
C LEU C 503 54.61 -15.12 109.12
N THR C 504 55.43 -14.33 108.44
CA THR C 504 56.56 -13.66 109.07
C THR C 504 56.26 -12.21 109.43
N ASN C 505 55.25 -11.95 110.26
CA ASN C 505 55.04 -10.58 110.75
C ASN C 505 54.38 -10.64 112.14
N ARG C 506 55.25 -10.65 113.17
CA ARG C 506 54.88 -10.38 114.56
C ARG C 506 53.48 -10.87 114.93
N ASN C 507 53.19 -12.12 114.56
CA ASN C 507 51.87 -12.69 114.76
C ASN C 507 51.94 -13.72 115.87
N LEU C 508 51.00 -13.62 116.82
CA LEU C 508 50.85 -14.66 117.81
C LEU C 508 50.15 -15.87 117.20
N LYS C 509 50.41 -17.04 117.79
CA LYS C 509 49.81 -18.27 117.27
C LYS C 509 48.29 -18.21 117.32
N ASN C 510 47.75 -17.63 118.39
CA ASN C 510 46.32 -17.54 118.61
C ASN C 510 45.77 -16.34 117.85
N ALA C 511 44.48 -16.04 118.06
CA ALA C 511 43.80 -14.93 117.37
C ALA C 511 43.95 -15.05 115.86
N SER C 512 43.81 -16.27 115.36
CA SER C 512 44.07 -16.53 113.94
C SER C 512 43.10 -15.76 113.03
N GLU C 513 41.82 -15.75 113.38
CA GLU C 513 40.83 -15.10 112.53
C GLU C 513 41.04 -13.58 112.49
N ALA C 514 41.24 -12.96 113.66
CA ALA C 514 41.51 -11.54 113.70
C ALA C 514 42.80 -11.20 112.96
N GLU C 515 43.79 -12.09 113.05
CA GLU C 515 45.06 -11.84 112.37
C GLU C 515 44.90 -11.91 110.85
N ILE C 516 44.21 -12.94 110.33
CA ILE C 516 44.04 -13.03 108.88
C ILE C 516 43.16 -11.89 108.38
N ALA C 517 42.22 -11.43 109.22
CA ALA C 517 41.48 -10.23 108.88
C ALA C 517 42.39 -9.02 108.81
N ALA C 518 43.35 -8.91 109.74
CA ALA C 518 44.26 -7.78 109.76
C ALA C 518 45.43 -7.96 108.79
N PHE C 519 45.84 -9.20 108.49
CA PHE C 519 46.96 -9.40 107.58
C PHE C 519 46.52 -9.65 106.15
N LYS C 520 45.81 -10.75 105.89
CA LYS C 520 45.54 -11.15 104.51
C LYS C 520 44.64 -10.15 103.80
N ASP C 521 43.56 -9.73 104.45
CA ASP C 521 42.67 -8.75 103.83
C ASP C 521 43.40 -7.44 103.56
N LYS C 522 44.23 -7.01 104.51
CA LYS C 522 44.96 -5.76 104.34
C LYS C 522 45.92 -5.83 103.17
N VAL C 523 46.68 -6.93 103.04
CA VAL C 523 47.66 -7.00 101.95
C VAL C 523 46.95 -7.17 100.61
N LYS C 524 45.80 -7.85 100.59
CA LYS C 524 45.02 -7.87 99.36
C LYS C 524 44.57 -6.47 98.98
N LYS C 525 44.11 -5.68 99.94
CA LYS C 525 43.73 -4.30 99.66
C LYS C 525 44.91 -3.51 99.13
N LYS C 526 46.10 -3.73 99.69
CA LYS C 526 47.27 -3.00 99.22
C LYS C 526 47.65 -3.41 97.80
N TYR C 527 47.64 -4.71 97.50
CA TYR C 527 48.18 -5.20 96.23
C TYR C 527 47.18 -5.16 95.09
N GLU C 528 45.88 -4.94 95.37
CA GLU C 528 44.94 -4.60 94.30
C GLU C 528 44.37 -3.19 94.44
N LYS C 529 44.86 -2.39 95.38
CA LYS C 529 44.58 -0.96 95.33
C LYS C 529 45.24 -0.33 94.13
N GLU C 530 46.47 -0.74 93.84
CA GLU C 530 47.09 -0.40 92.57
C GLU C 530 46.33 -1.10 91.45
N GLY C 531 46.29 -0.45 90.29
CA GLY C 531 45.58 -1.02 89.16
C GLY C 531 45.98 -0.31 87.89
N SER C 532 45.32 -0.70 86.81
CA SER C 532 45.58 -0.04 85.53
C SER C 532 45.18 1.43 85.58
N CYS C 533 44.06 1.73 86.23
CA CYS C 533 43.48 3.06 86.11
C CYS C 533 44.27 4.11 86.90
N TYR C 534 44.68 3.79 88.12
CA TYR C 534 45.33 4.83 88.93
C TYR C 534 46.85 4.79 88.97
N TYR C 535 47.43 3.70 89.47
CA TYR C 535 48.89 3.65 89.61
C TYR C 535 49.63 3.81 88.28
N SER C 536 48.95 3.49 87.19
CA SER C 536 49.58 3.61 85.88
C SER C 536 49.06 4.80 85.09
N THR C 537 49.86 5.28 84.14
CA THR C 537 49.44 6.40 83.28
C THR C 537 49.32 7.70 84.06
N ALA C 538 48.49 7.72 85.10
CA ALA C 538 48.36 8.91 85.91
C ALA C 538 49.73 9.30 86.45
N ARG C 539 50.58 8.30 86.65
CA ARG C 539 51.94 8.57 87.11
C ARG C 539 52.92 8.33 85.98
N LEU C 540 52.41 8.23 84.75
CA LEU C 540 53.27 7.94 83.60
C LEU C 540 54.10 6.68 83.81
N TRP C 541 53.51 5.70 84.50
CA TRP C 541 54.00 4.33 84.46
C TRP C 541 53.21 3.66 83.35
N ASP C 542 53.90 3.29 82.26
CA ASP C 542 53.21 2.73 81.10
C ASP C 542 52.18 3.75 80.60
N ASP C 543 52.68 4.86 80.02
CA ASP C 543 51.88 6.07 79.88
C ASP C 543 50.61 5.85 79.07
N GLY C 544 50.65 4.98 78.06
CA GLY C 544 49.51 4.76 77.18
C GLY C 544 48.49 3.82 77.81
N VAL C 545 47.22 4.18 77.67
CA VAL C 545 46.12 3.31 78.07
C VAL C 545 45.13 3.19 76.92
N ILE C 546 44.76 1.97 76.57
CA ILE C 546 43.97 1.71 75.37
C ILE C 546 42.82 0.75 75.66
N ALA C 547 42.12 0.35 74.61
CA ALA C 547 41.09 -0.67 74.68
C ALA C 547 41.62 -1.97 74.10
N PRO C 548 41.22 -3.13 74.61
CA PRO C 548 41.69 -4.40 74.03
C PRO C 548 41.24 -4.61 72.60
N GLU C 549 40.10 -4.00 72.21
CA GLU C 549 39.55 -4.25 70.88
C GLU C 549 40.34 -3.56 69.78
N ASP C 550 40.88 -2.37 70.05
CA ASP C 550 41.55 -1.57 69.04
C ASP C 550 43.07 -1.60 69.16
N THR C 551 43.64 -2.76 69.48
CA THR C 551 45.07 -2.83 69.75
C THR C 551 45.91 -2.79 68.46
N ARG C 552 45.43 -3.43 67.38
CA ARG C 552 46.26 -3.53 66.18
C ARG C 552 46.46 -2.17 65.54
N VAL C 553 45.43 -1.33 65.55
CA VAL C 553 45.58 0.02 65.01
C VAL C 553 46.65 0.77 65.79
N VAL C 554 46.62 0.68 67.13
CA VAL C 554 47.59 1.39 67.95
C VAL C 554 49.00 0.90 67.67
N VAL C 555 49.17 -0.43 67.57
CA VAL C 555 50.51 -0.97 67.34
C VAL C 555 51.02 -0.58 65.96
N ALA C 556 50.13 -0.52 64.97
CA ALA C 556 50.49 -0.01 63.66
C ALA C 556 50.87 1.45 63.68
N GLU C 557 50.22 2.28 64.49
CA GLU C 557 50.70 3.65 64.69
C GLU C 557 52.12 3.63 65.22
N ALA C 558 52.36 2.78 66.21
CA ALA C 558 53.68 2.74 66.84
C ALA C 558 54.76 2.34 65.84
N LEU C 559 54.50 1.34 65.01
CA LEU C 559 55.52 0.87 64.08
C LEU C 559 55.82 1.90 63.00
N ARG C 560 54.79 2.59 62.49
CA ARG C 560 55.03 3.69 61.57
C ARG C 560 55.79 4.82 62.25
N ALA C 561 55.63 4.95 63.57
CA ALA C 561 56.37 5.97 64.30
C ALA C 561 57.85 5.64 64.40
N THR C 562 58.20 4.35 64.34
CA THR C 562 59.57 3.90 64.56
C THR C 562 60.25 3.42 63.29
N ARG C 563 59.92 4.01 62.14
CA ARG C 563 60.67 3.75 60.92
C ARG C 563 61.28 5.00 60.30
N LEU C 564 61.08 6.17 60.91
CA LEU C 564 61.87 7.34 60.53
C LEU C 564 63.23 7.31 61.22
N ALA C 565 63.41 6.40 62.18
CA ALA C 565 64.61 6.27 62.99
C ALA C 565 65.84 6.13 62.10
N PRO C 566 67.03 6.50 62.59
CA PRO C 566 68.24 6.41 61.75
C PRO C 566 68.51 5.01 61.24
N GLU D 1 -11.68 9.31 35.33
CA GLU D 1 -10.64 8.34 35.66
C GLU D 1 -9.57 8.95 36.56
N ARG D 2 -8.63 8.13 37.00
CA ARG D 2 -7.60 8.55 37.95
C ARG D 2 -6.24 8.52 37.26
N LYS D 3 -5.51 9.62 37.40
CA LYS D 3 -4.19 9.74 36.77
C LYS D 3 -3.17 8.87 37.49
N VAL D 4 -2.22 8.34 36.73
CA VAL D 4 -1.13 7.54 37.27
C VAL D 4 0.18 8.16 36.81
N GLU D 5 1.09 8.39 37.77
CA GLU D 5 2.43 8.86 37.48
C GLU D 5 3.52 8.08 38.21
N LYS D 6 3.16 7.22 39.15
CA LYS D 6 4.11 6.45 39.93
C LYS D 6 3.70 4.97 39.86
N LEU D 7 4.66 4.11 39.55
CA LEU D 7 4.40 2.68 39.44
C LEU D 7 5.24 1.94 40.47
N LEU D 8 4.65 0.94 41.11
CA LEU D 8 5.29 0.17 42.17
C LEU D 8 5.34 -1.29 41.75
N VAL D 9 6.47 -1.94 42.02
CA VAL D 9 6.67 -3.34 41.68
C VAL D 9 6.89 -4.12 42.97
N ALA D 10 6.31 -5.32 43.05
CA ALA D 10 6.49 -6.13 44.25
C ALA D 10 7.71 -7.05 44.13
N ASN D 11 7.73 -7.89 43.11
CA ASN D 11 8.69 -8.99 43.04
C ASN D 11 10.02 -8.48 42.49
N ARG D 12 10.93 -9.40 42.19
CA ARG D 12 12.25 -9.07 41.67
C ARG D 12 12.60 -10.06 40.57
N GLY D 13 13.42 -9.61 39.63
CA GLY D 13 13.92 -10.48 38.58
C GLY D 13 13.62 -9.96 37.18
N GLU D 14 13.34 -10.88 36.27
CA GLU D 14 13.07 -10.51 34.89
C GLU D 14 11.83 -9.62 34.80
N ILE D 15 10.81 -9.94 35.60
CA ILE D 15 9.57 -9.18 35.56
C ILE D 15 9.80 -7.73 35.98
N ALA D 16 10.73 -7.50 36.93
CA ALA D 16 11.00 -6.14 37.36
C ALA D 16 11.52 -5.29 36.20
N CYS D 17 12.50 -5.81 35.47
CA CYS D 17 13.03 -5.08 34.33
C CYS D 17 11.99 -4.90 33.23
N ARG D 18 11.18 -5.94 32.98
CA ARG D 18 10.17 -5.84 31.94
C ARG D 18 9.14 -4.76 32.28
N VAL D 19 8.62 -4.78 33.50
CA VAL D 19 7.66 -3.77 33.92
C VAL D 19 8.30 -2.40 33.87
N PHE D 20 9.58 -2.32 34.24
CA PHE D 20 10.25 -1.02 34.24
C PHE D 20 10.42 -0.44 32.85
N ARG D 21 10.78 -1.29 31.89
CA ARG D 21 11.07 -0.81 30.53
C ARG D 21 9.91 -0.07 29.87
N THR D 22 8.82 -0.78 29.60
CA THR D 22 7.68 -0.16 28.91
C THR D 22 7.32 1.13 29.63
N CYS D 23 7.44 1.11 30.95
CA CYS D 23 7.12 2.30 31.73
C CYS D 23 7.79 3.56 31.16
N ARG D 24 8.98 3.40 30.59
CA ARG D 24 9.69 4.55 30.09
C ARG D 24 8.93 5.12 28.92
N GLU D 25 8.38 4.26 28.09
CA GLU D 25 7.64 4.71 26.91
C GLU D 25 6.37 5.45 27.30
N MET D 26 5.66 4.94 28.29
CA MET D 26 4.48 5.65 28.76
C MET D 26 4.87 6.89 29.53
N HIS D 27 6.16 7.08 29.75
CA HIS D 27 6.63 8.23 30.50
C HIS D 27 6.12 8.25 31.94
N ILE D 28 6.22 7.13 32.64
CA ILE D 28 5.76 7.04 34.03
C ILE D 28 6.93 6.79 34.99
N ARG D 29 6.82 7.24 36.24
CA ARG D 29 7.92 7.07 37.20
C ARG D 29 8.12 5.62 37.54
N THR D 30 9.23 5.28 38.18
CA THR D 30 9.37 3.90 38.61
C THR D 30 9.91 3.81 40.03
N VAL D 31 9.60 2.68 40.69
CA VAL D 31 10.07 2.39 42.05
C VAL D 31 10.51 0.92 42.11
N ALA D 32 11.63 0.67 42.79
CA ALA D 32 12.19 -0.68 42.93
C ALA D 32 12.20 -1.09 44.39
N LEU D 33 12.24 -2.42 44.61
CA LEU D 33 12.26 -3.00 45.95
C LEU D 33 13.33 -4.09 46.02
N PHE D 34 14.06 -4.15 47.13
CA PHE D 34 15.15 -5.11 47.22
C PHE D 34 15.36 -5.60 48.64
N CYS D 35 15.85 -6.83 48.77
CA CYS D 35 16.02 -7.42 50.09
C CYS D 35 17.31 -6.94 50.73
N GLU D 36 17.70 -7.57 51.83
CA GLU D 36 18.96 -7.22 52.44
C GLU D 36 20.01 -7.23 51.36
N ALA D 37 20.88 -6.22 51.35
CA ALA D 37 21.87 -6.13 50.27
C ALA D 37 21.09 -6.10 48.97
N GLU D 38 21.43 -6.98 48.04
CA GLU D 38 20.68 -7.06 46.79
C GLU D 38 20.47 -5.66 46.23
N ARG D 39 21.48 -4.81 46.37
CA ARG D 39 21.34 -3.43 45.91
C ARG D 39 22.16 -3.18 44.65
N ASN D 40 23.03 -4.12 44.31
CA ASN D 40 23.79 -3.98 43.08
C ASN D 40 22.99 -4.57 41.95
N ALA D 41 21.89 -5.22 42.27
CA ALA D 41 21.10 -5.88 41.25
C ALA D 41 20.69 -4.92 40.17
N LYS D 42 20.43 -5.44 38.97
CA LYS D 42 20.15 -4.57 37.84
C LYS D 42 18.88 -3.78 37.98
N HIS D 43 17.82 -4.43 38.45
CA HIS D 43 16.54 -3.73 38.43
C HIS D 43 16.61 -2.42 39.19
N VAL D 44 17.30 -2.39 40.33
CA VAL D 44 17.41 -1.15 41.10
C VAL D 44 18.22 -0.11 40.34
N ALA D 45 19.18 -0.54 39.53
CA ALA D 45 19.92 0.35 38.66
C ALA D 45 19.11 0.78 37.45
N GLU D 46 17.86 0.31 37.35
CA GLU D 46 16.96 0.69 36.27
C GLU D 46 15.83 1.60 36.71
N ALA D 47 15.47 1.60 37.98
CA ALA D 47 14.32 2.36 38.47
C ALA D 47 14.73 3.80 38.77
N ASP D 48 13.84 4.53 39.45
CA ASP D 48 14.11 5.89 39.88
C ASP D 48 14.48 5.93 41.36
N GLU D 49 13.91 5.01 42.15
CA GLU D 49 14.17 4.93 43.58
C GLU D 49 13.99 3.50 44.08
N ALA D 50 14.79 3.05 45.03
CA ALA D 50 14.68 1.71 45.55
C ALA D 50 14.69 1.74 47.07
N VAL D 51 13.97 0.79 47.68
CA VAL D 51 13.82 0.73 49.14
C VAL D 51 14.16 -0.68 49.60
N CYS D 52 14.97 -0.77 50.66
CA CYS D 52 15.27 -2.06 51.28
C CYS D 52 14.13 -2.46 52.21
N ILE D 53 13.83 -3.76 52.23
CA ILE D 53 12.64 -4.25 52.94
C ILE D 53 12.96 -5.15 54.12
N GLY D 54 14.08 -5.85 54.13
CA GLY D 54 14.42 -6.65 55.28
C GLY D 54 15.02 -8.00 54.96
N PRO D 55 14.94 -8.91 55.92
CA PRO D 55 15.81 -10.09 55.92
C PRO D 55 15.53 -11.01 54.74
N PRO D 56 16.53 -11.80 54.33
CA PRO D 56 16.43 -12.57 53.07
C PRO D 56 15.25 -13.52 53.02
N PRO D 57 14.92 -14.24 54.11
CA PRO D 57 13.83 -15.22 54.00
C PRO D 57 12.53 -14.60 53.51
N ALA D 58 11.83 -15.33 52.64
CA ALA D 58 10.67 -14.79 51.96
C ALA D 58 9.60 -14.37 52.95
N VAL D 59 9.57 -14.97 54.14
CA VAL D 59 8.66 -14.50 55.17
C VAL D 59 8.98 -13.07 55.54
N ASN D 60 10.27 -12.75 55.68
CA ASN D 60 10.69 -11.41 56.07
C ASN D 60 10.65 -10.42 54.91
N SER D 61 10.93 -10.87 53.69
CA SER D 61 11.02 -9.99 52.54
C SER D 61 9.94 -10.33 51.53
N TYR D 62 9.22 -9.30 51.09
CA TYR D 62 8.17 -9.33 50.06
C TYR D 62 6.88 -9.96 50.55
N LEU D 63 6.76 -10.25 51.85
CA LEU D 63 5.54 -10.79 52.41
C LEU D 63 4.90 -9.89 53.46
N ARG D 64 5.61 -8.87 53.92
CA ARG D 64 5.04 -7.90 54.86
C ARG D 64 4.17 -6.94 54.06
N GLY D 65 3.00 -7.43 53.63
CA GLY D 65 2.15 -6.63 52.77
C GLY D 65 1.69 -5.34 53.42
N GLU D 66 1.43 -5.36 54.72
CA GLU D 66 1.04 -4.15 55.44
C GLU D 66 2.15 -3.12 55.42
N HIS D 67 3.40 -3.56 55.63
CA HIS D 67 4.53 -2.63 55.60
C HIS D 67 4.72 -2.06 54.20
N ILE D 68 4.57 -2.91 53.18
CA ILE D 68 4.67 -2.45 51.81
C ILE D 68 3.60 -1.40 51.52
N ILE D 69 2.38 -1.63 52.01
CA ILE D 69 1.30 -0.69 51.77
C ILE D 69 1.55 0.63 52.49
N SER D 70 2.05 0.58 53.72
CA SER D 70 2.35 1.81 54.44
C SER D 70 3.45 2.60 53.74
N VAL D 71 4.49 1.90 53.27
CA VAL D 71 5.57 2.57 52.54
C VAL D 71 5.03 3.21 51.26
N ALA D 72 4.17 2.47 50.53
CA ALA D 72 3.61 3.01 49.30
C ALA D 72 2.74 4.23 49.59
N LYS D 73 1.98 4.20 50.68
CA LYS D 73 1.18 5.36 51.05
C LYS D 73 2.07 6.56 51.36
N GLN D 74 3.18 6.33 52.07
CA GLN D 74 4.10 7.42 52.37
C GLN D 74 4.70 7.99 51.09
N LEU D 75 4.92 7.15 50.09
CA LEU D 75 5.41 7.59 48.78
C LEU D 75 4.30 8.11 47.88
N ASN D 76 3.04 8.01 48.32
CA ASN D 76 1.89 8.41 47.50
C ASN D 76 1.92 7.73 46.14
N VAL D 77 2.04 6.40 46.17
CA VAL D 77 2.11 5.62 44.94
C VAL D 77 0.75 5.58 44.26
N ASP D 78 0.76 5.56 42.92
CA ASP D 78 -0.46 5.49 42.14
C ASP D 78 -0.92 4.05 41.88
N ALA D 79 0.01 3.16 41.55
CA ALA D 79 -0.37 1.79 41.18
C ALA D 79 0.71 0.82 41.63
N ILE D 80 0.29 -0.42 41.87
CA ILE D 80 1.18 -1.52 42.26
C ILE D 80 0.93 -2.70 41.35
N HIS D 81 1.99 -3.29 40.80
CA HIS D 81 1.89 -4.54 40.08
C HIS D 81 2.54 -5.65 40.86
N PRO D 82 1.78 -6.58 41.44
CA PRO D 82 2.40 -7.64 42.24
C PRO D 82 3.35 -8.53 41.46
N GLY D 83 3.07 -8.79 40.20
CA GLY D 83 3.83 -9.79 39.50
C GLY D 83 3.35 -11.19 39.88
N TYR D 84 4.24 -12.16 39.72
CA TYR D 84 3.95 -13.55 40.03
C TYR D 84 4.80 -14.01 41.20
N GLY D 85 4.18 -14.76 42.11
CA GLY D 85 4.81 -15.17 43.34
C GLY D 85 4.59 -14.17 44.46
N PHE D 86 4.99 -14.58 45.66
CA PHE D 86 4.86 -13.77 46.88
C PHE D 86 3.39 -13.43 47.06
N LEU D 87 2.99 -12.15 47.03
CA LEU D 87 1.61 -11.76 47.24
C LEU D 87 0.81 -11.71 45.94
N SER D 88 1.23 -12.49 44.93
CA SER D 88 0.50 -12.52 43.67
C SER D 88 -0.92 -13.03 43.86
N GLU D 89 -1.10 -14.04 44.69
CA GLU D 89 -2.40 -14.65 44.96
C GLU D 89 -2.70 -14.49 46.46
N ASN D 90 -3.24 -13.33 46.82
CA ASN D 90 -3.63 -13.07 48.20
C ASN D 90 -4.70 -11.99 48.18
N ALA D 91 -5.94 -12.36 48.51
CA ALA D 91 -7.05 -11.42 48.39
C ALA D 91 -7.00 -10.34 49.47
N SER D 92 -6.46 -10.68 50.65
CA SER D 92 -6.36 -9.70 51.72
C SER D 92 -5.49 -8.52 51.31
N PHE D 93 -4.36 -8.80 50.65
CA PHE D 93 -3.47 -7.74 50.21
C PHE D 93 -4.16 -6.83 49.19
N ALA D 94 -4.88 -7.43 48.23
CA ALA D 94 -5.60 -6.63 47.24
C ALA D 94 -6.69 -5.78 47.88
N ASP D 95 -7.41 -6.35 48.85
CA ASP D 95 -8.45 -5.58 49.54
C ASP D 95 -7.85 -4.43 50.32
N ALA D 96 -6.72 -4.66 50.98
CA ALA D 96 -6.06 -3.57 51.71
C ALA D 96 -5.58 -2.48 50.76
N ILE D 97 -5.06 -2.87 49.59
CA ILE D 97 -4.67 -1.88 48.59
C ILE D 97 -5.87 -1.06 48.16
N THR D 98 -7.00 -1.73 47.90
CA THR D 98 -8.21 -1.03 47.49
C THR D 98 -8.68 -0.06 48.57
N ARG D 99 -8.64 -0.49 49.84
CA ARG D 99 -9.04 0.39 50.93
C ARG D 99 -8.10 1.59 51.04
N SER D 100 -6.80 1.38 50.79
CA SER D 100 -5.85 2.48 50.82
C SER D 100 -6.04 3.43 49.64
N GLY D 101 -6.72 2.99 48.59
CA GLY D 101 -7.02 3.83 47.45
C GLY D 101 -6.09 3.69 46.27
N ILE D 102 -5.13 2.78 46.33
CA ILE D 102 -4.20 2.54 45.24
C ILE D 102 -4.82 1.57 44.25
N GLU D 103 -4.63 1.82 42.96
CA GLU D 103 -5.18 0.99 41.91
C GLU D 103 -4.40 -0.32 41.82
N PHE D 104 -4.95 -1.38 42.40
CA PHE D 104 -4.34 -2.70 42.28
C PHE D 104 -4.41 -3.16 40.84
N ILE D 105 -3.35 -3.81 40.38
CA ILE D 105 -3.29 -4.34 39.02
C ILE D 105 -3.57 -5.84 39.07
N GLY D 106 -4.68 -6.26 38.48
CA GLY D 106 -5.04 -7.65 38.45
C GLY D 106 -6.53 -7.86 38.68
N PRO D 107 -6.91 -9.10 38.99
CA PRO D 107 -8.32 -9.39 39.22
C PRO D 107 -8.77 -8.85 40.57
N PRO D 108 -10.08 -8.73 40.79
CA PRO D 108 -10.58 -8.35 42.12
C PRO D 108 -10.31 -9.46 43.12
N ALA D 109 -10.40 -9.10 44.41
CA ALA D 109 -10.09 -10.07 45.46
C ALA D 109 -11.10 -11.21 45.48
N SER D 110 -12.34 -10.94 45.06
CA SER D 110 -13.38 -11.97 45.09
C SER D 110 -13.02 -13.13 44.17
N ALA D 111 -12.53 -12.83 42.96
CA ALA D 111 -12.16 -13.88 42.03
C ALA D 111 -11.00 -14.72 42.57
N ILE D 112 -10.01 -14.07 43.17
CA ILE D 112 -8.87 -14.80 43.72
C ILE D 112 -9.31 -15.70 44.87
N SER D 113 -10.15 -15.19 45.76
CA SER D 113 -10.64 -16.00 46.87
C SER D 113 -11.46 -17.19 46.37
N LEU D 114 -12.33 -16.94 45.39
CA LEU D 114 -13.17 -18.02 44.85
C LEU D 114 -12.32 -19.09 44.18
N MET D 115 -11.28 -18.68 43.47
CA MET D 115 -10.46 -19.67 42.76
C MET D 115 -9.42 -20.29 43.69
N GLY D 116 -9.27 -19.74 44.89
CA GLY D 116 -8.36 -20.33 45.86
C GLY D 116 -8.76 -21.74 46.25
N SER D 117 -10.07 -21.97 46.44
CA SER D 117 -10.56 -23.31 46.73
C SER D 117 -11.00 -23.99 45.43
N LYS D 118 -10.49 -25.19 45.19
CA LYS D 118 -10.79 -25.88 43.93
C LYS D 118 -12.25 -26.32 43.87
N SER D 119 -12.81 -26.75 45.01
CA SER D 119 -14.17 -27.26 45.03
C SER D 119 -15.18 -26.17 44.65
N GLU D 120 -15.06 -25.00 45.27
CA GLU D 120 -16.00 -23.92 44.95
C GLU D 120 -15.79 -23.39 43.55
N SER D 121 -14.54 -23.38 43.07
CA SER D 121 -14.29 -22.96 41.70
C SER D 121 -14.96 -23.91 40.70
N LYS D 122 -14.72 -25.21 40.85
CA LYS D 122 -15.34 -26.17 39.94
C LYS D 122 -16.86 -26.12 40.07
N ARG D 123 -17.36 -25.83 41.27
CA ARG D 123 -18.80 -25.62 41.43
C ARG D 123 -19.28 -24.45 40.57
N ILE D 124 -18.53 -23.35 40.58
CA ILE D 124 -18.91 -22.18 39.80
C ILE D 124 -18.91 -22.50 38.31
N MET D 125 -17.87 -23.17 37.82
CA MET D 125 -17.83 -23.49 36.40
C MET D 125 -18.90 -24.51 36.02
N GLU D 126 -19.20 -25.47 36.90
CA GLU D 126 -20.27 -26.41 36.61
C GLU D 126 -21.62 -25.70 36.53
N ALA D 127 -21.85 -24.73 37.41
CA ALA D 127 -23.06 -23.92 37.32
C ALA D 127 -23.07 -23.12 36.03
N ALA D 128 -21.91 -22.61 35.61
CA ALA D 128 -21.82 -21.81 34.39
C ALA D 128 -22.14 -22.64 33.15
N GLY D 129 -21.85 -23.95 33.20
CA GLY D 129 -22.14 -24.82 32.08
C GLY D 129 -20.94 -25.17 31.21
N VAL D 130 -19.74 -24.75 31.59
CA VAL D 130 -18.55 -25.11 30.80
C VAL D 130 -18.26 -26.59 30.96
N PRO D 131 -18.01 -27.33 29.87
CA PRO D 131 -17.53 -28.70 30.01
C PRO D 131 -16.35 -28.78 30.97
N VAL D 132 -16.57 -29.43 32.11
CA VAL D 132 -15.54 -29.60 33.13
C VAL D 132 -15.48 -31.07 33.48
N VAL D 133 -14.28 -31.63 33.53
CA VAL D 133 -14.10 -33.01 34.00
C VAL D 133 -13.95 -32.97 35.51
N PRO D 134 -14.93 -33.48 36.26
CA PRO D 134 -14.84 -33.39 37.72
C PRO D 134 -13.90 -34.43 38.28
N GLY D 135 -13.63 -34.32 39.58
CA GLY D 135 -12.78 -35.28 40.25
C GLY D 135 -13.52 -36.41 40.93
N TYR D 136 -14.82 -36.24 41.16
CA TYR D 136 -15.55 -37.21 41.96
C TYR D 136 -17.05 -37.10 41.71
N TYR D 137 -17.75 -38.24 41.85
CA TYR D 137 -19.21 -38.28 41.89
C TYR D 137 -19.62 -39.18 43.04
N GLY D 138 -20.10 -38.58 44.12
CA GLY D 138 -20.64 -39.36 45.23
C GLY D 138 -19.61 -40.29 45.86
N GLU D 139 -20.00 -41.54 46.08
CA GLU D 139 -19.18 -42.52 46.78
C GLU D 139 -19.59 -43.91 46.33
N ASN D 140 -18.88 -44.91 46.83
CA ASN D 140 -19.19 -46.31 46.52
C ASN D 140 -20.24 -46.86 47.48
N GLN D 141 -21.44 -46.26 47.38
CA GLN D 141 -22.56 -46.72 48.20
C GLN D 141 -22.97 -48.15 47.83
N ASN D 142 -23.04 -48.44 46.53
CA ASN D 142 -23.38 -49.76 46.03
C ASN D 142 -22.44 -50.12 44.89
N VAL D 143 -22.11 -51.42 44.81
CA VAL D 143 -21.30 -51.90 43.69
C VAL D 143 -22.10 -51.88 42.39
N SER D 144 -23.42 -52.07 42.46
CA SER D 144 -24.25 -51.95 41.27
C SER D 144 -24.33 -50.51 40.78
N PHE D 145 -24.18 -49.53 41.68
CA PHE D 145 -24.15 -48.13 41.25
C PHE D 145 -22.99 -47.89 40.30
N LEU D 146 -21.88 -48.61 40.51
CA LEU D 146 -20.74 -48.50 39.60
C LEU D 146 -21.14 -48.90 38.17
N ALA D 147 -21.87 -49.99 38.02
CA ALA D 147 -22.38 -50.35 36.69
C ALA D 147 -23.47 -49.39 36.21
N GLU D 148 -24.21 -48.78 37.15
CA GLU D 148 -25.27 -47.86 36.78
C GLU D 148 -24.72 -46.60 36.11
N GLU D 149 -23.69 -46.01 36.70
CA GLU D 149 -23.12 -44.78 36.14
C GLU D 149 -21.92 -45.05 35.25
N ALA D 150 -21.45 -46.29 35.21
CA ALA D 150 -20.34 -46.64 34.34
C ALA D 150 -20.69 -46.31 32.91
N LYS D 151 -21.90 -46.64 32.52
CA LYS D 151 -22.35 -46.35 31.16
C LYS D 151 -23.20 -45.09 31.16
N LYS D 152 -23.32 -44.44 32.31
CA LYS D 152 -24.14 -43.23 32.41
C LYS D 152 -23.30 -41.97 32.51
N VAL D 153 -23.01 -41.54 33.74
CA VAL D 153 -22.31 -40.27 33.91
C VAL D 153 -21.07 -40.15 33.03
N GLY D 154 -20.22 -41.16 33.06
CA GLY D 154 -19.00 -41.12 32.26
C GLY D 154 -18.72 -42.46 31.64
N PHE D 155 -18.85 -42.56 30.32
CA PHE D 155 -18.67 -43.84 29.67
C PHE D 155 -17.23 -44.30 29.86
N PRO D 156 -16.25 -43.40 29.66
CA PRO D 156 -14.89 -43.82 29.96
C PRO D 156 -14.84 -44.16 31.44
N ILE D 157 -14.18 -45.25 31.80
CA ILE D 157 -14.20 -45.68 33.20
C ILE D 157 -12.92 -45.34 33.96
N LEU D 158 -13.02 -44.47 34.94
CA LEU D 158 -11.87 -44.15 35.77
C LEU D 158 -12.17 -44.66 37.16
N ILE D 159 -11.71 -45.86 37.48
CA ILE D 159 -12.04 -46.47 38.76
C ILE D 159 -11.21 -45.83 39.87
N LYS D 160 -9.89 -45.98 39.80
CA LYS D 160 -8.97 -45.43 40.78
C LYS D 160 -9.40 -45.73 42.21
N ALA D 161 -9.31 -44.73 43.09
CA ALA D 161 -9.70 -44.87 44.48
C ALA D 161 -10.04 -43.49 45.03
N VAL D 162 -10.36 -43.43 46.33
CA VAL D 162 -10.65 -42.15 46.96
C VAL D 162 -9.39 -41.29 47.04
N SER D 163 -8.24 -41.93 47.28
CA SER D 163 -6.96 -41.24 47.35
C SER D 163 -5.85 -42.24 47.05
N GLY D 164 -4.62 -41.77 47.11
CA GLY D 164 -3.47 -42.62 46.83
C GLY D 164 -3.21 -42.77 45.34
N GLY D 165 -1.94 -42.70 44.95
CA GLY D 165 -1.55 -42.79 43.57
C GLY D 165 -1.25 -44.18 43.06
N GLY D 166 -1.47 -45.22 43.87
CA GLY D 166 -1.21 -46.58 43.41
C GLY D 166 -2.05 -46.96 42.21
N GLY D 167 -3.35 -46.70 42.29
CA GLY D 167 -4.22 -46.82 41.14
C GLY D 167 -4.36 -48.20 40.54
N LYS D 168 -4.09 -49.25 41.31
CA LYS D 168 -4.23 -50.60 40.78
C LYS D 168 -5.69 -50.96 40.52
N GLY D 169 -6.63 -50.18 41.04
CA GLY D 169 -8.02 -50.38 40.69
C GLY D 169 -8.33 -49.96 39.26
N MET D 170 -7.48 -49.15 38.66
CA MET D 170 -7.70 -48.72 37.28
C MET D 170 -7.63 -49.91 36.32
N LYS D 171 -6.49 -50.60 36.29
CA LYS D 171 -6.21 -51.72 35.39
C LYS D 171 -6.27 -51.31 33.92
N ILE D 172 -6.34 -50.01 33.62
CA ILE D 172 -6.50 -49.49 32.27
C ILE D 172 -7.68 -50.16 31.60
N VAL D 173 -8.85 -50.11 32.24
CA VAL D 173 -10.05 -50.77 31.74
C VAL D 173 -10.81 -49.75 30.89
N GLU D 174 -10.39 -49.62 29.63
CA GLU D 174 -11.02 -48.71 28.69
C GLU D 174 -12.17 -49.37 27.93
N ARG D 175 -12.39 -50.67 28.14
CA ARG D 175 -13.42 -51.40 27.43
C ARG D 175 -14.74 -51.29 28.18
N PRO D 176 -15.78 -50.72 27.58
CA PRO D 176 -17.10 -50.73 28.23
C PRO D 176 -17.69 -52.13 28.24
N GLU D 177 -18.91 -52.27 28.76
CA GLU D 177 -19.53 -53.58 28.95
C GLU D 177 -18.67 -54.48 29.82
N ASP D 178 -17.98 -53.88 30.79
CA ASP D 178 -17.15 -54.59 31.75
C ASP D 178 -17.88 -54.59 33.08
N PHE D 179 -18.22 -55.78 33.58
CA PHE D 179 -18.98 -55.92 34.82
C PHE D 179 -18.44 -56.98 35.78
N THR D 180 -17.67 -57.96 35.29
CA THR D 180 -17.11 -58.98 36.17
C THR D 180 -15.67 -58.72 36.56
N PHE D 181 -14.99 -57.76 35.93
CA PHE D 181 -13.61 -57.46 36.23
C PHE D 181 -13.43 -56.16 36.99
N MET D 182 -14.29 -55.16 36.74
CA MET D 182 -14.19 -53.89 37.44
C MET D 182 -14.44 -54.05 38.94
N LEU D 183 -15.46 -54.81 39.32
CA LEU D 183 -15.73 -55.02 40.74
C LEU D 183 -14.62 -55.84 41.39
N GLU D 184 -14.11 -56.87 40.70
CA GLU D 184 -13.00 -57.64 41.22
C GLU D 184 -11.76 -56.76 41.38
N SER D 185 -11.49 -55.89 40.39
CA SER D 185 -10.35 -54.99 40.47
C SER D 185 -10.49 -54.03 41.65
N ALA D 186 -11.69 -53.48 41.85
CA ALA D 186 -11.90 -52.56 42.96
C ALA D 186 -11.74 -53.28 44.30
N LYS D 187 -12.24 -54.51 44.41
CA LYS D 187 -12.15 -55.23 45.67
C LYS D 187 -10.72 -55.66 45.97
N ARG D 188 -9.95 -55.98 44.93
CA ARG D 188 -8.53 -56.27 45.16
C ARG D 188 -7.75 -55.00 45.46
N GLU D 189 -8.21 -53.86 44.95
CA GLU D 189 -7.61 -52.58 45.34
C GLU D 189 -7.87 -52.26 46.80
N ALA D 190 -9.08 -52.58 47.28
CA ALA D 190 -9.42 -52.29 48.68
C ALA D 190 -8.50 -53.03 49.63
N THR D 191 -8.01 -54.20 49.23
CA THR D 191 -7.09 -54.96 50.07
C THR D 191 -5.77 -54.23 50.22
N ASN D 192 -5.31 -54.10 51.47
CA ASN D 192 -4.02 -53.48 51.82
C ASN D 192 -3.98 -52.00 51.44
N PHE D 193 -5.07 -51.50 50.84
CA PHE D 193 -5.21 -50.08 50.53
C PHE D 193 -6.64 -49.66 50.85
N PHE D 194 -7.14 -50.08 52.01
CA PHE D 194 -8.54 -49.84 52.36
C PHE D 194 -8.87 -48.35 52.32
N LYS D 195 -8.10 -47.54 53.02
CA LYS D 195 -8.30 -46.09 53.10
C LYS D 195 -9.76 -45.85 53.47
N ASP D 196 -10.54 -45.15 52.64
CA ASP D 196 -11.98 -45.07 52.81
C ASP D 196 -12.64 -45.86 51.69
N ASP D 197 -13.73 -46.57 52.03
CA ASP D 197 -14.34 -47.51 51.09
C ASP D 197 -15.04 -46.77 49.95
N ARG D 198 -15.18 -45.45 50.06
CA ARG D 198 -15.79 -44.66 49.00
C ARG D 198 -14.94 -44.69 47.73
N VAL D 199 -15.58 -44.92 46.58
CA VAL D 199 -14.89 -44.97 45.31
C VAL D 199 -15.52 -43.98 44.35
N ILE D 200 -14.66 -43.29 43.59
CA ILE D 200 -15.08 -42.23 42.68
C ILE D 200 -14.80 -42.69 41.26
N LEU D 201 -15.75 -42.42 40.35
CA LEU D 201 -15.63 -42.80 38.95
C LEU D 201 -15.57 -41.54 38.09
N GLU D 202 -14.69 -41.55 37.09
CA GLU D 202 -14.52 -40.44 36.19
C GLU D 202 -14.29 -40.95 34.77
N ARG D 203 -14.10 -40.01 33.85
CA ARG D 203 -13.67 -40.37 32.50
C ARG D 203 -12.15 -40.54 32.48
N TYR D 204 -11.69 -41.55 31.75
CA TYR D 204 -10.26 -41.82 31.64
C TYR D 204 -9.79 -41.44 30.25
N VAL D 205 -8.72 -40.64 30.19
CA VAL D 205 -8.15 -40.17 28.94
C VAL D 205 -6.81 -40.86 28.74
N LYS D 206 -6.61 -41.41 27.54
CA LYS D 206 -5.36 -42.12 27.25
C LYS D 206 -4.20 -41.13 27.07
N ARG D 207 -4.47 -40.00 26.42
CA ARG D 207 -3.44 -39.02 26.12
C ARG D 207 -3.81 -37.66 26.70
N SER D 208 -2.79 -36.86 26.98
CA SER D 208 -2.98 -35.54 27.56
C SER D 208 -1.98 -34.55 26.98
N ARG D 209 -2.48 -33.36 26.63
CA ARG D 209 -1.67 -32.32 26.04
C ARG D 209 -2.29 -31.08 26.65
N HIS D 210 -1.47 -30.20 27.20
CA HIS D 210 -2.01 -29.03 27.90
C HIS D 210 -2.26 -27.81 27.03
N ILE D 211 -3.42 -27.20 27.15
CA ILE D 211 -3.70 -25.97 26.40
C ILE D 211 -4.05 -24.84 27.35
N GLU D 212 -3.76 -23.60 26.97
CA GLU D 212 -4.03 -22.45 27.84
C GLU D 212 -4.21 -21.20 27.03
N CYS D 213 -5.43 -20.72 26.87
CA CYS D 213 -5.76 -19.54 26.10
C CYS D 213 -5.57 -18.31 26.97
N GLN D 214 -5.24 -17.17 26.37
CA GLN D 214 -5.11 -15.91 27.15
C GLN D 214 -6.34 -15.00 27.00
N ILE D 215 -6.59 -14.15 28.00
CA ILE D 215 -7.76 -13.29 27.96
C ILE D 215 -7.46 -11.92 28.55
N PHE D 216 -8.27 -10.93 28.19
CA PHE D 216 -8.06 -9.56 28.66
C PHE D 216 -9.38 -8.84 28.84
N PHE D 217 -9.51 -8.04 29.89
CA PHE D 217 -10.78 -7.37 30.18
C PHE D 217 -10.58 -5.99 30.77
N ASP D 218 -11.42 -5.04 30.38
CA ASP D 218 -11.33 -3.72 30.97
C ASP D 218 -12.31 -3.72 32.10
N LYS D 219 -12.63 -2.54 32.62
CA LYS D 219 -13.63 -2.43 33.68
C LYS D 219 -14.89 -1.80 33.14
N HIS D 220 -15.03 -1.76 31.82
CA HIS D 220 -16.18 -1.11 31.23
C HIS D 220 -16.82 -2.18 30.36
N GLY D 221 -16.76 -3.43 30.80
CA GLY D 221 -17.41 -4.52 30.07
C GLY D 221 -17.02 -4.83 28.64
N ARG D 222 -15.73 -4.98 28.38
CA ARG D 222 -15.27 -5.23 27.02
C ARG D 222 -13.94 -5.94 27.07
N GLY D 223 -13.79 -7.03 26.31
CA GLY D 223 -12.57 -7.80 26.35
C GLY D 223 -12.26 -8.55 25.06
N VAL D 224 -11.12 -9.22 25.00
CA VAL D 224 -10.80 -10.01 23.82
C VAL D 224 -9.76 -11.08 24.09
N PHE D 225 -10.07 -12.32 23.72
CA PHE D 225 -9.16 -13.42 24.06
C PHE D 225 -7.96 -13.46 23.13
N PHE D 226 -6.78 -13.64 23.72
CA PHE D 226 -5.56 -13.72 22.92
C PHE D 226 -5.42 -15.13 22.35
N PHE D 227 -4.31 -15.38 21.68
CA PHE D 227 -4.11 -16.69 21.05
C PHE D 227 -3.81 -17.79 22.05
N GLU D 228 -4.07 -19.03 21.67
CA GLU D 228 -3.84 -20.18 22.54
C GLU D 228 -2.36 -20.39 22.85
N ARG D 229 -2.06 -21.45 23.60
CA ARG D 229 -0.67 -21.77 23.92
C ARG D 229 -0.58 -23.26 24.21
N ASP D 230 0.65 -23.76 24.27
CA ASP D 230 0.90 -25.16 24.58
C ASP D 230 1.98 -25.26 25.65
N CYS D 231 1.75 -26.09 26.66
CA CYS D 231 2.73 -26.41 27.69
C CYS D 231 2.87 -27.91 27.88
N SER D 232 3.00 -28.63 26.77
CA SER D 232 3.12 -30.09 26.86
C SER D 232 4.40 -30.51 27.56
N VAL D 233 5.49 -29.78 27.31
CA VAL D 233 6.80 -30.16 27.85
C VAL D 233 6.95 -29.57 29.25
N GLN D 234 7.03 -30.44 30.26
CA GLN D 234 7.32 -30.02 31.62
C GLN D 234 7.86 -31.22 32.39
N ARG D 235 8.88 -30.96 33.20
CA ARG D 235 9.50 -32.00 34.02
C ARG D 235 9.29 -31.67 35.50
N ARG D 236 8.71 -32.62 36.23
CA ARG D 236 8.46 -32.46 37.66
C ARG D 236 7.65 -31.20 37.95
N TYR D 237 6.63 -30.96 37.11
CA TYR D 237 5.76 -29.81 37.23
C TYR D 237 6.52 -28.49 37.05
N GLN D 238 7.61 -28.51 36.29
CA GLN D 238 8.38 -27.30 35.99
C GLN D 238 8.38 -27.07 34.49
N LYS D 239 8.02 -25.86 34.09
CA LYS D 239 7.95 -25.53 32.67
C LYS D 239 9.34 -25.52 32.06
N VAL D 240 9.46 -26.09 30.86
CA VAL D 240 10.75 -26.26 30.21
C VAL D 240 10.79 -25.53 28.88
N LEU D 241 9.91 -25.92 27.95
CA LEU D 241 9.84 -25.27 26.65
C LEU D 241 8.39 -25.28 26.19
N GLU D 242 7.96 -24.17 25.57
CA GLU D 242 6.56 -23.99 25.19
C GLU D 242 6.47 -23.26 23.86
N GLU D 243 5.29 -23.35 23.25
CA GLU D 243 5.03 -22.80 21.92
C GLU D 243 3.70 -22.07 21.94
N ALA D 244 3.71 -20.79 21.59
CA ALA D 244 2.45 -20.04 21.56
C ALA D 244 1.49 -20.56 20.50
N PRO D 245 1.89 -20.78 19.22
CA PRO D 245 0.97 -21.40 18.26
C PRO D 245 0.99 -22.92 18.40
N ALA D 246 -0.12 -23.43 18.92
CA ALA D 246 -0.22 -24.85 19.12
C ALA D 246 -0.17 -25.50 17.78
N PRO D 247 0.94 -26.15 17.48
CA PRO D 247 0.97 -26.71 16.14
C PRO D 247 -0.12 -27.74 16.04
N HIS D 248 -0.63 -27.98 14.83
CA HIS D 248 -1.71 -28.95 14.63
C HIS D 248 -2.99 -28.56 15.35
N LEU D 249 -3.38 -27.29 15.25
CA LEU D 249 -4.65 -26.87 15.87
C LEU D 249 -5.53 -26.15 14.84
N SER D 250 -6.70 -26.72 14.56
CA SER D 250 -7.58 -26.14 13.55
C SER D 250 -8.06 -24.75 13.94
N MET D 251 -8.22 -23.88 12.96
CA MET D 251 -8.66 -22.53 13.22
C MET D 251 -9.97 -22.50 13.94
N GLU D 252 -10.92 -23.29 13.46
CA GLU D 252 -12.26 -23.30 14.06
C GLU D 252 -12.20 -23.57 15.54
N THR D 253 -11.35 -24.49 15.94
CA THR D 253 -11.20 -24.82 17.35
C THR D 253 -10.71 -23.62 18.10
N ARG D 254 -9.69 -22.97 17.55
CA ARG D 254 -9.15 -21.78 18.19
C ARG D 254 -10.31 -20.89 18.55
N GLN D 255 -11.16 -20.60 17.57
CA GLN D 255 -12.29 -19.74 17.82
C GLN D 255 -13.08 -20.20 19.02
N ARG D 256 -13.44 -21.47 19.05
CA ARG D 256 -14.28 -22.00 20.12
C ARG D 256 -13.63 -21.95 21.49
N ILE D 257 -12.32 -22.21 21.54
CA ILE D 257 -11.62 -22.15 22.79
C ILE D 257 -11.94 -20.81 23.43
N GLY D 258 -12.05 -19.78 22.60
CA GLY D 258 -12.38 -18.47 23.10
C GLY D 258 -13.77 -18.37 23.71
N GLU D 259 -14.78 -18.90 23.02
CA GLU D 259 -16.14 -18.75 23.53
C GLU D 259 -16.29 -19.40 24.90
N VAL D 260 -15.67 -20.56 25.08
CA VAL D 260 -15.69 -21.22 26.38
C VAL D 260 -14.95 -20.39 27.42
N ALA D 261 -13.79 -19.87 27.06
CA ALA D 261 -12.98 -19.11 28.02
C ALA D 261 -13.70 -17.83 28.45
N LEU D 262 -14.31 -17.11 27.52
CA LEU D 262 -14.99 -15.87 27.85
C LEU D 262 -16.18 -16.11 28.78
N GLN D 263 -16.88 -17.23 28.59
CA GLN D 263 -18.02 -17.55 29.45
C GLN D 263 -17.59 -17.67 30.90
N ALA D 264 -16.49 -18.39 31.14
CA ALA D 264 -16.03 -18.61 32.52
C ALA D 264 -15.59 -17.30 33.17
N ALA D 265 -14.82 -16.50 32.45
CA ALA D 265 -14.32 -15.24 33.02
C ALA D 265 -15.46 -14.27 33.30
N LYS D 266 -16.44 -14.19 32.40
CA LYS D 266 -17.60 -13.33 32.65
C LYS D 266 -18.39 -13.80 33.86
N ALA D 267 -18.53 -15.13 34.02
CA ALA D 267 -19.34 -15.65 35.11
C ALA D 267 -18.78 -15.25 36.47
N VAL D 268 -17.46 -15.39 36.64
CA VAL D 268 -16.85 -14.95 37.88
C VAL D 268 -16.62 -13.45 37.91
N GLY D 269 -16.67 -12.79 36.75
CA GLY D 269 -16.32 -11.38 36.66
C GLY D 269 -14.82 -11.24 36.67
N TYR D 270 -14.26 -10.45 35.76
CA TYR D 270 -12.82 -10.40 35.66
C TYR D 270 -12.40 -9.07 35.05
N VAL D 271 -11.25 -8.56 35.50
CA VAL D 271 -10.66 -7.33 34.96
C VAL D 271 -9.17 -7.56 34.85
N GLY D 272 -8.58 -7.11 33.74
CA GLY D 272 -7.15 -7.27 33.54
C GLY D 272 -6.80 -8.41 32.61
N ALA D 273 -5.63 -9.00 32.80
CA ALA D 273 -5.14 -10.07 31.95
C ALA D 273 -5.08 -11.38 32.72
N GLY D 274 -5.41 -12.48 32.04
CA GLY D 274 -5.43 -13.78 32.67
C GLY D 274 -5.33 -14.89 31.64
N THR D 275 -5.29 -16.12 32.15
CA THR D 275 -5.11 -17.29 31.32
C THR D 275 -5.97 -18.44 31.83
N VAL D 276 -6.70 -19.07 30.91
CA VAL D 276 -7.47 -20.28 31.19
C VAL D 276 -6.68 -21.47 30.66
N GLU D 277 -6.54 -22.50 31.50
CA GLU D 277 -5.82 -23.71 31.12
C GLU D 277 -6.81 -24.85 30.90
N PHE D 278 -6.59 -25.62 29.84
CA PHE D 278 -7.39 -26.81 29.55
C PHE D 278 -6.52 -28.05 29.61
N ILE D 279 -7.17 -29.19 29.47
CA ILE D 279 -6.53 -30.48 29.28
C ILE D 279 -7.24 -31.17 28.12
N PHE D 280 -6.47 -31.80 27.24
CA PHE D 280 -6.98 -32.24 25.95
C PHE D 280 -6.47 -33.65 25.63
N ASP D 281 -7.36 -34.46 25.06
CA ASP D 281 -7.00 -35.80 24.57
C ASP D 281 -7.24 -35.83 23.07
N THR D 282 -6.21 -36.25 22.32
CA THR D 282 -6.34 -36.33 20.87
C THR D 282 -7.36 -37.38 20.45
N SER D 283 -7.38 -38.52 21.14
CA SER D 283 -8.29 -39.60 20.76
C SER D 283 -9.75 -39.17 20.91
N THR D 284 -10.08 -38.52 22.03
CA THR D 284 -11.44 -38.04 22.21
C THR D 284 -11.73 -36.86 21.29
N GLY D 285 -10.74 -35.99 21.10
CA GLY D 285 -10.92 -34.79 20.31
C GLY D 285 -11.61 -33.65 21.02
N GLU D 286 -11.87 -33.78 22.32
CA GLU D 286 -12.53 -32.73 23.10
C GLU D 286 -11.61 -32.24 24.19
N PHE D 287 -11.83 -31.00 24.59
CA PHE D 287 -11.07 -30.36 25.66
C PHE D 287 -11.95 -30.26 26.91
N TYR D 288 -11.36 -30.53 28.05
CA TYR D 288 -12.05 -30.42 29.33
C TYR D 288 -11.29 -29.49 30.25
N PHE D 289 -12.03 -28.67 30.99
CA PHE D 289 -11.43 -27.68 31.85
C PHE D 289 -10.65 -28.34 32.98
N MET D 290 -9.46 -27.82 33.26
CA MET D 290 -8.67 -28.27 34.40
C MET D 290 -8.48 -27.17 35.43
N GLU D 291 -7.91 -26.04 35.05
CA GLU D 291 -7.67 -24.96 36.00
C GLU D 291 -7.51 -23.65 35.26
N MET D 292 -7.64 -22.56 36.01
CA MET D 292 -7.40 -21.20 35.51
C MET D 292 -6.52 -20.48 36.52
N ASN D 293 -5.76 -19.49 36.06
CA ASN D 293 -4.94 -18.65 36.92
C ASN D 293 -5.36 -17.20 36.76
N THR D 294 -5.65 -16.53 37.88
CA THR D 294 -6.00 -15.12 37.87
C THR D 294 -4.76 -14.28 38.17
N ARG D 295 -3.82 -14.33 37.23
CA ARG D 295 -2.51 -13.70 37.38
C ARG D 295 -1.79 -13.75 36.05
N LEU D 296 -1.01 -12.71 35.77
CA LEU D 296 -0.18 -12.71 34.58
C LEU D 296 0.84 -13.85 34.64
N GLN D 297 0.96 -14.58 33.54
CA GLN D 297 1.89 -15.70 33.50
C GLN D 297 3.30 -15.20 33.24
N VAL D 298 4.24 -16.15 33.19
CA VAL D 298 5.63 -15.86 32.86
C VAL D 298 5.77 -15.96 31.35
N GLU D 299 4.83 -16.68 30.72
CA GLU D 299 4.88 -16.96 29.30
C GLU D 299 4.20 -15.89 28.46
N HIS D 300 3.94 -14.72 29.02
CA HIS D 300 3.30 -13.65 28.27
C HIS D 300 4.08 -13.21 27.03
N PRO D 301 5.40 -12.99 27.06
CA PRO D 301 6.05 -12.48 25.85
C PRO D 301 6.06 -13.49 24.72
N VAL D 302 5.85 -14.76 25.04
CA VAL D 302 5.84 -15.81 24.02
C VAL D 302 4.64 -15.67 23.11
N THR D 303 3.44 -15.66 23.70
CA THR D 303 2.23 -15.56 22.90
C THR D 303 2.20 -14.26 22.11
N GLU D 304 2.94 -13.26 22.57
CA GLU D 304 2.96 -11.97 21.89
C GLU D 304 3.50 -12.09 20.46
N GLU D 305 4.50 -12.95 20.25
CA GLU D 305 5.11 -13.07 18.93
C GLU D 305 4.14 -13.61 17.87
N VAL D 306 3.01 -14.16 18.31
CA VAL D 306 2.06 -14.73 17.37
C VAL D 306 0.73 -13.96 17.37
N CYS D 307 0.78 -12.67 17.71
CA CYS D 307 -0.44 -11.87 17.69
C CYS D 307 -0.17 -10.38 17.45
N ARG D 308 -0.87 -9.80 16.49
CA ARG D 308 -0.73 -8.36 16.21
C ARG D 308 -2.10 -7.71 16.22
N ILE D 309 -2.19 -6.50 16.77
CA ILE D 309 -3.49 -5.86 16.87
C ILE D 309 -3.49 -4.62 15.99
N LYS D 310 -4.40 -4.55 15.02
CA LYS D 310 -4.42 -3.43 14.07
C LYS D 310 -3.08 -3.29 13.40
N GLY D 311 -2.46 -4.40 13.08
CA GLY D 311 -1.20 -4.35 12.37
C GLY D 311 -0.02 -3.83 13.17
N ALA D 312 -0.21 -3.58 14.46
CA ALA D 312 0.82 -2.98 15.29
C ALA D 312 1.32 -4.00 16.31
N PRO D 313 2.56 -3.89 16.78
CA PRO D 313 3.03 -4.80 17.83
C PRO D 313 2.19 -4.67 19.09
N LEU D 314 1.96 -5.81 19.73
CA LEU D 314 1.17 -5.85 20.95
C LEU D 314 2.08 -5.83 22.18
N ASP D 315 1.70 -5.05 23.19
CA ASP D 315 2.38 -5.06 24.47
C ASP D 315 1.36 -5.41 25.54
N LEU D 316 1.52 -6.58 26.17
CA LEU D 316 0.56 -7.07 27.15
C LEU D 316 0.55 -6.24 28.43
N VAL D 317 1.73 -5.85 28.91
CA VAL D 317 1.80 -5.07 30.16
C VAL D 317 1.23 -3.68 29.95
N LYS D 318 1.38 -3.14 28.74
CA LYS D 318 0.89 -1.82 28.44
C LYS D 318 -0.57 -1.72 28.70
N LEU D 319 -1.32 -2.65 28.13
CA LEU D 319 -2.77 -2.64 28.28
C LEU D 319 -3.17 -2.73 29.74
N GLN D 320 -2.45 -3.54 30.52
CA GLN D 320 -2.79 -3.72 31.93
C GLN D 320 -2.69 -2.41 32.69
N ILE D 321 -1.70 -1.57 32.35
CA ILE D 321 -1.67 -0.22 32.91
C ILE D 321 -2.83 0.61 32.37
N LYS D 322 -3.10 0.49 31.06
CA LYS D 322 -4.22 1.20 30.49
C LYS D 322 -5.55 0.69 31.04
N THR D 323 -5.64 -0.60 31.33
CA THR D 323 -6.81 -1.12 32.01
C THR D 323 -6.96 -0.48 33.38
N ALA D 324 -5.85 -0.36 34.11
CA ALA D 324 -5.89 0.32 35.40
C ALA D 324 -6.23 1.80 35.23
N MET D 325 -5.89 2.38 34.08
CA MET D 325 -6.22 3.77 33.81
C MET D 325 -7.73 4.02 33.82
N GLY D 326 -8.53 3.00 33.52
CA GLY D 326 -9.96 3.17 33.36
C GLY D 326 -10.41 3.43 31.94
N LYS D 327 -9.48 3.64 31.01
CA LYS D 327 -9.85 3.82 29.63
C LYS D 327 -10.42 2.52 29.06
N PRO D 328 -11.38 2.64 28.12
CA PRO D 328 -11.91 1.43 27.51
C PRO D 328 -11.06 0.99 26.35
N LEU D 329 -11.30 -0.21 25.82
CA LEU D 329 -10.47 -0.75 24.75
C LEU D 329 -10.64 0.00 23.43
N THR D 330 -9.91 -0.42 22.42
CA THR D 330 -10.01 0.23 21.14
C THR D 330 -10.22 -0.80 20.06
N PHE D 331 -10.12 -2.07 20.40
CA PHE D 331 -10.22 -3.11 19.38
C PHE D 331 -11.16 -4.26 19.73
N SER D 332 -11.77 -4.85 18.71
CA SER D 332 -12.61 -6.02 18.96
C SER D 332 -11.71 -7.23 18.93
N GLN D 333 -12.28 -8.42 19.07
CA GLN D 333 -11.48 -9.63 18.99
C GLN D 333 -10.90 -9.73 17.58
N GLU D 334 -11.56 -9.10 16.62
CA GLU D 334 -11.12 -9.19 15.22
C GLU D 334 -9.79 -8.53 14.91
N ASP D 335 -9.56 -7.30 15.37
CA ASP D 335 -8.35 -6.61 14.97
C ASP D 335 -7.09 -7.42 15.20
N VAL D 336 -7.17 -8.46 16.02
CA VAL D 336 -5.98 -9.23 16.35
C VAL D 336 -5.76 -10.37 15.38
N THR D 337 -4.61 -10.41 14.75
CA THR D 337 -4.30 -11.51 13.85
C THR D 337 -2.95 -12.16 14.14
N LEU D 338 -2.85 -13.47 14.00
CA LEU D 338 -1.58 -14.15 14.20
C LEU D 338 -0.68 -14.09 12.96
N VAL D 339 0.63 -14.11 13.16
CA VAL D 339 1.56 -14.06 12.05
C VAL D 339 2.80 -14.83 12.43
N GLY D 340 2.99 -16.00 11.83
CA GLY D 340 4.19 -16.76 12.09
C GLY D 340 4.13 -17.61 13.35
N SER D 341 5.29 -18.13 13.73
CA SER D 341 5.42 -19.07 14.84
C SER D 341 6.61 -18.67 15.70
N CYS D 342 6.60 -19.12 16.96
CA CYS D 342 7.68 -18.85 17.91
C CYS D 342 7.79 -19.97 18.92
N ILE D 343 8.99 -20.16 19.48
CA ILE D 343 9.27 -21.17 20.49
C ILE D 343 10.04 -20.51 21.63
N GLU D 344 9.93 -21.07 22.83
CA GLU D 344 10.58 -20.54 24.02
C GLU D 344 11.26 -21.66 24.80
N ALA D 345 12.32 -21.31 25.52
CA ALA D 345 12.98 -22.23 26.44
C ALA D 345 13.53 -21.45 27.63
N ARG D 346 13.51 -22.09 28.80
CA ARG D 346 14.00 -21.50 30.04
C ARG D 346 15.32 -22.14 30.43
N VAL D 347 16.27 -21.33 30.88
CA VAL D 347 17.55 -21.81 31.36
C VAL D 347 17.58 -21.70 32.88
N TYR D 348 17.96 -22.79 33.54
CA TYR D 348 17.95 -22.87 35.00
C TYR D 348 19.37 -23.14 35.49
N ALA D 349 19.78 -22.39 36.51
CA ALA D 349 21.10 -22.55 37.11
C ALA D 349 21.11 -23.80 37.99
N GLU D 350 20.97 -24.95 37.33
CA GLU D 350 20.99 -26.23 38.01
C GLU D 350 21.94 -27.17 37.28
N SER D 351 22.20 -28.31 37.89
CA SER D 351 23.12 -29.27 37.31
C SER D 351 22.35 -30.44 36.82
N PRO D 352 22.37 -30.65 35.51
CA PRO D 352 21.64 -31.77 34.94
C PRO D 352 22.18 -33.11 35.43
N GLU D 353 23.49 -33.27 35.59
CA GLU D 353 23.96 -34.56 36.06
C GLU D 353 23.47 -34.88 37.45
N ARG D 354 23.31 -33.86 38.27
CA ARG D 354 22.84 -34.07 39.63
C ARG D 354 21.32 -34.07 39.70
N GLY D 355 20.79 -34.11 40.91
CA GLY D 355 19.35 -34.12 41.12
C GLY D 355 18.71 -32.76 40.89
N PHE D 356 19.06 -32.12 39.77
CA PHE D 356 18.60 -30.78 39.41
C PHE D 356 18.55 -29.84 40.61
N LEU D 357 19.65 -29.86 41.38
CA LEU D 357 19.80 -29.06 42.59
C LEU D 357 20.38 -27.69 42.26
N PRO D 358 19.75 -26.61 42.72
CA PRO D 358 20.27 -25.28 42.42
C PRO D 358 21.66 -25.07 43.00
N GLU D 359 22.46 -24.25 42.31
CA GLU D 359 23.79 -23.89 42.75
C GLU D 359 23.94 -22.38 42.76
N SER D 360 24.68 -21.88 43.74
CA SER D 360 24.91 -20.45 43.90
C SER D 360 26.40 -20.17 43.74
N GLY D 361 26.72 -19.19 42.90
CA GLY D 361 28.09 -18.82 42.65
C GLY D 361 28.19 -17.57 41.81
N PRO D 362 29.34 -16.90 41.85
CA PRO D 362 29.51 -15.67 41.06
C PRO D 362 29.46 -15.98 39.58
N LEU D 363 29.01 -14.99 38.80
CA LEU D 363 28.90 -15.14 37.36
C LEU D 363 30.17 -14.61 36.72
N THR D 364 31.01 -15.51 36.22
CA THR D 364 32.31 -15.12 35.68
C THR D 364 32.20 -14.48 34.30
N PHE D 365 31.81 -15.25 33.28
CA PHE D 365 31.67 -14.69 31.94
C PHE D 365 30.35 -15.13 31.34
N ILE D 366 29.63 -14.18 30.77
CA ILE D 366 28.28 -14.40 30.24
C ILE D 366 28.31 -13.96 28.79
N ARG D 367 28.30 -14.92 27.86
CA ARG D 367 28.13 -14.60 26.46
C ARG D 367 26.69 -14.18 26.19
N GLU D 368 26.52 -13.20 25.32
CA GLU D 368 25.20 -12.73 24.96
C GLU D 368 24.90 -13.03 23.51
N PRO D 369 23.90 -13.85 23.23
CA PRO D 369 23.56 -14.16 21.83
C PRO D 369 23.10 -12.92 21.09
N PHE D 370 23.34 -12.92 19.79
CA PHE D 370 22.90 -11.82 18.93
C PHE D 370 21.38 -11.69 19.01
N GLN D 371 20.93 -10.59 19.59
CA GLN D 371 19.50 -10.35 19.83
C GLN D 371 18.87 -9.54 18.69
N GLY D 372 19.49 -9.61 17.53
CA GLY D 372 18.99 -8.87 16.38
C GLY D 372 18.37 -9.69 15.28
N VAL D 373 17.67 -9.03 14.35
CA VAL D 373 16.99 -9.73 13.28
C VAL D 373 17.90 -10.10 12.16
N ARG D 374 17.73 -11.31 11.63
CA ARG D 374 18.51 -11.71 10.47
C ARG D 374 17.86 -12.93 9.87
N GLY D 375 17.95 -13.07 8.56
CA GLY D 375 17.32 -14.17 7.88
C GLY D 375 15.83 -14.10 8.08
N PRO D 376 15.17 -15.25 8.08
CA PRO D 376 13.73 -15.29 8.30
C PRO D 376 13.36 -15.58 9.73
N ALA D 377 13.87 -14.80 10.68
CA ALA D 377 13.62 -15.11 12.08
C ALA D 377 14.00 -14.03 13.06
N ARG D 378 13.23 -13.93 14.15
CA ARG D 378 13.62 -12.99 15.18
C ARG D 378 13.96 -13.75 16.45
N THR D 379 15.10 -13.43 17.04
CA THR D 379 15.56 -14.10 18.25
C THR D 379 15.88 -13.03 19.29
N ARG D 380 15.37 -13.23 20.50
CA ARG D 380 15.59 -12.29 21.58
C ARG D 380 15.97 -13.05 22.84
N LEU D 381 16.65 -12.34 23.74
CA LEU D 381 17.02 -12.88 25.04
C LEU D 381 16.68 -11.85 26.11
N ASP D 382 16.03 -12.31 27.17
CA ASP D 382 15.75 -11.49 28.33
C ASP D 382 16.38 -12.13 29.55
N THR D 383 17.30 -11.42 30.20
CA THR D 383 18.00 -11.95 31.36
C THR D 383 17.86 -10.99 32.53
N GLY D 384 17.68 -11.55 33.71
CA GLY D 384 17.55 -10.76 34.92
C GLY D 384 18.86 -10.65 35.68
N PHE D 385 19.95 -11.09 35.06
CA PHE D 385 21.28 -11.03 35.64
C PHE D 385 22.26 -10.57 34.59
N ARG D 386 23.39 -10.03 35.05
CA ARG D 386 24.44 -9.54 34.18
C ARG D 386 25.79 -9.97 34.72
N GLU D 387 26.85 -9.46 34.11
CA GLU D 387 28.20 -9.78 34.55
C GLU D 387 28.45 -9.22 35.94
N GLY D 388 29.24 -9.96 36.72
CA GLY D 388 29.55 -9.55 38.07
C GLY D 388 28.49 -9.86 39.09
N ASP D 389 27.36 -10.42 38.68
CA ASP D 389 26.29 -10.75 39.61
C ASP D 389 26.50 -12.15 40.18
N ASN D 390 25.78 -12.43 41.27
CA ASN D 390 25.88 -13.71 41.94
C ASN D 390 24.48 -14.26 42.21
N VAL D 391 24.32 -15.57 42.00
CA VAL D 391 23.02 -16.20 42.18
C VAL D 391 22.74 -16.40 43.66
N LEU D 392 21.51 -16.09 44.07
CA LEU D 392 21.07 -16.27 45.44
C LEU D 392 20.34 -17.59 45.57
N ILE D 393 20.67 -18.35 46.63
CA ILE D 393 20.05 -19.66 46.82
C ILE D 393 18.58 -19.52 47.21
N HIS D 394 18.23 -18.42 47.89
CA HIS D 394 16.85 -18.22 48.31
C HIS D 394 15.93 -18.12 47.11
N TYR D 395 16.36 -17.43 46.06
CA TYR D 395 15.54 -17.31 44.86
C TYR D 395 15.59 -18.59 44.06
N ASP D 396 14.64 -18.72 43.13
CA ASP D 396 14.66 -19.86 42.22
C ASP D 396 15.79 -19.71 41.22
N PRO D 397 16.35 -20.82 40.71
CA PRO D 397 17.39 -20.69 39.67
C PRO D 397 16.80 -20.33 38.32
N MET D 398 16.94 -19.08 37.90
CA MET D 398 16.34 -18.62 36.65
C MET D 398 17.24 -17.53 36.08
N LEU D 399 17.87 -17.82 34.94
CA LEU D 399 18.83 -16.90 34.34
C LEU D 399 18.19 -16.04 33.26
N ALA D 400 17.64 -16.66 32.23
CA ALA D 400 17.20 -15.92 31.06
C ALA D 400 16.16 -16.73 30.30
N LYS D 401 15.49 -16.05 29.37
CA LYS D 401 14.50 -16.68 28.49
C LYS D 401 14.88 -16.33 27.05
N VAL D 402 14.85 -17.33 26.18
CA VAL D 402 15.19 -17.16 24.77
C VAL D 402 13.98 -17.55 23.93
N ILE D 403 13.61 -16.67 22.99
CA ILE D 403 12.43 -16.84 22.15
C ILE D 403 12.83 -16.60 20.71
N SER D 404 12.37 -17.49 19.81
CA SER D 404 12.70 -17.41 18.39
C SER D 404 11.42 -17.28 17.58
N TRP D 405 11.00 -16.04 17.33
CA TRP D 405 9.90 -15.78 16.42
C TRP D 405 10.32 -16.04 14.97
N GLY D 406 9.37 -16.53 14.17
CA GLY D 406 9.64 -16.81 12.78
C GLY D 406 8.37 -16.82 11.97
N ARG D 407 8.54 -16.78 10.65
CA ARG D 407 7.40 -16.90 9.74
C ARG D 407 6.90 -18.33 9.64
N SER D 408 7.76 -19.32 9.88
CA SER D 408 7.35 -20.71 9.93
C SER D 408 8.00 -21.37 11.14
N ARG D 409 7.39 -22.45 11.57
CA ARG D 409 7.89 -23.19 12.73
C ARG D 409 9.32 -23.59 12.54
N GLU D 410 9.63 -24.10 11.35
CA GLU D 410 10.96 -24.58 11.10
C GLU D 410 11.96 -23.48 11.39
N GLU D 411 11.73 -22.32 10.83
CA GLU D 411 12.64 -21.21 11.03
C GLU D 411 12.83 -20.96 12.49
N ALA D 412 11.74 -20.94 13.23
CA ALA D 412 11.82 -20.67 14.66
C ALA D 412 12.66 -21.73 15.36
N LEU D 413 12.36 -23.01 15.15
CA LEU D 413 13.10 -24.04 15.86
C LEU D 413 14.57 -24.00 15.48
N ARG D 414 14.85 -23.81 14.19
CA ARG D 414 16.22 -23.80 13.75
C ARG D 414 16.94 -22.64 14.37
N GLY D 415 16.26 -21.50 14.46
CA GLY D 415 16.89 -20.34 15.03
C GLY D 415 17.34 -20.61 16.42
N LEU D 416 16.46 -21.14 17.25
CA LEU D 416 16.82 -21.37 18.62
C LEU D 416 18.05 -22.20 18.67
N ARG D 417 18.05 -23.32 17.97
CA ARG D 417 19.18 -24.23 18.04
C ARG D 417 20.46 -23.44 18.07
N GLN D 418 20.68 -22.61 17.06
CA GLN D 418 21.92 -21.88 16.98
C GLN D 418 22.08 -20.92 18.16
N ALA D 419 21.01 -20.23 18.53
CA ALA D 419 21.12 -19.31 19.64
C ALA D 419 21.43 -20.08 20.91
N LEU D 420 20.68 -21.14 21.18
CA LEU D 420 20.90 -21.86 22.43
C LEU D 420 22.33 -22.25 22.47
N GLY D 421 22.86 -22.68 21.35
CA GLY D 421 24.26 -23.02 21.31
C GLY D 421 25.14 -21.83 21.64
N GLU D 422 24.89 -20.67 21.04
CA GLU D 422 25.76 -19.51 21.22
C GLU D 422 25.88 -18.94 22.64
N TYR D 423 24.77 -18.82 23.34
CA TYR D 423 24.78 -18.26 24.71
C TYR D 423 25.67 -19.11 25.59
N LYS D 424 26.55 -18.46 26.35
CA LYS D 424 27.50 -19.18 27.17
C LYS D 424 27.64 -18.55 28.53
N VAL D 425 27.69 -19.37 29.57
CA VAL D 425 27.89 -18.86 30.90
C VAL D 425 28.98 -19.69 31.54
N ALA D 426 29.86 -19.03 32.29
CA ALA D 426 30.89 -19.77 32.99
C ALA D 426 30.79 -19.53 34.47
N GLY D 427 30.89 -20.58 35.25
CA GLY D 427 30.87 -20.43 36.70
C GLY D 427 29.94 -21.39 37.40
N ILE D 428 28.77 -21.67 36.81
CA ILE D 428 27.82 -22.62 37.36
C ILE D 428 27.30 -23.51 36.24
N ASN D 429 27.19 -24.79 36.54
CA ASN D 429 26.61 -25.74 35.60
C ASN D 429 25.15 -25.38 35.32
N THR D 430 24.75 -25.55 34.07
CA THR D 430 23.40 -25.21 33.64
C THR D 430 22.82 -26.38 32.85
N ASN D 431 21.52 -26.30 32.56
CA ASN D 431 20.81 -27.33 31.83
C ASN D 431 20.75 -27.01 30.33
N ILE D 432 21.57 -26.04 29.90
CA ILE D 432 21.54 -25.61 28.50
C ILE D 432 21.90 -26.76 27.57
N GLU D 433 22.83 -27.62 28.01
CA GLU D 433 23.14 -28.82 27.23
C GLU D 433 21.94 -29.75 27.13
N PHE D 434 21.17 -29.86 28.21
CA PHE D 434 19.98 -30.70 28.19
C PHE D 434 18.97 -30.21 27.16
N LEU D 435 18.71 -28.90 27.13
CA LEU D 435 17.69 -28.37 26.24
C LEU D 435 18.05 -28.61 24.78
N LYS D 436 19.32 -28.44 24.43
CA LYS D 436 19.77 -28.71 23.07
C LYS D 436 19.60 -30.18 22.73
N ARG D 437 19.91 -31.07 23.68
CA ARG D 437 19.67 -32.49 23.47
C ARG D 437 18.19 -32.78 23.33
N CYS D 438 17.34 -32.00 24.01
CA CYS D 438 15.90 -32.15 23.86
C CYS D 438 15.42 -31.69 22.49
N CYS D 439 16.23 -30.91 21.78
CA CYS D 439 15.80 -30.33 20.52
C CYS D 439 16.35 -31.06 19.29
N GLU D 440 17.52 -31.68 19.40
CA GLU D 440 18.14 -32.29 18.22
C GLU D 440 17.56 -33.67 17.94
N THR D 441 17.84 -34.64 18.81
CA THR D 441 17.46 -36.02 18.52
C THR D 441 15.96 -36.25 18.57
N PRO D 442 15.22 -35.80 19.60
CA PRO D 442 13.78 -36.06 19.61
C PRO D 442 13.11 -35.48 18.38
N GLU D 443 12.32 -36.32 17.71
CA GLU D 443 11.59 -35.89 16.52
C GLU D 443 10.30 -35.22 16.93
N PHE D 444 10.39 -34.21 17.78
CA PHE D 444 9.25 -33.39 18.15
C PHE D 444 9.08 -32.20 17.22
N ALA D 445 9.95 -32.07 16.21
CA ALA D 445 9.74 -31.09 15.16
C ALA D 445 8.42 -31.31 14.43
N ARG D 446 7.89 -32.53 14.49
CA ARG D 446 6.57 -32.80 13.94
C ARG D 446 5.51 -31.97 14.64
N GLY D 447 5.61 -31.83 15.96
CA GLY D 447 4.70 -30.99 16.72
C GLY D 447 3.79 -31.73 17.67
N GLY D 448 3.85 -33.05 17.73
CA GLY D 448 3.00 -33.79 18.64
C GLY D 448 3.73 -34.35 19.84
N VAL D 449 3.58 -33.70 20.99
CA VAL D 449 4.22 -34.12 22.24
C VAL D 449 3.17 -34.12 23.34
N THR D 450 3.18 -35.17 24.16
CA THR D 450 2.22 -35.31 25.23
C THR D 450 2.74 -34.69 26.52
N THR D 451 1.89 -34.70 27.55
CA THR D 451 2.28 -34.14 28.84
C THR D 451 3.45 -34.91 29.44
N ASN D 452 3.42 -36.24 29.30
CA ASN D 452 4.50 -37.10 29.79
C ASN D 452 5.59 -37.32 28.76
N PHE D 453 5.72 -36.43 27.77
CA PHE D 453 6.71 -36.62 26.70
C PHE D 453 8.13 -36.74 27.24
N ILE D 454 8.43 -36.02 28.33
CA ILE D 454 9.78 -36.05 28.86
C ILE D 454 10.10 -37.39 29.49
N SER D 455 9.10 -38.07 30.03
CA SER D 455 9.33 -39.26 30.85
C SER D 455 9.97 -40.40 30.05
N GLU D 456 9.47 -40.64 28.83
CA GLU D 456 9.92 -41.83 28.10
C GLU D 456 11.31 -41.67 27.51
N HIS D 457 11.70 -40.45 27.12
CA HIS D 457 12.97 -40.25 26.44
C HIS D 457 14.11 -39.89 27.39
N GLU D 458 13.98 -40.23 28.67
CA GLU D 458 15.02 -39.88 29.63
C GLU D 458 16.31 -40.66 29.38
N SER D 459 16.19 -41.84 28.78
CA SER D 459 17.38 -42.62 28.45
C SER D 459 18.15 -41.91 27.35
N GLN D 460 17.44 -41.45 26.34
CA GLN D 460 18.08 -40.78 25.22
C GLN D 460 18.77 -39.49 25.66
N LEU D 461 18.15 -38.76 26.57
CA LEU D 461 18.70 -37.48 26.99
C LEU D 461 19.75 -37.60 28.08
N LEU D 462 20.00 -36.51 28.80
CA LEU D 462 21.00 -36.49 29.86
C LEU D 462 22.37 -36.91 29.32
N LYS D 463 22.65 -36.53 28.08
CA LYS D 463 23.88 -36.92 27.38
C LYS D 463 24.64 -35.68 26.94
N SER D 464 25.95 -35.70 27.14
CA SER D 464 26.84 -34.59 26.87
C SER D 464 28.03 -35.06 26.05
N PRO D 465 28.70 -34.16 25.34
CA PRO D 465 29.87 -34.56 24.55
C PRO D 465 30.99 -35.11 25.42
N VAL D 466 31.75 -36.03 24.83
CA VAL D 466 32.85 -36.70 25.50
C VAL D 466 34.07 -35.80 25.49
N VAL D 467 34.70 -35.64 26.66
CA VAL D 467 35.90 -34.82 26.75
C VAL D 467 37.05 -35.52 26.05
N THR D 468 37.43 -35.02 24.88
CA THR D 468 38.52 -35.58 24.11
C THR D 468 39.85 -35.31 24.81
N PRO D 469 40.86 -36.16 24.60
CA PRO D 469 42.16 -35.92 25.23
C PRO D 469 42.77 -34.58 24.88
N GLU D 470 42.41 -34.01 23.73
CA GLU D 470 42.89 -32.68 23.37
C GLU D 470 42.35 -31.62 24.32
N VAL D 471 41.08 -31.71 24.71
CA VAL D 471 40.49 -30.70 25.58
C VAL D 471 41.31 -30.55 26.85
N ALA D 472 41.80 -31.66 27.40
CA ALA D 472 42.66 -31.59 28.57
C ALA D 472 43.92 -30.78 28.29
N ALA D 473 44.43 -30.84 27.06
CA ALA D 473 45.67 -30.14 26.74
C ALA D 473 45.52 -28.63 26.86
N MET D 474 44.48 -28.08 26.25
CA MET D 474 44.24 -26.64 26.37
C MET D 474 43.82 -26.26 27.79
N ALA D 475 42.98 -27.08 28.42
CA ALA D 475 42.54 -26.78 29.79
C ALA D 475 43.72 -26.83 30.76
N ALA D 476 44.56 -27.86 30.65
CA ALA D 476 45.71 -27.95 31.55
C ALA D 476 46.67 -26.80 31.35
N THR D 477 46.94 -26.44 30.09
CA THR D 477 47.90 -25.39 29.81
C THR D 477 47.43 -24.06 30.40
N ALA D 478 46.14 -23.78 30.30
CA ALA D 478 45.62 -22.49 30.74
C ALA D 478 45.82 -22.28 32.23
N TRP D 479 45.65 -23.34 33.03
CA TRP D 479 45.76 -23.20 34.48
C TRP D 479 47.17 -22.77 34.88
N LEU D 480 48.17 -23.32 34.24
CA LEU D 480 49.51 -22.89 34.56
C LEU D 480 49.62 -21.44 34.15
N LEU D 481 49.65 -21.19 32.85
CA LEU D 481 49.86 -19.83 32.37
C LEU D 481 48.93 -18.84 33.00
N ASN D 482 47.72 -19.25 33.33
CA ASN D 482 46.79 -18.27 33.86
C ASN D 482 46.97 -18.25 35.36
N ARG D 483 48.15 -18.62 35.80
CA ARG D 483 48.42 -18.54 37.22
C ARG D 483 49.83 -18.01 37.41
N CYS D 484 50.75 -18.37 36.52
CA CYS D 484 52.13 -17.96 36.72
C CYS D 484 52.97 -17.97 35.46
N ASP D 485 54.29 -17.90 35.63
CA ASP D 485 55.19 -17.90 34.48
C ASP D 485 55.71 -19.30 34.19
N ASN D 486 54.92 -20.32 34.49
CA ASN D 486 55.33 -21.66 34.14
C ASN D 486 55.71 -21.66 32.68
N TRP D 487 56.81 -22.30 32.32
CA TRP D 487 57.17 -22.39 30.91
C TRP D 487 57.54 -21.02 30.37
N ARG D 488 57.76 -20.06 31.26
CA ARG D 488 58.17 -18.73 30.85
C ARG D 488 59.51 -18.41 31.47
N GLY D 489 60.55 -18.31 30.64
CA GLY D 489 61.88 -18.04 31.15
C GLY D 489 62.50 -19.27 31.79
N ALA D 490 61.81 -20.41 31.69
CA ALA D 490 62.33 -21.64 32.27
C ALA D 490 63.63 -22.07 31.61
N PHE D 491 64.51 -22.70 32.37
CA PHE D 491 65.80 -23.13 31.83
C PHE D 491 66.47 -24.18 32.71
N ARG D 492 67.02 -25.21 32.09
CA ARG D 492 67.77 -26.22 32.84
C ARG D 492 69.06 -26.52 32.11
N LEU D 493 69.83 -27.51 32.56
CA LEU D 493 71.12 -27.80 31.93
C LEU D 493 71.14 -29.15 31.22
N ASN D 494 71.59 -29.14 29.97
CA ASN D 494 71.70 -30.39 29.21
C ASN D 494 70.48 -31.28 29.37
N SER D 495 69.32 -30.67 29.66
CA SER D 495 68.10 -31.44 29.83
C SER D 495 66.93 -30.71 29.18
N ASP D 496 65.72 -31.08 29.53
CA ASP D 496 64.55 -30.41 29.01
C ASP D 496 63.51 -30.24 30.10
N THR D 497 62.59 -29.32 29.92
CA THR D 497 61.63 -29.03 30.98
C THR D 497 60.53 -30.06 31.16
N ASN D 498 59.85 -30.04 32.29
CA ASN D 498 58.70 -30.92 32.51
C ASN D 498 57.83 -30.31 33.60
N ALA D 499 56.52 -30.36 33.38
CA ALA D 499 55.54 -29.92 34.37
C ALA D 499 54.23 -30.65 34.12
N THR D 500 53.58 -31.04 35.21
CA THR D 500 52.43 -31.93 35.14
C THR D 500 51.25 -31.34 35.88
N VAL D 501 50.06 -31.71 35.44
CA VAL D 501 48.80 -31.28 36.04
C VAL D 501 47.95 -32.51 36.30
N HIS D 502 47.30 -32.55 37.45
CA HIS D 502 46.41 -33.65 37.81
C HIS D 502 44.96 -33.18 37.78
N PHE D 503 44.13 -33.85 36.99
CA PHE D 503 42.72 -33.57 36.87
C PHE D 503 41.91 -34.69 37.53
N TYR D 504 40.91 -34.30 38.32
CA TYR D 504 40.02 -35.29 38.94
C TYR D 504 38.73 -35.41 38.11
N ILE D 505 38.89 -35.94 36.90
CA ILE D 505 37.75 -36.15 36.02
C ILE D 505 36.91 -37.31 36.56
N ASP D 506 35.62 -37.06 36.75
CA ASP D 506 34.68 -38.05 37.30
C ASP D 506 35.24 -38.50 38.65
N ASP D 507 35.37 -39.80 38.90
CA ASP D 507 35.94 -40.31 40.14
C ASP D 507 37.32 -40.91 39.93
N HIS D 508 37.96 -40.62 38.80
CA HIS D 508 39.25 -41.18 38.46
C HIS D 508 40.26 -40.05 38.22
N PRO D 509 41.36 -40.02 38.97
CA PRO D 509 42.37 -38.98 38.73
C PRO D 509 42.96 -39.08 37.33
N VAL D 510 43.23 -37.92 36.74
CA VAL D 510 43.80 -37.84 35.40
C VAL D 510 45.09 -37.03 35.48
N GLU D 511 46.15 -37.56 34.89
CA GLU D 511 47.45 -36.89 34.84
C GLU D 511 47.77 -36.49 33.42
N VAL D 512 48.21 -35.25 33.24
CA VAL D 512 48.66 -34.74 31.94
C VAL D 512 50.05 -34.17 32.13
N ARG D 513 50.97 -34.51 31.23
CA ARG D 513 52.35 -34.08 31.30
C ARG D 513 52.70 -33.24 30.07
N LEU D 514 53.34 -32.11 30.30
CA LEU D 514 53.73 -31.19 29.25
C LEU D 514 55.22 -30.92 29.35
N HIS D 515 55.90 -30.88 28.20
CA HIS D 515 57.34 -30.69 28.15
C HIS D 515 57.72 -30.06 26.82
N THR D 516 58.95 -29.57 26.75
CA THR D 516 59.45 -28.88 25.56
C THR D 516 60.80 -29.44 25.13
N GLU D 517 61.07 -29.34 23.84
CA GLU D 517 62.35 -29.72 23.25
C GLU D 517 62.88 -28.56 22.43
N GLY D 518 64.20 -28.37 22.45
CA GLY D 518 64.80 -27.23 21.80
C GLY D 518 64.87 -26.02 22.71
N ALA D 519 65.05 -24.88 22.07
CA ALA D 519 65.05 -23.66 22.83
C ALA D 519 63.71 -23.02 22.65
N ASN D 520 62.66 -23.83 22.42
CA ASN D 520 61.36 -23.24 22.11
C ASN D 520 60.29 -23.30 23.18
N TYR D 521 59.81 -22.14 23.62
CA TYR D 521 58.68 -22.13 24.54
C TYR D 521 57.55 -22.48 23.63
N HIS D 522 57.65 -22.08 22.36
CA HIS D 522 56.51 -22.29 21.45
C HIS D 522 56.19 -23.76 21.19
N LYS D 523 57.19 -24.55 20.85
CA LYS D 523 56.95 -25.96 20.53
C LYS D 523 56.64 -26.73 21.80
N ILE D 524 55.42 -27.26 21.89
CA ILE D 524 55.00 -27.97 23.09
C ILE D 524 54.35 -29.30 22.76
N PHE D 525 54.45 -30.26 23.66
CA PHE D 525 53.86 -31.58 23.41
C PHE D 525 52.89 -31.95 24.51
N PHE D 526 52.39 -33.19 24.50
CA PHE D 526 51.44 -33.60 25.50
C PHE D 526 51.30 -35.13 25.47
N SER D 527 50.92 -35.69 26.61
CA SER D 527 50.70 -37.12 26.71
C SER D 527 49.63 -37.36 27.77
N VAL D 528 48.39 -37.56 27.32
CA VAL D 528 47.28 -37.86 28.21
C VAL D 528 46.58 -39.11 27.69
N TRP D 529 46.27 -40.03 28.60
CA TRP D 529 45.63 -41.30 28.26
C TRP D 529 46.41 -42.04 27.18
N ASP D 530 47.73 -42.00 27.30
CA ASP D 530 48.64 -42.69 26.37
C ASP D 530 48.47 -42.20 24.95
N HIS D 531 48.16 -40.92 24.79
CA HIS D 531 48.06 -40.29 23.48
C HIS D 531 49.01 -39.11 23.41
N ASP D 532 49.87 -39.09 22.40
CA ASP D 532 50.92 -38.10 22.30
C ASP D 532 50.81 -37.33 20.99
N GLY D 533 51.17 -36.05 21.05
CA GLY D 533 51.15 -35.19 19.88
C GLY D 533 51.96 -33.94 20.16
N SER D 534 51.90 -33.01 19.21
CA SER D 534 52.59 -31.74 19.34
C SER D 534 51.65 -30.61 18.97
N PHE D 535 51.88 -29.44 19.56
CA PHE D 535 51.15 -28.26 19.15
C PHE D 535 51.95 -27.02 19.51
N GLU D 536 51.52 -25.88 19.03
CA GLU D 536 52.16 -24.68 19.44
C GLU D 536 51.03 -23.92 20.06
N VAL D 537 51.34 -22.95 20.85
CA VAL D 537 50.36 -22.14 21.56
C VAL D 537 50.83 -20.70 21.61
N CYS D 538 49.93 -19.78 21.28
CA CYS D 538 50.19 -18.35 21.37
C CYS D 538 49.10 -17.71 22.22
N SER D 539 49.51 -17.03 23.29
CA SER D 539 48.57 -16.51 24.27
C SER D 539 48.10 -15.11 23.86
N GLY D 540 47.46 -14.39 24.77
CA GLY D 540 47.03 -13.04 24.52
C GLY D 540 47.56 -12.09 25.57
N PRO D 541 46.90 -10.94 25.74
CA PRO D 541 47.31 -10.01 26.80
C PRO D 541 47.13 -10.63 28.17
N VAL D 542 48.04 -10.30 29.09
CA VAL D 542 47.94 -10.78 30.45
C VAL D 542 46.97 -9.90 31.23
N THR D 543 46.01 -10.52 31.91
CA THR D 543 44.96 -9.79 32.61
C THR D 543 44.73 -10.41 33.98
N SER D 544 44.11 -9.61 34.86
CA SER D 544 43.73 -10.03 36.21
C SER D 544 44.95 -10.47 37.02
N LYS D 545 45.85 -9.50 37.26
CA LYS D 545 47.03 -9.79 38.08
C LYS D 545 46.64 -10.12 39.51
N HIS D 546 45.50 -9.63 39.98
CA HIS D 546 45.11 -9.87 41.37
C HIS D 546 44.72 -11.32 41.60
N ARG D 547 44.39 -12.05 40.53
CA ARG D 547 43.98 -13.46 40.54
C ARG D 547 43.06 -13.78 41.72
N ASP D 548 41.92 -13.08 41.74
CA ASP D 548 40.89 -13.28 42.75
C ASP D 548 40.03 -14.49 42.43
N GLN D 549 38.88 -14.60 43.07
CA GLN D 549 37.98 -15.74 42.82
C GLN D 549 37.63 -15.84 41.34
N LYS D 550 37.44 -14.70 40.67
CA LYS D 550 37.21 -14.75 39.23
C LYS D 550 38.46 -15.18 38.48
N SER D 551 39.63 -14.89 39.03
CA SER D 551 40.94 -15.30 38.49
C SER D 551 41.12 -14.62 37.13
N ILE D 552 41.69 -15.31 36.15
CA ILE D 552 42.16 -14.69 34.91
C ILE D 552 41.32 -15.22 33.76
N VAL D 553 40.81 -14.29 32.95
CA VAL D 553 40.04 -14.61 31.75
C VAL D 553 40.85 -14.12 30.55
N ASN D 554 41.43 -15.06 29.81
CA ASN D 554 42.23 -14.71 28.64
C ASN D 554 41.89 -15.62 27.48
N ASP D 555 42.10 -15.10 26.28
CA ASP D 555 41.92 -15.84 25.05
C ASP D 555 43.22 -16.56 24.73
N PHE D 556 43.11 -17.75 24.14
CA PHE D 556 44.27 -18.55 23.78
C PHE D 556 44.12 -19.02 22.34
N THR D 557 45.26 -19.33 21.72
CA THR D 557 45.31 -19.89 20.38
C THR D 557 46.14 -21.15 20.40
N PHE D 558 45.70 -22.23 19.79
CA PHE D 558 46.55 -23.40 19.80
C PHE D 558 46.71 -23.99 18.43
N LEU D 559 47.93 -24.03 17.92
CA LEU D 559 48.16 -24.65 16.64
C LEU D 559 48.72 -26.06 16.82
N PHE D 560 47.86 -27.07 16.71
CA PHE D 560 48.33 -28.44 16.81
C PHE D 560 49.00 -28.83 15.51
N GLU D 561 49.93 -29.77 15.58
CA GLU D 561 50.70 -30.17 14.40
C GLU D 561 49.85 -30.65 13.23
N ASN D 562 48.83 -31.46 13.50
CA ASN D 562 48.02 -32.00 12.42
C ASN D 562 47.71 -30.86 11.48
N GLY D 563 47.33 -29.71 12.03
CA GLY D 563 47.08 -28.54 11.19
C GLY D 563 46.03 -27.62 11.72
N MET D 564 45.30 -28.05 12.73
CA MET D 564 44.19 -27.22 13.18
C MET D 564 44.62 -25.97 13.92
N HIS D 565 43.67 -25.24 14.47
CA HIS D 565 43.97 -24.06 15.24
C HIS D 565 42.74 -23.88 16.07
N HIS D 566 42.86 -23.27 17.23
CA HIS D 566 41.73 -23.13 18.13
C HIS D 566 41.81 -21.85 18.91
N THR D 567 40.68 -21.36 19.39
CA THR D 567 40.69 -20.17 20.23
C THR D 567 39.92 -20.48 21.49
N VAL D 568 40.53 -20.24 22.65
CA VAL D 568 39.89 -20.62 23.90
C VAL D 568 39.97 -19.58 25.00
N LEU D 569 38.82 -19.08 25.45
CA LEU D 569 38.77 -18.09 26.52
C LEU D 569 38.74 -18.80 27.84
N ALA D 570 39.86 -18.89 28.54
CA ALA D 570 39.89 -19.69 29.76
C ALA D 570 39.89 -18.94 31.08
N VAL D 571 38.82 -19.07 31.86
CA VAL D 571 38.79 -18.48 33.19
C VAL D 571 39.16 -19.59 34.14
N ALA D 572 40.41 -19.65 34.57
CA ALA D 572 40.86 -20.78 35.37
C ALA D 572 41.00 -20.47 36.84
N THR D 573 40.57 -21.40 37.70
CA THR D 573 40.84 -21.15 39.11
C THR D 573 41.45 -22.41 39.71
N GLU D 574 41.79 -22.33 41.01
CA GLU D 574 42.36 -23.49 41.67
C GLU D 574 41.36 -24.64 41.71
N GLY D 575 40.08 -24.33 41.87
CA GLY D 575 39.07 -25.37 41.93
C GLY D 575 38.87 -26.09 40.61
N ASP D 576 38.86 -25.34 39.51
CA ASP D 576 38.54 -25.93 38.22
C ASP D 576 39.10 -25.07 37.10
N VAL D 577 39.15 -25.66 35.90
CA VAL D 577 39.53 -24.96 34.69
C VAL D 577 38.36 -25.06 33.72
N THR D 578 37.88 -23.90 33.25
CA THR D 578 36.76 -23.83 32.34
C THR D 578 37.26 -23.36 30.97
N VAL D 579 36.96 -24.13 29.93
CA VAL D 579 37.36 -23.82 28.57
C VAL D 579 36.11 -23.73 27.71
N ILE D 580 36.00 -22.65 26.94
CA ILE D 580 34.85 -22.40 26.07
C ILE D 580 35.38 -22.18 24.67
N GLY D 581 34.83 -22.89 23.71
CA GLY D 581 35.23 -22.76 22.32
C GLY D 581 34.26 -23.48 21.41
N SER D 582 34.70 -23.73 20.19
CA SER D 582 33.82 -24.38 19.20
C SER D 582 33.42 -25.78 19.66
N PHE D 583 34.23 -26.40 20.52
CA PHE D 583 33.85 -27.69 21.10
C PHE D 583 32.62 -27.55 21.98
N GLY D 584 32.46 -26.41 22.63
CA GLY D 584 31.40 -26.17 23.58
C GLY D 584 31.98 -25.59 24.84
N LEU D 585 31.39 -25.94 25.98
CA LEU D 585 31.93 -25.58 27.28
C LEU D 585 32.23 -26.86 28.04
N HIS D 586 33.37 -26.91 28.72
CA HIS D 586 33.73 -28.01 29.59
C HIS D 586 34.51 -27.46 30.77
N GLN D 587 34.12 -27.87 31.98
CA GLN D 587 34.85 -27.56 33.19
C GLN D 587 35.46 -28.85 33.74
N LEU D 588 36.77 -28.82 33.97
CA LEU D 588 37.51 -29.98 34.45
C LEU D 588 37.94 -29.73 35.89
N ARG D 589 37.50 -30.58 36.80
CA ARG D 589 37.86 -30.40 38.19
C ARG D 589 39.28 -30.84 38.43
N LEU D 590 40.03 -30.01 39.15
CA LEU D 590 41.40 -30.35 39.46
C LEU D 590 41.43 -31.27 40.66
N LEU D 591 42.22 -32.33 40.56
CA LEU D 591 42.34 -33.29 41.66
C LEU D 591 42.60 -32.59 42.98
N PRO D 592 41.65 -32.67 43.91
CA PRO D 592 41.83 -32.05 45.22
C PRO D 592 42.91 -32.77 46.03
N LEU D 593 43.81 -32.00 46.64
CA LEU D 593 44.85 -32.60 47.46
C LEU D 593 45.02 -31.81 48.76
N THR D 594 44.04 -31.89 49.64
CA THR D 594 44.12 -31.18 50.91
C THR D 594 43.64 -32.07 52.04
N ASP D 595 44.38 -32.08 53.15
CA ASP D 595 44.02 -32.93 54.28
C ASP D 595 44.79 -32.54 55.53
N GLY D 596 44.40 -31.44 56.17
CA GLY D 596 45.10 -30.99 57.36
C GLY D 596 46.58 -31.20 57.17
N PHE D 597 47.13 -30.63 56.09
CA PHE D 597 48.53 -30.82 55.78
C PHE D 597 49.32 -31.12 57.02
N GLY D 598 49.35 -30.17 57.94
CA GLY D 598 50.18 -30.34 59.11
C GLY D 598 49.80 -31.35 60.14
N ASP D 599 48.64 -31.18 60.75
CA ASP D 599 48.27 -32.07 61.83
C ASP D 599 47.93 -33.44 61.28
N SER D 600 48.93 -34.17 60.83
CA SER D 600 48.67 -35.54 60.37
C SER D 600 49.44 -36.50 61.29
N SER D 601 48.83 -36.83 62.43
CA SER D 601 49.46 -37.65 63.46
C SER D 601 48.68 -38.94 63.60
N THR D 602 49.36 -40.07 63.38
CA THR D 602 48.80 -41.39 63.60
C THR D 602 49.37 -42.04 64.86
N ALA D 603 50.01 -41.27 65.73
CA ALA D 603 50.64 -41.84 66.91
C ALA D 603 49.61 -42.49 67.82
N GLY D 604 49.99 -43.63 68.40
CA GLY D 604 49.06 -44.37 69.25
C GLY D 604 48.62 -43.59 70.47
N GLY D 605 49.56 -42.89 71.10
CA GLY D 605 49.23 -42.17 72.32
C GLY D 605 48.82 -43.06 73.47
N THR D 606 49.58 -44.13 73.72
CA THR D 606 49.13 -45.17 74.65
C THR D 606 49.07 -44.67 76.09
N SER D 607 50.14 -44.02 76.56
CA SER D 607 50.24 -43.66 77.97
C SER D 607 50.99 -42.35 78.13
N THR D 608 51.07 -41.91 79.39
CA THR D 608 51.81 -40.72 79.79
C THR D 608 51.31 -39.49 79.02
N LYS D 609 50.01 -39.24 79.12
CA LYS D 609 49.40 -38.11 78.45
C LYS D 609 48.77 -37.17 79.47
N ILE D 610 48.81 -35.87 79.18
CA ILE D 610 48.35 -34.78 80.04
C ILE D 610 48.73 -35.05 81.50
N VAL D 611 49.95 -35.51 81.73
CA VAL D 611 50.38 -35.83 83.07
C VAL D 611 50.44 -34.56 83.91
N SER D 612 50.07 -34.67 85.14
CA SER D 612 50.08 -33.49 85.99
C SER D 612 51.28 -33.50 86.92
N PRO D 613 51.72 -32.32 87.37
CA PRO D 613 52.84 -32.26 88.32
C PRO D 613 52.46 -32.86 89.67
N MET D 614 53.41 -32.79 90.59
CA MET D 614 53.26 -33.46 91.88
C MET D 614 51.99 -33.07 92.64
N PRO D 615 51.64 -31.78 92.81
CA PRO D 615 50.52 -31.46 93.72
C PRO D 615 49.21 -32.13 93.36
N GLY D 616 48.94 -32.32 92.08
CA GLY D 616 47.74 -33.05 91.68
C GLY D 616 46.48 -32.28 92.03
N LYS D 617 45.54 -32.96 92.69
CA LYS D 617 44.24 -32.37 93.03
C LYS D 617 43.48 -31.99 91.75
N VAL D 618 43.19 -32.98 90.92
CA VAL D 618 42.44 -32.74 89.70
C VAL D 618 40.97 -32.48 90.05
N SER D 619 40.34 -31.59 89.30
CA SER D 619 38.92 -31.30 89.50
C SER D 619 38.40 -30.58 88.27
N LYS D 620 37.07 -30.53 88.17
CA LYS D 620 36.37 -29.76 87.15
C LYS D 620 36.77 -30.18 85.74
N LEU D 621 36.74 -31.49 85.48
CA LEU D 621 37.02 -31.99 84.14
C LEU D 621 35.77 -31.83 83.26
N LEU D 622 35.93 -31.16 82.13
CA LEU D 622 34.80 -30.77 81.29
C LEU D 622 34.72 -31.54 79.97
N VAL D 623 35.46 -32.64 79.85
CA VAL D 623 35.48 -33.43 78.61
C VAL D 623 34.83 -34.78 78.91
N LYS D 624 34.01 -35.25 77.98
CA LYS D 624 33.42 -36.58 78.14
C LYS D 624 34.41 -37.66 77.70
N SER D 625 34.42 -38.76 78.44
CA SER D 625 35.27 -39.89 78.10
C SER D 625 34.82 -40.51 76.78
N GLY D 626 35.79 -40.87 75.95
CA GLY D 626 35.48 -41.44 74.65
C GLY D 626 34.83 -40.47 73.69
N ASP D 627 35.31 -39.23 73.65
CA ASP D 627 34.86 -38.25 72.68
C ASP D 627 36.07 -37.67 71.95
N LEU D 628 35.94 -37.49 70.64
CA LEU D 628 37.06 -37.08 69.82
C LEU D 628 37.61 -35.73 70.25
N VAL D 629 38.93 -35.63 70.31
CA VAL D 629 39.61 -34.37 70.65
C VAL D 629 40.67 -34.08 69.60
N GLU D 630 40.31 -33.30 68.58
CA GLU D 630 41.30 -32.86 67.60
C GLU D 630 41.80 -31.45 67.94
N LYS D 631 40.88 -30.53 68.17
CA LYS D 631 41.24 -29.21 68.67
C LYS D 631 41.71 -29.32 70.12
N GLY D 632 42.64 -28.46 70.49
CA GLY D 632 43.24 -28.53 71.81
C GLY D 632 42.42 -27.91 72.92
N GLN D 633 41.32 -28.57 73.30
CA GLN D 633 40.55 -28.13 74.45
C GLN D 633 41.27 -28.52 75.73
N VAL D 634 40.77 -27.99 76.86
CA VAL D 634 41.34 -28.31 78.16
C VAL D 634 40.82 -29.68 78.58
N LEU D 635 41.65 -30.71 78.36
CA LEU D 635 41.24 -32.06 78.73
C LEU D 635 41.08 -32.21 80.22
N VAL D 636 42.10 -31.80 80.99
CA VAL D 636 42.06 -31.82 82.44
C VAL D 636 42.70 -30.54 82.95
N ILE D 637 42.19 -30.05 84.08
CA ILE D 637 42.72 -28.86 84.74
C ILE D 637 43.17 -29.25 86.14
N VAL D 638 44.46 -29.10 86.43
CA VAL D 638 44.99 -29.53 87.72
C VAL D 638 45.47 -28.30 88.42
N GLU D 639 45.43 -28.25 89.74
CA GLU D 639 45.80 -27.01 90.39
C GLU D 639 47.02 -27.19 91.27
N ALA D 640 48.06 -26.39 91.01
CA ALA D 640 49.26 -26.46 91.81
C ALA D 640 49.54 -25.09 92.37
N MET D 641 49.13 -24.86 93.60
CA MET D 641 49.28 -23.55 94.19
C MET D 641 48.56 -22.52 93.35
N LYS D 642 47.26 -22.72 93.15
CA LYS D 642 46.48 -21.78 92.35
C LYS D 642 46.95 -21.77 90.91
N MET D 643 47.69 -22.79 90.50
CA MET D 643 48.10 -22.86 89.11
C MET D 643 47.20 -23.78 88.33
N GLU D 644 46.22 -23.20 87.67
CA GLU D 644 45.35 -24.01 86.85
C GLU D 644 46.20 -24.65 85.78
N HIS D 645 47.18 -23.91 85.26
CA HIS D 645 47.99 -24.44 84.16
C HIS D 645 47.27 -25.52 83.36
N PRO D 646 46.26 -25.15 82.55
CA PRO D 646 45.60 -26.15 81.71
C PRO D 646 46.56 -26.81 80.75
N VAL D 647 46.43 -28.14 80.61
CA VAL D 647 47.35 -28.88 79.76
C VAL D 647 47.11 -28.57 78.29
N ARG D 648 45.85 -28.57 77.85
CA ARG D 648 45.46 -28.26 76.48
C ARG D 648 46.16 -29.19 75.48
N ALA D 649 45.82 -30.47 75.54
CA ALA D 649 46.39 -31.43 74.61
C ALA D 649 45.74 -31.31 73.24
N LEU D 650 46.55 -31.43 72.19
CA LEU D 650 46.07 -31.37 70.81
C LEU D 650 46.19 -32.70 70.08
N GLN D 651 46.47 -33.79 70.79
CA GLN D 651 46.54 -35.09 70.14
C GLN D 651 45.15 -35.55 69.70
N ASP D 652 45.03 -35.89 68.42
CA ASP D 652 43.74 -36.27 67.86
C ASP D 652 43.32 -37.66 68.34
N GLY D 653 42.01 -37.87 68.35
CA GLY D 653 41.42 -39.10 68.85
C GLY D 653 40.69 -38.88 70.17
N ARG D 654 39.85 -39.87 70.50
CA ARG D 654 39.09 -39.81 71.75
C ARG D 654 40.02 -40.00 72.94
N VAL D 655 39.65 -39.38 74.06
CA VAL D 655 40.46 -39.40 75.29
C VAL D 655 39.71 -40.22 76.34
N SER D 656 40.43 -41.12 77.00
CA SER D 656 39.85 -42.02 78.00
C SER D 656 40.37 -41.65 79.38
N PHE D 657 39.46 -41.37 80.31
CA PHE D 657 39.84 -40.90 81.63
C PHE D 657 40.02 -42.08 82.57
N LEU D 658 41.12 -42.06 83.32
CA LEU D 658 41.36 -43.03 84.40
C LEU D 658 41.36 -42.38 85.78
N VAL D 659 40.91 -41.13 85.89
CA VAL D 659 40.88 -40.41 87.16
C VAL D 659 39.51 -39.77 87.31
N LYS D 660 39.23 -39.34 88.55
CA LYS D 660 37.97 -38.68 88.88
C LYS D 660 38.26 -37.34 89.54
N GLU D 661 37.28 -36.43 89.44
CA GLU D 661 37.43 -35.10 90.01
C GLU D 661 37.65 -35.16 91.51
N GLY D 662 38.53 -34.30 92.01
CA GLY D 662 38.83 -34.23 93.43
C GLY D 662 39.84 -35.24 93.92
N GLU D 663 40.42 -36.04 93.03
CA GLU D 663 41.35 -37.09 93.42
C GLU D 663 42.78 -36.57 93.31
N VAL D 664 43.48 -36.55 94.44
CA VAL D 664 44.88 -36.13 94.42
C VAL D 664 45.73 -37.20 93.73
N VAL D 665 46.51 -36.77 92.75
CA VAL D 665 47.28 -37.70 91.92
C VAL D 665 48.76 -37.36 92.04
N GLY D 666 49.60 -38.37 91.83
CA GLY D 666 51.02 -38.19 91.94
C GLY D 666 51.62 -37.48 90.73
N GLY D 667 52.90 -37.17 90.86
CA GLY D 667 53.59 -36.47 89.78
C GLY D 667 53.69 -37.34 88.53
N ASP D 668 53.41 -36.73 87.38
CA ASP D 668 53.51 -37.37 86.07
C ASP D 668 52.61 -38.61 85.99
N HIS D 669 51.45 -38.56 86.65
CA HIS D 669 50.52 -39.67 86.63
C HIS D 669 49.82 -39.76 85.29
N VAL D 670 49.37 -40.96 84.94
CA VAL D 670 48.62 -41.18 83.71
C VAL D 670 47.18 -40.80 84.01
N LEU D 671 46.85 -39.51 83.83
CA LEU D 671 45.49 -39.06 84.07
C LEU D 671 44.54 -39.59 83.01
N ALA D 672 45.00 -39.63 81.76
CA ALA D 672 44.18 -40.12 80.66
C ALA D 672 45.08 -40.62 79.54
N THR D 673 44.54 -41.50 78.73
CA THR D 673 45.23 -42.02 77.55
C THR D 673 44.55 -41.44 76.31
N VAL D 674 45.27 -40.57 75.61
CA VAL D 674 44.77 -39.94 74.38
C VAL D 674 45.22 -40.80 73.21
N ALA D 675 44.31 -41.63 72.71
CA ALA D 675 44.63 -42.61 71.68
C ALA D 675 43.79 -42.34 70.44
N GLU D 676 44.31 -42.76 69.30
CA GLU D 676 43.57 -42.65 68.05
C GLU D 676 42.26 -43.42 68.15
N GLU D 677 41.20 -42.83 67.59
CA GLU D 677 39.91 -43.51 67.60
C GLU D 677 39.99 -44.80 66.81
N GLU D 678 39.75 -45.92 67.50
CA GLU D 678 39.79 -47.23 66.86
C GLU D 678 38.43 -47.89 66.93
N GLU E 1 16.75 -34.70 -0.95
CA GLU E 1 17.95 -33.86 -1.00
C GLU E 1 18.87 -34.15 0.16
N ARG E 2 20.04 -33.51 0.17
CA ARG E 2 21.09 -33.74 1.15
C ARG E 2 21.26 -32.53 2.04
N LYS E 3 21.25 -32.74 3.34
CA LYS E 3 21.38 -31.65 4.30
C LYS E 3 22.81 -31.12 4.32
N VAL E 4 22.95 -29.81 4.54
CA VAL E 4 24.24 -29.16 4.66
C VAL E 4 24.29 -28.43 5.99
N GLU E 5 25.36 -28.66 6.75
CA GLU E 5 25.61 -27.94 8.00
C GLU E 5 27.03 -27.43 8.12
N LYS E 6 27.93 -27.83 7.23
CA LYS E 6 29.33 -27.43 7.27
C LYS E 6 29.71 -26.89 5.90
N LEU E 7 30.34 -25.71 5.88
CA LEU E 7 30.74 -25.06 4.64
C LEU E 7 32.25 -24.92 4.63
N LEU E 8 32.87 -25.17 3.48
CA LEU E 8 34.31 -25.13 3.31
C LEU E 8 34.66 -24.09 2.26
N VAL E 9 35.70 -23.31 2.51
CA VAL E 9 36.16 -22.28 1.59
C VAL E 9 37.57 -22.63 1.14
N ALA E 10 37.86 -22.41 -0.15
CA ALA E 10 39.20 -22.69 -0.65
C ALA E 10 40.11 -21.48 -0.53
N ASN E 11 39.73 -20.37 -1.15
CA ASN E 11 40.63 -19.24 -1.35
C ASN E 11 40.66 -18.38 -0.07
N ARG E 12 41.28 -17.21 -0.17
CA ARG E 12 41.41 -16.29 0.95
C ARG E 12 41.19 -14.87 0.43
N GLY E 13 40.69 -14.02 1.32
CA GLY E 13 40.53 -12.61 1.01
C GLY E 13 39.12 -12.11 1.20
N GLU E 14 38.69 -11.21 0.32
CA GLU E 14 37.35 -10.64 0.43
C GLU E 14 36.28 -11.71 0.29
N ILE E 15 36.51 -12.66 -0.63
CA ILE E 15 35.53 -13.71 -0.87
C ILE E 15 35.35 -14.57 0.37
N ALA E 16 36.41 -14.80 1.14
CA ALA E 16 36.28 -15.61 2.35
C ALA E 16 35.30 -14.97 3.33
N CYS E 17 35.47 -13.68 3.59
CA CYS E 17 34.57 -12.98 4.51
C CYS E 17 33.15 -12.93 3.95
N ARG E 18 33.00 -12.70 2.63
CA ARG E 18 31.67 -12.64 2.05
C ARG E 18 30.94 -13.98 2.18
N VAL E 19 31.62 -15.06 1.81
CA VAL E 19 31.00 -16.39 1.95
C VAL E 19 30.70 -16.67 3.41
N PHE E 20 31.58 -16.24 4.31
CA PHE E 20 31.36 -16.50 5.72
C PHE E 20 30.14 -15.77 6.27
N ARG E 21 29.97 -14.52 5.87
CA ARG E 21 28.88 -13.69 6.44
C ARG E 21 27.49 -14.28 6.22
N THR E 22 27.05 -14.36 4.98
CA THR E 22 25.70 -14.85 4.71
C THR E 22 25.50 -16.17 5.42
N CYS E 23 26.55 -16.97 5.49
CA CYS E 23 26.46 -18.26 6.17
C CYS E 23 25.84 -18.12 7.56
N ARG E 24 26.07 -16.99 8.23
CA ARG E 24 25.54 -16.83 9.57
C ARG E 24 24.05 -16.78 9.50
N GLU E 25 23.52 -16.11 8.49
CA GLU E 25 22.07 -15.98 8.35
C GLU E 25 21.41 -17.30 8.06
N MET E 26 22.02 -18.12 7.21
CA MET E 26 21.49 -19.43 6.96
C MET E 26 21.71 -20.34 8.15
N HIS E 27 22.44 -19.86 9.15
CA HIS E 27 22.73 -20.66 10.32
C HIS E 27 23.56 -21.91 10.00
N ILE E 28 24.61 -21.76 9.20
CA ILE E 28 25.47 -22.89 8.83
C ILE E 28 26.89 -22.74 9.41
N ARG E 29 27.57 -23.86 9.67
CA ARG E 29 28.91 -23.78 10.27
C ARG E 29 29.89 -23.18 9.30
N THR E 30 31.07 -22.81 9.78
CA THR E 30 32.07 -22.32 8.82
C THR E 30 33.44 -22.92 9.10
N VAL E 31 34.27 -22.97 8.06
CA VAL E 31 35.65 -23.45 8.13
C VAL E 31 36.54 -22.52 7.32
N ALA E 32 37.72 -22.20 7.86
CA ALA E 32 38.69 -21.33 7.22
C ALA E 32 39.99 -22.08 6.91
N LEU E 33 40.74 -21.54 5.94
CA LEU E 33 42.01 -22.12 5.50
C LEU E 33 43.06 -21.02 5.40
N PHE E 34 44.28 -21.32 5.82
CA PHE E 34 45.32 -20.29 5.82
C PHE E 34 46.70 -20.86 5.58
N CYS E 35 47.57 -20.07 4.97
CA CYS E 35 48.90 -20.55 4.64
C CYS E 35 49.82 -20.47 5.84
N GLU E 36 51.11 -20.67 5.62
CA GLU E 36 52.05 -20.55 6.72
C GLU E 36 51.77 -19.24 7.40
N ALA E 37 51.75 -19.23 8.74
CA ALA E 37 51.40 -18.02 9.46
C ALA E 37 50.02 -17.60 8.98
N GLU E 38 49.88 -16.36 8.54
CA GLU E 38 48.59 -15.92 7.99
C GLU E 38 47.47 -16.36 8.90
N ARG E 39 47.70 -16.31 10.22
CA ARG E 39 46.69 -16.77 11.16
C ARG E 39 46.06 -15.60 11.89
N ASN E 40 46.65 -14.41 11.76
CA ASN E 40 46.03 -13.25 12.37
C ASN E 40 45.03 -12.66 11.41
N ALA E 41 45.01 -13.17 10.19
CA ALA E 41 44.14 -12.61 9.17
C ALA E 41 42.70 -12.60 9.64
N LYS E 42 41.90 -11.70 9.08
CA LYS E 42 40.54 -11.55 9.54
C LYS E 42 39.67 -12.75 9.30
N HIS E 43 39.77 -13.32 8.12
CA HIS E 43 38.82 -14.38 7.80
C HIS E 43 38.84 -15.50 8.84
N VAL E 44 40.04 -15.88 9.31
CA VAL E 44 40.13 -16.94 10.31
C VAL E 44 39.52 -16.50 11.63
N ALA E 45 39.59 -15.20 11.94
CA ALA E 45 38.91 -14.65 13.10
C ALA E 45 37.41 -14.53 12.89
N GLU E 46 36.91 -14.93 11.72
CA GLU E 46 35.49 -14.91 11.41
C GLU E 46 34.86 -16.29 11.35
N ALA E 47 35.64 -17.34 11.12
CA ALA E 47 35.10 -18.68 10.93
C ALA E 47 34.91 -19.37 12.28
N ASP E 48 34.65 -20.67 12.24
CA ASP E 48 34.54 -21.48 13.44
C ASP E 48 35.80 -22.27 13.71
N GLU E 49 36.50 -22.65 12.64
CA GLU E 49 37.75 -23.42 12.75
C GLU E 49 38.65 -23.13 11.55
N ALA E 50 39.95 -23.09 11.72
CA ALA E 50 40.89 -22.83 10.64
C ALA E 50 42.02 -23.85 10.66
N VAL E 51 42.52 -24.19 9.48
CA VAL E 51 43.55 -25.20 9.33
C VAL E 51 44.69 -24.62 8.49
N CYS E 52 45.93 -24.81 8.94
CA CYS E 52 47.10 -24.42 8.17
C CYS E 52 47.41 -25.48 7.12
N ILE E 53 47.83 -25.02 5.95
CA ILE E 53 47.98 -25.90 4.79
C ILE E 53 49.42 -26.06 4.30
N GLY E 54 50.28 -25.09 4.53
CA GLY E 54 51.67 -25.26 4.14
C GLY E 54 52.31 -24.04 3.52
N PRO E 55 53.39 -24.27 2.78
CA PRO E 55 54.34 -23.19 2.47
C PRO E 55 53.70 -22.12 1.60
N PRO E 56 54.23 -20.89 1.66
CA PRO E 56 53.57 -19.73 1.03
C PRO E 56 53.35 -19.89 -0.48
N PRO E 57 54.31 -20.44 -1.24
CA PRO E 57 54.12 -20.50 -2.70
C PRO E 57 52.83 -21.21 -3.07
N ALA E 58 52.15 -20.66 -4.08
CA ALA E 58 50.82 -21.15 -4.43
C ALA E 58 50.85 -22.61 -4.83
N VAL E 59 51.98 -23.11 -5.31
CA VAL E 59 52.11 -24.54 -5.56
C VAL E 59 51.92 -25.32 -4.27
N ASN E 60 52.53 -24.84 -3.18
CA ASN E 60 52.46 -25.52 -1.90
C ASN E 60 51.13 -25.27 -1.18
N SER E 61 50.56 -24.09 -1.32
CA SER E 61 49.35 -23.71 -0.59
C SER E 61 48.20 -23.49 -1.56
N TYR E 62 47.07 -24.11 -1.26
CA TYR E 62 45.78 -24.00 -1.95
C TYR E 62 45.79 -24.74 -3.29
N LEU E 63 46.83 -25.52 -3.60
CA LEU E 63 46.87 -26.31 -4.81
C LEU E 63 46.95 -27.81 -4.56
N ARG E 64 47.21 -28.22 -3.32
CA ARG E 64 47.20 -29.65 -2.97
C ARG E 64 45.75 -30.09 -2.82
N GLY E 65 45.06 -30.22 -3.95
CA GLY E 65 43.64 -30.53 -3.92
C GLY E 65 43.34 -31.85 -3.23
N GLU E 66 44.20 -32.85 -3.45
CA GLU E 66 44.02 -34.14 -2.79
C GLU E 66 44.12 -34.02 -1.27
N HIS E 67 45.09 -33.23 -0.78
CA HIS E 67 45.23 -33.04 0.66
C HIS E 67 44.03 -32.29 1.21
N ILE E 68 43.55 -31.27 0.48
CA ILE E 68 42.36 -30.54 0.91
C ILE E 68 41.17 -31.48 1.00
N ILE E 69 41.03 -32.37 0.01
CA ILE E 69 39.89 -33.29 0.00
C ILE E 69 39.99 -34.27 1.16
N SER E 70 41.19 -34.79 1.44
CA SER E 70 41.36 -35.70 2.57
C SER E 70 41.03 -35.01 3.89
N VAL E 71 41.50 -33.77 4.05
CA VAL E 71 41.20 -33.01 5.27
C VAL E 71 39.69 -32.78 5.39
N ALA E 72 39.04 -32.43 4.28
CA ALA E 72 37.59 -32.20 4.32
C ALA E 72 36.85 -33.47 4.66
N LYS E 73 37.30 -34.61 4.14
CA LYS E 73 36.69 -35.89 4.48
C LYS E 73 36.84 -36.19 5.97
N GLN E 74 38.02 -35.92 6.53
CA GLN E 74 38.23 -36.13 7.95
C GLN E 74 37.33 -35.23 8.79
N LEU E 75 37.05 -34.03 8.30
CA LEU E 75 36.13 -33.11 8.95
C LEU E 75 34.67 -33.40 8.63
N ASN E 76 34.41 -34.35 7.72
CA ASN E 76 33.05 -34.65 7.26
C ASN E 76 32.33 -33.40 6.77
N VAL E 77 32.99 -32.69 5.85
CA VAL E 77 32.44 -31.44 5.31
C VAL E 77 31.27 -31.75 4.40
N ASP E 78 30.29 -30.85 4.40
CA ASP E 78 29.11 -30.99 3.54
C ASP E 78 29.32 -30.37 2.16
N ALA E 79 29.92 -29.17 2.08
CA ALA E 79 30.05 -28.47 0.82
C ALA E 79 31.34 -27.67 0.79
N ILE E 80 31.84 -27.44 -0.42
CA ILE E 80 33.06 -26.67 -0.66
C ILE E 80 32.76 -25.61 -1.72
N HIS E 81 33.14 -24.37 -1.45
CA HIS E 81 33.08 -23.32 -2.46
C HIS E 81 34.49 -22.92 -2.86
N PRO E 82 34.93 -23.27 -4.07
CA PRO E 82 36.31 -22.93 -4.47
C PRO E 82 36.59 -21.44 -4.51
N GLY E 83 35.60 -20.63 -4.88
CA GLY E 83 35.88 -19.23 -5.14
C GLY E 83 36.55 -19.07 -6.50
N TYR E 84 37.28 -17.97 -6.65
CA TYR E 84 37.98 -17.65 -7.88
C TYR E 84 39.48 -17.72 -7.68
N GLY E 85 40.17 -18.30 -8.65
CA GLY E 85 41.59 -18.56 -8.54
C GLY E 85 41.89 -19.92 -7.96
N PHE E 86 43.17 -20.29 -8.00
CA PHE E 86 43.67 -21.56 -7.48
C PHE E 86 42.92 -22.68 -8.19
N LEU E 87 42.15 -23.52 -7.50
CA LEU E 87 41.44 -24.63 -8.10
C LEU E 87 40.05 -24.25 -8.59
N SER E 88 39.84 -22.97 -8.90
CA SER E 88 38.54 -22.52 -9.39
C SER E 88 38.18 -23.19 -10.71
N GLU E 89 39.17 -23.34 -11.59
CA GLU E 89 38.98 -23.95 -12.91
C GLU E 89 39.88 -25.18 -13.00
N ASN E 90 39.39 -26.31 -12.48
CA ASN E 90 40.12 -27.56 -12.55
C ASN E 90 39.09 -28.68 -12.43
N ALA E 91 38.89 -29.42 -13.53
CA ALA E 91 37.84 -30.43 -13.55
C ALA E 91 38.21 -31.65 -12.71
N SER E 92 39.51 -31.96 -12.62
CA SER E 92 39.93 -33.10 -11.83
C SER E 92 39.55 -32.93 -10.36
N PHE E 93 39.74 -31.71 -9.83
CA PHE E 93 39.39 -31.45 -8.43
C PHE E 93 37.89 -31.62 -8.20
N ALA E 94 37.07 -31.10 -9.11
CA ALA E 94 35.63 -31.24 -8.98
C ALA E 94 35.19 -32.70 -9.06
N ASP E 95 35.80 -33.46 -9.98
CA ASP E 95 35.48 -34.88 -10.09
C ASP E 95 35.87 -35.63 -8.83
N ALA E 96 37.02 -35.31 -8.25
CA ALA E 96 37.43 -35.96 -7.01
C ALA E 96 36.48 -35.61 -5.87
N ILE E 97 36.03 -34.35 -5.82
CA ILE E 97 35.05 -33.96 -4.81
C ILE E 97 33.76 -34.75 -4.99
N THR E 98 33.31 -34.89 -6.22
CA THR E 98 32.08 -35.65 -6.48
C THR E 98 32.24 -37.11 -6.08
N ARG E 99 33.40 -37.71 -6.38
CA ARG E 99 33.63 -39.10 -5.98
C ARG E 99 33.67 -39.23 -4.47
N SER E 100 34.22 -38.23 -3.77
CA SER E 100 34.24 -38.26 -2.31
C SER E 100 32.85 -38.06 -1.71
N GLY E 101 31.91 -37.53 -2.49
CA GLY E 101 30.55 -37.37 -2.05
C GLY E 101 30.19 -35.99 -1.54
N ILE E 102 31.10 -35.04 -1.60
CA ILE E 102 30.85 -33.68 -1.16
C ILE E 102 30.23 -32.89 -2.30
N GLU E 103 29.24 -32.05 -1.96
CA GLU E 103 28.53 -31.26 -2.96
C GLU E 103 29.43 -30.11 -3.43
N PHE E 104 30.05 -30.28 -4.60
CA PHE E 104 30.83 -29.20 -5.17
C PHE E 104 29.91 -28.06 -5.57
N ILE E 105 30.38 -26.83 -5.37
CA ILE E 105 29.62 -25.65 -5.71
C ILE E 105 30.17 -25.09 -7.02
N GLY E 106 29.35 -25.11 -8.07
CA GLY E 106 29.74 -24.60 -9.35
C GLY E 106 29.27 -25.49 -10.50
N PRO E 107 29.84 -25.30 -11.67
CA PRO E 107 29.45 -26.10 -12.83
C PRO E 107 29.99 -27.51 -12.73
N PRO E 108 29.45 -28.45 -13.51
CA PRO E 108 30.04 -29.79 -13.54
C PRO E 108 31.40 -29.76 -14.22
N ALA E 109 32.17 -30.83 -14.00
CA ALA E 109 33.53 -30.89 -14.53
C ALA E 109 33.54 -30.90 -16.06
N SER E 110 32.49 -31.46 -16.66
CA SER E 110 32.44 -31.54 -18.13
C SER E 110 32.44 -30.16 -18.76
N ALA E 111 31.64 -29.24 -18.21
CA ALA E 111 31.57 -27.89 -18.75
C ALA E 111 32.92 -27.17 -18.62
N ILE E 112 33.58 -27.34 -17.48
CA ILE E 112 34.88 -26.70 -17.28
C ILE E 112 35.92 -27.26 -18.25
N SER E 113 35.94 -28.58 -18.42
CA SER E 113 36.88 -29.18 -19.37
C SER E 113 36.61 -28.72 -20.79
N LEU E 114 35.34 -28.68 -21.18
CA LEU E 114 34.98 -28.27 -22.53
C LEU E 114 35.36 -26.82 -22.78
N MET E 115 35.17 -25.96 -21.79
CA MET E 115 35.47 -24.55 -22.00
C MET E 115 36.95 -24.26 -21.78
N GLY E 116 37.70 -25.25 -21.27
CA GLY E 116 39.14 -25.07 -21.12
C GLY E 116 39.85 -24.86 -22.45
N SER E 117 39.43 -25.60 -23.48
CA SER E 117 39.97 -25.42 -24.81
C SER E 117 39.07 -24.47 -25.60
N LYS E 118 39.67 -23.42 -26.17
CA LYS E 118 38.87 -22.43 -26.89
C LYS E 118 38.30 -22.99 -28.17
N SER E 119 39.06 -23.84 -28.87
CA SER E 119 38.61 -24.36 -30.15
C SER E 119 37.36 -25.22 -30.00
N GLU E 120 37.37 -26.15 -29.03
CA GLU E 120 36.21 -27.00 -28.84
C GLU E 120 35.02 -26.21 -28.30
N SER E 121 35.28 -25.21 -27.47
CA SER E 121 34.18 -24.36 -26.98
C SER E 121 33.52 -23.62 -28.12
N LYS E 122 34.31 -22.93 -28.96
CA LYS E 122 33.72 -22.20 -30.07
C LYS E 122 33.06 -23.17 -31.04
N ARG E 123 33.57 -24.39 -31.16
CA ARG E 123 32.88 -25.41 -31.95
C ARG E 123 31.50 -25.69 -31.38
N ILE E 124 31.40 -25.81 -30.06
CA ILE E 124 30.12 -26.10 -29.43
C ILE E 124 29.14 -24.96 -29.66
N MET E 125 29.58 -23.71 -29.48
CA MET E 125 28.67 -22.59 -29.69
C MET E 125 28.30 -22.43 -31.16
N GLU E 126 29.23 -22.71 -32.08
CA GLU E 126 28.89 -22.66 -33.50
C GLU E 126 27.84 -23.71 -33.84
N ALA E 127 27.97 -24.91 -33.28
CA ALA E 127 26.94 -25.93 -33.46
C ALA E 127 25.62 -25.48 -32.85
N ALA E 128 25.67 -24.80 -31.71
CA ALA E 128 24.45 -24.35 -31.04
C ALA E 128 23.73 -23.29 -31.87
N GLY E 129 24.45 -22.51 -32.67
CA GLY E 129 23.87 -21.50 -33.51
C GLY E 129 23.95 -20.08 -32.98
N VAL E 130 24.66 -19.86 -31.88
CA VAL E 130 24.82 -18.50 -31.35
C VAL E 130 25.71 -17.70 -32.29
N PRO E 131 25.34 -16.48 -32.67
CA PRO E 131 26.29 -15.61 -33.38
C PRO E 131 27.63 -15.55 -32.67
N VAL E 132 28.65 -16.10 -33.31
CA VAL E 132 30.01 -16.11 -32.77
C VAL E 132 30.94 -15.59 -33.84
N VAL E 133 31.83 -14.65 -33.47
CA VAL E 133 32.85 -14.19 -34.40
C VAL E 133 34.05 -15.13 -34.26
N PRO E 134 34.34 -15.91 -35.29
CA PRO E 134 35.44 -16.88 -35.18
C PRO E 134 36.79 -16.19 -35.34
N GLY E 135 37.84 -16.96 -35.09
CA GLY E 135 39.19 -16.44 -35.24
C GLY E 135 39.81 -16.75 -36.59
N TYR E 136 39.27 -17.71 -37.33
CA TYR E 136 39.93 -18.17 -38.54
C TYR E 136 38.94 -18.91 -39.44
N TYR E 137 39.20 -18.83 -40.75
CA TYR E 137 38.51 -19.65 -41.75
C TYR E 137 39.56 -20.21 -42.70
N GLY E 138 39.87 -21.49 -42.57
CA GLY E 138 40.77 -22.13 -43.52
C GLY E 138 42.15 -21.51 -43.54
N GLU E 139 42.66 -21.26 -44.74
CA GLU E 139 44.02 -20.77 -44.93
C GLU E 139 44.08 -20.02 -46.26
N ASN E 140 45.25 -19.45 -46.54
CA ASN E 140 45.47 -18.72 -47.80
C ASN E 140 45.90 -19.68 -48.91
N GLN E 141 44.98 -20.59 -49.26
CA GLN E 141 45.22 -21.52 -50.34
C GLN E 141 45.36 -20.80 -51.67
N ASN E 142 44.47 -19.84 -51.93
CA ASN E 142 44.50 -19.05 -53.16
C ASN E 142 44.27 -17.58 -52.81
N VAL E 143 44.94 -16.69 -53.55
CA VAL E 143 44.71 -15.27 -53.39
C VAL E 143 43.33 -14.87 -53.89
N SER E 144 42.80 -15.57 -54.89
CA SER E 144 41.44 -15.31 -55.35
C SER E 144 40.40 -15.75 -54.32
N PHE E 145 40.73 -16.74 -53.49
CA PHE E 145 39.81 -17.13 -52.41
C PHE E 145 39.59 -15.97 -51.46
N LEU E 146 40.60 -15.12 -51.28
CA LEU E 146 40.44 -13.94 -50.44
C LEU E 146 39.35 -13.02 -50.99
N ALA E 147 39.34 -12.79 -52.31
CA ALA E 147 38.25 -12.02 -52.89
C ALA E 147 36.93 -12.80 -52.90
N GLU E 148 37.00 -14.13 -52.93
CA GLU E 148 35.79 -14.94 -52.93
C GLU E 148 35.02 -14.81 -51.62
N GLU E 149 35.72 -14.92 -50.49
CA GLU E 149 35.05 -14.84 -49.20
C GLU E 149 35.10 -13.43 -48.60
N ALA E 150 35.84 -12.53 -49.24
CA ALA E 150 35.90 -11.16 -48.75
C ALA E 150 34.51 -10.58 -48.72
N LYS E 151 33.74 -10.83 -49.79
CA LYS E 151 32.37 -10.34 -49.85
C LYS E 151 31.41 -11.43 -49.46
N LYS E 152 31.93 -12.58 -49.07
CA LYS E 152 31.08 -13.71 -48.69
C LYS E 152 31.02 -13.95 -47.19
N VAL E 153 31.90 -14.80 -46.68
CA VAL E 153 31.83 -15.14 -45.25
C VAL E 153 31.74 -13.93 -44.34
N GLY E 154 32.62 -12.96 -44.54
CA GLY E 154 32.62 -11.77 -43.70
C GLY E 154 32.88 -10.53 -44.53
N PHE E 155 31.85 -9.69 -44.68
CA PHE E 155 32.00 -8.51 -45.53
C PHE E 155 33.08 -7.62 -44.93
N PRO E 156 33.02 -7.37 -43.61
CA PRO E 156 34.11 -6.60 -43.03
C PRO E 156 35.39 -7.38 -43.25
N ILE E 157 36.46 -6.71 -43.65
CA ILE E 157 37.69 -7.44 -43.99
C ILE E 157 38.75 -7.38 -42.90
N LEU E 158 39.06 -8.52 -42.30
CA LEU E 158 40.12 -8.57 -41.31
C LEU E 158 41.22 -9.41 -41.91
N ILE E 159 42.21 -8.75 -42.50
CA ILE E 159 43.28 -9.49 -43.18
C ILE E 159 44.24 -10.08 -42.16
N LYS E 160 44.92 -9.21 -41.40
CA LYS E 160 45.89 -9.62 -40.39
C LYS E 160 46.87 -10.65 -40.90
N ALA E 161 47.14 -11.68 -40.09
CA ALA E 161 48.06 -12.75 -40.46
C ALA E 161 47.69 -13.99 -39.66
N VAL E 162 48.49 -15.04 -39.82
CA VAL E 162 48.27 -16.27 -39.05
C VAL E 162 48.59 -16.03 -37.57
N SER E 163 49.61 -15.23 -37.29
CA SER E 163 50.01 -14.91 -35.93
C SER E 163 50.76 -13.59 -35.96
N GLY E 164 51.23 -13.16 -34.79
CA GLY E 164 51.95 -11.91 -34.67
C GLY E 164 51.03 -10.71 -34.61
N GLY E 165 51.35 -9.76 -33.72
CA GLY E 165 50.54 -8.59 -33.53
C GLY E 165 50.91 -7.39 -34.38
N GLY E 166 51.85 -7.54 -35.31
CA GLY E 166 52.23 -6.41 -36.16
C GLY E 166 51.06 -5.90 -36.99
N GLY E 167 50.37 -6.81 -37.66
CA GLY E 167 49.12 -6.49 -38.31
C GLY E 167 49.20 -5.49 -39.43
N LYS E 168 50.37 -5.32 -40.06
CA LYS E 168 50.48 -4.38 -41.16
C LYS E 168 49.71 -4.84 -42.39
N GLY E 169 49.30 -6.11 -42.43
CA GLY E 169 48.43 -6.56 -43.49
C GLY E 169 47.02 -6.01 -43.38
N MET E 170 46.64 -5.52 -42.19
CA MET E 170 45.31 -4.95 -42.02
C MET E 170 45.14 -3.70 -42.86
N LYS E 171 45.99 -2.68 -42.63
CA LYS E 171 45.93 -1.37 -43.28
C LYS E 171 44.63 -0.63 -43.01
N ILE E 172 43.80 -1.13 -42.08
CA ILE E 172 42.48 -0.58 -41.78
C ILE E 172 41.67 -0.47 -43.07
N VAL E 173 41.55 -1.58 -43.79
CA VAL E 173 40.86 -1.60 -45.08
C VAL E 173 39.40 -1.97 -44.82
N GLU E 174 38.62 -0.97 -44.42
CA GLU E 174 37.20 -1.15 -44.16
C GLU E 174 36.35 -0.96 -45.41
N ARG E 175 36.95 -0.59 -46.53
CA ARG E 175 36.21 -0.34 -47.76
C ARG E 175 36.07 -1.63 -48.54
N PRO E 176 34.86 -2.10 -48.80
CA PRO E 176 34.70 -3.27 -49.68
C PRO E 176 35.02 -2.91 -51.11
N GLU E 177 34.86 -3.87 -52.03
CA GLU E 177 35.25 -3.70 -53.43
C GLU E 177 36.73 -3.34 -53.55
N ASP E 178 37.54 -3.88 -52.63
CA ASP E 178 38.98 -3.71 -52.63
C ASP E 178 39.62 -5.00 -53.12
N PHE E 179 40.33 -4.92 -54.24
CA PHE E 179 40.94 -6.10 -54.84
C PHE E 179 42.39 -5.90 -55.30
N THR E 180 42.84 -4.67 -55.53
CA THR E 180 44.22 -4.42 -55.93
C THR E 180 45.13 -4.00 -54.78
N PHE E 181 44.57 -3.69 -53.62
CA PHE E 181 45.36 -3.24 -52.47
C PHE E 181 45.45 -4.30 -51.38
N MET E 182 44.41 -5.11 -51.20
CA MET E 182 44.43 -6.14 -50.18
C MET E 182 45.49 -7.20 -50.47
N LEU E 183 45.60 -7.65 -51.71
CA LEU E 183 46.63 -8.63 -52.05
C LEU E 183 48.02 -8.03 -51.94
N GLU E 184 48.20 -6.78 -52.38
CA GLU E 184 49.48 -6.11 -52.22
C GLU E 184 49.84 -5.95 -50.75
N SER E 185 48.86 -5.58 -49.92
CA SER E 185 49.10 -5.44 -48.49
C SER E 185 49.50 -6.78 -47.87
N ALA E 186 48.80 -7.86 -48.23
CA ALA E 186 49.14 -9.17 -47.69
C ALA E 186 50.54 -9.61 -48.13
N LYS E 187 50.90 -9.35 -49.39
CA LYS E 187 52.21 -9.77 -49.88
C LYS E 187 53.33 -8.95 -49.25
N ARG E 188 53.07 -7.67 -48.99
CA ARG E 188 54.08 -6.87 -48.28
C ARG E 188 54.15 -7.27 -46.81
N GLU E 189 53.04 -7.76 -46.24
CA GLU E 189 53.08 -8.31 -44.89
C GLU E 189 53.90 -9.59 -44.83
N ALA E 190 53.80 -10.42 -45.86
CA ALA E 190 54.55 -11.68 -45.88
C ALA E 190 56.06 -11.43 -45.83
N THR E 191 56.50 -10.30 -46.38
CA THR E 191 57.92 -9.96 -46.36
C THR E 191 58.38 -9.68 -44.94
N ASN E 192 59.49 -10.31 -44.54
CA ASN E 192 60.12 -10.13 -43.24
C ASN E 192 59.21 -10.58 -42.09
N PHE E 193 58.01 -11.05 -42.43
CA PHE E 193 57.10 -11.63 -41.46
C PHE E 193 56.43 -12.85 -42.07
N PHE E 194 57.23 -13.70 -42.73
CA PHE E 194 56.71 -14.83 -43.47
C PHE E 194 55.85 -15.73 -42.57
N LYS E 195 56.42 -16.16 -41.45
CA LYS E 195 55.75 -17.05 -40.48
C LYS E 195 55.19 -18.24 -41.28
N ASP E 196 53.89 -18.47 -41.26
CA ASP E 196 53.25 -19.43 -42.15
C ASP E 196 52.43 -18.68 -43.18
N ASP E 197 52.46 -19.16 -44.43
CA ASP E 197 51.84 -18.43 -45.52
C ASP E 197 50.32 -18.43 -45.43
N ARG E 198 49.75 -19.23 -44.52
CA ARG E 198 48.31 -19.27 -44.33
C ARG E 198 47.80 -17.94 -43.79
N VAL E 199 46.72 -17.43 -44.37
CA VAL E 199 46.14 -16.16 -43.96
C VAL E 199 44.67 -16.38 -43.62
N ILE E 200 44.22 -15.74 -42.53
CA ILE E 200 42.87 -15.89 -42.01
C ILE E 200 42.14 -14.57 -42.17
N LEU E 201 40.88 -14.64 -42.58
CA LEU E 201 40.04 -13.46 -42.79
C LEU E 201 38.88 -13.48 -41.80
N GLU E 202 38.58 -12.32 -41.23
CA GLU E 202 37.50 -12.17 -40.26
C GLU E 202 36.78 -10.85 -40.49
N ARG E 203 35.78 -10.61 -39.66
CA ARG E 203 35.13 -9.29 -39.64
C ARG E 203 35.95 -8.34 -38.77
N TYR E 204 36.07 -7.10 -39.22
CA TYR E 204 36.82 -6.09 -38.49
C TYR E 204 35.84 -5.09 -37.88
N VAL E 205 35.99 -4.85 -36.58
CA VAL E 205 35.12 -3.94 -35.84
C VAL E 205 35.94 -2.70 -35.47
N LYS E 206 35.39 -1.53 -35.75
CA LYS E 206 36.09 -0.29 -35.46
C LYS E 206 36.11 0.00 -33.96
N ARG E 207 35.00 -0.28 -33.27
CA ARG E 207 34.86 0.00 -31.86
C ARG E 207 34.52 -1.25 -31.09
N SER E 208 34.90 -1.26 -29.80
CA SER E 208 34.67 -2.42 -28.94
C SER E 208 34.31 -1.96 -27.54
N ARG E 209 33.28 -2.59 -26.98
CA ARG E 209 32.79 -2.27 -25.66
C ARG E 209 32.41 -3.63 -25.13
N HIS E 210 32.85 -3.98 -23.94
CA HIS E 210 32.59 -5.32 -23.41
C HIS E 210 31.29 -5.49 -22.65
N ILE E 211 30.53 -6.52 -22.96
CA ILE E 211 29.30 -6.79 -22.21
C ILE E 211 29.35 -8.19 -21.59
N GLU E 212 28.67 -8.40 -20.47
CA GLU E 212 28.70 -9.67 -19.79
C GLU E 212 27.44 -9.87 -18.96
N CYS E 213 26.51 -10.69 -19.41
CA CYS E 213 25.26 -10.96 -18.73
C CYS E 213 25.47 -12.02 -17.67
N GLN E 214 24.70 -12.02 -16.60
CA GLN E 214 24.80 -13.08 -15.57
C GLN E 214 23.68 -14.12 -15.69
N ILE E 215 23.95 -15.34 -15.23
CA ILE E 215 22.95 -16.41 -15.34
C ILE E 215 22.96 -17.31 -14.12
N PHE E 216 21.85 -18.02 -13.90
CA PHE E 216 21.72 -18.89 -12.74
C PHE E 216 20.89 -20.11 -13.08
N PHE E 217 21.26 -21.28 -12.56
CA PHE E 217 20.56 -22.52 -12.89
C PHE E 217 20.51 -23.48 -11.72
N ASP E 218 19.38 -24.16 -11.55
CA ASP E 218 19.28 -25.16 -10.51
C ASP E 218 19.65 -26.46 -11.16
N LYS E 219 19.36 -27.57 -10.48
CA LYS E 219 19.63 -28.88 -11.05
C LYS E 219 18.31 -29.54 -11.41
N HIS E 220 17.24 -28.77 -11.47
CA HIS E 220 15.93 -29.35 -11.74
C HIS E 220 15.41 -28.61 -12.95
N GLY E 221 16.32 -28.24 -13.86
CA GLY E 221 15.93 -27.58 -15.10
C GLY E 221 15.18 -26.27 -15.07
N ARG E 222 15.69 -25.30 -14.33
CA ARG E 222 15.02 -24.02 -14.22
C ARG E 222 16.02 -22.95 -13.88
N GLY E 223 16.00 -21.82 -14.60
CA GLY E 223 16.97 -20.77 -14.37
C GLY E 223 16.48 -19.38 -14.72
N VAL E 224 17.30 -18.36 -14.48
CA VAL E 224 16.91 -17.01 -14.86
C VAL E 224 18.09 -16.08 -14.99
N PHE E 225 18.21 -15.39 -16.12
CA PHE E 225 19.38 -14.56 -16.35
C PHE E 225 19.31 -13.25 -15.58
N PHE E 226 20.41 -12.87 -14.94
CA PHE E 226 20.45 -11.62 -14.21
C PHE E 226 20.70 -10.47 -15.16
N PHE E 227 20.88 -9.28 -14.63
CA PHE E 227 21.06 -8.11 -15.48
C PHE E 227 22.45 -8.04 -16.11
N GLU E 228 22.56 -7.32 -17.22
CA GLU E 228 23.83 -7.20 -17.93
C GLU E 228 24.88 -6.47 -17.12
N ARG E 229 26.06 -6.27 -17.72
CA ARG E 229 27.13 -5.54 -17.05
C ARG E 229 28.04 -4.94 -18.11
N ASP E 230 28.92 -4.04 -17.68
CA ASP E 230 29.88 -3.40 -18.57
C ASP E 230 31.26 -3.46 -17.93
N CYS E 231 32.27 -3.84 -18.72
CA CYS E 231 33.68 -3.82 -18.31
C CYS E 231 34.53 -3.11 -19.35
N SER E 232 34.08 -1.95 -19.82
CA SER E 232 34.83 -1.22 -20.82
C SER E 232 36.18 -0.75 -20.29
N VAL E 233 36.23 -0.34 -19.04
CA VAL E 233 37.45 0.23 -18.45
C VAL E 233 38.32 -0.90 -17.92
N GLN E 234 39.48 -1.09 -18.53
CA GLN E 234 40.47 -2.02 -18.02
C GLN E 234 41.83 -1.64 -18.57
N ARG E 235 42.85 -1.73 -17.72
CA ARG E 235 44.23 -1.41 -18.09
C ARG E 235 45.08 -2.65 -17.99
N ARG E 236 45.75 -3.00 -19.08
CA ARG E 236 46.63 -4.17 -19.14
C ARG E 236 45.90 -5.44 -18.72
N TYR E 237 44.66 -5.58 -19.22
CA TYR E 237 43.80 -6.72 -18.92
C TYR E 237 43.49 -6.83 -17.43
N GLN E 238 43.46 -5.71 -16.72
CA GLN E 238 43.11 -5.67 -15.30
C GLN E 238 41.89 -4.80 -15.12
N LYS E 239 40.87 -5.34 -14.44
CA LYS E 239 39.64 -4.59 -14.23
C LYS E 239 39.86 -3.41 -13.30
N VAL E 240 39.27 -2.27 -13.66
CA VAL E 240 39.51 -1.02 -12.93
C VAL E 240 38.21 -0.49 -12.36
N LEU E 241 37.24 -0.18 -13.22
CA LEU E 241 35.94 0.31 -12.78
C LEU E 241 34.88 -0.20 -13.72
N GLU E 242 33.72 -0.57 -13.17
CA GLU E 242 32.66 -1.20 -13.96
C GLU E 242 31.29 -0.74 -13.46
N GLU E 243 30.29 -0.96 -14.31
CA GLU E 243 28.92 -0.49 -14.07
C GLU E 243 27.96 -1.62 -14.39
N ALA E 244 27.15 -2.02 -13.42
CA ALA E 244 26.17 -3.08 -13.67
C ALA E 244 25.11 -2.66 -14.69
N PRO E 245 24.47 -1.48 -14.59
CA PRO E 245 23.55 -1.05 -15.66
C PRO E 245 24.32 -0.40 -16.80
N ALA E 246 24.37 -1.10 -17.91
CA ALA E 246 25.09 -0.59 -19.05
C ALA E 246 24.38 0.65 -19.50
N PRO E 247 25.01 1.80 -19.26
CA PRO E 247 24.25 2.98 -19.65
C PRO E 247 24.07 2.94 -21.15
N HIS E 248 23.01 3.57 -21.65
CA HIS E 248 22.74 3.58 -23.09
C HIS E 248 22.47 2.18 -23.65
N LEU E 249 21.67 1.39 -22.95
CA LEU E 249 21.31 0.07 -23.47
C LEU E 249 19.79 -0.10 -23.51
N SER E 250 19.25 -0.30 -24.70
CA SER E 250 17.80 -0.42 -24.85
C SER E 250 17.24 -1.63 -24.12
N MET E 251 16.05 -1.49 -23.56
CA MET E 251 15.44 -2.59 -22.83
C MET E 251 15.31 -3.82 -23.68
N GLU E 252 14.81 -3.65 -24.89
CA GLU E 252 14.61 -4.78 -25.79
C GLU E 252 15.87 -5.59 -25.96
N THR E 253 16.99 -4.93 -26.09
CA THR E 253 18.26 -5.61 -26.25
C THR E 253 18.55 -6.43 -25.03
N ARG E 254 18.37 -5.82 -23.85
CA ARG E 254 18.60 -6.52 -22.62
C ARG E 254 17.91 -7.85 -22.71
N GLN E 255 16.63 -7.83 -23.05
CA GLN E 255 15.87 -9.06 -23.14
C GLN E 255 16.58 -10.07 -24.01
N ARG E 256 16.97 -9.66 -25.21
CA ARG E 256 17.59 -10.58 -26.16
C ARG E 256 18.92 -11.14 -25.70
N ILE E 257 19.72 -10.30 -25.04
CA ILE E 257 20.99 -10.77 -24.54
C ILE E 257 20.72 -12.03 -23.73
N GLY E 258 19.60 -12.06 -23.03
CA GLY E 258 19.24 -13.23 -22.26
C GLY E 258 18.97 -14.46 -23.11
N GLU E 259 18.17 -14.31 -24.18
CA GLU E 259 17.80 -15.49 -24.95
C GLU E 259 19.04 -16.16 -25.54
N VAL E 260 20.00 -15.35 -26.02
CA VAL E 260 21.25 -15.89 -26.53
C VAL E 260 22.03 -16.58 -25.42
N ALA E 261 22.12 -15.95 -24.25
CA ALA E 261 22.91 -16.50 -23.16
C ALA E 261 22.33 -17.82 -22.67
N LEU E 262 21.01 -17.90 -22.54
CA LEU E 262 20.39 -19.14 -22.04
C LEU E 262 20.59 -20.29 -23.02
N GLN E 263 20.57 -20.01 -24.33
CA GLN E 263 20.79 -21.06 -25.31
C GLN E 263 22.15 -21.71 -25.13
N ALA E 264 23.20 -20.89 -24.95
CA ALA E 264 24.54 -21.44 -24.81
C ALA E 264 24.69 -22.26 -23.55
N ALA E 265 24.18 -21.76 -22.42
CA ALA E 265 24.32 -22.47 -21.16
C ALA E 265 23.55 -23.79 -21.17
N LYS E 266 22.34 -23.79 -21.76
CA LYS E 266 21.57 -25.03 -21.88
C LYS E 266 22.30 -26.03 -22.76
N ALA E 267 22.91 -25.57 -23.84
CA ALA E 267 23.56 -26.48 -24.78
C ALA E 267 24.68 -27.26 -24.11
N VAL E 268 25.53 -26.57 -23.35
CA VAL E 268 26.59 -27.25 -22.61
C VAL E 268 26.07 -27.89 -21.34
N GLY E 269 24.89 -27.48 -20.87
CA GLY E 269 24.38 -27.92 -19.58
C GLY E 269 25.08 -27.16 -18.48
N TYR E 270 24.32 -26.63 -17.52
CA TYR E 270 24.97 -25.78 -16.53
C TYR E 270 24.13 -25.79 -15.25
N VAL E 271 24.82 -25.71 -14.11
CA VAL E 271 24.18 -25.62 -12.81
C VAL E 271 24.95 -24.59 -11.98
N GLY E 272 24.21 -23.76 -11.25
CA GLY E 272 24.84 -22.74 -10.44
C GLY E 272 24.81 -21.36 -11.06
N ALA E 273 25.80 -20.54 -10.73
CA ALA E 273 25.87 -19.17 -11.21
C ALA E 273 27.04 -19.00 -12.17
N GLY E 274 26.84 -18.18 -13.21
CA GLY E 274 27.86 -17.97 -14.20
C GLY E 274 27.62 -16.69 -14.97
N THR E 275 28.55 -16.39 -15.87
CA THR E 275 28.53 -15.14 -16.62
C THR E 275 28.98 -15.40 -18.06
N VAL E 276 28.20 -14.89 -19.02
CA VAL E 276 28.55 -14.91 -20.43
C VAL E 276 29.07 -13.53 -20.81
N GLU E 277 30.20 -13.49 -21.49
CA GLU E 277 30.81 -12.23 -21.93
C GLU E 277 30.64 -12.09 -23.43
N PHE E 278 30.28 -10.88 -23.87
CA PHE E 278 30.19 -10.54 -25.27
C PHE E 278 31.21 -9.48 -25.64
N ILE E 279 31.26 -9.18 -26.94
CA ILE E 279 32.00 -8.06 -27.48
C ILE E 279 31.08 -7.34 -28.46
N PHE E 280 31.07 -6.02 -28.43
CA PHE E 280 30.04 -5.23 -29.09
C PHE E 280 30.66 -4.05 -29.82
N ASP E 281 30.14 -3.76 -31.01
CA ASP E 281 30.52 -2.57 -31.77
C ASP E 281 29.30 -1.70 -31.95
N THR E 282 29.43 -0.42 -31.59
CA THR E 282 28.31 0.51 -31.72
C THR E 282 27.94 0.73 -33.18
N SER E 283 28.94 0.83 -34.06
CA SER E 283 28.67 1.11 -35.47
C SER E 283 27.87 -0.02 -36.10
N THR E 284 28.27 -1.27 -35.85
CA THR E 284 27.52 -2.40 -36.38
C THR E 284 26.18 -2.54 -35.67
N GLY E 285 26.14 -2.30 -34.36
CA GLY E 285 24.93 -2.47 -33.59
C GLY E 285 24.64 -3.90 -33.18
N GLU E 286 25.54 -4.83 -33.46
CA GLU E 286 25.34 -6.23 -33.11
C GLU E 286 26.40 -6.67 -32.13
N PHE E 287 26.06 -7.68 -31.34
CA PHE E 287 26.96 -8.29 -30.37
C PHE E 287 27.41 -9.64 -30.88
N TYR E 288 28.70 -9.94 -30.70
CA TYR E 288 29.26 -11.23 -31.08
C TYR E 288 29.94 -11.87 -29.87
N PHE E 289 29.76 -13.18 -29.75
CA PHE E 289 30.28 -13.91 -28.61
C PHE E 289 31.80 -13.88 -28.60
N MET E 290 32.37 -13.66 -27.42
CA MET E 290 33.81 -13.74 -27.24
C MET E 290 34.22 -14.86 -26.30
N GLU E 291 33.72 -14.85 -25.07
CA GLU E 291 34.09 -15.88 -24.11
C GLU E 291 33.04 -15.95 -23.00
N MET E 292 33.07 -17.06 -22.27
CA MET E 292 32.23 -17.27 -21.10
C MET E 292 33.11 -17.80 -19.98
N ASN E 293 32.71 -17.55 -18.73
CA ASN E 293 33.42 -18.09 -17.56
C ASN E 293 32.46 -18.94 -16.74
N THR E 294 32.86 -20.16 -16.44
CA THR E 294 32.06 -21.06 -15.60
C THR E 294 32.54 -20.98 -14.15
N ARG E 295 32.33 -19.79 -13.57
CA ARG E 295 32.83 -19.48 -12.25
C ARG E 295 32.21 -18.16 -11.80
N LEU E 296 31.95 -18.06 -10.50
CA LEU E 296 31.46 -16.79 -9.94
C LEU E 296 32.51 -15.70 -10.13
N GLN E 297 32.06 -14.55 -10.60
CA GLN E 297 32.97 -13.44 -10.83
C GLN E 297 33.27 -12.71 -9.52
N VAL E 298 34.12 -11.69 -9.62
CA VAL E 298 34.43 -10.84 -8.49
C VAL E 298 33.41 -9.70 -8.47
N GLU E 299 32.78 -9.45 -9.61
CA GLU E 299 31.86 -8.35 -9.80
C GLU E 299 30.42 -8.70 -9.44
N HIS E 300 30.23 -9.81 -8.72
CA HIS E 300 28.87 -10.20 -8.34
C HIS E 300 28.13 -9.17 -7.49
N PRO E 301 28.72 -8.56 -6.45
CA PRO E 301 27.91 -7.64 -5.64
C PRO E 301 27.51 -6.38 -6.39
N VAL E 302 28.20 -6.08 -7.48
CA VAL E 302 27.88 -4.89 -8.27
C VAL E 302 26.54 -5.04 -8.96
N THR E 303 26.38 -6.11 -9.74
CA THR E 303 25.13 -6.31 -10.46
C THR E 303 23.96 -6.45 -9.51
N GLU E 304 24.24 -6.84 -8.26
CA GLU E 304 23.18 -7.01 -7.27
C GLU E 304 22.43 -5.71 -7.00
N GLU E 305 23.14 -4.59 -6.98
CA GLU E 305 22.51 -3.30 -6.67
C GLU E 305 21.47 -2.88 -7.71
N VAL E 306 21.48 -3.54 -8.87
CA VAL E 306 20.53 -3.16 -9.92
C VAL E 306 19.54 -4.29 -10.21
N CYS E 307 19.26 -5.13 -9.21
CA CYS E 307 18.29 -6.20 -9.41
C CYS E 307 17.60 -6.63 -8.12
N ARG E 308 16.27 -6.67 -8.13
CA ARG E 308 15.52 -7.13 -6.96
C ARG E 308 14.57 -8.24 -7.38
N ILE E 309 14.40 -9.24 -6.52
CA ILE E 309 13.54 -10.37 -6.89
C ILE E 309 12.35 -10.38 -5.95
N LYS E 310 11.15 -10.30 -6.50
CA LYS E 310 9.94 -10.24 -5.67
C LYS E 310 10.03 -9.11 -4.68
N GLY E 311 10.59 -7.99 -5.11
CA GLY E 311 10.66 -6.84 -4.23
C GLY E 311 11.62 -6.96 -3.07
N ALA E 312 12.40 -8.05 -3.01
CA ALA E 312 13.27 -8.32 -1.89
C ALA E 312 14.73 -8.21 -2.32
N PRO E 313 15.64 -7.88 -1.43
CA PRO E 313 17.07 -7.85 -1.81
C PRO E 313 17.54 -9.21 -2.28
N LEU E 314 18.40 -9.20 -3.29
CA LEU E 314 18.94 -10.44 -3.84
C LEU E 314 20.30 -10.74 -3.24
N ASP E 315 20.53 -12.01 -2.89
CA ASP E 315 21.84 -12.48 -2.47
C ASP E 315 22.29 -13.59 -3.41
N LEU E 316 23.33 -13.32 -4.17
CA LEU E 316 23.81 -14.27 -5.18
C LEU E 316 24.40 -15.53 -4.57
N VAL E 317 25.19 -15.39 -3.50
CA VAL E 317 25.82 -16.56 -2.88
C VAL E 317 24.78 -17.42 -2.19
N LYS E 318 23.72 -16.82 -1.70
CA LYS E 318 22.67 -17.55 -1.01
C LYS E 318 22.10 -18.59 -1.91
N LEU E 319 21.70 -18.18 -3.09
CA LEU E 319 21.08 -19.09 -4.04
C LEU E 319 22.02 -20.24 -4.38
N GLN E 320 23.31 -19.94 -4.52
CA GLN E 320 24.27 -20.98 -4.88
C GLN E 320 24.33 -22.07 -3.83
N ILE E 321 24.20 -21.71 -2.55
CA ILE E 321 24.06 -22.72 -1.52
C ILE E 321 22.72 -23.43 -1.66
N LYS E 322 21.65 -22.67 -1.92
CA LYS E 322 20.34 -23.27 -2.12
C LYS E 322 20.32 -24.13 -3.37
N THR E 323 21.05 -23.73 -4.40
CA THR E 323 21.20 -24.58 -5.58
C THR E 323 21.88 -25.89 -5.21
N ALA E 324 22.94 -25.81 -4.38
CA ALA E 324 23.58 -27.02 -3.90
C ALA E 324 22.65 -27.83 -3.01
N MET E 325 21.70 -27.17 -2.34
CA MET E 325 20.73 -27.87 -1.52
C MET E 325 19.88 -28.85 -2.33
N GLY E 326 19.69 -28.61 -3.62
CA GLY E 326 18.79 -29.38 -4.42
C GLY E 326 17.39 -28.83 -4.51
N LYS E 327 17.06 -27.79 -3.74
CA LYS E 327 15.76 -27.17 -3.84
C LYS E 327 15.61 -26.47 -5.20
N PRO E 328 14.37 -26.45 -5.74
CA PRO E 328 14.18 -25.75 -7.00
C PRO E 328 13.92 -24.28 -6.77
N LEU E 329 13.92 -23.48 -7.83
CA LEU E 329 13.77 -22.03 -7.68
C LEU E 329 12.37 -21.64 -7.22
N THR E 330 12.15 -20.35 -7.05
CA THR E 330 10.87 -19.87 -6.62
C THR E 330 10.39 -18.78 -7.53
N PHE E 331 11.25 -18.31 -8.42
CA PHE E 331 10.88 -17.17 -9.26
C PHE E 331 11.17 -17.36 -10.75
N SER E 332 10.35 -16.74 -11.60
CA SER E 332 10.63 -16.80 -13.03
C SER E 332 11.58 -15.67 -13.35
N GLN E 333 11.92 -15.50 -14.62
CA GLN E 333 12.77 -14.39 -15.00
C GLN E 333 12.06 -13.09 -14.69
N GLU E 334 10.73 -13.13 -14.65
CA GLU E 334 9.94 -11.93 -14.42
C GLU E 334 10.09 -11.29 -13.05
N ASP E 335 10.01 -12.07 -11.97
CA ASP E 335 10.03 -11.47 -10.65
C ASP E 335 11.17 -10.50 -10.44
N VAL E 336 12.20 -10.58 -11.27
CA VAL E 336 13.37 -9.74 -11.07
C VAL E 336 13.25 -8.42 -11.78
N THR E 337 13.36 -7.33 -11.05
CA THR E 337 13.33 -6.02 -11.67
C THR E 337 14.49 -5.13 -11.27
N LEU E 338 15.00 -4.34 -12.19
CA LEU E 338 16.08 -3.40 -11.86
C LEU E 338 15.58 -2.11 -11.23
N VAL E 339 16.39 -1.49 -10.38
CA VAL E 339 16.00 -0.27 -9.71
C VAL E 339 17.24 0.57 -9.49
N GLY E 340 17.39 1.65 -10.24
CA GLY E 340 18.51 2.53 -10.03
C GLY E 340 19.80 2.07 -10.72
N SER E 341 20.89 2.74 -10.35
CA SER E 341 22.19 2.54 -10.96
C SER E 341 23.26 2.45 -9.88
N CYS E 342 24.40 1.84 -10.23
CA CYS E 342 25.53 1.69 -9.33
C CYS E 342 26.83 1.63 -10.11
N ILE E 343 27.92 2.04 -9.45
CA ILE E 343 29.26 2.03 -10.04
C ILE E 343 30.22 1.39 -9.03
N GLU E 344 31.30 0.80 -9.54
CA GLU E 344 32.30 0.12 -8.71
C GLU E 344 33.70 0.54 -9.11
N ALA E 345 34.62 0.49 -8.15
CA ALA E 345 36.04 0.71 -8.41
C ALA E 345 36.87 -0.16 -7.47
N ARG E 346 38.01 -0.61 -7.97
CA ARG E 346 38.94 -1.46 -7.21
C ARG E 346 40.16 -0.65 -6.83
N VAL E 347 40.62 -0.81 -5.59
CA VAL E 347 41.84 -0.17 -5.11
C VAL E 347 42.93 -1.22 -5.01
N TYR E 348 44.10 -0.90 -5.58
CA TYR E 348 45.22 -1.82 -5.67
C TYR E 348 46.41 -1.22 -4.93
N ALA E 349 47.07 -2.04 -4.09
CA ALA E 349 48.24 -1.61 -3.35
C ALA E 349 49.44 -1.56 -4.28
N GLU E 350 49.38 -0.63 -5.25
CA GLU E 350 50.45 -0.43 -6.20
C GLU E 350 50.79 1.05 -6.27
N SER E 351 51.88 1.36 -6.96
CA SER E 351 52.30 2.74 -7.08
C SER E 351 52.06 3.21 -8.47
N PRO E 352 51.19 4.18 -8.60
CA PRO E 352 50.87 4.71 -9.93
C PRO E 352 52.10 5.36 -10.59
N GLU E 353 52.93 6.06 -9.85
CA GLU E 353 54.08 6.66 -10.49
C GLU E 353 55.01 5.63 -11.09
N ARG E 354 55.11 4.48 -10.42
CA ARG E 354 55.99 3.42 -10.90
C ARG E 354 55.28 2.52 -11.89
N GLY E 355 55.95 1.45 -12.27
CA GLY E 355 55.38 0.51 -13.23
C GLY E 355 54.30 -0.38 -12.63
N PHE E 356 53.36 0.24 -11.92
CA PHE E 356 52.28 -0.44 -11.20
C PHE E 356 52.76 -1.74 -10.53
N LEU E 357 53.88 -1.61 -9.83
CA LEU E 357 54.53 -2.72 -9.14
C LEU E 357 53.97 -2.87 -7.73
N PRO E 358 53.53 -4.05 -7.33
CA PRO E 358 52.99 -4.22 -5.97
C PRO E 358 54.04 -3.93 -4.90
N GLU E 359 53.56 -3.42 -3.77
CA GLU E 359 54.40 -3.15 -2.62
C GLU E 359 53.82 -3.82 -1.37
N SER E 360 54.71 -4.31 -0.52
CA SER E 360 54.34 -4.99 0.71
C SER E 360 54.84 -4.19 1.90
N GLY E 361 53.94 -3.93 2.86
CA GLY E 361 54.28 -3.18 4.04
C GLY E 361 53.16 -3.18 5.04
N PRO E 362 53.48 -2.91 6.31
CA PRO E 362 52.43 -2.89 7.34
C PRO E 362 51.43 -1.79 7.08
N LEU E 363 50.20 -2.01 7.53
CA LEU E 363 49.12 -1.05 7.36
C LEU E 363 49.05 -0.18 8.61
N THR E 364 49.48 1.08 8.47
CA THR E 364 49.55 1.97 9.63
C THR E 364 48.18 2.51 10.03
N PHE E 365 47.55 3.34 9.21
CA PHE E 365 46.24 3.86 9.54
C PHE E 365 45.32 3.73 8.35
N ILE E 366 44.11 3.24 8.59
CA ILE E 366 43.15 2.93 7.53
C ILE E 366 41.88 3.70 7.89
N ARG E 367 41.60 4.78 7.16
CA ARG E 367 40.32 5.44 7.31
C ARG E 367 39.21 4.60 6.67
N GLU E 368 38.05 4.60 7.31
CA GLU E 368 36.92 3.86 6.79
C GLU E 368 35.81 4.80 6.38
N PRO E 369 35.45 4.83 5.10
CA PRO E 369 34.37 5.72 4.65
C PRO E 369 33.05 5.33 5.28
N PHE E 370 32.19 6.33 5.44
CA PHE E 370 30.85 6.11 5.97
C PHE E 370 30.10 5.12 5.07
N GLN E 371 29.83 3.94 5.60
CA GLN E 371 29.19 2.86 4.85
C GLN E 371 27.68 2.85 5.04
N GLY E 372 27.13 4.01 5.40
CA GLY E 372 25.71 4.11 5.65
C GLY E 372 24.92 4.91 4.61
N VAL E 373 23.60 4.79 4.66
CA VAL E 373 22.76 5.47 3.69
C VAL E 373 22.53 6.92 4.02
N ARG E 374 22.57 7.76 3.00
CA ARG E 374 22.26 9.15 3.21
C ARG E 374 22.02 9.80 1.86
N GLY E 375 21.13 10.78 1.83
CA GLY E 375 20.79 11.41 0.58
C GLY E 375 20.17 10.41 -0.34
N PRO E 376 20.33 10.62 -1.65
CA PRO E 376 19.79 9.68 -2.63
C PRO E 376 20.82 8.67 -3.09
N ALA E 377 21.44 7.95 -2.17
CA ALA E 377 22.50 7.04 -2.58
C ALA E 377 22.96 6.05 -1.52
N ARG E 378 23.35 4.87 -1.95
CA ARG E 378 23.92 3.93 -0.99
C ARG E 378 25.36 3.66 -1.35
N THR E 379 26.24 3.76 -0.36
CA THR E 379 27.66 3.55 -0.57
C THR E 379 28.15 2.51 0.45
N ARG E 380 28.88 1.52 -0.04
CA ARG E 380 29.39 0.46 0.81
C ARG E 380 30.86 0.22 0.49
N LEU E 381 31.57 -0.34 1.45
CA LEU E 381 32.96 -0.72 1.29
C LEU E 381 33.15 -2.13 1.84
N ASP E 382 33.82 -2.97 1.06
CA ASP E 382 34.19 -4.31 1.49
C ASP E 382 35.70 -4.44 1.41
N THR E 383 36.34 -4.70 2.55
CA THR E 383 37.79 -4.81 2.61
C THR E 383 38.19 -6.14 3.24
N GLY E 384 39.23 -6.75 2.68
CA GLY E 384 39.73 -8.00 3.20
C GLY E 384 40.90 -7.84 4.13
N PHE E 385 41.16 -6.59 4.53
CA PHE E 385 42.24 -6.25 5.44
C PHE E 385 41.74 -5.23 6.44
N ARG E 386 42.43 -5.17 7.59
CA ARG E 386 42.08 -4.24 8.65
C ARG E 386 43.34 -3.62 9.21
N GLU E 387 43.19 -2.88 10.30
CA GLU E 387 44.34 -2.25 10.94
C GLU E 387 45.27 -3.30 11.53
N GLY E 388 46.56 -3.01 11.49
CA GLY E 388 47.56 -3.93 12.00
C GLY E 388 47.93 -5.06 11.05
N ASP E 389 47.30 -5.13 9.88
CA ASP E 389 47.60 -6.19 8.94
C ASP E 389 48.74 -5.75 8.03
N ASN E 390 49.32 -6.73 7.33
CA ASN E 390 50.44 -6.49 6.43
C ASN E 390 50.17 -7.18 5.10
N VAL E 391 50.50 -6.49 4.00
CA VAL E 391 50.26 -7.02 2.66
C VAL E 391 51.32 -8.06 2.32
N LEU E 392 50.87 -9.17 1.75
CA LEU E 392 51.77 -10.25 1.32
C LEU E 392 52.07 -10.08 -0.15
N ILE E 393 53.35 -10.22 -0.52
CA ILE E 393 53.76 -10.04 -1.91
C ILE E 393 53.27 -11.20 -2.77
N HIS E 394 53.12 -12.40 -2.17
CA HIS E 394 52.65 -13.54 -2.94
C HIS E 394 51.25 -13.32 -3.46
N TYR E 395 50.37 -12.73 -2.65
CA TYR E 395 49.01 -12.46 -3.09
C TYR E 395 48.98 -11.26 -4.03
N ASP E 396 47.87 -11.11 -4.75
CA ASP E 396 47.70 -9.94 -5.60
C ASP E 396 47.44 -8.72 -4.72
N PRO E 397 47.82 -7.53 -5.19
CA PRO E 397 47.51 -6.31 -4.41
C PRO E 397 46.04 -5.93 -4.53
N MET E 398 45.25 -6.19 -3.48
CA MET E 398 43.82 -5.92 -3.53
C MET E 398 43.37 -5.59 -2.11
N LEU E 399 42.96 -4.33 -1.91
CA LEU E 399 42.59 -3.86 -0.59
C LEU E 399 41.08 -3.94 -0.35
N ALA E 400 40.30 -3.25 -1.17
CA ALA E 400 38.88 -3.09 -0.91
C ALA E 400 38.14 -2.78 -2.20
N LYS E 401 36.82 -2.88 -2.13
CA LYS E 401 35.94 -2.53 -3.23
C LYS E 401 34.90 -1.55 -2.73
N VAL E 402 34.67 -0.49 -3.50
CA VAL E 402 33.69 0.55 -3.14
C VAL E 402 32.63 0.61 -4.22
N ILE E 403 31.36 0.59 -3.81
CA ILE E 403 30.22 0.56 -4.70
C ILE E 403 29.23 1.63 -4.26
N SER E 404 28.71 2.40 -5.22
CA SER E 404 27.77 3.48 -4.94
C SER E 404 26.46 3.23 -5.68
N TRP E 405 25.53 2.55 -5.03
CA TRP E 405 24.18 2.40 -5.54
C TRP E 405 23.42 3.72 -5.47
N GLY E 406 22.57 3.96 -6.45
CA GLY E 406 21.77 5.17 -6.48
C GLY E 406 20.54 5.00 -7.32
N ARG E 407 19.61 5.94 -7.17
CA ARG E 407 18.41 5.96 -8.00
C ARG E 407 18.71 6.44 -9.42
N SER E 408 19.74 7.27 -9.59
CA SER E 408 20.18 7.70 -10.91
C SER E 408 21.70 7.60 -10.98
N ARG E 409 22.18 7.49 -12.21
CA ARG E 409 23.62 7.39 -12.43
C ARG E 409 24.37 8.52 -11.81
N GLU E 410 23.85 9.72 -11.97
CA GLU E 410 24.53 10.88 -11.44
C GLU E 410 24.78 10.70 -9.97
N GLU E 411 23.73 10.37 -9.24
CA GLU E 411 23.86 10.21 -7.81
C GLU E 411 24.96 9.21 -7.50
N ALA E 412 24.95 8.10 -8.20
CA ALA E 412 25.94 7.07 -7.96
C ALA E 412 27.34 7.60 -8.21
N LEU E 413 27.59 8.21 -9.36
CA LEU E 413 28.94 8.67 -9.66
C LEU E 413 29.37 9.73 -8.66
N ARG E 414 28.46 10.64 -8.33
CA ARG E 414 28.81 11.71 -7.41
C ARG E 414 29.13 11.12 -6.06
N GLY E 415 28.37 10.11 -5.67
CA GLY E 415 28.61 9.51 -4.38
C GLY E 415 30.01 8.98 -4.28
N LEU E 416 30.41 8.21 -5.27
CA LEU E 416 31.71 7.61 -5.21
C LEU E 416 32.74 8.69 -5.03
N ARG E 417 32.68 9.71 -5.87
CA ARG E 417 33.70 10.75 -5.80
C ARG E 417 34.02 11.06 -4.36
N GLN E 418 33.00 11.44 -3.60
CA GLN E 418 33.25 11.82 -2.22
C GLN E 418 33.80 10.66 -1.40
N ALA E 419 33.25 9.47 -1.59
CA ALA E 419 33.74 8.34 -0.84
C ALA E 419 35.18 8.05 -1.21
N LEU E 420 35.46 7.98 -2.50
CA LEU E 420 36.81 7.63 -2.91
C LEU E 420 37.73 8.61 -2.26
N GLY E 421 37.35 9.87 -2.22
CA GLY E 421 38.17 10.84 -1.56
C GLY E 421 38.34 10.54 -0.08
N GLU E 422 37.25 10.22 0.62
CA GLU E 422 37.32 10.02 2.07
C GLU E 422 38.20 8.86 2.57
N TYR E 423 38.13 7.70 1.93
CA TYR E 423 38.91 6.54 2.34
C TYR E 423 40.39 6.87 2.29
N LYS E 424 41.11 6.54 3.36
CA LYS E 424 42.53 6.89 3.43
C LYS E 424 43.35 5.77 4.00
N VAL E 425 44.49 5.51 3.40
CA VAL E 425 45.38 4.49 3.91
C VAL E 425 46.75 5.09 4.02
N ALA E 426 47.47 4.77 5.08
CA ALA E 426 48.84 5.26 5.20
C ALA E 426 49.78 4.09 5.31
N GLY E 427 50.88 4.16 4.58
CA GLY E 427 51.89 3.12 4.67
C GLY E 427 52.37 2.61 3.33
N ILE E 428 51.46 2.48 2.36
CA ILE E 428 51.82 2.05 1.02
C ILE E 428 51.10 2.94 0.01
N ASN E 429 51.83 3.32 -1.03
CA ASN E 429 51.23 4.08 -2.12
C ASN E 429 50.15 3.27 -2.80
N THR E 430 49.08 3.94 -3.20
CA THR E 430 47.94 3.30 -3.83
C THR E 430 47.56 4.09 -5.09
N ASN E 431 46.67 3.50 -5.88
CA ASN E 431 46.19 4.09 -7.12
C ASN E 431 44.90 4.89 -6.91
N ILE E 432 44.57 5.16 -5.65
CA ILE E 432 43.32 5.85 -5.33
C ILE E 432 43.31 7.24 -5.96
N GLU E 433 44.47 7.90 -6.01
CA GLU E 433 44.56 9.18 -6.69
C GLU E 433 44.29 9.03 -8.17
N PHE E 434 44.76 7.94 -8.78
CA PHE E 434 44.50 7.70 -10.19
C PHE E 434 43.02 7.57 -10.49
N LEU E 435 42.30 6.79 -9.67
CA LEU E 435 40.89 6.54 -9.94
C LEU E 435 40.09 7.84 -9.88
N LYS E 436 40.39 8.69 -8.90
CA LYS E 436 39.71 9.98 -8.81
C LYS E 436 40.00 10.85 -10.03
N ARG E 437 41.25 10.83 -10.49
CA ARG E 437 41.59 11.53 -11.73
C ARG E 437 40.86 10.93 -12.91
N CYS E 438 40.62 9.63 -12.89
CA CYS E 438 39.85 8.98 -13.95
C CYS E 438 38.38 9.40 -13.92
N CYS E 439 37.92 9.93 -12.79
CA CYS E 439 36.50 10.23 -12.63
C CYS E 439 36.18 11.72 -12.81
N GLU E 440 37.11 12.61 -12.51
CA GLU E 440 36.79 14.04 -12.55
C GLU E 440 36.89 14.59 -13.98
N THR E 441 38.11 14.65 -14.52
CA THR E 441 38.30 15.32 -15.81
C THR E 441 37.70 14.55 -16.98
N PRO E 442 37.89 13.23 -17.12
CA PRO E 442 37.29 12.54 -18.26
C PRO E 442 35.78 12.69 -18.27
N GLU E 443 35.25 13.11 -19.42
CA GLU E 443 33.81 13.28 -19.57
C GLU E 443 33.18 11.93 -19.93
N PHE E 444 33.44 10.92 -19.10
CA PHE E 444 32.78 9.64 -19.24
C PHE E 444 31.48 9.56 -18.44
N ALA E 445 31.10 10.65 -17.77
CA ALA E 445 29.79 10.74 -17.16
C ALA E 445 28.68 10.59 -18.20
N ARG E 446 28.99 10.86 -19.47
CA ARG E 446 28.03 10.61 -20.54
C ARG E 446 27.67 9.13 -20.62
N GLY E 447 28.64 8.24 -20.45
CA GLY E 447 28.41 6.82 -20.43
C GLY E 447 28.98 6.04 -21.58
N GLY E 448 29.62 6.70 -22.53
CA GLY E 448 30.20 5.98 -23.66
C GLY E 448 31.71 5.88 -23.59
N VAL E 449 32.22 4.71 -23.21
CA VAL E 449 33.65 4.46 -23.13
C VAL E 449 33.97 3.14 -23.80
N THR E 450 35.04 3.12 -24.60
CA THR E 450 35.41 1.94 -25.34
C THR E 450 36.38 1.08 -24.53
N THR E 451 36.74 -0.08 -25.11
CA THR E 451 37.66 -0.99 -24.43
C THR E 451 39.02 -0.34 -24.25
N ASN E 452 39.48 0.39 -25.25
CA ASN E 452 40.75 1.11 -25.21
C ASN E 452 40.62 2.51 -24.66
N PHE E 453 39.56 2.80 -23.89
CA PHE E 453 39.34 4.15 -23.38
C PHE E 453 40.50 4.65 -22.53
N ILE E 454 41.15 3.74 -21.80
CA ILE E 454 42.24 4.17 -20.92
C ILE E 454 43.45 4.60 -21.73
N SER E 455 43.65 4.02 -22.92
CA SER E 455 44.89 4.20 -23.65
C SER E 455 45.10 5.64 -24.09
N GLU E 456 44.05 6.29 -24.59
CA GLU E 456 44.24 7.62 -25.19
C GLU E 456 44.43 8.71 -24.14
N HIS E 457 43.80 8.59 -22.98
CA HIS E 457 43.83 9.65 -21.99
C HIS E 457 44.95 9.48 -20.97
N GLU E 458 46.00 8.73 -21.32
CA GLU E 458 47.09 8.51 -20.37
C GLU E 458 47.87 9.79 -20.11
N SER E 459 47.88 10.71 -21.07
CA SER E 459 48.56 11.98 -20.87
C SER E 459 47.83 12.80 -19.82
N GLN E 460 46.50 12.83 -19.95
CA GLN E 460 45.70 13.60 -19.01
C GLN E 460 45.82 13.06 -17.59
N LEU E 461 45.87 11.74 -17.46
CA LEU E 461 45.91 11.14 -16.13
C LEU E 461 47.31 11.07 -15.53
N LEU E 462 47.48 10.19 -14.55
CA LEU E 462 48.78 10.05 -13.89
C LEU E 462 49.25 11.38 -13.29
N LYS E 463 48.28 12.18 -12.82
CA LYS E 463 48.55 13.51 -12.30
C LYS E 463 48.06 13.62 -10.86
N SER E 464 48.87 14.24 -10.02
CA SER E 464 48.63 14.37 -8.59
C SER E 464 48.82 15.82 -8.17
N PRO E 465 48.23 16.22 -7.04
CA PRO E 465 48.39 17.60 -6.58
C PRO E 465 49.84 17.93 -6.25
N VAL E 466 50.17 19.21 -6.43
CA VAL E 466 51.52 19.71 -6.22
C VAL E 466 51.74 19.96 -4.74
N VAL E 467 52.85 19.46 -4.21
CA VAL E 467 53.16 19.65 -2.80
C VAL E 467 53.52 21.12 -2.57
N THR E 468 52.61 21.86 -1.94
CA THR E 468 52.82 23.26 -1.64
C THR E 468 53.90 23.41 -0.56
N PRO E 469 54.60 24.55 -0.54
CA PRO E 469 55.63 24.73 0.50
C PRO E 469 55.09 24.65 1.91
N GLU E 470 53.80 24.92 2.11
CA GLU E 470 53.20 24.77 3.43
C GLU E 470 53.18 23.31 3.87
N VAL E 471 52.89 22.39 2.95
CA VAL E 471 52.80 20.98 3.33
C VAL E 471 54.10 20.52 3.97
N ALA E 472 55.23 21.00 3.46
CA ALA E 472 56.52 20.67 4.08
C ALA E 472 56.58 21.16 5.51
N ALA E 473 55.94 22.28 5.80
CA ALA E 473 56.02 22.85 7.15
C ALA E 473 55.38 21.94 8.18
N MET E 474 54.15 21.47 7.92
CA MET E 474 53.51 20.54 8.85
C MET E 474 54.20 19.18 8.85
N ALA E 475 54.60 18.71 7.67
CA ALA E 475 55.28 17.42 7.61
C ALA E 475 56.61 17.46 8.35
N ALA E 476 57.41 18.51 8.13
CA ALA E 476 58.69 18.60 8.80
C ALA E 476 58.52 18.71 10.31
N THR E 477 57.56 19.52 10.76
CA THR E 477 57.38 19.72 12.20
C THR E 477 57.00 18.41 12.87
N ALA E 478 56.15 17.61 12.24
CA ALA E 478 55.67 16.37 12.86
C ALA E 478 56.80 15.40 13.15
N TRP E 479 57.78 15.31 12.23
CA TRP E 479 58.87 14.36 12.41
C TRP E 479 59.67 14.66 13.66
N LEU E 480 59.94 15.93 13.91
CA LEU E 480 60.66 16.25 15.11
C LEU E 480 59.78 15.87 16.27
N LEU E 481 58.70 16.62 16.48
CA LEU E 481 57.88 16.38 17.65
C LEU E 481 57.45 14.93 17.78
N ASN E 482 57.27 14.24 16.67
CA ASN E 482 56.78 12.88 16.80
C ASN E 482 57.98 11.99 16.92
N ARG E 483 59.07 12.54 17.41
CA ARG E 483 60.23 11.72 17.65
C ARG E 483 60.85 12.12 18.99
N CYS E 484 60.79 13.41 19.32
CA CYS E 484 61.46 13.85 20.54
C CYS E 484 60.93 15.17 21.08
N ASP E 485 61.69 15.76 22.00
CA ASP E 485 61.28 17.03 22.59
C ASP E 485 61.93 18.21 21.89
N ASN E 486 62.19 18.07 20.60
CA ASN E 486 62.72 19.21 19.86
C ASN E 486 61.81 20.37 20.12
N TRP E 487 62.37 21.55 20.35
CA TRP E 487 61.52 22.73 20.54
C TRP E 487 60.72 22.61 21.82
N ARG E 488 61.08 21.67 22.68
CA ARG E 488 60.39 21.51 23.96
C ARG E 488 61.39 21.71 25.07
N GLY E 489 61.25 22.78 25.84
CA GLY E 489 62.19 23.07 26.91
C GLY E 489 63.50 23.60 26.39
N ALA E 490 63.57 23.85 25.08
CA ALA E 490 64.80 24.36 24.48
C ALA E 490 65.14 25.75 25.03
N PHE E 491 66.42 26.05 25.13
CA PHE E 491 66.85 27.35 25.66
C PHE E 491 68.29 27.67 25.31
N ARG E 492 68.56 28.90 24.89
CA ARG E 492 69.93 29.32 24.63
C ARG E 492 70.15 30.68 25.27
N LEU E 493 71.29 31.30 25.01
CA LEU E 493 71.60 32.59 25.64
C LEU E 493 71.66 33.75 24.65
N ASN E 494 70.94 34.82 24.95
CA ASN E 494 70.97 36.00 24.09
C ASN E 494 70.86 35.65 22.61
N SER E 495 70.24 34.50 22.32
CA SER E 495 70.09 34.09 20.93
C SER E 495 68.71 33.50 20.72
N ASP E 496 68.53 32.76 19.62
CA ASP E 496 67.25 32.12 19.37
C ASP E 496 67.49 30.74 18.81
N THR E 497 66.50 29.87 18.90
CA THR E 497 66.68 28.50 18.47
C THR E 497 66.71 28.26 16.98
N ASN E 498 67.22 27.12 16.53
CA ASN E 498 67.19 26.77 15.13
C ASN E 498 67.31 25.26 15.00
N ALA E 499 66.50 24.69 14.09
CA ALA E 499 66.56 23.27 13.79
C ALA E 499 66.05 23.05 12.38
N THR E 500 66.71 22.16 11.65
CA THR E 500 66.47 22.01 10.22
C THR E 500 66.18 20.55 9.89
N VAL E 501 65.41 20.35 8.83
CA VAL E 501 65.06 19.03 8.32
C VAL E 501 65.36 18.99 6.83
N HIS E 502 65.90 17.89 6.36
CA HIS E 502 66.21 17.69 4.95
C HIS E 502 65.26 16.66 4.35
N PHE E 503 64.54 17.06 3.30
CA PHE E 503 63.62 16.20 2.58
C PHE E 503 64.20 15.86 1.21
N TYR E 504 64.12 14.59 0.83
CA TYR E 504 64.57 14.17 -0.50
C TYR E 504 63.36 14.04 -1.43
N ILE E 505 62.76 15.20 -1.72
CA ILE E 505 61.62 15.25 -2.62
C ILE E 505 62.11 14.99 -4.05
N ASP E 506 61.49 14.01 -4.72
CA ASP E 506 61.87 13.61 -6.08
C ASP E 506 63.36 13.26 -6.05
N ASP E 507 64.18 13.81 -6.95
CA ASP E 507 65.61 13.57 -6.97
C ASP E 507 66.41 14.78 -6.51
N HIS E 508 65.75 15.74 -5.86
CA HIS E 508 66.38 16.98 -5.43
C HIS E 508 66.22 17.14 -3.92
N PRO E 509 67.32 17.25 -3.17
CA PRO E 509 67.20 17.45 -1.72
C PRO E 509 66.48 18.75 -1.41
N VAL E 510 65.67 18.73 -0.35
CA VAL E 510 64.91 19.90 0.09
C VAL E 510 65.26 20.17 1.54
N GLU E 511 65.57 21.42 1.85
CA GLU E 511 65.91 21.85 3.20
C GLU E 511 64.82 22.78 3.73
N VAL E 512 64.37 22.53 4.96
CA VAL E 512 63.40 23.38 5.63
C VAL E 512 63.99 23.76 6.99
N ARG E 513 63.92 25.04 7.32
CA ARG E 513 64.48 25.55 8.57
C ARG E 513 63.37 26.15 9.43
N LEU E 514 63.38 25.80 10.71
CA LEU E 514 62.37 26.26 11.66
C LEU E 514 63.08 26.89 12.85
N HIS E 515 62.54 28.02 13.32
CA HIS E 515 63.14 28.76 14.42
C HIS E 515 62.06 29.55 15.14
N THR E 516 62.40 30.04 16.32
CA THR E 516 61.46 30.76 17.17
C THR E 516 62.06 32.08 17.63
N GLU E 517 61.17 33.05 17.91
CA GLU E 517 61.54 34.34 18.46
C GLU E 517 60.69 34.62 19.69
N GLY E 518 61.28 35.24 20.70
CA GLY E 518 60.59 35.45 21.96
C GLY E 518 60.80 34.29 22.91
N ALA E 519 59.90 34.24 23.89
CA ALA E 519 59.94 33.14 24.81
C ALA E 519 58.86 32.18 24.40
N ASN E 520 58.52 32.15 23.11
CA ASN E 520 57.38 31.32 22.69
C ASN E 520 57.69 30.06 21.94
N TYR E 521 57.27 28.91 22.50
CA TYR E 521 57.39 27.66 21.75
C TYR E 521 56.29 27.80 20.76
N HIS E 522 55.22 28.49 21.12
CA HIS E 522 54.05 28.56 20.21
C HIS E 522 54.33 29.28 18.90
N LYS E 523 54.93 30.47 18.97
CA LYS E 523 55.17 31.24 17.75
C LYS E 523 56.30 30.61 16.96
N ILE E 524 55.99 30.12 15.75
CA ILE E 524 57.00 29.44 14.94
C ILE E 524 56.99 29.96 13.51
N PHE E 525 58.13 29.90 12.85
CA PHE E 525 58.23 30.38 11.48
C PHE E 525 58.74 29.29 10.55
N PHE E 526 59.01 29.63 9.29
CA PHE E 526 59.46 28.64 8.34
C PHE E 526 60.02 29.33 7.12
N SER E 527 60.94 28.64 6.43
CA SER E 527 61.53 29.17 5.21
C SER E 527 61.89 27.99 4.32
N VAL E 528 61.03 27.68 3.36
CA VAL E 528 61.26 26.61 2.41
C VAL E 528 61.06 27.19 1.00
N TRP E 529 61.99 26.87 0.10
CA TRP E 529 61.96 27.36 -1.28
C TRP E 529 61.85 28.88 -1.32
N ASP E 530 62.59 29.53 -0.41
CA ASP E 530 62.65 30.99 -0.33
C ASP E 530 61.28 31.60 -0.07
N HIS E 531 60.45 30.90 0.69
CA HIS E 531 59.15 31.40 1.09
C HIS E 531 59.06 31.38 2.61
N ASP E 532 58.73 32.52 3.20
CA ASP E 532 58.74 32.69 4.63
C ASP E 532 57.38 33.12 5.15
N GLY E 533 57.04 32.64 6.35
CA GLY E 533 55.80 32.98 6.98
C GLY E 533 55.86 32.63 8.45
N SER E 534 54.72 32.76 9.12
CA SER E 534 54.60 32.43 10.53
C SER E 534 53.37 31.59 10.77
N PHE E 535 53.41 30.75 11.79
CA PHE E 535 52.23 30.01 12.20
C PHE E 535 52.37 29.62 13.66
N GLU E 536 51.30 29.13 14.23
CA GLU E 536 51.40 28.62 15.57
C GLU E 536 50.98 27.20 15.38
N VAL E 537 51.31 26.37 16.32
CA VAL E 537 51.01 24.95 16.28
C VAL E 537 50.65 24.47 17.67
N CYS E 538 49.55 23.72 17.78
CA CYS E 538 49.13 23.10 19.03
C CYS E 538 48.96 21.61 18.79
N SER E 539 49.67 20.79 19.55
CA SER E 539 49.72 19.35 19.34
C SER E 539 48.56 18.67 20.08
N GLY E 540 48.62 17.35 20.18
CA GLY E 540 47.63 16.60 20.92
C GLY E 540 48.27 15.74 21.99
N PRO E 541 47.57 14.68 22.41
CA PRO E 541 48.16 13.75 23.38
C PRO E 541 49.38 13.05 22.79
N VAL E 542 50.37 12.79 23.64
CA VAL E 542 51.55 12.07 23.19
C VAL E 542 51.27 10.57 23.23
N THR E 543 51.57 9.89 22.12
CA THR E 543 51.26 8.48 21.97
C THR E 543 52.44 7.75 21.35
N SER E 544 52.44 6.43 21.55
CA SER E 544 53.45 5.52 20.98
C SER E 544 54.86 5.90 21.44
N LYS E 545 55.07 5.77 22.76
CA LYS E 545 56.39 6.02 23.32
C LYS E 545 57.42 5.03 22.80
N HIS E 546 56.99 3.82 22.42
CA HIS E 546 57.95 2.81 21.98
C HIS E 546 58.55 3.16 20.62
N ARG E 547 57.89 4.05 19.87
CA ARG E 547 58.32 4.50 18.55
C ARG E 547 58.87 3.36 17.69
N ASP E 548 58.01 2.38 17.46
CA ASP E 548 58.35 1.22 16.63
C ASP E 548 58.20 1.55 15.16
N GLN E 549 58.15 0.53 14.31
CA GLN E 549 58.01 0.75 12.87
C GLN E 549 56.77 1.58 12.56
N LYS E 550 55.67 1.36 13.30
CA LYS E 550 54.49 2.20 13.12
C LYS E 550 54.75 3.62 13.61
N SER E 551 55.62 3.76 14.61
CA SER E 551 56.04 5.06 15.16
C SER E 551 54.82 5.72 15.79
N ILE E 552 54.67 7.04 15.66
CA ILE E 552 53.71 7.81 16.43
C ILE E 552 52.65 8.35 15.50
N VAL E 553 51.38 8.14 15.85
CA VAL E 553 50.24 8.67 15.12
C VAL E 553 49.54 9.67 16.02
N ASN E 554 49.67 10.96 15.70
CA ASN E 554 49.05 11.99 16.49
C ASN E 554 48.41 13.03 15.59
N ASP E 555 47.37 13.68 16.12
CA ASP E 555 46.68 14.76 15.46
C ASP E 555 47.40 16.06 15.77
N PHE E 556 47.41 16.98 14.80
CA PHE E 556 48.07 18.27 14.96
C PHE E 556 47.13 19.37 14.52
N THR E 557 47.37 20.57 15.04
CA THR E 557 46.62 21.76 14.66
C THR E 557 47.59 22.84 14.25
N PHE E 558 47.39 23.53 13.15
CA PHE E 558 48.33 24.58 12.83
C PHE E 558 47.63 25.88 12.50
N LEU E 559 47.88 26.91 13.27
CA LEU E 559 47.30 28.21 12.96
C LEU E 559 48.31 29.11 12.27
N PHE E 560 48.26 29.18 10.95
CA PHE E 560 49.15 30.08 10.23
C PHE E 560 48.69 31.50 10.37
N GLU E 561 49.61 32.44 10.28
CA GLU E 561 49.27 33.86 10.49
C GLU E 561 48.17 34.38 9.58
N ASN E 562 48.23 34.03 8.30
CA ASN E 562 47.24 34.55 7.37
C ASN E 562 45.89 34.44 8.02
N GLY E 563 45.61 33.29 8.63
CA GLY E 563 44.36 33.13 9.34
C GLY E 563 43.83 31.72 9.34
N MET E 564 44.41 30.85 8.54
CA MET E 564 43.83 29.53 8.43
C MET E 564 44.06 28.66 9.66
N HIS E 565 43.68 27.40 9.58
CA HIS E 565 43.90 26.47 10.66
C HIS E 565 43.83 25.15 9.98
N HIS E 566 44.51 24.14 10.51
CA HIS E 566 44.54 22.84 9.86
C HIS E 566 44.62 21.74 10.89
N THR E 567 44.20 20.54 10.51
CA THR E 567 44.32 19.39 11.40
C THR E 567 45.02 18.29 10.66
N VAL E 568 46.09 17.75 11.24
CA VAL E 568 46.88 16.76 10.53
C VAL E 568 47.29 15.54 11.36
N LEU E 569 46.84 14.36 10.97
CA LEU E 569 47.19 13.14 11.68
C LEU E 569 48.47 12.59 11.11
N ALA E 570 49.59 12.81 11.79
CA ALA E 570 50.87 12.41 11.20
C ALA E 570 51.54 11.17 11.76
N VAL E 571 51.65 10.13 10.96
CA VAL E 571 52.37 8.93 11.37
C VAL E 571 53.75 9.06 10.77
N ALA E 572 54.72 9.52 11.55
CA ALA E 572 56.04 9.79 11.00
C ALA E 572 57.08 8.76 11.31
N THR E 573 57.92 8.40 10.33
CA THR E 573 59.00 7.50 10.69
C THR E 573 60.29 8.07 10.15
N GLU E 574 61.40 7.37 10.42
CA GLU E 574 62.69 7.82 9.92
C GLU E 574 62.71 7.80 8.40
N GLY E 575 62.06 6.82 7.78
CA GLY E 575 62.05 6.73 6.33
C GLY E 575 61.28 7.85 5.68
N ASP E 576 60.12 8.20 6.23
CA ASP E 576 59.25 9.16 5.58
C ASP E 576 58.31 9.79 6.61
N VAL E 577 57.69 10.89 6.19
CA VAL E 577 56.67 11.57 6.98
C VAL E 577 55.39 11.60 6.14
N THR E 578 54.32 11.07 6.70
CA THR E 578 53.03 11.01 6.01
C THR E 578 52.05 11.96 6.70
N VAL E 579 51.47 12.86 5.92
CA VAL E 579 50.50 13.83 6.43
C VAL E 579 49.19 13.65 5.67
N ILE E 580 48.09 13.56 6.42
CA ILE E 580 46.76 13.37 5.86
C ILE E 580 45.87 14.48 6.38
N GLY E 581 45.18 15.16 5.48
CA GLY E 581 44.29 16.24 5.85
C GLY E 581 43.44 16.64 4.68
N SER E 582 42.84 17.83 4.77
CA SER E 582 41.95 18.30 3.72
C SER E 582 42.69 18.47 2.40
N PHE E 583 44.01 18.66 2.46
CA PHE E 583 44.81 18.71 1.24
C PHE E 583 44.80 17.37 0.53
N GLY E 584 44.71 16.28 1.28
CA GLY E 584 44.79 14.94 0.76
C GLY E 584 45.78 14.14 1.58
N LEU E 585 46.49 13.23 0.92
CA LEU E 585 47.58 12.50 1.54
C LEU E 585 48.86 12.80 0.75
N HIS E 586 49.95 13.01 1.48
CA HIS E 586 51.27 13.19 0.87
C HIS E 586 52.30 12.57 1.79
N GLN E 587 53.19 11.76 1.23
CA GLN E 587 54.33 11.23 1.95
C GLN E 587 55.60 11.85 1.38
N LEU E 588 56.42 12.41 2.25
CA LEU E 588 57.65 13.08 1.86
C LEU E 588 58.84 12.25 2.33
N ARG E 589 59.67 11.83 1.40
CA ARG E 589 60.81 11.02 1.78
C ARG E 589 61.90 11.88 2.38
N LEU E 590 62.45 11.41 3.49
CA LEU E 590 63.52 12.15 4.13
C LEU E 590 64.83 11.83 3.46
N LEU E 591 65.61 12.87 3.17
CA LEU E 591 66.91 12.68 2.53
C LEU E 591 67.73 11.61 3.22
N PRO E 592 67.99 10.50 2.53
CA PRO E 592 68.80 9.42 3.11
C PRO E 592 70.25 9.85 3.28
N LEU E 593 70.83 9.58 4.44
CA LEU E 593 72.22 9.92 4.68
C LEU E 593 72.93 8.77 5.39
N THR E 594 73.14 7.67 4.67
CA THR E 594 73.83 6.53 5.25
C THR E 594 74.83 5.95 4.27
N ASP E 595 76.03 5.63 4.74
CA ASP E 595 77.07 5.12 3.86
C ASP E 595 78.23 4.52 4.65
N GLY E 596 78.04 3.34 5.21
CA GLY E 596 79.08 2.72 6.01
C GLY E 596 79.76 3.79 6.83
N PHE E 597 78.99 4.53 7.63
CA PHE E 597 79.54 5.61 8.41
C PHE E 597 80.99 5.38 8.69
N GLY E 598 81.28 4.32 9.42
CA GLY E 598 82.65 4.10 9.83
C GLY E 598 83.67 3.72 8.81
N ASP E 599 83.47 2.57 8.19
CA ASP E 599 84.48 2.09 7.28
C ASP E 599 84.49 2.94 6.01
N SER E 600 84.98 4.17 6.12
CA SER E 600 85.10 5.01 4.93
C SER E 600 86.58 5.30 4.71
N SER E 601 87.28 4.37 4.06
CA SER E 601 88.72 4.46 3.85
C SER E 601 89.00 4.56 2.36
N THR E 602 89.65 5.65 1.96
CA THR E 602 90.11 5.84 0.59
C THR E 602 91.62 5.67 0.47
N ALA E 603 92.25 5.06 1.47
CA ALA E 603 93.71 4.91 1.46
C ALA E 603 94.15 4.06 0.28
N GLY E 604 95.27 4.45 -0.32
CA GLY E 604 95.76 3.74 -1.50
C GLY E 604 96.13 2.29 -1.21
N GLY E 605 96.78 2.05 -0.07
CA GLY E 605 97.21 0.71 0.26
C GLY E 605 98.26 0.16 -0.70
N THR E 606 99.28 0.96 -1.00
CA THR E 606 100.20 0.61 -2.08
C THR E 606 101.05 -0.62 -1.74
N SER E 607 101.65 -0.66 -0.55
CA SER E 607 102.60 -1.72 -0.23
C SER E 607 102.53 -2.05 1.26
N THR E 608 103.32 -3.06 1.63
CA THR E 608 103.48 -3.49 3.02
C THR E 608 102.11 -3.87 3.61
N LYS E 609 101.43 -4.80 2.95
CA LYS E 609 100.12 -5.27 3.40
C LYS E 609 100.18 -6.76 3.68
N ILE E 610 99.42 -7.18 4.69
CA ILE E 610 99.37 -8.55 5.21
C ILE E 610 100.77 -9.17 5.25
N VAL E 611 101.75 -8.41 5.71
CA VAL E 611 103.11 -8.88 5.75
C VAL E 611 103.21 -10.04 6.73
N SER E 612 104.00 -11.02 6.40
CA SER E 612 104.13 -12.16 7.29
C SER E 612 105.44 -12.08 8.08
N PRO E 613 105.48 -12.71 9.25
CA PRO E 613 106.73 -12.75 10.03
C PRO E 613 107.80 -13.55 9.31
N MET E 614 108.95 -13.67 9.99
CA MET E 614 110.13 -14.27 9.38
C MET E 614 109.90 -15.68 8.84
N PRO E 615 109.30 -16.63 9.59
CA PRO E 615 109.28 -18.01 9.09
C PRO E 615 108.64 -18.18 7.71
N GLY E 616 107.62 -17.39 7.39
CA GLY E 616 107.05 -17.45 6.06
C GLY E 616 106.35 -18.78 5.82
N LYS E 617 106.67 -19.41 4.68
CA LYS E 617 106.02 -20.64 4.25
C LYS E 617 104.52 -20.43 4.06
N VAL E 618 104.18 -19.54 3.12
CA VAL E 618 102.78 -19.28 2.80
C VAL E 618 102.20 -20.46 2.04
N SER E 619 100.93 -20.77 2.29
CA SER E 619 100.25 -21.84 1.59
C SER E 619 98.75 -21.68 1.78
N LYS E 620 97.99 -22.39 0.93
CA LYS E 620 96.54 -22.49 1.07
C LYS E 620 95.87 -21.12 1.02
N LEU E 621 96.23 -20.31 0.02
CA LEU E 621 95.57 -19.03 -0.18
C LEU E 621 94.23 -19.23 -0.86
N LEU E 622 93.16 -18.73 -0.26
CA LEU E 622 91.81 -19.00 -0.71
C LEU E 622 91.11 -17.79 -1.32
N VAL E 623 91.86 -16.75 -1.68
CA VAL E 623 91.29 -15.54 -2.25
C VAL E 623 91.77 -15.42 -3.68
N LYS E 624 90.87 -15.03 -4.58
CA LYS E 624 91.26 -14.82 -5.97
C LYS E 624 91.89 -13.43 -6.13
N SER E 625 92.94 -13.37 -6.95
CA SER E 625 93.59 -12.10 -7.24
C SER E 625 92.64 -11.17 -8.00
N GLY E 626 92.67 -9.90 -7.63
CA GLY E 626 91.79 -8.93 -8.26
C GLY E 626 90.31 -9.15 -7.95
N ASP E 627 89.98 -9.46 -6.70
CA ASP E 627 88.60 -9.57 -6.25
C ASP E 627 88.42 -8.69 -5.03
N LEU E 628 87.29 -7.99 -4.96
CA LEU E 628 87.05 -7.01 -3.91
C LEU E 628 87.06 -7.67 -2.54
N VAL E 629 87.73 -7.01 -1.58
CA VAL E 629 87.77 -7.47 -0.20
C VAL E 629 87.38 -6.33 0.72
N GLU E 630 86.10 -6.25 1.07
CA GLU E 630 85.68 -5.25 2.06
C GLU E 630 85.58 -5.89 3.44
N LYS E 631 84.89 -7.02 3.53
CA LYS E 631 84.87 -7.80 4.76
C LYS E 631 86.24 -8.44 4.98
N GLY E 632 86.61 -8.60 6.25
CA GLY E 632 87.93 -9.10 6.58
C GLY E 632 88.09 -10.60 6.49
N GLN E 633 88.10 -11.14 5.28
CA GLN E 633 88.39 -12.56 5.10
C GLN E 633 89.89 -12.81 5.27
N VAL E 634 90.25 -14.09 5.34
CA VAL E 634 91.65 -14.48 5.48
C VAL E 634 92.30 -14.37 4.10
N LEU E 635 92.99 -13.24 3.86
CA LEU E 635 93.65 -13.03 2.58
C LEU E 635 94.76 -14.05 2.35
N VAL E 636 95.66 -14.18 3.34
CA VAL E 636 96.75 -15.15 3.29
C VAL E 636 96.90 -15.76 4.67
N ILE E 637 97.27 -17.04 4.70
CA ILE E 637 97.51 -17.76 5.94
C ILE E 637 98.97 -18.24 5.93
N VAL E 638 99.76 -17.79 6.89
CA VAL E 638 101.18 -18.12 6.92
C VAL E 638 101.40 -18.92 8.15
N GLU E 639 102.36 -19.84 8.15
CA GLU E 639 102.50 -20.68 9.34
C GLU E 639 103.84 -20.48 10.00
N ALA E 640 103.82 -20.13 11.29
CA ALA E 640 105.05 -19.95 12.03
C ALA E 640 105.02 -20.83 13.23
N MET E 641 105.64 -21.99 13.12
CA MET E 641 105.58 -22.95 14.21
C MET E 641 104.16 -23.31 14.51
N LYS E 642 103.45 -23.81 13.52
CA LYS E 642 102.04 -24.18 13.70
C LYS E 642 101.19 -22.97 14.04
N MET E 643 101.69 -21.78 13.75
CA MET E 643 100.89 -20.60 13.98
C MET E 643 100.25 -20.14 12.70
N GLU E 644 99.02 -20.53 12.49
CA GLU E 644 98.32 -20.08 11.32
C GLU E 644 98.23 -18.58 11.40
N HIS E 645 97.99 -18.05 12.59
CA HIS E 645 97.80 -16.61 12.74
C HIS E 645 97.31 -15.95 11.44
N PRO E 646 96.04 -16.16 11.08
CA PRO E 646 95.51 -15.49 9.88
C PRO E 646 95.56 -13.98 10.02
N VAL E 647 95.95 -13.31 8.94
CA VAL E 647 96.10 -11.86 8.98
C VAL E 647 94.74 -11.18 9.07
N ARG E 648 93.80 -11.60 8.24
CA ARG E 648 92.43 -11.06 8.23
C ARG E 648 92.43 -9.54 7.99
N ALA E 649 92.86 -9.15 6.80
CA ALA E 649 92.86 -7.73 6.46
C ALA E 649 91.46 -7.25 6.12
N LEU E 650 91.12 -6.04 6.57
CA LEU E 650 89.83 -5.43 6.32
C LEU E 650 89.90 -4.22 5.39
N GLN E 651 91.05 -3.99 4.75
CA GLN E 651 91.17 -2.88 3.81
C GLN E 651 90.34 -3.14 2.56
N ASP E 652 89.47 -2.19 2.23
CA ASP E 652 88.57 -2.36 1.10
C ASP E 652 89.31 -2.23 -0.22
N GLY E 653 88.76 -2.87 -1.25
CA GLY E 653 89.36 -2.92 -2.56
C GLY E 653 89.90 -4.31 -2.89
N ARG E 654 90.16 -4.52 -4.18
CA ARG E 654 90.69 -5.79 -4.64
C ARG E 654 92.13 -5.96 -4.17
N VAL E 655 92.53 -7.22 -3.96
CA VAL E 655 93.85 -7.57 -3.46
C VAL E 655 94.63 -8.28 -4.55
N SER E 656 95.87 -7.87 -4.78
CA SER E 656 96.72 -8.41 -5.83
C SER E 656 97.86 -9.20 -5.21
N PHE E 657 97.97 -10.47 -5.60
CA PHE E 657 98.96 -11.36 -5.01
C PHE E 657 100.27 -11.30 -5.78
N LEU E 658 101.37 -11.18 -5.05
CA LEU E 658 102.71 -11.27 -5.62
C LEU E 658 103.47 -12.51 -5.14
N VAL E 659 102.79 -13.45 -4.49
CA VAL E 659 103.41 -14.67 -3.98
C VAL E 659 102.57 -15.86 -4.40
N LYS E 660 103.16 -17.05 -4.27
CA LYS E 660 102.50 -18.30 -4.60
C LYS E 660 102.56 -19.24 -3.41
N GLU E 661 101.61 -20.18 -3.36
CA GLU E 661 101.53 -21.14 -2.27
C GLU E 661 102.80 -21.97 -2.18
N GLY E 662 103.24 -22.23 -0.94
CA GLY E 662 104.42 -23.03 -0.70
C GLY E 662 105.73 -22.29 -0.80
N GLU E 663 105.70 -20.98 -1.01
CA GLU E 663 106.92 -20.18 -1.20
C GLU E 663 107.31 -19.57 0.14
N VAL E 664 108.51 -19.92 0.61
CA VAL E 664 109.02 -19.34 1.85
C VAL E 664 109.38 -17.88 1.61
N VAL E 665 108.85 -17.00 2.44
CA VAL E 665 109.01 -15.56 2.26
C VAL E 665 109.69 -14.97 3.48
N GLY E 666 110.39 -13.86 3.27
CA GLY E 666 111.10 -13.22 4.35
C GLY E 666 110.19 -12.44 5.28
N GLY E 667 110.79 -11.95 6.36
CA GLY E 667 110.03 -11.19 7.34
C GLY E 667 109.51 -9.89 6.76
N ASP E 668 108.24 -9.59 7.05
CA ASP E 668 107.59 -8.36 6.62
C ASP E 668 107.62 -8.19 5.11
N HIS E 669 107.51 -9.29 4.37
CA HIS E 669 107.52 -9.26 2.93
C HIS E 669 106.19 -8.73 2.40
N VAL E 670 106.22 -8.14 1.20
CA VAL E 670 105.02 -7.65 0.55
C VAL E 670 104.35 -8.85 -0.11
N LEU E 671 103.51 -9.55 0.65
CA LEU E 671 102.82 -10.70 0.08
C LEU E 671 101.77 -10.27 -0.94
N ALA E 672 101.09 -9.17 -0.66
CA ALA E 672 100.06 -8.67 -1.55
C ALA E 672 99.89 -7.17 -1.33
N THR E 673 99.38 -6.49 -2.36
CA THR E 673 99.07 -5.07 -2.28
C THR E 673 97.55 -4.92 -2.29
N VAL E 674 97.00 -4.49 -1.16
CA VAL E 674 95.57 -4.28 -1.01
C VAL E 674 95.28 -2.82 -1.36
N ALA E 675 94.81 -2.59 -2.58
CA ALA E 675 94.62 -1.25 -3.09
C ALA E 675 93.16 -1.03 -3.45
N GLU E 676 92.74 0.23 -3.42
CA GLU E 676 91.38 0.58 -3.81
C GLU E 676 91.14 0.15 -5.25
N GLU E 677 89.94 -0.36 -5.51
CA GLU E 677 89.59 -0.76 -6.87
C GLU E 677 89.60 0.45 -7.79
N GLU E 678 90.47 0.42 -8.79
CA GLU E 678 90.59 1.51 -9.74
C GLU E 678 90.24 1.03 -11.15
N GLU F 1 22.80 27.12 -15.21
CA GLU F 1 22.98 27.39 -13.79
C GLU F 1 24.46 27.31 -13.40
N ARG F 2 24.75 27.63 -12.15
CA ARG F 2 26.12 27.70 -11.65
C ARG F 2 26.35 26.60 -10.61
N LYS F 3 27.43 25.84 -10.79
CA LYS F 3 27.73 24.74 -9.89
C LYS F 3 28.22 25.27 -8.55
N VAL F 4 27.90 24.56 -7.47
CA VAL F 4 28.34 24.88 -6.13
C VAL F 4 29.05 23.66 -5.55
N GLU F 5 30.26 23.88 -5.03
CA GLU F 5 31.01 22.84 -4.33
C GLU F 5 31.59 23.30 -3.01
N LYS F 6 31.55 24.60 -2.71
CA LYS F 6 32.10 25.16 -1.49
C LYS F 6 31.03 26.02 -0.82
N LEU F 7 30.81 25.80 0.47
CA LEU F 7 29.80 26.53 1.23
C LEU F 7 30.49 27.30 2.34
N LEU F 8 30.04 28.54 2.55
CA LEU F 8 30.63 29.43 3.54
C LEU F 8 29.55 29.82 4.55
N VAL F 9 29.93 29.86 5.82
CA VAL F 9 29.01 30.22 6.90
C VAL F 9 29.54 31.48 7.57
N ALA F 10 28.62 32.37 7.94
CA ALA F 10 29.03 33.60 8.61
C ALA F 10 29.05 33.44 10.12
N ASN F 11 27.91 33.08 10.70
CA ASN F 11 27.74 33.15 12.15
C ASN F 11 28.32 31.90 12.81
N ARG F 12 28.06 31.74 14.10
CA ARG F 12 28.56 30.62 14.88
C ARG F 12 27.45 30.14 15.80
N GLY F 13 27.51 28.84 16.11
CA GLY F 13 26.57 28.26 17.07
C GLY F 13 25.80 27.09 16.50
N GLU F 14 24.54 26.97 16.91
CA GLU F 14 23.70 25.86 16.46
C GLU F 14 23.53 25.90 14.95
N ILE F 15 23.36 27.10 14.39
CA ILE F 15 23.15 27.23 12.96
C ILE F 15 24.36 26.74 12.17
N ALA F 16 25.57 26.93 12.71
CA ALA F 16 26.76 26.46 12.01
C ALA F 16 26.73 24.95 11.83
N CYS F 17 26.45 24.23 12.92
CA CYS F 17 26.38 22.77 12.85
C CYS F 17 25.23 22.31 11.95
N ARG F 18 24.08 22.99 12.04
CA ARG F 18 22.95 22.59 11.20
C ARG F 18 23.26 22.76 9.72
N VAL F 19 23.79 23.93 9.34
CA VAL F 19 24.15 24.15 7.95
C VAL F 19 25.23 23.16 7.52
N PHE F 20 26.14 22.84 8.42
CA PHE F 20 27.23 21.91 8.08
C PHE F 20 26.71 20.50 7.83
N ARG F 21 25.77 20.04 8.66
CA ARG F 21 25.30 18.65 8.56
C ARG F 21 24.70 18.30 7.20
N THR F 22 23.58 18.91 6.86
CA THR F 22 22.92 18.57 5.60
C THR F 22 23.92 18.64 4.47
N CYS F 23 24.84 19.59 4.56
CA CYS F 23 25.87 19.72 3.53
C CYS F 23 26.54 18.39 3.21
N ARG F 24 26.67 17.52 4.21
CA ARG F 24 27.34 16.26 3.99
C ARG F 24 26.52 15.43 3.04
N GLU F 25 25.21 15.47 3.20
CA GLU F 25 24.32 14.68 2.34
C GLU F 25 24.35 15.16 0.91
N MET F 26 24.38 16.46 0.71
CA MET F 26 24.48 16.98 -0.64
C MET F 26 25.89 16.77 -1.18
N HIS F 27 26.78 16.29 -0.33
CA HIS F 27 28.15 16.07 -0.75
C HIS F 27 28.87 17.37 -1.14
N ILE F 28 28.73 18.41 -0.33
CA ILE F 28 29.38 19.70 -0.62
C ILE F 28 30.46 20.04 0.42
N ARG F 29 31.47 20.81 0.04
CA ARG F 29 32.56 21.13 0.96
C ARG F 29 32.05 22.03 2.07
N THR F 30 32.85 22.19 3.13
CA THR F 30 32.42 23.15 4.15
C THR F 30 33.57 24.02 4.61
N VAL F 31 33.23 25.21 5.12
CA VAL F 31 34.19 26.17 5.67
C VAL F 31 33.61 26.76 6.95
N ALA F 32 34.47 26.91 7.96
CA ALA F 32 34.09 27.44 9.27
C ALA F 32 34.83 28.74 9.56
N LEU F 33 34.25 29.55 10.46
CA LEU F 33 34.81 30.83 10.86
C LEU F 33 34.77 30.95 12.38
N PHE F 34 35.83 31.51 12.96
CA PHE F 34 35.90 31.58 14.42
C PHE F 34 36.66 32.81 14.89
N CYS F 35 36.30 33.30 16.08
CA CYS F 35 36.92 34.50 16.59
C CYS F 35 38.25 34.20 17.23
N GLU F 36 38.81 35.16 17.94
CA GLU F 36 40.06 34.90 18.65
C GLU F 36 39.86 33.64 19.45
N ALA F 37 40.85 32.76 19.45
CA ALA F 37 40.69 31.48 20.12
C ALA F 37 39.46 30.81 19.52
N GLU F 38 38.52 30.41 20.36
CA GLU F 38 37.28 29.83 19.85
C GLU F 38 37.60 28.80 18.77
N ARG F 39 38.67 28.05 18.97
CA ARG F 39 39.07 27.08 17.96
C ARG F 39 38.79 25.66 18.41
N ASN F 40 38.47 25.48 19.69
CA ASN F 40 38.12 24.16 20.16
C ASN F 40 36.65 23.95 19.95
N ALA F 41 35.95 24.99 19.55
CA ALA F 41 34.51 24.90 19.40
C ALA F 41 34.13 23.77 18.47
N LYS F 42 32.92 23.25 18.62
CA LYS F 42 32.52 22.09 17.83
C LYS F 42 32.43 22.35 16.36
N HIS F 43 31.85 23.47 16.00
CA HIS F 43 31.59 23.68 14.57
C HIS F 43 32.86 23.56 13.74
N VAL F 44 33.98 24.12 14.24
CA VAL F 44 35.23 24.04 13.51
C VAL F 44 35.72 22.59 13.43
N ALA F 45 35.43 21.79 14.45
CA ALA F 45 35.73 20.37 14.41
C ALA F 45 34.77 19.60 13.51
N GLU F 46 33.81 20.28 12.90
CA GLU F 46 32.86 19.69 11.97
C GLU F 46 33.10 20.05 10.51
N ALA F 47 33.77 21.16 10.24
CA ALA F 47 33.94 21.66 8.89
C ALA F 47 35.15 20.99 8.23
N ASP F 48 35.56 21.52 7.08
CA ASP F 48 36.75 21.06 6.39
C ASP F 48 37.93 22.00 6.62
N GLU F 49 37.64 23.28 6.81
CA GLU F 49 38.68 24.29 7.05
C GLU F 49 38.10 25.45 7.86
N ALA F 50 38.87 26.05 8.74
CA ALA F 50 38.41 27.15 9.57
C ALA F 50 39.43 28.28 9.54
N VAL F 51 38.94 29.52 9.63
CA VAL F 51 39.78 30.71 9.55
C VAL F 51 39.47 31.61 10.74
N CYS F 52 40.51 32.10 11.40
CA CYS F 52 40.36 33.08 12.47
C CYS F 52 40.16 34.46 11.88
N ILE F 53 39.30 35.26 12.51
CA ILE F 53 38.90 36.55 11.94
C ILE F 53 39.31 37.75 12.77
N GLY F 54 39.49 37.62 14.08
CA GLY F 54 39.97 38.73 14.87
C GLY F 54 39.29 38.89 16.20
N PRO F 55 39.38 40.10 16.75
CA PRO F 55 39.15 40.31 18.18
C PRO F 55 37.72 40.00 18.57
N PRO F 56 37.49 39.65 19.85
CA PRO F 56 36.18 39.12 20.28
C PRO F 56 35.02 40.07 20.03
N PRO F 57 35.17 41.38 20.25
CA PRO F 57 34.00 42.27 20.09
C PRO F 57 33.39 42.15 18.71
N ALA F 58 32.05 42.16 18.67
CA ALA F 58 31.33 41.89 17.43
C ALA F 58 31.67 42.88 16.35
N VAL F 59 32.11 44.08 16.73
CA VAL F 59 32.60 45.04 15.73
C VAL F 59 33.81 44.46 15.01
N ASN F 60 34.72 43.85 15.78
CA ASN F 60 35.94 43.29 15.21
C ASN F 60 35.72 41.96 14.52
N SER F 61 34.80 41.13 15.04
CA SER F 61 34.59 39.79 14.53
C SER F 61 33.19 39.67 13.94
N TYR F 62 33.12 39.14 12.72
CA TYR F 62 31.91 38.83 11.97
C TYR F 62 31.22 40.08 11.41
N LEU F 63 31.85 41.25 11.51
CA LEU F 63 31.31 42.47 10.95
C LEU F 63 32.18 43.09 9.87
N ARG F 64 33.42 42.62 9.72
CA ARG F 64 34.30 43.09 8.65
C ARG F 64 33.88 42.39 7.36
N GLY F 65 32.74 42.83 6.81
CA GLY F 65 32.19 42.15 5.64
C GLY F 65 33.13 42.19 4.45
N GLU F 66 33.83 43.30 4.27
CA GLU F 66 34.79 43.42 3.18
C GLU F 66 35.93 42.40 3.32
N HIS F 67 36.43 42.24 4.55
CA HIS F 67 37.50 41.27 4.77
C HIS F 67 37.00 39.85 4.56
N ILE F 68 35.77 39.57 5.01
CA ILE F 68 35.18 38.26 4.77
C ILE F 68 35.05 37.98 3.28
N ILE F 69 34.63 38.99 2.52
CA ILE F 69 34.46 38.82 1.08
C ILE F 69 35.80 38.60 0.40
N SER F 70 36.83 39.35 0.81
CA SER F 70 38.16 39.15 0.22
C SER F 70 38.69 37.75 0.53
N VAL F 71 38.51 37.29 1.76
CA VAL F 71 38.94 35.94 2.13
C VAL F 71 38.18 34.89 1.31
N ALA F 72 36.87 35.08 1.15
CA ALA F 72 36.07 34.14 0.38
C ALA F 72 36.51 34.12 -1.08
N LYS F 73 36.84 35.29 -1.63
CA LYS F 73 37.34 35.34 -3.00
C LYS F 73 38.67 34.60 -3.13
N GLN F 74 39.55 34.76 -2.14
CA GLN F 74 40.82 34.04 -2.18
C GLN F 74 40.61 32.53 -2.10
N LEU F 75 39.59 32.10 -1.37
CA LEU F 75 39.22 30.69 -1.29
C LEU F 75 38.37 30.24 -2.47
N ASN F 76 37.96 31.15 -3.35
CA ASN F 76 37.08 30.84 -4.48
C ASN F 76 35.81 30.15 -4.00
N VAL F 77 35.14 30.78 -3.03
CA VAL F 77 33.93 30.20 -2.45
C VAL F 77 32.78 30.30 -3.46
N ASP F 78 31.90 29.30 -3.43
CA ASP F 78 30.73 29.28 -4.29
C ASP F 78 29.53 29.99 -3.68
N ALA F 79 29.26 29.78 -2.39
CA ALA F 79 28.07 30.34 -1.77
C ALA F 79 28.34 30.70 -0.31
N ILE F 80 27.58 31.67 0.19
CA ILE F 80 27.68 32.12 1.57
C ILE F 80 26.28 32.13 2.16
N HIS F 81 26.14 31.55 3.36
CA HIS F 81 24.89 31.66 4.11
C HIS F 81 25.11 32.52 5.34
N PRO F 82 24.58 33.75 5.38
CA PRO F 82 24.83 34.61 6.54
C PRO F 82 24.29 34.06 7.84
N GLY F 83 23.16 33.35 7.81
CA GLY F 83 22.51 32.99 9.05
C GLY F 83 21.75 34.18 9.61
N TYR F 84 21.54 34.15 10.91
CA TYR F 84 20.81 35.19 11.62
C TYR F 84 21.75 35.94 12.56
N GLY F 85 21.61 37.27 12.58
CA GLY F 85 22.51 38.12 13.33
C GLY F 85 23.69 38.57 12.49
N PHE F 86 24.45 39.51 13.06
CA PHE F 86 25.65 40.07 12.43
C PHE F 86 25.22 40.68 11.10
N LEU F 87 25.73 40.19 9.96
CA LEU F 87 25.40 40.76 8.65
C LEU F 87 24.17 40.10 8.03
N SER F 88 23.28 39.55 8.86
CA SER F 88 22.07 38.92 8.33
C SER F 88 21.20 39.93 7.61
N GLU F 89 21.09 41.15 8.14
CA GLU F 89 20.27 42.20 7.57
C GLU F 89 21.18 43.38 7.24
N ASN F 90 21.81 43.32 6.06
CA ASN F 90 22.68 44.40 5.59
C ASN F 90 22.73 44.31 4.07
N ALA F 91 22.12 45.27 3.39
CA ALA F 91 22.02 45.20 1.94
C ALA F 91 23.37 45.47 1.26
N SER F 92 24.22 46.28 1.88
CA SER F 92 25.52 46.56 1.30
C SER F 92 26.36 45.29 1.18
N PHE F 93 26.33 44.45 2.21
CA PHE F 93 27.08 43.20 2.17
C PHE F 93 26.58 42.29 1.05
N ALA F 94 25.25 42.17 0.92
CA ALA F 94 24.69 41.34 -0.15
C ALA F 94 25.05 41.88 -1.53
N ASP F 95 25.00 43.20 -1.69
CA ASP F 95 25.36 43.79 -2.98
C ASP F 95 26.83 43.55 -3.29
N ALA F 96 27.70 43.66 -2.29
CA ALA F 96 29.11 43.39 -2.52
C ALA F 96 29.35 41.94 -2.88
N ILE F 97 28.62 41.02 -2.23
CA ILE F 97 28.72 39.60 -2.59
C ILE F 97 28.29 39.39 -4.03
N THR F 98 27.19 40.03 -4.44
CA THR F 98 26.71 39.88 -5.81
C THR F 98 27.73 40.43 -6.80
N ARG F 99 28.34 41.58 -6.50
CA ARG F 99 29.36 42.13 -7.38
C ARG F 99 30.57 41.22 -7.47
N SER F 100 30.94 40.58 -6.35
CA SER F 100 32.05 39.63 -6.36
C SER F 100 31.72 38.36 -7.13
N GLY F 101 30.44 38.08 -7.36
CA GLY F 101 30.01 36.94 -8.13
C GLY F 101 29.61 35.72 -7.33
N ILE F 102 29.63 35.80 -6.01
CA ILE F 102 29.24 34.68 -5.15
C ILE F 102 27.73 34.69 -4.97
N GLU F 103 27.13 33.51 -5.00
CA GLU F 103 25.68 33.37 -4.85
C GLU F 103 25.28 33.62 -3.40
N PHE F 104 24.78 34.83 -3.12
CA PHE F 104 24.28 35.11 -1.79
C PHE F 104 23.03 34.29 -1.52
N ILE F 105 22.88 33.80 -0.30
CA ILE F 105 21.72 33.02 0.10
C ILE F 105 20.78 33.92 0.89
N GLY F 106 19.59 34.16 0.32
CA GLY F 106 18.61 34.98 0.97
C GLY F 106 17.89 35.91 0.00
N PRO F 107 17.21 36.91 0.53
CA PRO F 107 16.50 37.85 -0.33
C PRO F 107 17.46 38.80 -1.04
N PRO F 108 17.01 39.47 -2.10
CA PRO F 108 17.86 40.49 -2.72
C PRO F 108 18.03 41.68 -1.80
N ALA F 109 19.03 42.50 -2.10
CA ALA F 109 19.34 43.65 -1.25
C ALA F 109 18.20 44.66 -1.24
N SER F 110 17.46 44.76 -2.35
CA SER F 110 16.37 45.74 -2.44
C SER F 110 15.29 45.46 -1.40
N ALA F 111 14.92 44.20 -1.23
CA ALA F 111 13.89 43.85 -0.25
C ALA F 111 14.35 44.17 1.16
N ILE F 112 15.61 43.87 1.48
CA ILE F 112 16.14 44.15 2.81
C ILE F 112 16.15 45.65 3.08
N SER F 113 16.61 46.44 2.10
CA SER F 113 16.64 47.89 2.27
C SER F 113 15.23 48.45 2.44
N LEU F 114 14.29 47.97 1.63
CA LEU F 114 12.92 48.46 1.72
C LEU F 114 12.29 48.12 3.06
N MET F 115 12.57 46.93 3.58
CA MET F 115 11.96 46.53 4.84
C MET F 115 12.74 47.08 6.03
N GLY F 116 13.91 47.65 5.78
CA GLY F 116 14.67 48.28 6.86
C GLY F 116 13.93 49.45 7.48
N SER F 117 13.27 50.27 6.66
CA SER F 117 12.47 51.36 7.16
C SER F 117 11.02 50.91 7.29
N LYS F 118 10.44 51.10 8.47
CA LYS F 118 9.07 50.63 8.70
C LYS F 118 8.06 51.44 7.90
N SER F 119 8.28 52.75 7.76
CA SER F 119 7.32 53.59 7.07
C SER F 119 7.20 53.22 5.60
N GLU F 120 8.32 53.05 4.91
CA GLU F 120 8.25 52.69 3.50
C GLU F 120 7.72 51.27 3.31
N SER F 121 8.04 50.36 4.24
CA SER F 121 7.50 49.02 4.15
C SER F 121 5.97 49.03 4.28
N LYS F 122 5.45 49.68 5.32
CA LYS F 122 4.01 49.73 5.48
C LYS F 122 3.35 50.47 4.32
N ARG F 123 4.07 51.44 3.74
CA ARG F 123 3.57 52.08 2.52
C ARG F 123 3.42 51.07 1.40
N ILE F 124 4.42 50.20 1.24
CA ILE F 124 4.38 49.20 0.17
C ILE F 124 3.22 48.24 0.39
N MET F 125 3.04 47.75 1.63
CA MET F 125 1.94 46.82 1.87
C MET F 125 0.58 47.50 1.75
N GLU F 126 0.47 48.78 2.15
CA GLU F 126 -0.78 49.50 1.97
C GLU F 126 -1.11 49.66 0.49
N ALA F 127 -0.10 49.95 -0.33
CA ALA F 127 -0.30 50.00 -1.77
C ALA F 127 -0.71 48.63 -2.31
N ALA F 128 -0.12 47.56 -1.76
CA ALA F 128 -0.42 46.22 -2.23
C ALA F 128 -1.87 45.82 -1.91
N GLY F 129 -2.43 46.38 -0.85
CA GLY F 129 -3.80 46.09 -0.46
C GLY F 129 -3.97 45.09 0.66
N VAL F 130 -2.88 44.65 1.28
CA VAL F 130 -3.01 43.72 2.41
C VAL F 130 -3.61 44.45 3.60
N PRO F 131 -4.60 43.88 4.28
CA PRO F 131 -5.05 44.46 5.57
C PRO F 131 -3.87 44.71 6.50
N VAL F 132 -3.59 45.98 6.75
CA VAL F 132 -2.51 46.39 7.63
C VAL F 132 -3.07 47.36 8.65
N VAL F 133 -2.76 47.15 9.93
CA VAL F 133 -3.14 48.11 10.95
C VAL F 133 -2.04 49.17 11.05
N PRO F 134 -2.32 50.41 10.65
CA PRO F 134 -1.27 51.43 10.64
C PRO F 134 -1.02 51.96 12.05
N GLY F 135 0.03 52.76 12.17
CA GLY F 135 0.36 53.36 13.44
C GLY F 135 -0.20 54.76 13.63
N TYR F 136 -0.61 55.41 12.54
CA TYR F 136 -1.00 56.82 12.63
C TYR F 136 -1.85 57.22 11.44
N TYR F 137 -2.74 58.19 11.66
CA TYR F 137 -3.46 58.87 10.60
C TYR F 137 -3.42 60.37 10.88
N GLY F 138 -2.61 61.09 10.11
CA GLY F 138 -2.60 62.55 10.23
C GLY F 138 -2.18 63.03 11.61
N GLU F 139 -2.94 63.99 12.14
CA GLU F 139 -2.62 64.64 13.40
C GLU F 139 -3.92 65.16 14.01
N ASN F 140 -3.79 65.74 15.21
CA ASN F 140 -4.94 66.34 15.91
C ASN F 140 -5.14 67.78 15.47
N GLN F 141 -5.47 67.94 14.18
CA GLN F 141 -5.76 69.26 13.65
C GLN F 141 -7.00 69.86 14.29
N ASN F 142 -8.06 69.06 14.42
CA ASN F 142 -9.31 69.48 15.04
C ASN F 142 -9.79 68.39 15.99
N VAL F 143 -10.40 68.83 17.09
CA VAL F 143 -11.00 67.87 18.03
C VAL F 143 -12.25 67.24 17.42
N SER F 144 -12.96 67.95 16.56
CA SER F 144 -14.09 67.35 15.86
C SER F 144 -13.65 66.31 14.85
N PHE F 145 -12.43 66.44 14.30
CA PHE F 145 -11.92 65.41 13.40
C PHE F 145 -11.81 64.07 14.13
N LEU F 146 -11.53 64.10 15.43
CA LEU F 146 -11.50 62.88 16.20
C LEU F 146 -12.85 62.17 16.18
N ALA F 147 -13.95 62.91 16.35
CA ALA F 147 -15.27 62.31 16.22
C ALA F 147 -15.59 61.95 14.77
N GLU F 148 -15.00 62.67 13.81
CA GLU F 148 -15.26 62.40 12.39
C GLU F 148 -14.72 61.03 11.98
N GLU F 149 -13.48 60.73 12.36
CA GLU F 149 -12.87 59.46 11.97
C GLU F 149 -13.01 58.40 13.06
N ALA F 150 -13.51 58.78 14.23
CA ALA F 150 -13.71 57.82 15.30
C ALA F 150 -14.63 56.73 14.83
N LYS F 151 -15.69 57.12 14.14
CA LYS F 151 -16.64 56.15 13.61
C LYS F 151 -16.36 55.89 12.13
N LYS F 152 -15.30 56.50 11.61
CA LYS F 152 -14.97 56.33 10.21
C LYS F 152 -13.76 55.42 9.99
N VAL F 153 -12.57 56.01 9.92
CA VAL F 153 -11.39 55.20 9.61
C VAL F 153 -11.28 53.94 10.46
N GLY F 154 -11.40 54.09 11.77
CA GLY F 154 -11.30 52.94 12.66
C GLY F 154 -12.32 53.02 13.76
N PHE F 155 -13.31 52.12 13.72
CA PHE F 155 -14.38 52.19 14.72
C PHE F 155 -13.79 51.94 16.09
N PRO F 156 -12.93 50.91 16.24
CA PRO F 156 -12.28 50.76 17.53
C PRO F 156 -11.47 52.02 17.79
N ILE F 157 -11.52 52.56 19.00
CA ILE F 157 -10.85 53.82 19.27
C ILE F 157 -9.53 53.68 20.00
N LEU F 158 -8.43 54.02 19.35
CA LEU F 158 -7.13 53.99 20.00
C LEU F 158 -6.67 55.42 20.10
N ILE F 159 -6.90 56.05 21.25
CA ILE F 159 -6.56 57.47 21.40
C ILE F 159 -5.05 57.63 21.59
N LYS F 160 -4.53 57.07 22.68
CA LYS F 160 -3.11 57.15 23.01
C LYS F 160 -2.55 58.56 22.87
N ALA F 161 -1.37 58.68 22.28
CA ALA F 161 -0.73 59.98 22.08
C ALA F 161 0.24 59.84 20.90
N VAL F 162 0.97 60.93 20.64
CA VAL F 162 1.97 60.90 19.56
C VAL F 162 3.13 59.99 19.94
N SER F 163 3.51 59.99 21.22
CA SER F 163 4.58 59.15 21.71
C SER F 163 4.37 58.94 23.21
N GLY F 164 5.29 58.22 23.84
CA GLY F 164 5.20 57.92 25.26
C GLY F 164 4.27 56.77 25.55
N GLY F 165 4.68 55.89 26.47
CA GLY F 165 3.92 54.72 26.82
C GLY F 165 2.94 54.90 27.97
N GLY F 166 2.79 56.12 28.48
CA GLY F 166 1.84 56.32 29.58
C GLY F 166 0.42 55.98 29.20
N GLY F 167 -0.03 56.48 28.05
CA GLY F 167 -1.29 56.04 27.48
C GLY F 167 -2.53 56.34 28.29
N LYS F 168 -2.49 57.32 29.19
CA LYS F 168 -3.67 57.65 29.97
C LYS F 168 -4.76 58.26 29.12
N GLY F 169 -4.46 58.68 27.90
CA GLY F 169 -5.49 59.12 26.98
C GLY F 169 -6.35 57.97 26.48
N MET F 170 -5.86 56.73 26.59
CA MET F 170 -6.64 55.58 26.15
C MET F 170 -7.90 55.42 26.99
N LYS F 171 -7.74 55.25 28.29
CA LYS F 171 -8.82 54.99 29.25
C LYS F 171 -9.59 53.71 28.95
N ILE F 172 -9.09 52.88 28.03
CA ILE F 172 -9.77 51.67 27.57
C ILE F 172 -11.19 52.01 27.13
N VAL F 173 -11.31 52.97 26.22
CA VAL F 173 -12.61 53.44 25.76
C VAL F 173 -12.98 52.63 24.51
N GLU F 174 -13.51 51.43 24.74
CA GLU F 174 -13.94 50.56 23.68
C GLU F 174 -15.38 50.81 23.25
N ARG F 175 -16.09 51.71 23.94
CA ARG F 175 -17.48 51.97 23.65
C ARG F 175 -17.59 53.06 22.60
N PRO F 176 -18.17 52.77 21.44
CA PRO F 176 -18.41 53.84 20.46
C PRO F 176 -19.49 54.80 20.94
N GLU F 177 -19.84 55.79 20.11
CA GLU F 177 -20.77 56.85 20.51
C GLU F 177 -20.27 57.58 21.75
N ASP F 178 -18.95 57.70 21.87
CA ASP F 178 -18.31 58.43 22.96
C ASP F 178 -17.79 59.75 22.40
N PHE F 179 -18.31 60.85 22.94
CA PHE F 179 -17.94 62.18 22.46
C PHE F 179 -17.65 63.19 23.56
N THR F 180 -18.13 62.99 24.78
CA THR F 180 -17.85 63.90 25.89
C THR F 180 -16.72 63.46 26.79
N PHE F 181 -16.26 62.21 26.66
CA PHE F 181 -15.20 61.68 27.51
C PHE F 181 -13.87 61.53 26.77
N MET F 182 -13.92 61.23 25.46
CA MET F 182 -12.69 61.08 24.70
C MET F 182 -11.91 62.39 24.61
N LEU F 183 -12.60 63.50 24.34
CA LEU F 183 -11.91 64.78 24.29
C LEU F 183 -11.41 65.21 25.65
N GLU F 184 -12.18 64.97 26.71
CA GLU F 184 -11.71 65.26 28.06
C GLU F 184 -10.50 64.40 28.41
N SER F 185 -10.53 63.12 28.04
CA SER F 185 -9.39 62.24 28.30
C SER F 185 -8.14 62.71 27.56
N ALA F 186 -8.30 63.11 26.28
CA ALA F 186 -7.16 63.59 25.52
C ALA F 186 -6.59 64.88 26.11
N LYS F 187 -7.47 65.78 26.54
CA LYS F 187 -7.01 67.06 27.09
C LYS F 187 -6.34 66.87 28.44
N ARG F 188 -6.81 65.91 29.24
CA ARG F 188 -6.12 65.62 30.49
C ARG F 188 -4.81 64.87 30.24
N GLU F 189 -4.73 64.13 29.13
CA GLU F 189 -3.47 63.52 28.75
C GLU F 189 -2.46 64.58 28.33
N ALA F 190 -2.91 65.63 27.63
CA ALA F 190 -2.01 66.68 27.18
C ALA F 190 -1.34 67.37 28.36
N THR F 191 -2.01 67.42 29.51
CA THR F 191 -1.44 68.05 30.69
C THR F 191 -0.25 67.22 31.20
N ASN F 192 0.86 67.90 31.46
CA ASN F 192 2.08 67.30 32.01
C ASN F 192 2.68 66.26 31.05
N PHE F 193 2.04 66.04 29.92
CA PHE F 193 2.56 65.16 28.87
C PHE F 193 2.29 65.81 27.52
N PHE F 194 2.57 67.11 27.42
CA PHE F 194 2.24 67.86 26.21
C PHE F 194 2.88 67.24 24.97
N LYS F 195 4.19 67.03 25.02
CA LYS F 195 4.97 66.46 23.90
C LYS F 195 4.61 67.25 22.65
N ASP F 196 4.07 66.62 21.61
CA ASP F 196 3.50 67.33 20.47
C ASP F 196 1.99 67.17 20.50
N ASP F 197 1.27 68.25 20.17
CA ASP F 197 -0.17 68.26 20.32
C ASP F 197 -0.86 67.35 19.31
N ARG F 198 -0.11 66.83 18.33
CA ARG F 198 -0.68 65.92 17.35
C ARG F 198 -1.10 64.60 18.02
N VAL F 199 -2.30 64.12 17.70
CA VAL F 199 -2.82 62.89 18.26
C VAL F 199 -3.21 61.95 17.12
N ILE F 200 -2.90 60.67 17.31
CA ILE F 200 -3.11 59.63 16.30
C ILE F 200 -4.17 58.67 16.82
N LEU F 201 -5.08 58.27 15.93
CA LEU F 201 -6.16 57.35 16.27
C LEU F 201 -6.00 56.05 15.49
N GLU F 202 -6.20 54.93 16.17
CA GLU F 202 -6.09 53.61 15.57
C GLU F 202 -7.20 52.71 16.07
N ARG F 203 -7.19 51.46 15.60
CA ARG F 203 -8.05 50.44 16.17
C ARG F 203 -7.41 49.86 17.41
N TYR F 204 -8.22 49.61 18.43
CA TYR F 204 -7.74 49.04 19.68
C TYR F 204 -8.20 47.59 19.79
N VAL F 205 -7.26 46.70 20.06
CA VAL F 205 -7.52 45.26 20.19
C VAL F 205 -7.38 44.87 21.64
N LYS F 206 -8.37 44.15 22.17
CA LYS F 206 -8.34 43.75 23.57
C LYS F 206 -7.33 42.63 23.78
N ARG F 207 -7.25 41.69 22.85
CA ARG F 207 -6.37 40.53 22.96
C ARG F 207 -5.42 40.46 21.78
N SER F 208 -4.26 39.82 22.02
CA SER F 208 -3.24 39.70 20.99
C SER F 208 -2.57 38.33 21.10
N ARG F 209 -2.39 37.71 19.94
CA ARG F 209 -1.77 36.39 19.85
C ARG F 209 -0.99 36.50 18.57
N HIS F 210 0.28 36.14 18.60
CA HIS F 210 1.13 36.30 17.42
C HIS F 210 1.12 35.15 16.44
N ILE F 211 0.96 35.45 15.16
CA ILE F 211 1.02 34.40 14.14
C ILE F 211 2.12 34.71 13.12
N GLU F 212 2.71 33.68 12.51
CA GLU F 212 3.79 33.88 11.56
C GLU F 212 3.87 32.72 10.59
N CYS F 213 3.42 32.91 9.36
CA CYS F 213 3.42 31.89 8.33
C CYS F 213 4.79 31.83 7.67
N GLN F 214 5.20 30.68 7.15
CA GLN F 214 6.48 30.59 6.42
C GLN F 214 6.29 30.55 4.90
N ILE F 215 7.29 31.00 4.15
CA ILE F 215 7.18 31.04 2.70
C ILE F 215 8.48 30.69 2.01
N PHE F 216 8.40 30.28 0.75
CA PHE F 216 9.58 29.86 0.01
C PHE F 216 9.44 30.23 -1.46
N PHE F 217 10.52 30.67 -2.09
CA PHE F 217 10.46 31.11 -3.49
C PHE F 217 11.72 30.78 -4.25
N ASP F 218 11.59 30.38 -5.52
CA ASP F 218 12.76 30.13 -6.33
C ASP F 218 13.01 31.42 -7.06
N LYS F 219 13.86 31.36 -8.08
CA LYS F 219 14.13 32.53 -8.90
C LYS F 219 13.49 32.36 -10.27
N HIS F 220 12.57 31.40 -10.38
CA HIS F 220 11.97 31.14 -11.68
C HIS F 220 10.48 31.28 -11.46
N GLY F 221 10.09 32.21 -10.58
CA GLY F 221 8.69 32.48 -10.35
C GLY F 221 7.77 31.39 -9.84
N ARG F 222 8.15 30.70 -8.77
CA ARG F 222 7.35 29.61 -8.26
C ARG F 222 7.64 29.42 -6.80
N GLY F 223 6.61 29.33 -5.96
CA GLY F 223 6.80 29.20 -4.53
C GLY F 223 5.69 28.48 -3.81
N VAL F 224 5.84 28.27 -2.50
CA VAL F 224 4.78 27.62 -1.73
C VAL F 224 4.86 27.91 -0.25
N PHE F 225 3.78 28.39 0.34
CA PHE F 225 3.84 28.79 1.74
C PHE F 225 3.81 27.58 2.68
N PHE F 226 4.68 27.60 3.69
CA PHE F 226 4.70 26.52 4.65
C PHE F 226 3.62 26.72 5.68
N PHE F 227 3.58 25.86 6.69
CA PHE F 227 2.53 25.96 7.70
C PHE F 227 2.72 27.12 8.66
N GLU F 228 1.64 27.55 9.28
CA GLU F 228 1.68 28.68 10.21
C GLU F 228 2.51 28.38 11.45
N ARG F 229 2.55 29.34 12.38
CA ARG F 229 3.27 29.14 13.62
C ARG F 229 2.67 30.05 14.68
N ASP F 230 3.05 29.82 15.94
CA ASP F 230 2.58 30.64 17.06
C ASP F 230 3.77 31.01 17.92
N CYS F 231 3.85 32.29 18.30
CA CYS F 231 4.85 32.80 19.24
C CYS F 231 4.19 33.63 20.34
N SER F 232 3.11 33.10 20.92
CA SER F 232 2.42 33.83 21.97
C SER F 232 3.29 34.00 23.21
N VAL F 233 4.08 32.99 23.55
CA VAL F 233 4.87 33.01 24.78
C VAL F 233 6.19 33.71 24.50
N GLN F 234 6.40 34.87 25.12
CA GLN F 234 7.68 35.56 25.06
C GLN F 234 7.79 36.49 26.26
N ARG F 235 8.97 36.54 26.85
CA ARG F 235 9.24 37.41 28.01
C ARG F 235 10.29 38.44 27.63
N ARG F 236 9.94 39.71 27.81
CA ARG F 236 10.85 40.82 27.51
C ARG F 236 11.34 40.76 26.07
N TYR F 237 10.42 40.46 25.16
CA TYR F 237 10.71 40.35 23.73
C TYR F 237 11.72 39.24 23.44
N GLN F 238 11.74 38.20 24.26
CA GLN F 238 12.62 37.05 24.06
C GLN F 238 11.76 35.80 23.90
N LYS F 239 12.00 35.05 22.82
CA LYS F 239 11.22 33.85 22.56
C LYS F 239 11.53 32.78 23.60
N VAL F 240 10.47 32.11 24.08
CA VAL F 240 10.59 31.15 25.16
C VAL F 240 10.14 29.77 24.70
N LEU F 241 8.87 29.64 24.31
CA LEU F 241 8.35 28.37 23.82
C LEU F 241 7.32 28.66 22.74
N GLU F 242 7.32 27.82 21.69
CA GLU F 242 6.47 28.06 20.53
C GLU F 242 5.96 26.73 19.98
N GLU F 243 4.93 26.83 19.15
CA GLU F 243 4.22 25.67 18.61
C GLU F 243 3.99 25.91 17.12
N ALA F 244 4.48 25.00 16.29
CA ALA F 244 4.25 25.14 14.84
C ALA F 244 2.79 25.02 14.46
N PRO F 245 2.02 23.99 14.92
CA PRO F 245 0.59 23.99 14.65
C PRO F 245 -0.17 24.83 15.65
N ALA F 246 -0.67 25.96 15.16
CA ALA F 246 -1.39 26.86 16.01
C ALA F 246 -2.62 26.15 16.49
N PRO F 247 -2.63 25.77 17.76
CA PRO F 247 -3.80 25.02 18.16
C PRO F 247 -5.00 25.92 18.03
N HIS F 248 -6.19 25.35 17.80
CA HIS F 248 -7.40 26.14 17.62
C HIS F 248 -7.35 27.05 16.41
N LEU F 249 -6.89 26.52 15.27
CA LEU F 249 -6.89 27.32 14.05
C LEU F 249 -7.59 26.59 12.92
N SER F 250 -8.68 27.15 12.42
CA SER F 250 -9.46 26.50 11.37
C SER F 250 -8.66 26.31 10.09
N MET F 251 -8.91 25.20 9.41
CA MET F 251 -8.19 24.91 8.18
C MET F 251 -8.35 26.02 7.17
N GLU F 252 -9.58 26.45 6.98
CA GLU F 252 -9.87 27.49 5.99
C GLU F 252 -9.01 28.72 6.20
N THR F 253 -8.84 29.11 7.46
CA THR F 253 -8.03 30.26 7.78
C THR F 253 -6.62 30.02 7.34
N ARG F 254 -6.09 28.84 7.68
CA ARG F 254 -4.74 28.50 7.30
C ARG F 254 -4.58 28.83 5.84
N GLN F 255 -5.48 28.33 5.02
CA GLN F 255 -5.40 28.57 3.59
C GLN F 255 -5.26 30.04 3.30
N ARG F 256 -6.14 30.85 3.88
CA ARG F 256 -6.15 32.29 3.59
C ARG F 256 -4.90 33.01 4.05
N ILE F 257 -4.36 32.61 5.20
CA ILE F 257 -3.15 33.23 5.68
C ILE F 257 -2.14 33.18 4.56
N GLY F 258 -2.16 32.09 3.79
CA GLY F 258 -1.25 31.96 2.67
C GLY F 258 -1.49 32.97 1.57
N GLU F 259 -2.75 33.15 1.16
CA GLU F 259 -3.01 34.05 0.04
C GLU F 259 -2.54 35.46 0.35
N VAL F 260 -2.77 35.91 1.59
CA VAL F 260 -2.29 37.23 2.00
C VAL F 260 -0.78 37.28 2.00
N ALA F 261 -0.13 36.24 2.53
CA ALA F 261 1.32 36.24 2.63
C ALA F 261 1.98 36.25 1.25
N LEU F 262 1.45 35.46 0.32
CA LEU F 262 2.04 35.39 -1.03
C LEU F 262 1.91 36.72 -1.74
N GLN F 263 0.80 37.43 -1.54
CA GLN F 263 0.63 38.73 -2.19
C GLN F 263 1.73 39.69 -1.78
N ALA F 264 2.03 39.76 -0.49
CA ALA F 264 3.03 40.70 0.00
C ALA F 264 4.42 40.35 -0.54
N ALA F 265 4.79 39.08 -0.49
CA ALA F 265 6.12 38.67 -0.95
C ALA F 265 6.28 38.90 -2.44
N LYS F 266 5.24 38.61 -3.24
CA LYS F 266 5.31 38.87 -4.67
C LYS F 266 5.45 40.36 -4.95
N ALA F 267 4.74 41.19 -4.19
CA ALA F 267 4.76 42.63 -4.45
C ALA F 267 6.15 43.20 -4.29
N VAL F 268 6.85 42.83 -3.23
CA VAL F 268 8.22 43.28 -3.05
C VAL F 268 9.21 42.46 -3.87
N GLY F 269 8.79 41.28 -4.34
CA GLY F 269 9.70 40.37 -5.01
C GLY F 269 10.54 39.66 -3.98
N TYR F 270 10.65 38.33 -4.08
CA TYR F 270 11.35 37.61 -3.03
C TYR F 270 11.90 36.31 -3.59
N VAL F 271 13.05 35.90 -3.08
CA VAL F 271 13.68 34.64 -3.45
C VAL F 271 14.23 34.02 -2.16
N GLY F 272 14.05 32.70 -2.02
CA GLY F 272 14.54 32.01 -0.85
C GLY F 272 13.46 31.72 0.18
N ALA F 273 13.84 31.66 1.44
CA ALA F 273 12.92 31.32 2.52
C ALA F 273 12.73 32.53 3.42
N GLY F 274 11.49 32.71 3.91
CA GLY F 274 11.16 33.84 4.75
C GLY F 274 9.91 33.57 5.55
N THR F 275 9.57 34.55 6.40
CA THR F 275 8.45 34.41 7.33
C THR F 275 7.71 35.74 7.43
N VAL F 276 6.38 35.68 7.31
CA VAL F 276 5.50 36.82 7.53
C VAL F 276 4.88 36.67 8.90
N GLU F 277 4.92 37.74 9.69
CA GLU F 277 4.35 37.75 11.04
C GLU F 277 3.07 38.58 11.05
N PHE F 278 2.05 38.07 11.73
CA PHE F 278 0.79 38.78 11.91
C PHE F 278 0.56 39.06 13.39
N ILE F 279 -0.51 39.81 13.65
CA ILE F 279 -1.04 40.03 14.99
C ILE F 279 -2.54 39.80 14.92
N PHE F 280 -3.09 39.11 15.91
CA PHE F 280 -4.44 38.59 15.83
C PHE F 280 -5.19 38.83 17.13
N ASP F 281 -6.47 39.18 17.01
CA ASP F 281 -7.36 39.32 18.16
C ASP F 281 -8.49 38.31 18.02
N THR F 282 -8.71 37.50 19.07
CA THR F 282 -9.77 36.51 19.02
C THR F 282 -11.15 37.15 18.95
N SER F 283 -11.35 38.24 19.70
CA SER F 283 -12.66 38.88 19.72
C SER F 283 -13.05 39.42 18.34
N THR F 284 -12.11 40.09 17.67
CA THR F 284 -12.39 40.57 16.33
C THR F 284 -12.48 39.42 15.34
N GLY F 285 -11.62 38.42 15.49
CA GLY F 285 -11.56 37.31 14.57
C GLY F 285 -10.78 37.57 13.30
N GLU F 286 -10.14 38.73 13.18
CA GLU F 286 -9.38 39.08 11.99
C GLU F 286 -7.91 39.27 12.36
N PHE F 287 -7.05 39.05 11.36
CA PHE F 287 -5.61 39.21 11.51
C PHE F 287 -5.17 40.48 10.78
N TYR F 288 -4.27 41.22 11.41
CA TYR F 288 -3.72 42.43 10.81
C TYR F 288 -2.21 42.33 10.77
N PHE F 289 -1.64 42.81 9.66
CA PHE F 289 -0.21 42.70 9.45
C PHE F 289 0.55 43.54 10.47
N MET F 290 1.62 42.98 11.02
CA MET F 290 2.51 43.71 11.90
C MET F 290 3.91 43.87 11.32
N GLU F 291 4.58 42.77 10.99
CA GLU F 291 5.93 42.85 10.47
C GLU F 291 6.26 41.57 9.71
N MET F 292 7.31 41.65 8.90
CA MET F 292 7.86 40.50 8.17
C MET F 292 9.37 40.53 8.35
N ASN F 293 10.00 39.36 8.27
CA ASN F 293 11.46 39.24 8.33
C ASN F 293 11.96 38.58 7.05
N THR F 294 12.93 39.22 6.39
CA THR F 294 13.54 38.66 5.19
C THR F 294 14.83 37.93 5.57
N ARG F 295 14.66 36.84 6.31
CA ARG F 295 15.76 36.09 6.88
C ARG F 295 15.21 34.78 7.45
N LEU F 296 16.02 33.72 7.36
CA LEU F 296 15.64 32.46 7.98
C LEU F 296 15.55 32.63 9.49
N GLN F 297 14.47 32.12 10.08
CA GLN F 297 14.28 32.23 11.52
C GLN F 297 15.09 31.18 12.25
N VAL F 298 15.00 31.21 13.58
CA VAL F 298 15.63 30.21 14.43
C VAL F 298 14.65 29.07 14.61
N GLU F 299 13.37 29.35 14.38
CA GLU F 299 12.29 28.40 14.61
C GLU F 299 12.00 27.53 13.39
N HIS F 300 12.92 27.49 12.42
CA HIS F 300 12.70 26.67 11.24
C HIS F 300 12.52 25.19 11.53
N PRO F 301 13.32 24.54 12.37
CA PRO F 301 13.14 23.08 12.52
C PRO F 301 11.83 22.72 13.20
N VAL F 302 11.22 23.68 13.90
CA VAL F 302 9.96 23.44 14.58
C VAL F 302 8.84 23.21 13.59
N THR F 303 8.63 24.16 12.68
CA THR F 303 7.56 24.04 11.71
C THR F 303 7.75 22.81 10.84
N GLU F 304 8.99 22.35 10.72
CA GLU F 304 9.28 21.18 9.89
C GLU F 304 8.54 19.94 10.37
N GLU F 305 8.43 19.76 11.68
CA GLU F 305 7.79 18.57 12.23
C GLU F 305 6.30 18.47 11.86
N VAL F 306 5.72 19.55 11.39
CA VAL F 306 4.30 19.54 11.05
C VAL F 306 4.07 19.73 9.55
N CYS F 307 5.04 19.33 8.73
CA CYS F 307 4.88 19.44 7.28
C CYS F 307 5.69 18.41 6.50
N ARG F 308 5.04 17.69 5.59
CA ARG F 308 5.73 16.73 4.75
C ARG F 308 5.42 17.00 3.30
N ILE F 309 6.41 16.85 2.42
CA ILE F 309 6.20 17.18 1.02
C ILE F 309 6.31 15.89 0.20
N LYS F 310 5.26 15.53 -0.52
CA LYS F 310 5.26 14.27 -1.27
C LYS F 310 5.57 13.11 -0.36
N GLY F 311 5.04 13.15 0.85
CA GLY F 311 5.22 12.04 1.76
C GLY F 311 6.63 11.88 2.29
N ALA F 312 7.54 12.80 1.98
CA ALA F 312 8.93 12.70 2.36
C ALA F 312 9.27 13.75 3.40
N PRO F 313 10.27 13.51 4.25
CA PRO F 313 10.68 14.54 5.21
C PRO F 313 11.15 15.80 4.49
N LEU F 314 10.83 16.94 5.08
CA LEU F 314 11.21 18.23 4.50
C LEU F 314 12.48 18.75 5.17
N ASP F 315 13.40 19.28 4.35
CA ASP F 315 14.58 19.97 4.87
C ASP F 315 14.58 21.39 4.33
N LEU F 316 14.41 22.35 5.23
CA LEU F 316 14.29 23.75 4.83
C LEU F 316 15.61 24.31 4.27
N VAL F 317 16.74 23.97 4.89
CA VAL F 317 18.02 24.50 4.43
C VAL F 317 18.39 23.90 3.07
N LYS F 318 17.97 22.67 2.83
CA LYS F 318 18.28 21.99 1.59
C LYS F 318 17.78 22.76 0.44
N LEU F 319 16.50 23.13 0.49
CA LEU F 319 15.88 23.86 -0.61
C LEU F 319 16.58 25.18 -0.85
N GLN F 320 17.00 25.85 0.23
CA GLN F 320 17.66 27.15 0.09
C GLN F 320 18.95 27.03 -0.71
N ILE F 321 19.69 25.94 -0.52
CA ILE F 321 20.83 25.67 -1.39
C ILE F 321 20.36 25.36 -2.80
N LYS F 322 19.31 24.55 -2.92
CA LYS F 322 18.77 24.25 -4.25
C LYS F 322 18.18 25.49 -4.90
N THR F 323 17.60 26.39 -4.11
CA THR F 323 17.16 27.66 -4.65
C THR F 323 18.35 28.45 -5.18
N ALA F 324 19.45 28.46 -4.44
CA ALA F 324 20.67 29.11 -4.92
C ALA F 324 21.22 28.40 -6.15
N MET F 325 20.96 27.09 -6.27
CA MET F 325 21.39 26.35 -7.45
C MET F 325 20.79 26.88 -8.74
N GLY F 326 19.62 27.52 -8.68
CA GLY F 326 18.91 27.92 -9.86
C GLY F 326 17.89 26.91 -10.36
N LYS F 327 17.87 25.71 -9.79
CA LYS F 327 16.87 24.74 -10.19
C LYS F 327 15.48 25.21 -9.76
N PRO F 328 14.45 24.86 -10.55
CA PRO F 328 13.10 25.23 -10.15
C PRO F 328 12.50 24.20 -9.21
N LEU F 329 11.36 24.51 -8.60
CA LEU F 329 10.77 23.59 -7.61
C LEU F 329 10.24 22.32 -8.24
N THR F 330 9.70 21.44 -7.40
CA THR F 330 9.18 20.19 -7.91
C THR F 330 7.78 19.99 -7.39
N PHE F 331 7.34 20.82 -6.47
CA PHE F 331 6.04 20.62 -5.85
C PHE F 331 5.14 21.85 -5.80
N SER F 332 3.84 21.65 -5.86
CA SER F 332 2.92 22.77 -5.72
C SER F 332 2.68 22.96 -4.24
N GLN F 333 1.81 23.91 -3.88
CA GLN F 333 1.46 24.09 -2.49
C GLN F 333 0.79 22.84 -1.98
N GLU F 334 0.17 22.09 -2.89
CA GLU F 334 -0.57 20.90 -2.50
C GLU F 334 0.26 19.75 -1.92
N ASP F 335 1.36 19.38 -2.57
CA ASP F 335 2.09 18.22 -2.12
C ASP F 335 2.42 18.25 -0.63
N VAL F 336 2.33 19.41 -0.01
CA VAL F 336 2.71 19.53 1.39
C VAL F 336 1.54 19.27 2.31
N THR F 337 1.68 18.30 3.20
CA THR F 337 0.61 18.05 4.16
C THR F 337 1.12 17.99 5.60
N LEU F 338 0.34 18.50 6.54
CA LEU F 338 0.72 18.44 7.95
C LEU F 338 0.39 17.08 8.58
N VAL F 339 1.15 16.67 9.58
CA VAL F 339 0.93 15.40 10.24
C VAL F 339 1.37 15.55 11.68
N GLY F 340 0.41 15.59 12.60
CA GLY F 340 0.75 15.65 14.01
C GLY F 340 1.06 17.04 14.51
N SER F 341 1.59 17.08 15.74
CA SER F 341 1.88 18.33 16.44
C SER F 341 3.26 18.26 17.08
N CYS F 342 3.83 19.44 17.36
CA CYS F 342 5.14 19.55 17.99
C CYS F 342 5.23 20.83 18.81
N ILE F 343 6.08 20.81 19.83
CA ILE F 343 6.32 21.95 20.71
C ILE F 343 7.83 22.14 20.84
N GLU F 344 8.25 23.37 21.13
CA GLU F 344 9.66 23.73 21.26
C GLU F 344 9.87 24.58 22.51
N ALA F 345 11.08 24.49 23.07
CA ALA F 345 11.50 25.34 24.17
C ALA F 345 12.99 25.62 24.07
N ARG F 346 13.39 26.83 24.47
CA ARG F 346 14.79 27.25 24.45
C ARG F 346 15.34 27.30 25.85
N VAL F 347 16.57 26.82 26.03
CA VAL F 347 17.26 26.85 27.31
C VAL F 347 18.33 27.93 27.25
N TYR F 348 18.34 28.81 28.25
CA TYR F 348 19.24 29.96 28.30
C TYR F 348 20.13 29.84 29.53
N ALA F 349 21.43 30.07 29.34
CA ALA F 349 22.39 30.02 30.44
C ALA F 349 22.26 31.29 31.27
N GLU F 350 21.12 31.43 31.92
CA GLU F 350 20.85 32.57 32.79
C GLU F 350 20.32 32.07 34.13
N SER F 351 20.22 32.99 35.08
CA SER F 351 19.74 32.63 36.40
C SER F 351 18.37 33.17 36.60
N PRO F 352 17.42 32.28 36.75
CA PRO F 352 16.04 32.71 36.95
C PRO F 352 15.88 33.53 38.24
N GLU F 353 16.54 33.16 39.32
CA GLU F 353 16.36 33.93 40.54
C GLU F 353 16.84 35.36 40.37
N ARG F 354 17.88 35.54 39.57
CA ARG F 354 18.42 36.87 39.35
C ARG F 354 17.71 37.59 38.22
N GLY F 355 18.23 38.75 37.85
CA GLY F 355 17.64 39.52 36.77
C GLY F 355 17.93 38.96 35.40
N PHE F 356 17.72 37.65 35.23
CA PHE F 356 18.01 36.91 34.00
C PHE F 356 19.32 37.37 33.34
N LEU F 357 20.36 37.49 34.18
CA LEU F 357 21.67 37.94 33.76
C LEU F 357 22.51 36.77 33.28
N PRO F 358 23.11 36.84 32.10
CA PRO F 358 23.93 35.73 31.60
C PRO F 358 25.13 35.46 32.51
N GLU F 359 25.52 34.19 32.57
CA GLU F 359 26.69 33.77 33.33
C GLU F 359 27.62 32.96 32.44
N SER F 360 28.92 33.14 32.65
CA SER F 360 29.95 32.45 31.89
C SER F 360 30.75 31.55 32.82
N GLY F 361 30.90 30.29 32.42
CA GLY F 361 31.63 29.32 33.20
C GLY F 361 31.83 28.02 32.46
N PRO F 362 32.82 27.23 32.87
CA PRO F 362 33.07 25.95 32.19
C PRO F 362 31.89 25.01 32.37
N LEU F 363 31.71 24.13 31.38
CA LEU F 363 30.63 23.16 31.39
C LEU F 363 31.14 21.87 32.00
N THR F 364 30.72 21.57 33.23
CA THR F 364 31.24 20.40 33.94
C THR F 364 30.62 19.10 33.44
N PHE F 365 29.33 18.88 33.66
CA PHE F 365 28.71 17.65 33.18
C PHE F 365 27.40 17.99 32.49
N ILE F 366 27.19 17.41 31.32
CA ILE F 366 26.05 17.71 30.46
C ILE F 366 25.36 16.38 30.20
N ARG F 367 24.20 16.17 30.83
CA ARG F 367 23.38 15.02 30.49
C ARG F 367 22.72 15.23 29.13
N GLU F 368 22.61 14.16 28.37
CA GLU F 368 21.98 14.23 27.06
C GLU F 368 20.71 13.42 27.05
N PRO F 369 19.56 14.04 26.83
CA PRO F 369 18.30 13.29 26.79
C PRO F 369 18.28 12.32 25.62
N PHE F 370 17.54 11.24 25.80
CA PHE F 370 17.37 10.24 24.75
C PHE F 370 16.75 10.89 23.53
N GLN F 371 17.52 10.99 22.45
CA GLN F 371 17.10 11.66 21.23
C GLN F 371 16.50 10.69 20.22
N GLY F 372 15.99 9.57 20.73
CA GLY F 372 15.41 8.55 19.87
C GLY F 372 13.90 8.40 19.96
N VAL F 373 13.32 7.68 19.00
CA VAL F 373 11.89 7.51 18.96
C VAL F 373 11.40 6.46 19.89
N ARG F 374 10.28 6.73 20.55
CA ARG F 374 9.68 5.72 21.41
C ARG F 374 8.27 6.15 21.73
N GLY F 375 7.38 5.19 21.89
CA GLY F 375 5.99 5.51 22.15
C GLY F 375 5.43 6.27 20.99
N PRO F 376 4.44 7.12 21.26
CA PRO F 376 3.84 7.92 20.20
C PRO F 376 4.44 9.31 20.12
N ALA F 377 5.75 9.41 19.98
CA ALA F 377 6.38 10.73 19.99
C ALA F 377 7.82 10.77 19.55
N ARG F 378 8.21 11.87 18.91
CA ARG F 378 9.62 12.01 18.58
C ARG F 378 10.18 13.21 19.33
N THR F 379 11.32 13.00 19.98
CA THR F 379 11.98 14.04 20.76
C THR F 379 13.42 14.15 20.28
N ARG F 380 13.86 15.39 20.03
CA ARG F 380 15.21 15.64 19.56
C ARG F 380 15.80 16.80 20.35
N LEU F 381 17.13 16.83 20.40
CA LEU F 381 17.86 17.91 21.03
C LEU F 381 18.98 18.36 20.10
N ASP F 382 19.10 19.66 19.90
CA ASP F 382 20.18 20.25 19.13
C ASP F 382 20.93 21.22 20.03
N THR F 383 22.21 20.95 20.26
CA THR F 383 23.03 21.79 21.12
C THR F 383 24.28 22.25 20.38
N GLY F 384 24.65 23.50 20.62
CA GLY F 384 25.82 24.07 19.99
C GLY F 384 27.03 24.03 20.89
N PHE F 385 26.93 23.30 22.00
CA PHE F 385 28.00 23.14 22.96
C PHE F 385 28.07 21.69 23.40
N ARG F 386 29.24 21.28 23.88
CA ARG F 386 29.46 19.92 24.35
C ARG F 386 30.25 19.96 25.65
N GLU F 387 30.67 18.79 26.10
CA GLU F 387 31.45 18.69 27.33
C GLU F 387 32.80 19.35 27.15
N GLY F 388 33.30 19.97 28.22
CA GLY F 388 34.58 20.64 28.18
C GLY F 388 34.54 22.04 27.58
N ASP F 389 33.38 22.49 27.11
CA ASP F 389 33.28 23.80 26.52
C ASP F 389 32.97 24.84 27.60
N ASN F 390 33.17 26.11 27.24
CA ASN F 390 32.94 27.22 28.17
C ASN F 390 32.11 28.29 27.49
N VAL F 391 31.16 28.86 28.23
CA VAL F 391 30.26 29.87 27.67
C VAL F 391 30.98 31.20 27.59
N LEU F 392 30.81 31.89 26.46
CA LEU F 392 31.40 33.20 26.23
C LEU F 392 30.37 34.27 26.58
N ILE F 393 30.80 35.30 27.32
CA ILE F 393 29.88 36.36 27.72
C ILE F 393 29.50 37.23 26.52
N HIS F 394 30.38 37.34 25.53
CA HIS F 394 30.08 38.15 24.35
C HIS F 394 28.87 37.60 23.61
N TYR F 395 28.80 36.28 23.47
CA TYR F 395 27.67 35.67 22.78
C TYR F 395 26.43 35.68 23.67
N ASP F 396 25.28 35.46 23.05
CA ASP F 396 24.05 35.33 23.81
C ASP F 396 24.05 34.01 24.57
N PRO F 397 23.36 33.94 25.72
CA PRO F 397 23.27 32.64 26.42
C PRO F 397 22.28 31.71 25.75
N MET F 398 22.80 30.71 25.02
CA MET F 398 21.92 29.79 24.27
C MET F 398 22.61 28.43 24.23
N LEU F 399 22.01 27.45 24.90
CA LEU F 399 22.62 26.13 25.01
C LEU F 399 22.08 25.16 23.95
N ALA F 400 20.77 24.93 23.96
CA ALA F 400 20.19 23.87 23.15
C ALA F 400 18.72 24.15 22.91
N LYS F 401 18.16 23.41 21.96
CA LYS F 401 16.74 23.48 21.64
C LYS F 401 16.17 22.08 21.69
N VAL F 402 15.01 21.92 22.34
CA VAL F 402 14.36 20.62 22.49
C VAL F 402 12.98 20.70 21.83
N ILE F 403 12.67 19.73 20.98
CA ILE F 403 11.44 19.69 20.21
C ILE F 403 10.81 18.32 20.36
N SER F 404 9.51 18.27 20.60
CA SER F 404 8.78 17.03 20.80
C SER F 404 7.67 16.90 19.75
N TRP F 405 7.99 16.28 18.62
CA TRP F 405 7.00 15.94 17.62
C TRP F 405 6.10 14.81 18.12
N GLY F 406 4.83 14.85 17.73
CA GLY F 406 3.90 13.82 18.13
C GLY F 406 2.72 13.77 17.18
N ARG F 407 1.95 12.67 17.28
CA ARG F 407 0.73 12.55 16.52
C ARG F 407 -0.40 13.40 17.08
N SER F 408 -0.37 13.70 18.38
CA SER F 408 -1.32 14.60 18.99
C SER F 408 -0.58 15.55 19.92
N ARG F 409 -1.21 16.69 20.18
CA ARG F 409 -0.61 17.70 21.03
C ARG F 409 -0.26 17.14 22.37
N GLU F 410 -1.16 16.37 22.94
CA GLU F 410 -0.92 15.83 24.26
C GLU F 410 0.38 15.08 24.29
N GLU F 411 0.55 14.18 23.34
CA GLU F 411 1.77 13.39 23.30
C GLU F 411 2.97 14.28 23.27
N ALA F 412 2.91 15.30 22.43
CA ALA F 412 4.04 16.20 22.31
C ALA F 412 4.32 16.89 23.64
N LEU F 413 3.32 17.49 24.25
CA LEU F 413 3.57 18.23 25.49
C LEU F 413 4.08 17.28 26.56
N ARG F 414 3.48 16.10 26.65
CA ARG F 414 3.88 15.16 27.67
C ARG F 414 5.30 14.74 27.44
N GLY F 415 5.67 14.55 26.19
CA GLY F 415 7.00 14.13 25.88
C GLY F 415 8.00 15.12 26.41
N LEU F 416 7.80 16.38 26.09
CA LEU F 416 8.76 17.37 26.50
C LEU F 416 8.93 17.29 27.98
N ARG F 417 7.84 17.31 28.73
CA ARG F 417 7.94 17.32 30.17
C ARG F 417 9.04 16.40 30.61
N GLN F 418 8.95 15.14 30.23
CA GLN F 418 9.94 14.18 30.67
C GLN F 418 11.33 14.52 30.15
N ALA F 419 11.43 14.92 28.90
CA ALA F 419 12.73 15.26 28.37
C ALA F 419 13.29 16.46 29.10
N LEU F 420 12.50 17.50 29.24
CA LEU F 420 13.02 18.71 29.87
C LEU F 420 13.55 18.31 31.22
N GLY F 421 12.83 17.45 31.89
CA GLY F 421 13.31 16.99 33.17
C GLY F 421 14.63 16.27 33.04
N GLU F 422 14.76 15.35 32.09
CA GLU F 422 15.98 14.53 31.98
C GLU F 422 17.29 15.26 31.69
N TYR F 423 17.27 16.22 30.78
CA TYR F 423 18.48 16.96 30.41
C TYR F 423 19.04 17.67 31.62
N LYS F 424 20.34 17.53 31.85
CA LYS F 424 20.95 18.11 33.05
C LYS F 424 22.27 18.74 32.74
N VAL F 425 22.51 19.92 33.31
CA VAL F 425 23.77 20.58 33.12
C VAL F 425 24.28 20.99 34.46
N ALA F 426 25.58 20.86 34.70
CA ALA F 426 26.13 21.31 35.96
C ALA F 426 27.20 22.34 35.71
N GLY F 427 27.17 23.41 36.49
CA GLY F 427 28.19 24.43 36.37
C GLY F 427 27.65 25.84 36.31
N ILE F 428 26.52 26.03 35.61
CA ILE F 428 25.87 27.33 35.52
C ILE F 428 24.38 27.16 35.73
N ASN F 429 23.79 28.06 36.50
CA ASN F 429 22.35 28.08 36.69
C ASN F 429 21.65 28.31 35.35
N THR F 430 20.52 27.64 35.17
CA THR F 430 19.76 27.73 33.94
C THR F 430 18.29 27.97 34.29
N ASN F 431 17.50 28.27 33.25
CA ASN F 431 16.07 28.53 33.40
C ASN F 431 15.24 27.27 33.14
N ILE F 432 15.91 26.11 33.12
CA ILE F 432 15.22 24.87 32.82
C ILE F 432 14.14 24.59 33.86
N GLU F 433 14.41 24.94 35.12
CA GLU F 433 13.38 24.80 36.15
C GLU F 433 12.20 25.70 35.86
N PHE F 434 12.46 26.91 35.35
CA PHE F 434 11.37 27.82 35.01
C PHE F 434 10.46 27.24 33.93
N LEU F 435 11.05 26.69 32.88
CA LEU F 435 10.25 26.19 31.76
C LEU F 435 9.34 25.06 32.21
N LYS F 436 9.85 24.16 33.04
CA LYS F 436 9.02 23.08 33.56
C LYS F 436 7.88 23.62 34.42
N ARG F 437 8.15 24.65 35.22
CA ARG F 437 7.10 25.30 35.99
C ARG F 437 6.10 25.97 35.07
N CYS F 438 6.57 26.46 33.91
CA CYS F 438 5.67 27.05 32.93
C CYS F 438 4.78 26.00 32.28
N CYS F 439 5.16 24.73 32.36
CA CYS F 439 4.44 23.67 31.66
C CYS F 439 3.50 22.88 32.56
N GLU F 440 3.81 22.76 33.85
CA GLU F 440 3.00 21.90 34.72
C GLU F 440 1.73 22.62 35.20
N THR F 441 1.91 23.63 36.05
CA THR F 441 0.75 24.25 36.68
C THR F 441 -0.09 25.07 35.71
N PRO F 442 0.47 25.94 34.86
CA PRO F 442 -0.39 26.70 33.94
C PRO F 442 -1.21 25.78 33.06
N GLU F 443 -2.52 26.03 33.02
CA GLU F 443 -3.43 25.25 32.20
C GLU F 443 -3.43 25.78 30.78
N PHE F 444 -2.24 25.88 30.18
CA PHE F 444 -2.12 26.24 28.78
C PHE F 444 -2.14 25.02 27.87
N ALA F 445 -2.30 23.83 28.44
CA ALA F 445 -2.54 22.64 27.64
C ALA F 445 -3.80 22.77 26.80
N ARG F 446 -4.72 23.65 27.21
CA ARG F 446 -5.89 23.94 26.39
C ARG F 446 -5.49 24.52 25.04
N GLY F 447 -4.49 25.40 25.02
CA GLY F 447 -3.97 25.96 23.79
C GLY F 447 -4.22 27.43 23.59
N GLY F 448 -4.89 28.10 24.51
CA GLY F 448 -5.14 29.52 24.35
C GLY F 448 -4.29 30.38 25.28
N VAL F 449 -3.25 30.99 24.73
CA VAL F 449 -2.36 31.87 25.49
C VAL F 449 -2.14 33.15 24.69
N THR F 450 -2.19 34.28 25.39
CA THR F 450 -2.05 35.57 24.75
C THR F 450 -0.59 36.00 24.73
N THR F 451 -0.34 37.16 24.10
CA THR F 451 1.01 37.69 24.02
C THR F 451 1.56 38.01 25.40
N ASN F 452 0.71 38.58 26.26
CA ASN F 452 1.07 38.91 27.64
C ASN F 452 0.82 37.76 28.60
N PHE F 453 0.73 36.53 28.12
CA PHE F 453 0.43 35.39 28.99
C PHE F 453 1.43 35.24 30.13
N ILE F 454 2.70 35.56 29.87
CA ILE F 454 3.71 35.39 30.91
C ILE F 454 3.52 36.40 32.04
N SER F 455 2.98 37.58 31.73
CA SER F 455 2.98 38.68 32.69
C SER F 455 2.12 38.36 33.91
N GLU F 456 0.94 37.79 33.71
CA GLU F 456 0.01 37.63 34.83
C GLU F 456 0.41 36.50 35.78
N HIS F 457 1.04 35.44 35.27
CA HIS F 457 1.34 34.27 36.08
C HIS F 457 2.73 34.31 36.69
N GLU F 458 3.32 35.50 36.82
CA GLU F 458 4.67 35.61 37.37
C GLU F 458 4.70 35.24 38.85
N SER F 459 3.58 35.42 39.54
CA SER F 459 3.52 35.04 40.95
C SER F 459 3.59 33.53 41.06
N GLN F 460 2.81 32.85 40.23
CA GLN F 460 2.79 31.39 40.27
C GLN F 460 4.14 30.80 39.93
N LEU F 461 4.85 31.39 38.98
CA LEU F 461 6.12 30.83 38.54
C LEU F 461 7.30 31.25 39.42
N LEU F 462 8.50 31.15 38.86
CA LEU F 462 9.71 31.51 39.61
C LEU F 462 9.81 30.71 40.91
N LYS F 463 9.35 29.47 40.88
CA LYS F 463 9.28 28.61 42.06
C LYS F 463 10.07 27.33 41.81
N SER F 464 10.84 26.92 42.81
CA SER F 464 11.74 25.78 42.74
C SER F 464 11.52 24.89 43.95
N PRO F 465 11.91 23.61 43.86
CA PRO F 465 11.74 22.70 45.01
C PRO F 465 12.56 23.15 46.21
N VAL F 466 12.04 22.83 47.38
CA VAL F 466 12.65 23.20 48.65
C VAL F 466 13.76 22.21 48.97
N VAL F 467 14.93 22.74 49.34
CA VAL F 467 16.06 21.89 49.68
C VAL F 467 15.77 21.21 51.01
N THR F 468 15.48 19.91 50.97
CA THR F 468 15.20 19.13 52.17
C THR F 468 16.48 18.96 52.99
N PRO F 469 16.36 18.77 54.31
CA PRO F 469 17.57 18.57 55.11
C PRO F 469 18.39 17.37 54.69
N GLU F 470 17.77 16.39 54.04
CA GLU F 470 18.53 15.25 53.53
C GLU F 470 19.49 15.67 52.42
N VAL F 471 19.05 16.56 51.54
CA VAL F 471 19.90 16.97 50.41
C VAL F 471 21.23 17.50 50.92
N ALA F 472 21.21 18.25 52.03
CA ALA F 472 22.44 18.72 52.62
C ALA F 472 23.36 17.57 53.03
N ALA F 473 22.76 16.45 53.46
CA ALA F 473 23.57 15.33 53.93
C ALA F 473 24.42 14.74 52.81
N MET F 474 23.81 14.45 51.66
CA MET F 474 24.59 13.93 50.54
C MET F 474 25.52 15.00 49.96
N ALA F 475 25.05 16.24 49.87
CA ALA F 475 25.90 17.31 49.35
C ALA F 475 27.10 17.55 50.26
N ALA F 476 26.87 17.62 51.57
CA ALA F 476 27.99 17.85 52.49
C ALA F 476 28.98 16.71 52.45
N THR F 477 28.49 15.47 52.43
CA THR F 477 29.38 14.32 52.44
C THR F 477 30.27 14.30 51.21
N ALA F 478 29.72 14.65 50.05
CA ALA F 478 30.49 14.57 48.81
C ALA F 478 31.69 15.50 48.82
N TRP F 479 31.52 16.70 49.38
CA TRP F 479 32.61 17.67 49.38
C TRP F 479 33.82 17.15 50.15
N LEU F 480 33.60 16.51 51.27
CA LEU F 480 34.71 15.96 51.98
C LEU F 480 35.31 14.88 51.12
N LEU F 481 34.61 13.76 50.97
CA LEU F 481 35.18 12.64 50.23
C LEU F 481 35.69 13.03 48.87
N ASN F 482 35.07 14.01 48.24
CA ASN F 482 35.50 14.33 46.89
C ASN F 482 36.58 15.37 47.00
N ARG F 483 37.26 15.38 48.14
CA ARG F 483 38.38 16.28 48.28
C ARG F 483 39.50 15.55 48.98
N CYS F 484 39.17 14.66 49.92
CA CYS F 484 40.23 14.00 50.68
C CYS F 484 39.81 12.70 51.32
N ASP F 485 40.61 12.22 52.26
CA ASP F 485 40.31 10.97 52.95
C ASP F 485 39.59 11.22 54.26
N ASN F 486 38.82 12.29 54.35
CA ASN F 486 38.03 12.51 55.55
C ASN F 486 37.26 11.24 55.83
N TRP F 487 37.22 10.82 57.08
CA TRP F 487 36.42 9.63 57.41
C TRP F 487 37.03 8.39 56.78
N ARG F 488 38.26 8.50 56.31
CA ARG F 488 38.94 7.36 55.74
C ARG F 488 40.20 7.08 56.54
N GLY F 489 40.23 5.96 57.26
CA GLY F 489 41.38 5.64 58.07
C GLY F 489 41.41 6.45 59.34
N ALA F 490 40.38 7.23 59.58
CA ALA F 490 40.31 8.07 60.78
C ALA F 490 40.29 7.21 62.04
N PHE F 491 40.87 7.72 63.12
CA PHE F 491 40.92 6.96 64.37
C PHE F 491 41.24 7.84 65.57
N ARG F 492 40.52 7.66 66.66
CA ARG F 492 40.83 8.40 67.89
C ARG F 492 40.83 7.43 69.05
N LEU F 493 40.94 7.94 70.28
CA LEU F 493 41.01 7.05 71.44
C LEU F 493 39.80 7.17 72.36
N ASN F 494 39.19 6.03 72.70
CA ASN F 494 38.05 6.03 73.60
C ASN F 494 37.05 7.12 73.27
N SER F 495 37.00 7.53 72.00
CA SER F 495 36.07 8.57 71.60
C SER F 495 35.48 8.23 70.25
N ASP F 496 34.88 9.22 69.57
CA ASP F 496 34.34 8.98 68.25
C ASP F 496 34.63 10.17 67.37
N THR F 497 34.57 9.98 66.06
CA THR F 497 34.94 11.05 65.15
C THR F 497 33.93 12.17 65.00
N ASN F 498 34.36 13.31 64.48
CA ASN F 498 33.44 14.40 64.20
C ASN F 498 34.05 15.30 63.14
N ALA F 499 33.22 15.74 62.19
CA ALA F 499 33.64 16.67 61.16
C ALA F 499 32.41 17.42 60.67
N THR F 500 32.57 18.72 60.43
CA THR F 500 31.46 19.61 60.17
C THR F 500 31.70 20.39 58.88
N VAL F 501 30.59 20.75 58.23
CA VAL F 501 30.61 21.54 56.99
C VAL F 501 29.66 22.71 57.18
N HIS F 502 30.06 23.88 56.71
CA HIS F 502 29.24 25.08 56.76
C HIS F 502 28.77 25.45 55.36
N PHE F 503 27.44 25.55 55.20
CA PHE F 503 26.82 25.93 53.94
C PHE F 503 26.23 27.32 54.08
N TYR F 504 26.45 28.17 53.07
CA TYR F 504 25.86 29.50 53.05
C TYR F 504 24.61 29.50 52.17
N ILE F 505 23.59 28.79 52.64
CA ILE F 505 22.32 28.71 51.93
C ILE F 505 21.61 30.05 52.06
N ASP F 506 21.22 30.64 50.93
CA ASP F 506 20.56 31.96 50.88
C ASP F 506 21.47 32.95 51.59
N ASP F 507 20.97 33.73 52.54
CA ASP F 507 21.78 34.67 53.31
C ASP F 507 22.00 34.21 54.74
N HIS F 508 21.75 32.94 55.04
CA HIS F 508 21.85 32.39 56.38
C HIS F 508 22.83 31.23 56.39
N PRO F 509 23.90 31.30 57.18
CA PRO F 509 24.83 30.16 57.25
C PRO F 509 24.14 28.91 57.77
N VAL F 510 24.54 27.76 57.20
CA VAL F 510 23.99 26.46 57.58
C VAL F 510 25.14 25.57 58.01
N GLU F 511 24.99 24.92 59.16
CA GLU F 511 25.98 24.00 59.70
C GLU F 511 25.43 22.58 59.68
N VAL F 512 26.23 21.65 59.18
CA VAL F 512 25.89 20.23 59.19
C VAL F 512 27.03 19.48 59.86
N ARG F 513 26.70 18.58 60.77
CA ARG F 513 27.68 17.82 61.53
C ARG F 513 27.52 16.32 61.24
N LEU F 514 28.64 15.65 60.97
CA LEU F 514 28.65 14.23 60.65
C LEU F 514 29.62 13.53 61.60
N HIS F 515 29.22 12.36 62.09
CA HIS F 515 30.02 11.61 63.03
C HIS F 515 29.69 10.12 62.91
N THR F 516 30.52 9.29 63.50
CA THR F 516 30.39 7.84 63.43
C THR F 516 30.46 7.21 64.81
N GLU F 517 29.80 6.06 64.95
CA GLU F 517 29.84 5.27 66.17
C GLU F 517 30.21 3.83 65.81
N GLY F 518 30.99 3.19 66.67
CA GLY F 518 31.51 1.86 66.37
C GLY F 518 32.82 1.92 65.62
N ALA F 519 33.14 0.80 64.99
CA ALA F 519 34.33 0.76 64.19
C ALA F 519 33.89 0.90 62.75
N ASN F 520 32.77 1.59 62.51
CA ASN F 520 32.25 1.63 61.14
C ASN F 520 32.39 2.92 60.38
N TYR F 521 33.08 2.89 59.25
CA TYR F 521 33.12 4.06 58.39
C TYR F 521 31.77 4.03 57.77
N HIS F 522 31.20 2.85 57.59
CA HIS F 522 29.92 2.75 56.88
C HIS F 522 28.75 3.43 57.62
N LYS F 523 28.58 3.12 58.90
CA LYS F 523 27.46 3.69 59.64
C LYS F 523 27.71 5.16 59.91
N ILE F 524 26.87 6.02 59.35
CA ILE F 524 27.05 7.46 59.50
C ILE F 524 25.74 8.14 59.89
N PHE F 525 25.84 9.27 60.60
CA PHE F 525 24.65 9.98 61.03
C PHE F 525 24.69 11.42 60.55
N PHE F 526 23.74 12.23 60.98
CA PHE F 526 23.67 13.61 60.55
C PHE F 526 22.73 14.40 61.45
N SER F 527 22.97 15.69 61.53
CA SER F 527 22.12 16.58 62.32
C SER F 527 22.16 17.96 61.66
N VAL F 528 21.13 18.25 60.87
CA VAL F 528 20.98 19.55 60.23
C VAL F 528 19.59 20.08 60.53
N TRP F 529 19.52 21.36 60.91
CA TRP F 529 18.25 22.00 61.27
C TRP F 529 17.51 21.22 62.34
N ASP F 530 18.28 20.72 63.31
CA ASP F 530 17.74 19.97 64.45
C ASP F 530 16.98 18.72 64.01
N HIS F 531 17.45 18.11 62.93
CA HIS F 531 16.89 16.86 62.45
C HIS F 531 17.99 15.82 62.36
N ASP F 532 17.77 14.67 63.01
CA ASP F 532 18.78 13.64 63.15
C ASP F 532 18.30 12.33 62.55
N GLY F 533 19.24 11.58 61.98
CA GLY F 533 18.94 10.29 61.40
C GLY F 533 20.23 9.53 61.18
N SER F 534 20.10 8.38 60.52
CA SER F 534 21.25 7.55 60.20
C SER F 534 21.17 7.12 58.74
N PHE F 535 22.33 6.87 58.14
CA PHE F 535 22.36 6.30 56.81
C PHE F 535 23.70 5.61 56.60
N GLU F 536 23.81 4.88 55.52
CA GLU F 536 25.07 4.31 55.19
C GLU F 536 25.34 4.89 53.85
N VAL F 537 26.58 4.87 53.44
CA VAL F 537 27.01 5.43 52.17
C VAL F 537 28.09 4.55 51.57
N CYS F 538 27.95 4.23 50.28
CA CYS F 538 28.94 3.48 49.53
C CYS F 538 29.31 4.28 48.29
N SER F 539 30.59 4.58 48.14
CA SER F 539 31.08 5.47 47.10
C SER F 539 31.35 4.67 45.82
N GLY F 540 32.03 5.28 44.85
CA GLY F 540 32.42 4.60 43.65
C GLY F 540 33.91 4.69 43.41
N PRO F 541 34.34 4.53 42.16
CA PRO F 541 35.76 4.69 41.84
C PRO F 541 36.23 6.11 42.12
N VAL F 542 37.48 6.23 42.58
CA VAL F 542 38.04 7.56 42.80
C VAL F 542 38.58 8.12 41.50
N THR F 543 38.19 9.35 41.19
CA THR F 543 38.53 9.98 39.92
C THR F 543 38.97 11.42 40.15
N SER F 544 39.70 11.95 39.15
CA SER F 544 40.16 13.34 39.14
C SER F 544 41.05 13.64 40.34
N LYS F 545 42.19 12.95 40.38
CA LYS F 545 43.17 13.19 41.45
C LYS F 545 43.74 14.61 41.38
N HIS F 546 43.75 15.22 40.19
CA HIS F 546 44.34 16.55 40.05
C HIS F 546 43.47 17.61 40.72
N ARG F 547 42.19 17.30 40.95
CA ARG F 547 41.20 18.18 41.58
C ARG F 547 41.34 19.64 41.10
N ASP F 548 41.17 19.79 39.79
CA ASP F 548 41.22 21.10 39.13
C ASP F 548 39.89 21.83 39.30
N GLN F 549 39.68 22.87 38.50
CA GLN F 549 38.42 23.63 38.58
C GLN F 549 37.21 22.72 38.39
N LYS F 550 37.32 21.73 37.50
CA LYS F 550 36.23 20.77 37.35
C LYS F 550 36.11 19.88 38.59
N SER F 551 37.23 19.64 39.27
CA SER F 551 37.30 18.87 40.52
C SER F 551 36.87 17.44 40.21
N ILE F 552 36.13 16.79 41.10
CA ILE F 552 35.89 15.36 41.06
C ILE F 552 34.42 15.11 40.76
N VAL F 553 34.15 14.26 39.77
CA VAL F 553 32.80 13.85 39.41
C VAL F 553 32.69 12.36 39.71
N ASN F 554 31.96 12.00 40.76
CA ASN F 554 31.79 10.61 41.13
C ASN F 554 30.34 10.33 41.49
N ASP F 555 29.95 9.08 41.29
CA ASP F 555 28.64 8.59 41.66
C ASP F 555 28.66 8.15 43.12
N PHE F 556 27.55 8.34 43.81
CA PHE F 556 27.45 7.97 45.21
C PHE F 556 26.16 7.18 45.43
N THR F 557 26.15 6.37 46.49
CA THR F 557 24.97 5.61 46.88
C THR F 557 24.70 5.89 48.35
N PHE F 558 23.47 6.16 48.73
CA PHE F 558 23.24 6.39 50.14
C PHE F 558 22.08 5.56 50.66
N LEU F 559 22.34 4.69 51.61
CA LEU F 559 21.26 3.92 52.20
C LEU F 559 20.85 4.50 53.55
N PHE F 560 19.80 5.31 53.58
CA PHE F 560 19.33 5.84 54.83
C PHE F 560 18.58 4.78 55.59
N GLU F 561 18.56 4.89 56.91
CA GLU F 561 17.94 3.87 57.75
C GLU F 561 16.48 3.59 57.44
N ASN F 562 15.69 4.64 57.21
CA ASN F 562 14.28 4.44 56.95
C ASN F 562 14.14 3.31 55.98
N GLY F 563 14.96 3.31 54.93
CA GLY F 563 14.94 2.21 53.98
C GLY F 563 15.28 2.61 52.57
N MET F 564 15.35 3.89 52.30
CA MET F 564 15.56 4.31 50.93
C MET F 564 16.95 4.06 50.42
N HIS F 565 17.25 4.53 49.22
CA HIS F 565 18.58 4.39 48.66
C HIS F 565 18.61 5.46 47.62
N HIS F 566 19.78 5.98 47.31
CA HIS F 566 19.88 7.08 46.36
C HIS F 566 21.16 6.99 45.57
N THR F 567 21.18 7.61 44.39
CA THR F 567 22.40 7.64 43.61
C THR F 567 22.69 9.08 43.24
N VAL F 568 23.89 9.57 43.54
CA VAL F 568 24.18 10.98 43.30
C VAL F 568 25.53 11.26 42.66
N LEU F 569 25.53 11.85 41.48
CA LEU F 569 26.76 12.18 40.78
C LEU F 569 27.21 13.54 41.22
N ALA F 570 28.19 13.63 42.12
CA ALA F 570 28.56 14.93 42.66
C ALA F 570 29.85 15.55 42.18
N VAL F 571 29.75 16.66 41.45
CA VAL F 571 30.94 17.38 41.03
C VAL F 571 31.13 18.50 42.04
N ALA F 572 31.99 18.30 43.02
CA ALA F 572 32.12 19.27 44.10
C ALA F 572 33.32 20.17 43.99
N THR F 573 33.16 21.46 44.28
CA THR F 573 34.36 22.28 44.32
C THR F 573 34.35 23.09 45.60
N GLU F 574 35.41 23.88 45.80
CA GLU F 574 35.49 24.72 46.99
C GLU F 574 34.36 25.74 47.00
N GLY F 575 34.00 26.27 45.83
CA GLY F 575 32.95 27.26 45.77
C GLY F 575 31.58 26.71 46.10
N ASP F 576 31.27 25.51 45.61
CA ASP F 576 29.93 24.97 45.76
C ASP F 576 29.96 23.46 45.61
N VAL F 577 28.87 22.84 46.04
CA VAL F 577 28.64 21.41 45.86
C VAL F 577 27.37 21.23 45.06
N THR F 578 27.48 20.51 43.94
CA THR F 578 26.35 20.27 43.06
C THR F 578 25.97 18.80 43.12
N VAL F 579 24.70 18.53 43.41
CA VAL F 579 24.18 17.17 43.51
C VAL F 579 23.04 17.02 42.52
N ILE F 580 23.09 15.96 41.71
CA ILE F 580 22.08 15.67 40.70
C ILE F 580 21.55 14.28 40.95
N GLY F 581 20.24 14.15 41.01
CA GLY F 581 19.60 12.87 41.24
C GLY F 581 18.12 12.96 40.97
N SER F 582 17.38 11.97 41.47
CA SER F 582 15.93 11.93 41.25
C SER F 582 15.24 13.13 41.88
N PHE F 583 15.87 13.74 42.89
CA PHE F 583 15.33 14.98 43.45
C PHE F 583 15.37 16.11 42.44
N GLY F 584 16.36 16.10 41.55
CA GLY F 584 16.59 17.16 40.60
C GLY F 584 18.05 17.57 40.65
N LEU F 585 18.30 18.85 40.44
CA LEU F 585 19.63 19.42 40.60
C LEU F 585 19.55 20.51 41.66
N HIS F 586 20.54 20.54 42.54
CA HIS F 586 20.67 21.60 43.55
C HIS F 586 22.14 21.87 43.76
N GLN F 587 22.51 23.16 43.74
CA GLN F 587 23.85 23.59 44.08
C GLN F 587 23.79 24.37 45.39
N LEU F 588 24.61 23.97 46.35
CA LEU F 588 24.65 24.59 47.67
C LEU F 588 25.95 25.36 47.82
N ARG F 589 25.85 26.65 48.05
CA ARG F 589 27.05 27.45 48.20
C ARG F 589 27.67 27.24 49.56
N LEU F 590 28.98 27.05 49.57
CA LEU F 590 29.68 26.86 50.82
C LEU F 590 29.97 28.19 51.46
N LEU F 591 29.69 28.31 52.75
CA LEU F 591 29.93 29.57 53.46
C LEU F 591 31.34 30.09 53.19
N PRO F 592 31.43 31.26 52.53
CA PRO F 592 32.73 31.86 52.25
C PRO F 592 33.40 32.35 53.53
N LEU F 593 34.68 32.04 53.70
CA LEU F 593 35.41 32.50 54.87
C LEU F 593 36.79 33.00 54.48
N THR F 594 36.83 34.14 53.78
CA THR F 594 38.10 34.72 53.37
C THR F 594 38.12 36.21 53.60
N ASP F 595 39.21 36.73 54.15
CA ASP F 595 39.29 38.15 54.45
C ASP F 595 40.72 38.58 54.77
N GLY F 596 41.56 38.69 53.74
CA GLY F 596 42.94 39.05 53.96
C GLY F 596 43.44 38.37 55.22
N PHE F 597 43.33 37.04 55.25
CA PHE F 597 43.72 36.29 56.43
C PHE F 597 44.76 37.04 57.21
N GLY F 598 45.91 37.24 56.60
CA GLY F 598 47.00 37.85 57.34
C GLY F 598 46.92 39.29 57.72
N ASP F 599 46.84 40.16 56.74
CA ASP F 599 46.86 41.58 57.05
C ASP F 599 45.56 41.98 57.69
N SER F 600 45.35 41.58 58.93
CA SER F 600 44.15 42.02 59.65
C SER F 600 44.60 42.86 60.84
N SER F 601 44.85 44.14 60.61
CA SER F 601 45.38 45.04 61.62
C SER F 601 44.37 46.13 61.89
N THR F 602 43.92 46.23 63.15
CA THR F 602 43.04 47.30 63.59
C THR F 602 43.77 48.32 64.45
N ALA F 603 45.11 48.32 64.42
CA ALA F 603 45.88 49.22 65.27
C ALA F 603 45.60 50.66 64.92
N GLY F 604 45.53 51.51 65.95
CA GLY F 604 45.20 52.91 65.75
C GLY F 604 46.23 53.64 64.90
N GLY F 605 47.51 53.36 65.14
CA GLY F 605 48.56 54.06 64.41
C GLY F 605 48.59 55.55 64.69
N THR F 606 48.55 55.94 65.97
CA THR F 606 48.34 57.34 66.31
C THR F 606 49.54 58.21 65.93
N SER F 607 50.75 57.78 66.30
CA SER F 607 51.94 58.62 66.12
C SER F 607 53.16 57.77 65.83
N THR F 608 54.27 58.47 65.60
CA THR F 608 55.58 57.85 65.35
C THR F 608 55.50 56.88 64.18
N LYS F 609 55.07 57.39 63.04
CA LYS F 609 54.96 56.59 61.82
C LYS F 609 55.85 57.18 60.73
N ILE F 610 56.40 56.28 59.91
CA ILE F 610 57.35 56.59 58.84
C ILE F 610 58.35 57.66 59.29
N VAL F 611 58.86 57.53 60.52
CA VAL F 611 59.78 58.52 61.05
C VAL F 611 61.07 58.50 60.25
N SER F 612 61.63 59.64 60.03
CA SER F 612 62.86 59.69 59.26
C SER F 612 64.07 59.87 60.17
N PRO F 613 65.25 59.44 59.72
CA PRO F 613 66.46 59.64 60.50
C PRO F 613 66.82 61.12 60.62
N MET F 614 67.94 61.37 61.28
CA MET F 614 68.34 62.74 61.61
C MET F 614 68.43 63.67 60.40
N PRO F 615 69.10 63.31 59.29
CA PRO F 615 69.31 64.32 58.22
C PRO F 615 68.04 64.94 57.69
N GLY F 616 66.95 64.19 57.62
CA GLY F 616 65.68 64.77 57.20
C GLY F 616 65.72 65.20 55.74
N LYS F 617 65.31 66.44 55.48
CA LYS F 617 65.20 66.97 54.12
C LYS F 617 64.20 66.15 53.30
N VAL F 618 62.94 66.14 53.75
CA VAL F 618 61.91 65.42 53.02
C VAL F 618 61.56 66.20 51.76
N SER F 619 61.24 65.46 50.69
CA SER F 619 60.83 66.08 49.43
C SER F 619 60.16 65.03 48.57
N LYS F 620 59.46 65.52 47.54
CA LYS F 620 58.87 64.66 46.51
C LYS F 620 57.91 63.63 47.09
N LEU F 621 56.98 64.10 47.94
CA LEU F 621 55.95 63.22 48.48
C LEU F 621 54.86 63.02 47.44
N LEU F 622 54.56 61.77 47.12
CA LEU F 622 53.67 61.42 46.02
C LEU F 622 52.33 60.85 46.48
N VAL F 623 51.98 60.98 47.75
CA VAL F 623 50.76 60.44 48.29
C VAL F 623 49.86 61.60 48.70
N LYS F 624 48.57 61.49 48.40
CA LYS F 624 47.63 62.52 48.83
C LYS F 624 47.23 62.31 50.29
N SER F 625 47.11 63.41 51.03
CA SER F 625 46.67 63.33 52.41
C SER F 625 45.23 62.84 52.49
N GLY F 626 44.96 61.98 53.46
CA GLY F 626 43.63 61.41 53.61
C GLY F 626 43.22 60.50 52.48
N ASP F 627 44.12 59.63 52.02
CA ASP F 627 43.82 58.62 51.03
C ASP F 627 44.27 57.26 51.57
N LEU F 628 43.44 56.24 51.35
CA LEU F 628 43.70 54.92 51.93
C LEU F 628 45.02 54.35 51.44
N VAL F 629 45.78 53.78 52.37
CA VAL F 629 47.03 53.12 52.04
C VAL F 629 47.04 51.71 52.64
N GLU F 630 46.62 50.71 51.86
CA GLU F 630 46.73 49.33 52.32
C GLU F 630 47.99 48.68 51.77
N LYS F 631 48.21 48.79 50.46
CA LYS F 631 49.46 48.36 49.86
C LYS F 631 50.58 49.30 50.28
N GLY F 632 51.78 48.75 50.39
CA GLY F 632 52.91 49.52 50.89
C GLY F 632 53.57 50.41 49.87
N GLN F 633 52.91 51.50 49.47
CA GLN F 633 53.53 52.47 48.60
C GLN F 633 54.51 53.33 49.39
N VAL F 634 55.30 54.12 48.67
CA VAL F 634 56.27 55.02 49.30
C VAL F 634 55.51 56.24 49.82
N LEU F 635 55.19 56.22 51.12
CA LEU F 635 54.46 57.34 51.71
C LEU F 635 55.30 58.62 51.68
N VAL F 636 56.54 58.54 52.17
CA VAL F 636 57.47 59.66 52.16
C VAL F 636 58.84 59.13 51.78
N ILE F 637 59.60 59.96 51.07
CA ILE F 637 60.97 59.64 50.69
C ILE F 637 61.89 60.70 51.27
N VAL F 638 62.82 60.29 52.14
CA VAL F 638 63.68 61.24 52.83
C VAL F 638 65.07 60.94 52.37
N GLU F 639 65.94 61.93 52.29
CA GLU F 639 67.27 61.65 51.76
C GLU F 639 68.35 61.87 52.79
N ALA F 640 69.15 60.83 53.03
CA ALA F 640 70.24 60.95 53.98
C ALA F 640 71.52 60.57 53.29
N MET F 641 72.25 61.56 52.82
CA MET F 641 73.46 61.29 52.06
C MET F 641 73.12 60.46 50.85
N LYS F 642 72.25 60.97 50.01
CA LYS F 642 71.84 60.24 48.80
C LYS F 642 71.14 58.94 49.15
N MET F 643 70.65 58.83 50.38
CA MET F 643 69.92 57.63 50.73
C MET F 643 68.44 57.90 50.68
N GLU F 644 67.84 57.53 49.56
CA GLU F 644 66.41 57.70 49.45
C GLU F 644 65.77 56.84 50.51
N HIS F 645 66.32 55.65 50.76
CA HIS F 645 65.71 54.74 51.71
C HIS F 645 64.21 54.98 51.90
N PRO F 646 63.40 54.62 50.90
CA PRO F 646 61.94 54.78 51.05
C PRO F 646 61.41 53.97 52.23
N VAL F 647 60.51 54.57 52.99
CA VAL F 647 59.99 53.91 54.19
C VAL F 647 59.08 52.74 53.80
N ARG F 648 58.17 52.97 52.87
CA ARG F 648 57.25 51.94 52.37
C ARG F 648 56.41 51.35 53.52
N ALA F 649 55.55 52.18 54.10
CA ALA F 649 54.69 51.71 55.17
C ALA F 649 53.52 50.89 54.60
N LEU F 650 53.18 49.81 55.30
CA LEU F 650 52.08 48.95 54.91
C LEU F 650 50.90 49.00 55.87
N GLN F 651 50.89 49.96 56.79
CA GLN F 651 49.77 50.09 57.71
C GLN F 651 48.53 50.58 56.98
N ASP F 652 47.42 49.84 57.12
CA ASP F 652 46.20 50.16 56.41
C ASP F 652 45.52 51.39 57.00
N GLY F 653 44.75 52.07 56.16
CA GLY F 653 44.09 53.31 56.53
C GLY F 653 44.71 54.51 55.83
N ARG F 654 43.97 55.62 55.85
CA ARG F 654 44.44 56.85 55.25
C ARG F 654 45.59 57.44 56.06
N VAL F 655 46.48 58.15 55.38
CA VAL F 655 47.67 58.73 55.99
C VAL F 655 47.55 60.25 55.96
N SER F 656 47.82 60.88 57.09
CA SER F 656 47.68 62.33 57.25
C SER F 656 49.06 62.97 57.41
N PHE F 657 49.38 63.91 56.52
CA PHE F 657 50.70 64.52 56.49
C PHE F 657 50.75 65.73 57.41
N LEU F 658 51.80 65.81 58.23
CA LEU F 658 52.08 66.99 59.03
C LEU F 658 53.35 67.71 58.60
N VAL F 659 53.91 67.36 57.45
CA VAL F 659 55.13 67.98 56.94
C VAL F 659 54.91 68.38 55.49
N LYS F 660 55.82 69.21 54.98
CA LYS F 660 55.79 69.68 53.60
C LYS F 660 57.12 69.39 52.93
N GLU F 661 57.08 69.29 51.60
CA GLU F 661 58.27 69.00 50.82
C GLU F 661 59.34 70.07 51.03
N GLY F 662 60.59 69.63 51.11
CA GLY F 662 61.72 70.53 51.29
C GLY F 662 61.98 70.96 52.72
N GLU F 663 61.24 70.44 53.68
CA GLU F 663 61.36 70.85 55.08
C GLU F 663 62.29 69.90 55.80
N VAL F 664 63.40 70.42 56.31
CA VAL F 664 64.32 69.60 57.08
C VAL F 664 63.69 69.25 58.42
N VAL F 665 63.67 67.95 58.74
CA VAL F 665 62.99 67.46 59.93
C VAL F 665 63.99 66.73 60.81
N GLY F 666 63.71 66.71 62.11
CA GLY F 666 64.60 66.09 63.06
C GLY F 666 64.50 64.57 63.04
N GLY F 667 65.40 63.95 63.81
CA GLY F 667 65.43 62.50 63.86
C GLY F 667 64.17 61.95 64.51
N ASP F 668 63.62 60.89 63.90
CA ASP F 668 62.44 60.20 64.39
C ASP F 668 61.24 61.14 64.55
N HIS F 669 61.12 62.10 63.64
CA HIS F 669 60.02 63.04 63.68
C HIS F 669 58.74 62.39 63.21
N VAL F 670 57.61 62.91 63.68
CA VAL F 670 56.29 62.41 63.26
C VAL F 670 55.99 63.07 61.92
N LEU F 671 56.44 62.44 60.83
CA LEU F 671 56.17 62.99 59.51
C LEU F 671 54.69 62.87 59.15
N ALA F 672 54.08 61.75 59.54
CA ALA F 672 52.68 61.51 59.23
C ALA F 672 52.11 60.53 60.26
N THR F 673 50.79 60.59 60.43
CA THR F 673 50.07 59.65 61.29
C THR F 673 49.26 58.73 60.41
N VAL F 674 49.64 57.45 60.36
CA VAL F 674 48.94 56.45 59.59
C VAL F 674 47.91 55.79 60.49
N ALA F 675 46.66 56.22 60.36
CA ALA F 675 45.59 55.79 61.25
C ALA F 675 44.50 55.10 60.45
N GLU F 676 43.77 54.21 61.12
CA GLU F 676 42.64 53.54 60.49
C GLU F 676 41.63 54.56 60.02
N GLU F 677 41.05 54.32 58.84
CA GLU F 677 40.04 55.21 58.31
C GLU F 677 38.82 55.22 59.24
N GLU F 678 38.53 56.39 59.79
CA GLU F 678 37.39 56.55 60.70
C GLU F 678 36.38 57.52 60.11
N TYR G 1 -67.38 38.63 -29.38
CA TYR G 1 -66.99 39.44 -28.23
C TYR G 1 -65.99 38.70 -27.36
N ALA G 2 -64.71 39.04 -27.52
CA ALA G 2 -63.68 38.40 -26.71
C ALA G 2 -63.89 36.89 -26.60
N HIS G 3 -64.51 36.29 -27.59
CA HIS G 3 -64.70 34.84 -27.59
C HIS G 3 -64.44 34.26 -28.97
N HIS G 4 -63.34 33.55 -29.13
CA HIS G 4 -62.99 33.02 -30.44
C HIS G 4 -62.33 31.64 -30.41
N PRO G 5 -63.10 30.61 -30.03
CA PRO G 5 -62.56 29.25 -30.05
C PRO G 5 -62.82 28.58 -31.39
N ILE G 6 -62.57 27.27 -31.49
CA ILE G 6 -62.85 26.55 -32.73
C ILE G 6 -63.87 25.43 -32.51
N ASP G 7 -64.87 25.69 -31.68
CA ASP G 7 -65.94 24.70 -31.44
C ASP G 7 -65.57 23.59 -30.44
N TYR G 8 -64.31 23.14 -30.46
CA TYR G 8 -63.92 22.03 -29.57
C TYR G 8 -63.47 22.85 -28.41
N GLU G 9 -62.93 22.25 -27.38
CA GLU G 9 -62.60 23.01 -26.17
C GLU G 9 -63.98 23.31 -25.70
N ARG G 10 -64.70 24.10 -26.47
CA ARG G 10 -66.07 24.30 -26.18
C ARG G 10 -66.51 22.90 -26.27
N SER G 11 -65.91 22.13 -27.18
CA SER G 11 -66.23 20.71 -27.23
C SER G 11 -65.03 19.89 -26.76
N THR G 12 -65.05 18.57 -26.91
CA THR G 12 -63.97 17.71 -26.41
C THR G 12 -63.33 18.19 -25.11
N SER G 13 -64.15 18.64 -24.16
CA SER G 13 -63.63 19.01 -22.85
C SER G 13 -64.57 18.37 -21.88
N LYS G 14 -64.20 18.34 -20.61
CA LYS G 14 -65.06 17.78 -19.59
C LYS G 14 -66.14 18.78 -19.21
N SER G 15 -66.28 19.83 -20.01
CA SER G 15 -67.29 20.84 -19.73
C SER G 15 -68.17 21.16 -20.94
N PRO G 16 -68.77 20.13 -21.56
CA PRO G 16 -69.70 20.45 -22.64
C PRO G 16 -71.14 20.44 -22.15
N ASN G 17 -71.97 21.34 -22.68
CA ASN G 17 -73.36 21.41 -22.24
C ASN G 17 -74.09 20.12 -22.56
N ILE G 18 -73.55 19.34 -23.49
CA ILE G 18 -74.20 18.10 -23.89
C ILE G 18 -74.47 17.18 -22.71
N LEU G 19 -73.55 17.17 -21.75
CA LEU G 19 -73.71 16.29 -20.59
C LEU G 19 -74.82 16.76 -19.66
N ARG G 20 -75.01 16.05 -18.56
CA ARG G 20 -76.05 16.42 -17.62
C ARG G 20 -75.50 16.36 -16.20
N LEU G 21 -75.91 17.31 -15.36
CA LEU G 21 -75.36 17.37 -14.01
C LEU G 21 -76.41 17.37 -12.89
N PRO G 22 -77.36 16.43 -12.93
CA PRO G 22 -78.32 16.34 -11.85
C PRO G 22 -77.73 15.54 -10.74
N ALA G 23 -77.20 16.20 -9.71
CA ALA G 23 -76.66 15.47 -8.56
C ALA G 23 -77.66 15.44 -7.41
N ASN G 24 -77.99 14.25 -6.93
CA ASN G 24 -78.94 14.11 -5.83
C ASN G 24 -78.32 14.49 -4.48
N THR G 25 -79.15 14.76 -3.49
CA THR G 25 -78.66 15.15 -2.17
C THR G 25 -79.02 14.15 -1.08
N SER G 26 -79.58 13.02 -1.48
CA SER G 26 -79.96 11.99 -0.51
C SER G 26 -80.71 12.56 0.69
N ASP G 27 -81.85 13.22 0.46
CA ASP G 27 -82.67 13.74 1.55
C ASP G 27 -83.78 12.76 1.89
N PRO G 28 -84.61 13.10 2.90
CA PRO G 28 -85.73 12.19 3.17
C PRO G 28 -86.47 11.81 1.90
N THR G 29 -86.86 12.80 1.10
CA THR G 29 -87.59 12.52 -0.11
C THR G 29 -86.84 11.48 -0.91
N TYR G 30 -85.53 11.64 -1.03
CA TYR G 30 -84.72 10.65 -1.73
C TYR G 30 -84.83 9.32 -1.02
N GLN G 31 -84.72 9.34 0.30
CA GLN G 31 -84.78 8.10 1.07
C GLN G 31 -86.12 7.43 0.86
N GLU G 32 -87.20 8.19 0.96
CA GLU G 32 -88.53 7.62 0.82
C GLU G 32 -88.60 6.90 -0.52
N ASN G 33 -88.09 7.55 -1.57
CA ASN G 33 -88.10 6.95 -2.88
C ASN G 33 -87.06 5.84 -2.99
N MET G 34 -85.80 6.17 -2.67
CA MET G 34 -84.76 5.18 -2.80
C MET G 34 -85.09 3.94 -2.01
N ALA G 35 -85.60 4.12 -0.81
CA ALA G 35 -85.89 2.98 0.04
C ALA G 35 -86.95 2.12 -0.58
N ARG G 36 -88.01 2.74 -1.08
CA ARG G 36 -89.11 1.96 -1.62
C ARG G 36 -88.61 1.14 -2.75
N MET G 37 -87.80 1.76 -3.61
CA MET G 37 -87.32 1.05 -4.77
C MET G 37 -86.71 -0.20 -4.26
N GLU G 38 -85.89 -0.05 -3.22
CA GLU G 38 -85.24 -1.20 -2.67
C GLU G 38 -86.32 -2.15 -2.25
N GLY G 39 -87.44 -1.61 -1.79
CA GLY G 39 -88.55 -2.46 -1.38
C GLY G 39 -89.26 -3.05 -2.58
N LEU G 40 -88.93 -2.58 -3.78
CA LEU G 40 -89.60 -3.06 -4.98
C LEU G 40 -88.72 -3.99 -5.81
N VAL G 41 -87.50 -4.25 -5.34
CA VAL G 41 -86.58 -5.07 -6.14
C VAL G 41 -86.15 -6.35 -5.45
N GLU G 42 -85.98 -6.32 -4.13
CA GLU G 42 -85.49 -7.51 -3.44
C GLU G 42 -86.15 -8.83 -3.88
N GLN G 43 -87.49 -8.88 -3.94
CA GLN G 43 -88.16 -10.14 -4.28
C GLN G 43 -88.16 -10.38 -5.76
N LEU G 44 -88.13 -9.31 -6.53
CA LEU G 44 -88.05 -9.44 -7.96
C LEU G 44 -86.82 -10.23 -8.15
N ARG G 45 -85.73 -9.72 -7.59
CA ARG G 45 -84.46 -10.41 -7.72
C ARG G 45 -84.48 -11.76 -7.02
N ALA G 46 -85.51 -12.02 -6.23
CA ALA G 46 -85.53 -13.24 -5.48
C ALA G 46 -86.36 -14.35 -6.10
N ARG G 47 -87.60 -14.08 -6.48
CA ARG G 47 -88.45 -15.15 -7.00
C ARG G 47 -87.70 -15.83 -8.08
N VAL G 48 -86.87 -15.07 -8.75
CA VAL G 48 -86.10 -15.61 -9.82
C VAL G 48 -85.36 -16.81 -9.27
N ARG G 49 -84.76 -16.66 -8.10
CA ARG G 49 -83.99 -17.75 -7.54
C ARG G 49 -84.87 -18.94 -7.24
N TYR G 50 -86.07 -18.69 -6.73
CA TYR G 50 -86.96 -19.79 -6.35
C TYR G 50 -87.45 -20.64 -7.51
N VAL G 51 -87.77 -20.02 -8.64
CA VAL G 51 -88.22 -20.75 -9.81
C VAL G 51 -87.02 -21.40 -10.38
N GLN G 52 -85.87 -20.76 -10.20
CA GLN G 52 -84.64 -21.38 -10.60
C GLN G 52 -84.55 -22.48 -9.55
N ALA G 53 -84.08 -23.66 -9.93
CA ALA G 53 -84.16 -24.77 -9.00
C ALA G 53 -85.54 -24.81 -8.37
N GLY G 54 -86.55 -24.80 -9.23
CA GLY G 54 -87.94 -24.61 -8.82
C GLY G 54 -88.45 -25.62 -7.83
N GLY G 55 -89.02 -25.12 -6.74
CA GLY G 55 -89.61 -25.98 -5.74
C GLY G 55 -88.62 -26.64 -4.81
N VAL G 56 -87.32 -26.38 -4.97
CA VAL G 56 -86.29 -26.90 -4.08
C VAL G 56 -85.46 -25.70 -3.64
N VAL G 57 -85.83 -25.12 -2.50
CA VAL G 57 -85.12 -23.99 -1.93
C VAL G 57 -84.69 -24.40 -0.51
N PRO G 58 -83.48 -24.94 -0.35
CA PRO G 58 -83.10 -25.51 0.95
C PRO G 58 -83.04 -24.48 2.07
N GLU G 59 -82.94 -23.19 1.77
CA GLU G 59 -82.85 -22.20 2.84
C GLU G 59 -84.14 -22.17 3.66
N GLU G 60 -85.29 -22.40 3.02
CA GLU G 60 -86.59 -22.39 3.68
C GLU G 60 -86.88 -21.06 4.38
N GLU G 61 -86.13 -20.01 4.03
CA GLU G 61 -86.36 -18.67 4.55
C GLU G 61 -86.88 -17.73 3.46
N ALA G 62 -87.54 -18.28 2.46
CA ALA G 62 -88.02 -17.48 1.34
C ALA G 62 -89.31 -16.75 1.71
N ALA G 63 -89.31 -16.07 2.86
CA ALA G 63 -90.42 -15.22 3.23
C ALA G 63 -90.40 -13.89 2.50
N LYS G 64 -89.24 -13.49 1.96
CA LYS G 64 -89.18 -12.27 1.18
C LYS G 64 -90.00 -12.42 -0.10
N ALA G 65 -90.20 -13.66 -0.56
CA ALA G 65 -91.10 -13.95 -1.65
C ALA G 65 -92.43 -14.42 -1.08
N GLY G 66 -93.52 -13.79 -1.51
CA GLY G 66 -94.84 -14.17 -1.05
C GLY G 66 -95.31 -15.51 -1.54
N VAL G 67 -94.42 -16.33 -2.10
CA VAL G 67 -94.83 -17.62 -2.65
C VAL G 67 -95.23 -18.55 -1.51
N SER G 68 -96.30 -19.31 -1.74
CA SER G 68 -96.78 -20.26 -0.75
C SER G 68 -95.78 -21.39 -0.56
N ILE G 69 -95.80 -22.00 0.62
CA ILE G 69 -94.93 -23.13 0.90
C ILE G 69 -95.35 -24.32 0.04
N SER G 70 -94.36 -24.95 -0.59
CA SER G 70 -94.60 -26.11 -1.44
C SER G 70 -93.83 -27.30 -0.92
N SER G 71 -94.29 -28.49 -1.31
CA SER G 71 -93.66 -29.73 -0.88
C SER G 71 -92.29 -29.85 -1.53
N ILE G 72 -91.25 -29.45 -0.79
CA ILE G 72 -89.89 -29.49 -1.32
C ILE G 72 -89.45 -30.94 -1.55
N GLU G 73 -89.90 -31.85 -0.68
CA GLU G 73 -89.44 -33.22 -0.76
C GLU G 73 -89.89 -33.88 -2.06
N ALA G 74 -91.11 -33.58 -2.51
CA ALA G 74 -91.60 -34.18 -3.74
C ALA G 74 -90.77 -33.74 -4.93
N ASP G 75 -90.46 -32.44 -5.02
CA ASP G 75 -89.64 -31.94 -6.12
C ASP G 75 -88.23 -32.52 -6.06
N ASP G 76 -87.66 -32.61 -4.86
CA ASP G 76 -86.32 -33.20 -4.76
C ASP G 76 -86.35 -34.67 -5.17
N ARG G 77 -87.39 -35.40 -4.80
CA ARG G 77 -87.51 -36.79 -5.21
C ARG G 77 -87.59 -36.90 -6.73
N VAL G 78 -88.40 -36.04 -7.36
CA VAL G 78 -88.53 -36.08 -8.81
C VAL G 78 -87.21 -35.78 -9.47
N ARG G 79 -86.49 -34.77 -8.96
CA ARG G 79 -85.20 -34.40 -9.55
C ARG G 79 -84.17 -35.51 -9.37
N LYS G 80 -84.15 -36.15 -8.20
CA LYS G 80 -83.24 -37.27 -7.98
C LYS G 80 -83.54 -38.41 -8.95
N LEU G 81 -84.82 -38.75 -9.10
CA LEU G 81 -85.19 -39.83 -10.02
C LEU G 81 -84.78 -39.47 -11.44
N HIS G 82 -84.97 -38.21 -11.84
CA HIS G 82 -84.65 -37.80 -13.20
C HIS G 82 -83.15 -37.79 -13.44
N LEU G 83 -82.36 -37.34 -12.45
CA LEU G 83 -80.92 -37.28 -12.63
C LEU G 83 -80.29 -38.66 -12.57
N SER G 84 -80.92 -39.59 -11.83
CA SER G 84 -80.45 -40.98 -11.85
C SER G 84 -80.55 -41.60 -13.23
N ARG G 85 -81.46 -41.07 -14.07
CA ARG G 85 -81.63 -41.61 -15.41
C ARG G 85 -80.40 -41.37 -16.28
N GLY G 86 -79.66 -40.31 -16.01
CA GLY G 86 -78.48 -39.96 -16.79
C GLY G 86 -78.57 -38.65 -17.55
N LYS G 87 -79.67 -37.91 -17.39
CA LYS G 87 -79.85 -36.63 -18.06
C LYS G 87 -79.90 -35.51 -17.03
N MET G 88 -79.32 -34.37 -17.37
CA MET G 88 -79.19 -33.26 -16.42
C MET G 88 -80.51 -32.50 -16.32
N LEU G 89 -81.19 -32.58 -15.18
CA LEU G 89 -82.41 -31.82 -14.93
C LEU G 89 -82.03 -30.45 -14.39
N ALA G 90 -81.87 -29.50 -15.31
CA ALA G 90 -81.68 -28.10 -14.98
C ALA G 90 -81.60 -27.31 -16.28
N ARG G 91 -81.35 -26.03 -16.14
CA ARG G 91 -80.92 -25.23 -17.26
C ARG G 91 -79.46 -25.45 -17.60
N ASP G 92 -78.83 -26.44 -16.95
CA ASP G 92 -77.40 -26.68 -17.10
C ASP G 92 -77.00 -26.88 -18.55
N ARG G 93 -77.87 -27.50 -19.35
CA ARG G 93 -77.58 -27.71 -20.76
C ARG G 93 -77.21 -26.38 -21.43
N ILE G 94 -77.86 -25.30 -21.00
CA ILE G 94 -77.61 -24.00 -21.62
C ILE G 94 -76.20 -23.50 -21.31
N GLU G 95 -75.85 -23.34 -20.04
CA GLU G 95 -74.55 -22.73 -19.74
C GLU G 95 -73.40 -23.67 -20.09
N ARG G 96 -73.68 -24.97 -20.19
CA ARG G 96 -72.71 -25.84 -20.85
C ARG G 96 -72.60 -25.51 -22.33
N LEU G 97 -73.72 -25.15 -22.97
CA LEU G 97 -73.71 -24.95 -24.41
C LEU G 97 -73.06 -23.62 -24.83
N ILE G 98 -73.22 -22.57 -24.05
CA ILE G 98 -72.72 -21.25 -24.41
C ILE G 98 -71.26 -21.12 -24.01
N ASP G 99 -70.51 -20.35 -24.81
CA ASP G 99 -69.09 -20.18 -24.57
C ASP G 99 -68.85 -19.49 -23.23
N PRO G 100 -67.83 -19.91 -22.47
CA PRO G 100 -67.53 -19.24 -21.20
C PRO G 100 -67.04 -17.82 -21.42
N GLY G 101 -67.33 -16.97 -20.44
CA GLY G 101 -66.94 -15.57 -20.51
C GLY G 101 -67.86 -14.71 -21.33
N THR G 102 -68.97 -15.24 -21.82
CA THR G 102 -69.89 -14.54 -22.70
C THR G 102 -71.14 -14.15 -21.94
N ARG G 103 -72.08 -13.51 -22.64
CA ARG G 103 -73.28 -12.97 -22.02
C ARG G 103 -74.48 -13.90 -22.25
N PHE G 104 -75.57 -13.57 -21.54
CA PHE G 104 -76.83 -14.27 -21.66
C PHE G 104 -77.93 -13.29 -21.32
N LEU G 105 -79.16 -13.61 -21.71
CA LEU G 105 -80.25 -12.66 -21.48
C LEU G 105 -81.41 -13.22 -20.67
N GLU G 106 -81.81 -14.48 -20.89
CA GLU G 106 -83.01 -15.03 -20.29
C GLU G 106 -84.23 -14.18 -20.65
N LEU G 107 -84.56 -14.21 -21.94
CA LEU G 107 -85.61 -13.38 -22.51
C LEU G 107 -86.89 -13.34 -21.66
N SER G 108 -87.54 -14.48 -21.48
CA SER G 108 -88.74 -14.55 -20.68
C SER G 108 -88.46 -15.38 -19.43
N GLN G 109 -88.76 -14.81 -18.27
CA GLN G 109 -88.51 -15.42 -16.99
C GLN G 109 -89.72 -15.21 -16.10
N LEU G 110 -89.84 -16.04 -15.07
CA LEU G 110 -91.04 -16.06 -14.22
C LEU G 110 -92.29 -16.34 -15.04
N ALA G 111 -92.12 -16.99 -16.20
CA ALA G 111 -93.26 -17.27 -17.06
C ALA G 111 -94.23 -18.20 -16.37
N GLY G 112 -95.52 -17.92 -16.57
CA GLY G 112 -96.55 -18.73 -15.93
C GLY G 112 -96.48 -18.69 -14.43
N TRP G 113 -96.07 -17.57 -13.87
CA TRP G 113 -96.08 -17.38 -12.42
C TRP G 113 -97.52 -17.45 -11.94
N ASP G 114 -97.80 -18.42 -11.06
CA ASP G 114 -99.10 -18.60 -10.40
C ASP G 114 -100.28 -18.22 -11.31
N LEU G 115 -100.32 -18.88 -12.48
CA LEU G 115 -101.27 -18.54 -13.52
C LEU G 115 -102.63 -19.22 -13.32
N TYR G 116 -102.63 -20.56 -13.28
CA TYR G 116 -103.85 -21.35 -13.28
C TYR G 116 -104.30 -21.60 -11.85
N TRP G 117 -105.61 -21.51 -11.61
CA TRP G 117 -106.17 -21.86 -10.31
C TRP G 117 -106.73 -23.28 -10.37
N ASP G 118 -106.22 -24.15 -9.50
CA ASP G 118 -106.60 -25.55 -9.53
C ASP G 118 -107.96 -25.76 -8.88
N ASP G 119 -108.37 -27.03 -8.81
CA ASP G 119 -109.59 -27.36 -8.09
C ASP G 119 -109.47 -27.00 -6.62
N LYS G 120 -108.31 -27.26 -6.02
CA LYS G 120 -108.04 -26.82 -4.67
C LYS G 120 -107.98 -25.30 -4.64
N LYS G 121 -108.79 -24.71 -3.76
CA LYS G 121 -108.96 -23.26 -3.78
C LYS G 121 -107.67 -22.53 -3.44
N LYS G 122 -106.92 -23.05 -2.47
CA LYS G 122 -105.68 -22.43 -2.03
C LYS G 122 -104.48 -22.86 -2.85
N GLU G 123 -104.66 -23.71 -3.86
CA GLU G 123 -103.55 -24.21 -4.65
C GLU G 123 -103.63 -23.73 -6.09
N TYR G 124 -102.49 -23.26 -6.60
CA TYR G 124 -102.30 -22.95 -8.00
C TYR G 124 -101.42 -24.02 -8.64
N GLU G 125 -101.47 -24.11 -9.96
CA GLU G 125 -100.59 -25.04 -10.65
C GLU G 125 -99.15 -24.58 -10.52
N ARG G 126 -98.26 -25.51 -10.17
CA ARG G 126 -96.87 -25.19 -9.86
C ARG G 126 -96.05 -25.17 -11.15
N CYS G 127 -96.28 -24.12 -11.95
CA CYS G 127 -95.48 -23.85 -13.13
C CYS G 127 -94.46 -22.79 -12.75
N TYR G 128 -93.31 -23.26 -12.24
CA TYR G 128 -92.25 -22.33 -11.84
C TYR G 128 -91.74 -21.52 -13.03
N SER G 129 -91.67 -22.15 -14.19
CA SER G 129 -91.42 -21.46 -15.45
C SER G 129 -92.59 -21.74 -16.39
N GLY G 130 -92.43 -21.32 -17.64
CA GLY G 130 -93.46 -21.58 -18.63
C GLY G 130 -93.37 -22.99 -19.17
N GLY G 131 -92.51 -23.81 -18.57
CA GLY G 131 -92.19 -25.11 -19.07
C GLY G 131 -90.96 -25.12 -19.96
N ILE G 132 -90.51 -23.94 -20.39
CA ILE G 132 -89.29 -23.78 -21.16
C ILE G 132 -88.52 -22.61 -20.58
N VAL G 133 -87.27 -22.49 -21.00
CA VAL G 133 -86.43 -21.34 -20.67
C VAL G 133 -85.87 -20.78 -21.97
N THR G 134 -85.97 -19.47 -22.14
CA THR G 134 -85.60 -18.82 -23.39
C THR G 134 -84.64 -17.68 -23.11
N GLY G 135 -83.55 -17.63 -23.88
CA GLY G 135 -82.58 -16.56 -23.77
C GLY G 135 -81.69 -16.53 -24.98
N ILE G 136 -81.09 -15.37 -25.21
CA ILE G 136 -80.18 -15.18 -26.33
C ILE G 136 -78.80 -15.67 -25.94
N GLY G 137 -78.24 -16.57 -26.74
CA GLY G 137 -76.96 -17.16 -26.42
C GLY G 137 -75.97 -17.01 -27.56
N LEU G 138 -74.71 -16.85 -27.19
CA LEU G 138 -73.62 -16.68 -28.14
C LEU G 138 -72.79 -17.96 -28.16
N VAL G 139 -72.90 -18.73 -29.24
CA VAL G 139 -72.29 -20.05 -29.32
C VAL G 139 -71.20 -20.02 -30.38
N ASN G 140 -69.98 -20.37 -29.98
CA ASN G 140 -68.86 -20.50 -30.92
C ASN G 140 -68.64 -19.24 -31.75
N GLY G 141 -68.83 -18.07 -31.14
CA GLY G 141 -68.75 -16.83 -31.89
C GLY G 141 -69.98 -16.51 -32.69
N VAL G 142 -71.06 -17.27 -32.53
CA VAL G 142 -72.30 -17.09 -33.28
C VAL G 142 -73.42 -16.81 -32.30
N ARG G 143 -74.17 -15.74 -32.54
CA ARG G 143 -75.33 -15.42 -31.71
C ARG G 143 -76.51 -16.29 -32.10
N CYS G 144 -77.16 -16.90 -31.12
CA CYS G 144 -78.24 -17.84 -31.38
C CYS G 144 -79.33 -17.69 -30.33
N MET G 145 -80.53 -18.13 -30.69
CA MET G 145 -81.66 -18.22 -29.78
C MET G 145 -81.66 -19.60 -29.15
N LEU G 146 -81.81 -19.66 -27.84
CA LEU G 146 -81.80 -20.92 -27.11
C LEU G 146 -83.17 -21.13 -26.46
N VAL G 147 -83.80 -22.26 -26.80
CA VAL G 147 -85.07 -22.67 -26.22
C VAL G 147 -84.87 -24.07 -25.66
N ALA G 148 -85.15 -24.25 -24.37
CA ALA G 148 -84.98 -25.53 -23.70
C ALA G 148 -86.26 -25.93 -23.02
N ASN G 149 -86.75 -27.13 -23.34
CA ASN G 149 -87.97 -27.65 -22.73
C ASN G 149 -87.62 -28.21 -21.35
N ASP G 150 -88.25 -27.67 -20.31
CA ASP G 150 -87.98 -28.16 -18.97
C ASP G 150 -88.62 -29.53 -18.78
N ALA G 151 -88.05 -30.29 -17.84
CA ALA G 151 -88.52 -31.66 -17.61
C ALA G 151 -89.76 -31.69 -16.73
N THR G 152 -90.34 -30.53 -16.43
CA THR G 152 -91.59 -30.50 -15.69
C THR G 152 -92.74 -30.97 -16.57
N VAL G 153 -93.15 -32.23 -16.39
CA VAL G 153 -94.27 -32.80 -17.11
C VAL G 153 -95.41 -33.18 -16.19
N LYS G 154 -95.33 -32.77 -14.92
CA LYS G 154 -96.35 -33.14 -13.94
C LYS G 154 -97.71 -32.55 -14.30
N GLY G 155 -97.74 -31.30 -14.78
CA GLY G 155 -99.00 -30.72 -15.20
C GLY G 155 -99.33 -31.03 -16.65
N GLY G 156 -98.34 -31.41 -17.44
CA GLY G 156 -98.53 -31.61 -18.86
C GLY G 156 -97.47 -30.84 -19.62
N THR G 157 -97.13 -31.29 -20.83
CA THR G 157 -96.00 -30.69 -21.54
C THR G 157 -96.20 -29.21 -21.80
N TYR G 158 -97.20 -28.86 -22.60
CA TYR G 158 -97.33 -27.50 -23.12
C TYR G 158 -98.68 -26.90 -22.77
N TYR G 159 -98.68 -25.63 -22.42
CA TYR G 159 -99.81 -24.83 -22.00
C TYR G 159 -100.01 -23.65 -22.93
N PRO G 160 -101.12 -22.91 -22.76
CA PRO G 160 -101.29 -21.68 -23.56
C PRO G 160 -100.21 -20.65 -23.33
N ILE G 161 -99.45 -20.81 -22.25
CA ILE G 161 -98.29 -19.95 -22.00
C ILE G 161 -96.99 -20.56 -22.54
N THR G 162 -96.97 -21.86 -22.81
CA THR G 162 -95.76 -22.48 -23.33
C THR G 162 -95.63 -22.28 -24.83
N VAL G 163 -96.69 -22.57 -25.58
CA VAL G 163 -96.64 -22.41 -27.03
C VAL G 163 -96.47 -20.93 -27.39
N LYS G 164 -97.07 -20.03 -26.61
CA LYS G 164 -96.88 -18.61 -26.88
C LYS G 164 -95.42 -18.21 -26.69
N LYS G 165 -94.77 -18.75 -25.66
CA LYS G 165 -93.35 -18.47 -25.45
C LYS G 165 -92.50 -19.00 -26.60
N HIS G 166 -92.79 -20.24 -27.02
CA HIS G 166 -92.05 -20.82 -28.14
C HIS G 166 -92.24 -19.99 -29.41
N LEU G 167 -93.47 -19.56 -29.69
CA LEU G 167 -93.73 -18.80 -30.89
C LEU G 167 -93.12 -17.40 -30.83
N ARG G 168 -93.11 -16.80 -29.64
CA ARG G 168 -92.43 -15.51 -29.49
C ARG G 168 -90.95 -15.67 -29.78
N ALA G 169 -90.34 -16.76 -29.29
CA ALA G 169 -88.93 -17.00 -29.57
C ALA G 169 -88.70 -17.18 -31.07
N GLN G 170 -89.56 -17.93 -31.74
CA GLN G 170 -89.39 -18.15 -33.17
C GLN G 170 -89.54 -16.85 -33.96
N LYS G 171 -90.53 -16.02 -33.61
CA LYS G 171 -90.69 -14.75 -34.29
C LYS G 171 -89.50 -13.85 -34.08
N ILE G 172 -88.96 -13.82 -32.85
CA ILE G 172 -87.79 -13.01 -32.58
C ILE G 172 -86.60 -13.49 -33.40
N ALA G 173 -86.37 -14.79 -33.46
CA ALA G 173 -85.26 -15.32 -34.23
C ALA G 173 -85.41 -15.01 -35.70
N GLU G 174 -86.62 -15.17 -36.25
CA GLU G 174 -86.82 -14.89 -37.67
C GLU G 174 -86.61 -13.41 -37.98
N GLN G 175 -87.12 -12.52 -37.12
CA GLN G 175 -86.91 -11.09 -37.34
C GLN G 175 -85.44 -10.75 -37.29
N ASN G 176 -84.70 -11.34 -36.37
CA ASN G 176 -83.31 -10.96 -36.14
C ASN G 176 -82.32 -11.88 -36.85
N HIS G 177 -82.78 -12.93 -37.54
CA HIS G 177 -81.89 -13.87 -38.20
C HIS G 177 -80.85 -14.44 -37.25
N LEU G 178 -81.30 -14.80 -36.05
CA LEU G 178 -80.50 -15.59 -35.14
C LEU G 178 -80.94 -17.04 -35.25
N PRO G 179 -80.04 -17.98 -35.57
CA PRO G 179 -80.44 -19.39 -35.57
C PRO G 179 -80.89 -19.86 -34.20
N CYS G 180 -81.83 -20.80 -34.20
CA CYS G 180 -82.40 -21.34 -32.98
C CYS G 180 -81.77 -22.68 -32.62
N ILE G 181 -81.73 -22.98 -31.33
CA ILE G 181 -81.41 -24.31 -30.83
C ILE G 181 -82.48 -24.71 -29.82
N TYR G 182 -83.14 -25.82 -30.09
CA TYR G 182 -84.21 -26.33 -29.24
C TYR G 182 -83.73 -27.54 -28.48
N LEU G 183 -83.92 -27.54 -27.17
CA LEU G 183 -83.64 -28.70 -26.33
C LEU G 183 -84.98 -29.35 -25.99
N VAL G 184 -85.20 -30.55 -26.52
CA VAL G 184 -86.54 -31.15 -26.57
C VAL G 184 -86.63 -32.21 -25.48
N ASP G 185 -87.53 -31.99 -24.52
CA ASP G 185 -87.98 -33.03 -23.61
C ASP G 185 -89.46 -32.77 -23.33
N SER G 186 -90.30 -33.77 -23.65
CA SER G 186 -91.73 -33.59 -23.63
C SER G 186 -92.41 -34.80 -23.00
N GLY G 187 -93.58 -34.55 -22.41
CA GLY G 187 -94.50 -35.59 -22.02
C GLY G 187 -95.63 -35.77 -23.02
N GLY G 188 -95.46 -35.33 -24.26
CA GLY G 188 -96.50 -35.41 -25.26
C GLY G 188 -97.31 -34.14 -25.35
N ALA G 189 -98.61 -34.26 -25.13
CA ALA G 189 -99.53 -33.13 -25.14
C ALA G 189 -100.26 -33.03 -23.80
N ASN G 190 -101.12 -32.03 -23.70
CA ASN G 190 -102.02 -31.88 -22.57
C ASN G 190 -103.45 -32.15 -23.03
N LEU G 191 -103.95 -33.35 -22.73
CA LEU G 191 -105.27 -33.76 -23.18
C LEU G 191 -106.40 -33.17 -22.33
N SER G 192 -106.09 -32.21 -21.48
CA SER G 192 -107.11 -31.52 -20.69
C SER G 192 -107.48 -30.17 -21.29
N ARG G 193 -106.49 -29.32 -21.56
CA ARG G 193 -106.70 -28.04 -22.23
C ARG G 193 -106.43 -28.11 -23.73
N GLN G 194 -106.69 -29.27 -24.35
CA GLN G 194 -106.29 -29.48 -25.74
C GLN G 194 -107.01 -28.53 -26.68
N ASP G 195 -108.29 -28.25 -26.42
CA ASP G 195 -109.02 -27.30 -27.25
C ASP G 195 -108.35 -25.92 -27.20
N ASP G 196 -107.69 -25.61 -26.08
CA ASP G 196 -107.09 -24.29 -25.92
C ASP G 196 -105.74 -24.21 -26.57
N VAL G 197 -105.08 -25.35 -26.81
CA VAL G 197 -103.71 -25.37 -27.28
C VAL G 197 -103.55 -25.99 -28.66
N PHE G 198 -104.39 -26.92 -29.05
CA PHE G 198 -104.19 -27.60 -30.34
C PHE G 198 -104.82 -26.87 -31.53
N PRO G 199 -106.16 -26.70 -31.53
CA PRO G 199 -106.77 -26.11 -32.73
C PRO G 199 -106.61 -24.59 -32.83
N ASP G 200 -107.39 -23.96 -33.71
CA ASP G 200 -107.32 -22.52 -33.89
C ASP G 200 -105.97 -22.10 -34.50
N GLU G 201 -105.61 -20.83 -34.34
CA GLU G 201 -104.36 -20.34 -34.93
C GLU G 201 -103.40 -19.86 -33.85
N GLN G 202 -102.14 -19.60 -34.21
CA GLN G 202 -101.14 -19.21 -33.22
C GLN G 202 -101.02 -20.33 -32.21
N HIS G 203 -101.12 -21.57 -32.69
CA HIS G 203 -101.04 -22.73 -31.81
C HIS G 203 -99.89 -23.66 -32.16
N PHE G 204 -100.04 -24.93 -31.84
CA PHE G 204 -98.94 -25.86 -32.06
C PHE G 204 -98.63 -26.08 -33.53
N GLY G 205 -99.58 -25.78 -34.43
CA GLY G 205 -99.27 -25.87 -35.84
C GLY G 205 -98.36 -24.75 -36.32
N ARG G 206 -98.46 -23.58 -35.70
CA ARG G 206 -97.62 -22.47 -36.16
C ARG G 206 -96.15 -22.70 -35.84
N ILE G 207 -95.84 -23.53 -34.85
CA ILE G 207 -94.46 -23.93 -34.65
C ILE G 207 -93.93 -24.63 -35.88
N PHE G 208 -94.69 -25.58 -36.41
CA PHE G 208 -94.29 -26.29 -37.61
C PHE G 208 -94.26 -25.36 -38.81
N TYR G 209 -95.16 -24.37 -38.85
CA TYR G 209 -95.13 -23.39 -39.92
C TYR G 209 -93.84 -22.58 -39.89
N ASN G 210 -93.43 -22.15 -38.70
CA ASN G 210 -92.25 -21.31 -38.57
C ASN G 210 -90.98 -22.09 -38.85
N GLU G 211 -90.92 -23.35 -38.42
CA GLU G 211 -89.71 -24.14 -38.68
C GLU G 211 -89.49 -24.42 -40.15
N ALA G 212 -90.49 -24.19 -41.00
CA ALA G 212 -90.32 -24.28 -42.44
C ALA G 212 -90.09 -22.93 -43.09
N GLN G 213 -90.80 -21.89 -42.63
CA GLN G 213 -90.57 -20.56 -43.17
C GLN G 213 -89.14 -20.09 -42.89
N MET G 214 -88.57 -20.49 -41.75
CA MET G 214 -87.18 -20.15 -41.48
C MET G 214 -86.24 -20.80 -42.50
N SER G 215 -86.44 -22.08 -42.78
CA SER G 215 -85.55 -22.77 -43.71
C SER G 215 -85.76 -22.29 -45.14
N ILE G 216 -86.91 -21.67 -45.42
CA ILE G 216 -87.06 -20.99 -46.70
C ILE G 216 -86.09 -19.82 -46.80
N LYS G 217 -86.00 -19.02 -45.74
CA LYS G 217 -85.08 -17.88 -45.70
C LYS G 217 -83.66 -18.31 -45.40
N SER G 218 -83.38 -19.62 -45.40
CA SER G 218 -82.05 -20.17 -45.19
C SER G 218 -81.47 -19.75 -43.84
N ILE G 219 -82.30 -19.78 -42.79
CA ILE G 219 -81.85 -19.52 -41.43
C ILE G 219 -81.81 -20.86 -40.72
N SER G 220 -80.66 -21.52 -40.72
CA SER G 220 -80.57 -22.88 -40.22
C SER G 220 -80.96 -22.96 -38.75
N GLN G 221 -81.63 -24.06 -38.40
CA GLN G 221 -82.13 -24.29 -37.05
C GLN G 221 -81.73 -25.69 -36.61
N ILE G 222 -81.55 -25.87 -35.31
CA ILE G 222 -81.05 -27.12 -34.74
C ILE G 222 -81.90 -27.51 -33.55
N ALA G 223 -82.19 -28.79 -33.43
CA ALA G 223 -82.96 -29.33 -32.31
C ALA G 223 -82.23 -30.52 -31.71
N VAL G 224 -82.34 -30.66 -30.39
CA VAL G 224 -81.73 -31.78 -29.66
C VAL G 224 -82.86 -32.54 -28.97
N VAL G 225 -82.92 -33.85 -29.23
CA VAL G 225 -84.00 -34.68 -28.70
C VAL G 225 -83.50 -35.44 -27.49
N MET G 226 -83.68 -34.87 -26.30
CA MET G 226 -83.20 -35.51 -25.09
C MET G 226 -84.16 -36.60 -24.62
N GLY G 227 -85.45 -36.36 -24.74
CA GLY G 227 -86.47 -37.32 -24.36
C GLY G 227 -87.54 -37.41 -25.43
N SER G 228 -88.66 -38.03 -25.06
CA SER G 228 -89.73 -38.27 -26.00
C SER G 228 -90.37 -36.96 -26.46
N CYS G 229 -90.69 -36.90 -27.76
CA CYS G 229 -91.49 -35.81 -28.33
C CYS G 229 -92.59 -36.45 -29.19
N THR G 230 -93.71 -36.76 -28.56
CA THR G 230 -94.82 -37.43 -29.24
C THR G 230 -95.90 -36.41 -29.58
N ALA G 231 -97.03 -36.90 -30.08
CA ALA G 231 -98.23 -36.10 -30.30
C ALA G 231 -97.98 -34.88 -31.17
N GLY G 232 -97.31 -35.07 -32.30
CA GLY G 232 -96.97 -33.97 -33.16
C GLY G 232 -95.66 -33.32 -32.77
N GLY G 233 -95.10 -33.74 -31.65
CA GLY G 233 -93.77 -33.27 -31.26
C GLY G 233 -92.65 -33.95 -32.01
N ALA G 234 -92.94 -35.03 -32.74
CA ALA G 234 -91.91 -35.75 -33.47
C ALA G 234 -91.59 -35.11 -34.81
N TYR G 235 -92.29 -34.06 -35.20
CA TYR G 235 -92.01 -33.42 -36.49
C TYR G 235 -90.79 -32.49 -36.40
N VAL G 236 -90.56 -31.87 -35.24
CA VAL G 236 -89.38 -31.02 -35.08
C VAL G 236 -88.08 -31.78 -35.33
N PRO G 237 -87.89 -32.99 -34.80
CA PRO G 237 -86.72 -33.77 -35.25
C PRO G 237 -86.72 -34.06 -36.73
N ALA G 238 -87.92 -34.22 -37.31
CA ALA G 238 -88.00 -34.47 -38.75
C ALA G 238 -87.80 -33.18 -39.55
N MET G 239 -88.33 -32.07 -39.05
CA MET G 239 -88.14 -30.75 -39.67
C MET G 239 -86.97 -30.09 -38.96
N ALA G 240 -85.75 -30.42 -39.39
CA ALA G 240 -84.56 -29.89 -38.76
C ALA G 240 -83.38 -30.10 -39.68
N ASP G 241 -82.53 -29.06 -39.80
CA ASP G 241 -81.30 -29.21 -40.55
C ASP G 241 -80.37 -30.21 -39.88
N GLU G 242 -80.29 -30.16 -38.55
CA GLU G 242 -79.49 -31.08 -37.75
C GLU G 242 -80.32 -31.45 -36.53
N ASN G 243 -80.31 -32.73 -36.17
CA ASN G 243 -81.03 -33.19 -34.99
C ASN G 243 -80.17 -34.22 -34.26
N ILE G 244 -80.37 -34.29 -32.95
CA ILE G 244 -79.54 -35.13 -32.08
C ILE G 244 -80.45 -36.02 -31.26
N ILE G 245 -80.15 -37.33 -31.26
CA ILE G 245 -80.90 -38.31 -30.51
C ILE G 245 -79.92 -39.01 -29.56
N VAL G 246 -80.17 -38.91 -28.26
CA VAL G 246 -79.29 -39.52 -27.28
C VAL G 246 -79.42 -41.04 -27.35
N ALA G 247 -78.33 -41.74 -27.05
CA ALA G 247 -78.24 -43.16 -27.36
C ALA G 247 -79.29 -43.99 -26.64
N ARG G 248 -79.56 -43.68 -25.37
CA ARG G 248 -80.47 -44.49 -24.57
C ARG G 248 -81.83 -43.85 -24.39
N ASN G 249 -81.90 -42.64 -23.84
CA ASN G 249 -83.17 -42.07 -23.46
C ASN G 249 -83.78 -41.14 -24.51
N GLY G 250 -83.13 -40.97 -25.66
CA GLY G 250 -83.72 -40.16 -26.73
C GLY G 250 -84.72 -40.93 -27.56
N THR G 251 -85.98 -40.51 -27.55
CA THR G 251 -87.05 -41.24 -28.23
C THR G 251 -87.92 -40.29 -29.03
N ILE G 252 -88.38 -40.74 -30.18
CA ILE G 252 -89.30 -39.98 -31.04
C ILE G 252 -90.41 -40.90 -31.51
N PHE G 253 -91.65 -40.47 -31.34
CA PHE G 253 -92.80 -41.31 -31.66
C PHE G 253 -93.90 -40.49 -32.31
N LEU G 254 -94.55 -41.08 -33.31
CA LEU G 254 -95.81 -40.54 -33.82
C LEU G 254 -97.01 -41.22 -33.19
N GLY G 255 -96.83 -42.44 -32.71
CA GLY G 255 -97.85 -43.13 -31.96
C GLY G 255 -97.28 -43.72 -30.68
N GLY G 256 -97.99 -43.50 -29.58
CA GLY G 256 -97.52 -43.88 -28.27
C GLY G 256 -97.47 -45.39 -28.05
N PRO G 257 -96.62 -45.82 -27.11
CA PRO G 257 -96.54 -47.24 -26.77
C PRO G 257 -97.87 -47.81 -26.29
N PRO G 258 -98.69 -47.05 -25.53
CA PRO G 258 -100.04 -47.55 -25.26
C PRO G 258 -100.92 -47.63 -26.49
N LEU G 259 -100.58 -46.88 -27.55
CA LEU G 259 -101.49 -46.78 -28.69
C LEU G 259 -101.46 -48.05 -29.54
N VAL G 260 -100.33 -48.76 -29.57
CA VAL G 260 -100.30 -50.02 -30.31
C VAL G 260 -101.25 -51.02 -29.69
N LEU G 261 -101.38 -51.03 -28.37
CA LEU G 261 -102.39 -51.84 -27.73
C LEU G 261 -103.78 -51.29 -28.05
N ALA G 262 -104.75 -52.19 -28.09
CA ALA G 262 -106.14 -51.96 -28.51
C ALA G 262 -106.25 -51.72 -30.01
N ALA G 263 -105.14 -51.68 -30.74
CA ALA G 263 -105.16 -51.63 -32.21
C ALA G 263 -103.94 -52.43 -32.66
N THR G 264 -104.14 -53.73 -32.88
CA THR G 264 -103.04 -54.66 -33.15
C THR G 264 -101.99 -54.57 -32.05
N GLY G 265 -102.38 -54.99 -30.85
CA GLY G 265 -101.56 -54.83 -29.67
C GLY G 265 -100.43 -55.83 -29.54
N GLU G 266 -99.65 -56.02 -30.61
CA GLU G 266 -98.45 -56.85 -30.55
C GLU G 266 -97.31 -55.98 -30.00
N LYS G 267 -97.37 -55.76 -28.69
CA LYS G 267 -96.43 -54.85 -28.05
C LYS G 267 -95.01 -55.37 -28.15
N VAL G 268 -94.08 -54.47 -28.48
CA VAL G 268 -92.66 -54.76 -28.48
C VAL G 268 -91.93 -53.61 -27.79
N SER G 269 -90.61 -53.72 -27.76
CA SER G 269 -89.80 -52.83 -26.93
C SER G 269 -89.91 -51.38 -27.40
N SER G 270 -89.85 -50.46 -26.43
CA SER G 270 -89.99 -49.05 -26.74
C SER G 270 -88.86 -48.56 -27.65
N GLU G 271 -87.72 -49.26 -27.64
CA GLU G 271 -86.66 -48.93 -28.58
C GLU G 271 -87.13 -49.10 -30.02
N GLU G 272 -87.80 -50.21 -30.32
CA GLU G 272 -88.20 -50.51 -31.68
C GLU G 272 -89.37 -49.67 -32.16
N LEU G 273 -90.08 -49.00 -31.26
CA LEU G 273 -91.25 -48.20 -31.61
C LEU G 273 -90.90 -46.83 -32.17
N GLY G 274 -89.62 -46.47 -32.18
CA GLY G 274 -89.20 -45.17 -32.69
C GLY G 274 -88.12 -44.50 -31.88
N GLY G 275 -87.67 -45.09 -30.77
CA GLY G 275 -86.63 -44.49 -29.98
C GLY G 275 -85.29 -44.58 -30.67
N ALA G 276 -84.25 -44.18 -29.93
CA ALA G 276 -82.90 -44.22 -30.47
C ALA G 276 -82.54 -45.64 -30.87
N ASP G 277 -82.46 -45.87 -32.18
CA ASP G 277 -82.24 -47.19 -32.73
C ASP G 277 -80.87 -47.23 -33.40
N VAL G 278 -79.83 -47.45 -32.60
CA VAL G 278 -78.49 -47.53 -33.13
C VAL G 278 -78.21 -48.98 -33.49
N HIS G 279 -78.68 -49.39 -34.66
CA HIS G 279 -78.42 -50.73 -35.19
C HIS G 279 -78.36 -50.68 -36.71
N CYS G 280 -78.09 -49.50 -37.27
CA CYS G 280 -78.07 -49.28 -38.72
C CYS G 280 -79.41 -49.63 -39.35
N ARG G 281 -80.49 -49.16 -38.72
CA ARG G 281 -81.82 -49.40 -39.27
C ARG G 281 -81.98 -48.76 -40.64
N ILE G 282 -83.06 -49.10 -41.33
CA ILE G 282 -83.28 -48.54 -42.65
C ILE G 282 -83.56 -47.05 -42.57
N SER G 283 -84.13 -46.59 -41.45
CA SER G 283 -84.49 -45.19 -41.32
C SER G 283 -83.25 -44.31 -41.26
N GLY G 284 -83.22 -43.30 -42.12
CA GLY G 284 -82.20 -42.28 -42.04
C GLY G 284 -82.69 -41.07 -41.25
N VAL G 285 -83.20 -41.31 -40.06
CA VAL G 285 -83.78 -40.27 -39.24
C VAL G 285 -82.82 -39.92 -38.11
N GLY G 286 -82.54 -38.63 -37.99
CA GLY G 286 -81.71 -38.15 -36.91
C GLY G 286 -80.24 -38.12 -37.27
N ASP G 287 -79.67 -36.93 -37.37
CA ASP G 287 -78.30 -36.80 -37.88
C ASP G 287 -77.26 -37.37 -36.93
N HIS G 288 -77.38 -37.08 -35.64
CA HIS G 288 -76.33 -37.39 -34.68
C HIS G 288 -76.84 -38.40 -33.65
N TYR G 289 -76.03 -39.42 -33.40
CA TYR G 289 -76.27 -40.39 -32.34
C TYR G 289 -75.12 -40.30 -31.35
N ALA G 290 -75.39 -39.74 -30.19
CA ALA G 290 -74.36 -39.42 -29.21
C ALA G 290 -74.53 -40.26 -27.96
N THR G 291 -73.42 -40.80 -27.45
CA THR G 291 -73.48 -41.74 -26.35
C THR G 291 -73.77 -41.08 -25.01
N ASP G 292 -73.49 -39.79 -24.87
CA ASP G 292 -73.62 -39.14 -23.58
C ASP G 292 -74.13 -37.72 -23.78
N ASP G 293 -74.60 -37.12 -22.69
CA ASP G 293 -75.10 -35.75 -22.74
C ASP G 293 -74.00 -34.80 -23.21
N LEU G 294 -72.80 -34.94 -22.67
CA LEU G 294 -71.69 -34.10 -23.09
C LEU G 294 -71.36 -34.31 -24.55
N HIS G 295 -71.40 -35.56 -25.01
CA HIS G 295 -71.15 -35.85 -26.42
C HIS G 295 -72.18 -35.18 -27.32
N ALA G 296 -73.45 -35.24 -26.94
CA ALA G 296 -74.50 -34.61 -27.74
C ALA G 296 -74.35 -33.10 -27.76
N LEU G 297 -74.10 -32.49 -26.61
CA LEU G 297 -73.90 -31.05 -26.56
C LEU G 297 -72.70 -30.64 -27.39
N TYR G 298 -71.64 -31.46 -27.36
CA TYR G 298 -70.44 -31.17 -28.11
C TYR G 298 -70.70 -31.24 -29.61
N LEU G 299 -71.46 -32.23 -30.05
CA LEU G 299 -71.81 -32.32 -31.47
C LEU G 299 -72.73 -31.18 -31.91
N ALA G 300 -73.63 -30.75 -31.02
CA ALA G 300 -74.44 -29.58 -31.32
C ALA G 300 -73.57 -28.35 -31.54
N ARG G 301 -72.61 -28.14 -30.65
CA ARG G 301 -71.67 -27.04 -30.79
C ARG G 301 -70.89 -27.15 -32.10
N ARG G 302 -70.44 -28.36 -32.43
CA ARG G 302 -69.65 -28.57 -33.63
C ARG G 302 -70.48 -28.27 -34.89
N ALA G 303 -71.74 -28.68 -34.92
CA ALA G 303 -72.60 -28.35 -36.04
C ALA G 303 -72.86 -26.85 -36.12
N VAL G 304 -73.07 -26.20 -34.98
CA VAL G 304 -73.25 -24.75 -34.97
C VAL G 304 -72.03 -24.06 -35.57
N ALA G 305 -70.85 -24.65 -35.37
CA ALA G 305 -69.63 -24.01 -35.85
C ALA G 305 -69.64 -23.86 -37.37
N ASN G 306 -70.06 -24.88 -38.09
CA ASN G 306 -69.95 -24.89 -39.55
C ASN G 306 -71.12 -24.19 -40.22
N LEU G 307 -71.36 -22.92 -39.88
CA LEU G 307 -72.43 -22.14 -40.48
C LEU G 307 -71.94 -20.86 -41.16
N ASN G 308 -70.67 -20.47 -40.94
CA ASN G 308 -70.03 -19.30 -41.51
C ASN G 308 -70.57 -17.98 -40.98
N LEU G 309 -71.26 -17.98 -39.84
CA LEU G 309 -71.81 -16.73 -39.31
C LEU G 309 -70.80 -15.97 -38.45
N LYS G 310 -69.68 -16.62 -38.10
CA LYS G 310 -68.72 -15.99 -37.22
C LYS G 310 -68.12 -14.73 -37.84
N GLU G 311 -67.76 -14.81 -39.12
CA GLU G 311 -67.21 -13.64 -39.81
C GLU G 311 -68.21 -12.50 -39.83
N HIS G 312 -69.46 -12.81 -40.15
CA HIS G 312 -70.48 -11.78 -40.30
C HIS G 312 -70.76 -11.10 -38.96
N ASN G 313 -70.89 -11.88 -37.89
CA ASN G 313 -71.12 -11.27 -36.57
C ASN G 313 -69.91 -10.46 -36.12
N GLU G 314 -68.70 -10.99 -36.31
CA GLU G 314 -67.51 -10.28 -35.88
C GLU G 314 -67.36 -8.95 -36.61
N ALA G 315 -67.66 -8.94 -37.91
CA ALA G 315 -67.64 -7.70 -38.66
C ALA G 315 -68.72 -6.74 -38.17
N ARG G 316 -69.94 -7.25 -37.93
CA ARG G 316 -71.03 -6.34 -37.62
C ARG G 316 -70.95 -5.81 -36.19
N ASN G 317 -70.67 -6.67 -35.22
CA ASN G 317 -70.50 -6.25 -33.83
C ASN G 317 -69.04 -6.34 -33.44
N PRO G 318 -68.36 -5.22 -33.21
CA PRO G 318 -66.93 -5.27 -32.85
C PRO G 318 -66.73 -5.97 -31.52
N THR G 319 -65.89 -7.01 -31.53
CA THR G 319 -65.68 -7.80 -30.33
C THR G 319 -64.79 -7.08 -29.33
N ASP G 320 -63.89 -6.23 -29.81
CA ASP G 320 -62.89 -5.58 -28.98
C ASP G 320 -63.19 -4.10 -28.88
N VAL G 321 -63.89 -3.70 -27.81
CA VAL G 321 -64.35 -2.33 -27.63
C VAL G 321 -63.99 -1.87 -26.23
N LYS G 322 -63.92 -0.55 -26.07
CA LYS G 322 -63.55 0.07 -24.80
C LYS G 322 -64.81 0.56 -24.13
N PRO G 323 -65.20 0.00 -22.98
CA PRO G 323 -66.45 0.43 -22.34
C PRO G 323 -66.33 1.84 -21.80
N VAL G 324 -67.34 2.65 -22.09
CA VAL G 324 -67.43 4.02 -21.62
C VAL G 324 -68.54 4.10 -20.58
N PRO G 325 -68.24 4.33 -19.31
CA PRO G 325 -69.27 4.31 -18.28
C PRO G 325 -69.93 5.68 -18.15
N PRO G 326 -71.12 5.75 -17.58
CA PRO G 326 -71.75 7.05 -17.33
C PRO G 326 -71.05 7.80 -16.22
N LEU G 327 -71.35 9.09 -16.14
CA LEU G 327 -70.70 9.97 -15.18
C LEU G 327 -71.24 9.83 -13.77
N TYR G 328 -72.41 9.21 -13.60
CA TYR G 328 -73.05 9.11 -12.29
C TYR G 328 -73.33 7.66 -11.96
N ASP G 329 -73.41 7.35 -10.67
CA ASP G 329 -73.46 5.98 -10.22
C ASP G 329 -74.81 5.35 -10.53
N PRO G 330 -74.84 4.18 -11.18
CA PRO G 330 -76.13 3.58 -11.56
C PRO G 330 -76.98 3.13 -10.38
N ARG G 331 -76.43 3.06 -9.17
CA ARG G 331 -77.24 2.72 -8.01
C ARG G 331 -78.27 3.80 -7.72
N GLU G 332 -78.01 5.03 -8.17
CA GLU G 332 -78.94 6.14 -7.91
C GLU G 332 -80.21 6.05 -8.74
N LEU G 333 -80.37 5.05 -9.59
CA LEU G 333 -81.54 4.99 -10.45
C LEU G 333 -82.82 4.72 -9.66
N GLY G 334 -82.71 4.01 -8.55
CA GLY G 334 -83.88 3.74 -7.75
C GLY G 334 -84.40 4.96 -7.01
N GLY G 335 -83.54 5.96 -6.80
CA GLY G 335 -83.95 7.08 -5.98
C GLY G 335 -84.88 8.04 -6.68
N PHE G 336 -84.55 8.43 -7.91
CA PHE G 336 -85.39 9.38 -8.65
C PHE G 336 -86.77 8.79 -8.93
N ILE G 337 -86.90 7.48 -8.86
CA ILE G 337 -88.21 6.84 -9.00
C ILE G 337 -89.04 7.16 -7.76
N PRO G 338 -90.24 7.71 -7.89
CA PRO G 338 -91.04 8.02 -6.71
C PRO G 338 -91.62 6.77 -6.09
N ASP G 339 -92.43 6.98 -5.05
CA ASP G 339 -92.98 5.88 -4.27
C ASP G 339 -94.20 5.31 -4.97
N MET G 340 -95.05 4.61 -4.22
CA MET G 340 -96.23 3.99 -4.82
C MET G 340 -97.47 4.20 -3.97
N LEU G 341 -98.63 3.83 -4.51
CA LEU G 341 -99.88 3.95 -3.75
C LEU G 341 -100.07 5.34 -3.15
N SER G 342 -99.91 6.37 -3.97
CA SER G 342 -100.11 7.74 -3.49
C SER G 342 -101.38 8.33 -4.09
N ASP G 343 -102.32 8.71 -3.23
CA ASP G 343 -103.58 9.27 -3.70
C ASP G 343 -103.40 10.06 -4.98
N VAL G 344 -102.69 11.17 -4.90
CA VAL G 344 -102.45 11.99 -6.08
C VAL G 344 -101.09 11.65 -6.70
N VAL G 345 -101.01 11.71 -8.03
CA VAL G 345 -99.77 11.39 -8.70
C VAL G 345 -98.62 12.15 -8.05
N LYS G 346 -97.51 11.46 -7.79
CA LYS G 346 -96.34 12.14 -7.25
C LYS G 346 -95.56 12.83 -8.36
N SER G 347 -94.48 13.50 -8.01
CA SER G 347 -93.66 14.17 -9.01
C SER G 347 -92.66 13.20 -9.65
N PHE G 348 -92.11 13.56 -10.80
CA PHE G 348 -91.16 12.69 -11.48
C PHE G 348 -90.22 13.46 -12.39
N ASP G 349 -89.08 12.86 -12.71
CA ASP G 349 -88.12 13.50 -13.60
C ASP G 349 -87.57 12.50 -14.60
N VAL G 350 -87.01 13.01 -15.69
CA VAL G 350 -86.44 12.12 -16.72
C VAL G 350 -84.96 12.40 -16.91
N ARG G 351 -84.60 13.67 -16.99
CA ARG G 351 -83.20 14.03 -17.21
C ARG G 351 -82.26 13.17 -16.37
N ALA G 352 -82.57 12.99 -15.10
CA ALA G 352 -81.66 12.24 -14.25
C ALA G 352 -81.51 10.81 -14.75
N ILE G 353 -82.61 10.17 -15.15
CA ILE G 353 -82.55 8.78 -15.59
C ILE G 353 -81.70 8.65 -16.84
N ILE G 354 -81.94 9.51 -17.83
CA ILE G 354 -81.17 9.43 -19.07
C ILE G 354 -79.71 9.75 -18.81
N ALA G 355 -79.44 10.73 -17.94
CA ALA G 355 -78.06 11.05 -17.61
C ALA G 355 -77.37 9.91 -16.88
N ARG G 356 -78.14 9.09 -16.16
CA ARG G 356 -77.58 7.94 -15.47
C ARG G 356 -77.36 6.74 -16.38
N ILE G 357 -78.17 6.59 -17.44
CA ILE G 357 -78.10 5.41 -18.30
C ILE G 357 -77.14 5.59 -19.46
N VAL G 358 -77.17 6.73 -20.15
CA VAL G 358 -76.44 6.90 -21.40
C VAL G 358 -74.93 6.93 -21.17
N ASP G 359 -74.16 6.88 -22.26
CA ASP G 359 -72.70 6.92 -22.19
C ASP G 359 -72.21 8.35 -22.00
N GLY G 360 -71.30 8.53 -21.04
CA GLY G 360 -70.76 9.83 -20.77
C GLY G 360 -71.74 10.80 -20.15
N SER G 361 -72.95 10.33 -19.82
CA SER G 361 -73.99 11.16 -19.26
C SER G 361 -74.23 12.40 -20.12
N ARG G 362 -74.72 12.20 -21.33
CA ARG G 362 -74.87 13.28 -22.29
C ARG G 362 -76.22 13.15 -22.96
N PHE G 363 -76.63 14.21 -23.65
CA PHE G 363 -77.85 14.14 -24.45
C PHE G 363 -77.85 15.22 -25.52
N ASP G 364 -78.70 15.02 -26.53
CA ASP G 364 -78.80 15.87 -27.73
C ASP G 364 -80.25 16.32 -27.84
N GLU G 365 -80.60 17.41 -27.15
CA GLU G 365 -81.99 17.84 -27.09
C GLU G 365 -82.46 18.46 -28.39
N PHE G 366 -83.60 18.00 -28.87
CA PHE G 366 -84.39 18.83 -29.76
C PHE G 366 -85.16 19.86 -28.96
N LYS G 367 -86.16 20.45 -29.62
CA LYS G 367 -86.96 21.49 -29.00
C LYS G 367 -87.53 21.04 -27.66
N ALA G 368 -87.04 21.65 -26.59
CA ALA G 368 -87.50 21.37 -25.25
C ALA G 368 -88.30 22.52 -24.64
N LEU G 369 -88.10 23.74 -25.13
CA LEU G 369 -88.94 24.86 -24.70
C LEU G 369 -90.36 24.70 -25.19
N TYR G 370 -90.55 23.93 -26.26
CA TYR G 370 -91.80 23.84 -26.97
C TYR G 370 -92.35 22.43 -26.88
N GLY G 371 -93.59 22.29 -26.42
CA GLY G 371 -94.07 20.98 -26.09
C GLY G 371 -93.26 20.41 -24.95
N ASN G 372 -93.08 21.21 -23.90
CA ASN G 372 -92.27 20.85 -22.74
C ASN G 372 -92.67 19.53 -22.09
N THR G 373 -93.78 18.92 -22.54
CA THR G 373 -94.23 17.68 -21.93
C THR G 373 -93.35 16.49 -22.34
N LEU G 374 -93.03 16.39 -23.62
CA LEU G 374 -92.42 15.16 -24.12
C LEU G 374 -90.95 15.41 -24.43
N VAL G 375 -90.15 14.35 -24.27
CA VAL G 375 -88.70 14.43 -24.38
C VAL G 375 -88.24 13.53 -25.53
N CYS G 376 -87.41 14.09 -26.41
CA CYS G 376 -86.86 13.36 -27.55
C CYS G 376 -85.48 13.89 -27.90
N GLY G 377 -84.56 12.98 -28.18
CA GLY G 377 -83.22 13.37 -28.61
C GLY G 377 -82.33 12.16 -28.79
N PHE G 378 -81.14 12.42 -29.34
CA PHE G 378 -80.16 11.38 -29.59
C PHE G 378 -79.39 11.05 -28.32
N ALA G 379 -78.51 10.05 -28.41
CA ALA G 379 -77.74 9.60 -27.25
C ALA G 379 -76.63 8.67 -27.74
N ARG G 380 -75.97 8.01 -26.79
CA ARG G 380 -74.97 7.00 -27.05
C ARG G 380 -75.15 5.87 -26.05
N ILE G 381 -75.21 4.64 -26.52
CA ILE G 381 -75.32 3.46 -25.64
C ILE G 381 -74.24 2.47 -26.06
N GLU G 382 -73.12 2.48 -25.34
CA GLU G 382 -72.04 1.53 -25.53
C GLU G 382 -71.60 1.46 -26.99
N GLY G 383 -71.24 2.62 -27.53
CA GLY G 383 -70.68 2.69 -28.86
C GLY G 383 -71.68 2.73 -29.99
N MET G 384 -72.97 2.89 -29.70
CA MET G 384 -74.01 2.89 -30.71
C MET G 384 -74.92 4.08 -30.49
N GLN G 385 -75.23 4.79 -31.57
CA GLN G 385 -76.09 5.96 -31.47
C GLN G 385 -77.55 5.52 -31.36
N VAL G 386 -78.29 6.13 -30.43
CA VAL G 386 -79.63 5.71 -30.06
C VAL G 386 -80.54 6.94 -30.03
N GLY G 387 -81.82 6.70 -30.28
CA GLY G 387 -82.85 7.71 -30.05
C GLY G 387 -83.78 7.25 -28.93
N ILE G 388 -84.12 8.18 -28.04
CA ILE G 388 -84.93 7.90 -26.86
C ILE G 388 -86.17 8.77 -26.89
N ILE G 389 -87.33 8.14 -26.64
CA ILE G 389 -88.57 8.85 -26.37
C ILE G 389 -88.98 8.50 -24.94
N ALA G 390 -88.89 9.48 -24.05
CA ALA G 390 -89.33 9.32 -22.67
C ALA G 390 -90.39 10.37 -22.37
N ASN G 391 -91.47 9.94 -21.72
CA ASN G 391 -92.67 10.76 -21.57
C ASN G 391 -92.74 11.37 -20.18
N GLN G 392 -93.17 12.62 -20.10
CA GLN G 392 -93.20 13.35 -18.82
C GLN G 392 -94.33 14.37 -18.82
N GLY G 393 -95.49 13.96 -18.28
CA GLY G 393 -96.60 14.88 -18.13
C GLY G 393 -97.82 14.54 -18.98
N ILE G 394 -98.59 15.54 -19.35
CA ILE G 394 -99.84 15.36 -20.09
C ILE G 394 -99.63 15.79 -21.53
N LEU G 395 -99.86 14.89 -22.47
CA LEU G 395 -99.52 15.13 -23.87
C LEU G 395 -100.36 16.25 -24.47
N TYR G 396 -99.73 17.04 -25.34
CA TYR G 396 -100.41 18.04 -26.13
C TYR G 396 -100.30 17.69 -27.60
N SER G 397 -100.98 18.46 -28.44
CA SER G 397 -100.84 18.35 -29.88
C SER G 397 -99.40 18.59 -30.31
N GLU G 398 -98.78 19.63 -29.76
CA GLU G 398 -97.40 19.96 -30.11
C GLU G 398 -96.44 18.86 -29.73
N SER G 399 -96.67 18.19 -28.60
CA SER G 399 -95.84 17.04 -28.25
C SER G 399 -95.94 15.94 -29.30
N ALA G 400 -97.14 15.70 -29.81
CA ALA G 400 -97.33 14.71 -30.87
C ALA G 400 -96.61 15.13 -32.14
N LEU G 401 -96.67 16.42 -32.50
CA LEU G 401 -95.95 16.89 -33.66
C LEU G 401 -94.44 16.69 -33.51
N LYS G 402 -93.90 17.02 -32.34
CA LYS G 402 -92.48 16.85 -32.10
C LYS G 402 -92.09 15.38 -32.17
N GLY G 403 -92.91 14.50 -31.62
CA GLY G 403 -92.64 13.08 -31.72
C GLY G 403 -92.62 12.61 -33.15
N ALA G 404 -93.59 13.05 -33.96
CA ALA G 404 -93.61 12.66 -35.36
C ALA G 404 -92.37 13.14 -36.09
N HIS G 405 -91.93 14.37 -35.81
CA HIS G 405 -90.74 14.91 -36.46
C HIS G 405 -89.49 14.10 -36.09
N PHE G 406 -89.34 13.79 -34.79
CA PHE G 406 -88.20 12.99 -34.36
C PHE G 406 -88.20 11.62 -35.02
N ILE G 407 -89.35 10.95 -35.04
CA ILE G 407 -89.41 9.62 -35.65
C ILE G 407 -89.10 9.71 -37.13
N GLY G 408 -89.53 10.79 -37.78
CA GLY G 408 -89.18 10.98 -39.18
C GLY G 408 -87.67 11.03 -39.40
N LEU G 409 -86.99 11.83 -38.59
CA LEU G 409 -85.52 11.90 -38.73
C LEU G 409 -84.87 10.56 -38.45
N CYS G 410 -85.33 9.87 -37.39
CA CYS G 410 -84.71 8.60 -37.02
C CYS G 410 -84.88 7.56 -38.12
N THR G 411 -86.06 7.48 -38.71
CA THR G 411 -86.25 6.57 -39.84
C THR G 411 -85.41 7.00 -41.03
N GLN G 412 -85.26 8.32 -41.24
CA GLN G 412 -84.50 8.78 -42.38
C GLN G 412 -83.03 8.36 -42.29
N ARG G 413 -82.44 8.42 -41.10
CA ARG G 413 -81.02 8.14 -40.95
C ARG G 413 -80.72 6.77 -40.38
N ASN G 414 -81.75 5.92 -40.20
CA ASN G 414 -81.58 4.55 -39.70
C ASN G 414 -80.97 4.53 -38.30
N VAL G 415 -81.65 5.19 -37.38
CA VAL G 415 -81.25 5.25 -35.97
C VAL G 415 -82.24 4.44 -35.15
N PRO G 416 -81.81 3.51 -34.31
CA PRO G 416 -82.75 2.76 -33.49
C PRO G 416 -83.46 3.66 -32.48
N LEU G 417 -84.60 3.20 -32.01
CA LEU G 417 -85.41 3.95 -31.06
C LEU G 417 -85.58 3.17 -29.76
N LEU G 418 -85.61 3.92 -28.66
CA LEU G 418 -85.88 3.39 -27.32
C LEU G 418 -87.09 4.12 -26.75
N PHE G 419 -87.97 3.39 -26.08
CA PHE G 419 -89.17 3.97 -25.51
C PHE G 419 -89.21 3.76 -24.01
N LEU G 420 -89.63 4.80 -23.29
CA LEU G 420 -89.75 4.79 -21.84
C LEU G 420 -91.18 5.25 -21.52
N GLN G 421 -92.07 4.31 -21.27
CA GLN G 421 -93.49 4.60 -21.24
C GLN G 421 -93.87 5.33 -19.96
N ASN G 422 -94.99 6.06 -20.03
CA ASN G 422 -95.53 6.83 -18.91
C ASN G 422 -97.05 6.91 -19.01
N ILE G 423 -97.65 7.89 -18.33
CA ILE G 423 -99.11 8.02 -18.30
C ILE G 423 -99.66 8.31 -19.69
N THR G 424 -100.96 8.09 -19.83
CA THR G 424 -101.67 8.44 -21.07
C THR G 424 -101.62 9.95 -21.31
N GLY G 425 -102.23 10.72 -20.41
CA GLY G 425 -102.08 12.17 -20.47
C GLY G 425 -102.62 12.82 -21.72
N PHE G 426 -103.85 12.49 -22.11
CA PHE G 426 -104.53 13.21 -23.18
C PHE G 426 -105.47 14.21 -22.51
N MET G 427 -105.24 15.50 -22.75
CA MET G 427 -106.15 16.51 -22.22
C MET G 427 -107.53 16.35 -22.81
N VAL G 428 -108.55 16.70 -22.02
CA VAL G 428 -109.94 16.57 -22.43
C VAL G 428 -110.60 17.94 -22.62
N GLY G 429 -109.83 19.02 -22.56
CA GLY G 429 -110.41 20.34 -22.69
C GLY G 429 -111.10 20.51 -24.03
N LYS G 430 -112.20 21.28 -24.02
CA LYS G 430 -112.99 21.46 -25.25
C LYS G 430 -112.21 22.20 -26.31
N LYS G 431 -111.45 23.23 -25.92
CA LYS G 431 -110.64 23.96 -26.87
C LYS G 431 -109.59 23.05 -27.52
N TYR G 432 -108.99 22.16 -26.72
CA TYR G 432 -108.00 21.24 -27.26
C TYR G 432 -108.64 20.28 -28.27
N GLU G 433 -109.84 19.78 -27.96
CA GLU G 433 -110.55 18.92 -28.91
C GLU G 433 -110.90 19.68 -30.17
N GLU G 434 -111.32 20.93 -30.04
CA GLU G 434 -111.60 21.80 -31.18
C GLU G 434 -110.36 22.18 -31.96
N GLY G 435 -109.17 21.99 -31.37
CA GLY G 435 -107.94 22.32 -32.06
C GLY G 435 -107.36 21.19 -32.88
N GLY G 436 -108.19 20.18 -33.16
CA GLY G 436 -107.74 19.04 -33.95
C GLY G 436 -106.71 18.19 -33.27
N ILE G 437 -106.92 17.88 -31.99
CA ILE G 437 -105.97 17.04 -31.26
C ILE G 437 -105.99 15.61 -31.80
N ALA G 438 -107.16 15.14 -32.23
CA ALA G 438 -107.26 13.79 -32.77
C ALA G 438 -106.42 13.63 -34.03
N ARG G 439 -106.42 14.65 -34.88
CA ARG G 439 -105.61 14.60 -36.09
C ARG G 439 -104.13 14.48 -35.75
N ASN G 440 -103.68 15.22 -34.73
CA ASN G 440 -102.26 15.19 -34.37
C ASN G 440 -101.89 13.87 -33.71
N GLY G 441 -102.80 13.31 -32.90
CA GLY G 441 -102.55 11.98 -32.37
C GLY G 441 -102.43 10.94 -33.48
N ALA G 442 -103.29 11.05 -34.50
CA ALA G 442 -103.17 10.17 -35.66
C ALA G 442 -101.84 10.39 -36.37
N ARG G 443 -101.43 11.65 -36.50
CA ARG G 443 -100.12 11.96 -37.07
C ARG G 443 -99.01 11.22 -36.35
N LEU G 444 -99.07 11.19 -35.02
CA LEU G 444 -98.06 10.49 -34.25
C LEU G 444 -98.12 8.97 -34.45
N VAL G 445 -99.31 8.38 -34.34
CA VAL G 445 -99.42 6.92 -34.40
C VAL G 445 -99.05 6.41 -35.78
N MET G 446 -99.41 7.16 -36.83
CA MET G 446 -99.04 6.78 -38.18
C MET G 446 -97.53 6.64 -38.32
N ALA G 447 -96.79 7.64 -37.83
CA ALA G 447 -95.33 7.59 -37.90
C ALA G 447 -94.77 6.46 -37.02
N VAL G 448 -95.36 6.26 -35.84
CA VAL G 448 -94.89 5.20 -34.96
C VAL G 448 -94.99 3.83 -35.64
N SER G 449 -96.15 3.53 -36.22
CA SER G 449 -96.36 2.22 -36.81
C SER G 449 -95.61 2.06 -38.13
N SER G 450 -95.50 3.14 -38.90
CA SER G 450 -94.88 3.04 -40.21
C SER G 450 -93.37 2.88 -40.16
N ALA G 451 -92.76 3.11 -39.01
CA ALA G 451 -91.29 3.15 -38.94
C ALA G 451 -90.70 1.76 -39.12
N PRO G 452 -89.77 1.58 -40.05
CA PRO G 452 -89.07 0.30 -40.19
C PRO G 452 -87.89 0.12 -39.25
N VAL G 453 -87.61 1.12 -38.42
CA VAL G 453 -86.51 1.11 -37.45
C VAL G 453 -86.78 0.05 -36.38
N PRO G 454 -85.77 -0.68 -35.91
CA PRO G 454 -85.97 -1.57 -34.76
C PRO G 454 -86.40 -0.78 -33.54
N LYS G 455 -87.31 -1.36 -32.76
CA LYS G 455 -87.93 -0.64 -31.67
C LYS G 455 -88.00 -1.50 -30.43
N VAL G 456 -87.60 -0.92 -29.29
CA VAL G 456 -87.62 -1.57 -27.98
C VAL G 456 -88.29 -0.62 -27.01
N THR G 457 -89.14 -1.15 -26.13
CA THR G 457 -89.78 -0.35 -25.10
C THR G 457 -89.51 -0.96 -23.73
N VAL G 458 -89.42 -0.09 -22.73
CA VAL G 458 -89.22 -0.49 -21.33
C VAL G 458 -90.17 0.36 -20.49
N LEU G 459 -90.88 -0.28 -19.56
CA LEU G 459 -91.84 0.45 -18.74
C LEU G 459 -91.11 1.18 -17.62
N ILE G 460 -91.28 2.50 -17.57
CA ILE G 460 -90.84 3.30 -16.44
C ILE G 460 -91.84 3.13 -15.31
N GLY G 461 -93.11 3.38 -15.61
CA GLY G 461 -94.17 3.26 -14.63
C GLY G 461 -95.37 4.09 -15.04
N GLY G 462 -96.54 3.58 -14.68
CA GLY G 462 -97.78 4.28 -14.96
C GLY G 462 -98.23 4.26 -16.40
N SER G 463 -98.03 3.16 -17.12
CA SER G 463 -98.47 3.05 -18.51
C SER G 463 -99.88 2.49 -18.54
N TYR G 464 -100.87 3.37 -18.50
CA TYR G 464 -102.28 2.98 -18.46
C TYR G 464 -103.00 3.73 -19.57
N GLY G 465 -103.74 2.99 -20.39
CA GLY G 465 -104.69 3.60 -21.29
C GLY G 465 -104.22 3.58 -22.71
N ALA G 466 -104.86 4.42 -23.53
CA ALA G 466 -104.59 4.50 -24.96
C ALA G 466 -103.43 5.43 -25.28
N GLY G 467 -102.80 6.03 -24.26
CA GLY G 467 -101.66 6.90 -24.53
C GLY G 467 -100.47 6.16 -25.10
N ASN G 468 -100.29 4.90 -24.72
CA ASN G 468 -99.18 4.12 -25.25
C ASN G 468 -99.25 4.03 -26.77
N TYR G 469 -100.45 4.14 -27.33
CA TYR G 469 -100.60 4.16 -28.78
C TYR G 469 -99.81 5.32 -29.38
N GLY G 470 -99.72 6.43 -28.64
CA GLY G 470 -98.91 7.54 -29.11
C GLY G 470 -97.43 7.22 -29.17
N MET G 471 -96.90 6.57 -28.12
CA MET G 471 -95.47 6.25 -28.07
C MET G 471 -95.16 4.93 -28.74
N CYS G 472 -95.64 3.82 -28.18
CA CYS G 472 -95.39 2.48 -28.70
C CYS G 472 -96.11 1.48 -27.82
N GLY G 473 -96.33 0.30 -28.36
CA GLY G 473 -97.00 -0.76 -27.62
C GLY G 473 -96.76 -2.09 -28.28
N ARG G 474 -97.07 -3.15 -27.52
CA ARG G 474 -96.85 -4.51 -28.01
C ARG G 474 -97.50 -4.71 -29.37
N ALA G 475 -98.68 -4.15 -29.57
CA ALA G 475 -99.35 -4.30 -30.86
C ALA G 475 -98.69 -3.48 -31.96
N PHE G 476 -97.53 -2.85 -31.73
CA PHE G 476 -96.85 -2.05 -32.74
C PHE G 476 -95.50 -2.64 -33.10
N GLU G 477 -95.33 -3.94 -32.88
CA GLU G 477 -94.14 -4.73 -33.21
C GLU G 477 -92.87 -4.19 -32.56
N PRO G 478 -92.76 -4.20 -31.23
CA PRO G 478 -91.45 -3.94 -30.61
C PRO G 478 -90.68 -5.25 -30.50
N ARG G 479 -89.47 -5.26 -31.03
CA ARG G 479 -88.72 -6.51 -31.11
C ARG G 479 -88.35 -7.05 -29.74
N PHE G 480 -88.41 -6.25 -28.69
CA PHE G 480 -88.24 -6.71 -27.32
C PHE G 480 -89.09 -5.84 -26.40
N LEU G 481 -89.52 -6.42 -25.28
CA LEU G 481 -90.14 -5.63 -24.23
C LEU G 481 -89.60 -6.05 -22.88
N PHE G 482 -89.36 -5.06 -22.01
CA PHE G 482 -88.87 -5.28 -20.66
C PHE G 482 -89.63 -4.36 -19.71
N MET G 483 -89.60 -4.69 -18.41
CA MET G 483 -90.45 -3.99 -17.46
C MET G 483 -89.75 -3.74 -16.13
N TRP G 484 -90.09 -2.63 -15.48
CA TRP G 484 -89.67 -2.32 -14.12
C TRP G 484 -90.76 -2.73 -13.12
N PRO G 485 -90.39 -2.92 -11.85
CA PRO G 485 -91.39 -3.42 -10.88
C PRO G 485 -92.60 -2.54 -10.68
N ASN G 486 -92.45 -1.21 -10.76
CA ASN G 486 -93.56 -0.30 -10.45
C ASN G 486 -94.33 0.06 -11.73
N ALA G 487 -94.97 -0.94 -12.30
CA ALA G 487 -95.68 -0.77 -13.56
C ALA G 487 -97.14 -1.17 -13.38
N ARG G 488 -98.02 -0.39 -14.01
CA ARG G 488 -99.45 -0.67 -14.02
C ARG G 488 -99.99 -0.43 -15.42
N ILE G 489 -100.55 -1.47 -16.02
CA ILE G 489 -101.11 -1.42 -17.38
C ILE G 489 -102.61 -1.64 -17.26
N SER G 490 -103.40 -0.62 -17.58
CA SER G 490 -104.82 -0.67 -17.27
C SER G 490 -105.59 0.13 -18.31
N VAL G 491 -106.84 0.46 -17.96
CA VAL G 491 -107.78 1.17 -18.81
C VAL G 491 -107.30 2.61 -18.99
N MET G 492 -108.02 3.36 -19.84
CA MET G 492 -107.64 4.74 -20.16
C MET G 492 -107.43 5.59 -18.90
N GLY G 493 -108.00 5.20 -17.76
CA GLY G 493 -107.75 5.89 -16.52
C GLY G 493 -107.41 4.98 -15.36
N GLY G 494 -106.28 5.22 -14.70
CA GLY G 494 -105.94 4.44 -13.53
C GLY G 494 -106.71 4.88 -12.30
N THR G 495 -106.79 6.20 -12.09
CA THR G 495 -107.44 6.73 -10.89
C THR G 495 -108.74 7.36 -11.25
N GLN G 496 -108.80 7.99 -12.41
CA GLN G 496 -110.00 8.70 -12.80
C GLN G 496 -111.11 7.72 -13.18
N ALA G 497 -110.77 6.61 -13.84
CA ALA G 497 -111.82 5.63 -14.12
C ALA G 497 -112.65 5.37 -12.89
N ALA G 498 -112.03 5.34 -11.71
CA ALA G 498 -112.80 5.17 -10.48
C ALA G 498 -113.85 6.27 -10.33
N THR G 499 -113.44 7.53 -10.46
CA THR G 499 -114.37 8.63 -10.28
C THR G 499 -115.46 8.62 -11.34
N VAL G 500 -115.08 8.38 -12.61
CA VAL G 500 -116.06 8.44 -13.69
C VAL G 500 -117.06 7.29 -13.58
N LEU G 501 -116.57 6.07 -13.36
CA LEU G 501 -117.46 4.91 -13.28
C LEU G 501 -118.24 4.89 -11.97
N THR G 502 -117.84 5.70 -10.98
CA THR G 502 -118.68 5.85 -9.80
C THR G 502 -120.00 6.50 -10.16
N LEU G 503 -119.98 7.52 -11.03
CA LEU G 503 -121.20 8.26 -11.34
C LEU G 503 -122.22 7.41 -12.07
N THR G 504 -121.80 6.75 -13.15
CA THR G 504 -122.74 6.09 -14.07
C THR G 504 -122.86 4.59 -13.81
N ASN G 505 -123.27 4.18 -12.60
CA ASN G 505 -123.55 2.76 -12.39
C ASN G 505 -124.62 2.62 -11.31
N ARG G 506 -125.89 2.57 -11.76
CA ARG G 506 -127.05 2.13 -10.97
C ARG G 506 -126.93 2.49 -9.48
N ASN G 507 -126.57 3.74 -9.21
CA ASN G 507 -126.34 4.20 -7.85
C ASN G 507 -127.49 5.11 -7.42
N LEU G 508 -128.04 4.84 -6.24
CA LEU G 508 -129.00 5.74 -5.65
C LEU G 508 -128.28 6.96 -5.08
N LYS G 509 -129.01 8.08 -5.00
CA LYS G 509 -128.40 9.31 -4.49
C LYS G 509 -127.92 9.14 -3.06
N ASN G 510 -128.69 8.42 -2.25
CA ASN G 510 -128.38 8.20 -0.84
C ASN G 510 -127.39 7.05 -0.70
N ALA G 511 -127.11 6.64 0.54
CA ALA G 511 -126.15 5.57 0.82
C ALA G 511 -124.80 5.86 0.17
N SER G 512 -124.37 7.12 0.26
CA SER G 512 -123.16 7.54 -0.44
C SER G 512 -121.93 6.81 0.08
N GLU G 513 -121.80 6.67 1.40
CA GLU G 513 -120.61 6.04 1.96
C GLU G 513 -120.54 4.56 1.60
N ALA G 514 -121.64 3.83 1.74
CA ALA G 514 -121.66 2.43 1.36
C ALA G 514 -121.40 2.27 -0.13
N GLU G 515 -121.89 3.21 -0.95
CA GLU G 515 -121.67 3.14 -2.38
C GLU G 515 -120.21 3.35 -2.74
N ILE G 516 -119.57 4.37 -2.16
CA ILE G 516 -118.16 4.61 -2.49
C ILE G 516 -117.29 3.48 -1.94
N ALA G 517 -117.72 2.86 -0.83
CA ALA G 517 -117.05 1.65 -0.38
C ALA G 517 -117.21 0.52 -1.39
N ALA G 518 -118.41 0.38 -1.97
CA ALA G 518 -118.66 -0.66 -2.95
C ALA G 518 -118.18 -0.31 -4.35
N PHE G 519 -118.12 0.98 -4.70
CA PHE G 519 -117.69 1.36 -6.03
C PHE G 519 -116.21 1.71 -6.09
N LYS G 520 -115.81 2.79 -5.39
CA LYS G 520 -114.46 3.31 -5.57
C LYS G 520 -113.41 2.34 -5.08
N ASP G 521 -113.60 1.78 -3.88
CA ASP G 521 -112.64 0.80 -3.37
C ASP G 521 -112.55 -0.42 -4.28
N LYS G 522 -113.69 -0.87 -4.78
CA LYS G 522 -113.68 -2.04 -5.64
C LYS G 522 -112.92 -1.79 -6.94
N VAL G 523 -113.15 -0.63 -7.57
CA VAL G 523 -112.48 -0.37 -8.85
C VAL G 523 -111.00 -0.11 -8.64
N LYS G 524 -110.63 0.47 -7.49
CA LYS G 524 -109.21 0.58 -7.17
C LYS G 524 -108.58 -0.80 -7.03
N LYS G 525 -109.27 -1.72 -6.35
CA LYS G 525 -108.77 -3.07 -6.23
C LYS G 525 -108.63 -3.73 -7.60
N LYS G 526 -109.58 -3.47 -8.50
CA LYS G 526 -109.49 -4.07 -9.83
C LYS G 526 -108.33 -3.48 -10.62
N TYR G 527 -108.15 -2.17 -10.58
CA TYR G 527 -107.18 -1.51 -11.46
C TYR G 527 -105.77 -1.49 -10.92
N GLU G 528 -105.55 -1.84 -9.64
CA GLU G 528 -104.20 -2.12 -9.16
C GLU G 528 -104.03 -3.57 -8.72
N LYS G 529 -105.02 -4.43 -8.94
CA LYS G 529 -104.77 -5.87 -8.84
C LYS G 529 -103.83 -6.33 -9.94
N GLU G 530 -104.01 -5.79 -11.14
CA GLU G 530 -103.02 -5.95 -12.18
C GLU G 530 -101.76 -5.19 -11.78
N GLY G 531 -100.62 -5.72 -12.21
CA GLY G 531 -99.36 -5.07 -11.88
C GLY G 531 -98.26 -5.62 -12.76
N SER G 532 -97.04 -5.16 -12.47
CA SER G 532 -95.89 -5.66 -13.20
C SER G 532 -95.69 -7.15 -12.97
N CYS G 533 -95.88 -7.60 -11.73
CA CYS G 533 -95.46 -8.95 -11.37
C CYS G 533 -96.40 -10.01 -11.94
N TYR G 534 -97.70 -9.80 -11.88
CA TYR G 534 -98.61 -10.87 -12.32
C TYR G 534 -99.18 -10.72 -13.73
N TYR G 535 -99.92 -9.67 -13.98
CA TYR G 535 -100.57 -9.53 -15.29
C TYR G 535 -99.57 -9.49 -16.44
N SER G 536 -98.34 -9.10 -16.16
CA SER G 536 -97.32 -9.03 -17.21
C SER G 536 -96.32 -10.17 -17.11
N THR G 537 -95.67 -10.48 -18.23
CA THR G 537 -94.64 -11.53 -18.24
C THR G 537 -95.22 -12.92 -18.00
N ALA G 538 -95.90 -13.11 -16.88
CA ALA G 538 -96.53 -14.39 -16.60
C ALA G 538 -97.48 -14.72 -17.73
N ARG G 539 -98.04 -13.70 -18.37
CA ARG G 539 -98.93 -13.92 -19.50
C ARG G 539 -98.22 -13.49 -20.77
N LEU G 540 -96.91 -13.30 -20.71
CA LEU G 540 -96.15 -12.82 -21.87
C LEU G 540 -96.73 -11.54 -22.45
N TRP G 541 -97.25 -10.68 -21.57
CA TRP G 541 -97.48 -9.28 -21.90
C TRP G 541 -96.22 -8.57 -21.47
N ASP G 542 -95.47 -8.03 -22.44
CA ASP G 542 -94.19 -7.39 -22.13
C ASP G 542 -93.29 -8.43 -21.45
N ASP G 543 -92.84 -9.42 -22.22
CA ASP G 543 -92.34 -10.66 -21.65
C ASP G 543 -91.15 -10.45 -20.71
N GLY G 544 -90.29 -9.48 -21.00
CA GLY G 544 -89.09 -9.25 -20.21
C GLY G 544 -89.39 -8.45 -18.95
N VAL G 545 -88.79 -8.88 -17.84
CA VAL G 545 -88.85 -8.14 -16.59
C VAL G 545 -87.43 -7.98 -16.05
N ILE G 546 -87.07 -6.74 -15.70
CA ILE G 546 -85.69 -6.42 -15.34
C ILE G 546 -85.65 -5.58 -14.07
N ALA G 547 -84.45 -5.12 -13.72
CA ALA G 547 -84.23 -4.18 -12.64
C ALA G 547 -83.98 -2.80 -13.20
N PRO G 548 -84.40 -1.73 -12.52
CA PRO G 548 -84.12 -0.38 -13.03
C PRO G 548 -82.64 -0.05 -13.07
N GLU G 549 -81.84 -0.69 -12.21
CA GLU G 549 -80.42 -0.33 -12.11
C GLU G 549 -79.61 -0.85 -13.30
N ASP G 550 -79.97 -2.01 -13.84
CA ASP G 550 -79.19 -2.66 -14.89
C ASP G 550 -79.84 -2.53 -16.27
N THR G 551 -80.42 -1.38 -16.57
CA THR G 551 -81.18 -1.23 -17.81
C THR G 551 -80.27 -1.08 -19.03
N ARG G 552 -79.14 -0.36 -18.89
CA ARG G 552 -78.31 -0.08 -20.06
C ARG G 552 -77.68 -1.34 -20.61
N VAL G 553 -77.27 -2.25 -19.73
CA VAL G 553 -76.72 -3.52 -20.19
C VAL G 553 -77.75 -4.28 -21.00
N VAL G 554 -79.00 -4.32 -20.51
CA VAL G 554 -80.05 -5.05 -21.21
C VAL G 554 -80.32 -4.43 -22.58
N VAL G 555 -80.39 -3.10 -22.64
CA VAL G 555 -80.68 -2.43 -23.90
C VAL G 555 -79.53 -2.65 -24.89
N ALA G 556 -78.30 -2.66 -24.40
CA ALA G 556 -77.16 -2.99 -25.24
C ALA G 556 -77.20 -4.43 -25.75
N GLU G 557 -77.67 -5.37 -24.93
CA GLU G 557 -77.90 -6.72 -25.46
C GLU G 557 -78.91 -6.66 -26.60
N ALA G 558 -79.99 -5.91 -26.40
CA ALA G 558 -81.04 -5.84 -27.42
C ALA G 558 -80.51 -5.27 -28.73
N LEU G 559 -79.71 -4.20 -28.66
CA LEU G 559 -79.24 -3.56 -29.88
C LEU G 559 -78.25 -4.44 -30.64
N ARG G 560 -77.36 -5.14 -29.92
CA ARG G 560 -76.51 -6.12 -30.58
C ARG G 560 -77.32 -7.26 -31.16
N ALA G 561 -78.49 -7.54 -30.58
CA ALA G 561 -79.35 -8.58 -31.13
C ALA G 561 -79.98 -8.15 -32.45
N THR G 562 -80.14 -6.85 -32.66
CA THR G 562 -80.87 -6.34 -33.81
C THR G 562 -79.94 -5.68 -34.84
N ARG G 563 -78.71 -6.16 -34.98
CA ARG G 563 -77.85 -5.71 -36.07
C ARG G 563 -77.40 -6.84 -36.99
N LEU G 564 -77.80 -8.08 -36.70
CA LEU G 564 -77.64 -9.15 -37.69
C LEU G 564 -78.76 -9.10 -38.73
N ALA G 565 -79.79 -8.29 -38.47
CA ALA G 565 -80.97 -8.16 -39.31
C ALA G 565 -80.58 -7.83 -40.75
N PRO G 566 -81.42 -8.17 -41.73
CA PRO G 566 -81.06 -7.91 -43.13
C PRO G 566 -80.79 -6.45 -43.42
N TYR H 1 -72.48 -37.42 -14.80
CA TYR H 1 -71.76 -38.37 -13.96
C TYR H 1 -70.29 -38.02 -13.87
N ALA H 2 -69.90 -37.37 -12.77
CA ALA H 2 -68.50 -37.01 -12.58
C ALA H 2 -67.89 -36.45 -13.86
N HIS H 3 -68.69 -35.84 -14.72
CA HIS H 3 -68.15 -35.23 -15.94
C HIS H 3 -68.81 -33.89 -16.19
N HIS H 4 -68.07 -32.81 -16.01
CA HIS H 4 -68.65 -31.48 -16.16
C HIS H 4 -67.71 -30.45 -16.77
N PRO H 5 -67.37 -30.62 -18.06
CA PRO H 5 -66.53 -29.63 -18.74
C PRO H 5 -67.38 -28.56 -19.40
N ILE H 6 -66.76 -27.70 -20.22
CA ILE H 6 -67.52 -26.68 -20.94
C ILE H 6 -67.39 -26.84 -22.45
N ASP H 7 -67.40 -28.08 -22.92
CA ASP H 7 -67.33 -28.35 -24.37
C ASP H 7 -65.91 -28.26 -24.97
N TYR H 8 -65.10 -27.31 -24.50
CA TYR H 8 -63.77 -27.13 -25.08
C TYR H 8 -63.03 -28.06 -24.19
N GLU H 9 -61.71 -28.14 -24.30
CA GLU H 9 -60.96 -29.14 -23.52
C GLU H 9 -61.44 -30.36 -24.20
N ARG H 10 -62.73 -30.65 -24.07
CA ARG H 10 -63.28 -31.71 -24.81
C ARG H 10 -62.98 -31.20 -26.16
N SER H 11 -63.03 -29.89 -26.34
CA SER H 11 -62.62 -29.32 -27.62
C SER H 11 -61.30 -28.57 -27.45
N THR H 12 -60.87 -27.83 -28.47
CA THR H 12 -59.57 -27.11 -28.41
C THR H 12 -58.48 -27.86 -27.65
N SER H 13 -58.38 -29.17 -27.86
CA SER H 13 -57.30 -29.92 -27.25
C SER H 13 -56.77 -30.79 -28.37
N LYS H 14 -55.61 -31.39 -28.15
CA LYS H 14 -55.04 -32.28 -29.15
C LYS H 14 -55.74 -33.63 -29.10
N SER H 15 -56.86 -33.70 -28.39
CA SER H 15 -57.59 -34.95 -28.29
C SER H 15 -59.07 -34.81 -28.62
N PRO H 16 -59.40 -34.23 -29.79
CA PRO H 16 -60.83 -34.18 -30.13
C PRO H 16 -61.18 -35.31 -31.09
N ASN H 17 -62.37 -35.87 -30.95
CA ASN H 17 -62.78 -36.98 -31.82
C ASN H 17 -62.84 -36.55 -33.26
N ILE H 18 -62.93 -35.24 -33.49
CA ILE H 18 -63.04 -34.72 -34.85
C ILE H 18 -61.88 -35.19 -35.72
N LEU H 19 -60.70 -35.32 -35.14
CA LEU H 19 -59.53 -35.73 -35.92
C LEU H 19 -59.61 -37.20 -36.31
N ARG H 20 -58.57 -37.69 -36.99
CA ARG H 20 -58.55 -39.09 -37.39
C ARG H 20 -57.19 -39.69 -37.09
N LEU H 21 -57.17 -40.94 -36.65
CA LEU H 21 -55.90 -41.57 -36.27
C LEU H 21 -55.61 -42.89 -36.96
N PRO H 22 -55.70 -42.93 -38.30
CA PRO H 22 -55.35 -44.15 -38.99
C PRO H 22 -53.87 -44.14 -39.23
N ALA H 23 -53.12 -44.85 -38.39
CA ALA H 23 -51.67 -44.96 -38.60
C ALA H 23 -51.30 -46.27 -39.28
N ASN H 24 -50.60 -46.17 -40.42
CA ASN H 24 -50.19 -47.38 -41.15
C ASN H 24 -49.04 -48.11 -40.48
N THR H 25 -48.83 -49.37 -40.84
CA THR H 25 -47.76 -50.16 -40.21
C THR H 25 -46.70 -50.58 -41.22
N SER H 26 -46.80 -50.09 -42.45
CA SER H 26 -45.83 -50.42 -43.48
C SER H 26 -45.55 -51.92 -43.56
N ASP H 27 -46.57 -52.74 -43.80
CA ASP H 27 -46.40 -54.18 -43.95
C ASP H 27 -46.29 -54.54 -45.42
N PRO H 28 -46.10 -55.85 -45.72
CA PRO H 28 -46.07 -56.21 -47.14
C PRO H 28 -47.24 -55.59 -47.90
N THR H 29 -48.45 -55.77 -47.40
CA THR H 29 -49.62 -55.23 -48.07
C THR H 29 -49.38 -53.76 -48.37
N TYR H 30 -48.88 -53.03 -47.38
CA TYR H 30 -48.57 -51.63 -47.59
C TYR H 30 -47.52 -51.50 -48.68
N GLN H 31 -46.48 -52.32 -48.61
CA GLN H 31 -45.42 -52.25 -49.59
C GLN H 31 -45.97 -52.53 -50.97
N GLU H 32 -46.76 -53.58 -51.11
CA GLU H 32 -47.30 -53.95 -52.40
C GLU H 32 -48.02 -52.75 -52.98
N ASN H 33 -48.83 -52.09 -52.15
CA ASN H 33 -49.56 -50.92 -52.61
C ASN H 33 -48.64 -49.72 -52.75
N MET H 34 -47.91 -49.39 -51.69
CA MET H 34 -47.05 -48.22 -51.74
C MET H 34 -46.09 -48.31 -52.91
N ALA H 35 -45.53 -49.49 -53.12
CA ALA H 35 -44.56 -49.65 -54.17
C ALA H 35 -45.19 -49.41 -55.52
N ARG H 36 -46.37 -49.98 -55.73
CA ARG H 36 -47.00 -49.85 -57.04
C ARG H 36 -47.24 -48.41 -57.32
N MET H 37 -47.73 -47.70 -56.31
CA MET H 37 -48.05 -46.32 -56.53
C MET H 37 -46.82 -45.68 -57.07
N GLU H 38 -45.70 -45.99 -56.43
CA GLU H 38 -44.47 -45.42 -56.88
C GLU H 38 -44.29 -45.84 -58.31
N GLY H 39 -44.75 -47.04 -58.65
CA GLY H 39 -44.64 -47.50 -60.01
C GLY H 39 -45.65 -46.83 -60.92
N LEU H 40 -46.57 -46.08 -60.33
CA LEU H 40 -47.61 -45.41 -61.11
C LEU H 40 -47.39 -43.91 -61.23
N VAL H 41 -46.31 -43.41 -60.64
CA VAL H 41 -46.09 -41.96 -60.64
C VAL H 41 -44.80 -41.53 -61.35
N GLU H 42 -43.74 -42.32 -61.22
CA GLU H 42 -42.47 -41.93 -61.81
C GLU H 42 -42.58 -41.36 -63.24
N GLN H 43 -43.27 -42.04 -64.14
CA GLN H 43 -43.32 -41.57 -65.53
C GLN H 43 -44.33 -40.46 -65.70
N LEU H 44 -45.36 -40.46 -64.86
CA LEU H 44 -46.33 -39.41 -64.90
C LEU H 44 -45.51 -38.20 -64.68
N ARG H 45 -44.75 -38.21 -63.59
CA ARG H 45 -43.92 -37.07 -63.28
C ARG H 45 -42.83 -36.87 -64.33
N ALA H 46 -42.64 -37.86 -65.20
CA ALA H 46 -41.57 -37.76 -66.15
C ALA H 46 -41.97 -37.25 -67.52
N ARG H 47 -43.00 -37.85 -68.13
CA ARG H 47 -43.36 -37.44 -69.49
C ARG H 47 -43.51 -35.97 -69.50
N VAL H 48 -43.92 -35.43 -68.37
CA VAL H 48 -44.09 -34.02 -68.27
C VAL H 48 -42.79 -33.39 -68.70
N ARG H 49 -41.68 -33.90 -68.20
CA ARG H 49 -40.40 -33.29 -68.53
C ARG H 49 -40.11 -33.39 -70.00
N TYR H 50 -40.44 -34.52 -70.60
CA TYR H 50 -40.14 -34.75 -72.02
C TYR H 50 -40.90 -33.82 -72.98
N VAL H 51 -42.17 -33.57 -72.70
CA VAL H 51 -42.96 -32.67 -73.54
C VAL H 51 -42.50 -31.30 -73.23
N GLN H 52 -42.05 -31.10 -72.00
CA GLN H 52 -41.46 -29.83 -71.66
C GLN H 52 -40.17 -29.92 -72.44
N ALA H 53 -39.71 -28.83 -73.02
CA ALA H 53 -38.57 -28.94 -73.92
C ALA H 53 -38.78 -30.12 -74.87
N GLY H 54 -39.95 -30.12 -75.51
CA GLY H 54 -40.42 -31.25 -76.28
C GLY H 54 -39.51 -31.70 -77.39
N GLY H 55 -39.19 -32.99 -77.41
CA GLY H 55 -38.37 -33.56 -78.44
C GLY H 55 -36.89 -33.30 -78.30
N VAL H 56 -36.47 -32.59 -77.26
CA VAL H 56 -35.06 -32.34 -76.98
C VAL H 56 -34.82 -32.77 -75.54
N VAL H 57 -34.41 -34.01 -75.35
CA VAL H 57 -34.09 -34.56 -74.04
C VAL H 57 -32.65 -35.05 -74.07
N PRO H 58 -31.69 -34.21 -73.70
CA PRO H 58 -30.27 -34.57 -73.88
C PRO H 58 -29.83 -35.78 -73.09
N GLU H 59 -30.58 -36.18 -72.05
CA GLU H 59 -30.14 -37.33 -71.26
C GLU H 59 -30.19 -38.61 -72.08
N GLU H 60 -31.15 -38.71 -73.00
CA GLU H 60 -31.33 -39.89 -73.86
C GLU H 60 -31.52 -41.18 -73.04
N GLU H 61 -31.86 -41.04 -71.76
CA GLU H 61 -32.15 -42.17 -70.90
C GLU H 61 -33.63 -42.21 -70.51
N ALA H 62 -34.49 -41.65 -71.36
CA ALA H 62 -35.90 -41.58 -71.06
C ALA H 62 -36.59 -42.90 -71.35
N ALA H 63 -36.03 -44.00 -70.84
CA ALA H 63 -36.67 -45.29 -70.93
C ALA H 63 -37.78 -45.46 -69.91
N LYS H 64 -37.76 -44.66 -68.84
CA LYS H 64 -38.85 -44.70 -67.88
C LYS H 64 -40.15 -44.23 -68.50
N ALA H 65 -40.07 -43.44 -69.57
CA ALA H 65 -41.22 -43.07 -70.37
C ALA H 65 -41.26 -43.97 -71.59
N GLY H 66 -42.41 -44.60 -71.83
CA GLY H 66 -42.56 -45.46 -72.99
C GLY H 66 -42.60 -44.74 -74.30
N VAL H 67 -42.22 -43.46 -74.34
CA VAL H 67 -42.27 -42.68 -75.56
C VAL H 67 -41.23 -43.20 -76.55
N SER H 68 -41.62 -43.27 -77.82
CA SER H 68 -40.71 -43.73 -78.86
C SER H 68 -39.58 -42.73 -79.07
N ILE H 69 -38.45 -43.23 -79.56
CA ILE H 69 -37.32 -42.36 -79.84
C ILE H 69 -37.66 -41.43 -81.01
N SER H 70 -37.36 -40.15 -80.84
CA SER H 70 -37.64 -39.15 -81.85
C SER H 70 -36.33 -38.48 -82.26
N SER H 71 -36.36 -37.87 -83.45
CA SER H 71 -35.17 -37.19 -83.98
C SER H 71 -34.92 -35.93 -83.16
N ILE H 72 -34.02 -36.04 -82.19
CA ILE H 72 -33.71 -34.91 -81.33
C ILE H 72 -33.03 -33.80 -82.12
N GLU H 73 -32.21 -34.17 -83.12
CA GLU H 73 -31.46 -33.18 -83.86
C GLU H 73 -32.38 -32.24 -84.63
N ALA H 74 -33.46 -32.78 -85.20
CA ALA H 74 -34.39 -31.94 -85.96
C ALA H 74 -35.03 -30.90 -85.06
N ASP H 75 -35.50 -31.31 -83.89
CA ASP H 75 -36.12 -30.38 -82.97
C ASP H 75 -35.12 -29.34 -82.48
N ASP H 76 -33.89 -29.75 -82.19
CA ASP H 76 -32.89 -28.78 -81.76
C ASP H 76 -32.57 -27.80 -82.87
N ARG H 77 -32.52 -28.28 -84.12
CA ARG H 77 -32.29 -27.38 -85.25
C ARG H 77 -33.42 -26.36 -85.38
N VAL H 78 -34.66 -26.83 -85.25
CA VAL H 78 -35.81 -25.92 -85.34
C VAL H 78 -35.76 -24.89 -84.23
N ARG H 79 -35.45 -25.32 -83.01
CA ARG H 79 -35.39 -24.39 -81.89
C ARG H 79 -34.26 -23.38 -82.05
N LYS H 80 -33.10 -23.83 -82.54
CA LYS H 80 -31.99 -22.91 -82.78
C LYS H 80 -32.38 -21.87 -83.83
N LEU H 81 -33.00 -22.32 -84.93
CA LEU H 81 -33.42 -21.38 -85.97
C LEU H 81 -34.43 -20.38 -85.42
N HIS H 82 -35.36 -20.86 -84.59
CA HIS H 82 -36.39 -19.97 -84.05
C HIS H 82 -35.81 -18.98 -83.06
N LEU H 83 -34.88 -19.42 -82.22
CA LEU H 83 -34.30 -18.51 -81.23
C LEU H 83 -33.34 -17.52 -81.86
N SER H 84 -32.71 -17.89 -82.98
CA SER H 84 -31.89 -16.94 -83.72
C SER H 84 -32.73 -15.78 -84.24
N ARG H 85 -34.04 -15.98 -84.43
CA ARG H 85 -34.90 -14.92 -84.94
C ARG H 85 -35.02 -13.78 -83.94
N GLY H 86 -34.90 -14.07 -82.65
CA GLY H 86 -35.04 -13.07 -81.61
C GLY H 86 -36.21 -13.26 -80.67
N LYS H 87 -36.96 -14.35 -80.83
CA LYS H 87 -38.11 -14.64 -79.97
C LYS H 87 -37.84 -15.90 -79.17
N MET H 88 -38.28 -15.92 -77.93
CA MET H 88 -37.98 -17.02 -77.01
C MET H 88 -38.91 -18.21 -77.30
N LEU H 89 -38.35 -19.31 -77.82
CA LEU H 89 -39.12 -20.53 -78.05
C LEU H 89 -39.10 -21.35 -76.77
N ALA H 90 -40.12 -21.14 -75.94
CA ALA H 90 -40.38 -21.93 -74.76
C ALA H 90 -41.64 -21.42 -74.09
N ARG H 91 -41.96 -22.01 -72.96
CA ARG H 91 -42.92 -21.42 -72.06
C ARG H 91 -42.35 -20.26 -71.27
N ASP H 92 -41.11 -19.85 -71.62
CA ASP H 92 -40.40 -18.83 -70.86
C ASP H 92 -41.20 -17.54 -70.73
N ARG H 93 -41.97 -17.19 -71.77
CA ARG H 93 -42.80 -16.00 -71.72
C ARG H 93 -43.68 -16.00 -70.46
N ILE H 94 -44.15 -17.18 -70.07
CA ILE H 94 -45.04 -17.28 -68.93
C ILE H 94 -44.31 -16.94 -67.63
N GLU H 95 -43.24 -17.66 -67.29
CA GLU H 95 -42.63 -17.43 -65.99
C GLU H 95 -41.90 -16.10 -65.94
N ARG H 96 -41.57 -15.54 -67.10
CA ARG H 96 -41.20 -14.13 -67.11
C ARG H 96 -42.39 -13.24 -66.78
N LEU H 97 -43.59 -13.63 -67.23
CA LEU H 97 -44.76 -12.76 -67.06
C LEU H 97 -45.30 -12.78 -65.64
N ILE H 98 -45.25 -13.92 -64.95
CA ILE H 98 -45.84 -14.06 -63.62
C ILE H 98 -44.86 -13.55 -62.57
N ASP H 99 -45.39 -13.00 -61.49
CA ASP H 99 -44.57 -12.43 -60.43
C ASP H 99 -43.73 -13.53 -59.77
N PRO H 100 -42.47 -13.25 -59.42
CA PRO H 100 -41.66 -14.26 -58.74
C PRO H 100 -42.18 -14.55 -57.35
N GLY H 101 -41.96 -15.78 -56.89
CA GLY H 101 -42.41 -16.21 -55.59
C GLY H 101 -43.87 -16.60 -55.51
N THR H 102 -44.57 -16.64 -56.65
CA THR H 102 -45.99 -16.92 -56.72
C THR H 102 -46.22 -18.32 -57.25
N ARG H 103 -47.48 -18.69 -57.36
CA ARG H 103 -47.87 -20.05 -57.76
C ARG H 103 -48.25 -20.11 -59.23
N PHE H 104 -48.41 -21.34 -59.71
CA PHE H 104 -48.84 -21.63 -61.07
C PHE H 104 -49.56 -22.97 -61.04
N LEU H 105 -50.35 -23.24 -62.09
CA LEU H 105 -51.12 -24.47 -62.08
C LEU H 105 -50.86 -25.39 -63.27
N GLU H 106 -50.70 -24.84 -64.48
CA GLU H 106 -50.62 -25.63 -65.70
C GLU H 106 -51.87 -26.51 -65.85
N LEU H 107 -52.99 -25.82 -66.06
CA LEU H 107 -54.30 -26.45 -66.13
C LEU H 107 -54.32 -27.75 -66.93
N SER H 108 -54.03 -27.67 -68.22
CA SER H 108 -54.01 -28.84 -69.09
C SER H 108 -52.58 -29.10 -69.53
N GLN H 109 -52.11 -30.31 -69.31
CA GLN H 109 -50.75 -30.72 -69.62
C GLN H 109 -50.80 -32.10 -70.27
N LEU H 110 -49.72 -32.43 -70.99
CA LEU H 110 -49.69 -33.65 -71.80
C LEU H 110 -50.82 -33.67 -72.82
N ALA H 111 -51.32 -32.50 -73.18
CA ALA H 111 -52.43 -32.42 -74.12
C ALA H 111 -52.01 -32.97 -75.47
N GLY H 112 -52.92 -33.70 -76.11
CA GLY H 112 -52.62 -34.29 -77.40
C GLY H 112 -51.48 -35.27 -77.34
N TRP H 113 -51.33 -35.98 -76.22
CA TRP H 113 -50.33 -37.03 -76.10
C TRP H 113 -50.67 -38.12 -77.10
N ASP H 114 -49.74 -38.38 -78.03
CA ASP H 114 -49.82 -39.46 -79.03
C ASP H 114 -51.26 -39.70 -79.50
N LEU H 115 -51.88 -38.64 -80.01
CA LEU H 115 -53.29 -38.64 -80.37
C LEU H 115 -53.53 -39.20 -81.78
N TYR H 116 -52.93 -38.56 -82.78
CA TYR H 116 -53.22 -38.86 -84.18
C TYR H 116 -52.26 -39.94 -84.69
N TRP H 117 -52.78 -40.87 -85.47
CA TRP H 117 -51.94 -41.87 -86.13
C TRP H 117 -51.65 -41.44 -87.56
N ASP H 118 -50.38 -41.31 -87.89
CA ASP H 118 -50.00 -40.80 -89.19
C ASP H 118 -50.11 -41.90 -90.26
N ASP H 119 -49.72 -41.55 -91.49
CA ASP H 119 -49.66 -42.55 -92.55
C ASP H 119 -48.64 -43.63 -92.21
N LYS H 120 -47.50 -43.24 -91.65
CA LYS H 120 -46.55 -44.21 -91.15
C LYS H 120 -47.15 -44.95 -89.97
N LYS H 121 -47.14 -46.28 -90.06
CA LYS H 121 -47.87 -47.08 -89.08
C LYS H 121 -47.27 -46.94 -87.69
N LYS H 122 -45.94 -46.90 -87.61
CA LYS H 122 -45.25 -46.80 -86.33
C LYS H 122 -45.08 -45.37 -85.85
N GLU H 123 -45.56 -44.38 -86.60
CA GLU H 123 -45.37 -42.98 -86.25
C GLU H 123 -46.70 -42.33 -85.91
N TYR H 124 -46.70 -41.57 -84.81
CA TYR H 124 -47.79 -40.69 -84.43
C TYR H 124 -47.36 -39.25 -84.66
N GLU H 125 -48.34 -38.35 -84.75
CA GLU H 125 -48.02 -36.94 -84.87
C GLU H 125 -47.38 -36.44 -83.58
N ARG H 126 -46.26 -35.72 -83.71
CA ARG H 126 -45.47 -35.29 -82.56
C ARG H 126 -46.04 -34.00 -82.00
N CYS H 127 -47.19 -34.13 -81.34
CA CYS H 127 -47.80 -33.02 -80.60
C CYS H 127 -47.44 -33.21 -79.13
N TYR H 128 -46.29 -32.68 -78.74
CA TYR H 128 -45.85 -32.80 -77.35
C TYR H 128 -46.81 -32.14 -76.40
N SER H 129 -47.39 -31.02 -76.80
CA SER H 129 -48.49 -30.38 -76.11
C SER H 129 -49.67 -30.28 -77.07
N GLY H 130 -50.71 -29.57 -76.64
CA GLY H 130 -51.86 -29.36 -77.50
C GLY H 130 -51.61 -28.26 -78.51
N GLY H 131 -50.38 -27.77 -78.56
CA GLY H 131 -50.04 -26.60 -79.33
C GLY H 131 -50.07 -25.32 -78.53
N ILE H 132 -50.67 -25.36 -77.34
CA ILE H 132 -50.71 -24.25 -76.41
C ILE H 132 -50.38 -24.78 -75.02
N VAL H 133 -50.11 -23.86 -74.11
CA VAL H 133 -49.93 -24.18 -72.70
C VAL H 133 -50.86 -23.28 -71.90
N THR H 134 -51.61 -23.88 -70.96
CA THR H 134 -52.63 -23.16 -70.22
C THR H 134 -52.43 -23.36 -68.72
N GLY H 135 -52.47 -22.28 -67.98
CA GLY H 135 -52.35 -22.34 -66.54
C GLY H 135 -52.82 -21.04 -65.92
N ILE H 136 -53.18 -21.14 -64.64
CA ILE H 136 -53.64 -19.97 -63.90
C ILE H 136 -52.44 -19.22 -63.37
N GLY H 137 -52.37 -17.93 -63.67
CA GLY H 137 -51.23 -17.12 -63.28
C GLY H 137 -51.65 -15.89 -62.51
N LEU H 138 -50.81 -15.51 -61.56
CA LEU H 138 -51.04 -14.34 -60.71
C LEU H 138 -50.08 -13.24 -61.13
N VAL H 139 -50.61 -12.20 -61.78
CA VAL H 139 -49.80 -11.15 -62.38
C VAL H 139 -50.06 -9.85 -61.63
N ASN H 140 -49.00 -9.26 -61.09
CA ASN H 140 -49.07 -7.94 -60.46
C ASN H 140 -50.12 -7.89 -59.35
N GLY H 141 -50.26 -8.98 -58.60
CA GLY H 141 -51.31 -9.06 -57.60
C GLY H 141 -52.68 -9.37 -58.16
N VAL H 142 -52.78 -9.70 -59.44
CA VAL H 142 -54.04 -9.99 -60.10
C VAL H 142 -53.99 -11.41 -60.64
N ARG H 143 -55.01 -12.21 -60.32
CA ARG H 143 -55.11 -13.56 -60.84
C ARG H 143 -55.64 -13.53 -62.27
N CYS H 144 -54.96 -14.25 -63.17
CA CYS H 144 -55.31 -14.23 -64.58
C CYS H 144 -55.13 -15.61 -65.19
N MET H 145 -55.83 -15.81 -66.31
CA MET H 145 -55.68 -17.01 -67.13
C MET H 145 -54.62 -16.74 -68.17
N LEU H 146 -53.68 -17.67 -68.32
CA LEU H 146 -52.59 -17.53 -69.28
C LEU H 146 -52.69 -18.60 -70.35
N VAL H 147 -52.80 -18.18 -71.60
CA VAL H 147 -52.83 -19.08 -72.76
C VAL H 147 -51.72 -18.65 -73.69
N ALA H 148 -50.82 -19.57 -74.02
CA ALA H 148 -49.67 -19.28 -74.87
C ALA H 148 -49.64 -20.25 -76.04
N ASN H 149 -49.61 -19.73 -77.26
CA ASN H 149 -49.55 -20.56 -78.45
C ASN H 149 -48.10 -21.00 -78.66
N ASP H 150 -47.88 -22.31 -78.68
CA ASP H 150 -46.53 -22.80 -78.88
C ASP H 150 -46.12 -22.61 -80.34
N ALA H 151 -44.80 -22.54 -80.55
CA ALA H 151 -44.29 -22.27 -81.90
C ALA H 151 -44.24 -23.54 -82.74
N THR H 152 -44.80 -24.64 -82.24
CA THR H 152 -44.89 -25.84 -83.05
C THR H 152 -45.94 -25.67 -84.15
N VAL H 153 -45.47 -25.38 -85.37
CA VAL H 153 -46.33 -25.26 -86.52
C VAL H 153 -46.06 -26.32 -87.57
N LYS H 154 -45.24 -27.33 -87.23
CA LYS H 154 -44.86 -28.36 -88.18
C LYS H 154 -46.08 -29.18 -88.62
N GLY H 155 -46.98 -29.49 -87.69
CA GLY H 155 -48.17 -30.22 -88.07
C GLY H 155 -49.30 -29.29 -88.51
N GLY H 156 -49.23 -28.02 -88.14
CA GLY H 156 -50.30 -27.08 -88.39
C GLY H 156 -50.66 -26.36 -87.12
N THR H 157 -51.21 -25.15 -87.22
CA THR H 157 -51.43 -24.34 -86.02
C THR H 157 -52.36 -25.02 -85.03
N TYR H 158 -53.61 -25.22 -85.42
CA TYR H 158 -54.64 -25.63 -84.48
C TYR H 158 -55.32 -26.91 -84.91
N TYR H 159 -55.61 -27.77 -83.93
CA TYR H 159 -56.20 -29.09 -84.08
C TYR H 159 -57.51 -29.16 -83.31
N PRO H 160 -58.26 -30.27 -83.47
CA PRO H 160 -59.48 -30.45 -82.65
C PRO H 160 -59.20 -30.50 -81.16
N ILE H 161 -57.93 -30.71 -80.80
CA ILE H 161 -57.52 -30.65 -79.40
C ILE H 161 -57.02 -29.26 -79.01
N THR H 162 -56.65 -28.43 -79.97
CA THR H 162 -56.16 -27.09 -79.65
C THR H 162 -57.30 -26.12 -79.38
N VAL H 163 -58.28 -26.08 -80.30
CA VAL H 163 -59.41 -25.18 -80.12
C VAL H 163 -60.22 -25.57 -78.90
N LYS H 164 -60.33 -26.87 -78.61
CA LYS H 164 -61.04 -27.29 -77.41
C LYS H 164 -60.33 -26.80 -76.16
N LYS H 165 -58.99 -26.85 -76.15
CA LYS H 165 -58.24 -26.33 -75.01
C LYS H 165 -58.44 -24.83 -74.84
N HIS H 166 -58.37 -24.09 -75.96
CA HIS H 166 -58.60 -22.64 -75.90
C HIS H 166 -59.99 -22.31 -75.39
N LEU H 167 -61.00 -23.04 -75.87
CA LEU H 167 -62.37 -22.77 -75.46
C LEU H 167 -62.61 -23.16 -74.00
N ARG H 168 -61.98 -24.24 -73.55
CA ARG H 168 -62.07 -24.59 -72.13
C ARG H 168 -61.47 -23.49 -71.27
N ALA H 169 -60.33 -22.94 -71.70
CA ALA H 169 -59.73 -21.84 -70.96
C ALA H 169 -60.64 -20.62 -70.93
N GLN H 170 -61.26 -20.29 -72.06
CA GLN H 170 -62.16 -19.14 -72.10
C GLN H 170 -63.38 -19.35 -71.20
N LYS H 171 -63.97 -20.54 -71.23
CA LYS H 171 -65.11 -20.82 -70.37
C LYS H 171 -64.72 -20.73 -68.90
N ILE H 172 -63.56 -21.26 -68.55
CA ILE H 172 -63.09 -21.18 -67.16
C ILE H 172 -62.92 -19.73 -66.74
N ALA H 173 -62.28 -18.92 -67.58
CA ALA H 173 -62.06 -17.52 -67.24
C ALA H 173 -63.38 -16.78 -67.09
N GLU H 174 -64.33 -17.02 -67.99
CA GLU H 174 -65.62 -16.33 -67.90
C GLU H 174 -66.38 -16.74 -66.64
N GLN H 175 -66.37 -18.03 -66.31
CA GLN H 175 -67.04 -18.48 -65.10
C GLN H 175 -66.41 -17.85 -63.86
N ASN H 176 -65.09 -17.76 -63.84
CA ASN H 176 -64.38 -17.32 -62.65
C ASN H 176 -64.02 -15.84 -62.68
N HIS H 177 -64.31 -15.13 -63.77
CA HIS H 177 -63.96 -13.72 -63.90
C HIS H 177 -62.47 -13.48 -63.65
N LEU H 178 -61.65 -14.34 -64.24
CA LEU H 178 -60.23 -14.11 -64.32
C LEU H 178 -59.91 -13.57 -65.70
N PRO H 179 -59.30 -12.39 -65.82
CA PRO H 179 -58.89 -11.91 -67.14
C PRO H 179 -57.90 -12.84 -67.81
N CYS H 180 -57.96 -12.89 -69.14
CA CYS H 180 -57.11 -13.77 -69.94
C CYS H 180 -55.94 -12.98 -70.53
N ILE H 181 -54.83 -13.67 -70.75
CA ILE H 181 -53.73 -13.15 -71.55
C ILE H 181 -53.36 -14.23 -72.56
N TYR H 182 -53.39 -13.88 -73.84
CA TYR H 182 -53.09 -14.79 -74.92
C TYR H 182 -51.76 -14.42 -75.53
N LEU H 183 -50.87 -15.40 -75.68
CA LEU H 183 -49.61 -15.22 -76.38
C LEU H 183 -49.76 -15.88 -77.75
N VAL H 184 -49.75 -15.06 -78.80
CA VAL H 184 -50.21 -15.47 -80.12
C VAL H 184 -48.99 -15.72 -80.99
N ASP H 185 -48.82 -16.97 -81.42
CA ASP H 185 -47.92 -17.31 -82.51
C ASP H 185 -48.57 -18.45 -83.29
N SER H 186 -48.80 -18.22 -84.59
CA SER H 186 -49.59 -19.13 -85.41
C SER H 186 -48.94 -19.33 -86.76
N GLY H 187 -49.20 -20.50 -87.34
CA GLY H 187 -48.94 -20.76 -88.74
C GLY H 187 -50.17 -20.63 -89.60
N GLY H 188 -51.20 -19.94 -89.14
CA GLY H 188 -52.44 -19.82 -89.87
C GLY H 188 -53.47 -20.85 -89.45
N ALA H 189 -53.91 -21.67 -90.39
CA ALA H 189 -54.87 -22.73 -90.14
C ALA H 189 -54.27 -24.07 -90.55
N ASN H 190 -55.06 -25.13 -90.36
CA ASN H 190 -54.73 -26.46 -90.85
C ASN H 190 -55.68 -26.81 -91.98
N LEU H 191 -55.20 -26.71 -93.22
CA LEU H 191 -56.03 -26.94 -94.39
C LEU H 191 -56.22 -28.42 -94.69
N SER H 192 -55.84 -29.30 -93.77
CA SER H 192 -56.05 -30.74 -93.92
C SER H 192 -57.28 -31.22 -93.15
N ARG H 193 -57.34 -30.90 -91.85
CA ARG H 193 -58.49 -31.21 -91.02
C ARG H 193 -59.45 -30.03 -90.88
N GLN H 194 -59.55 -29.19 -91.91
CA GLN H 194 -60.29 -27.94 -91.80
C GLN H 194 -61.78 -28.19 -91.54
N ASP H 195 -62.34 -29.22 -92.18
CA ASP H 195 -63.74 -29.56 -91.92
C ASP H 195 -63.95 -29.90 -90.45
N ASP H 196 -62.92 -30.42 -89.79
CA ASP H 196 -63.06 -30.85 -88.40
C ASP H 196 -62.89 -29.68 -87.44
N VAL H 197 -62.25 -28.60 -87.88
CA VAL H 197 -61.90 -27.51 -86.98
C VAL H 197 -62.59 -26.19 -87.32
N PHE H 198 -62.92 -25.95 -88.59
CA PHE H 198 -63.48 -24.65 -88.95
C PHE H 198 -65.01 -24.57 -88.80
N PRO H 199 -65.75 -25.41 -89.55
CA PRO H 199 -67.21 -25.25 -89.49
C PRO H 199 -67.86 -25.84 -88.25
N ASP H 200 -69.18 -26.01 -88.26
CA ASP H 200 -69.91 -26.57 -87.12
C ASP H 200 -69.86 -25.62 -85.92
N GLU H 201 -70.09 -26.15 -84.73
CA GLU H 201 -70.11 -25.30 -83.53
C GLU H 201 -69.02 -25.72 -82.55
N GLN H 202 -68.77 -24.90 -81.54
CA GLN H 202 -67.69 -25.19 -80.60
C GLN H 202 -66.38 -25.23 -81.37
N HIS H 203 -66.27 -24.36 -82.36
CA HIS H 203 -65.07 -24.32 -83.19
C HIS H 203 -64.36 -22.99 -83.14
N PHE H 204 -63.64 -22.64 -84.21
CA PHE H 204 -62.85 -21.42 -84.19
C PHE H 204 -63.71 -20.17 -84.14
N GLY H 205 -64.98 -20.24 -84.52
CA GLY H 205 -65.85 -19.09 -84.38
C GLY H 205 -66.23 -18.81 -82.92
N ARG H 206 -66.32 -19.86 -82.11
CA ARG H 206 -66.71 -19.65 -80.71
C ARG H 206 -65.64 -18.91 -79.92
N ILE H 207 -64.38 -18.98 -80.37
CA ILE H 207 -63.35 -18.15 -79.77
C ILE H 207 -63.70 -16.68 -79.94
N PHE H 208 -64.09 -16.30 -81.15
CA PHE H 208 -64.48 -14.92 -81.41
C PHE H 208 -65.76 -14.56 -80.66
N TYR H 209 -66.66 -15.53 -80.51
CA TYR H 209 -67.88 -15.29 -79.74
C TYR H 209 -67.54 -14.99 -78.28
N ASN H 210 -66.63 -15.77 -77.70
CA ASN H 210 -66.29 -15.61 -76.29
C ASN H 210 -65.53 -14.31 -76.05
N GLU H 211 -64.64 -13.95 -76.97
CA GLU H 211 -63.88 -12.71 -76.77
C GLU H 211 -64.75 -11.46 -76.83
N ALA H 212 -65.99 -11.58 -77.30
CA ALA H 212 -66.94 -10.49 -77.24
C ALA H 212 -67.89 -10.59 -76.05
N GLN H 213 -68.35 -11.81 -75.75
CA GLN H 213 -69.20 -11.99 -74.58
C GLN H 213 -68.48 -11.60 -73.29
N MET H 214 -67.17 -11.84 -73.24
CA MET H 214 -66.40 -11.40 -72.07
C MET H 214 -66.42 -9.89 -71.94
N SER H 215 -66.18 -9.17 -73.03
CA SER H 215 -66.13 -7.71 -72.96
C SER H 215 -67.50 -7.12 -72.72
N ILE H 216 -68.57 -7.89 -73.00
CA ILE H 216 -69.89 -7.45 -72.58
C ILE H 216 -69.97 -7.43 -71.05
N LYS H 217 -69.49 -8.48 -70.40
CA LYS H 217 -69.48 -8.55 -68.94
C LYS H 217 -68.34 -7.73 -68.34
N SER H 218 -67.65 -6.94 -69.15
CA SER H 218 -66.57 -6.06 -68.69
C SER H 218 -65.45 -6.83 -68.00
N ILE H 219 -65.07 -7.97 -68.58
CA ILE H 219 -63.95 -8.76 -68.10
C ILE H 219 -62.81 -8.54 -69.10
N SER H 220 -61.94 -7.57 -68.84
CA SER H 220 -60.95 -7.17 -69.82
C SER H 220 -60.02 -8.32 -70.15
N GLN H 221 -59.61 -8.39 -71.42
CA GLN H 221 -58.75 -9.45 -71.94
C GLN H 221 -57.63 -8.82 -72.74
N ILE H 222 -56.49 -9.51 -72.78
CA ILE H 222 -55.27 -8.97 -73.39
C ILE H 222 -54.65 -10.06 -74.26
N ALA H 223 -54.15 -9.66 -75.43
CA ALA H 223 -53.47 -10.57 -76.34
C ALA H 223 -52.15 -9.97 -76.77
N VAL H 224 -51.15 -10.83 -76.96
CA VAL H 224 -49.83 -10.42 -77.42
C VAL H 224 -49.54 -11.12 -78.74
N VAL H 225 -49.21 -10.35 -79.77
CA VAL H 225 -49.01 -10.89 -81.10
C VAL H 225 -47.52 -11.02 -81.37
N MET H 226 -46.97 -12.20 -81.08
CA MET H 226 -45.54 -12.41 -81.25
C MET H 226 -45.21 -12.73 -82.70
N GLY H 227 -46.06 -13.50 -83.37
CA GLY H 227 -45.88 -13.84 -84.76
C GLY H 227 -47.18 -13.69 -85.53
N SER H 228 -47.20 -14.26 -86.73
CA SER H 228 -48.35 -14.11 -87.61
C SER H 228 -49.58 -14.81 -87.03
N CYS H 229 -50.74 -14.17 -87.17
CA CYS H 229 -52.03 -14.77 -86.87
C CYS H 229 -52.97 -14.51 -88.06
N THR H 230 -52.93 -15.40 -89.04
CA THR H 230 -53.71 -15.23 -90.26
C THR H 230 -54.95 -16.12 -90.19
N ALA H 231 -55.69 -16.18 -91.31
CA ALA H 231 -56.80 -17.11 -91.49
C ALA H 231 -57.84 -17.00 -90.38
N GLY H 232 -58.27 -15.77 -90.08
CA GLY H 232 -59.22 -15.56 -89.01
C GLY H 232 -58.55 -15.40 -87.67
N GLY H 233 -57.23 -15.64 -87.62
CA GLY H 233 -56.48 -15.37 -86.41
C GLY H 233 -56.16 -13.91 -86.18
N ALA H 234 -56.41 -13.06 -87.18
CA ALA H 234 -56.12 -11.64 -87.04
C ALA H 234 -57.23 -10.88 -86.33
N TYR H 235 -58.34 -11.55 -86.00
CA TYR H 235 -59.42 -10.85 -85.32
C TYR H 235 -59.15 -10.69 -83.82
N VAL H 236 -58.42 -11.63 -83.22
CA VAL H 236 -58.07 -11.49 -81.80
C VAL H 236 -57.28 -10.22 -81.52
N PRO H 237 -56.26 -9.86 -82.31
CA PRO H 237 -55.67 -8.53 -82.13
C PRO H 237 -56.67 -7.40 -82.34
N ALA H 238 -57.64 -7.60 -83.23
CA ALA H 238 -58.65 -6.58 -83.47
C ALA H 238 -59.69 -6.56 -82.35
N MET H 239 -60.07 -7.75 -81.86
CA MET H 239 -60.99 -7.88 -80.74
C MET H 239 -60.16 -8.02 -79.47
N ALA H 240 -59.72 -6.90 -78.93
CA ALA H 240 -58.87 -6.91 -77.74
C ALA H 240 -58.87 -5.52 -77.12
N ASP H 241 -58.98 -5.49 -75.79
CA ASP H 241 -58.85 -4.23 -75.08
C ASP H 241 -57.45 -3.65 -75.24
N GLU H 242 -56.44 -4.51 -75.15
CA GLU H 242 -55.05 -4.14 -75.34
C GLU H 242 -54.38 -5.22 -76.17
N ASN H 243 -53.57 -4.84 -77.14
CA ASN H 243 -52.85 -5.78 -77.97
C ASN H 243 -51.44 -5.28 -78.19
N ILE H 244 -50.51 -6.22 -78.39
CA ILE H 244 -49.09 -5.91 -78.49
C ILE H 244 -48.56 -6.52 -79.77
N ILE H 245 -47.85 -5.72 -80.56
CA ILE H 245 -47.23 -6.16 -81.81
C ILE H 245 -45.74 -5.87 -81.69
N VAL H 246 -44.92 -6.93 -81.80
CA VAL H 246 -43.48 -6.78 -81.70
C VAL H 246 -42.96 -6.06 -82.94
N ALA H 247 -41.88 -5.30 -82.75
CA ALA H 247 -41.46 -4.32 -83.77
C ALA H 247 -41.09 -5.00 -85.08
N ARG H 248 -40.40 -6.14 -85.04
CA ARG H 248 -39.92 -6.78 -86.25
C ARG H 248 -40.76 -7.98 -86.66
N ASN H 249 -40.90 -8.98 -85.80
CA ASN H 249 -41.50 -10.24 -86.20
C ASN H 249 -43.00 -10.34 -85.89
N GLY H 250 -43.61 -9.30 -85.33
CA GLY H 250 -45.04 -9.31 -85.10
C GLY H 250 -45.84 -8.95 -86.32
N THR H 251 -46.65 -9.87 -86.83
CA THR H 251 -47.38 -9.66 -88.07
C THR H 251 -48.84 -10.10 -87.90
N ILE H 252 -49.74 -9.35 -88.54
CA ILE H 252 -51.17 -9.68 -88.55
C ILE H 252 -51.69 -9.53 -89.98
N PHE H 253 -52.38 -10.57 -90.47
CA PHE H 253 -52.84 -10.58 -91.85
C PHE H 253 -54.24 -11.18 -91.93
N LEU H 254 -55.06 -10.58 -92.80
CA LEU H 254 -56.31 -11.22 -93.21
C LEU H 254 -56.16 -11.96 -94.53
N GLY H 255 -55.19 -11.59 -95.32
CA GLY H 255 -54.84 -12.33 -96.53
C GLY H 255 -53.35 -12.55 -96.61
N GLY H 256 -52.97 -13.79 -96.92
CA GLY H 256 -51.59 -14.20 -96.92
C GLY H 256 -50.75 -13.58 -98.02
N PRO H 257 -49.44 -13.51 -97.80
CA PRO H 257 -48.53 -12.98 -98.83
C PRO H 257 -48.61 -13.77 -100.13
N PRO H 258 -48.76 -15.10 -100.10
CA PRO H 258 -49.04 -15.80 -101.37
C PRO H 258 -50.38 -15.44 -101.99
N LEU H 259 -51.32 -14.91 -101.20
CA LEU H 259 -52.67 -14.72 -101.71
C LEU H 259 -52.75 -13.51 -102.64
N VAL H 260 -51.90 -12.50 -102.43
CA VAL H 260 -51.90 -11.36 -103.35
C VAL H 260 -51.49 -11.83 -104.75
N LEU H 261 -50.56 -12.77 -104.84
CA LEU H 261 -50.24 -13.36 -106.13
C LEU H 261 -51.42 -14.19 -106.62
N ALA H 262 -51.56 -14.27 -107.94
CA ALA H 262 -52.67 -14.89 -108.66
C ALA H 262 -53.96 -14.08 -108.54
N ALA H 263 -53.97 -12.99 -107.77
CA ALA H 263 -55.08 -12.05 -107.73
C ALA H 263 -54.47 -10.66 -107.54
N THR H 264 -54.17 -9.98 -108.64
CA THR H 264 -53.42 -8.73 -108.64
C THR H 264 -52.09 -8.91 -107.88
N GLY H 265 -51.23 -9.72 -108.47
CA GLY H 265 -49.99 -10.11 -107.83
C GLY H 265 -48.89 -9.07 -107.83
N GLU H 266 -49.22 -7.84 -107.47
CA GLU H 266 -48.22 -6.79 -107.31
C GLU H 266 -47.60 -6.95 -105.92
N LYS H 267 -46.74 -7.95 -105.79
CA LYS H 267 -46.18 -8.31 -104.49
C LYS H 267 -45.31 -7.18 -103.96
N VAL H 268 -45.48 -6.89 -102.67
CA VAL H 268 -44.64 -5.94 -101.95
C VAL H 268 -44.23 -6.57 -100.63
N SER H 269 -43.49 -5.79 -99.83
CA SER H 269 -42.85 -6.32 -98.64
C SER H 269 -43.87 -6.79 -97.61
N SER H 270 -43.51 -7.86 -96.88
CA SER H 270 -44.43 -8.43 -95.91
C SER H 270 -44.74 -7.43 -94.79
N GLU H 271 -43.86 -6.45 -94.57
CA GLU H 271 -44.17 -5.40 -93.62
C GLU H 271 -45.40 -4.62 -94.04
N GLU H 272 -45.50 -4.26 -95.32
CA GLU H 272 -46.59 -3.42 -95.79
C GLU H 272 -47.91 -4.18 -95.91
N LEU H 273 -47.88 -5.51 -95.87
CA LEU H 273 -49.07 -6.33 -96.04
C LEU H 273 -49.90 -6.45 -94.77
N GLY H 274 -49.42 -5.90 -93.66
CA GLY H 274 -50.13 -5.96 -92.40
C GLY H 274 -49.26 -6.22 -91.20
N GLY H 275 -47.96 -6.41 -91.36
CA GLY H 275 -47.10 -6.65 -90.23
C GLY H 275 -46.89 -5.39 -89.41
N ALA H 276 -45.99 -5.50 -88.44
CA ALA H 276 -45.69 -4.37 -87.58
C ALA H 276 -45.22 -3.20 -88.42
N ASP H 277 -46.05 -2.17 -88.52
CA ASP H 277 -45.78 -1.02 -89.37
C ASP H 277 -45.57 0.20 -88.50
N VAL H 278 -44.35 0.37 -87.99
CA VAL H 278 -44.04 1.51 -87.16
C VAL H 278 -43.54 2.63 -88.07
N HIS H 279 -44.48 3.34 -88.69
CA HIS H 279 -44.17 4.50 -89.51
C HIS H 279 -45.30 5.52 -89.43
N CYS H 280 -46.10 5.45 -88.35
CA CYS H 280 -47.26 6.31 -88.16
C CYS H 280 -48.26 6.16 -89.29
N ARG H 281 -48.54 4.91 -89.66
CA ARG H 281 -49.52 4.63 -90.71
C ARG H 281 -50.90 5.14 -90.30
N ILE H 282 -51.81 5.15 -91.26
CA ILE H 282 -53.16 5.63 -90.97
C ILE H 282 -53.88 4.68 -90.02
N SER H 283 -53.52 3.40 -90.06
CA SER H 283 -54.21 2.42 -89.23
C SER H 283 -53.92 2.63 -87.76
N GLY H 284 -54.98 2.72 -86.96
CA GLY H 284 -54.83 2.73 -85.53
C GLY H 284 -55.01 1.34 -84.95
N VAL H 285 -54.27 0.38 -85.48
CA VAL H 285 -54.40 -1.01 -85.08
C VAL H 285 -53.22 -1.39 -84.20
N GLY H 286 -53.53 -1.96 -83.04
CA GLY H 286 -52.51 -2.45 -82.14
C GLY H 286 -52.05 -1.39 -81.16
N ASP H 287 -52.34 -1.59 -79.88
CA ASP H 287 -52.09 -0.55 -78.89
C ASP H 287 -50.61 -0.32 -78.65
N HIS H 288 -49.83 -1.38 -78.51
CA HIS H 288 -48.45 -1.27 -78.08
C HIS H 288 -47.51 -1.74 -79.18
N TYR H 289 -46.47 -0.94 -79.42
CA TYR H 289 -45.38 -1.31 -80.33
C TYR H 289 -44.10 -1.35 -79.51
N ALA H 290 -43.59 -2.56 -79.28
CA ALA H 290 -42.48 -2.79 -78.37
C ALA H 290 -41.28 -3.29 -79.13
N THR H 291 -40.10 -2.74 -78.82
CA THR H 291 -38.90 -3.03 -79.58
C THR H 291 -38.32 -4.41 -79.28
N ASP H 292 -38.63 -4.99 -78.13
CA ASP H 292 -38.01 -6.24 -77.73
C ASP H 292 -39.02 -7.09 -76.99
N ASP H 293 -38.70 -8.38 -76.86
CA ASP H 293 -39.57 -9.30 -76.15
C ASP H 293 -39.79 -8.85 -74.71
N LEU H 294 -38.71 -8.46 -74.04
CA LEU H 294 -38.82 -7.98 -72.67
C LEU H 294 -39.66 -6.72 -72.60
N HIS H 295 -39.49 -5.81 -73.57
CA HIS H 295 -40.30 -4.59 -73.61
C HIS H 295 -41.77 -4.91 -73.76
N ALA H 296 -42.11 -5.86 -74.64
CA ALA H 296 -43.51 -6.22 -74.85
C ALA H 296 -44.10 -6.87 -73.60
N LEU H 297 -43.36 -7.80 -72.99
CA LEU H 297 -43.84 -8.44 -71.78
C LEU H 297 -44.04 -7.40 -70.67
N TYR H 298 -43.12 -6.44 -70.60
CA TYR H 298 -43.20 -5.40 -69.58
C TYR H 298 -44.42 -4.52 -69.79
N LEU H 299 -44.73 -4.17 -71.04
CA LEU H 299 -45.92 -3.37 -71.31
C LEU H 299 -47.20 -4.17 -71.04
N ALA H 300 -47.17 -5.47 -71.32
CA ALA H 300 -48.31 -6.32 -70.96
C ALA H 300 -48.56 -6.29 -69.47
N ARG H 301 -47.49 -6.45 -68.69
CA ARG H 301 -47.60 -6.36 -67.23
C ARG H 301 -48.14 -5.00 -66.80
N ARG H 302 -47.64 -3.93 -67.41
CA ARG H 302 -48.06 -2.58 -67.05
C ARG H 302 -49.54 -2.36 -67.34
N ALA H 303 -50.02 -2.85 -68.49
CA ALA H 303 -51.44 -2.76 -68.79
C ALA H 303 -52.27 -3.59 -67.82
N VAL H 304 -51.80 -4.79 -67.48
CA VAL H 304 -52.51 -5.62 -66.49
C VAL H 304 -52.64 -4.87 -65.17
N ALA H 305 -51.63 -4.06 -64.85
CA ALA H 305 -51.65 -3.37 -63.56
C ALA H 305 -52.86 -2.44 -63.43
N ASN H 306 -53.17 -1.68 -64.48
CA ASN H 306 -54.21 -0.66 -64.39
C ASN H 306 -55.60 -1.22 -64.63
N LEU H 307 -56.02 -2.21 -63.82
CA LEU H 307 -57.34 -2.79 -63.92
C LEU H 307 -58.14 -2.70 -62.63
N ASN H 308 -57.52 -2.34 -61.52
CA ASN H 308 -58.11 -2.18 -60.20
C ASN H 308 -58.54 -3.48 -59.56
N LEU H 309 -58.05 -4.63 -60.03
CA LEU H 309 -58.46 -5.91 -59.44
C LEU H 309 -57.63 -6.28 -58.22
N LYS H 310 -56.53 -5.56 -57.99
CA LYS H 310 -55.65 -5.92 -56.88
C LYS H 310 -56.36 -5.80 -55.55
N GLU H 311 -57.09 -4.71 -55.35
CA GLU H 311 -57.82 -4.51 -54.09
C GLU H 311 -58.84 -5.63 -53.89
N HIS H 312 -59.58 -5.97 -54.94
CA HIS H 312 -60.65 -6.95 -54.83
C HIS H 312 -60.09 -8.34 -54.51
N ASN H 313 -59.01 -8.74 -55.19
CA ASN H 313 -58.40 -10.03 -54.90
C ASN H 313 -57.79 -10.06 -53.50
N GLU H 314 -57.11 -8.99 -53.10
CA GLU H 314 -56.49 -8.95 -51.79
C GLU H 314 -57.53 -9.05 -50.69
N ALA H 315 -58.66 -8.36 -50.86
CA ALA H 315 -59.73 -8.47 -49.90
C ALA H 315 -60.32 -9.88 -49.89
N ARG H 316 -60.54 -10.46 -51.07
CA ARG H 316 -61.24 -11.74 -51.10
C ARG H 316 -60.36 -12.90 -50.67
N ASN H 317 -59.13 -12.96 -51.15
CA ASN H 317 -58.18 -14.00 -50.73
C ASN H 317 -57.11 -13.39 -49.84
N PRO H 318 -57.08 -13.72 -48.55
CA PRO H 318 -56.07 -13.12 -47.67
C PRO H 318 -54.67 -13.55 -48.08
N THR H 319 -53.80 -12.55 -48.31
CA THR H 319 -52.45 -12.84 -48.79
C THR H 319 -51.56 -13.36 -47.66
N ASP H 320 -51.83 -12.95 -46.43
CA ASP H 320 -50.98 -13.26 -45.29
C ASP H 320 -51.69 -14.25 -44.37
N VAL H 321 -51.42 -15.53 -44.54
CA VAL H 321 -52.10 -16.59 -43.81
C VAL H 321 -51.07 -17.55 -43.23
N LYS H 322 -51.48 -18.25 -42.18
CA LYS H 322 -50.61 -19.20 -41.50
C LYS H 322 -50.95 -20.61 -41.96
N PRO H 323 -50.05 -21.30 -42.64
CA PRO H 323 -50.39 -22.63 -43.14
C PRO H 323 -50.52 -23.63 -42.00
N VAL H 324 -51.60 -24.41 -42.06
CA VAL H 324 -51.88 -25.46 -41.08
C VAL H 324 -51.70 -26.80 -41.77
N PRO H 325 -50.69 -27.59 -41.40
CA PRO H 325 -50.44 -28.84 -42.10
C PRO H 325 -51.26 -29.97 -41.50
N PRO H 326 -51.46 -31.06 -42.24
CA PRO H 326 -52.16 -32.21 -41.66
C PRO H 326 -51.29 -32.93 -40.66
N LEU H 327 -51.92 -33.79 -39.86
CA LEU H 327 -51.26 -34.50 -38.78
C LEU H 327 -50.41 -35.67 -39.27
N TYR H 328 -50.61 -36.13 -40.50
CA TYR H 328 -49.91 -37.30 -41.01
C TYR H 328 -49.18 -36.96 -42.30
N ASP H 329 -48.14 -37.71 -42.59
CA ASP H 329 -47.22 -37.35 -43.66
C ASP H 329 -47.88 -37.60 -45.02
N PRO H 330 -47.89 -36.61 -45.92
CA PRO H 330 -48.56 -36.78 -47.21
C PRO H 330 -47.91 -37.82 -48.13
N ARG H 331 -46.69 -38.28 -47.82
CA ARG H 331 -46.10 -39.33 -48.63
C ARG H 331 -46.86 -40.64 -48.49
N GLU H 332 -47.59 -40.81 -47.39
CA GLU H 332 -48.35 -42.05 -47.16
C GLU H 332 -49.58 -42.18 -48.04
N LEU H 333 -49.86 -41.19 -48.90
CA LEU H 333 -51.08 -41.24 -49.70
C LEU H 333 -51.01 -42.36 -50.74
N GLY H 334 -49.81 -42.69 -51.22
CA GLY H 334 -49.70 -43.74 -52.21
C GLY H 334 -49.93 -45.13 -51.64
N GLY H 335 -49.77 -45.28 -50.32
CA GLY H 335 -49.84 -46.61 -49.73
C GLY H 335 -51.25 -47.14 -49.62
N PHE H 336 -52.17 -46.33 -49.10
CA PHE H 336 -53.54 -46.78 -48.93
C PHE H 336 -54.21 -47.08 -50.27
N ILE H 337 -53.66 -46.55 -51.35
CA ILE H 337 -54.16 -46.88 -52.68
C ILE H 337 -53.78 -48.32 -53.00
N PRO H 338 -54.72 -49.19 -53.36
CA PRO H 338 -54.37 -50.58 -53.66
C PRO H 338 -53.66 -50.69 -55.00
N ASP H 339 -53.40 -51.93 -55.38
CA ASP H 339 -52.61 -52.22 -56.58
C ASP H 339 -53.50 -52.16 -57.81
N MET H 340 -53.08 -52.78 -58.90
CA MET H 340 -53.86 -52.74 -60.13
C MET H 340 -53.94 -54.10 -60.80
N LEU H 341 -54.77 -54.21 -61.83
CA LEU H 341 -54.89 -55.48 -62.56
C LEU H 341 -55.13 -56.67 -61.64
N SER H 342 -56.11 -56.55 -60.74
CA SER H 342 -56.43 -57.65 -59.85
C SER H 342 -57.77 -58.27 -60.22
N ASP H 343 -57.77 -59.55 -60.58
CA ASP H 343 -59.00 -60.23 -60.97
C ASP H 343 -60.21 -59.66 -60.24
N VAL H 344 -60.26 -59.87 -58.92
CA VAL H 344 -61.38 -59.35 -58.14
C VAL H 344 -61.01 -58.02 -57.50
N VAL H 345 -61.98 -57.12 -57.39
CA VAL H 345 -61.71 -55.82 -56.81
C VAL H 345 -60.98 -55.98 -55.50
N LYS H 346 -59.93 -55.19 -55.29
CA LYS H 346 -59.22 -55.23 -54.02
C LYS H 346 -59.96 -54.40 -52.98
N SER H 347 -59.43 -54.35 -51.76
CA SER H 347 -60.05 -53.56 -50.71
C SER H 347 -59.61 -52.10 -50.79
N PHE H 348 -60.35 -51.21 -50.14
CA PHE H 348 -60.00 -49.80 -50.18
C PHE H 348 -60.54 -49.04 -48.96
N ASP H 349 -59.94 -47.89 -48.67
CA ASP H 349 -60.39 -47.08 -47.54
C ASP H 349 -60.45 -45.61 -47.92
N VAL H 350 -61.19 -44.81 -47.17
CA VAL H 350 -61.30 -43.39 -47.46
C VAL H 350 -60.81 -42.56 -46.27
N ARG H 351 -61.24 -42.94 -45.07
CA ARG H 351 -60.84 -42.19 -43.87
C ARG H 351 -59.38 -41.78 -43.93
N ALA H 352 -58.50 -42.72 -44.27
CA ALA H 352 -57.08 -42.40 -44.27
C ALA H 352 -56.76 -41.27 -45.24
N ILE H 353 -57.35 -41.31 -46.44
CA ILE H 353 -57.05 -40.30 -47.45
C ILE H 353 -57.50 -38.92 -46.98
N ILE H 354 -58.73 -38.83 -46.46
CA ILE H 354 -59.23 -37.53 -46.02
C ILE H 354 -58.44 -37.04 -44.81
N ALA H 355 -58.07 -37.96 -43.91
CA ALA H 355 -57.26 -37.56 -42.76
C ALA H 355 -55.88 -37.09 -43.19
N ARG H 356 -55.37 -37.59 -44.32
CA ARG H 356 -54.08 -37.17 -44.83
C ARG H 356 -54.15 -35.84 -45.59
N ILE H 357 -55.28 -35.52 -46.20
CA ILE H 357 -55.39 -34.33 -47.05
C ILE H 357 -55.84 -33.10 -46.27
N VAL H 358 -56.87 -33.23 -45.42
CA VAL H 358 -57.50 -32.07 -44.80
C VAL H 358 -56.58 -31.40 -43.78
N ASP H 359 -56.99 -30.22 -43.33
CA ASP H 359 -56.23 -29.47 -42.34
C ASP H 359 -56.43 -30.03 -40.93
N GLY H 360 -55.33 -30.24 -40.21
CA GLY H 360 -55.40 -30.77 -38.88
C GLY H 360 -55.86 -32.20 -38.80
N SER H 361 -56.02 -32.87 -39.94
CA SER H 361 -56.49 -34.24 -40.01
C SER H 361 -57.78 -34.42 -39.21
N ARG H 362 -58.85 -33.79 -39.68
CA ARG H 362 -60.11 -33.77 -38.94
C ARG H 362 -61.24 -34.02 -39.92
N PHE H 363 -62.42 -34.32 -39.38
CA PHE H 363 -63.61 -34.44 -40.22
C PHE H 363 -64.86 -34.26 -39.39
N ASP H 364 -65.97 -33.97 -40.09
CA ASP H 364 -67.28 -33.66 -39.50
C ASP H 364 -68.30 -34.63 -40.11
N GLU H 365 -68.41 -35.81 -39.53
CA GLU H 365 -69.25 -36.84 -40.11
C GLU H 365 -70.74 -36.55 -39.94
N PHE H 366 -71.48 -36.65 -41.04
CA PHE H 366 -72.90 -36.91 -40.91
C PHE H 366 -73.13 -38.39 -40.64
N LYS H 367 -74.37 -38.81 -40.84
CA LYS H 367 -74.77 -40.19 -40.59
C LYS H 367 -73.86 -41.16 -41.31
N ALA H 368 -73.07 -41.90 -40.53
CA ALA H 368 -72.17 -42.91 -41.06
C ALA H 368 -72.62 -44.32 -40.74
N LEU H 369 -73.40 -44.51 -39.67
CA LEU H 369 -73.97 -45.81 -39.38
C LEU H 369 -75.01 -46.20 -40.43
N TYR H 370 -75.57 -45.22 -41.12
CA TYR H 370 -76.70 -45.42 -41.99
C TYR H 370 -76.30 -45.07 -43.42
N GLY H 371 -76.54 -46.01 -44.34
CA GLY H 371 -75.96 -45.85 -45.66
C GLY H 371 -74.45 -45.87 -45.57
N ASN H 372 -73.92 -46.86 -44.86
CA ASN H 372 -72.49 -46.99 -44.60
C ASN H 372 -71.65 -46.99 -45.88
N THR H 373 -72.27 -47.02 -47.05
CA THR H 373 -71.52 -47.05 -48.29
C THR H 373 -70.88 -45.72 -48.61
N LEU H 374 -71.61 -44.62 -48.48
CA LEU H 374 -71.17 -43.34 -48.99
C LEU H 374 -70.76 -42.44 -47.85
N VAL H 375 -69.79 -41.56 -48.11
CA VAL H 375 -69.16 -40.72 -47.11
C VAL H 375 -69.42 -39.26 -47.47
N CYS H 376 -69.89 -38.48 -46.51
CA CYS H 376 -70.15 -37.06 -46.68
C CYS H 376 -69.94 -36.31 -45.37
N GLY H 377 -69.29 -35.16 -45.44
CA GLY H 377 -69.11 -34.31 -44.28
C GLY H 377 -68.28 -33.10 -44.62
N PHE H 378 -68.19 -32.20 -43.63
CA PHE H 378 -67.44 -30.95 -43.77
C PHE H 378 -65.95 -31.20 -43.52
N ALA H 379 -65.15 -30.16 -43.71
CA ALA H 379 -63.70 -30.27 -43.56
C ALA H 379 -63.11 -28.87 -43.53
N ARG H 380 -61.78 -28.81 -43.60
CA ARG H 380 -61.04 -27.56 -43.71
C ARG H 380 -59.89 -27.77 -44.69
N ILE H 381 -59.75 -26.88 -45.66
CA ILE H 381 -58.65 -26.94 -46.63
C ILE H 381 -57.99 -25.56 -46.67
N GLU H 382 -56.89 -25.42 -45.94
CA GLU H 382 -56.07 -24.21 -45.94
C GLU H 382 -56.91 -22.96 -45.69
N GLY H 383 -57.63 -22.98 -44.57
CA GLY H 383 -58.38 -21.82 -44.14
C GLY H 383 -59.75 -21.65 -44.75
N MET H 384 -60.25 -22.64 -45.47
CA MET H 384 -61.53 -22.56 -46.15
C MET H 384 -62.34 -23.81 -45.84
N GLN H 385 -63.61 -23.62 -45.50
CA GLN H 385 -64.47 -24.75 -45.19
C GLN H 385 -64.94 -25.42 -46.47
N VAL H 386 -64.87 -26.76 -46.49
CA VAL H 386 -65.11 -27.54 -47.69
C VAL H 386 -66.07 -28.69 -47.37
N GLY H 387 -66.79 -29.12 -48.39
CA GLY H 387 -67.57 -30.35 -48.30
C GLY H 387 -67.01 -31.39 -49.26
N ILE H 388 -66.91 -32.63 -48.79
CA ILE H 388 -66.32 -33.72 -49.55
C ILE H 388 -67.34 -34.83 -49.72
N ILE H 389 -67.47 -35.34 -50.94
CA ILE H 389 -68.20 -36.57 -51.22
C ILE H 389 -67.19 -37.57 -51.76
N ALA H 390 -66.89 -38.60 -50.98
CA ALA H 390 -66.01 -39.68 -51.40
C ALA H 390 -66.78 -41.00 -51.30
N ASN H 391 -66.67 -41.81 -52.35
CA ASN H 391 -67.50 -42.99 -52.52
C ASN H 391 -66.75 -44.25 -52.11
N GLN H 392 -67.44 -45.18 -51.44
CA GLN H 392 -66.82 -46.39 -50.93
C GLN H 392 -67.83 -47.54 -50.90
N GLY H 393 -67.83 -48.34 -51.97
CA GLY H 393 -68.69 -49.51 -52.01
C GLY H 393 -69.78 -49.47 -53.05
N ILE H 394 -70.89 -50.16 -52.80
CA ILE H 394 -71.98 -50.28 -53.74
C ILE H 394 -73.14 -49.43 -53.25
N LEU H 395 -73.58 -48.48 -54.09
CA LEU H 395 -74.56 -47.49 -53.66
C LEU H 395 -75.91 -48.11 -53.36
N TYR H 396 -76.58 -47.58 -52.35
CA TYR H 396 -77.95 -47.93 -52.02
C TYR H 396 -78.84 -46.71 -52.20
N SER H 397 -80.14 -46.94 -52.06
CA SER H 397 -81.11 -45.83 -52.03
C SER H 397 -80.80 -44.87 -50.90
N GLU H 398 -80.51 -45.40 -49.72
CA GLU H 398 -80.24 -44.55 -48.57
C GLU H 398 -78.98 -43.71 -48.76
N SER H 399 -77.96 -44.27 -49.44
CA SER H 399 -76.79 -43.46 -49.76
C SER H 399 -77.16 -42.28 -50.64
N ALA H 400 -78.05 -42.50 -51.62
CA ALA H 400 -78.52 -41.41 -52.47
C ALA H 400 -79.28 -40.36 -51.67
N LEU H 401 -80.13 -40.81 -50.73
CA LEU H 401 -80.83 -39.86 -49.88
C LEU H 401 -79.87 -39.01 -49.07
N LYS H 402 -78.87 -39.66 -48.47
CA LYS H 402 -77.90 -38.93 -47.67
C LYS H 402 -77.12 -37.93 -48.52
N GLY H 403 -76.74 -38.33 -49.73
CA GLY H 403 -76.08 -37.41 -50.63
C GLY H 403 -76.94 -36.21 -50.96
N ALA H 404 -78.21 -36.44 -51.25
CA ALA H 404 -79.11 -35.32 -51.55
C ALA H 404 -79.23 -34.38 -50.37
N HIS H 405 -79.33 -34.93 -49.15
CA HIS H 405 -79.45 -34.10 -47.95
C HIS H 405 -78.19 -33.24 -47.75
N PHE H 406 -77.02 -33.86 -47.90
CA PHE H 406 -75.77 -33.12 -47.78
C PHE H 406 -75.67 -32.01 -48.80
N ILE H 407 -76.00 -32.30 -50.06
CA ILE H 407 -75.90 -31.27 -51.09
C ILE H 407 -76.90 -30.16 -50.80
N GLY H 408 -78.06 -30.50 -50.26
CA GLY H 408 -79.02 -29.48 -49.88
C GLY H 408 -78.44 -28.51 -48.85
N LEU H 409 -77.82 -29.06 -47.79
CA LEU H 409 -77.22 -28.19 -46.79
C LEU H 409 -76.11 -27.33 -47.39
N CYS H 410 -75.25 -27.94 -48.21
CA CYS H 410 -74.12 -27.22 -48.77
C CYS H 410 -74.58 -26.06 -49.65
N THR H 411 -75.59 -26.29 -50.49
CA THR H 411 -76.14 -25.20 -51.28
C THR H 411 -76.79 -24.15 -50.39
N GLN H 412 -77.42 -24.59 -49.30
CA GLN H 412 -78.10 -23.64 -48.43
C GLN H 412 -77.11 -22.66 -47.80
N ARG H 413 -75.95 -23.16 -47.37
CA ARG H 413 -75.01 -22.32 -46.66
C ARG H 413 -73.83 -21.85 -47.52
N ASN H 414 -73.85 -22.12 -48.82
CA ASN H 414 -72.81 -21.67 -49.75
C ASN H 414 -71.45 -22.26 -49.39
N VAL H 415 -71.38 -23.57 -49.34
CA VAL H 415 -70.14 -24.30 -49.04
C VAL H 415 -69.69 -25.01 -50.32
N PRO H 416 -68.45 -24.86 -50.75
CA PRO H 416 -67.98 -25.57 -51.94
C PRO H 416 -67.96 -27.07 -51.72
N LEU H 417 -68.00 -27.80 -52.84
CA LEU H 417 -68.02 -29.25 -52.81
C LEU H 417 -66.80 -29.84 -53.52
N LEU H 418 -66.31 -30.96 -52.99
CA LEU H 418 -65.22 -31.72 -53.58
C LEU H 418 -65.71 -33.14 -53.82
N PHE H 419 -65.34 -33.71 -54.96
CA PHE H 419 -65.78 -35.06 -55.31
C PHE H 419 -64.57 -35.98 -55.50
N LEU H 420 -64.70 -37.19 -55.01
CA LEU H 420 -63.67 -38.22 -55.11
C LEU H 420 -64.35 -39.46 -55.69
N GLN H 421 -64.20 -39.65 -57.00
CA GLN H 421 -65.03 -40.62 -57.71
C GLN H 421 -64.57 -42.05 -57.42
N ASN H 422 -65.51 -42.99 -57.61
CA ASN H 422 -65.27 -44.41 -57.38
C ASN H 422 -66.15 -45.24 -58.31
N ILE H 423 -66.37 -46.51 -57.96
CA ILE H 423 -67.13 -47.42 -58.83
C ILE H 423 -68.58 -46.95 -58.96
N THR H 424 -69.26 -47.49 -59.98
CA THR H 424 -70.68 -47.24 -60.15
C THR H 424 -71.49 -47.80 -58.98
N GLY H 425 -71.45 -49.12 -58.81
CA GLY H 425 -72.04 -49.72 -57.62
C GLY H 425 -73.53 -49.50 -57.46
N PHE H 426 -74.30 -49.76 -58.51
CA PHE H 426 -75.75 -49.80 -58.41
C PHE H 426 -76.16 -51.26 -58.27
N MET H 427 -76.77 -51.62 -57.14
CA MET H 427 -77.27 -52.98 -56.97
C MET H 427 -78.34 -53.29 -58.00
N VAL H 428 -78.41 -54.56 -58.41
CA VAL H 428 -79.37 -55.01 -59.42
C VAL H 428 -80.43 -55.92 -58.82
N GLY H 429 -80.46 -56.07 -57.49
CA GLY H 429 -81.42 -56.96 -56.87
C GLY H 429 -82.85 -56.54 -57.18
N LYS H 430 -83.72 -57.55 -57.32
CA LYS H 430 -85.11 -57.27 -57.68
C LYS H 430 -85.83 -56.49 -56.60
N LYS H 431 -85.59 -56.84 -55.33
CA LYS H 431 -86.21 -56.10 -54.23
C LYS H 431 -85.78 -54.65 -54.24
N TYR H 432 -84.49 -54.40 -54.52
CA TYR H 432 -84.01 -53.03 -54.56
C TYR H 432 -84.67 -52.25 -55.70
N GLU H 433 -84.83 -52.87 -56.86
CA GLU H 433 -85.53 -52.22 -57.98
C GLU H 433 -86.99 -51.95 -57.61
N GLU H 434 -87.64 -52.90 -56.94
CA GLU H 434 -89.00 -52.74 -56.46
C GLU H 434 -89.11 -51.70 -55.35
N GLY H 435 -87.99 -51.33 -54.73
CA GLY H 435 -88.02 -50.35 -53.65
C GLY H 435 -87.86 -48.93 -54.14
N GLY H 436 -88.07 -48.69 -55.43
CA GLY H 436 -87.95 -47.35 -55.99
C GLY H 436 -86.55 -46.80 -55.96
N ILE H 437 -85.56 -47.62 -56.34
CA ILE H 437 -84.18 -47.14 -56.36
C ILE H 437 -83.98 -46.09 -57.46
N ALA H 438 -84.69 -46.24 -58.57
CA ALA H 438 -84.56 -45.27 -59.65
C ALA H 438 -85.01 -43.89 -59.22
N ARG H 439 -86.09 -43.82 -58.43
CA ARG H 439 -86.56 -42.53 -57.92
C ARG H 439 -85.51 -41.88 -57.04
N ASN H 440 -84.83 -42.67 -56.21
CA ASN H 440 -83.83 -42.10 -55.31
C ASN H 440 -82.59 -41.67 -56.06
N GLY H 441 -82.20 -42.43 -57.09
CA GLY H 441 -81.11 -41.99 -57.95
C GLY H 441 -81.44 -40.68 -58.64
N ALA H 442 -82.68 -40.53 -59.10
CA ALA H 442 -83.11 -39.26 -59.68
C ALA H 442 -83.06 -38.16 -58.64
N ARG H 443 -83.49 -38.46 -57.42
CA ARG H 443 -83.39 -37.51 -56.31
C ARG H 443 -81.97 -37.00 -56.16
N LEU H 444 -81.00 -37.89 -56.23
CA LEU H 444 -79.60 -37.49 -56.12
C LEU H 444 -79.13 -36.64 -57.29
N VAL H 445 -79.41 -37.08 -58.52
CA VAL H 445 -78.87 -36.39 -59.69
C VAL H 445 -79.50 -35.00 -59.83
N MET H 446 -80.79 -34.89 -59.48
CA MET H 446 -81.46 -33.59 -59.51
C MET H 446 -80.74 -32.58 -58.62
N ALA H 447 -80.42 -32.98 -57.40
CA ALA H 447 -79.71 -32.10 -56.48
C ALA H 447 -78.30 -31.82 -56.97
N VAL H 448 -77.62 -32.82 -57.53
CA VAL H 448 -76.27 -32.61 -58.03
C VAL H 448 -76.25 -31.55 -59.12
N SER H 449 -77.14 -31.66 -60.09
CA SER H 449 -77.12 -30.74 -61.23
C SER H 449 -77.66 -29.36 -60.84
N SER H 450 -78.65 -29.33 -59.96
CA SER H 450 -79.28 -28.06 -59.60
C SER H 450 -78.40 -27.16 -58.74
N ALA H 451 -77.33 -27.70 -58.16
CA ALA H 451 -76.56 -26.94 -57.18
C ALA H 451 -75.80 -25.80 -57.85
N PRO H 452 -75.94 -24.56 -57.35
CA PRO H 452 -75.15 -23.45 -57.87
C PRO H 452 -73.77 -23.33 -57.24
N VAL H 453 -73.43 -24.20 -56.31
CA VAL H 453 -72.15 -24.23 -55.61
C VAL H 453 -71.02 -24.58 -56.59
N PRO H 454 -69.86 -23.95 -56.49
CA PRO H 454 -68.72 -24.38 -57.31
C PRO H 454 -68.36 -25.82 -57.01
N LYS H 455 -67.99 -26.56 -58.05
CA LYS H 455 -67.79 -28.00 -57.92
C LYS H 455 -66.51 -28.44 -58.64
N VAL H 456 -65.72 -29.24 -57.94
CA VAL H 456 -64.47 -29.80 -58.45
C VAL H 456 -64.49 -31.30 -58.18
N THR H 457 -64.03 -32.09 -59.16
CA THR H 457 -63.92 -33.53 -58.97
C THR H 457 -62.50 -33.99 -59.28
N VAL H 458 -62.08 -35.03 -58.57
CA VAL H 458 -60.77 -35.65 -58.76
C VAL H 458 -60.97 -37.15 -58.75
N LEU H 459 -60.36 -37.85 -59.70
CA LEU H 459 -60.54 -39.30 -59.79
C LEU H 459 -59.65 -39.98 -58.77
N ILE H 460 -60.27 -40.77 -57.89
CA ILE H 460 -59.53 -41.67 -57.01
C ILE H 460 -59.13 -42.89 -57.80
N GLY H 461 -60.10 -43.53 -58.43
CA GLY H 461 -59.86 -44.72 -59.23
C GLY H 461 -61.12 -45.53 -59.38
N GLY H 462 -61.23 -46.17 -60.54
CA GLY H 462 -62.36 -47.03 -60.83
C GLY H 462 -63.66 -46.33 -61.12
N SER H 463 -63.63 -45.18 -61.81
CA SER H 463 -64.85 -44.46 -62.17
C SER H 463 -65.34 -44.96 -63.52
N TYR H 464 -66.19 -45.98 -63.50
CA TYR H 464 -66.70 -46.60 -64.71
C TYR H 464 -68.22 -46.64 -64.60
N GLY H 465 -68.90 -46.15 -65.64
CA GLY H 465 -70.31 -46.39 -65.79
C GLY H 465 -71.12 -45.17 -65.48
N ALA H 466 -72.42 -45.41 -65.27
CA ALA H 466 -73.38 -44.35 -65.00
C ALA H 466 -73.43 -43.94 -63.54
N GLY H 467 -72.62 -44.56 -62.69
CA GLY H 467 -72.61 -44.18 -61.29
C GLY H 467 -72.13 -42.76 -61.06
N ASN H 468 -71.21 -42.28 -61.89
CA ASN H 468 -70.71 -40.91 -61.75
C ASN H 468 -71.84 -39.91 -61.85
N TYR H 469 -72.92 -40.26 -62.55
CA TYR H 469 -74.09 -39.39 -62.61
C TYR H 469 -74.64 -39.14 -61.21
N GLY H 470 -74.51 -40.12 -60.32
CA GLY H 470 -74.93 -39.91 -58.94
C GLY H 470 -74.08 -38.89 -58.22
N MET H 471 -72.76 -38.96 -58.38
CA MET H 471 -71.86 -38.04 -57.68
C MET H 471 -71.64 -36.75 -58.47
N CYS H 472 -70.99 -36.85 -59.63
CA CYS H 472 -70.67 -35.70 -60.47
C CYS H 472 -69.95 -36.19 -61.72
N GLY H 473 -69.96 -35.36 -62.75
CA GLY H 473 -69.30 -35.71 -63.98
C GLY H 473 -69.09 -34.48 -64.84
N ARG H 474 -68.22 -34.63 -65.84
CA ARG H 474 -67.91 -33.51 -66.72
C ARG H 474 -69.17 -32.87 -67.28
N ALA H 475 -70.15 -33.68 -67.64
CA ALA H 475 -71.39 -33.13 -68.17
C ALA H 475 -72.23 -32.43 -67.10
N PHE H 476 -71.74 -32.25 -65.88
CA PHE H 476 -72.50 -31.60 -64.82
C PHE H 476 -71.82 -30.30 -64.38
N GLU H 477 -71.02 -29.70 -65.25
CA GLU H 477 -70.33 -28.44 -65.06
C GLU H 477 -69.43 -28.42 -63.82
N PRO H 478 -68.38 -29.23 -63.77
CA PRO H 478 -67.36 -29.04 -62.72
C PRO H 478 -66.33 -28.04 -63.21
N ARG H 479 -66.10 -26.99 -62.42
CA ARG H 479 -65.25 -25.90 -62.88
C ARG H 479 -63.80 -26.32 -63.06
N PHE H 480 -63.40 -27.46 -62.50
CA PHE H 480 -62.09 -28.04 -62.75
C PHE H 480 -62.20 -29.55 -62.67
N LEU H 481 -61.33 -30.25 -63.40
CA LEU H 481 -61.20 -31.69 -63.22
C LEU H 481 -59.73 -32.08 -63.20
N PHE H 482 -59.38 -33.01 -62.30
CA PHE H 482 -58.03 -33.52 -62.16
C PHE H 482 -58.10 -35.03 -61.98
N MET H 483 -56.98 -35.71 -62.22
CA MET H 483 -56.99 -37.17 -62.25
C MET H 483 -55.75 -37.76 -61.61
N TRP H 484 -55.91 -38.95 -61.01
CA TRP H 484 -54.81 -39.77 -60.52
C TRP H 484 -54.44 -40.84 -61.54
N PRO H 485 -53.21 -41.38 -61.46
CA PRO H 485 -52.77 -42.32 -62.51
C PRO H 485 -53.62 -43.58 -62.63
N ASN H 486 -54.18 -44.09 -61.53
CA ASN H 486 -54.89 -45.38 -61.57
C ASN H 486 -56.39 -45.15 -61.78
N ALA H 487 -56.71 -44.63 -62.96
CA ALA H 487 -58.09 -44.28 -63.28
C ALA H 487 -58.53 -45.01 -64.53
N ARG H 488 -59.77 -45.49 -64.52
CA ARG H 488 -60.39 -46.14 -65.67
C ARG H 488 -61.81 -45.63 -65.82
N ILE H 489 -62.10 -45.03 -66.97
CA ILE H 489 -63.41 -44.48 -67.28
C ILE H 489 -63.99 -45.28 -68.44
N SER H 490 -65.06 -46.02 -68.18
CA SER H 490 -65.54 -47.01 -69.15
C SER H 490 -67.05 -47.15 -69.04
N VAL H 491 -67.56 -48.24 -69.61
CA VAL H 491 -68.98 -48.56 -69.68
C VAL H 491 -69.49 -48.89 -68.28
N MET H 492 -70.80 -49.09 -68.16
CA MET H 492 -71.44 -49.36 -66.87
C MET H 492 -70.76 -50.49 -66.10
N GLY H 493 -70.03 -51.37 -66.80
CA GLY H 493 -69.27 -52.40 -66.11
C GLY H 493 -67.84 -52.52 -66.59
N GLY H 494 -66.88 -52.44 -65.68
CA GLY H 494 -65.48 -52.65 -66.06
C GLY H 494 -65.14 -54.11 -66.24
N THR H 495 -65.59 -54.95 -65.31
CA THR H 495 -65.25 -56.36 -65.34
C THR H 495 -66.45 -57.18 -65.71
N GLN H 496 -67.62 -56.75 -65.25
CA GLN H 496 -68.82 -57.52 -65.52
C GLN H 496 -69.25 -57.40 -66.97
N ALA H 497 -69.09 -56.22 -67.58
CA ALA H 497 -69.42 -56.14 -68.99
C ALA H 497 -68.80 -57.30 -69.76
N ALA H 498 -67.59 -57.72 -69.39
CA ALA H 498 -66.99 -58.88 -70.03
C ALA H 498 -67.89 -60.10 -69.89
N THR H 499 -68.31 -60.42 -68.66
CA THR H 499 -69.12 -61.61 -68.44
C THR H 499 -70.46 -61.51 -69.16
N VAL H 500 -71.11 -60.34 -69.07
CA VAL H 500 -72.44 -60.20 -69.66
C VAL H 500 -72.37 -60.27 -71.18
N LEU H 501 -71.44 -59.53 -71.79
CA LEU H 501 -71.34 -59.51 -73.24
C LEU H 501 -70.73 -60.80 -73.79
N THR H 502 -70.13 -61.63 -72.93
CA THR H 502 -69.74 -62.97 -73.36
C THR H 502 -70.96 -63.80 -73.74
N LEU H 503 -72.04 -63.71 -72.95
CA LEU H 503 -73.21 -64.55 -73.18
C LEU H 503 -73.90 -64.23 -74.49
N THR H 504 -74.22 -62.95 -74.70
CA THR H 504 -75.10 -62.54 -75.80
C THR H 504 -74.34 -62.04 -77.01
N ASN H 505 -73.45 -62.87 -77.60
CA ASN H 505 -72.83 -62.45 -78.86
C ASN H 505 -72.50 -63.72 -79.69
N ARG H 506 -73.45 -64.10 -80.54
CA ARG H 506 -73.26 -65.05 -81.64
C ARG H 506 -72.25 -66.15 -81.31
N ASN H 507 -72.40 -66.75 -80.14
CA ASN H 507 -71.46 -67.75 -79.66
C ASN H 507 -72.10 -69.13 -79.73
N LEU H 508 -71.38 -70.09 -80.30
CA LEU H 508 -71.82 -71.47 -80.25
C LEU H 508 -71.56 -72.04 -78.86
N LYS H 509 -72.33 -73.05 -78.49
CA LYS H 509 -72.17 -73.67 -77.17
C LYS H 509 -70.78 -74.26 -77.01
N ASN H 510 -70.25 -74.86 -78.06
CA ASN H 510 -68.96 -75.51 -78.03
C ASN H 510 -67.86 -74.48 -78.26
N ALA H 511 -66.61 -74.94 -78.39
CA ALA H 511 -65.46 -74.06 -78.58
C ALA H 511 -65.38 -73.02 -77.47
N SER H 512 -65.64 -73.46 -76.24
CA SER H 512 -65.72 -72.52 -75.12
C SER H 512 -64.40 -71.81 -74.87
N GLU H 513 -63.29 -72.55 -74.91
CA GLU H 513 -61.99 -71.94 -74.61
C GLU H 513 -61.61 -70.92 -75.68
N ALA H 514 -61.74 -71.28 -76.96
CA ALA H 514 -61.44 -70.34 -78.02
C ALA H 514 -62.35 -69.13 -77.97
N GLU H 515 -63.60 -69.34 -77.56
CA GLU H 515 -64.54 -68.22 -77.46
C GLU H 515 -64.17 -67.27 -76.33
N ILE H 516 -63.84 -67.79 -75.15
CA ILE H 516 -63.47 -66.91 -74.04
C ILE H 516 -62.15 -66.22 -74.34
N ALA H 517 -61.27 -66.89 -75.10
CA ALA H 517 -60.07 -66.21 -75.57
C ALA H 517 -60.43 -65.07 -76.53
N ALA H 518 -61.41 -65.30 -77.40
CA ALA H 518 -61.82 -64.27 -78.35
C ALA H 518 -62.77 -63.25 -77.75
N PHE H 519 -63.56 -63.63 -76.75
CA PHE H 519 -64.50 -62.68 -76.15
C PHE H 519 -63.95 -61.99 -74.92
N LYS H 520 -63.69 -62.76 -73.85
CA LYS H 520 -63.36 -62.15 -72.57
C LYS H 520 -62.04 -61.40 -72.62
N ASP H 521 -61.00 -62.02 -73.19
CA ASP H 521 -59.71 -61.34 -73.29
C ASP H 521 -59.83 -60.08 -74.15
N LYS H 522 -60.59 -60.15 -75.24
CA LYS H 522 -60.73 -59.00 -76.12
C LYS H 522 -61.43 -57.85 -75.40
N VAL H 523 -62.52 -58.13 -74.67
CA VAL H 523 -63.24 -57.04 -74.02
C VAL H 523 -62.44 -56.48 -72.86
N LYS H 524 -61.64 -57.32 -72.19
CA LYS H 524 -60.73 -56.79 -71.18
C LYS H 524 -59.72 -55.84 -71.82
N LYS H 525 -59.17 -56.22 -72.97
CA LYS H 525 -58.24 -55.34 -73.67
C LYS H 525 -58.91 -54.04 -74.05
N LYS H 526 -60.17 -54.10 -74.48
CA LYS H 526 -60.88 -52.87 -74.85
C LYS H 526 -61.13 -51.98 -73.64
N TYR H 527 -61.57 -52.56 -72.52
CA TYR H 527 -62.02 -51.76 -71.39
C TYR H 527 -60.91 -51.34 -70.45
N GLU H 528 -59.70 -51.89 -70.59
CA GLU H 528 -58.53 -51.31 -69.94
C GLU H 528 -57.49 -50.78 -70.92
N LYS H 529 -57.79 -50.76 -72.21
CA LYS H 529 -56.97 -49.99 -73.14
C LYS H 529 -57.12 -48.51 -72.85
N GLU H 530 -58.34 -48.07 -72.56
CA GLU H 530 -58.56 -46.74 -72.01
C GLU H 530 -57.95 -46.68 -70.62
N GLY H 531 -57.46 -45.50 -70.26
CA GLY H 531 -56.85 -45.32 -68.96
C GLY H 531 -56.71 -43.86 -68.64
N SER H 532 -56.07 -43.59 -67.50
CA SER H 532 -55.83 -42.22 -67.11
C SER H 532 -54.93 -41.52 -68.11
N CYS H 533 -53.90 -42.22 -68.59
CA CYS H 533 -52.84 -41.55 -69.34
C CYS H 533 -53.28 -41.18 -70.75
N TYR H 534 -53.99 -42.05 -71.44
CA TYR H 534 -54.32 -41.74 -72.85
C TYR H 534 -55.73 -41.19 -73.09
N TYR H 535 -56.75 -41.98 -72.79
CA TYR H 535 -58.12 -41.54 -73.08
C TYR H 535 -58.49 -40.23 -72.38
N SER H 536 -57.81 -39.92 -71.29
CA SER H 536 -58.11 -38.69 -70.56
C SER H 536 -57.05 -37.63 -70.77
N THR H 537 -57.42 -36.37 -70.57
CA THR H 537 -56.47 -35.26 -70.68
C THR H 537 -55.98 -35.05 -72.11
N ALA H 538 -55.41 -36.09 -72.71
CA ALA H 538 -54.97 -36.00 -74.10
C ALA H 538 -56.15 -35.61 -74.96
N ARG H 539 -57.35 -36.01 -74.55
CA ARG H 539 -58.55 -35.65 -75.28
C ARG H 539 -59.33 -34.62 -74.49
N LEU H 540 -58.71 -34.03 -73.48
CA LEU H 540 -59.40 -33.06 -72.62
C LEU H 540 -60.67 -33.64 -72.01
N TRP H 541 -60.64 -34.94 -71.72
CA TRP H 541 -61.60 -35.55 -70.80
C TRP H 541 -60.95 -35.48 -69.43
N ASP H 542 -61.52 -34.69 -68.53
CA ASP H 542 -60.91 -34.48 -67.22
C ASP H 542 -59.52 -33.92 -67.42
N ASP H 543 -59.44 -32.66 -67.87
CA ASP H 543 -58.22 -32.14 -68.48
C ASP H 543 -57.01 -32.21 -67.56
N GLY H 544 -57.21 -32.01 -66.26
CA GLY H 544 -56.11 -31.97 -65.30
C GLY H 544 -55.66 -33.37 -64.91
N VAL H 545 -54.34 -33.55 -64.85
CA VAL H 545 -53.75 -34.78 -64.35
C VAL H 545 -52.70 -34.43 -63.30
N ILE H 546 -52.77 -35.07 -62.14
CA ILE H 546 -51.96 -34.69 -61.00
C ILE H 546 -51.34 -35.92 -60.34
N ALA H 547 -50.67 -35.71 -59.21
CA ALA H 547 -50.15 -36.78 -58.38
C ALA H 547 -51.03 -36.95 -57.15
N PRO H 548 -51.19 -38.16 -56.63
CA PRO H 548 -52.01 -38.33 -55.43
C PRO H 548 -51.43 -37.64 -54.20
N GLU H 549 -50.11 -37.44 -54.17
CA GLU H 549 -49.48 -36.88 -52.98
C GLU H 549 -49.73 -35.39 -52.83
N ASP H 550 -49.81 -34.65 -53.93
CA ASP H 550 -49.92 -33.20 -53.90
C ASP H 550 -51.34 -32.71 -54.21
N THR H 551 -52.36 -33.41 -53.72
CA THR H 551 -53.74 -33.09 -54.09
C THR H 551 -54.25 -31.84 -53.36
N ARG H 552 -53.88 -31.66 -52.09
CA ARG H 552 -54.46 -30.56 -51.32
C ARG H 552 -54.01 -29.22 -51.85
N VAL H 553 -52.76 -29.11 -52.28
CA VAL H 553 -52.28 -27.88 -52.87
C VAL H 553 -53.09 -27.54 -54.12
N VAL H 554 -53.33 -28.54 -54.97
CA VAL H 554 -54.08 -28.31 -56.20
C VAL H 554 -55.50 -27.86 -55.90
N VAL H 555 -56.15 -28.52 -54.93
CA VAL H 555 -57.52 -28.17 -54.61
C VAL H 555 -57.60 -26.78 -54.01
N ALA H 556 -56.60 -26.40 -53.21
CA ALA H 556 -56.52 -25.04 -52.71
C ALA H 556 -56.29 -24.01 -53.82
N GLU H 557 -55.52 -24.35 -54.85
CA GLU H 557 -55.46 -23.47 -56.01
C GLU H 557 -56.85 -23.30 -56.62
N ALA H 558 -57.57 -24.41 -56.75
CA ALA H 558 -58.89 -24.37 -57.38
C ALA H 558 -59.85 -23.48 -56.59
N LEU H 559 -59.85 -23.61 -55.27
CA LEU H 559 -60.80 -22.85 -54.46
C LEU H 559 -60.48 -21.35 -54.47
N ARG H 560 -59.20 -20.99 -54.43
CA ARG H 560 -58.84 -19.58 -54.60
C ARG H 560 -59.21 -19.09 -55.99
N ALA H 561 -59.23 -19.98 -56.97
CA ALA H 561 -59.64 -19.60 -58.31
C ALA H 561 -61.13 -19.29 -58.38
N THR H 562 -61.93 -19.88 -57.51
CA THR H 562 -63.39 -19.78 -57.57
C THR H 562 -63.97 -18.91 -56.47
N ARG H 563 -63.25 -17.89 -56.02
CA ARG H 563 -63.81 -16.91 -55.12
C ARG H 563 -63.78 -15.49 -55.66
N LEU H 564 -63.24 -15.28 -56.86
CA LEU H 564 -63.45 -14.01 -57.55
C LEU H 564 -64.81 -13.97 -58.24
N ALA H 565 -65.49 -15.12 -58.30
CA ALA H 565 -66.76 -15.30 -58.97
C ALA H 565 -67.79 -14.28 -58.45
N PRO H 566 -68.81 -13.94 -59.24
CA PRO H 566 -69.79 -12.94 -58.80
C PRO H 566 -70.48 -13.32 -57.51
N TYR I 1 -31.61 -12.28 -75.80
CA TYR I 1 -30.21 -11.96 -76.06
C TYR I 1 -29.54 -11.38 -74.83
N ALA I 2 -28.81 -12.20 -74.09
CA ALA I 2 -28.11 -11.73 -72.90
C ALA I 2 -28.99 -10.81 -72.07
N HIS I 3 -30.30 -10.99 -72.12
CA HIS I 3 -31.21 -10.18 -71.30
C HIS I 3 -32.30 -11.06 -70.71
N HIS I 4 -32.26 -11.30 -69.41
CA HIS I 4 -33.23 -12.18 -68.78
C HIS I 4 -33.66 -11.75 -67.39
N PRO I 5 -34.37 -10.63 -67.28
CA PRO I 5 -34.87 -10.19 -65.97
C PRO I 5 -36.27 -10.76 -65.71
N ILE I 6 -36.94 -10.30 -64.66
CA ILE I 6 -38.30 -10.76 -64.37
C ILE I 6 -39.30 -9.60 -64.39
N ASP I 7 -39.12 -8.67 -65.32
CA ASP I 7 -40.05 -7.54 -65.47
C ASP I 7 -39.83 -6.40 -64.47
N TYR I 8 -39.46 -6.73 -63.23
CA TYR I 8 -39.31 -5.67 -62.21
C TYR I 8 -37.86 -5.39 -62.43
N GLU I 9 -37.24 -4.54 -61.64
CA GLU I 9 -35.86 -4.15 -61.91
C GLU I 9 -36.08 -3.36 -63.13
N ARG I 10 -36.51 -4.03 -64.19
CA ARG I 10 -36.89 -3.31 -65.35
C ARG I 10 -37.97 -2.50 -64.75
N SER I 11 -38.69 -3.06 -63.79
CA SER I 11 -39.68 -2.27 -63.08
C SER I 11 -39.22 -2.01 -61.66
N THR I 12 -40.07 -1.46 -60.80
CA THR I 12 -39.68 -1.12 -59.41
C THR I 12 -38.24 -0.64 -59.28
N SER I 13 -37.78 0.20 -60.19
CA SER I 13 -36.45 0.77 -60.06
C SER I 13 -36.65 2.23 -60.35
N LYS I 14 -35.64 3.05 -60.06
CA LYS I 14 -35.73 4.47 -60.35
C LYS I 14 -35.46 4.72 -61.82
N SER I 15 -35.47 3.66 -62.62
CA SER I 15 -35.23 3.79 -64.05
C SER I 15 -36.29 3.10 -64.91
N PRO I 16 -37.58 3.41 -64.66
CA PRO I 16 -38.57 2.82 -65.56
C PRO I 16 -39.00 3.81 -66.64
N ASN I 17 -39.24 3.33 -67.85
CA ASN I 17 -39.62 4.22 -68.94
C ASN I 17 -40.93 4.92 -68.63
N ILE I 18 -41.70 4.38 -67.70
CA ILE I 18 -43.00 4.96 -67.36
C ILE I 18 -42.86 6.43 -66.96
N LEU I 19 -41.77 6.77 -66.28
CA LEU I 19 -41.59 8.15 -65.83
C LEU I 19 -41.29 9.09 -66.98
N ARG I 20 -41.07 10.36 -66.67
CA ARG I 20 -40.76 11.34 -67.70
C ARG I 20 -39.59 12.20 -67.27
N LEU I 21 -38.71 12.54 -68.20
CA LEU I 21 -37.51 13.30 -67.84
C LEU I 21 -37.32 14.59 -68.65
N PRO I 22 -38.35 15.43 -68.74
CA PRO I 22 -38.18 16.70 -69.42
C PRO I 22 -37.60 17.69 -68.44
N ALA I 23 -36.30 17.91 -68.49
CA ALA I 23 -35.67 18.91 -67.63
C ALA I 23 -35.44 20.22 -68.36
N ASN I 24 -35.96 21.32 -67.81
CA ASN I 24 -35.80 22.62 -68.45
C ASN I 24 -34.40 23.19 -68.25
N THR I 25 -34.01 24.17 -69.06
CA THR I 25 -32.67 24.75 -68.97
C THR I 25 -32.72 26.22 -68.59
N SER I 26 -33.89 26.74 -68.26
CA SER I 26 -34.03 28.12 -67.87
C SER I 26 -33.30 29.09 -68.82
N ASP I 27 -33.66 29.07 -70.10
CA ASP I 27 -33.06 29.98 -71.09
C ASP I 27 -33.95 31.19 -71.26
N PRO I 28 -33.53 32.15 -72.12
CA PRO I 28 -34.42 33.28 -72.37
C PRO I 28 -35.84 32.83 -72.66
N THR I 29 -36.00 31.90 -73.58
CA THR I 29 -37.33 31.43 -73.94
C THR I 29 -38.06 31.03 -72.67
N TYR I 30 -37.37 30.29 -71.80
CA TYR I 30 -37.98 29.92 -70.54
C TYR I 30 -38.32 31.16 -69.75
N GLN I 31 -37.39 32.10 -69.68
CA GLN I 31 -37.61 33.32 -68.91
C GLN I 31 -38.81 34.07 -69.47
N GLU I 32 -38.85 34.23 -70.79
CA GLU I 32 -39.95 34.96 -71.40
C GLU I 32 -41.25 34.34 -70.96
N ASN I 33 -41.32 33.02 -71.01
CA ASN I 33 -42.54 32.33 -70.59
C ASN I 33 -42.69 32.35 -69.08
N MET I 34 -41.67 31.89 -68.36
CA MET I 34 -41.78 31.83 -66.92
C MET I 34 -42.12 33.18 -66.35
N ALA I 35 -41.49 34.22 -66.87
CA ALA I 35 -41.72 35.55 -66.35
C ALA I 35 -43.16 35.97 -66.57
N ARG I 36 -43.66 35.74 -67.76
CA ARG I 36 -45.02 36.18 -68.06
C ARG I 36 -45.96 35.52 -67.13
N MET I 37 -45.76 34.22 -66.93
CA MET I 37 -46.67 33.50 -66.09
C MET I 37 -46.73 34.23 -64.79
N GLU I 38 -45.56 34.59 -64.30
CA GLU I 38 -45.51 35.29 -63.06
C GLU I 38 -46.31 36.55 -63.24
N GLY I 39 -46.29 37.11 -64.44
CA GLY I 39 -47.05 38.31 -64.72
C GLY I 39 -48.53 38.00 -64.85
N LEU I 40 -48.88 36.73 -64.89
CA LEU I 40 -50.28 36.33 -65.06
C LEU I 40 -50.89 35.80 -63.78
N VAL I 41 -50.12 35.75 -62.70
CA VAL I 41 -50.63 35.16 -61.46
C VAL I 41 -50.70 36.14 -60.30
N GLU I 42 -49.72 37.04 -60.20
CA GLU I 42 -49.70 37.96 -59.06
C GLU I 42 -51.05 38.56 -58.69
N GLN I 43 -51.79 39.11 -59.64
CA GLN I 43 -53.06 39.77 -59.31
C GLN I 43 -54.17 38.76 -59.12
N LEU I 44 -54.06 37.64 -59.81
CA LEU I 44 -55.03 36.58 -59.65
C LEU I 44 -54.97 36.31 -58.21
N ARG I 45 -53.78 36.01 -57.72
CA ARG I 45 -53.60 35.72 -56.32
C ARG I 45 -53.92 36.92 -55.45
N ALA I 46 -54.06 38.09 -56.06
CA ALA I 46 -54.26 39.28 -55.27
C ALA I 46 -55.72 39.70 -55.14
N ARG I 47 -56.43 39.81 -56.25
CA ARG I 47 -57.80 40.31 -56.17
C ARG I 47 -58.52 39.52 -55.15
N VAL I 48 -58.11 38.27 -55.03
CA VAL I 48 -58.72 37.41 -54.07
C VAL I 48 -58.66 38.10 -52.74
N ARG I 49 -57.51 38.66 -52.40
CA ARG I 49 -57.36 39.29 -51.11
C ARG I 49 -58.28 40.48 -50.98
N TYR I 50 -58.41 41.26 -52.04
CA TYR I 50 -59.23 42.48 -52.00
C TYR I 50 -60.72 42.22 -51.78
N VAL I 51 -61.27 41.20 -52.44
CA VAL I 51 -62.68 40.87 -52.27
C VAL I 51 -62.80 40.24 -50.92
N GLN I 52 -61.75 39.57 -50.50
CA GLN I 52 -61.74 39.05 -49.15
C GLN I 52 -61.63 40.35 -48.37
N ALA I 53 -62.29 40.43 -47.23
CA ALA I 53 -62.35 41.73 -46.56
C ALA I 53 -62.65 42.83 -47.58
N GLY I 54 -63.72 42.60 -48.34
CA GLY I 54 -64.05 43.40 -49.50
C GLY I 54 -64.24 44.88 -49.23
N GLY I 55 -63.53 45.70 -50.00
CA GLY I 55 -63.65 47.13 -49.89
C GLY I 55 -62.91 47.73 -48.72
N VAL I 56 -62.22 46.93 -47.91
CA VAL I 56 -61.40 47.42 -46.80
C VAL I 56 -60.02 46.81 -46.98
N VAL I 57 -59.14 47.53 -47.65
CA VAL I 57 -57.76 47.11 -47.87
C VAL I 57 -56.86 48.18 -47.31
N PRO I 58 -56.45 48.06 -46.04
CA PRO I 58 -55.71 49.15 -45.39
C PRO I 58 -54.37 49.48 -46.03
N GLU I 59 -53.80 48.57 -46.82
CA GLU I 59 -52.49 48.86 -47.42
C GLU I 59 -52.58 50.01 -48.40
N GLU I 60 -53.71 50.13 -49.10
CA GLU I 60 -53.95 51.18 -50.10
C GLU I 60 -52.88 51.17 -51.19
N GLU I 61 -52.15 50.07 -51.34
CA GLU I 61 -51.16 49.89 -52.39
C GLU I 61 -51.61 48.82 -53.39
N ALA I 62 -52.92 48.63 -53.52
CA ALA I 62 -53.44 47.58 -54.40
C ALA I 62 -53.44 48.06 -55.85
N ALA I 63 -52.30 48.59 -56.31
CA ALA I 63 -52.15 48.92 -57.71
C ALA I 63 -51.86 47.71 -58.57
N LYS I 64 -51.41 46.61 -57.96
CA LYS I 64 -51.21 45.38 -58.72
C LYS I 64 -52.55 44.84 -59.21
N ALA I 65 -53.64 45.19 -58.55
CA ALA I 65 -54.98 44.90 -59.01
C ALA I 65 -55.54 46.13 -59.71
N GLY I 66 -56.02 45.95 -60.93
CA GLY I 66 -56.59 47.06 -61.67
C GLY I 66 -57.91 47.56 -61.14
N VAL I 67 -58.28 47.16 -59.92
CA VAL I 67 -59.56 47.56 -59.36
C VAL I 67 -59.55 49.05 -59.06
N SER I 68 -60.67 49.71 -59.36
CA SER I 68 -60.80 51.13 -59.09
C SER I 68 -60.80 51.41 -57.60
N ILE I 69 -60.39 52.61 -57.22
CA ILE I 69 -60.39 53.01 -55.82
C ILE I 69 -61.83 53.14 -55.34
N SER I 70 -62.11 52.55 -54.17
CA SER I 70 -63.44 52.57 -53.58
C SER I 70 -63.37 53.24 -52.21
N SER I 71 -64.53 53.71 -51.76
CA SER I 71 -64.62 54.40 -50.48
C SER I 71 -64.42 53.37 -49.35
N ILE I 72 -63.19 53.29 -48.86
CA ILE I 72 -62.87 52.33 -47.81
C ILE I 72 -63.61 52.69 -46.53
N GLU I 73 -63.77 53.98 -46.26
CA GLU I 73 -64.37 54.42 -45.00
C GLU I 73 -65.81 53.94 -44.89
N ALA I 74 -66.56 53.98 -46.01
CA ALA I 74 -67.96 53.55 -45.96
C ALA I 74 -68.06 52.07 -45.61
N ASP I 75 -67.24 51.24 -46.24
CA ASP I 75 -67.26 49.81 -45.95
C ASP I 75 -66.83 49.54 -44.52
N ASP I 76 -65.81 50.24 -44.03
CA ASP I 76 -65.40 50.04 -42.65
C ASP I 76 -66.51 50.47 -41.69
N ARG I 77 -67.20 51.57 -41.99
CA ARG I 77 -68.32 52.00 -41.16
C ARG I 77 -69.41 50.94 -41.13
N VAL I 78 -69.76 50.39 -42.29
CA VAL I 78 -70.79 49.36 -42.36
C VAL I 78 -70.38 48.13 -41.55
N ARG I 79 -69.12 47.71 -41.69
CA ARG I 79 -68.64 46.54 -40.97
C ARG I 79 -68.63 46.78 -39.45
N LYS I 80 -68.21 47.99 -39.03
CA LYS I 80 -68.24 48.31 -37.61
C LYS I 80 -69.66 48.27 -37.07
N LEU I 81 -70.61 48.86 -37.80
CA LEU I 81 -72.00 48.86 -37.35
C LEU I 81 -72.53 47.43 -37.27
N HIS I 82 -72.17 46.60 -38.24
CA HIS I 82 -72.67 45.23 -38.27
C HIS I 82 -72.06 44.40 -37.13
N LEU I 83 -70.76 44.58 -36.86
CA LEU I 83 -70.12 43.80 -35.81
C LEU I 83 -70.53 44.27 -34.42
N SER I 84 -70.89 45.55 -34.28
CA SER I 84 -71.44 46.02 -33.02
C SER I 84 -72.75 45.33 -32.69
N ARG I 85 -73.46 44.83 -33.70
CA ARG I 85 -74.73 44.16 -33.45
C ARG I 85 -74.54 42.85 -32.67
N GLY I 86 -73.39 42.20 -32.84
CA GLY I 86 -73.11 40.95 -32.17
C GLY I 86 -72.92 39.77 -33.10
N LYS I 87 -72.95 39.98 -34.41
CA LYS I 87 -72.76 38.92 -35.39
C LYS I 87 -71.48 39.17 -36.18
N MET I 88 -70.77 38.09 -36.50
CA MET I 88 -69.47 38.20 -37.15
C MET I 88 -69.64 38.46 -38.65
N LEU I 89 -69.28 39.66 -39.10
CA LEU I 89 -69.32 39.99 -40.52
C LEU I 89 -67.99 39.57 -41.15
N ALA I 90 -67.99 38.34 -41.66
CA ALA I 90 -66.89 37.81 -42.45
C ALA I 90 -67.26 36.40 -42.89
N ARG I 91 -66.31 35.76 -43.55
CA ARG I 91 -66.38 34.33 -43.75
C ARG I 91 -65.99 33.56 -42.50
N ASP I 92 -65.80 34.27 -41.39
CA ASP I 92 -65.31 33.66 -40.16
C ASP I 92 -66.17 32.50 -39.71
N ARG I 93 -67.48 32.57 -39.94
CA ARG I 93 -68.37 31.48 -39.58
C ARG I 93 -67.89 30.17 -40.17
N ILE I 94 -67.32 30.22 -41.38
CA ILE I 94 -66.87 29.01 -42.05
C ILE I 94 -65.68 28.39 -41.32
N GLU I 95 -64.57 29.12 -41.17
CA GLU I 95 -63.38 28.50 -40.61
C GLU I 95 -63.55 28.22 -39.12
N ARG I 96 -64.50 28.89 -38.47
CA ARG I 96 -64.93 28.41 -37.16
C ARG I 96 -65.65 27.08 -37.28
N LEU I 97 -66.43 26.89 -38.35
CA LEU I 97 -67.26 25.69 -38.46
C LEU I 97 -66.46 24.45 -38.85
N ILE I 98 -65.44 24.60 -39.68
CA ILE I 98 -64.68 23.44 -40.19
C ILE I 98 -63.62 23.06 -39.18
N ASP I 99 -63.32 21.76 -39.12
CA ASP I 99 -62.34 21.24 -38.16
C ASP I 99 -60.96 21.82 -38.45
N PRO I 100 -60.19 22.17 -37.42
CA PRO I 100 -58.84 22.66 -37.65
C PRO I 100 -57.92 21.58 -38.23
N GLY I 101 -56.95 22.02 -39.01
CA GLY I 101 -56.01 21.12 -39.65
C GLY I 101 -56.53 20.45 -40.90
N THR I 102 -57.71 20.82 -41.37
CA THR I 102 -58.37 20.20 -42.51
C THR I 102 -58.27 21.13 -43.72
N ARG I 103 -58.84 20.68 -44.84
CA ARG I 103 -58.75 21.39 -46.10
C ARG I 103 -60.02 22.19 -46.39
N PHE I 104 -59.94 23.02 -47.42
CA PHE I 104 -61.05 23.83 -47.91
C PHE I 104 -60.82 24.07 -49.39
N LEU I 105 -61.88 24.45 -50.10
CA LEU I 105 -61.74 24.63 -51.53
C LEU I 105 -62.11 26.01 -52.03
N GLU I 106 -63.17 26.64 -51.51
CA GLU I 106 -63.70 27.88 -52.05
C GLU I 106 -64.07 27.71 -53.52
N LEU I 107 -65.10 26.89 -53.73
CA LEU I 107 -65.54 26.51 -55.07
C LEU I 107 -65.59 27.67 -56.05
N SER I 108 -66.45 28.65 -55.79
CA SER I 108 -66.57 29.81 -56.66
C SER I 108 -66.09 31.04 -55.90
N GLN I 109 -65.16 31.76 -56.52
CA GLN I 109 -64.53 32.93 -55.94
C GLN I 109 -64.44 34.01 -56.99
N LEU I 110 -64.29 35.26 -56.54
CA LEU I 110 -64.36 36.42 -57.43
C LEU I 110 -65.69 36.48 -58.17
N ALA I 111 -66.72 35.85 -57.61
CA ALA I 111 -68.01 35.81 -58.26
C ALA I 111 -68.58 37.22 -58.40
N GLY I 112 -69.21 37.48 -59.53
CA GLY I 112 -69.76 38.81 -59.77
C GLY I 112 -68.72 39.90 -59.77
N TRP I 113 -67.51 39.58 -60.21
CA TRP I 113 -66.47 40.58 -60.36
C TRP I 113 -66.92 41.61 -61.39
N ASP I 114 -67.03 42.86 -60.98
CA ASP I 114 -67.35 44.02 -61.83
C ASP I 114 -68.34 43.65 -62.96
N LEU I 115 -69.49 43.11 -62.55
CA LEU I 115 -70.46 42.56 -63.47
C LEU I 115 -71.41 43.63 -64.04
N TYR I 116 -72.13 44.32 -63.15
CA TYR I 116 -73.19 45.23 -63.54
C TYR I 116 -72.62 46.64 -63.72
N TRP I 117 -73.08 47.32 -64.77
CA TRP I 117 -72.71 48.72 -64.97
C TRP I 117 -73.82 49.62 -64.44
N ASP I 118 -73.49 50.50 -63.50
CA ASP I 118 -74.48 51.32 -62.85
C ASP I 118 -74.86 52.51 -63.74
N ASP I 119 -75.73 53.37 -63.21
CA ASP I 119 -76.08 54.59 -63.91
C ASP I 119 -74.85 55.48 -64.07
N LYS I 120 -74.02 55.55 -63.03
CA LYS I 120 -72.75 56.25 -63.14
C LYS I 120 -71.85 55.49 -64.11
N LYS I 121 -71.34 56.20 -65.11
CA LYS I 121 -70.63 55.56 -66.20
C LYS I 121 -69.35 54.90 -65.72
N LYS I 122 -68.63 55.56 -64.82
CA LYS I 122 -67.36 55.06 -64.31
C LYS I 122 -67.53 54.13 -63.11
N GLU I 123 -68.76 53.87 -62.68
CA GLU I 123 -69.01 53.05 -61.50
C GLU I 123 -69.71 51.75 -61.88
N TYR I 124 -69.20 50.64 -61.32
CA TYR I 124 -69.85 49.35 -61.38
C TYR I 124 -70.41 49.03 -60.00
N GLU I 125 -71.37 48.10 -59.95
CA GLU I 125 -71.90 47.65 -58.68
C GLU I 125 -70.82 46.91 -57.91
N ARG I 126 -70.67 47.25 -56.63
CA ARG I 126 -69.58 46.74 -55.80
C ARG I 126 -70.00 45.40 -55.19
N CYS I 127 -70.05 44.38 -56.06
CA CYS I 127 -70.26 43.01 -55.62
C CYS I 127 -68.90 42.33 -55.55
N TYR I 128 -68.25 42.45 -54.39
CA TYR I 128 -66.93 41.84 -54.21
C TYR I 128 -67.00 40.33 -54.36
N SER I 129 -68.08 39.72 -53.87
CA SER I 129 -68.39 38.33 -54.13
C SER I 129 -69.74 38.26 -54.81
N GLY I 130 -70.26 37.04 -54.96
CA GLY I 130 -71.57 36.85 -55.54
C GLY I 130 -72.67 37.11 -54.54
N GLY I 131 -72.31 37.60 -53.37
CA GLY I 131 -73.21 37.72 -52.25
C GLY I 131 -73.16 36.54 -51.32
N ILE I 132 -72.56 35.44 -51.75
CA ILE I 132 -72.36 34.24 -50.94
C ILE I 132 -70.93 33.78 -51.14
N VAL I 133 -70.50 32.86 -50.28
CA VAL I 133 -69.21 32.19 -50.43
C VAL I 133 -69.47 30.69 -50.36
N THR I 134 -68.89 29.95 -51.31
CA THR I 134 -69.15 28.52 -51.45
C THR I 134 -67.85 27.75 -51.48
N GLY I 135 -67.78 26.69 -50.69
CA GLY I 135 -66.61 25.83 -50.68
C GLY I 135 -66.94 24.51 -50.01
N ILE I 136 -66.14 23.51 -50.33
CA ILE I 136 -66.31 22.18 -49.77
C ILE I 136 -65.62 22.14 -48.41
N GLY I 137 -66.36 21.73 -47.39
CA GLY I 137 -65.84 21.71 -46.03
C GLY I 137 -66.01 20.36 -45.38
N LEU I 138 -65.03 20.01 -44.55
CA LEU I 138 -65.01 18.74 -43.84
C LEU I 138 -65.31 19.01 -42.37
N VAL I 139 -66.51 18.63 -41.93
CA VAL I 139 -67.01 18.96 -40.59
C VAL I 139 -67.13 17.67 -39.79
N ASN I 140 -66.45 17.62 -38.65
CA ASN I 140 -66.57 16.50 -37.72
C ASN I 140 -66.29 15.16 -38.38
N GLY I 141 -65.33 15.12 -39.30
CA GLY I 141 -65.08 13.91 -40.05
C GLY I 141 -66.06 13.67 -41.18
N VAL I 142 -66.92 14.63 -41.48
CA VAL I 142 -67.95 14.49 -42.53
C VAL I 142 -67.71 15.59 -43.56
N ARG I 143 -67.64 15.20 -44.83
CA ARG I 143 -67.50 16.16 -45.91
C ARG I 143 -68.85 16.79 -46.22
N CYS I 144 -68.87 18.12 -46.32
CA CYS I 144 -70.12 18.86 -46.50
C CYS I 144 -69.90 20.04 -47.43
N MET I 145 -70.99 20.49 -48.03
CA MET I 145 -71.01 21.71 -48.82
C MET I 145 -71.38 22.87 -47.92
N LEU I 146 -70.63 23.96 -48.00
CA LEU I 146 -70.85 25.13 -47.17
C LEU I 146 -71.24 26.31 -48.04
N VAL I 147 -72.42 26.88 -47.78
CA VAL I 147 -72.90 28.07 -48.47
C VAL I 147 -73.23 29.10 -47.40
N ALA I 148 -72.63 30.27 -47.51
CA ALA I 148 -72.82 31.34 -46.53
C ALA I 148 -73.25 32.61 -47.23
N ASN I 149 -74.38 33.18 -46.80
CA ASN I 149 -74.88 34.42 -47.38
C ASN I 149 -74.12 35.59 -46.76
N ASP I 150 -73.45 36.37 -47.59
CA ASP I 150 -72.71 37.51 -47.09
C ASP I 150 -73.68 38.61 -46.65
N ALA I 151 -73.21 39.46 -45.74
CA ALA I 151 -74.06 40.50 -45.18
C ALA I 151 -74.12 41.73 -46.11
N THR I 152 -73.57 41.62 -47.31
CA THR I 152 -73.70 42.70 -48.27
C THR I 152 -75.13 42.76 -48.81
N VAL I 153 -75.93 43.70 -48.28
CA VAL I 153 -77.29 43.91 -48.74
C VAL I 153 -77.47 45.29 -49.35
N LYS I 154 -76.37 46.01 -49.57
CA LYS I 154 -76.45 47.37 -50.10
C LYS I 154 -77.05 47.39 -51.50
N GLY I 155 -76.67 46.42 -52.34
CA GLY I 155 -77.26 46.35 -53.67
C GLY I 155 -78.54 45.56 -53.70
N GLY I 156 -78.77 44.73 -52.69
CA GLY I 156 -79.91 43.81 -52.70
C GLY I 156 -79.44 42.41 -52.40
N THR I 157 -80.32 41.58 -51.84
CA THR I 157 -79.88 40.26 -51.38
C THR I 157 -79.33 39.42 -52.52
N TYR I 158 -80.15 39.06 -53.48
CA TYR I 158 -79.80 38.06 -54.48
C TYR I 158 -79.92 38.62 -55.89
N TYR I 159 -78.96 38.23 -56.74
CA TYR I 159 -78.81 38.64 -58.12
C TYR I 159 -78.86 37.44 -59.04
N PRO I 160 -78.90 37.66 -60.37
CA PRO I 160 -78.83 36.53 -61.30
C PRO I 160 -77.54 35.73 -61.17
N ILE I 161 -76.54 36.30 -60.50
CA ILE I 161 -75.31 35.57 -60.21
C ILE I 161 -75.35 34.91 -58.84
N THR I 162 -76.25 35.34 -57.95
CA THR I 162 -76.32 34.74 -56.62
C THR I 162 -77.13 33.45 -56.65
N VAL I 163 -78.31 33.48 -57.24
CA VAL I 163 -79.14 32.28 -57.31
C VAL I 163 -78.46 31.20 -58.14
N LYS I 164 -77.75 31.60 -59.20
CA LYS I 164 -77.03 30.61 -59.99
C LYS I 164 -75.95 29.94 -59.17
N LYS I 165 -75.24 30.70 -58.34
CA LYS I 165 -74.23 30.11 -57.46
C LYS I 165 -74.85 29.16 -56.46
N HIS I 166 -75.97 29.56 -55.84
CA HIS I 166 -76.65 28.69 -54.90
C HIS I 166 -77.12 27.40 -55.58
N LEU I 167 -77.68 27.50 -56.78
CA LEU I 167 -78.18 26.32 -57.47
C LEU I 167 -77.05 25.42 -57.94
N ARG I 168 -75.92 26.01 -58.35
CA ARG I 168 -74.77 25.20 -58.68
C ARG I 168 -74.28 24.42 -57.47
N ALA I 169 -74.26 25.07 -56.30
CA ALA I 169 -73.87 24.38 -55.09
C ALA I 169 -74.83 23.24 -54.77
N GLN I 170 -76.14 23.48 -54.91
CA GLN I 170 -77.12 22.43 -54.63
C GLN I 170 -76.98 21.26 -55.59
N LYS I 171 -76.78 21.53 -56.88
CA LYS I 171 -76.59 20.45 -57.84
C LYS I 171 -75.33 19.65 -57.54
N ILE I 172 -74.25 20.34 -57.18
CA ILE I 172 -73.02 19.64 -56.83
C ILE I 172 -73.22 18.74 -55.62
N ALA I 173 -73.88 19.26 -54.59
CA ALA I 173 -74.12 18.45 -53.39
C ALA I 173 -74.99 17.24 -53.70
N GLU I 174 -76.04 17.43 -54.49
CA GLU I 174 -76.92 16.31 -54.82
C GLU I 174 -76.19 15.25 -55.64
N GLN I 175 -75.39 15.68 -56.61
CA GLN I 175 -74.62 14.73 -57.40
C GLN I 175 -73.65 13.94 -56.53
N ASN I 176 -73.00 14.63 -55.60
CA ASN I 176 -71.94 14.02 -54.80
C ASN I 176 -72.42 13.50 -53.45
N HIS I 177 -73.69 13.71 -53.10
CA HIS I 177 -74.21 13.30 -51.79
C HIS I 177 -73.37 13.85 -50.65
N LEU I 178 -73.03 15.12 -50.76
CA LEU I 178 -72.47 15.87 -49.64
C LEU I 178 -73.57 16.69 -49.00
N PRO I 179 -73.85 16.52 -47.72
CA PRO I 179 -74.85 17.39 -47.08
C PRO I 179 -74.43 18.86 -47.12
N CYS I 180 -75.43 19.73 -47.19
CA CYS I 180 -75.23 21.17 -47.28
C CYS I 180 -75.44 21.82 -45.92
N ILE I 181 -74.73 22.93 -45.70
CA ILE I 181 -75.00 23.83 -44.59
C ILE I 181 -75.10 25.25 -45.14
N TYR I 182 -76.24 25.89 -44.89
CA TYR I 182 -76.50 27.24 -45.37
C TYR I 182 -76.45 28.20 -44.21
N LEU I 183 -75.68 29.27 -44.37
CA LEU I 183 -75.65 30.37 -43.40
C LEU I 183 -76.47 31.51 -43.98
N VAL I 184 -77.60 31.80 -43.35
CA VAL I 184 -78.64 32.63 -43.94
C VAL I 184 -78.57 34.03 -43.32
N ASP I 185 -78.27 35.02 -44.15
CA ASP I 185 -78.49 36.43 -43.82
C ASP I 185 -78.91 37.14 -45.08
N SER I 186 -80.10 37.75 -45.05
CA SER I 186 -80.72 38.30 -46.24
C SER I 186 -81.32 39.66 -45.96
N GLY I 187 -81.39 40.47 -47.01
CA GLY I 187 -82.19 41.68 -47.02
C GLY I 187 -83.51 41.50 -47.72
N GLY I 188 -83.98 40.27 -47.87
CA GLY I 188 -85.21 40.00 -48.59
C GLY I 188 -84.97 39.66 -50.05
N ALA I 189 -85.56 40.43 -50.95
CA ALA I 189 -85.39 40.26 -52.38
C ALA I 189 -84.83 41.53 -52.99
N ASN I 190 -84.64 41.48 -54.31
CA ASN I 190 -84.26 42.66 -55.10
C ASN I 190 -85.43 43.04 -55.98
N LEU I 191 -86.17 44.08 -55.57
CA LEU I 191 -87.36 44.51 -56.28
C LEU I 191 -87.05 45.34 -57.51
N SER I 192 -85.78 45.38 -57.94
CA SER I 192 -85.40 46.07 -59.16
C SER I 192 -85.23 45.10 -60.33
N ARG I 193 -84.43 44.05 -60.16
CA ARG I 193 -84.25 43.00 -61.15
C ARG I 193 -85.14 41.79 -60.88
N GLN I 194 -86.32 42.01 -60.30
CA GLN I 194 -87.15 40.90 -59.85
C GLN I 194 -87.61 40.02 -61.01
N ASP I 195 -87.91 40.63 -62.15
CA ASP I 195 -88.29 39.83 -63.32
C ASP I 195 -87.15 38.91 -63.74
N ASP I 196 -85.91 39.31 -63.47
CA ASP I 196 -84.76 38.53 -63.89
C ASP I 196 -84.46 37.41 -62.91
N VAL I 197 -84.92 37.53 -61.67
CA VAL I 197 -84.54 36.59 -60.62
C VAL I 197 -85.72 35.77 -60.08
N PHE I 198 -86.93 36.31 -60.09
CA PHE I 198 -88.04 35.59 -59.48
C PHE I 198 -88.73 34.59 -60.42
N PRO I 199 -89.31 35.08 -61.54
CA PRO I 199 -90.08 34.14 -62.38
C PRO I 199 -89.21 33.25 -63.25
N ASP I 200 -89.83 32.61 -64.25
CA ASP I 200 -89.10 31.71 -65.15
C ASP I 200 -88.58 30.48 -64.42
N GLU I 201 -87.57 29.81 -64.98
CA GLU I 201 -87.05 28.59 -64.37
C GLU I 201 -85.60 28.76 -63.98
N GLN I 202 -85.06 27.82 -63.20
CA GLN I 202 -83.68 27.96 -62.72
C GLN I 202 -83.58 29.21 -61.89
N HIS I 203 -84.64 29.51 -61.15
CA HIS I 203 -84.68 30.71 -60.33
C HIS I 203 -84.85 30.41 -58.86
N PHE I 204 -85.43 31.36 -58.12
CA PHE I 204 -85.55 31.19 -56.68
C PHE I 204 -86.47 30.04 -56.30
N GLY I 205 -87.36 29.62 -57.18
CA GLY I 205 -88.19 28.46 -56.88
C GLY I 205 -87.41 27.16 -56.93
N ARG I 206 -86.40 27.09 -57.79
CA ARG I 206 -85.65 25.84 -57.91
C ARG I 206 -84.83 25.55 -56.65
N ILE I 207 -84.50 26.58 -55.88
CA ILE I 207 -83.88 26.35 -54.58
C ILE I 207 -84.81 25.54 -53.70
N PHE I 208 -86.08 25.93 -53.65
CA PHE I 208 -87.07 25.21 -52.86
C PHE I 208 -87.31 23.82 -53.44
N TYR I 209 -87.24 23.70 -54.76
CA TYR I 209 -87.38 22.37 -55.39
C TYR I 209 -86.24 21.45 -54.95
N ASN I 210 -85.02 21.96 -54.95
CA ASN I 210 -83.87 21.14 -54.62
C ASN I 210 -83.84 20.76 -53.14
N GLU I 211 -84.24 21.69 -52.26
CA GLU I 211 -84.24 21.37 -50.84
C GLU I 211 -85.25 20.30 -50.47
N ALA I 212 -86.18 19.98 -51.37
CA ALA I 212 -87.09 18.86 -51.16
C ALA I 212 -86.64 17.60 -51.88
N GLN I 213 -86.11 17.73 -53.10
CA GLN I 213 -85.59 16.57 -53.81
C GLN I 213 -84.44 15.94 -53.06
N MET I 214 -83.62 16.75 -52.38
CA MET I 214 -82.55 16.19 -51.56
C MET I 214 -83.11 15.35 -50.42
N SER I 215 -84.11 15.84 -49.71
CA SER I 215 -84.65 15.10 -48.58
C SER I 215 -85.44 13.89 -49.04
N ILE I 216 -85.86 13.86 -50.31
CA ILE I 216 -86.38 12.61 -50.86
C ILE I 216 -85.30 11.54 -50.90
N LYS I 217 -84.11 11.91 -51.38
CA LYS I 217 -82.98 10.99 -51.44
C LYS I 217 -82.30 10.81 -50.09
N SER I 218 -82.90 11.34 -49.03
CA SER I 218 -82.39 11.20 -47.66
C SER I 218 -80.98 11.76 -47.52
N ILE I 219 -80.73 12.92 -48.13
CA ILE I 219 -79.47 13.63 -47.98
C ILE I 219 -79.74 14.82 -47.08
N SER I 220 -79.52 14.65 -45.78
CA SER I 220 -79.92 15.66 -44.81
C SER I 220 -79.20 16.98 -45.07
N GLN I 221 -79.92 18.08 -44.84
CA GLN I 221 -79.42 19.43 -45.08
C GLN I 221 -79.72 20.28 -43.86
N ILE I 222 -78.87 21.29 -43.62
CA ILE I 222 -78.95 22.11 -42.42
C ILE I 222 -78.82 23.58 -42.81
N ALA I 223 -79.61 24.43 -42.18
CA ALA I 223 -79.56 25.87 -42.41
C ALA I 223 -79.47 26.59 -41.08
N VAL I 224 -78.74 27.71 -41.08
CA VAL I 224 -78.59 28.55 -39.90
C VAL I 224 -79.14 29.93 -40.24
N VAL I 225 -80.07 30.42 -39.42
CA VAL I 225 -80.74 31.69 -39.68
C VAL I 225 -80.12 32.77 -38.81
N MET I 226 -79.12 33.47 -39.34
CA MET I 226 -78.44 34.49 -38.56
C MET I 226 -79.21 35.79 -38.57
N GLY I 227 -79.82 36.13 -39.70
CA GLY I 227 -80.63 37.33 -39.83
C GLY I 227 -81.92 37.03 -40.56
N SER I 228 -82.58 38.10 -40.98
CA SER I 228 -83.89 37.96 -41.62
C SER I 228 -83.77 37.24 -42.96
N CYS I 229 -84.74 36.37 -43.24
CA CYS I 229 -84.91 35.74 -44.54
C CYS I 229 -86.39 35.87 -44.94
N THR I 230 -86.73 36.98 -45.58
CA THR I 230 -88.10 37.27 -45.95
C THR I 230 -88.31 36.97 -47.44
N ALA I 231 -89.49 37.33 -47.95
CA ALA I 231 -89.78 37.28 -49.37
C ALA I 231 -89.54 35.90 -49.98
N GLY I 232 -90.04 34.86 -49.34
CA GLY I 232 -89.82 33.52 -49.82
C GLY I 232 -88.54 32.92 -49.27
N GLY I 233 -87.74 33.74 -48.59
CA GLY I 233 -86.58 33.23 -47.91
C GLY I 233 -86.86 32.53 -46.60
N ALA I 234 -88.11 32.63 -46.11
CA ALA I 234 -88.46 32.01 -44.85
C ALA I 234 -88.81 30.53 -45.01
N TYR I 235 -88.83 30.01 -46.25
CA TYR I 235 -89.18 28.61 -46.43
C TYR I 235 -87.99 27.70 -46.14
N VAL I 236 -86.76 28.17 -46.38
CA VAL I 236 -85.58 27.36 -46.07
C VAL I 236 -85.52 26.99 -44.60
N PRO I 237 -85.74 27.90 -43.64
CA PRO I 237 -85.88 27.45 -42.25
C PRO I 237 -87.02 26.48 -42.05
N ALA I 238 -88.10 26.62 -42.83
CA ALA I 238 -89.22 25.70 -42.72
C ALA I 238 -88.92 24.37 -43.41
N MET I 239 -88.24 24.42 -44.55
CA MET I 239 -87.81 23.23 -45.27
C MET I 239 -86.38 22.92 -44.84
N ALA I 240 -86.23 22.25 -43.71
CA ALA I 240 -84.91 21.95 -43.17
C ALA I 240 -85.04 20.85 -42.14
N ASP I 241 -84.11 19.90 -42.19
CA ASP I 241 -84.06 18.86 -41.16
C ASP I 241 -83.71 19.47 -39.80
N GLU I 242 -82.76 20.41 -39.79
CA GLU I 242 -82.37 21.14 -38.60
C GLU I 242 -82.18 22.59 -38.98
N ASN I 243 -82.67 23.50 -38.14
CA ASN I 243 -82.51 24.92 -38.38
C ASN I 243 -82.18 25.61 -37.06
N ILE I 244 -81.46 26.73 -37.17
CA ILE I 244 -80.95 27.45 -36.01
C ILE I 244 -81.37 28.90 -36.10
N ILE I 245 -81.95 29.41 -35.02
CA ILE I 245 -82.38 30.80 -34.93
C ILE I 245 -81.67 31.44 -33.75
N VAL I 246 -80.88 32.48 -34.02
CA VAL I 246 -80.14 33.15 -32.95
C VAL I 246 -81.11 33.91 -32.06
N ALA I 247 -80.76 34.01 -30.77
CA ALA I 247 -81.71 34.44 -29.76
C ALA I 247 -82.23 35.85 -30.01
N ARG I 248 -81.35 36.76 -30.42
CA ARG I 248 -81.75 38.16 -30.58
C ARG I 248 -81.97 38.56 -32.03
N ASN I 249 -80.96 38.40 -32.88
CA ASN I 249 -81.03 38.95 -34.22
C ASN I 249 -81.51 37.96 -35.28
N GLY I 250 -81.84 36.73 -34.90
CA GLY I 250 -82.38 35.79 -35.86
C GLY I 250 -83.87 35.95 -36.09
N THR I 251 -84.26 36.30 -37.31
CA THR I 251 -85.65 36.61 -37.62
C THR I 251 -86.08 35.90 -38.90
N ILE I 252 -87.33 35.44 -38.92
CA ILE I 252 -87.92 34.81 -40.11
C ILE I 252 -89.31 35.39 -40.33
N PHE I 253 -89.59 35.84 -41.55
CA PHE I 253 -90.85 36.50 -41.85
C PHE I 253 -91.36 36.07 -43.21
N LEU I 254 -92.68 35.89 -43.30
CA LEU I 254 -93.36 35.77 -44.59
C LEU I 254 -93.94 37.10 -45.04
N GLY I 255 -94.21 37.99 -44.11
CA GLY I 255 -94.62 39.35 -44.43
C GLY I 255 -93.83 40.35 -43.62
N GLY I 256 -93.34 41.39 -44.31
CA GLY I 256 -92.46 42.36 -43.71
C GLY I 256 -93.13 43.25 -42.68
N PRO I 257 -92.33 43.81 -41.77
CA PRO I 257 -92.87 44.75 -40.77
C PRO I 257 -93.54 45.95 -41.40
N PRO I 258 -93.03 46.51 -42.51
CA PRO I 258 -93.82 47.53 -43.21
C PRO I 258 -95.11 47.02 -43.80
N LEU I 259 -95.22 45.71 -44.02
CA LEU I 259 -96.37 45.18 -44.76
C LEU I 259 -97.63 45.16 -43.89
N VAL I 260 -97.47 45.01 -42.57
CA VAL I 260 -98.65 45.05 -41.71
C VAL I 260 -99.29 46.43 -41.76
N LEU I 261 -98.49 47.48 -41.87
CA LEU I 261 -99.04 48.81 -42.09
C LEU I 261 -99.64 48.88 -43.49
N ALA I 262 -100.67 49.72 -43.63
CA ALA I 262 -101.51 49.88 -44.81
C ALA I 262 -102.41 48.67 -45.05
N ALA I 263 -102.31 47.62 -44.24
CA ALA I 263 -103.26 46.50 -44.25
C ALA I 263 -103.38 46.03 -42.81
N THR I 264 -104.35 46.59 -42.10
CA THR I 264 -104.50 46.39 -40.65
C THR I 264 -103.19 46.72 -39.93
N GLY I 265 -102.84 48.00 -39.98
CA GLY I 265 -101.57 48.47 -39.47
C GLY I 265 -101.46 48.57 -37.95
N GLU I 266 -101.88 47.52 -37.24
CA GLU I 266 -101.71 47.47 -35.79
C GLU I 266 -100.28 46.97 -35.53
N LYS I 267 -99.33 47.87 -35.72
CA LYS I 267 -97.93 47.50 -35.64
C LYS I 267 -97.56 47.07 -34.22
N VAL I 268 -96.81 45.98 -34.13
CA VAL I 268 -96.25 45.51 -32.86
C VAL I 268 -94.79 45.16 -33.08
N SER I 269 -94.15 44.66 -32.03
CA SER I 269 -92.70 44.51 -32.02
C SER I 269 -92.25 43.48 -33.04
N SER I 270 -91.07 43.73 -33.62
CA SER I 270 -90.54 42.85 -34.67
C SER I 270 -90.30 41.44 -34.14
N GLU I 271 -90.11 41.31 -32.82
CA GLU I 271 -90.01 39.98 -32.23
C GLU I 271 -91.28 39.17 -32.45
N GLU I 272 -92.43 39.79 -32.23
CA GLU I 272 -93.70 39.08 -32.30
C GLU I 272 -94.14 38.80 -33.73
N LEU I 273 -93.52 39.45 -34.72
CA LEU I 273 -93.90 39.29 -36.12
C LEU I 273 -93.32 38.04 -36.76
N GLY I 274 -92.47 37.31 -36.05
CA GLY I 274 -91.88 36.10 -36.58
C GLY I 274 -90.42 35.92 -36.23
N GLY I 275 -89.80 36.86 -35.51
CA GLY I 275 -88.41 36.70 -35.14
C GLY I 275 -88.24 35.66 -34.06
N ALA I 276 -87.01 35.57 -33.56
CA ALA I 276 -86.71 34.61 -32.52
C ALA I 276 -87.58 34.86 -31.31
N ASP I 277 -88.52 33.94 -31.08
CA ASP I 277 -89.52 34.09 -30.03
C ASP I 277 -89.27 33.02 -28.97
N VAL I 278 -88.35 33.29 -28.06
CA VAL I 278 -88.07 32.34 -26.99
C VAL I 278 -88.97 32.68 -25.82
N HIS I 279 -90.21 32.21 -25.89
CA HIS I 279 -91.17 32.35 -24.80
C HIS I 279 -92.11 31.15 -24.77
N CYS I 280 -91.68 30.03 -25.35
CA CYS I 280 -92.49 28.82 -25.46
C CYS I 280 -93.79 29.09 -26.23
N ARG I 281 -93.66 29.79 -27.35
CA ARG I 281 -94.83 30.08 -28.19
C ARG I 281 -95.43 28.79 -28.72
N ILE I 282 -96.63 28.89 -29.29
CA ILE I 282 -97.29 27.71 -29.82
C ILE I 282 -96.54 27.15 -31.01
N SER I 283 -95.84 28.01 -31.75
CA SER I 283 -95.15 27.56 -32.96
C SER I 283 -93.99 26.65 -32.62
N GLY I 284 -93.97 25.48 -33.24
CA GLY I 284 -92.82 24.61 -33.16
C GLY I 284 -91.89 24.81 -34.33
N VAL I 285 -91.49 26.06 -34.57
CA VAL I 285 -90.67 26.41 -35.71
C VAL I 285 -89.25 26.67 -35.23
N GLY I 286 -88.30 26.00 -35.88
CA GLY I 286 -86.89 26.22 -35.58
C GLY I 286 -86.38 25.31 -34.49
N ASP I 287 -85.49 24.39 -34.86
CA ASP I 287 -85.07 23.37 -33.92
C ASP I 287 -84.23 23.93 -32.77
N HIS I 288 -83.27 24.79 -33.06
CA HIS I 288 -82.29 25.23 -32.08
C HIS I 288 -82.45 26.72 -31.80
N TYR I 289 -82.45 27.08 -30.52
CA TYR I 289 -82.42 28.46 -30.08
C TYR I 289 -81.15 28.67 -29.28
N ALA I 290 -80.20 29.39 -29.86
CA ALA I 290 -78.86 29.52 -29.31
C ALA I 290 -78.60 30.96 -28.90
N THR I 291 -78.01 31.14 -27.72
CA THR I 291 -77.84 32.47 -27.14
C THR I 291 -76.74 33.27 -27.81
N ASP I 292 -75.78 32.62 -28.47
CA ASP I 292 -74.63 33.32 -29.01
C ASP I 292 -74.23 32.69 -30.32
N ASP I 293 -73.42 33.42 -31.09
CA ASP I 293 -72.92 32.91 -32.36
C ASP I 293 -72.15 31.61 -32.17
N LEU I 294 -71.27 31.59 -31.18
CA LEU I 294 -70.50 30.38 -30.91
C LEU I 294 -71.43 29.23 -30.50
N HIS I 295 -72.45 29.52 -29.70
CA HIS I 295 -73.41 28.49 -29.29
C HIS I 295 -74.13 27.92 -30.52
N ALA I 296 -74.56 28.78 -31.44
CA ALA I 296 -75.27 28.33 -32.63
C ALA I 296 -74.35 27.48 -33.51
N LEU I 297 -73.12 27.95 -33.73
CA LEU I 297 -72.19 27.19 -34.55
C LEU I 297 -71.89 25.84 -33.90
N TYR I 298 -71.79 25.82 -32.58
CA TYR I 298 -71.51 24.59 -31.85
C TYR I 298 -72.66 23.61 -31.99
N LEU I 299 -73.90 24.08 -31.91
CA LEU I 299 -75.06 23.20 -32.08
C LEU I 299 -75.16 22.70 -33.52
N ALA I 300 -74.80 23.55 -34.50
CA ALA I 300 -74.75 23.09 -35.88
C ALA I 300 -73.77 21.95 -36.03
N ARG I 301 -72.57 22.11 -35.45
CA ARG I 301 -71.58 21.04 -35.49
C ARG I 301 -72.11 19.78 -34.82
N ARG I 302 -72.77 19.94 -33.67
CA ARG I 302 -73.28 18.78 -32.94
C ARG I 302 -74.35 18.05 -33.73
N ALA I 303 -75.24 18.77 -34.40
CA ALA I 303 -76.23 18.13 -35.27
C ALA I 303 -75.56 17.44 -36.45
N VAL I 304 -74.55 18.06 -37.04
CA VAL I 304 -73.83 17.43 -38.15
C VAL I 304 -73.22 16.12 -37.69
N ALA I 305 -72.82 16.05 -36.42
CA ALA I 305 -72.16 14.85 -35.92
C ALA I 305 -73.06 13.63 -36.00
N ASN I 306 -74.33 13.77 -35.63
CA ASN I 306 -75.23 12.62 -35.54
C ASN I 306 -75.88 12.28 -36.87
N LEU I 307 -75.06 12.00 -37.90
CA LEU I 307 -75.55 11.62 -39.21
C LEU I 307 -75.03 10.26 -39.67
N ASN I 308 -74.03 9.70 -38.99
CA ASN I 308 -73.42 8.40 -39.27
C ASN I 308 -72.60 8.39 -40.56
N LEU I 309 -72.21 9.55 -41.10
CA LEU I 309 -71.43 9.56 -42.34
C LEU I 309 -69.94 9.40 -42.08
N LYS I 310 -69.51 9.51 -40.83
CA LYS I 310 -68.08 9.44 -40.53
C LYS I 310 -67.49 8.10 -40.91
N GLU I 311 -68.18 7.01 -40.58
CA GLU I 311 -67.70 5.68 -40.93
C GLU I 311 -67.58 5.52 -42.44
N HIS I 312 -68.60 5.98 -43.17
CA HIS I 312 -68.63 5.79 -44.61
C HIS I 312 -67.52 6.58 -45.29
N ASN I 313 -67.31 7.84 -44.88
CA ASN I 313 -66.23 8.63 -45.47
C ASN I 313 -64.86 8.06 -45.10
N GLU I 314 -64.69 7.64 -43.84
CA GLU I 314 -63.40 7.11 -43.42
C GLU I 314 -63.06 5.84 -44.18
N ALA I 315 -64.05 4.98 -44.40
CA ALA I 315 -63.83 3.78 -45.21
C ALA I 315 -63.52 4.14 -46.66
N ARG I 316 -64.27 5.09 -47.23
CA ARG I 316 -64.10 5.36 -48.66
C ARG I 316 -62.82 6.13 -48.96
N ASN I 317 -62.54 7.18 -48.19
CA ASN I 317 -61.30 7.94 -48.36
C ASN I 317 -60.36 7.65 -47.21
N PRO I 318 -59.23 6.98 -47.45
CA PRO I 318 -58.31 6.67 -46.34
C PRO I 318 -57.73 7.94 -45.74
N THR I 319 -57.89 8.08 -44.42
CA THR I 319 -57.44 9.29 -43.76
C THR I 319 -55.93 9.31 -43.56
N ASP I 320 -55.32 8.14 -43.46
CA ASP I 320 -53.90 8.02 -43.14
C ASP I 320 -53.15 7.49 -44.36
N VAL I 321 -52.58 8.41 -45.15
CA VAL I 321 -51.93 8.06 -46.41
C VAL I 321 -50.57 8.73 -46.47
N LYS I 322 -49.69 8.15 -47.28
CA LYS I 322 -48.33 8.65 -47.43
C LYS I 322 -48.24 9.47 -48.71
N PRO I 323 -48.01 10.78 -48.64
CA PRO I 323 -47.98 11.58 -49.86
C PRO I 323 -46.77 11.24 -50.72
N VAL I 324 -47.01 11.06 -52.01
CA VAL I 324 -45.98 10.77 -52.99
C VAL I 324 -45.82 12.00 -53.88
N PRO I 325 -44.71 12.71 -53.82
CA PRO I 325 -44.57 13.93 -54.60
C PRO I 325 -44.05 13.63 -55.99
N PRO I 326 -44.23 14.55 -56.94
CA PRO I 326 -43.67 14.35 -58.28
C PRO I 326 -42.16 14.52 -58.26
N LEU I 327 -41.53 14.08 -59.34
CA LEU I 327 -40.08 14.07 -59.44
C LEU I 327 -39.51 15.46 -59.77
N TYR I 328 -40.33 16.39 -60.23
CA TYR I 328 -39.86 17.69 -60.66
C TYR I 328 -40.60 18.78 -59.90
N ASP I 329 -39.96 19.94 -59.78
CA ASP I 329 -40.47 20.99 -58.90
C ASP I 329 -41.71 21.65 -59.50
N PRO I 330 -42.81 21.74 -58.75
CA PRO I 330 -44.05 22.31 -59.32
C PRO I 330 -43.96 23.79 -59.65
N ARG I 331 -42.92 24.50 -59.22
CA ARG I 331 -42.77 25.90 -59.61
C ARG I 331 -42.49 26.02 -61.10
N GLU I 332 -41.97 24.96 -61.73
CA GLU I 332 -41.64 25.01 -63.14
C GLU I 332 -42.86 24.96 -64.05
N LEU I 333 -44.07 24.89 -63.48
CA LEU I 333 -45.27 24.76 -64.31
C LEU I 333 -45.54 26.03 -65.10
N GLY I 334 -45.16 27.18 -64.55
CA GLY I 334 -45.38 28.43 -65.27
C GLY I 334 -44.48 28.61 -66.47
N GLY I 335 -43.35 27.91 -66.50
CA GLY I 335 -42.37 28.13 -67.55
C GLY I 335 -42.77 27.53 -68.87
N PHE I 336 -43.20 26.27 -68.87
CA PHE I 336 -43.57 25.61 -70.11
C PHE I 336 -44.78 26.26 -70.76
N ILE I 337 -45.54 27.03 -69.99
CA ILE I 337 -46.65 27.80 -70.55
C ILE I 337 -46.07 28.94 -71.39
N PRO I 338 -46.46 29.07 -72.66
CA PRO I 338 -45.91 30.16 -73.48
C PRO I 338 -46.50 31.50 -73.08
N ASP I 339 -46.12 32.52 -73.84
CA ASP I 339 -46.50 33.90 -73.54
C ASP I 339 -47.90 34.17 -74.06
N MET I 340 -48.23 35.45 -74.24
CA MET I 340 -49.57 35.80 -74.70
C MET I 340 -49.52 36.87 -75.78
N LEU I 341 -50.67 37.15 -76.40
CA LEU I 341 -50.74 38.20 -77.43
C LEU I 341 -49.66 38.04 -78.49
N SER I 342 -49.53 36.84 -79.04
CA SER I 342 -48.55 36.61 -80.11
C SER I 342 -49.25 36.41 -81.44
N ASP I 343 -48.96 37.28 -82.41
CA ASP I 343 -49.59 37.18 -83.72
C ASP I 343 -49.90 35.75 -84.09
N VAL I 344 -48.85 34.95 -84.30
CA VAL I 344 -49.05 33.55 -84.64
C VAL I 344 -48.96 32.67 -83.41
N VAL I 345 -49.75 31.60 -83.37
CA VAL I 345 -49.74 30.72 -82.22
C VAL I 345 -48.31 30.35 -81.87
N LYS I 346 -47.96 30.40 -80.59
CA LYS I 346 -46.63 29.98 -80.16
C LYS I 346 -46.59 28.46 -80.03
N SER I 347 -45.43 27.92 -79.67
CA SER I 347 -45.29 26.49 -79.48
C SER I 347 -45.75 26.08 -78.09
N PHE I 348 -46.02 24.78 -77.90
CA PHE I 348 -46.48 24.30 -76.60
C PHE I 348 -46.17 22.82 -76.40
N ASP I 349 -46.14 22.39 -75.15
CA ASP I 349 -45.86 20.98 -74.84
C ASP I 349 -46.81 20.49 -73.76
N VAL I 350 -46.96 19.17 -73.67
CA VAL I 350 -47.84 18.60 -72.64
C VAL I 350 -47.06 17.68 -71.71
N ARG I 351 -46.23 16.82 -72.29
CA ARG I 351 -45.45 15.89 -71.48
C ARG I 351 -44.91 16.54 -70.21
N ALA I 352 -44.34 17.73 -70.34
CA ALA I 352 -43.74 18.37 -69.16
C ALA I 352 -44.79 18.63 -68.09
N ILE I 353 -45.97 19.11 -68.49
CA ILE I 353 -47.01 19.44 -67.54
C ILE I 353 -47.48 18.20 -66.79
N ILE I 354 -47.75 17.12 -67.53
CA ILE I 354 -48.23 15.89 -66.89
C ILE I 354 -47.13 15.30 -66.00
N ALA I 355 -45.89 15.37 -66.46
CA ALA I 355 -44.78 14.87 -65.64
C ALA I 355 -44.60 15.69 -64.38
N ARG I 356 -44.97 16.96 -64.42
CA ARG I 356 -44.90 17.82 -63.24
C ARG I 356 -46.05 17.63 -62.28
N ILE I 357 -47.23 17.24 -62.76
CA ILE I 357 -48.42 17.16 -61.93
C ILE I 357 -48.60 15.77 -61.32
N VAL I 358 -48.43 14.70 -62.10
CA VAL I 358 -48.79 13.37 -61.64
C VAL I 358 -47.84 12.87 -60.53
N ASP I 359 -48.20 11.74 -59.92
CA ASP I 359 -47.40 11.15 -58.86
C ASP I 359 -46.22 10.38 -59.43
N GLY I 360 -45.03 10.64 -58.87
CA GLY I 360 -43.85 9.96 -59.34
C GLY I 360 -43.40 10.37 -60.71
N SER I 361 -44.06 11.36 -61.31
CA SER I 361 -43.75 11.82 -62.66
C SER I 361 -43.73 10.66 -63.64
N ARG I 362 -44.89 10.06 -63.87
CA ARG I 362 -44.99 8.86 -64.69
C ARG I 362 -46.19 8.98 -65.61
N PHE I 363 -46.25 8.12 -66.61
CA PHE I 363 -47.43 8.07 -67.47
C PHE I 363 -47.51 6.72 -68.17
N ASP I 364 -48.72 6.42 -68.66
CA ASP I 364 -49.07 5.15 -69.29
C ASP I 364 -49.64 5.46 -70.68
N GLU I 365 -48.75 5.60 -71.66
CA GLU I 365 -49.18 6.02 -72.99
C GLU I 365 -49.91 4.92 -73.74
N PHE I 366 -51.07 5.29 -74.29
CA PHE I 366 -51.58 4.53 -75.41
C PHE I 366 -50.87 4.96 -76.69
N LYS I 367 -51.46 4.61 -77.82
CA LYS I 367 -50.89 4.88 -79.12
C LYS I 367 -50.55 6.36 -79.25
N ALA I 368 -49.25 6.66 -79.30
CA ALA I 368 -48.77 8.02 -79.47
C ALA I 368 -48.14 8.25 -80.83
N LEU I 369 -47.66 7.19 -81.49
CA LEU I 369 -47.18 7.33 -82.87
C LEU I 369 -48.32 7.63 -83.83
N TYR I 370 -49.54 7.30 -83.44
CA TYR I 370 -50.69 7.34 -84.32
C TYR I 370 -51.70 8.33 -83.79
N GLY I 371 -52.11 9.28 -84.63
CA GLY I 371 -52.87 10.40 -84.12
C GLY I 371 -52.03 11.19 -83.15
N ASN I 372 -50.80 11.50 -83.56
CA ASN I 372 -49.83 12.22 -82.73
C ASN I 372 -50.36 13.53 -82.16
N THR I 373 -51.54 13.96 -82.59
CA THR I 373 -52.07 15.23 -82.10
C THR I 373 -52.56 15.14 -80.66
N LEU I 374 -53.29 14.09 -80.32
CA LEU I 374 -54.01 14.05 -79.06
C LEU I 374 -53.33 13.07 -78.12
N VAL I 375 -53.42 13.37 -76.82
CA VAL I 375 -52.71 12.62 -75.78
C VAL I 375 -53.73 12.01 -74.83
N CYS I 376 -53.58 10.71 -74.57
CA CYS I 376 -54.46 9.98 -73.66
C CYS I 376 -53.69 8.86 -72.97
N GLY I 377 -53.91 8.70 -71.68
CA GLY I 377 -53.30 7.61 -70.93
C GLY I 377 -53.65 7.69 -69.46
N PHE I 378 -53.26 6.65 -68.74
CA PHE I 378 -53.51 6.54 -67.30
C PHE I 378 -52.47 7.33 -66.53
N ALA I 379 -52.65 7.39 -65.21
CA ALA I 379 -51.76 8.16 -64.34
C ALA I 379 -52.03 7.78 -62.90
N ARG I 380 -51.45 8.54 -61.98
CA ARG I 380 -51.68 8.42 -60.55
C ARG I 380 -51.75 9.81 -59.95
N ILE I 381 -52.79 10.09 -59.17
CA ILE I 381 -52.92 11.38 -58.49
C ILE I 381 -53.21 11.09 -57.02
N GLU I 382 -52.17 11.16 -56.19
CA GLU I 382 -52.27 11.01 -54.74
C GLU I 382 -53.05 9.76 -54.36
N GLY I 383 -52.57 8.62 -54.85
CA GLY I 383 -53.12 7.34 -54.47
C GLY I 383 -54.35 6.90 -55.23
N MET I 384 -54.71 7.59 -56.30
CA MET I 384 -55.91 7.27 -57.07
C MET I 384 -55.55 7.24 -58.54
N GLN I 385 -56.02 6.21 -59.23
CA GLN I 385 -55.73 6.07 -60.66
C GLN I 385 -56.64 7.00 -61.46
N VAL I 386 -56.05 7.70 -62.43
CA VAL I 386 -56.73 8.76 -63.16
C VAL I 386 -56.48 8.57 -64.65
N GLY I 387 -57.43 9.05 -65.45
CA GLY I 387 -57.24 9.18 -66.89
C GLY I 387 -57.22 10.63 -67.30
N ILE I 388 -56.29 10.99 -68.18
CA ILE I 388 -56.09 12.37 -68.60
C ILE I 388 -56.26 12.46 -70.11
N ILE I 389 -57.01 13.45 -70.57
CA ILE I 389 -57.08 13.83 -71.98
C ILE I 389 -56.54 15.25 -72.06
N ALA I 390 -55.36 15.41 -72.65
CA ALA I 390 -54.77 16.72 -72.89
C ALA I 390 -54.52 16.89 -74.38
N ASN I 391 -54.89 18.04 -74.91
CA ASN I 391 -54.94 18.27 -76.35
C ASN I 391 -53.72 19.05 -76.82
N GLN I 392 -53.18 18.67 -77.98
CA GLN I 392 -51.95 19.29 -78.50
C GLN I 392 -51.95 19.28 -80.02
N GLY I 393 -52.41 20.37 -80.62
CA GLY I 393 -52.37 20.50 -82.07
C GLY I 393 -53.72 20.56 -82.74
N ILE I 394 -53.79 20.11 -83.99
CA ILE I 394 -55.01 20.18 -84.78
C ILE I 394 -55.60 18.78 -84.90
N LEU I 395 -56.84 18.62 -84.47
CA LEU I 395 -57.45 17.30 -84.36
C LEU I 395 -57.63 16.65 -85.72
N TYR I 396 -57.45 15.34 -85.76
CA TYR I 396 -57.74 14.52 -86.93
C TYR I 396 -58.86 13.55 -86.59
N SER I 397 -59.30 12.82 -87.62
CA SER I 397 -60.25 11.73 -87.42
C SER I 397 -59.66 10.66 -86.49
N GLU I 398 -58.40 10.31 -86.72
CA GLU I 398 -57.75 9.28 -85.91
C GLU I 398 -57.63 9.71 -84.45
N SER I 399 -57.39 10.99 -84.20
CA SER I 399 -57.38 11.46 -82.82
C SER I 399 -58.74 11.26 -82.16
N ALA I 400 -59.82 11.52 -82.90
CA ALA I 400 -61.16 11.28 -82.37
C ALA I 400 -61.39 9.80 -82.09
N LEU I 401 -60.94 8.92 -82.99
CA LEU I 401 -61.07 7.49 -82.75
C LEU I 401 -60.33 7.07 -81.48
N LYS I 402 -59.09 7.56 -81.32
CA LYS I 402 -58.31 7.22 -80.13
C LYS I 402 -58.99 7.72 -78.88
N GLY I 403 -59.53 8.94 -78.91
CA GLY I 403 -60.26 9.43 -77.76
C GLY I 403 -61.46 8.58 -77.42
N ALA I 404 -62.22 8.17 -78.42
CA ALA I 404 -63.38 7.32 -78.18
C ALA I 404 -62.95 5.99 -77.55
N HIS I 405 -61.86 5.40 -78.04
CA HIS I 405 -61.38 4.13 -77.50
C HIS I 405 -60.96 4.28 -76.04
N PHE I 406 -60.21 5.35 -75.73
CA PHE I 406 -59.80 5.59 -74.35
C PHE I 406 -61.00 5.78 -73.44
N ILE I 407 -61.98 6.58 -73.86
CA ILE I 407 -63.14 6.79 -73.01
C ILE I 407 -63.91 5.50 -72.82
N GLY I 408 -63.95 4.66 -73.86
CA GLY I 408 -64.58 3.36 -73.71
C GLY I 408 -63.93 2.53 -72.62
N LEU I 409 -62.59 2.44 -72.63
CA LEU I 409 -61.91 1.68 -71.58
C LEU I 409 -62.16 2.28 -70.21
N CYS I 410 -62.08 3.61 -70.11
CA CYS I 410 -62.24 4.25 -68.80
C CYS I 410 -63.62 4.01 -68.22
N THR I 411 -64.67 4.11 -69.06
CA THR I 411 -66.00 3.78 -68.58
C THR I 411 -66.12 2.32 -68.22
N GLN I 412 -65.44 1.45 -68.99
CA GLN I 412 -65.54 0.02 -68.71
C GLN I 412 -64.98 -0.32 -67.34
N ARG I 413 -63.86 0.29 -66.96
CA ARG I 413 -63.20 -0.07 -65.70
C ARG I 413 -63.45 0.93 -64.57
N ASN I 414 -64.33 1.91 -64.78
CA ASN I 414 -64.69 2.89 -63.75
C ASN I 414 -63.48 3.71 -63.30
N VAL I 415 -62.84 4.36 -64.25
CA VAL I 415 -61.68 5.23 -63.99
C VAL I 415 -62.10 6.67 -64.22
N PRO I 416 -61.86 7.58 -63.29
CA PRO I 416 -62.22 8.98 -63.50
C PRO I 416 -61.40 9.60 -64.64
N LEU I 417 -61.94 10.68 -65.20
CA LEU I 417 -61.30 11.37 -66.32
C LEU I 417 -60.96 12.80 -65.94
N LEU I 418 -59.85 13.29 -66.47
CA LEU I 418 -59.41 14.67 -66.33
C LEU I 418 -59.23 15.26 -67.72
N PHE I 419 -59.64 16.50 -67.90
CA PHE I 419 -59.56 17.16 -69.20
C PHE I 419 -58.70 18.42 -69.10
N LEU I 420 -57.87 18.61 -70.11
CA LEU I 420 -56.99 19.77 -70.22
C LEU I 420 -57.24 20.39 -71.59
N GLN I 421 -58.06 21.44 -71.63
CA GLN I 421 -58.60 21.93 -72.89
C GLN I 421 -57.53 22.70 -73.68
N ASN I 422 -57.75 22.76 -74.99
CA ASN I 422 -56.85 23.45 -75.91
C ASN I 422 -57.63 23.99 -77.11
N ILE I 423 -56.94 24.27 -78.22
CA ILE I 423 -57.58 24.86 -79.39
C ILE I 423 -58.61 23.90 -79.98
N THR I 424 -59.49 24.46 -80.82
CA THR I 424 -60.45 23.66 -81.56
C THR I 424 -59.75 22.71 -82.53
N GLY I 425 -59.03 23.26 -83.50
CA GLY I 425 -58.18 22.43 -84.35
C GLY I 425 -58.91 21.39 -85.17
N PHE I 426 -59.97 21.79 -85.86
CA PHE I 426 -60.61 20.91 -86.84
C PHE I 426 -60.08 21.33 -88.22
N MET I 427 -59.40 20.41 -88.90
CA MET I 427 -58.95 20.69 -90.25
C MET I 427 -60.13 20.92 -91.18
N VAL I 428 -59.93 21.78 -92.18
CA VAL I 428 -60.97 22.14 -93.13
C VAL I 428 -60.66 21.60 -94.53
N GLY I 429 -59.63 20.78 -94.66
CA GLY I 429 -59.27 20.28 -95.97
C GLY I 429 -60.40 19.46 -96.59
N LYS I 430 -60.51 19.56 -97.93
CA LYS I 430 -61.61 18.89 -98.62
C LYS I 430 -61.49 17.38 -98.52
N LYS I 431 -60.27 16.85 -98.63
CA LYS I 431 -60.08 15.41 -98.50
C LYS I 431 -60.48 14.92 -97.11
N TYR I 432 -60.16 15.71 -96.08
CA TYR I 432 -60.54 15.33 -94.72
C TYR I 432 -62.05 15.33 -94.55
N GLU I 433 -62.74 16.32 -95.13
CA GLU I 433 -64.20 16.34 -95.08
C GLU I 433 -64.78 15.16 -95.83
N GLU I 434 -64.20 14.81 -96.98
CA GLU I 434 -64.60 13.65 -97.75
C GLU I 434 -64.27 12.34 -97.06
N GLY I 435 -63.40 12.37 -96.06
CA GLY I 435 -63.02 11.16 -95.34
C GLY I 435 -63.91 10.85 -94.15
N GLY I 436 -65.09 11.48 -94.10
CA GLY I 436 -66.02 11.25 -93.01
C GLY I 436 -65.53 11.75 -91.67
N ILE I 437 -64.96 12.96 -91.63
CA ILE I 437 -64.49 13.52 -90.37
C ILE I 437 -65.65 13.84 -89.44
N ALA I 438 -66.78 14.24 -90.00
CA ALA I 438 -67.95 14.55 -89.17
C ALA I 438 -68.44 13.32 -88.43
N ARG I 439 -68.42 12.17 -89.10
CA ARG I 439 -68.83 10.93 -88.43
C ARG I 439 -67.92 10.61 -87.26
N ASN I 440 -66.61 10.83 -87.42
CA ASN I 440 -65.68 10.50 -86.35
C ASN I 440 -65.79 11.50 -85.20
N GLY I 441 -66.04 12.77 -85.51
CA GLY I 441 -66.33 13.73 -84.45
C GLY I 441 -67.58 13.36 -83.66
N ALA I 442 -68.61 12.90 -84.37
CA ALA I 442 -69.80 12.41 -83.68
C ALA I 442 -69.47 11.20 -82.82
N ARG I 443 -68.64 10.29 -83.35
CA ARG I 443 -68.17 9.15 -82.56
C ARG I 443 -67.56 9.60 -81.25
N LEU I 444 -66.74 10.63 -81.30
CA LEU I 444 -66.12 11.14 -80.08
C LEU I 444 -67.12 11.75 -79.12
N VAL I 445 -67.99 12.64 -79.63
CA VAL I 445 -68.90 13.37 -78.74
C VAL I 445 -69.92 12.42 -78.11
N MET I 446 -70.35 11.41 -78.86
CA MET I 446 -71.27 10.41 -78.32
C MET I 446 -70.67 9.73 -77.09
N ALA I 447 -69.42 9.29 -77.20
CA ALA I 447 -68.75 8.65 -76.08
C ALA I 447 -68.53 9.62 -74.93
N VAL I 448 -68.17 10.87 -75.24
CA VAL I 448 -67.95 11.85 -74.19
C VAL I 448 -69.21 12.06 -73.36
N SER I 449 -70.34 12.27 -74.02
CA SER I 449 -71.58 12.57 -73.29
C SER I 449 -72.15 11.34 -72.63
N SER I 450 -72.00 10.17 -73.25
CA SER I 450 -72.60 8.96 -72.70
C SER I 450 -71.89 8.43 -71.46
N ALA I 451 -70.69 8.92 -71.17
CA ALA I 451 -69.88 8.32 -70.11
C ALA I 451 -70.49 8.62 -68.74
N PRO I 452 -70.72 7.61 -67.90
CA PRO I 452 -71.19 7.84 -66.53
C PRO I 452 -70.07 8.14 -65.54
N VAL I 453 -68.83 8.15 -66.00
CA VAL I 453 -67.64 8.42 -65.19
C VAL I 453 -67.66 9.86 -64.70
N PRO I 454 -67.26 10.14 -63.46
CA PRO I 454 -67.12 11.54 -63.03
C PRO I 454 -66.09 12.26 -63.89
N LYS I 455 -66.36 13.52 -64.20
CA LYS I 455 -65.56 14.26 -65.15
C LYS I 455 -65.26 15.67 -64.64
N VAL I 456 -63.98 16.06 -64.73
CA VAL I 456 -63.50 17.37 -64.35
C VAL I 456 -62.67 17.92 -65.49
N THR I 457 -62.82 19.21 -65.77
CA THR I 457 -62.02 19.87 -66.80
C THR I 457 -61.33 21.09 -66.20
N VAL I 458 -60.13 21.38 -66.72
CA VAL I 458 -59.35 22.54 -66.33
C VAL I 458 -58.81 23.17 -67.60
N LEU I 459 -58.91 24.49 -67.71
CA LEU I 459 -58.46 25.17 -68.93
C LEU I 459 -56.94 25.33 -68.88
N ILE I 460 -56.25 24.80 -69.88
CA ILE I 460 -54.84 25.06 -70.08
C ILE I 460 -54.71 26.42 -70.74
N GLY I 461 -55.40 26.61 -71.85
CA GLY I 461 -55.36 27.87 -72.58
C GLY I 461 -55.77 27.66 -74.02
N GLY I 462 -56.41 28.68 -74.57
CA GLY I 462 -56.83 28.67 -75.95
C GLY I 462 -58.01 27.78 -76.27
N SER I 463 -59.00 27.69 -75.38
CA SER I 463 -60.19 26.88 -75.63
C SER I 463 -61.24 27.75 -76.30
N TYR I 464 -61.22 27.76 -77.63
CA TYR I 464 -62.13 28.59 -78.43
C TYR I 464 -62.80 27.68 -79.45
N GLY I 465 -64.12 27.75 -79.51
CA GLY I 465 -64.85 27.18 -80.62
C GLY I 465 -65.56 25.90 -80.24
N ALA I 466 -65.94 25.16 -81.26
CA ALA I 466 -66.69 23.91 -81.10
C ALA I 466 -65.80 22.72 -80.84
N GLY I 467 -64.47 22.91 -80.78
CA GLY I 467 -63.58 21.80 -80.50
C GLY I 467 -63.78 21.21 -79.12
N ASN I 468 -64.14 22.05 -78.14
CA ASN I 468 -64.37 21.56 -76.80
C ASN I 468 -65.44 20.49 -76.77
N TYR I 469 -66.37 20.53 -77.73
CA TYR I 469 -67.38 19.48 -77.84
C TYR I 469 -66.72 18.12 -78.03
N GLY I 470 -65.56 18.09 -78.69
CA GLY I 470 -64.83 16.84 -78.82
C GLY I 470 -64.30 16.33 -77.50
N MET I 471 -63.71 17.20 -76.68
CA MET I 471 -63.14 16.79 -75.41
C MET I 471 -64.17 16.80 -74.28
N CYS I 472 -64.66 17.98 -73.92
CA CYS I 472 -65.63 18.14 -72.84
C CYS I 472 -65.98 19.61 -72.73
N GLY I 473 -67.11 19.89 -72.10
CA GLY I 473 -67.56 21.26 -71.90
C GLY I 473 -68.61 21.32 -70.83
N ARG I 474 -68.86 22.56 -70.37
CA ARG I 474 -69.84 22.76 -69.31
C ARG I 474 -71.18 22.11 -69.64
N ALA I 475 -71.59 22.19 -70.90
CA ALA I 475 -72.86 21.58 -71.28
C ALA I 475 -72.78 20.05 -71.32
N PHE I 476 -71.69 19.42 -70.88
CA PHE I 476 -71.56 17.98 -70.88
C PHE I 476 -71.44 17.41 -69.47
N GLU I 477 -71.95 18.14 -68.48
CA GLU I 477 -71.99 17.78 -67.07
C GLU I 477 -70.62 17.46 -66.48
N PRO I 478 -69.70 18.42 -66.41
CA PRO I 478 -68.49 18.20 -65.61
C PRO I 478 -68.76 18.60 -64.17
N ARG I 479 -68.50 17.69 -63.24
CA ARG I 479 -68.88 17.93 -61.86
C ARG I 479 -68.10 19.07 -61.23
N PHE I 480 -67.00 19.50 -61.83
CA PHE I 480 -66.27 20.68 -61.41
C PHE I 480 -65.62 21.31 -62.62
N LEU I 481 -65.42 22.63 -62.57
CA LEU I 481 -64.60 23.30 -63.57
C LEU I 481 -63.67 24.31 -62.91
N PHE I 482 -62.44 24.36 -63.39
CA PHE I 482 -61.43 25.28 -62.89
C PHE I 482 -60.67 25.87 -64.07
N MET I 483 -59.99 27.00 -63.85
CA MET I 483 -59.39 27.73 -64.97
C MET I 483 -58.04 28.31 -64.61
N TRP I 484 -57.16 28.40 -65.61
CA TRP I 484 -55.88 29.09 -65.53
C TRP I 484 -56.00 30.52 -66.09
N PRO I 485 -55.10 31.41 -65.69
CA PRO I 485 -55.25 32.82 -66.10
C PRO I 485 -55.23 33.06 -67.60
N ASN I 486 -54.47 32.27 -68.37
CA ASN I 486 -54.32 32.53 -69.80
C ASN I 486 -55.33 31.72 -70.60
N ALA I 487 -56.60 32.06 -70.42
CA ALA I 487 -57.68 31.32 -71.05
C ALA I 487 -58.54 32.28 -71.87
N ARG I 488 -58.95 31.80 -73.05
CA ARG I 488 -59.84 32.54 -73.93
C ARG I 488 -60.90 31.60 -74.48
N ILE I 489 -62.16 31.90 -74.21
CA ILE I 489 -63.29 31.09 -74.65
C ILE I 489 -64.11 31.93 -75.62
N SER I 490 -64.14 31.51 -76.89
CA SER I 490 -64.68 32.38 -77.93
C SER I 490 -65.31 31.54 -79.03
N VAL I 491 -65.52 32.16 -80.18
CA VAL I 491 -66.15 31.57 -81.35
C VAL I 491 -65.22 30.52 -81.94
N MET I 492 -65.72 29.81 -82.96
CA MET I 492 -64.95 28.73 -83.59
C MET I 492 -63.56 29.16 -84.01
N GLY I 493 -63.33 30.46 -84.18
CA GLY I 493 -61.99 30.95 -84.48
C GLY I 493 -61.57 32.13 -83.63
N GLY I 494 -60.43 32.03 -82.94
CA GLY I 494 -59.94 33.16 -82.18
C GLY I 494 -59.26 34.20 -83.07
N THR I 495 -58.43 33.74 -84.01
CA THR I 495 -57.67 34.66 -84.85
C THR I 495 -58.22 34.63 -86.24
N GLN I 496 -58.65 33.46 -86.68
CA GLN I 496 -59.12 33.35 -88.06
C GLN I 496 -60.48 34.00 -88.24
N ALA I 497 -61.36 33.92 -87.24
CA ALA I 497 -62.61 34.64 -87.38
C ALA I 497 -62.39 36.06 -87.83
N ALA I 498 -61.31 36.70 -87.36
CA ALA I 498 -60.99 38.04 -87.85
C ALA I 498 -60.82 38.06 -89.36
N THR I 499 -59.98 37.15 -89.89
CA THR I 499 -59.71 37.14 -91.31
C THR I 499 -60.97 36.81 -92.10
N VAL I 500 -61.73 35.81 -91.65
CA VAL I 500 -62.91 35.39 -92.41
C VAL I 500 -63.99 36.47 -92.40
N LEU I 501 -64.28 37.03 -91.23
CA LEU I 501 -65.33 38.04 -91.13
C LEU I 501 -64.88 39.38 -91.71
N THR I 502 -63.58 39.56 -91.95
CA THR I 502 -63.13 40.73 -92.71
C THR I 502 -63.68 40.70 -94.13
N LEU I 503 -63.66 39.54 -94.77
CA LEU I 503 -64.06 39.45 -96.17
C LEU I 503 -65.55 39.76 -96.36
N THR I 504 -66.41 39.10 -95.61
CA THR I 504 -67.85 39.12 -95.86
C THR I 504 -68.58 40.11 -94.96
N ASN I 505 -68.23 41.41 -95.00
CA ASN I 505 -69.04 42.39 -94.27
C ASN I 505 -68.95 43.74 -95.00
N ARG I 506 -69.90 43.96 -95.91
CA ARG I 506 -70.22 45.27 -96.49
C ARG I 506 -68.99 46.17 -96.66
N ASN I 507 -67.93 45.61 -97.22
CA ASN I 507 -66.67 46.31 -97.38
C ASN I 507 -66.46 46.68 -98.83
N LEU I 508 -66.11 47.93 -99.08
CA LEU I 508 -65.70 48.34 -100.40
C LEU I 508 -64.28 47.86 -100.68
N LYS I 509 -63.96 47.68 -101.97
CA LYS I 509 -62.64 47.19 -102.34
C LYS I 509 -61.55 48.16 -101.87
N ASN I 510 -61.81 49.45 -101.98
CA ASN I 510 -60.86 50.49 -101.62
C ASN I 510 -60.92 50.74 -100.11
N ALA I 511 -60.20 51.76 -99.65
CA ALA I 511 -60.12 52.09 -98.21
C ALA I 511 -59.70 50.89 -97.40
N SER I 512 -58.72 50.15 -97.91
CA SER I 512 -58.32 48.89 -97.27
C SER I 512 -57.77 49.11 -95.86
N GLU I 513 -56.92 50.12 -95.69
CA GLU I 513 -56.31 50.35 -94.39
C GLU I 513 -57.34 50.77 -93.36
N ALA I 514 -58.21 51.72 -93.71
CA ALA I 514 -59.26 52.13 -92.78
C ALA I 514 -60.19 50.98 -92.46
N GLU I 515 -60.45 50.11 -93.45
CA GLU I 515 -61.31 48.97 -93.22
C GLU I 515 -60.70 47.95 -92.27
N ILE I 516 -59.42 47.62 -92.46
CA ILE I 516 -58.78 46.66 -91.57
C ILE I 516 -58.64 47.25 -90.17
N ALA I 517 -58.46 48.57 -90.09
CA ALA I 517 -58.51 49.23 -88.79
C ALA I 517 -59.88 49.10 -88.16
N ALA I 518 -60.94 49.24 -88.95
CA ALA I 518 -62.30 49.13 -88.43
C ALA I 518 -62.77 47.69 -88.30
N PHE I 519 -62.25 46.76 -89.12
CA PHE I 519 -62.69 45.38 -89.01
C PHE I 519 -61.78 44.53 -88.14
N LYS I 520 -60.52 44.35 -88.57
CA LYS I 520 -59.66 43.38 -87.91
C LYS I 520 -59.35 43.79 -86.47
N ASP I 521 -58.99 45.04 -86.26
CA ASP I 521 -58.70 45.51 -84.90
C ASP I 521 -59.93 45.39 -84.02
N LYS I 522 -61.11 45.72 -84.55
CA LYS I 522 -62.33 45.65 -83.77
C LYS I 522 -62.64 44.22 -83.36
N VAL I 523 -62.53 43.26 -84.30
CA VAL I 523 -62.87 41.88 -83.95
C VAL I 523 -61.84 41.28 -83.02
N LYS I 524 -60.57 41.70 -83.14
CA LYS I 524 -59.59 41.28 -82.15
C LYS I 524 -59.96 41.80 -80.76
N LYS I 525 -60.38 43.06 -80.68
CA LYS I 525 -60.80 43.61 -79.41
C LYS I 525 -61.99 42.84 -78.86
N LYS I 526 -62.93 42.44 -79.72
CA LYS I 526 -64.09 41.69 -79.26
C LYS I 526 -63.69 40.31 -78.75
N TYR I 527 -62.82 39.61 -79.50
CA TYR I 527 -62.55 38.20 -79.19
C TYR I 527 -61.46 38.00 -78.15
N GLU I 528 -60.71 39.04 -77.78
CA GLU I 528 -59.88 38.97 -76.58
C GLU I 528 -60.31 39.94 -75.50
N LYS I 529 -61.45 40.62 -75.66
CA LYS I 529 -62.06 41.31 -74.53
C LYS I 529 -62.56 40.31 -73.51
N GLU I 530 -63.14 39.21 -73.99
CA GLU I 530 -63.40 38.08 -73.13
C GLU I 530 -62.07 37.45 -72.69
N GLY I 531 -62.08 36.91 -71.48
CA GLY I 531 -60.86 36.30 -70.97
C GLY I 531 -61.19 35.45 -69.78
N SER I 532 -60.12 34.91 -69.17
CA SER I 532 -60.30 34.11 -67.98
C SER I 532 -60.88 34.94 -66.83
N CYS I 533 -60.42 36.18 -66.69
CA CYS I 533 -60.73 36.94 -65.49
C CYS I 533 -62.17 37.43 -65.48
N TYR I 534 -62.68 37.93 -66.60
CA TYR I 534 -64.03 38.52 -66.56
C TYR I 534 -65.15 37.63 -67.07
N TYR I 535 -65.11 37.23 -68.34
CA TYR I 535 -66.21 36.45 -68.89
C TYR I 535 -66.45 35.13 -68.16
N SER I 536 -65.42 34.63 -67.49
CA SER I 536 -65.55 33.37 -66.77
C SER I 536 -65.61 33.57 -65.26
N THR I 537 -66.20 32.61 -64.55
CA THR I 537 -66.27 32.67 -63.09
C THR I 537 -67.18 33.80 -62.61
N ALA I 538 -66.90 35.03 -63.02
CA ALA I 538 -67.76 36.15 -62.64
C ALA I 538 -69.16 35.86 -63.11
N ARG I 539 -69.29 35.11 -64.20
CA ARG I 539 -70.61 34.74 -64.70
C ARG I 539 -70.84 33.26 -64.45
N LEU I 540 -70.02 32.66 -63.60
CA LEU I 540 -70.14 31.22 -63.33
C LEU I 540 -70.08 30.40 -64.61
N TRP I 541 -69.29 30.86 -65.58
CA TRP I 541 -68.83 30.02 -66.68
C TRP I 541 -67.51 29.45 -66.21
N ASP I 542 -67.47 28.12 -66.00
CA ASP I 542 -66.26 27.50 -65.46
C ASP I 542 -65.94 28.13 -64.11
N ASP I 543 -66.78 27.85 -63.11
CA ASP I 543 -66.85 28.68 -61.90
C ASP I 543 -65.52 28.78 -61.18
N GLY I 544 -64.72 27.71 -61.17
CA GLY I 544 -63.47 27.67 -60.43
C GLY I 544 -62.36 28.36 -61.20
N VAL I 545 -61.57 29.16 -60.48
CA VAL I 545 -60.36 29.77 -61.02
C VAL I 545 -59.20 29.49 -60.07
N ILE I 546 -58.09 28.99 -60.63
CA ILE I 546 -56.98 28.51 -59.81
C ILE I 546 -55.65 29.03 -60.34
N ALA I 547 -54.55 28.54 -59.76
CA ALA I 547 -53.21 28.81 -60.23
C ALA I 547 -52.67 27.60 -60.95
N PRO I 548 -51.84 27.76 -61.98
CA PRO I 548 -51.28 26.58 -62.66
C PRO I 548 -50.36 25.75 -61.77
N GLU I 549 -49.76 26.38 -60.75
CA GLU I 549 -48.78 25.67 -59.93
C GLU I 549 -49.44 24.68 -58.97
N ASP I 550 -50.62 25.00 -58.46
CA ASP I 550 -51.28 24.20 -57.43
C ASP I 550 -52.44 23.37 -57.99
N THR I 551 -52.28 22.82 -59.19
CA THR I 551 -53.38 22.13 -59.84
C THR I 551 -53.64 20.75 -59.24
N ARG I 552 -52.59 20.02 -58.88
CA ARG I 552 -52.76 18.64 -58.44
C ARG I 552 -53.52 18.58 -57.12
N VAL I 553 -53.24 19.51 -56.21
CA VAL I 553 -53.98 19.56 -54.96
C VAL I 553 -55.46 19.77 -55.23
N VAL I 554 -55.80 20.69 -56.13
CA VAL I 554 -57.20 20.97 -56.43
C VAL I 554 -57.88 19.75 -57.03
N VAL I 555 -57.21 19.07 -57.96
CA VAL I 555 -57.81 17.91 -58.61
C VAL I 555 -57.99 16.78 -57.60
N ALA I 556 -57.05 16.63 -56.67
CA ALA I 556 -57.22 15.67 -55.59
C ALA I 556 -58.37 16.01 -54.67
N GLU I 557 -58.60 17.31 -54.40
CA GLU I 557 -59.83 17.67 -53.68
C GLU I 557 -61.05 17.21 -54.46
N ALA I 558 -61.04 17.45 -55.76
CA ALA I 558 -62.20 17.10 -56.59
C ALA I 558 -62.47 15.60 -56.56
N LEU I 559 -61.43 14.77 -56.67
CA LEU I 559 -61.63 13.34 -56.73
C LEU I 559 -62.12 12.78 -55.38
N ARG I 560 -61.59 13.29 -54.27
CA ARG I 560 -62.14 12.91 -52.97
C ARG I 560 -63.58 13.38 -52.82
N ALA I 561 -63.95 14.47 -53.51
CA ALA I 561 -65.32 14.93 -53.46
C ALA I 561 -66.26 13.99 -54.22
N THR I 562 -65.75 13.25 -55.20
CA THR I 562 -66.58 12.43 -56.06
C THR I 562 -66.42 10.94 -55.80
N ARG I 563 -66.16 10.55 -54.56
CA ARG I 563 -66.18 9.13 -54.20
C ARG I 563 -67.19 8.80 -53.10
N LEU I 564 -67.90 9.81 -52.58
CA LEU I 564 -69.06 9.51 -51.75
C LEU I 564 -70.29 9.19 -52.60
N ALA I 565 -70.18 9.42 -53.91
CA ALA I 565 -71.27 9.23 -54.87
C ALA I 565 -71.82 7.82 -54.79
N PRO I 566 -73.08 7.60 -55.19
CA PRO I 566 -73.67 6.25 -55.07
C PRO I 566 -72.89 5.20 -55.83
N GLU J 1 8.14 -23.57 -29.36
CA GLU J 1 6.77 -23.98 -29.08
C GLU J 1 5.89 -23.83 -30.31
N ARG J 2 4.64 -24.26 -30.20
CA ARG J 2 3.69 -24.28 -31.31
C ARG J 2 2.58 -23.28 -31.05
N LYS J 3 2.30 -22.42 -32.02
CA LYS J 3 1.28 -21.42 -31.89
C LYS J 3 -0.12 -22.04 -31.96
N VAL J 4 -1.06 -21.48 -31.21
CA VAL J 4 -2.45 -21.91 -31.19
C VAL J 4 -3.32 -20.71 -31.54
N GLU J 5 -4.22 -20.88 -32.51
CA GLU J 5 -5.21 -19.88 -32.86
C GLU J 5 -6.61 -20.44 -32.99
N LYS J 6 -6.78 -21.75 -33.00
CA LYS J 6 -8.08 -22.40 -33.15
C LYS J 6 -8.25 -23.39 -32.02
N LEU J 7 -9.41 -23.33 -31.34
CA LEU J 7 -9.71 -24.20 -30.22
C LEU J 7 -10.93 -25.04 -30.57
N LEU J 8 -10.88 -26.33 -30.21
CA LEU J 8 -11.94 -27.28 -30.51
C LEU J 8 -12.48 -27.85 -29.20
N VAL J 9 -13.80 -27.99 -29.12
CA VAL J 9 -14.46 -28.52 -27.94
C VAL J 9 -15.17 -29.80 -28.33
N ALA J 10 -15.12 -30.80 -27.44
CA ALA J 10 -15.80 -32.07 -27.74
C ALA J 10 -17.24 -32.06 -27.21
N ASN J 11 -17.41 -31.85 -25.91
CA ASN J 11 -18.68 -32.09 -25.27
C ASN J 11 -19.60 -30.87 -25.46
N ARG J 12 -20.73 -30.88 -24.75
CA ARG J 12 -21.71 -29.80 -24.83
C ARG J 12 -22.23 -29.49 -23.43
N GLY J 13 -22.64 -28.25 -23.24
CA GLY J 13 -23.23 -27.84 -21.99
C GLY J 13 -22.53 -26.67 -21.34
N GLU J 14 -22.47 -26.70 -20.00
CA GLU J 14 -21.84 -25.61 -19.26
C GLU J 14 -20.37 -25.50 -19.61
N ILE J 15 -19.70 -26.64 -19.77
CA ILE J 15 -18.27 -26.63 -20.08
C ILE J 15 -18.01 -25.97 -21.43
N ALA J 16 -18.91 -26.13 -22.39
CA ALA J 16 -18.71 -25.51 -23.70
C ALA J 16 -18.65 -23.99 -23.56
N CYS J 17 -19.62 -23.41 -22.85
CA CYS J 17 -19.63 -21.97 -22.67
C CYS J 17 -18.43 -21.49 -21.85
N ARG J 18 -18.05 -22.27 -20.81
CA ARG J 18 -16.92 -21.87 -19.99
C ARG J 18 -15.62 -21.85 -20.81
N VAL J 19 -15.37 -22.93 -21.56
CA VAL J 19 -14.18 -22.98 -22.41
C VAL J 19 -14.23 -21.87 -23.45
N PHE J 20 -15.42 -21.57 -23.97
CA PHE J 20 -15.54 -20.55 -24.99
C PHE J 20 -15.23 -19.16 -24.45
N ARG J 21 -15.71 -18.85 -23.25
CA ARG J 21 -15.55 -17.51 -22.69
C ARG J 21 -14.11 -17.05 -22.56
N THR J 22 -13.34 -17.70 -21.68
CA THR J 22 -11.96 -17.29 -21.46
C THR J 22 -11.26 -17.16 -22.79
N CYS J 23 -11.59 -18.05 -23.73
CA CYS J 23 -10.98 -18.00 -25.04
C CYS J 23 -11.02 -16.58 -25.65
N ARG J 24 -12.06 -15.82 -25.33
CA ARG J 24 -12.17 -14.49 -25.90
C ARG J 24 -11.07 -13.64 -25.37
N GLU J 25 -10.76 -13.78 -24.09
CA GLU J 25 -9.71 -12.98 -23.48
C GLU J 25 -8.34 -13.29 -24.05
N MET J 26 -8.06 -14.56 -24.27
CA MET J 26 -6.80 -14.94 -24.88
C MET J 26 -6.80 -14.56 -26.36
N HIS J 27 -7.94 -14.11 -26.86
CA HIS J 27 -8.05 -13.75 -28.27
C HIS J 27 -7.84 -14.95 -29.20
N ILE J 28 -8.47 -16.07 -28.91
CA ILE J 28 -8.33 -17.28 -29.74
C ILE J 28 -9.65 -17.64 -30.42
N ARG J 29 -9.60 -18.30 -31.59
CA ARG J 29 -10.82 -18.63 -32.32
C ARG J 29 -11.61 -19.67 -31.57
N THR J 30 -12.86 -19.89 -31.96
CA THR J 30 -13.60 -20.97 -31.32
C THR J 30 -14.36 -21.81 -32.33
N VAL J 31 -14.63 -23.07 -31.96
CA VAL J 31 -15.40 -24.00 -32.77
C VAL J 31 -16.37 -24.77 -31.85
N ALA J 32 -17.60 -24.96 -32.33
CA ALA J 32 -18.65 -25.65 -31.58
C ALA J 32 -19.08 -26.93 -32.31
N LEU J 33 -19.66 -27.85 -31.55
CA LEU J 33 -20.13 -29.13 -32.07
C LEU J 33 -21.53 -29.42 -31.54
N PHE J 34 -22.41 -29.95 -32.38
CA PHE J 34 -23.78 -30.18 -31.95
C PHE J 34 -24.40 -31.38 -32.63
N CYS J 35 -25.33 -32.02 -31.94
CA CYS J 35 -25.95 -33.23 -32.47
C CYS J 35 -27.04 -32.88 -33.45
N GLU J 36 -27.83 -33.88 -33.84
CA GLU J 36 -28.94 -33.61 -34.73
C GLU J 36 -29.72 -32.46 -34.14
N ALA J 37 -30.12 -31.51 -34.98
CA ALA J 37 -30.79 -30.32 -34.47
C ALA J 37 -29.85 -29.68 -33.46
N GLU J 38 -30.34 -29.44 -32.24
CA GLU J 38 -29.47 -28.90 -31.19
C GLU J 38 -28.65 -27.76 -31.75
N ARG J 39 -29.26 -26.94 -32.61
CA ARG J 39 -28.53 -25.85 -33.23
C ARG J 39 -28.96 -24.50 -32.66
N ASN J 40 -30.05 -24.49 -31.91
CA ASN J 40 -30.47 -23.25 -31.29
C ASN J 40 -29.78 -23.12 -29.95
N ALA J 41 -29.08 -24.18 -29.55
CA ALA J 41 -28.44 -24.17 -28.24
C ALA J 41 -27.52 -22.98 -28.09
N LYS J 42 -27.27 -22.57 -26.86
CA LYS J 42 -26.49 -21.37 -26.63
C LYS J 42 -25.06 -21.48 -27.07
N HIS J 43 -24.44 -22.59 -26.77
CA HIS J 43 -23.00 -22.66 -27.03
C HIS J 43 -22.69 -22.37 -28.50
N VAL J 44 -23.50 -22.89 -29.42
CA VAL J 44 -23.26 -22.64 -30.84
C VAL J 44 -23.46 -21.17 -31.17
N ALA J 45 -24.36 -20.49 -30.47
CA ALA J 45 -24.54 -19.05 -30.60
C ALA J 45 -23.43 -18.27 -29.93
N GLU J 46 -22.46 -18.96 -29.33
CA GLU J 46 -21.31 -18.33 -28.70
C GLU J 46 -20.01 -18.53 -29.46
N ALA J 47 -19.90 -19.56 -30.29
CA ALA J 47 -18.66 -19.88 -30.97
C ALA J 47 -18.52 -19.07 -32.25
N ASP J 48 -17.55 -19.44 -33.07
CA ASP J 48 -17.36 -18.82 -34.38
C ASP J 48 -17.92 -19.69 -35.49
N GLU J 49 -17.90 -21.01 -35.29
CA GLU J 49 -18.42 -21.96 -36.29
C GLU J 49 -18.88 -23.23 -35.60
N ALA J 50 -19.94 -23.87 -36.07
CA ALA J 50 -20.45 -25.08 -35.49
C ALA J 50 -20.71 -26.13 -36.56
N VAL J 51 -20.52 -27.39 -36.21
CA VAL J 51 -20.66 -28.51 -37.14
C VAL J 51 -21.59 -29.55 -36.54
N CYS J 52 -22.54 -30.03 -37.34
CA CYS J 52 -23.41 -31.12 -36.92
C CYS J 52 -22.69 -32.45 -37.10
N ILE J 53 -22.92 -33.37 -36.16
CA ILE J 53 -22.15 -34.61 -36.12
C ILE J 53 -22.99 -35.86 -36.35
N GLY J 54 -24.28 -35.86 -36.06
CA GLY J 54 -25.09 -37.01 -36.34
C GLY J 54 -26.10 -37.36 -35.27
N PRO J 55 -26.54 -38.62 -35.30
CA PRO J 55 -27.79 -38.99 -34.62
C PRO J 55 -27.68 -38.83 -33.11
N PRO J 56 -28.81 -38.63 -32.43
CA PRO J 56 -28.81 -38.25 -31.00
C PRO J 56 -28.09 -39.24 -30.11
N PRO J 57 -28.25 -40.56 -30.30
CA PRO J 57 -27.62 -41.51 -29.36
C PRO J 57 -26.13 -41.28 -29.25
N ALA J 58 -25.63 -41.39 -28.01
CA ALA J 58 -24.24 -41.05 -27.73
C ALA J 58 -23.27 -41.90 -28.53
N VAL J 59 -23.69 -43.10 -28.93
CA VAL J 59 -22.86 -43.89 -29.83
C VAL J 59 -22.66 -43.15 -31.15
N ASN J 60 -23.73 -42.56 -31.67
CA ASN J 60 -23.67 -41.87 -32.95
C ASN J 60 -23.05 -40.48 -32.83
N SER J 61 -23.28 -39.79 -31.72
CA SER J 61 -22.82 -38.42 -31.56
C SER J 61 -21.79 -38.33 -30.43
N TYR J 62 -20.67 -37.69 -30.73
CA TYR J 62 -19.56 -37.39 -29.81
C TYR J 62 -18.72 -38.62 -29.51
N LEU J 63 -18.94 -39.74 -30.19
CA LEU J 63 -18.13 -40.95 -29.99
C LEU J 63 -17.39 -41.37 -31.25
N ARG J 64 -17.72 -40.80 -32.40
CA ARG J 64 -16.98 -41.09 -33.64
C ARG J 64 -15.69 -40.30 -33.61
N GLY J 65 -14.74 -40.75 -32.78
CA GLY J 65 -13.52 -40.00 -32.59
C GLY J 65 -12.72 -39.84 -33.88
N GLU J 66 -12.71 -40.88 -34.72
CA GLU J 66 -12.02 -40.79 -35.99
C GLU J 66 -12.63 -39.72 -36.90
N HIS J 67 -13.96 -39.65 -36.94
CA HIS J 67 -14.63 -38.64 -37.76
C HIS J 67 -14.36 -37.24 -37.21
N ILE J 68 -14.35 -37.10 -35.88
CA ILE J 68 -14.04 -35.82 -35.27
C ILE J 68 -12.62 -35.40 -35.64
N ILE J 69 -11.68 -36.36 -35.60
CA ILE J 69 -10.29 -36.05 -35.92
C ILE J 69 -10.14 -35.65 -37.38
N SER J 70 -10.82 -36.36 -38.29
CA SER J 70 -10.75 -36.00 -39.71
C SER J 70 -11.33 -34.61 -39.95
N VAL J 71 -12.45 -34.30 -39.30
CA VAL J 71 -13.04 -32.96 -39.44
C VAL J 71 -12.10 -31.91 -38.90
N ALA J 72 -11.48 -32.17 -37.75
CA ALA J 72 -10.54 -31.21 -37.18
C ALA J 72 -9.34 -31.00 -38.08
N LYS J 73 -8.84 -32.08 -38.69
CA LYS J 73 -7.75 -31.95 -39.64
C LYS J 73 -8.13 -31.09 -40.84
N GLN J 74 -9.35 -31.30 -41.35
CA GLN J 74 -9.83 -30.49 -42.47
C GLN J 74 -9.93 -29.02 -42.09
N LEU J 75 -10.28 -28.75 -40.83
CA LEU J 75 -10.34 -27.39 -40.32
C LEU J 75 -8.98 -26.87 -39.88
N ASN J 76 -7.94 -27.72 -39.89
CA ASN J 76 -6.60 -27.35 -39.42
C ASN J 76 -6.65 -26.81 -38.00
N VAL J 77 -7.28 -27.58 -37.11
CA VAL J 77 -7.44 -27.16 -35.72
C VAL J 77 -6.10 -27.23 -35.00
N ASP J 78 -5.89 -26.32 -34.06
CA ASP J 78 -4.68 -26.29 -33.27
C ASP J 78 -4.77 -27.15 -32.01
N ALA J 79 -5.89 -27.09 -31.30
CA ALA J 79 -6.01 -27.80 -30.02
C ALA J 79 -7.44 -28.28 -29.82
N ILE J 80 -7.58 -29.36 -29.06
CA ILE J 80 -8.87 -29.95 -28.72
C ILE J 80 -8.94 -30.12 -27.21
N HIS J 81 -10.05 -29.68 -26.61
CA HIS J 81 -10.29 -29.97 -25.20
C HIS J 81 -11.46 -30.93 -25.07
N PRO J 82 -11.22 -32.19 -24.70
CA PRO J 82 -12.33 -33.16 -24.62
C PRO J 82 -13.39 -32.79 -23.61
N GLY J 83 -13.02 -32.16 -22.50
CA GLY J 83 -13.98 -31.98 -21.43
C GLY J 83 -14.15 -33.27 -20.65
N TYR J 84 -15.30 -33.40 -20.00
CA TYR J 84 -15.63 -34.57 -19.19
C TYR J 84 -16.77 -35.34 -19.83
N GLY J 85 -16.65 -36.66 -19.82
CA GLY J 85 -17.60 -37.52 -20.50
C GLY J 85 -17.20 -37.79 -21.94
N PHE J 86 -17.93 -38.73 -22.56
CA PHE J 86 -17.71 -39.13 -23.95
C PHE J 86 -16.27 -39.62 -24.07
N LEU J 87 -15.42 -38.99 -24.88
CA LEU J 87 -14.04 -39.43 -25.08
C LEU J 87 -13.09 -38.80 -24.07
N SER J 88 -13.59 -38.41 -22.90
CA SER J 88 -12.73 -37.82 -21.88
C SER J 88 -11.66 -38.81 -21.41
N GLU J 89 -12.04 -40.07 -21.27
CA GLU J 89 -11.14 -41.12 -20.81
C GLU J 89 -11.05 -42.19 -21.90
N ASN J 90 -10.19 -41.96 -22.89
CA ASN J 90 -9.96 -42.92 -23.96
C ASN J 90 -8.57 -42.66 -24.52
N ALA J 91 -7.65 -43.59 -24.29
CA ALA J 91 -6.26 -43.38 -24.68
C ALA J 91 -6.09 -43.47 -26.20
N SER J 92 -6.90 -44.28 -26.87
CA SER J 92 -6.79 -44.40 -28.32
C SER J 92 -7.07 -43.06 -29.00
N PHE J 93 -8.08 -42.34 -28.53
CA PHE J 93 -8.40 -41.04 -29.12
C PHE J 93 -7.26 -40.05 -28.94
N ALA J 94 -6.66 -40.03 -27.73
CA ALA J 94 -5.54 -39.13 -27.48
C ALA J 94 -4.33 -39.48 -28.34
N ASP J 95 -4.06 -40.79 -28.49
CA ASP J 95 -2.95 -41.21 -29.34
C ASP J 95 -3.18 -40.83 -30.79
N ALA J 96 -4.41 -40.99 -31.27
CA ALA J 96 -4.72 -40.59 -32.64
C ALA J 96 -4.57 -39.08 -32.83
N ILE J 97 -4.99 -38.30 -31.83
CA ILE J 97 -4.79 -36.85 -31.89
C ILE J 97 -3.31 -36.52 -31.96
N THR J 98 -2.50 -37.19 -31.14
CA THR J 98 -1.06 -36.94 -31.15
C THR J 98 -0.45 -37.30 -32.50
N ARG J 99 -0.86 -38.42 -33.08
CA ARG J 99 -0.36 -38.80 -34.39
C ARG J 99 -0.76 -37.80 -35.46
N SER J 100 -1.98 -37.25 -35.36
CA SER J 100 -2.43 -36.24 -36.30
C SER J 100 -1.69 -34.92 -36.12
N GLY J 101 -1.06 -34.71 -34.96
CA GLY J 101 -0.27 -33.53 -34.71
C GLY J 101 -0.97 -32.44 -33.94
N ILE J 102 -2.19 -32.65 -33.51
CA ILE J 102 -2.94 -31.66 -32.74
C ILE J 102 -2.58 -31.81 -31.26
N GLU J 103 -2.45 -30.67 -30.59
CA GLU J 103 -2.07 -30.66 -29.17
C GLU J 103 -3.27 -31.08 -28.34
N PHE J 104 -3.28 -32.35 -27.90
CA PHE J 104 -4.32 -32.81 -27.00
C PHE J 104 -4.19 -32.11 -25.65
N ILE J 105 -5.32 -31.77 -25.06
CA ILE J 105 -5.34 -31.12 -23.75
C ILE J 105 -5.68 -32.16 -22.70
N GLY J 106 -4.73 -32.43 -21.80
CA GLY J 106 -4.93 -33.39 -20.74
C GLY J 106 -3.70 -34.25 -20.52
N PRO J 107 -3.88 -35.36 -19.80
CA PRO J 107 -2.76 -36.26 -19.53
C PRO J 107 -2.37 -37.03 -20.76
N PRO J 108 -1.17 -37.63 -20.79
CA PRO J 108 -0.81 -38.51 -21.89
C PRO J 108 -1.64 -39.78 -21.85
N ALA J 109 -1.65 -40.49 -22.99
CA ALA J 109 -2.47 -41.69 -23.09
C ALA J 109 -2.01 -42.78 -22.14
N SER J 110 -0.70 -42.82 -21.83
CA SER J 110 -0.17 -43.85 -20.96
C SER J 110 -0.78 -43.77 -19.57
N ALA J 111 -0.90 -42.56 -19.03
CA ALA J 111 -1.48 -42.39 -17.70
C ALA J 111 -2.94 -42.83 -17.68
N ILE J 112 -3.70 -42.47 -18.72
CA ILE J 112 -5.10 -42.85 -18.78
C ILE J 112 -5.25 -44.37 -18.87
N SER J 113 -4.44 -45.01 -19.71
CA SER J 113 -4.50 -46.47 -19.83
C SER J 113 -4.12 -47.15 -18.51
N LEU J 114 -3.07 -46.65 -17.86
CA LEU J 114 -2.64 -47.25 -16.60
C LEU J 114 -3.70 -47.10 -15.52
N MET J 115 -4.37 -45.95 -15.48
CA MET J 115 -5.36 -45.73 -14.44
C MET J 115 -6.70 -46.36 -14.81
N GLY J 116 -6.84 -46.81 -16.06
CA GLY J 116 -8.05 -47.49 -16.47
C GLY J 116 -8.30 -48.76 -15.68
N SER J 117 -7.25 -49.54 -15.44
CA SER J 117 -7.35 -50.74 -14.62
C SER J 117 -6.99 -50.40 -13.18
N LYS J 118 -7.88 -50.77 -12.25
CA LYS J 118 -7.65 -50.42 -10.85
C LYS J 118 -6.49 -51.21 -10.26
N SER J 119 -6.35 -52.49 -10.66
CA SER J 119 -5.31 -53.32 -10.08
C SER J 119 -3.91 -52.79 -10.43
N GLU J 120 -3.68 -52.47 -11.69
CA GLU J 120 -2.36 -51.98 -12.07
C GLU J 120 -2.10 -50.58 -11.50
N SER J 121 -3.15 -49.76 -11.38
CA SER J 121 -2.98 -48.45 -10.77
C SER J 121 -2.56 -48.59 -9.31
N LYS J 122 -3.30 -49.38 -8.52
CA LYS J 122 -2.94 -49.56 -7.12
C LYS J 122 -1.58 -50.22 -6.99
N ARG J 123 -1.21 -51.07 -7.95
CA ARG J 123 0.15 -51.61 -7.98
C ARG J 123 1.17 -50.50 -8.10
N ILE J 124 0.92 -49.55 -9.01
CA ILE J 124 1.85 -48.44 -9.22
C ILE J 124 1.97 -47.59 -7.98
N MET J 125 0.85 -47.26 -7.33
CA MET J 125 0.94 -46.44 -6.12
C MET J 125 1.58 -47.21 -4.96
N GLU J 126 1.34 -48.52 -4.86
CA GLU J 126 2.00 -49.30 -3.83
C GLU J 126 3.51 -49.33 -4.04
N ALA J 127 3.94 -49.46 -5.30
CA ALA J 127 5.36 -49.37 -5.60
C ALA J 127 5.91 -47.99 -5.26
N ALA J 128 5.12 -46.94 -5.52
CA ALA J 128 5.55 -45.58 -5.24
C ALA J 128 5.73 -45.33 -3.75
N GLY J 129 4.97 -46.03 -2.92
CA GLY J 129 5.07 -45.89 -1.48
C GLY J 129 4.02 -45.03 -0.83
N VAL J 130 3.01 -44.58 -1.59
CA VAL J 130 1.93 -43.79 -0.99
C VAL J 130 1.08 -44.68 -0.10
N PRO J 131 0.76 -44.26 1.13
CA PRO J 131 -0.24 -45.01 1.91
C PRO J 131 -1.50 -45.26 1.10
N VAL J 132 -1.74 -46.54 0.81
CA VAL J 132 -2.92 -46.95 0.05
C VAL J 132 -3.60 -48.07 0.82
N VAL J 133 -4.92 -47.97 0.98
CA VAL J 133 -5.68 -49.05 1.59
C VAL J 133 -6.06 -50.04 0.48
N PRO J 134 -5.51 -51.23 0.48
CA PRO J 134 -5.79 -52.18 -0.61
C PRO J 134 -7.15 -52.83 -0.43
N GLY J 135 -7.57 -53.56 -1.45
CA GLY J 135 -8.83 -54.27 -1.38
C GLY J 135 -8.71 -55.72 -0.95
N TYR J 136 -7.50 -56.28 -0.99
CA TYR J 136 -7.34 -57.71 -0.76
C TYR J 136 -5.91 -58.05 -0.42
N TYR J 137 -5.73 -59.09 0.40
CA TYR J 137 -4.44 -59.71 0.64
C TYR J 137 -4.60 -61.23 0.53
N GLY J 138 -4.12 -61.81 -0.56
CA GLY J 138 -4.13 -63.26 -0.69
C GLY J 138 -5.52 -63.84 -0.65
N GLU J 139 -5.68 -64.91 0.14
CA GLU J 139 -6.92 -65.66 0.19
C GLU J 139 -7.00 -66.35 1.56
N ASN J 140 -8.12 -67.03 1.80
CA ASN J 140 -8.32 -67.78 3.04
C ASN J 140 -7.74 -69.19 2.93
N GLN J 141 -6.41 -69.23 2.78
CA GLN J 141 -5.71 -70.51 2.72
C GLN J 141 -5.83 -71.26 4.04
N ASN J 142 -5.64 -70.56 5.16
CA ASN J 142 -5.76 -71.13 6.49
C ASN J 142 -6.56 -70.19 7.38
N VAL J 143 -7.35 -70.78 8.28
CA VAL J 143 -8.07 -69.98 9.26
C VAL J 143 -7.12 -69.37 10.29
N SER J 144 -6.00 -70.04 10.57
CA SER J 144 -5.00 -69.46 11.47
C SER J 144 -4.29 -68.28 10.82
N PHE J 145 -4.20 -68.26 9.48
CA PHE J 145 -3.62 -67.11 8.80
C PHE J 145 -4.43 -65.85 9.09
N LEU J 146 -5.74 -66.00 9.27
CA LEU J 146 -6.56 -64.86 9.64
C LEU J 146 -6.12 -64.26 10.96
N ALA J 147 -5.85 -65.09 11.96
CA ALA J 147 -5.30 -64.58 13.22
C ALA J 147 -3.86 -64.09 13.06
N GLU J 148 -3.12 -64.66 12.11
CA GLU J 148 -1.73 -64.27 11.89
C GLU J 148 -1.63 -62.82 11.39
N GLU J 149 -2.44 -62.48 10.40
CA GLU J 149 -2.39 -61.13 9.82
C GLU J 149 -3.44 -60.20 10.43
N ALA J 150 -4.33 -60.74 11.26
CA ALA J 150 -5.33 -59.92 11.92
C ALA J 150 -4.63 -58.85 12.74
N LYS J 151 -3.58 -59.25 13.45
CA LYS J 151 -2.83 -58.30 14.26
C LYS J 151 -1.58 -57.86 13.52
N LYS J 152 -1.42 -58.33 12.29
CA LYS J 152 -0.24 -57.99 11.51
C LYS J 152 -0.51 -56.98 10.41
N VAL J 153 -0.83 -57.46 9.21
CA VAL J 153 -1.01 -56.55 8.08
C VAL J 153 -1.94 -55.37 8.41
N GLY J 154 -3.11 -55.67 8.95
CA GLY J 154 -4.06 -54.62 9.28
C GLY J 154 -4.72 -54.89 10.61
N PHE J 155 -4.41 -54.08 11.61
CA PHE J 155 -4.96 -54.32 12.94
C PHE J 155 -6.47 -54.18 12.89
N PRO J 156 -6.98 -53.11 12.24
CA PRO J 156 -8.43 -53.05 12.09
C PRO J 156 -8.86 -54.27 11.29
N ILE J 157 -9.93 -54.93 11.70
CA ILE J 157 -10.31 -56.17 11.03
C ILE J 157 -11.48 -56.00 10.06
N LEU J 158 -11.22 -56.19 8.78
CA LEU J 158 -12.29 -56.14 7.79
C LEU J 158 -12.44 -57.53 7.23
N ILE J 159 -13.38 -58.29 7.78
CA ILE J 159 -13.54 -59.69 7.37
C ILE J 159 -14.23 -59.75 6.01
N LYS J 160 -15.48 -59.29 5.95
CA LYS J 160 -16.27 -59.28 4.72
C LYS J 160 -16.24 -60.63 4.01
N ALA J 161 -16.09 -60.61 2.69
CA ALA J 161 -16.03 -61.82 1.88
C ALA J 161 -15.28 -61.50 0.59
N VAL J 162 -15.20 -62.49 -0.30
CA VAL J 162 -14.56 -62.28 -1.59
C VAL J 162 -15.39 -61.32 -2.44
N SER J 163 -16.71 -61.44 -2.36
CA SER J 163 -17.62 -60.57 -3.11
C SER J 163 -18.95 -60.54 -2.38
N GLY J 164 -19.91 -59.82 -2.95
CA GLY J 164 -21.22 -59.69 -2.35
C GLY J 164 -21.26 -58.64 -1.26
N GLY J 165 -22.32 -57.84 -1.24
CA GLY J 165 -22.47 -56.77 -0.28
C GLY J 165 -23.18 -57.14 1.00
N GLY J 166 -23.52 -58.41 1.20
CA GLY J 166 -24.21 -58.80 2.43
C GLY J 166 -23.38 -58.52 3.66
N GLY J 167 -22.12 -58.94 3.64
CA GLY J 167 -21.17 -58.53 4.66
C GLY J 167 -21.48 -59.00 6.07
N LYS J 168 -22.26 -60.07 6.23
CA LYS J 168 -22.55 -60.56 7.57
C LYS J 168 -21.32 -61.16 8.24
N GLY J 169 -20.26 -61.42 7.48
CA GLY J 169 -19.01 -61.84 8.09
C GLY J 169 -18.32 -60.71 8.85
N MET J 170 -18.69 -59.46 8.55
CA MET J 170 -18.09 -58.33 9.26
C MET J 170 -18.43 -58.35 10.74
N LYS J 171 -19.74 -58.30 11.06
CA LYS J 171 -20.26 -58.23 12.42
C LYS J 171 -19.80 -56.98 13.17
N ILE J 172 -19.19 -56.03 12.47
CA ILE J 172 -18.61 -54.83 13.07
C ILE J 172 -17.68 -55.22 14.21
N VAL J 173 -16.71 -56.09 13.92
CA VAL J 173 -15.78 -56.60 14.93
C VAL J 173 -14.55 -55.70 14.94
N GLU J 174 -14.68 -54.57 15.63
CA GLU J 174 -13.59 -53.61 15.77
C GLU J 174 -12.68 -53.92 16.94
N ARG J 175 -13.01 -54.94 17.74
CA ARG J 175 -12.23 -55.27 18.91
C ARG J 175 -11.13 -56.24 18.54
N PRO J 176 -9.85 -55.89 18.72
CA PRO J 176 -8.78 -56.86 18.50
C PRO J 176 -8.78 -57.94 19.56
N GLU J 177 -7.82 -58.86 19.51
CA GLU J 177 -7.79 -60.01 20.39
C GLU J 177 -9.07 -60.84 20.27
N ASP J 178 -9.64 -60.88 19.07
CA ASP J 178 -10.82 -61.67 18.76
C ASP J 178 -10.39 -62.88 17.96
N PHE J 179 -10.62 -64.07 18.51
CA PHE J 179 -10.20 -65.31 17.86
C PHE J 179 -11.25 -66.41 17.86
N THR J 180 -12.25 -66.37 18.75
CA THR J 180 -13.31 -67.37 18.76
C THR J 180 -14.58 -66.93 18.06
N PHE J 181 -14.71 -65.65 17.72
CA PHE J 181 -15.91 -65.14 17.07
C PHE J 181 -15.70 -64.82 15.60
N MET J 182 -14.49 -64.39 15.23
CA MET J 182 -14.21 -64.06 13.83
C MET J 182 -14.31 -65.30 12.94
N LEU J 183 -13.73 -66.42 13.38
CA LEU J 183 -13.82 -67.64 12.58
C LEU J 183 -15.25 -68.17 12.52
N GLU J 184 -15.99 -68.11 13.63
CA GLU J 184 -17.39 -68.50 13.63
C GLU J 184 -18.21 -67.60 12.70
N SER J 185 -17.94 -66.29 12.74
CA SER J 185 -18.64 -65.37 11.86
C SER J 185 -18.35 -65.66 10.40
N ALA J 186 -17.08 -65.92 10.07
CA ALA J 186 -16.72 -66.24 8.68
C ALA J 186 -17.38 -67.53 8.23
N LYS J 187 -17.41 -68.55 9.09
CA LYS J 187 -17.99 -69.83 8.71
C LYS J 187 -19.50 -69.74 8.58
N ARG J 188 -20.15 -68.91 9.39
CA ARG J 188 -21.59 -68.70 9.20
C ARG J 188 -21.87 -67.84 7.98
N GLU J 189 -20.91 -66.98 7.60
CA GLU J 189 -21.04 -66.24 6.35
C GLU J 189 -20.93 -67.17 5.14
N ALA J 190 -20.03 -68.17 5.22
CA ALA J 190 -19.85 -69.10 4.11
C ALA J 190 -21.14 -69.86 3.82
N THR J 191 -21.97 -70.09 4.83
CA THR J 191 -23.23 -70.79 4.64
C THR J 191 -24.18 -69.94 3.79
N ASN J 192 -24.76 -70.56 2.76
CA ASN J 192 -25.74 -69.92 1.88
C ASN J 192 -25.15 -68.75 1.10
N PHE J 193 -23.87 -68.46 1.34
CA PHE J 193 -23.14 -67.45 0.59
C PHE J 193 -21.74 -67.97 0.31
N PHE J 194 -21.64 -69.23 -0.12
CA PHE J 194 -20.35 -69.87 -0.31
C PHE J 194 -19.46 -69.06 -1.26
N LYS J 195 -19.98 -68.77 -2.45
CA LYS J 195 -19.25 -68.02 -3.49
C LYS J 195 -17.90 -68.70 -3.67
N ASP J 196 -16.78 -68.01 -3.46
CA ASP J 196 -15.46 -68.63 -3.39
C ASP J 196 -14.98 -68.59 -1.95
N ASP J 197 -14.33 -69.68 -1.51
CA ASP J 197 -13.97 -69.81 -0.11
C ASP J 197 -12.85 -68.85 0.28
N ARG J 198 -12.24 -68.18 -0.69
CA ARG J 198 -11.19 -67.20 -0.40
C ARG J 198 -11.77 -66.01 0.36
N VAL J 199 -11.08 -65.59 1.42
CA VAL J 199 -11.52 -64.47 2.23
C VAL J 199 -10.40 -63.44 2.30
N ILE J 200 -10.77 -62.16 2.21
CA ILE J 200 -9.83 -61.05 2.17
C ILE J 200 -10.02 -60.23 3.44
N LEU J 201 -8.90 -59.79 4.03
CA LEU J 201 -8.90 -59.00 5.25
C LEU J 201 -8.33 -57.62 4.96
N GLU J 202 -8.97 -56.59 5.52
CA GLU J 202 -8.54 -55.21 5.34
C GLU J 202 -8.70 -54.46 6.65
N ARG J 203 -8.35 -53.17 6.60
CA ARG J 203 -8.65 -52.28 7.72
C ARG J 203 -10.08 -51.78 7.59
N TYR J 204 -10.76 -51.70 8.73
CA TYR J 204 -12.15 -51.22 8.76
C TYR J 204 -12.20 -49.84 9.39
N VAL J 205 -12.84 -48.91 8.69
CA VAL J 205 -12.96 -47.53 9.14
C VAL J 205 -14.41 -47.29 9.54
N LYS J 206 -14.60 -46.71 10.72
CA LYS J 206 -15.96 -46.45 11.21
C LYS J 206 -16.60 -45.28 10.46
N ARG J 207 -15.82 -44.24 10.17
CA ARG J 207 -16.31 -43.05 9.51
C ARG J 207 -15.55 -42.77 8.22
N SER J 208 -16.23 -42.09 7.29
CA SER J 208 -15.63 -41.78 6.00
C SER J 208 -16.07 -40.39 5.55
N ARG J 209 -15.10 -39.62 5.06
CA ARG J 209 -15.33 -38.28 4.59
C ARG J 209 -14.40 -38.19 3.41
N HIS J 210 -14.90 -37.74 2.26
CA HIS J 210 -14.08 -37.72 1.05
C HIS J 210 -13.24 -36.47 0.85
N ILE J 211 -11.97 -36.65 0.53
CA ILE J 211 -11.11 -35.48 0.23
C ILE J 211 -10.53 -35.61 -1.17
N GLU J 212 -10.25 -34.49 -1.82
CA GLU J 212 -9.71 -34.50 -3.18
C GLU J 212 -8.92 -33.24 -3.46
N CYS J 213 -7.61 -33.32 -3.48
CA CYS J 213 -6.71 -32.21 -3.73
C CYS J 213 -6.58 -31.98 -5.22
N GLN J 214 -6.33 -30.76 -5.66
CA GLN J 214 -6.10 -30.49 -7.10
C GLN J 214 -4.62 -30.32 -7.43
N ILE J 215 -4.23 -30.61 -8.67
CA ILE J 215 -2.82 -30.51 -9.06
C ILE J 215 -2.67 -29.98 -10.48
N PHE J 216 -1.50 -29.45 -10.79
CA PHE J 216 -1.25 -28.88 -12.11
C PHE J 216 0.20 -29.08 -12.52
N PHE J 217 0.44 -29.38 -13.79
CA PHE J 217 1.80 -29.66 -14.25
C PHE J 217 2.05 -29.18 -15.66
N ASP J 218 3.24 -28.65 -15.92
CA ASP J 218 3.58 -28.24 -17.27
C ASP J 218 4.27 -29.41 -17.88
N LYS J 219 4.92 -29.18 -19.02
CA LYS J 219 5.68 -30.24 -19.68
C LYS J 219 7.16 -29.97 -19.53
N HIS J 220 7.53 -29.08 -18.61
CA HIS J 220 8.93 -28.72 -18.47
C HIS J 220 9.25 -29.00 -17.01
N GLY J 221 8.64 -30.04 -16.45
CA GLY J 221 8.92 -30.44 -15.08
C GLY J 221 8.70 -29.48 -13.93
N ARG J 222 7.52 -28.87 -13.86
CA ARG J 222 7.24 -27.91 -12.81
C ARG J 222 5.75 -27.85 -12.57
N GLY J 223 5.33 -27.93 -11.31
CA GLY J 223 3.91 -27.94 -10.99
C GLY J 223 3.57 -27.37 -9.63
N VAL J 224 2.28 -27.30 -9.30
CA VAL J 224 1.89 -26.82 -7.98
C VAL J 224 0.51 -27.25 -7.59
N PHE J 225 0.37 -27.87 -6.42
CA PHE J 225 -0.94 -28.40 -6.03
C PHE J 225 -1.89 -27.31 -5.56
N PHE J 226 -3.13 -27.37 -6.03
CA PHE J 226 -4.12 -26.40 -5.61
C PHE J 226 -4.69 -26.79 -4.27
N PHE J 227 -5.69 -26.05 -3.80
CA PHE J 227 -6.25 -26.32 -2.48
C PHE J 227 -7.13 -27.56 -2.46
N GLU J 228 -7.30 -28.15 -1.27
CA GLU J 228 -8.10 -29.36 -1.12
C GLU J 228 -9.57 -29.13 -1.43
N ARG J 229 -10.38 -30.17 -1.26
CA ARG J 229 -11.82 -30.05 -1.49
C ARG J 229 -12.53 -31.12 -0.66
N ASP J 230 -13.84 -30.99 -0.55
CA ASP J 230 -14.66 -31.95 0.18
C ASP J 230 -15.87 -32.33 -0.69
N CYS J 231 -16.15 -33.63 -0.76
CA CYS J 231 -17.34 -34.17 -1.42
C CYS J 231 -18.08 -35.15 -0.52
N SER J 232 -18.29 -34.76 0.74
CA SER J 232 -18.96 -35.64 1.67
C SER J 232 -20.41 -35.89 1.26
N VAL J 233 -21.08 -34.86 0.75
CA VAL J 233 -22.49 -34.96 0.42
C VAL J 233 -22.65 -35.52 -0.98
N GLN J 234 -23.22 -36.71 -1.09
CA GLN J 234 -23.56 -37.30 -2.38
C GLN J 234 -24.64 -38.35 -2.17
N ARG J 235 -25.62 -38.37 -3.07
CA ARG J 235 -26.72 -39.34 -3.03
C ARG J 235 -26.65 -40.24 -4.24
N ARG J 236 -26.62 -41.55 -4.00
CA ARG J 236 -26.57 -42.55 -5.05
C ARG J 236 -25.40 -42.30 -6.00
N TYR J 237 -24.25 -41.98 -5.42
CA TYR J 237 -23.02 -41.70 -6.17
C TYR J 237 -23.18 -40.49 -7.10
N GLN J 238 -24.03 -39.54 -6.73
CA GLN J 238 -24.24 -38.32 -7.49
C GLN J 238 -23.88 -37.13 -6.61
N LYS J 239 -23.02 -36.25 -7.12
CA LYS J 239 -22.59 -35.09 -6.35
C LYS J 239 -23.75 -34.11 -6.16
N VAL J 240 -23.86 -33.58 -4.95
CA VAL J 240 -25.00 -32.73 -4.60
C VAL J 240 -24.52 -31.35 -4.19
N LEU J 241 -23.71 -31.27 -3.13
CA LEU J 241 -23.17 -30.00 -2.66
C LEU J 241 -21.77 -30.24 -2.11
N GLU J 242 -20.85 -29.31 -2.38
CA GLU J 242 -19.46 -29.47 -2.01
C GLU J 242 -18.86 -28.14 -1.58
N GLU J 243 -17.72 -28.23 -0.90
CA GLU J 243 -17.05 -27.07 -0.31
C GLU J 243 -15.57 -27.16 -0.63
N ALA J 244 -15.02 -26.15 -1.28
CA ALA J 244 -13.58 -26.15 -1.58
C ALA J 244 -12.73 -26.09 -0.31
N PRO J 245 -12.97 -25.18 0.66
CA PRO J 245 -12.20 -25.25 1.92
C PRO J 245 -12.82 -26.26 2.87
N ALA J 246 -12.10 -27.35 3.05
CA ALA J 246 -12.59 -28.39 3.93
C ALA J 246 -12.65 -27.82 5.30
N PRO J 247 -13.87 -27.58 5.80
CA PRO J 247 -13.87 -26.96 7.11
C PRO J 247 -13.26 -27.92 8.08
N HIS J 248 -12.69 -27.42 9.17
CA HIS J 248 -12.04 -28.28 10.16
C HIS J 248 -10.85 -29.05 9.60
N LEU J 249 -9.98 -28.37 8.84
CA LEU J 249 -8.79 -29.04 8.33
C LEU J 249 -7.55 -28.24 8.69
N SER J 250 -6.65 -28.84 9.47
CA SER J 250 -5.45 -28.12 9.91
C SER J 250 -4.55 -27.74 8.76
N MET J 251 -3.91 -26.59 8.86
CA MET J 251 -3.03 -26.13 7.79
C MET J 251 -1.95 -27.13 7.49
N GLU J 252 -1.31 -27.62 8.53
CA GLU J 252 -0.20 -28.57 8.35
C GLU J 252 -0.61 -29.75 7.50
N THR J 253 -1.81 -30.26 7.72
CA THR J 253 -2.32 -31.37 6.95
C THR J 253 -2.42 -30.98 5.51
N ARG J 254 -3.00 -29.81 5.26
CA ARG J 254 -3.15 -29.34 3.91
C ARG J 254 -1.82 -29.50 3.23
N GLN J 255 -0.77 -28.97 3.83
CA GLN J 255 0.55 -29.07 3.25
C GLN J 255 0.89 -30.49 2.86
N ARG J 256 0.71 -31.41 3.79
CA ARG J 256 1.09 -32.81 3.55
C ARG J 256 0.28 -33.48 2.47
N ILE J 257 -1.01 -33.16 2.40
CA ILE J 257 -1.85 -33.73 1.37
C ILE J 257 -1.15 -33.49 0.04
N GLY J 258 -0.51 -32.33 -0.09
CA GLY J 258 0.21 -32.02 -1.31
C GLY J 258 1.40 -32.93 -1.56
N GLU J 259 2.23 -33.16 -0.54
CA GLU J 259 3.44 -33.94 -0.78
C GLU J 259 3.08 -35.35 -1.26
N VAL J 260 2.04 -35.95 -0.66
CA VAL J 260 1.59 -37.26 -1.11
C VAL J 260 1.07 -37.19 -2.54
N ALA J 261 0.27 -36.17 -2.85
CA ALA J 261 -0.33 -36.08 -4.17
C ALA J 261 0.72 -35.89 -5.26
N LEU J 262 1.72 -35.04 -5.00
CA LEU J 262 2.76 -34.79 -5.99
C LEU J 262 3.58 -36.04 -6.26
N GLN J 263 3.83 -36.85 -5.24
CA GLN J 263 4.59 -38.08 -5.43
C GLN J 263 3.90 -39.00 -6.42
N ALA J 264 2.58 -39.19 -6.26
CA ALA J 264 1.85 -40.10 -7.14
C ALA J 264 1.84 -39.59 -8.58
N ALA J 265 1.58 -38.31 -8.77
CA ALA J 265 1.51 -37.76 -10.13
C ALA J 265 2.86 -37.81 -10.82
N LYS J 266 3.94 -37.52 -10.09
CA LYS J 266 5.28 -37.62 -10.67
C LYS J 266 5.61 -39.05 -11.05
N ALA J 267 5.20 -40.01 -10.22
CA ALA J 267 5.55 -41.41 -10.46
C ALA J 267 4.96 -41.90 -11.78
N VAL J 268 3.68 -41.58 -12.03
CA VAL J 268 3.07 -41.95 -13.30
C VAL J 268 3.44 -40.98 -14.40
N GLY J 269 3.94 -39.79 -14.05
CA GLY J 269 4.18 -38.76 -15.03
C GLY J 269 2.87 -38.09 -15.39
N TYR J 270 2.83 -36.76 -15.40
CA TYR J 270 1.55 -36.10 -15.60
C TYR J 270 1.79 -34.71 -16.18
N VAL J 271 0.87 -34.27 -17.04
CA VAL J 271 0.89 -32.94 -17.61
C VAL J 271 -0.54 -32.41 -17.62
N GLY J 272 -0.70 -31.15 -17.28
CA GLY J 272 -2.02 -30.54 -17.26
C GLY J 272 -2.63 -30.45 -15.87
N ALA J 273 -3.95 -30.48 -15.78
CA ALA J 273 -4.66 -30.34 -14.52
C ALA J 273 -5.33 -31.65 -14.15
N GLY J 274 -5.34 -31.97 -12.85
CA GLY J 274 -5.94 -33.19 -12.38
C GLY J 274 -6.27 -33.11 -10.91
N THR J 275 -6.87 -34.20 -10.40
CA THR J 275 -7.35 -34.24 -9.03
C THR J 275 -7.09 -35.62 -8.44
N VAL J 276 -6.51 -35.65 -7.24
CA VAL J 276 -6.33 -36.87 -6.46
C VAL J 276 -7.41 -36.91 -5.39
N GLU J 277 -8.08 -38.05 -5.27
CA GLU J 277 -9.13 -38.24 -4.28
C GLU J 277 -8.64 -39.16 -3.17
N PHE J 278 -8.94 -38.80 -1.94
CA PHE J 278 -8.63 -39.62 -0.77
C PHE J 278 -9.91 -40.07 -0.08
N ILE J 279 -9.73 -40.91 0.93
CA ILE J 279 -10.78 -41.31 1.85
C ILE J 279 -10.20 -41.19 3.26
N PHE J 280 -10.98 -40.65 4.18
CA PHE J 280 -10.47 -40.21 5.47
C PHE J 280 -11.40 -40.65 6.60
N ASP J 281 -10.83 -41.08 7.71
CA ASP J 281 -11.58 -41.40 8.92
C ASP J 281 -11.12 -40.46 10.03
N THR J 282 -12.08 -39.80 10.68
CA THR J 282 -11.75 -38.88 11.76
C THR J 282 -11.15 -39.62 12.95
N SER J 283 -11.69 -40.80 13.28
CA SER J 283 -11.22 -41.53 14.45
C SER J 283 -9.75 -41.94 14.29
N THR J 284 -9.40 -42.47 13.11
CA THR J 284 -8.01 -42.82 12.86
C THR J 284 -7.14 -41.58 12.72
N GLY J 285 -7.66 -40.54 12.08
CA GLY J 285 -6.90 -39.34 11.83
C GLY J 285 -5.97 -39.42 10.64
N GLU J 286 -6.00 -40.50 9.88
CA GLU J 286 -5.13 -40.67 8.73
C GLU J 286 -5.97 -40.77 7.46
N PHE J 287 -5.36 -40.39 6.34
CA PHE J 287 -5.98 -40.47 5.03
C PHE J 287 -5.37 -41.62 4.24
N TYR J 288 -6.21 -42.36 3.53
CA TYR J 288 -5.75 -43.45 2.69
C TYR J 288 -6.24 -43.24 1.27
N PHE J 289 -5.39 -43.55 0.30
CA PHE J 289 -5.70 -43.31 -1.09
C PHE J 289 -6.85 -44.20 -1.54
N MET J 290 -7.77 -43.62 -2.30
CA MET J 290 -8.86 -44.38 -2.90
C MET J 290 -8.80 -44.37 -4.42
N GLU J 291 -8.80 -43.19 -5.05
CA GLU J 291 -8.77 -43.13 -6.49
C GLU J 291 -8.29 -41.74 -6.93
N MET J 292 -7.88 -41.66 -8.19
CA MET J 292 -7.49 -40.41 -8.83
C MET J 292 -8.18 -40.34 -10.18
N ASN J 293 -8.41 -39.13 -10.68
CA ASN J 293 -8.99 -38.92 -12.01
C ASN J 293 -8.01 -38.09 -12.84
N THR J 294 -7.69 -38.58 -14.04
CA THR J 294 -6.82 -37.85 -14.97
C THR J 294 -7.68 -37.07 -15.96
N ARG J 295 -8.40 -36.09 -15.43
CA ARG J 295 -9.36 -35.31 -16.19
C ARG J 295 -9.81 -34.13 -15.34
N LEU J 296 -10.08 -33.00 -16.01
CA LEU J 296 -10.62 -31.84 -15.32
C LEU J 296 -11.98 -32.19 -14.73
N GLN J 297 -12.19 -31.81 -13.48
CA GLN J 297 -13.46 -32.09 -12.82
C GLN J 297 -14.50 -31.06 -13.21
N VAL J 298 -15.71 -31.25 -12.67
CA VAL J 298 -16.80 -30.30 -12.87
C VAL J 298 -16.70 -29.25 -11.77
N GLU J 299 -16.03 -29.60 -10.68
CA GLU J 299 -15.94 -28.76 -9.50
C GLU J 299 -14.77 -27.80 -9.56
N HIS J 300 -14.18 -27.59 -10.73
CA HIS J 300 -13.06 -26.67 -10.84
C HIS J 300 -13.37 -25.23 -10.42
N PRO J 301 -14.50 -24.61 -10.82
CA PRO J 301 -14.68 -23.21 -10.44
C PRO J 301 -14.88 -23.02 -8.94
N VAL J 302 -15.24 -24.09 -8.24
CA VAL J 302 -15.46 -24.01 -6.80
C VAL J 302 -14.16 -23.76 -6.06
N THR J 303 -13.18 -24.62 -6.29
CA THR J 303 -11.89 -24.48 -5.61
C THR J 303 -11.23 -23.16 -5.96
N GLU J 304 -11.59 -22.59 -7.10
CA GLU J 304 -11.01 -21.33 -7.53
C GLU J 304 -11.30 -20.20 -6.55
N GLU J 305 -12.50 -20.18 -5.98
CA GLU J 305 -12.87 -19.09 -5.06
C GLU J 305 -12.02 -19.06 -3.80
N VAL J 306 -11.28 -20.13 -3.53
CA VAL J 306 -10.48 -20.18 -2.32
C VAL J 306 -8.98 -20.23 -2.63
N CYS J 307 -8.58 -19.68 -3.78
CA CYS J 307 -7.17 -19.64 -4.12
C CYS J 307 -6.79 -18.48 -5.04
N ARG J 308 -5.77 -17.73 -4.67
CA ARG J 308 -5.30 -16.62 -5.50
C ARG J 308 -3.80 -16.77 -5.74
N ILE J 309 -3.36 -16.46 -6.95
CA ILE J 309 -1.94 -16.64 -7.26
C ILE J 309 -1.31 -15.27 -7.51
N LYS J 310 -0.30 -14.91 -6.74
CA LYS J 310 0.31 -13.58 -6.86
C LYS J 310 -0.73 -12.51 -6.71
N GLY J 311 -1.67 -12.71 -5.81
CA GLY J 311 -2.67 -11.70 -5.56
C GLY J 311 -3.67 -11.49 -6.67
N ALA J 312 -3.63 -12.31 -7.72
CA ALA J 312 -4.47 -12.14 -8.89
C ALA J 312 -5.50 -13.26 -8.96
N PRO J 313 -6.66 -13.05 -9.58
CA PRO J 313 -7.62 -14.14 -9.74
C PRO J 313 -7.03 -15.28 -10.56
N LEU J 314 -7.36 -16.50 -10.18
CA LEU J 314 -6.88 -17.68 -10.87
C LEU J 314 -7.89 -18.18 -11.89
N ASP J 315 -7.43 -18.55 -13.08
CA ASP J 315 -8.26 -19.20 -14.07
C ASP J 315 -7.65 -20.55 -14.40
N LEU J 316 -8.36 -21.62 -14.05
CA LEU J 316 -7.84 -22.98 -14.22
C LEU J 316 -7.74 -23.37 -15.69
N VAL J 317 -8.74 -23.02 -16.49
CA VAL J 317 -8.72 -23.40 -17.91
C VAL J 317 -7.63 -22.63 -18.66
N LYS J 318 -7.35 -21.42 -18.21
CA LYS J 318 -6.35 -20.59 -18.85
C LYS J 318 -5.04 -21.28 -18.86
N LEU J 319 -4.62 -21.73 -17.70
CA LEU J 319 -3.32 -22.38 -17.56
C LEU J 319 -3.24 -23.63 -18.45
N GLN J 320 -4.34 -24.37 -18.54
CA GLN J 320 -4.34 -25.60 -19.34
C GLN J 320 -4.06 -25.29 -20.80
N ILE J 321 -4.58 -24.17 -21.31
CA ILE J 321 -4.20 -23.74 -22.65
C ILE J 321 -2.72 -23.32 -22.66
N LYS J 322 -2.31 -22.57 -21.64
CA LYS J 322 -0.90 -22.18 -21.55
C LYS J 322 0.01 -23.38 -21.36
N THR J 323 -0.47 -24.40 -20.64
CA THR J 323 0.29 -25.64 -20.55
C THR J 323 0.43 -26.28 -21.93
N ALA J 324 -0.65 -26.28 -22.70
CA ALA J 324 -0.58 -26.79 -24.07
C ALA J 324 0.32 -25.91 -24.92
N MET J 325 0.44 -24.62 -24.59
CA MET J 325 1.33 -23.72 -25.32
C MET J 325 2.79 -24.17 -25.25
N GLY J 326 3.18 -24.89 -24.20
CA GLY J 326 4.56 -25.22 -23.98
C GLY J 326 5.31 -24.25 -23.10
N LYS J 327 4.70 -23.11 -22.75
CA LYS J 327 5.34 -22.18 -21.85
C LYS J 327 5.47 -22.78 -20.46
N PRO J 328 6.54 -22.43 -19.73
CA PRO J 328 6.67 -22.95 -18.37
C PRO J 328 5.92 -22.07 -17.39
N LEU J 329 5.78 -22.52 -16.14
CA LEU J 329 4.99 -21.76 -15.16
C LEU J 329 5.66 -20.46 -14.74
N THR J 330 5.01 -19.72 -13.86
CA THR J 330 5.57 -18.48 -13.42
C THR J 330 5.57 -18.41 -11.91
N PHE J 331 4.92 -19.39 -11.27
CA PHE J 331 4.79 -19.34 -9.82
C PHE J 331 5.14 -20.64 -9.09
N SER J 332 5.64 -20.52 -7.88
CA SER J 332 5.91 -21.72 -7.10
C SER J 332 4.63 -22.08 -6.38
N GLN J 333 4.67 -23.11 -5.55
CA GLN J 333 3.50 -23.47 -4.77
C GLN J 333 3.17 -22.33 -3.82
N GLU J 334 4.18 -21.54 -3.49
CA GLU J 334 3.98 -20.45 -2.54
C GLU J 334 3.08 -19.32 -3.00
N ASP J 335 3.27 -18.81 -4.21
CA ASP J 335 2.49 -17.64 -4.61
C ASP J 335 1.00 -17.81 -4.41
N VAL J 336 0.54 -19.03 -4.25
CA VAL J 336 -0.89 -19.27 -4.12
C VAL J 336 -1.36 -19.19 -2.69
N THR J 337 -2.32 -18.32 -2.42
CA THR J 337 -2.86 -18.25 -1.07
C THR J 337 -4.38 -18.32 -1.04
N LEU J 338 -4.95 -18.97 -0.05
CA LEU J 338 -6.41 -19.02 0.08
C LEU J 338 -6.98 -17.78 0.75
N VAL J 339 -8.22 -17.42 0.42
CA VAL J 339 -8.85 -16.25 0.99
C VAL J 339 -10.33 -16.51 1.07
N GLY J 340 -10.85 -16.72 2.27
CA GLY J 340 -12.27 -16.90 2.43
C GLY J 340 -12.76 -18.32 2.15
N SER J 341 -14.08 -18.44 2.06
CA SER J 341 -14.75 -19.73 1.92
C SER J 341 -15.83 -19.63 0.85
N CYS J 342 -16.21 -20.79 0.30
CA CYS J 342 -17.24 -20.86 -0.73
C CYS J 342 -17.96 -22.21 -0.67
N ILE J 343 -19.20 -22.25 -1.12
CA ILE J 343 -20.02 -23.45 -1.17
C ILE J 343 -20.66 -23.54 -2.55
N GLU J 344 -20.98 -24.77 -2.98
CA GLU J 344 -21.58 -25.02 -4.27
C GLU J 344 -22.76 -25.98 -4.14
N ALA J 345 -23.71 -25.87 -5.06
CA ALA J 345 -24.82 -26.81 -5.17
C ALA J 345 -25.22 -26.96 -6.63
N ARG J 346 -25.64 -28.16 -6.99
CA ARG J 346 -26.08 -28.49 -8.35
C ARG J 346 -27.58 -28.64 -8.38
N VAL J 347 -28.21 -28.09 -9.42
CA VAL J 347 -29.65 -28.21 -9.63
C VAL J 347 -29.89 -29.20 -10.77
N TYR J 348 -30.76 -30.17 -10.53
CA TYR J 348 -31.04 -31.25 -11.48
C TYR J 348 -32.51 -31.20 -11.87
N ALA J 349 -32.77 -31.31 -13.18
CA ALA J 349 -34.13 -31.30 -13.69
C ALA J 349 -34.78 -32.66 -13.43
N GLU J 350 -34.98 -32.96 -12.15
CA GLU J 350 -35.60 -34.20 -11.72
C GLU J 350 -36.70 -33.88 -10.72
N SER J 351 -37.49 -34.90 -10.40
CA SER J 351 -38.58 -34.71 -9.47
C SER J 351 -38.25 -35.37 -8.18
N PRO J 352 -38.13 -34.58 -7.13
CA PRO J 352 -37.80 -35.13 -5.82
C PRO J 352 -38.89 -36.08 -5.31
N GLU J 353 -40.16 -35.78 -5.53
CA GLU J 353 -41.17 -36.69 -5.04
C GLU J 353 -41.08 -38.06 -5.69
N ARG J 354 -40.68 -38.08 -6.95
CA ARG J 354 -40.56 -39.33 -7.66
C ARG J 354 -39.20 -39.98 -7.47
N GLY J 355 -38.95 -41.05 -8.20
CA GLY J 355 -37.68 -41.75 -8.10
C GLY J 355 -36.54 -41.02 -8.78
N PHE J 356 -36.42 -39.72 -8.50
CA PHE J 356 -35.42 -38.83 -9.12
C PHE J 356 -35.22 -39.13 -10.60
N LEU J 357 -36.36 -39.25 -11.31
CA LEU J 357 -36.40 -39.56 -12.73
C LEU J 357 -36.34 -38.28 -13.55
N PRO J 358 -35.43 -38.20 -14.53
CA PRO J 358 -35.35 -36.97 -15.34
C PRO J 358 -36.62 -36.72 -16.12
N GLU J 359 -36.91 -35.44 -16.33
CA GLU J 359 -38.06 -35.02 -17.12
C GLU J 359 -37.62 -34.04 -18.20
N SER J 360 -38.26 -34.15 -19.37
CA SER J 360 -37.95 -33.32 -20.52
C SER J 360 -39.17 -32.46 -20.85
N GLY J 361 -38.94 -31.15 -21.00
CA GLY J 361 -40.00 -30.23 -21.30
C GLY J 361 -39.46 -28.85 -21.62
N PRO J 362 -40.25 -28.04 -22.31
CA PRO J 362 -39.80 -26.68 -22.64
C PRO J 362 -39.63 -25.84 -21.38
N LEU J 363 -38.71 -24.89 -21.47
CA LEU J 363 -38.40 -24.00 -20.34
C LEU J 363 -39.25 -22.74 -20.48
N THR J 364 -40.28 -22.61 -19.64
CA THR J 364 -41.20 -21.49 -19.75
C THR J 364 -40.62 -20.20 -19.22
N PHE J 365 -40.39 -20.09 -17.90
CA PHE J 365 -39.82 -18.87 -17.35
C PHE J 365 -38.69 -19.24 -16.41
N ILE J 366 -37.57 -18.54 -16.55
CA ILE J 366 -36.35 -18.83 -15.81
C ILE J 366 -35.94 -17.54 -15.11
N ARG J 367 -36.16 -17.47 -13.80
CA ARG J 367 -35.63 -16.36 -13.02
C ARG J 367 -34.12 -16.49 -12.89
N GLU J 368 -33.44 -15.34 -12.93
CA GLU J 368 -32.00 -15.33 -12.81
C GLU J 368 -31.60 -14.60 -11.53
N PRO J 369 -30.95 -15.29 -10.60
CA PRO J 369 -30.52 -14.63 -9.36
C PRO J 369 -29.50 -13.54 -9.63
N PHE J 370 -29.49 -12.54 -8.77
CA PHE J 370 -28.53 -11.45 -8.86
C PHE J 370 -27.12 -12.02 -8.77
N GLN J 371 -26.38 -11.94 -9.87
CA GLN J 371 -25.04 -12.51 -9.97
C GLN J 371 -23.95 -11.49 -9.63
N GLY J 372 -24.34 -10.46 -8.88
CA GLY J 372 -23.41 -9.41 -8.52
C GLY J 372 -22.97 -9.37 -7.07
N VAL J 373 -21.93 -8.60 -6.78
CA VAL J 373 -21.40 -8.53 -5.43
C VAL J 373 -22.18 -7.62 -4.54
N ARG J 374 -22.39 -8.05 -3.30
CA ARG J 374 -23.05 -7.19 -2.35
C ARG J 374 -22.82 -7.75 -0.96
N GLY J 375 -22.74 -6.88 0.03
CA GLY J 375 -22.47 -7.32 1.37
C GLY J 375 -21.13 -7.99 1.43
N PRO J 376 -20.97 -8.94 2.35
CA PRO J 376 -19.71 -9.67 2.47
C PRO J 376 -19.75 -10.99 1.73
N ALA J 377 -20.07 -10.98 0.45
CA ALA J 377 -20.21 -12.24 -0.27
C ALA J 377 -20.30 -12.13 -1.78
N ARG J 378 -19.76 -13.13 -2.48
CA ARG J 378 -19.92 -13.14 -3.92
C ARG J 378 -20.73 -14.34 -4.32
N THR J 379 -21.75 -14.13 -5.14
CA THR J 379 -22.63 -15.19 -5.60
C THR J 379 -22.68 -15.16 -7.12
N ARG J 380 -22.52 -16.32 -7.74
CA ARG J 380 -22.53 -16.42 -9.18
C ARG J 380 -23.38 -17.61 -9.59
N LEU J 381 -23.89 -17.55 -10.81
CA LEU J 381 -24.65 -18.64 -11.40
C LEU J 381 -24.14 -18.89 -12.81
N ASP J 382 -23.90 -20.16 -13.12
CA ASP J 382 -23.52 -20.59 -14.46
C ASP J 382 -24.56 -21.58 -14.96
N THR J 383 -25.23 -21.25 -16.06
CA THR J 383 -26.26 -22.11 -16.60
C THR J 383 -25.97 -22.40 -18.07
N GLY J 384 -26.22 -23.64 -18.47
CA GLY J 384 -26.01 -24.06 -19.85
C GLY J 384 -27.29 -24.01 -20.67
N PHE J 385 -28.34 -23.42 -20.10
CA PHE J 385 -29.62 -23.28 -20.76
C PHE J 385 -30.16 -21.87 -20.52
N ARG J 386 -31.06 -21.45 -21.41
CA ARG J 386 -31.67 -20.14 -21.32
C ARG J 386 -33.15 -20.25 -21.62
N GLU J 387 -33.81 -19.10 -21.73
CA GLU J 387 -35.23 -19.08 -22.02
C GLU J 387 -35.50 -19.62 -23.42
N GLY J 388 -36.62 -20.31 -23.58
CA GLY J 388 -36.98 -20.88 -24.86
C GLY J 388 -36.31 -22.19 -25.17
N ASP J 389 -35.43 -22.68 -24.31
CA ASP J 389 -34.74 -23.93 -24.54
C ASP J 389 -35.56 -25.09 -24.00
N ASN J 390 -35.22 -26.30 -24.44
CA ASN J 390 -35.91 -27.51 -24.04
C ASN J 390 -34.90 -28.56 -23.60
N VAL J 391 -35.22 -29.27 -22.52
CA VAL J 391 -34.31 -30.28 -21.97
C VAL J 391 -34.39 -31.55 -22.82
N LEU J 392 -33.22 -32.12 -23.12
CA LEU J 392 -33.13 -33.35 -23.87
C LEU J 392 -33.00 -34.53 -22.92
N ILE J 393 -33.77 -35.60 -23.17
CA ILE J 393 -33.75 -36.76 -22.29
C ILE J 393 -32.42 -37.52 -22.43
N HIS J 394 -31.80 -37.47 -23.61
CA HIS J 394 -30.54 -38.16 -23.81
C HIS J 394 -29.46 -37.62 -22.89
N TYR J 395 -29.39 -36.31 -22.72
CA TYR J 395 -28.41 -35.70 -21.84
C TYR J 395 -28.81 -35.91 -20.38
N ASP J 396 -27.85 -35.70 -19.49
CA ASP J 396 -28.14 -35.76 -18.06
C ASP J 396 -28.94 -34.52 -17.67
N PRO J 397 -29.77 -34.62 -16.63
CA PRO J 397 -30.50 -33.42 -16.16
C PRO J 397 -29.59 -32.49 -15.37
N MET J 398 -29.17 -31.39 -15.99
CA MET J 398 -28.23 -30.46 -15.34
C MET J 398 -28.53 -29.06 -15.85
N LEU J 399 -29.02 -28.20 -14.96
CA LEU J 399 -29.43 -26.85 -15.35
C LEU J 399 -28.33 -25.83 -15.10
N ALA J 400 -27.90 -25.69 -13.86
CA ALA J 400 -27.02 -24.59 -13.49
C ALA J 400 -26.25 -24.96 -12.23
N LYS J 401 -25.22 -24.16 -11.94
CA LYS J 401 -24.42 -24.30 -10.73
C LYS J 401 -24.38 -22.95 -10.03
N VAL J 402 -24.59 -22.96 -8.71
CA VAL J 402 -24.58 -21.73 -7.92
C VAL J 402 -23.49 -21.85 -6.87
N ILE J 403 -22.66 -20.81 -6.77
CA ILE J 403 -21.51 -20.78 -5.87
C ILE J 403 -21.54 -19.48 -5.09
N SER J 404 -21.30 -19.55 -3.78
CA SER J 404 -21.33 -18.39 -2.90
C SER J 404 -19.98 -18.24 -2.21
N TRP J 405 -19.08 -17.48 -2.84
CA TRP J 405 -17.81 -17.11 -2.21
C TRP J 405 -18.05 -16.11 -1.09
N GLY J 406 -17.24 -16.21 -0.04
CA GLY J 406 -17.36 -15.30 1.08
C GLY J 406 -16.07 -15.22 1.86
N ARG J 407 -15.98 -14.21 2.73
CA ARG J 407 -14.85 -14.09 3.62
C ARG J 407 -14.92 -15.08 4.78
N SER J 408 -16.12 -15.50 5.16
CA SER J 408 -16.29 -16.54 6.17
C SER J 408 -17.35 -17.52 5.69
N ARG J 409 -17.27 -18.73 6.25
CA ARG J 409 -18.20 -19.77 5.88
C ARG J 409 -19.63 -19.34 6.06
N GLU J 410 -19.91 -18.69 7.18
CA GLU J 410 -21.26 -18.29 7.47
C GLU J 410 -21.79 -17.44 6.33
N GLU J 411 -21.04 -16.44 5.95
CA GLU J 411 -21.49 -15.57 4.89
C GLU J 411 -21.81 -16.36 3.66
N ALA J 412 -20.93 -17.28 3.31
CA ALA J 412 -21.15 -18.09 2.13
C ALA J 412 -22.43 -18.89 2.24
N LEU J 413 -22.61 -19.63 3.33
CA LEU J 413 -23.81 -20.47 3.43
C LEU J 413 -25.05 -19.60 3.42
N ARG J 414 -25.01 -18.48 4.14
CA ARG J 414 -26.18 -17.63 4.22
C ARG J 414 -26.49 -17.09 2.85
N GLY J 415 -25.46 -16.74 2.10
CA GLY J 415 -25.67 -16.19 0.80
C GLY J 415 -26.44 -17.15 -0.06
N LEU J 416 -25.98 -18.39 -0.11
CA LEU J 416 -26.62 -19.35 -0.97
C LEU J 416 -28.07 -19.41 -0.63
N ARG J 417 -28.38 -19.59 0.65
CA ARG J 417 -29.76 -19.74 1.05
C ARG J 417 -30.63 -18.79 0.26
N GLN J 418 -30.34 -17.52 0.35
CA GLN J 418 -31.17 -16.53 -0.31
C GLN J 418 -31.14 -16.71 -1.83
N ALA J 419 -29.97 -16.97 -2.39
CA ALA J 419 -29.91 -17.16 -3.83
C ALA J 419 -30.70 -18.38 -4.23
N LEU J 420 -30.48 -19.49 -3.55
CA LEU J 420 -31.16 -20.72 -3.94
C LEU J 420 -32.62 -20.43 -3.93
N GLY J 421 -33.08 -19.70 -2.95
CA GLY J 421 -34.47 -19.34 -2.91
C GLY J 421 -34.87 -18.50 -4.11
N GLU J 422 -34.09 -17.49 -4.47
CA GLU J 422 -34.48 -16.58 -5.55
C GLU J 422 -34.60 -17.17 -6.96
N TYR J 423 -33.68 -18.03 -7.34
CA TYR J 423 -33.70 -18.64 -8.68
C TYR J 423 -34.99 -19.42 -8.86
N LYS J 424 -35.66 -19.22 -9.98
CA LYS J 424 -36.95 -19.87 -10.20
C LYS J 424 -37.08 -20.37 -11.61
N VAL J 425 -37.60 -21.58 -11.77
CA VAL J 425 -37.82 -22.12 -13.08
C VAL J 425 -39.23 -22.64 -13.13
N ALA J 426 -39.90 -22.44 -14.25
CA ALA J 426 -41.25 -22.97 -14.39
C ALA J 426 -41.30 -23.90 -15.57
N GLY J 427 -41.94 -25.04 -15.40
CA GLY J 427 -42.11 -25.96 -16.50
C GLY J 427 -41.76 -27.39 -16.16
N ILE J 428 -40.71 -27.60 -15.36
CA ILE J 428 -40.30 -28.93 -14.93
C ILE J 428 -39.99 -28.88 -13.44
N ASN J 429 -40.43 -29.91 -12.73
CA ASN J 429 -40.10 -30.04 -11.32
C ASN J 429 -38.60 -30.19 -11.14
N THR J 430 -38.07 -29.58 -10.09
CA THR J 430 -36.65 -29.60 -9.80
C THR J 430 -36.44 -29.97 -8.33
N ASN J 431 -35.18 -30.23 -7.98
CA ASN J 431 -34.79 -30.61 -6.63
C ASN J 431 -34.37 -29.39 -5.81
N ILE J 432 -34.66 -28.19 -6.31
CA ILE J 432 -34.23 -26.97 -5.63
C ILE J 432 -34.84 -26.88 -4.25
N GLU J 433 -36.08 -27.34 -4.11
CA GLU J 433 -36.71 -27.39 -2.78
C GLU J 433 -35.95 -28.34 -1.87
N PHE J 434 -35.48 -29.47 -2.41
CA PHE J 434 -34.72 -30.42 -1.61
C PHE J 434 -33.43 -29.80 -1.07
N LEU J 435 -32.69 -29.09 -1.93
CA LEU J 435 -31.41 -28.55 -1.50
C LEU J 435 -31.59 -27.53 -0.37
N LYS J 436 -32.61 -26.69 -0.47
CA LYS J 436 -32.89 -25.73 0.60
C LYS J 436 -33.24 -26.44 1.90
N ARG J 437 -34.03 -27.52 1.80
CA ARG J 437 -34.32 -28.33 2.98
C ARG J 437 -33.05 -28.97 3.53
N CYS J 438 -32.11 -29.30 2.65
CA CYS J 438 -30.83 -29.85 3.09
C CYS J 438 -29.99 -28.80 3.80
N CYS J 439 -30.30 -27.52 3.62
CA CYS J 439 -29.47 -26.45 4.15
C CYS J 439 -30.03 -25.83 5.42
N GLU J 440 -31.35 -25.82 5.60
CA GLU J 440 -31.94 -25.13 6.74
C GLU J 440 -31.90 -25.98 7.99
N THR J 441 -32.68 -27.07 8.03
CA THR J 441 -32.82 -27.84 9.26
C THR J 441 -31.56 -28.61 9.63
N PRO J 442 -30.89 -29.33 8.71
CA PRO J 442 -29.68 -30.05 9.13
C PRO J 442 -28.63 -29.10 9.69
N GLU J 443 -28.13 -29.45 10.87
CA GLU J 443 -27.11 -28.64 11.52
C GLU J 443 -25.74 -29.02 10.98
N PHE J 444 -25.59 -28.97 9.66
CA PHE J 444 -24.29 -29.18 9.03
C PHE J 444 -23.52 -27.88 8.87
N ALA J 445 -24.09 -26.76 9.33
CA ALA J 445 -23.34 -25.52 9.41
C ALA J 445 -22.12 -25.65 10.29
N ARG J 446 -22.11 -26.63 11.18
CA ARG J 446 -20.92 -26.93 11.97
C ARG J 446 -19.75 -27.32 11.08
N GLY J 447 -20.02 -28.12 10.04
CA GLY J 447 -19.00 -28.50 9.09
C GLY J 447 -18.62 -29.96 9.09
N GLY J 448 -19.19 -30.77 9.96
CA GLY J 448 -18.86 -32.19 9.99
C GLY J 448 -19.95 -33.06 9.43
N VAL J 449 -19.76 -33.55 8.20
CA VAL J 449 -20.71 -34.42 7.53
C VAL J 449 -19.96 -35.59 6.92
N THR J 450 -20.51 -36.80 7.09
CA THR J 450 -19.87 -38.00 6.60
C THR J 450 -20.32 -38.32 5.18
N THR J 451 -19.74 -39.38 4.62
CA THR J 451 -20.10 -39.80 3.27
C THR J 451 -21.55 -40.23 3.20
N ASN J 452 -22.02 -40.93 4.22
CA ASN J 452 -23.40 -41.38 4.32
C ASN J 452 -24.30 -40.37 5.01
N PHE J 453 -23.91 -39.10 5.05
CA PHE J 453 -24.70 -38.08 5.76
C PHE J 453 -26.12 -37.98 5.23
N ILE J 454 -26.31 -38.19 3.93
CA ILE J 454 -27.63 -38.05 3.34
C ILE J 454 -28.56 -39.18 3.80
N SER J 455 -27.99 -40.36 4.07
CA SER J 455 -28.81 -41.55 4.29
C SER J 455 -29.68 -41.43 5.54
N GLU J 456 -29.11 -40.93 6.64
CA GLU J 456 -29.85 -40.95 7.90
C GLU J 456 -30.95 -39.90 7.97
N HIS J 457 -30.77 -38.75 7.32
CA HIS J 457 -31.72 -37.65 7.44
C HIS J 457 -32.78 -37.66 6.34
N GLU J 458 -33.02 -38.82 5.72
CA GLU J 458 -33.99 -38.88 4.64
C GLU J 458 -35.42 -38.67 5.15
N SER J 459 -35.67 -39.01 6.41
CA SER J 459 -36.98 -38.79 6.98
C SER J 459 -37.22 -37.29 7.13
N GLN J 460 -36.22 -36.58 7.63
CA GLN J 460 -36.36 -35.14 7.82
C GLN J 460 -36.57 -34.41 6.51
N LEU J 461 -35.87 -34.85 5.47
CA LEU J 461 -35.96 -34.15 4.18
C LEU J 461 -37.15 -34.58 3.34
N LEU J 462 -37.06 -34.33 2.03
CA LEU J 462 -38.15 -34.68 1.12
C LEU J 462 -39.47 -34.02 1.56
N LYS J 463 -39.36 -32.82 2.11
CA LYS J 463 -40.50 -32.10 2.66
C LYS J 463 -40.64 -30.74 1.97
N SER J 464 -41.87 -30.39 1.64
CA SER J 464 -42.20 -29.18 0.90
C SER J 464 -43.33 -28.43 1.60
N PRO J 465 -43.47 -27.14 1.35
CA PRO J 465 -44.56 -26.37 2.00
C PRO J 465 -45.93 -26.87 1.59
N VAL J 466 -46.87 -26.72 2.52
CA VAL J 466 -48.25 -27.17 2.34
C VAL J 466 -49.00 -26.15 1.51
N VAL J 467 -49.71 -26.63 0.49
CA VAL J 467 -50.50 -25.73 -0.35
C VAL J 467 -51.69 -25.23 0.44
N THR J 468 -51.64 -23.96 0.84
CA THR J 468 -52.72 -23.34 1.58
C THR J 468 -53.94 -23.14 0.69
N PRO J 469 -55.14 -23.11 1.27
CA PRO J 469 -56.33 -22.92 0.44
C PRO J 469 -56.32 -21.62 -0.35
N GLU J 470 -55.57 -20.62 0.12
CA GLU J 470 -55.44 -19.38 -0.66
C GLU J 470 -54.71 -19.61 -1.97
N VAL J 471 -53.66 -20.44 -1.96
CA VAL J 471 -52.88 -20.66 -3.18
C VAL J 471 -53.78 -21.14 -4.30
N ALA J 472 -54.75 -22.00 -3.98
CA ALA J 472 -55.71 -22.45 -4.98
C ALA J 472 -56.49 -21.28 -5.57
N ALA J 473 -56.76 -20.25 -4.75
CA ALA J 473 -57.57 -19.14 -5.23
C ALA J 473 -56.87 -18.37 -6.34
N MET J 474 -55.60 -18.01 -6.13
CA MET J 474 -54.86 -17.31 -7.19
C MET J 474 -54.57 -18.24 -8.36
N ALA J 475 -54.23 -19.50 -8.09
CA ALA J 475 -53.96 -20.44 -9.18
C ALA J 475 -55.21 -20.68 -10.01
N ALA J 476 -56.35 -20.91 -9.36
CA ALA J 476 -57.58 -21.16 -10.11
C ALA J 476 -57.98 -19.95 -10.93
N THR J 477 -57.87 -18.75 -10.36
CA THR J 477 -58.29 -17.55 -11.06
C THR J 477 -57.45 -17.34 -12.31
N ALA J 478 -56.15 -17.60 -12.22
CA ALA J 478 -55.26 -17.34 -13.36
C ALA J 478 -55.62 -18.17 -14.58
N TRP J 479 -56.01 -19.43 -14.35
CA TRP J 479 -56.31 -20.32 -15.48
C TRP J 479 -57.49 -19.79 -16.29
N LEU J 480 -58.51 -19.29 -15.63
CA LEU J 480 -59.61 -18.74 -16.36
C LEU J 480 -59.09 -17.53 -17.11
N LEU J 481 -58.78 -16.46 -16.39
CA LEU J 481 -58.37 -15.23 -17.05
C LEU J 481 -57.25 -15.43 -18.04
N ASN J 482 -56.37 -16.37 -17.77
CA ASN J 482 -55.24 -16.53 -18.67
C ASN J 482 -55.65 -17.49 -19.75
N ARG J 483 -56.95 -17.57 -20.00
CA ARG J 483 -57.40 -18.40 -21.09
C ARG J 483 -58.50 -17.66 -21.82
N CYS J 484 -59.33 -16.90 -21.10
CA CYS J 484 -60.46 -16.25 -21.76
C CYS J 484 -61.00 -15.06 -21.00
N ASP J 485 -62.20 -14.64 -21.39
CA ASP J 485 -62.83 -13.49 -20.74
C ASP J 485 -63.79 -13.92 -19.65
N ASN J 486 -63.51 -15.05 -19.01
CA ASN J 486 -64.34 -15.45 -17.89
C ASN J 486 -64.43 -14.28 -16.94
N TRP J 487 -65.62 -13.99 -16.42
CA TRP J 487 -65.74 -12.92 -15.44
C TRP J 487 -65.45 -11.57 -16.09
N ARG J 488 -65.44 -11.54 -17.42
CA ARG J 488 -65.22 -10.29 -18.13
C ARG J 488 -66.42 -10.02 -19.00
N GLY J 489 -67.19 -8.98 -18.66
CA GLY J 489 -68.39 -8.66 -19.43
C GLY J 489 -69.52 -9.60 -19.12
N ALA J 490 -69.32 -10.47 -18.13
CA ALA J 490 -70.36 -11.43 -17.76
C ALA J 490 -71.59 -10.72 -17.22
N PHE J 491 -72.76 -11.30 -17.45
CA PHE J 491 -74.01 -10.67 -16.98
C PHE J 491 -75.16 -11.65 -16.97
N ARG J 492 -75.96 -11.64 -15.91
CA ARG J 492 -77.15 -12.48 -15.86
C ARG J 492 -78.31 -11.64 -15.34
N LEU J 493 -79.46 -12.26 -15.09
CA LEU J 493 -80.63 -11.50 -14.66
C LEU J 493 -81.06 -11.80 -13.23
N ASN J 494 -81.24 -10.75 -12.44
CA ASN J 494 -81.70 -10.93 -11.05
C ASN J 494 -80.95 -12.06 -10.35
N SER J 495 -79.73 -12.33 -10.79
CA SER J 495 -78.94 -13.38 -10.15
C SER J 495 -77.49 -12.94 -10.03
N ASP J 496 -76.59 -13.89 -9.81
CA ASP J 496 -75.18 -13.56 -9.73
C ASP J 496 -74.36 -14.63 -10.43
N THR J 497 -73.14 -14.31 -10.80
CA THR J 497 -72.35 -15.24 -11.57
C THR J 497 -71.77 -16.41 -10.80
N ASN J 498 -71.35 -17.46 -11.49
CA ASN J 498 -70.68 -18.59 -10.84
C ASN J 498 -69.84 -19.32 -11.88
N ALA J 499 -68.62 -19.70 -11.47
CA ALA J 499 -67.75 -20.50 -12.30
C ALA J 499 -66.79 -21.28 -11.41
N THR J 500 -66.54 -22.52 -11.78
CA THR J 500 -65.84 -23.46 -10.91
C THR J 500 -64.66 -24.07 -11.67
N VAL J 501 -63.64 -24.45 -10.90
CA VAL J 501 -62.44 -25.09 -11.42
C VAL J 501 -62.19 -26.34 -10.59
N HIS J 502 -61.80 -27.43 -11.25
CA HIS J 502 -61.47 -28.69 -10.59
C HIS J 502 -59.98 -28.94 -10.66
N PHE J 503 -59.36 -29.12 -9.49
CA PHE J 503 -57.94 -29.41 -9.37
C PHE J 503 -57.75 -30.85 -8.92
N TYR J 504 -56.83 -31.56 -9.56
CA TYR J 504 -56.51 -32.94 -9.16
C TYR J 504 -55.25 -32.92 -8.29
N ILE J 505 -55.38 -32.33 -7.10
CA ILE J 505 -54.28 -32.29 -6.16
C ILE J 505 -54.06 -33.69 -5.58
N ASP J 506 -52.82 -34.17 -5.67
CA ASP J 506 -52.44 -35.52 -5.22
C ASP J 506 -53.35 -36.52 -5.92
N ASP J 507 -54.01 -37.43 -5.21
CA ASP J 507 -54.94 -38.37 -5.81
C ASP J 507 -56.39 -38.06 -5.47
N HIS J 508 -56.67 -36.84 -5.00
CA HIS J 508 -57.99 -36.44 -4.58
C HIS J 508 -58.43 -35.21 -5.37
N PRO J 509 -59.55 -35.29 -6.11
CA PRO J 509 -60.02 -34.10 -6.84
C PRO J 509 -60.35 -32.96 -5.88
N VAL J 510 -60.06 -31.74 -6.32
CA VAL J 510 -60.31 -30.54 -5.55
C VAL J 510 -61.17 -29.61 -6.39
N GLU J 511 -62.24 -29.09 -5.78
CA GLU J 511 -63.16 -28.17 -6.42
C GLU J 511 -63.05 -26.80 -5.76
N VAL J 512 -62.94 -25.76 -6.58
CA VAL J 512 -62.93 -24.38 -6.11
C VAL J 512 -64.01 -23.62 -6.88
N ARG J 513 -64.82 -22.85 -6.15
CA ARG J 513 -65.92 -22.10 -6.75
C ARG J 513 -65.71 -20.61 -6.53
N LEU J 514 -65.89 -19.83 -7.59
CA LEU J 514 -65.71 -18.38 -7.55
C LEU J 514 -66.98 -17.72 -8.07
N HIS J 515 -67.38 -16.64 -7.40
CA HIS J 515 -68.60 -15.93 -7.75
C HIS J 515 -68.48 -14.48 -7.33
N THR J 516 -69.39 -13.65 -7.82
CA THR J 516 -69.38 -12.21 -7.55
C THR J 516 -70.74 -11.74 -7.08
N GLU J 517 -70.73 -10.65 -6.31
CA GLU J 517 -71.93 -9.99 -5.84
C GLU J 517 -71.83 -8.50 -6.17
N GLY J 518 -72.96 -7.90 -6.54
CA GLY J 518 -72.96 -6.52 -6.98
C GLY J 518 -72.71 -6.40 -8.47
N ALA J 519 -72.32 -5.20 -8.86
CA ALA J 519 -71.99 -4.99 -10.23
C ALA J 519 -70.48 -5.00 -10.33
N ASN J 520 -69.81 -5.74 -9.44
CA ASN J 520 -68.35 -5.67 -9.43
C ASN J 520 -67.59 -6.86 -9.95
N TYR J 521 -66.79 -6.66 -10.99
CA TYR J 521 -65.91 -7.74 -11.44
C TYR J 521 -64.86 -7.75 -10.38
N HIS J 522 -64.58 -6.58 -9.80
CA HIS J 522 -63.47 -6.51 -8.83
C HIS J 522 -63.71 -7.34 -7.56
N LYS J 523 -64.86 -7.19 -6.94
CA LYS J 523 -65.13 -7.91 -5.69
C LYS J 523 -65.35 -9.38 -5.98
N ILE J 524 -64.46 -10.23 -5.48
CA ILE J 524 -64.57 -11.66 -5.75
C ILE J 524 -64.42 -12.48 -4.47
N PHE J 525 -65.05 -13.65 -4.44
CA PHE J 525 -64.97 -14.50 -3.25
C PHE J 525 -64.43 -15.87 -3.60
N PHE J 526 -64.45 -16.80 -2.65
CA PHE J 526 -63.91 -18.13 -2.88
C PHE J 526 -64.37 -19.07 -1.78
N SER J 527 -64.43 -20.34 -2.11
CA SER J 527 -64.80 -21.36 -1.14
C SER J 527 -64.11 -22.67 -1.54
N VAL J 528 -62.99 -22.95 -0.88
CA VAL J 528 -62.24 -24.18 -1.11
C VAL J 528 -62.00 -24.83 0.24
N TRP J 529 -62.23 -26.15 0.30
CA TRP J 529 -62.07 -26.92 1.54
C TRP J 529 -62.87 -26.31 2.68
N ASP J 530 -64.09 -25.86 2.35
CA ASP J 530 -65.01 -25.29 3.32
C ASP J 530 -64.43 -24.06 4.01
N HIS J 531 -63.62 -23.29 3.26
CA HIS J 531 -63.07 -22.04 3.75
C HIS J 531 -63.46 -20.91 2.81
N ASP J 532 -64.07 -19.87 3.36
CA ASP J 532 -64.62 -18.78 2.57
C ASP J 532 -64.00 -17.45 2.95
N GLY J 533 -63.85 -16.59 1.96
CA GLY J 533 -63.30 -15.26 2.18
C GLY J 533 -63.60 -14.39 0.98
N SER J 534 -63.03 -13.19 0.99
CA SER J 534 -63.19 -12.25 -0.10
C SER J 534 -61.83 -11.67 -0.47
N PHE J 535 -61.69 -11.29 -1.74
CA PHE J 535 -60.50 -10.57 -2.17
C PHE J 535 -60.83 -9.77 -3.42
N GLU J 536 -59.91 -8.92 -3.80
CA GLU J 536 -60.09 -8.23 -5.04
C GLU J 536 -58.88 -8.65 -5.81
N VAL J 537 -58.93 -8.50 -7.10
CA VAL J 537 -57.86 -8.89 -8.00
C VAL J 537 -57.74 -7.86 -9.12
N CYS J 538 -56.51 -7.42 -9.39
CA CYS J 538 -56.22 -6.53 -10.50
C CYS J 538 -55.13 -7.16 -11.35
N SER J 539 -55.42 -7.34 -12.63
CA SER J 539 -54.54 -8.08 -13.54
C SER J 539 -53.51 -7.13 -14.14
N GLY J 540 -52.80 -7.59 -15.18
CA GLY J 540 -51.85 -6.76 -15.87
C GLY J 540 -52.15 -6.71 -17.35
N PRO J 541 -51.14 -6.39 -18.17
CA PRO J 541 -51.32 -6.41 -19.62
C PRO J 541 -51.64 -7.82 -20.12
N VAL J 542 -52.50 -7.90 -21.14
CA VAL J 542 -52.82 -9.19 -21.73
C VAL J 542 -51.74 -9.57 -22.73
N THR J 543 -51.22 -10.79 -22.61
CA THR J 543 -50.11 -11.26 -23.42
C THR J 543 -50.38 -12.67 -23.91
N SER J 544 -49.66 -13.04 -24.98
CA SER J 544 -49.71 -14.38 -25.56
C SER J 544 -51.12 -14.74 -26.02
N LYS J 545 -51.61 -13.97 -27.00
CA LYS J 545 -52.93 -14.26 -27.57
C LYS J 545 -52.95 -15.62 -28.27
N HIS J 546 -51.81 -16.09 -28.76
CA HIS J 546 -51.78 -17.35 -29.49
C HIS J 546 -52.02 -18.54 -28.56
N ARG J 547 -51.82 -18.36 -27.25
CA ARG J 547 -52.00 -19.37 -26.22
C ARG J 547 -51.48 -20.74 -26.66
N ASP J 548 -50.18 -20.78 -26.96
CA ASP J 548 -49.51 -22.00 -27.36
C ASP J 548 -49.13 -22.83 -26.14
N GLN J 549 -48.23 -23.82 -26.33
CA GLN J 549 -47.81 -24.66 -25.21
C GLN J 549 -47.28 -23.82 -24.06
N LYS J 550 -46.56 -22.74 -24.35
CA LYS J 550 -46.12 -21.85 -23.28
C LYS J 550 -47.30 -21.11 -22.66
N SER J 551 -48.34 -20.87 -23.45
CA SER J 551 -49.59 -20.23 -23.00
C SER J 551 -49.26 -18.80 -22.56
N ILE J 552 -49.87 -18.31 -21.49
CA ILE J 552 -49.85 -16.89 -21.14
C ILE J 552 -49.08 -16.73 -19.84
N VAL J 553 -48.12 -15.81 -19.84
CA VAL J 553 -47.35 -15.45 -18.65
C VAL J 553 -47.70 -14.02 -18.29
N ASN J 554 -48.45 -13.82 -17.21
CA ASN J 554 -48.84 -12.50 -16.78
C ASN J 554 -48.69 -12.36 -15.28
N ASP J 555 -48.46 -11.14 -14.85
CA ASP J 555 -48.38 -10.78 -13.44
C ASP J 555 -49.78 -10.50 -12.93
N PHE J 556 -50.03 -10.85 -11.67
CA PHE J 556 -51.32 -10.62 -11.05
C PHE J 556 -51.13 -9.97 -9.69
N THR J 557 -52.18 -9.27 -9.24
CA THR J 557 -52.20 -8.65 -7.92
C THR J 557 -53.45 -9.11 -7.19
N PHE J 558 -53.36 -9.50 -5.94
CA PHE J 558 -54.58 -9.89 -5.27
C PHE J 558 -54.72 -9.21 -3.93
N LEU J 559 -55.75 -8.42 -3.75
CA LEU J 559 -55.99 -7.81 -2.46
C LEU J 559 -57.06 -8.56 -1.68
N PHE J 560 -56.65 -9.43 -0.77
CA PHE J 560 -57.62 -10.13 0.05
C PHE J 560 -58.16 -9.21 1.11
N GLU J 561 -59.37 -9.47 1.57
CA GLU J 561 -60.01 -8.58 2.55
C GLU J 561 -59.22 -8.39 3.83
N ASN J 562 -58.66 -9.45 4.37
CA ASN J 562 -57.94 -9.34 5.63
C ASN J 562 -57.07 -8.11 5.55
N GLY J 563 -56.38 -7.95 4.42
CA GLY J 563 -55.56 -6.76 4.23
C GLY J 563 -54.35 -6.99 3.39
N MET J 564 -54.02 -8.23 3.11
CA MET J 564 -52.77 -8.47 2.40
C MET J 564 -52.81 -8.07 0.93
N HIS J 565 -51.76 -8.38 0.19
CA HIS J 565 -51.71 -8.09 -1.21
C HIS J 565 -50.67 -9.03 -1.70
N HIS J 566 -50.75 -9.44 -2.96
CA HIS J 566 -49.81 -10.42 -3.49
C HIS J 566 -49.53 -10.16 -4.95
N THR J 567 -48.40 -10.64 -5.44
CA THR J 567 -48.09 -10.51 -6.86
C THR J 567 -47.74 -11.87 -7.40
N VAL J 568 -48.39 -12.30 -8.47
CA VAL J 568 -48.18 -13.65 -8.96
C VAL J 568 -48.03 -13.76 -10.48
N LEU J 569 -46.88 -14.22 -10.94
CA LEU J 569 -46.64 -14.38 -12.37
C LEU J 569 -47.11 -15.76 -12.77
N ALA J 570 -48.28 -15.86 -13.40
CA ALA J 570 -48.82 -17.18 -13.69
C ALA J 570 -48.76 -17.66 -15.13
N VAL J 571 -47.98 -18.69 -15.40
CA VAL J 571 -47.95 -19.28 -16.73
C VAL J 571 -48.88 -20.47 -16.68
N ALA J 572 -50.11 -20.31 -17.14
CA ALA J 572 -51.08 -21.38 -16.99
C ALA J 572 -51.34 -22.16 -18.24
N THR J 573 -51.46 -23.48 -18.13
CA THR J 573 -51.85 -24.22 -19.32
C THR J 573 -53.00 -25.16 -18.96
N GLU J 574 -53.49 -25.88 -19.96
CA GLU J 574 -54.57 -26.83 -19.72
C GLU J 574 -54.11 -27.94 -18.77
N GLY J 575 -52.86 -28.36 -18.89
CA GLY J 575 -52.34 -29.42 -18.04
C GLY J 575 -52.23 -29.00 -16.58
N ASP J 576 -51.73 -27.79 -16.34
CA ASP J 576 -51.45 -27.36 -14.98
C ASP J 576 -51.44 -25.86 -14.89
N VAL J 577 -51.49 -25.36 -13.66
CA VAL J 577 -51.37 -23.93 -13.36
C VAL J 577 -50.18 -23.77 -12.43
N THR J 578 -49.22 -22.94 -12.84
CA THR J 578 -48.01 -22.69 -12.06
C THR J 578 -48.06 -21.26 -11.53
N VAL J 579 -47.91 -21.11 -10.21
CA VAL J 579 -47.91 -19.81 -9.55
C VAL J 579 -46.59 -19.65 -8.80
N ILE J 580 -45.95 -18.50 -9.02
CA ILE J 580 -44.67 -18.19 -8.39
C ILE J 580 -44.82 -16.86 -7.66
N GLY J 581 -44.43 -16.84 -6.40
CA GLY J 581 -44.50 -15.64 -5.60
C GLY J 581 -43.74 -15.82 -4.31
N SER J 582 -44.02 -14.94 -3.34
CA SER J 582 -43.31 -14.98 -2.07
C SER J 582 -43.56 -16.30 -1.34
N PHE J 583 -44.68 -16.96 -1.64
CA PHE J 583 -44.93 -18.28 -1.07
C PHE J 583 -43.91 -19.29 -1.58
N GLY J 584 -43.44 -19.12 -2.79
CA GLY J 584 -42.55 -20.06 -3.45
C GLY J 584 -43.06 -20.35 -4.84
N LEU J 585 -42.87 -21.59 -5.28
CA LEU J 585 -43.44 -22.08 -6.53
C LEU J 585 -44.33 -23.27 -6.20
N HIS J 586 -45.50 -23.32 -6.83
CA HIS J 586 -46.40 -24.46 -6.73
C HIS J 586 -47.10 -24.65 -8.06
N GLN J 587 -47.11 -25.89 -8.54
CA GLN J 587 -47.87 -26.26 -9.72
C GLN J 587 -49.01 -27.18 -9.31
N LEU J 588 -50.22 -26.83 -9.70
CA LEU J 588 -51.41 -27.58 -9.35
C LEU J 588 -51.96 -28.27 -10.59
N ARG J 589 -52.05 -29.57 -10.56
CA ARG J 589 -52.54 -30.29 -11.71
C ARG J 589 -54.04 -30.19 -11.81
N LEU J 590 -54.53 -29.90 -13.01
CA LEU J 590 -55.95 -29.79 -13.21
C LEU J 590 -56.54 -31.16 -13.41
N LEU J 591 -57.65 -31.43 -12.72
CA LEU J 591 -58.31 -32.73 -12.84
C LEU J 591 -58.51 -33.14 -14.29
N PRO J 592 -57.84 -34.20 -14.72
CA PRO J 592 -57.99 -34.68 -16.10
C PRO J 592 -59.37 -35.25 -16.34
N LEU J 593 -60.01 -34.87 -17.44
CA LEU J 593 -61.33 -35.39 -17.77
C LEU J 593 -61.40 -35.75 -19.25
N THR J 594 -60.69 -36.81 -19.64
CA THR J 594 -60.70 -37.23 -21.03
C THR J 594 -60.81 -38.74 -21.13
N ASP J 595 -61.67 -39.23 -22.01
CA ASP J 595 -61.87 -40.67 -22.14
C ASP J 595 -62.63 -41.03 -23.41
N GLY J 596 -61.96 -40.97 -24.56
CA GLY J 596 -62.63 -41.24 -25.81
C GLY J 596 -64.02 -40.66 -25.77
N PHE J 597 -64.12 -39.36 -25.52
CA PHE J 597 -65.41 -38.71 -25.40
C PHE J 597 -66.45 -39.45 -26.19
N GLY J 598 -66.26 -39.52 -27.49
CA GLY J 598 -67.29 -40.11 -28.32
C GLY J 598 -67.51 -41.59 -28.27
N ASP J 599 -66.50 -42.36 -28.63
CA ASP J 599 -66.69 -43.78 -28.69
C ASP J 599 -66.80 -44.36 -27.29
N SER J 600 -67.92 -44.10 -26.63
CA SER J 600 -68.14 -44.70 -25.30
C SER J 600 -69.36 -45.63 -25.41
N SER J 601 -69.12 -46.85 -25.86
CA SER J 601 -70.19 -47.82 -26.10
C SER J 601 -70.01 -49.01 -25.17
N THR J 602 -71.02 -49.26 -24.34
CA THR J 602 -71.04 -50.43 -23.48
C THR J 602 -72.03 -51.49 -23.98
N ALA J 603 -72.47 -51.38 -25.24
CA ALA J 603 -73.46 -52.30 -25.77
C ALA J 603 -72.93 -53.73 -25.78
N GLY J 604 -73.81 -54.67 -25.45
CA GLY J 604 -73.40 -56.06 -25.36
C GLY J 604 -72.92 -56.63 -26.68
N GLY J 605 -73.60 -56.28 -27.77
CA GLY J 605 -73.23 -56.82 -29.07
C GLY J 605 -73.40 -58.32 -29.17
N THR J 606 -74.54 -58.85 -28.73
CA THR J 606 -74.70 -60.29 -28.56
C THR J 606 -74.70 -61.02 -29.91
N SER J 607 -75.51 -60.55 -30.86
CA SER J 607 -75.68 -61.28 -32.11
C SER J 607 -75.90 -60.31 -33.27
N THR J 608 -76.01 -60.90 -34.46
CA THR J 608 -76.30 -60.16 -35.70
C THR J 608 -75.25 -59.08 -35.93
N LYS J 609 -73.98 -59.50 -35.97
CA LYS J 609 -72.87 -58.59 -36.19
C LYS J 609 -72.12 -58.99 -37.46
N ILE J 610 -71.61 -57.98 -38.16
CA ILE J 610 -70.93 -58.10 -39.46
C ILE J 610 -71.62 -59.14 -40.34
N VAL J 611 -72.95 -59.10 -40.38
CA VAL J 611 -73.69 -60.07 -41.17
C VAL J 611 -73.40 -59.86 -42.65
N SER J 612 -73.32 -60.94 -43.37
CA SER J 612 -73.01 -60.82 -44.78
C SER J 612 -74.28 -61.00 -45.62
N PRO J 613 -74.30 -60.43 -46.82
CA PRO J 613 -75.45 -60.63 -47.71
C PRO J 613 -75.56 -62.09 -48.17
N MET J 614 -76.56 -62.32 -49.01
CA MET J 614 -76.90 -63.68 -49.41
C MET J 614 -75.74 -64.47 -50.01
N PRO J 615 -74.96 -63.95 -50.97
CA PRO J 615 -73.96 -64.82 -51.65
C PRO J 615 -72.97 -65.47 -50.70
N GLY J 616 -72.58 -64.81 -49.63
CA GLY J 616 -71.71 -65.43 -48.65
C GLY J 616 -70.32 -65.69 -49.23
N LYS J 617 -69.84 -66.94 -49.07
CA LYS J 617 -68.50 -67.32 -49.49
C LYS J 617 -67.44 -66.48 -48.75
N VAL J 618 -67.42 -66.61 -47.42
CA VAL J 618 -66.44 -65.91 -46.62
C VAL J 618 -65.08 -66.57 -46.81
N SER J 619 -64.02 -65.76 -46.80
CA SER J 619 -62.66 -66.26 -46.92
C SER J 619 -61.69 -65.18 -46.47
N LYS J 620 -60.45 -65.59 -46.22
CA LYS J 620 -59.34 -64.68 -45.93
C LYS J 620 -59.64 -63.80 -44.72
N LEU J 621 -60.06 -64.41 -43.62
CA LEU J 621 -60.28 -63.67 -42.38
C LEU J 621 -58.93 -63.45 -41.69
N LEU J 622 -58.63 -62.19 -41.39
CA LEU J 622 -57.31 -61.81 -40.90
C LEU J 622 -57.31 -61.39 -39.44
N VAL J 623 -58.37 -61.68 -38.69
CA VAL J 623 -58.49 -61.29 -37.29
C VAL J 623 -58.46 -62.55 -36.44
N LYS J 624 -57.75 -62.51 -35.33
CA LYS J 624 -57.75 -63.64 -34.41
C LYS J 624 -58.98 -63.61 -33.52
N SER J 625 -59.55 -64.78 -33.26
CA SER J 625 -60.69 -64.88 -32.37
C SER J 625 -60.29 -64.51 -30.96
N GLY J 626 -61.18 -63.78 -30.28
CA GLY J 626 -60.88 -63.33 -28.93
C GLY J 626 -59.75 -62.33 -28.83
N ASP J 627 -59.71 -61.37 -29.75
CA ASP J 627 -58.76 -60.28 -29.69
C ASP J 627 -59.50 -58.96 -29.79
N LEU J 628 -59.10 -57.97 -28.98
CA LEU J 628 -59.82 -56.72 -28.89
C LEU J 628 -59.86 -56.00 -30.22
N VAL J 629 -61.04 -55.47 -30.56
CA VAL J 629 -61.23 -54.69 -31.77
C VAL J 629 -61.90 -53.37 -31.43
N GLU J 630 -61.09 -52.32 -31.20
CA GLU J 630 -61.66 -50.99 -31.00
C GLU J 630 -61.63 -50.19 -32.29
N LYS J 631 -60.47 -50.15 -32.95
CA LYS J 631 -60.39 -49.57 -34.27
C LYS J 631 -61.10 -50.46 -35.29
N GLY J 632 -61.67 -49.84 -36.31
CA GLY J 632 -62.46 -50.57 -37.27
C GLY J 632 -61.68 -51.31 -38.34
N GLN J 633 -61.00 -52.38 -37.96
CA GLN J 633 -60.33 -53.21 -38.94
C GLN J 633 -61.35 -54.08 -39.68
N VAL J 634 -60.89 -54.72 -40.74
CA VAL J 634 -61.75 -55.61 -41.53
C VAL J 634 -61.88 -56.93 -40.77
N LEU J 635 -62.99 -57.08 -40.03
CA LEU J 635 -63.20 -58.30 -39.26
C LEU J 635 -63.37 -59.50 -40.19
N VAL J 636 -64.27 -59.39 -41.17
CA VAL J 636 -64.50 -60.43 -42.16
C VAL J 636 -64.67 -59.77 -43.52
N ILE J 637 -64.21 -60.46 -44.56
CA ILE J 637 -64.35 -59.99 -45.94
C ILE J 637 -65.15 -61.04 -46.71
N VAL J 638 -66.31 -60.65 -47.23
CA VAL J 638 -67.18 -61.61 -47.90
C VAL J 638 -67.26 -61.16 -49.33
N GLU J 639 -67.43 -62.08 -50.27
CA GLU J 639 -67.40 -61.64 -51.67
C GLU J 639 -68.73 -61.89 -52.35
N ALA J 640 -69.31 -60.83 -52.91
CA ALA J 640 -70.58 -60.96 -53.61
C ALA J 640 -70.40 -60.42 -55.00
N MET J 641 -70.15 -61.30 -55.94
CA MET J 641 -69.89 -60.87 -57.30
C MET J 641 -68.70 -59.94 -57.32
N LYS J 642 -67.56 -60.42 -56.84
CA LYS J 642 -66.35 -59.60 -56.79
C LYS J 642 -66.52 -58.40 -55.89
N MET J 643 -67.51 -58.45 -55.00
CA MET J 643 -67.67 -57.36 -54.07
C MET J 643 -67.08 -57.71 -52.73
N GLU J 644 -65.86 -57.29 -52.51
CA GLU J 644 -65.24 -57.54 -51.23
C GLU J 644 -66.08 -56.84 -50.18
N HIS J 645 -66.58 -55.65 -50.49
CA HIS J 645 -67.33 -54.90 -49.50
C HIS J 645 -66.95 -55.26 -48.06
N PRO J 646 -65.77 -54.87 -47.60
CA PRO J 646 -65.40 -55.15 -46.21
C PRO J 646 -66.37 -54.50 -45.23
N VAL J 647 -66.72 -55.25 -44.19
CA VAL J 647 -67.70 -54.75 -43.22
C VAL J 647 -67.11 -53.62 -42.38
N ARG J 648 -65.89 -53.82 -41.87
CA ARG J 648 -65.20 -52.81 -41.07
C ARG J 648 -66.01 -52.40 -39.83
N ALA J 649 -66.20 -53.35 -38.93
CA ALA J 649 -66.92 -53.06 -37.70
C ALA J 649 -66.05 -52.28 -36.73
N LEU J 650 -66.66 -51.30 -36.05
CA LEU J 650 -65.96 -50.49 -35.06
C LEU J 650 -66.45 -50.73 -33.63
N GLN J 651 -67.25 -51.78 -33.41
CA GLN J 651 -67.70 -52.09 -32.06
C GLN J 651 -66.54 -52.59 -31.21
N ASP J 652 -66.34 -51.95 -30.06
CA ASP J 652 -65.22 -52.28 -29.19
C ASP J 652 -65.46 -53.62 -28.49
N GLY J 653 -64.35 -54.25 -28.12
CA GLY J 653 -64.38 -55.57 -27.51
C GLY J 653 -63.86 -56.65 -28.45
N ARG J 654 -63.52 -57.80 -27.87
CA ARG J 654 -63.03 -58.92 -28.65
C ARG J 654 -64.15 -59.52 -29.50
N VAL J 655 -63.78 -60.07 -30.64
CA VAL J 655 -64.71 -60.62 -31.61
C VAL J 655 -64.54 -62.14 -31.66
N SER J 656 -65.64 -62.87 -31.60
CA SER J 656 -65.63 -64.33 -31.57
C SER J 656 -66.21 -64.88 -32.87
N PHE J 657 -65.43 -65.69 -33.56
CA PHE J 657 -65.82 -66.20 -34.87
C PHE J 657 -66.61 -67.50 -34.74
N LEU J 658 -67.73 -67.59 -35.45
CA LEU J 658 -68.50 -68.81 -35.55
C LEU J 658 -68.49 -69.40 -36.97
N VAL J 659 -67.63 -68.88 -37.85
CA VAL J 659 -67.53 -69.35 -39.23
C VAL J 659 -66.08 -69.61 -39.56
N LYS J 660 -65.85 -70.32 -40.67
CA LYS J 660 -64.53 -70.64 -41.15
C LYS J 660 -64.38 -70.18 -42.60
N GLU J 661 -63.13 -69.95 -43.01
CA GLU J 661 -62.85 -69.49 -44.35
C GLU J 661 -63.33 -70.49 -45.40
N GLY J 662 -63.89 -69.97 -46.49
CA GLY J 662 -64.37 -70.81 -47.57
C GLY J 662 -65.76 -71.36 -47.38
N GLU J 663 -66.45 -71.00 -46.29
CA GLU J 663 -67.77 -71.55 -45.97
C GLU J 663 -68.84 -70.61 -46.50
N VAL J 664 -69.67 -71.11 -47.42
CA VAL J 664 -70.76 -70.31 -47.93
C VAL J 664 -71.82 -70.14 -46.85
N VAL J 665 -72.20 -68.89 -46.59
CA VAL J 665 -73.11 -68.57 -45.49
C VAL J 665 -74.34 -67.88 -46.05
N GLY J 666 -75.46 -68.02 -45.33
CA GLY J 666 -76.70 -67.43 -45.78
C GLY J 666 -76.76 -65.94 -45.54
N GLY J 667 -77.83 -65.33 -46.05
CA GLY J 667 -78.01 -63.89 -45.90
C GLY J 667 -78.21 -63.52 -44.44
N ASP J 668 -77.52 -62.44 -44.03
CA ASP J 668 -77.63 -61.89 -42.68
C ASP J 668 -77.29 -62.93 -41.62
N HIS J 669 -76.32 -63.80 -41.92
CA HIS J 669 -75.91 -64.81 -40.97
C HIS J 669 -75.06 -64.21 -39.86
N VAL J 670 -75.07 -64.86 -38.70
CA VAL J 670 -74.25 -64.42 -37.56
C VAL J 670 -72.85 -64.95 -37.80
N LEU J 671 -72.03 -64.18 -38.53
CA LEU J 671 -70.67 -64.60 -38.79
C LEU J 671 -69.82 -64.55 -37.52
N ALA J 672 -70.05 -63.53 -36.70
CA ALA J 672 -69.29 -63.37 -35.47
C ALA J 672 -70.12 -62.54 -34.49
N THR J 673 -69.82 -62.71 -33.21
CA THR J 673 -70.45 -61.93 -32.14
C THR J 673 -69.40 -60.98 -31.57
N VAL J 674 -69.59 -59.68 -31.82
CA VAL J 674 -68.69 -58.66 -31.32
C VAL J 674 -69.23 -58.17 -29.98
N ALA J 675 -68.63 -58.68 -28.91
CA ALA J 675 -69.12 -58.42 -27.55
C ALA J 675 -68.04 -57.72 -26.74
N GLU J 676 -68.48 -56.97 -25.73
CA GLU J 676 -67.55 -56.33 -24.83
C GLU J 676 -66.67 -57.36 -24.15
N GLU J 677 -65.39 -57.03 -24.00
CA GLU J 677 -64.48 -57.95 -23.31
C GLU J 677 -64.92 -58.14 -21.87
N GLU J 678 -65.25 -59.39 -21.53
CA GLU J 678 -65.68 -59.71 -20.18
C GLU J 678 -64.71 -60.69 -19.52
N GLU K 1 -7.64 35.77 -12.38
CA GLU K 1 -7.94 35.02 -13.59
C GLU K 1 -9.38 35.26 -14.03
N ARG K 2 -9.73 34.70 -15.19
CA ARG K 2 -11.04 34.92 -15.81
C ARG K 2 -11.83 33.62 -15.79
N LYS K 3 -13.08 33.70 -15.31
CA LYS K 3 -13.93 32.52 -15.23
C LYS K 3 -14.40 32.10 -16.61
N VAL K 4 -14.57 30.79 -16.80
CA VAL K 4 -15.08 30.22 -18.03
C VAL K 4 -16.28 29.36 -17.70
N GLU K 5 -17.39 29.59 -18.41
CA GLU K 5 -18.59 28.77 -18.29
C GLU K 5 -19.16 28.34 -19.64
N LYS K 6 -18.68 28.91 -20.74
CA LYS K 6 -19.17 28.60 -22.08
C LYS K 6 -17.98 28.23 -22.96
N LEU K 7 -18.10 27.11 -23.67
CA LEU K 7 -17.03 26.63 -24.53
C LEU K 7 -17.54 26.59 -25.97
N LEU K 8 -16.71 27.02 -26.90
CA LEU K 8 -17.05 27.10 -28.32
C LEU K 8 -16.11 26.21 -29.11
N VAL K 9 -16.65 25.49 -30.08
CA VAL K 9 -15.87 24.60 -30.93
C VAL K 9 -15.98 25.09 -32.37
N ALA K 10 -14.86 25.01 -33.10
CA ALA K 10 -14.88 25.45 -34.49
C ALA K 10 -15.21 24.30 -35.43
N ASN K 11 -14.42 23.24 -35.39
CA ASN K 11 -14.48 22.20 -36.42
C ASN K 11 -15.60 21.22 -36.11
N ARG K 12 -15.65 20.12 -36.85
CA ARG K 12 -16.67 19.09 -36.69
C ARG K 12 -16.02 17.72 -36.80
N GLY K 13 -16.61 16.74 -36.13
CA GLY K 13 -16.15 15.37 -36.22
C GLY K 13 -15.80 14.76 -34.89
N GLU K 14 -14.77 13.93 -34.88
CA GLU K 14 -14.36 13.24 -33.66
C GLU K 14 -13.93 14.25 -32.59
N ILE K 15 -13.22 15.30 -33.02
CA ILE K 15 -12.73 16.31 -32.08
C ILE K 15 -13.88 17.02 -31.39
N ALA K 16 -15.00 17.24 -32.10
CA ALA K 16 -16.14 17.90 -31.48
C ALA K 16 -16.66 17.08 -30.30
N CYS K 17 -16.88 15.78 -30.50
CA CYS K 17 -17.36 14.94 -29.42
C CYS K 17 -16.34 14.84 -28.29
N ARG K 18 -15.05 14.75 -28.63
CA ARG K 18 -14.03 14.66 -27.59
C ARG K 18 -13.99 15.91 -26.72
N VAL K 19 -13.96 17.07 -27.36
CA VAL K 19 -13.97 18.33 -26.61
C VAL K 19 -15.25 18.45 -25.80
N PHE K 20 -16.37 17.97 -26.35
CA PHE K 20 -17.64 18.08 -25.65
C PHE K 20 -17.66 17.20 -24.40
N ARG K 21 -17.15 15.99 -24.50
CA ARG K 21 -17.22 15.04 -23.38
C ARG K 21 -16.58 15.54 -22.09
N THR K 22 -15.28 15.71 -22.09
CA THR K 22 -14.58 16.14 -20.88
C THR K 22 -15.28 17.35 -20.31
N CYS K 23 -15.77 18.22 -21.17
CA CYS K 23 -16.46 19.42 -20.73
C CYS K 23 -17.53 19.09 -19.68
N ARG K 24 -18.16 17.92 -19.79
CA ARG K 24 -19.21 17.58 -18.86
C ARG K 24 -18.62 17.42 -17.49
N GLU K 25 -17.45 16.83 -17.41
CA GLU K 25 -16.80 16.60 -16.12
C GLU K 25 -16.39 17.91 -15.46
N MET K 26 -15.88 18.84 -16.24
CA MET K 26 -15.55 20.14 -15.68
C MET K 26 -16.81 20.93 -15.40
N HIS K 27 -17.96 20.40 -15.79
CA HIS K 27 -19.21 21.09 -15.58
C HIS K 27 -19.29 22.42 -16.33
N ILE K 28 -18.91 22.43 -17.60
CA ILE K 28 -18.95 23.66 -18.41
C ILE K 28 -19.97 23.55 -19.54
N ARG K 29 -20.54 24.68 -19.99
CA ARG K 29 -21.56 24.64 -21.04
C ARG K 29 -20.96 24.21 -22.34
N THR K 30 -21.78 23.88 -23.33
CA THR K 30 -21.21 23.57 -24.63
C THR K 30 -21.99 24.24 -25.76
N VAL K 31 -21.31 24.45 -26.89
CA VAL K 31 -21.90 25.03 -28.10
C VAL K 31 -21.39 24.25 -29.31
N ALA K 32 -22.28 23.97 -30.26
CA ALA K 32 -21.95 23.24 -31.47
C ALA K 32 -22.17 24.10 -32.71
N LEU K 33 -21.49 23.73 -33.80
CA LEU K 33 -21.56 24.44 -35.07
C LEU K 33 -21.75 23.45 -36.21
N PHE K 34 -22.60 23.78 -37.17
CA PHE K 34 -22.88 22.83 -38.25
C PHE K 34 -23.19 23.53 -39.56
N CYS K 35 -22.87 22.86 -40.66
CA CYS K 35 -23.05 23.47 -41.97
C CYS K 35 -24.49 23.34 -42.43
N GLU K 36 -24.75 23.65 -43.69
CA GLU K 36 -26.10 23.48 -44.20
C GLU K 36 -26.54 22.08 -43.84
N ALA K 37 -27.78 21.94 -43.39
CA ALA K 37 -28.24 20.63 -42.92
C ALA K 37 -27.28 20.18 -41.84
N GLU K 38 -26.73 18.98 -41.98
CA GLU K 38 -25.74 18.51 -41.02
C GLU K 38 -26.23 18.77 -39.61
N ARG K 39 -27.53 18.60 -39.39
CA ARG K 39 -28.10 18.88 -38.08
C ARG K 39 -28.47 17.60 -37.35
N ASN K 40 -28.47 16.47 -38.07
CA ASN K 40 -28.74 15.21 -37.41
C ASN K 40 -27.44 14.66 -36.87
N ALA K 41 -26.33 15.30 -37.22
CA ALA K 41 -25.04 14.79 -36.81
C ALA K 41 -24.97 14.62 -35.30
N LYS K 42 -24.09 13.72 -34.84
CA LYS K 42 -24.05 13.43 -33.42
C LYS K 42 -23.61 14.58 -32.57
N HIS K 43 -22.59 15.28 -33.00
CA HIS K 43 -22.03 16.29 -32.12
C HIS K 43 -23.09 17.29 -31.67
N VAL K 44 -23.98 17.71 -32.59
CA VAL K 44 -25.02 18.66 -32.23
C VAL K 44 -26.00 18.03 -31.24
N ALA K 45 -26.22 16.73 -31.33
CA ALA K 45 -27.03 16.02 -30.36
C ALA K 45 -26.30 15.80 -29.04
N GLU K 46 -25.06 16.29 -28.94
CA GLU K 46 -24.27 16.20 -27.72
C GLU K 46 -24.10 17.53 -27.00
N ALA K 47 -24.23 18.65 -27.70
CA ALA K 47 -23.97 19.96 -27.13
C ALA K 47 -25.21 20.48 -26.42
N ASP K 48 -25.18 21.76 -26.06
CA ASP K 48 -26.32 22.44 -25.45
C ASP K 48 -27.08 23.28 -26.46
N GLU K 49 -26.34 23.82 -27.45
CA GLU K 49 -26.94 24.66 -28.49
C GLU K 49 -26.11 24.57 -29.76
N ALA K 50 -26.73 24.61 -30.93
CA ALA K 50 -26.03 24.52 -32.20
C ALA K 50 -26.52 25.61 -33.14
N VAL K 51 -25.61 26.11 -33.97
CA VAL K 51 -25.90 27.20 -34.89
C VAL K 51 -25.48 26.80 -36.30
N CYS K 52 -26.35 27.03 -37.28
CA CYS K 52 -26.02 26.82 -38.68
C CYS K 52 -25.20 27.99 -39.21
N ILE K 53 -24.23 27.70 -40.06
CA ILE K 53 -23.27 28.70 -40.50
C ILE K 53 -23.33 29.02 -41.99
N GLY K 54 -23.77 28.09 -42.83
CA GLY K 54 -23.90 28.39 -44.23
C GLY K 54 -23.46 27.29 -45.17
N PRO K 55 -23.16 27.68 -46.41
CA PRO K 55 -23.13 26.72 -47.51
C PRO K 55 -22.01 25.70 -47.34
N PRO K 56 -22.16 24.52 -47.93
CA PRO K 56 -21.25 23.38 -47.65
C PRO K 56 -19.79 23.68 -47.95
N PRO K 57 -19.45 24.38 -49.04
CA PRO K 57 -18.02 24.56 -49.36
C PRO K 57 -17.28 25.22 -48.22
N ALA K 58 -16.05 24.74 -47.98
CA ALA K 58 -15.29 25.16 -46.80
C ALA K 58 -15.03 26.66 -46.80
N VAL K 59 -15.03 27.28 -47.98
CA VAL K 59 -14.95 28.74 -48.04
C VAL K 59 -16.14 29.35 -47.33
N ASN K 60 -17.33 28.81 -47.59
CA ASN K 60 -18.56 29.34 -47.01
C ASN K 60 -18.74 28.94 -45.56
N SER K 61 -18.33 27.72 -45.19
CA SER K 61 -18.56 27.19 -43.85
C SER K 61 -17.24 26.98 -43.13
N TYR K 62 -17.16 27.50 -41.91
CA TYR K 62 -16.05 27.37 -40.95
C TYR K 62 -14.86 28.24 -41.34
N LEU K 63 -15.00 29.11 -42.33
CA LEU K 63 -13.94 30.03 -42.71
C LEU K 63 -14.32 31.50 -42.54
N ARG K 64 -15.60 31.81 -42.30
CA ARG K 64 -16.02 33.18 -42.03
C ARG K 64 -15.69 33.48 -40.58
N GLY K 65 -14.40 33.69 -40.31
CA GLY K 65 -13.95 33.89 -38.94
C GLY K 65 -14.58 35.11 -38.29
N GLU K 66 -14.77 36.18 -39.06
CA GLU K 66 -15.40 37.38 -38.53
C GLU K 66 -16.85 37.11 -38.12
N HIS K 67 -17.59 36.35 -38.93
CA HIS K 67 -18.96 36.01 -38.60
C HIS K 67 -19.01 35.12 -37.36
N ILE K 68 -18.09 34.17 -37.27
CA ILE K 68 -18.01 33.30 -36.10
C ILE K 68 -17.75 34.13 -34.85
N ILE K 69 -16.84 35.12 -34.96
CA ILE K 69 -16.51 35.95 -33.82
C ILE K 69 -17.70 36.81 -33.40
N SER K 70 -18.42 37.37 -34.38
CA SER K 70 -19.60 38.18 -34.05
C SER K 70 -20.67 37.32 -33.38
N VAL K 71 -20.88 36.12 -33.88
CA VAL K 71 -21.86 35.22 -33.26
C VAL K 71 -21.44 34.86 -31.84
N ALA K 72 -20.15 34.58 -31.65
CA ALA K 72 -19.65 34.24 -30.32
C ALA K 72 -19.82 35.42 -29.35
N LYS K 73 -19.56 36.63 -29.84
CA LYS K 73 -19.77 37.82 -29.02
C LYS K 73 -21.23 37.97 -28.62
N GLN K 74 -22.14 37.73 -29.57
CA GLN K 74 -23.56 37.81 -29.25
C GLN K 74 -23.96 36.76 -28.21
N LEU K 75 -23.32 35.59 -28.25
CA LEU K 75 -23.54 34.55 -27.26
C LEU K 75 -22.74 34.77 -25.98
N ASN K 76 -21.88 35.78 -25.94
CA ASN K 76 -21.00 36.04 -24.80
C ASN K 76 -20.19 34.79 -24.43
N VAL K 77 -19.52 34.24 -25.44
CA VAL K 77 -18.74 33.02 -25.23
C VAL K 77 -17.48 33.33 -24.42
N ASP K 78 -17.07 32.37 -23.59
CA ASP K 78 -15.87 32.51 -22.79
C ASP K 78 -14.61 32.05 -23.50
N ALA K 79 -14.67 30.92 -24.21
CA ALA K 79 -13.47 30.36 -24.84
C ALA K 79 -13.84 29.67 -26.14
N ILE K 80 -12.87 29.60 -27.05
CA ILE K 80 -13.01 28.95 -28.35
C ILE K 80 -11.84 27.99 -28.54
N HIS K 81 -12.14 26.77 -28.93
CA HIS K 81 -11.10 25.82 -29.33
C HIS K 81 -11.17 25.56 -30.82
N PRO K 82 -10.23 26.07 -31.62
CA PRO K 82 -10.32 25.87 -33.07
C PRO K 82 -10.26 24.42 -33.50
N GLY K 83 -9.52 23.59 -32.79
CA GLY K 83 -9.28 22.25 -33.29
C GLY K 83 -8.22 22.28 -34.39
N TYR K 84 -8.26 21.27 -35.25
CA TYR K 84 -7.33 21.12 -36.34
C TYR K 84 -8.05 21.29 -37.68
N GLY K 85 -7.42 22.01 -38.59
CA GLY K 85 -8.03 22.35 -39.86
C GLY K 85 -8.80 23.66 -39.80
N PHE K 86 -9.23 24.12 -40.97
CA PHE K 86 -9.98 25.37 -41.12
C PHE K 86 -9.14 26.50 -40.54
N LEU K 87 -9.58 27.20 -39.50
CA LEU K 87 -8.84 28.32 -38.93
C LEU K 87 -7.87 27.89 -37.84
N SER K 88 -7.42 26.63 -37.88
CA SER K 88 -6.48 26.15 -36.88
C SER K 88 -5.17 26.92 -36.93
N GLU K 89 -4.70 27.25 -38.13
CA GLU K 89 -3.45 27.98 -38.34
C GLU K 89 -3.77 29.27 -39.09
N ASN K 90 -4.17 30.29 -38.34
CA ASN K 90 -4.45 31.61 -38.91
C ASN K 90 -4.28 32.62 -37.80
N ALA K 91 -3.23 33.46 -37.90
CA ALA K 91 -2.92 34.39 -36.82
C ALA K 91 -3.92 35.54 -36.76
N SER K 92 -4.49 35.92 -37.90
CA SER K 92 -5.47 37.00 -37.91
C SER K 92 -6.69 36.65 -37.07
N PHE K 93 -7.17 35.41 -37.19
CA PHE K 93 -8.32 34.97 -36.42
C PHE K 93 -8.03 35.01 -34.92
N ALA K 94 -6.84 34.52 -34.52
CA ALA K 94 -6.47 34.55 -33.11
C ALA K 94 -6.36 35.96 -32.59
N ASP K 95 -5.77 36.86 -33.39
CA ASP K 95 -5.65 38.26 -32.96
C ASP K 95 -7.03 38.90 -32.82
N ALA K 96 -7.95 38.61 -33.74
CA ALA K 96 -9.29 39.15 -33.63
C ALA K 96 -10.00 38.62 -32.39
N ILE K 97 -9.81 37.33 -32.08
CA ILE K 97 -10.37 36.77 -30.86
C ILE K 97 -9.82 37.48 -29.64
N THR K 98 -8.50 37.71 -29.62
CA THR K 98 -7.89 38.40 -28.49
C THR K 98 -8.44 39.82 -28.35
N ARG K 99 -8.60 40.53 -29.46
CA ARG K 99 -9.16 41.88 -29.41
C ARG K 99 -10.60 41.86 -28.90
N SER K 100 -11.37 40.84 -29.29
CA SER K 100 -12.74 40.71 -28.81
C SER K 100 -12.80 40.35 -27.33
N GLY K 101 -11.70 39.83 -26.77
CA GLY K 101 -11.62 39.53 -25.35
C GLY K 101 -11.86 38.09 -25.00
N ILE K 102 -12.07 37.21 -25.97
CA ILE K 102 -12.29 35.80 -25.71
C ILE K 102 -10.95 35.09 -25.61
N GLU K 103 -10.86 34.15 -24.66
CA GLU K 103 -9.62 33.41 -24.43
C GLU K 103 -9.42 32.40 -25.54
N PHE K 104 -8.56 32.73 -26.50
CA PHE K 104 -8.21 31.78 -27.55
C PHE K 104 -7.43 30.61 -26.94
N ILE K 105 -7.69 29.42 -27.43
CA ILE K 105 -7.01 28.21 -26.97
C ILE K 105 -5.95 27.84 -27.99
N GLY K 106 -4.69 27.91 -27.57
CA GLY K 106 -3.58 27.58 -28.44
C GLY K 106 -2.42 28.54 -28.29
N PRO K 107 -1.51 28.52 -29.25
CA PRO K 107 -0.35 29.41 -29.19
C PRO K 107 -0.73 30.84 -29.52
N PRO K 108 0.11 31.81 -29.17
CA PRO K 108 -0.16 33.19 -29.60
C PRO K 108 -0.01 33.32 -31.11
N ALA K 109 -0.56 34.42 -31.63
CA ALA K 109 -0.53 34.63 -33.08
C ALA K 109 0.88 34.80 -33.61
N SER K 110 1.78 35.34 -32.79
CA SER K 110 3.15 35.58 -33.22
C SER K 110 3.85 34.26 -33.58
N ALA K 111 3.68 33.24 -32.74
CA ALA K 111 4.31 31.95 -33.01
C ALA K 111 3.77 31.34 -34.30
N ILE K 112 2.46 31.42 -34.51
CA ILE K 112 1.86 30.86 -35.72
C ILE K 112 2.37 31.59 -36.97
N SER K 113 2.43 32.92 -36.91
CA SER K 113 2.94 33.69 -38.05
C SER K 113 4.40 33.36 -38.32
N LEU K 114 5.20 33.28 -37.27
CA LEU K 114 6.62 32.98 -37.45
C LEU K 114 6.83 31.59 -38.04
N MET K 115 6.03 30.62 -37.61
CA MET K 115 6.22 29.27 -38.11
C MET K 115 5.53 29.06 -39.45
N GLY K 116 4.72 30.04 -39.87
CA GLY K 116 4.09 29.97 -41.18
C GLY K 116 5.10 29.95 -42.31
N SER K 117 6.15 30.75 -42.21
CA SER K 117 7.22 30.75 -43.19
C SER K 117 8.34 29.83 -42.71
N LYS K 118 8.73 28.89 -43.58
CA LYS K 118 9.75 27.92 -43.18
C LYS K 118 11.12 28.57 -43.03
N SER K 119 11.44 29.55 -43.89
CA SER K 119 12.76 30.16 -43.84
C SER K 119 12.98 30.91 -42.53
N GLU K 120 12.02 31.73 -42.11
CA GLU K 120 12.18 32.48 -40.88
C GLU K 120 12.15 31.55 -39.67
N SER K 121 11.35 30.48 -39.73
CA SER K 121 11.34 29.52 -38.63
C SER K 121 12.69 28.84 -38.48
N LYS K 122 13.25 28.31 -39.57
CA LYS K 122 14.55 27.66 -39.48
C LYS K 122 15.63 28.67 -39.09
N ARG K 123 15.46 29.93 -39.49
CA ARG K 123 16.36 30.99 -39.01
C ARG K 123 16.30 31.10 -37.48
N ILE K 124 15.09 31.08 -36.93
CA ILE K 124 14.92 31.20 -35.49
C ILE K 124 15.56 30.02 -34.77
N MET K 125 15.33 28.80 -35.26
CA MET K 125 15.93 27.64 -34.59
C MET K 125 17.46 27.61 -34.76
N GLU K 126 17.96 28.05 -35.91
CA GLU K 126 19.42 28.13 -36.08
C GLU K 126 20.02 29.13 -35.12
N ALA K 127 19.36 30.27 -34.92
CA ALA K 127 19.81 31.22 -33.92
C ALA K 127 19.74 30.63 -32.52
N ALA K 128 18.71 29.83 -32.24
CA ALA K 128 18.56 29.22 -30.93
C ALA K 128 19.66 28.21 -30.64
N GLY K 129 20.19 27.58 -31.68
CA GLY K 129 21.26 26.61 -31.51
C GLY K 129 20.84 25.16 -31.57
N VAL K 130 19.58 24.87 -31.87
CA VAL K 130 19.14 23.48 -31.98
C VAL K 130 19.76 22.85 -33.23
N PRO K 131 20.33 21.65 -33.13
CA PRO K 131 20.73 20.94 -34.36
C PRO K 131 19.60 20.89 -35.37
N VAL K 132 19.80 21.58 -36.48
CA VAL K 132 18.82 21.64 -37.57
C VAL K 132 19.52 21.30 -38.86
N VAL K 133 18.94 20.40 -39.65
CA VAL K 133 19.48 20.10 -40.97
C VAL K 133 18.87 21.11 -41.96
N PRO K 134 19.67 22.02 -42.50
CA PRO K 134 19.11 23.04 -43.38
C PRO K 134 18.85 22.48 -44.77
N GLY K 135 18.19 23.29 -45.59
CA GLY K 135 17.89 22.89 -46.95
C GLY K 135 18.91 23.38 -47.98
N TYR K 136 19.72 24.37 -47.61
CA TYR K 136 20.59 25.01 -48.58
C TYR K 136 21.71 25.75 -47.90
N TYR K 137 22.86 25.84 -48.59
CA TYR K 137 23.97 26.72 -48.21
C TYR K 137 24.46 27.43 -49.45
N GLY K 138 24.14 28.72 -49.57
CA GLY K 138 24.65 29.52 -50.66
C GLY K 138 24.23 29.00 -52.03
N GLU K 139 25.19 28.92 -52.94
CA GLU K 139 24.94 28.55 -54.32
C GLU K 139 26.21 27.94 -54.91
N ASN K 140 26.11 27.49 -56.16
CA ASN K 140 27.25 26.93 -56.87
C ASN K 140 28.07 28.02 -57.55
N GLN K 141 28.65 28.89 -56.71
CA GLN K 141 29.50 29.96 -57.22
C GLN K 141 30.76 29.39 -57.88
N ASN K 142 31.39 28.40 -57.24
CA ASN K 142 32.57 27.74 -57.76
C ASN K 142 32.43 26.24 -57.58
N VAL K 143 32.96 25.49 -58.55
CA VAL K 143 32.99 24.03 -58.42
C VAL K 143 33.97 23.59 -57.35
N SER K 144 35.05 24.35 -57.13
CA SER K 144 35.97 24.04 -56.04
C SER K 144 35.33 24.29 -54.68
N PHE K 145 34.38 25.21 -54.59
CA PHE K 145 33.66 25.42 -53.33
C PHE K 145 32.94 24.15 -52.91
N LEU K 146 32.47 23.37 -53.89
CA LEU K 146 31.83 22.10 -53.58
C LEU K 146 32.79 21.17 -52.84
N ALA K 147 34.04 21.07 -53.30
CA ALA K 147 35.03 20.29 -52.57
C ALA K 147 35.44 20.97 -51.25
N GLU K 148 35.34 22.29 -51.18
CA GLU K 148 35.71 23.02 -49.98
C GLU K 148 34.77 22.69 -48.81
N GLU K 149 33.46 22.73 -49.08
CA GLU K 149 32.49 22.46 -48.02
C GLU K 149 32.02 21.01 -48.02
N ALA K 150 32.42 20.23 -49.01
CA ALA K 150 32.05 18.82 -49.05
C ALA K 150 32.56 18.15 -47.80
N LYS K 151 33.79 18.47 -47.42
CA LYS K 151 34.37 17.88 -46.22
C LYS K 151 34.26 18.86 -45.06
N LYS K 152 33.62 19.99 -45.29
CA LYS K 152 33.49 21.00 -44.25
C LYS K 152 32.09 21.07 -43.66
N VAL K 153 31.24 21.94 -44.22
CA VAL K 153 29.91 22.12 -43.63
C VAL K 153 29.18 20.81 -43.37
N GLY K 154 29.13 19.94 -44.36
CA GLY K 154 28.43 18.67 -44.19
C GLY K 154 29.22 17.55 -44.84
N PHE K 155 29.77 16.66 -44.03
CA PHE K 155 30.59 15.59 -44.58
C PHE K 155 29.73 14.71 -45.47
N PRO K 156 28.53 14.33 -44.99
CA PRO K 156 27.66 13.58 -45.90
C PRO K 156 27.37 14.46 -47.09
N ILE K 157 27.41 13.92 -48.30
CA ILE K 157 27.24 14.76 -49.47
C ILE K 157 25.86 14.66 -50.10
N LEU K 158 25.12 15.76 -50.06
CA LEU K 158 23.81 15.79 -50.71
C LEU K 158 23.92 16.76 -51.87
N ILE K 159 24.18 16.25 -53.07
CA ILE K 159 24.38 17.12 -54.20
C ILE K 159 23.05 17.67 -54.71
N LYS K 160 22.17 16.78 -55.17
CA LYS K 160 20.86 17.14 -55.68
C LYS K 160 20.92 18.31 -56.66
N ALA K 161 19.99 19.25 -56.53
CA ALA K 161 19.94 20.42 -57.40
C ALA K 161 19.21 21.53 -56.66
N VAL K 162 19.02 22.66 -57.35
CA VAL K 162 18.29 23.76 -56.75
C VAL K 162 16.81 23.41 -56.57
N SER K 163 16.25 22.66 -57.52
CA SER K 163 14.86 22.22 -57.45
C SER K 163 14.72 20.98 -58.30
N GLY K 164 13.49 20.45 -58.39
CA GLY K 164 13.23 19.26 -59.15
C GLY K 164 13.59 17.99 -58.40
N GLY K 165 12.71 16.99 -58.49
CA GLY K 165 12.90 15.73 -57.79
C GLY K 165 13.66 14.67 -58.54
N GLY K 166 14.18 14.98 -59.73
CA GLY K 166 14.92 13.98 -60.49
C GLY K 166 16.14 13.48 -59.75
N GLY K 167 16.94 14.41 -59.23
CA GLY K 167 18.01 14.05 -58.31
C GLY K 167 19.11 13.18 -58.88
N LYS K 168 19.29 13.17 -60.20
CA LYS K 168 20.36 12.37 -60.78
C LYS K 168 21.74 12.90 -60.44
N GLY K 169 21.82 14.13 -59.92
CA GLY K 169 23.10 14.63 -59.43
C GLY K 169 23.52 13.96 -58.14
N MET K 170 22.58 13.33 -57.42
CA MET K 170 22.92 12.64 -56.19
C MET K 170 23.86 11.48 -56.45
N LYS K 171 23.43 10.51 -57.26
CA LYS K 171 24.15 9.28 -57.56
C LYS K 171 24.41 8.42 -56.33
N ILE K 172 23.79 8.76 -55.19
CA ILE K 172 24.00 8.09 -53.92
C ILE K 172 25.50 8.05 -53.62
N VAL K 173 26.14 9.21 -53.63
CA VAL K 173 27.59 9.33 -53.42
C VAL K 173 27.83 9.56 -51.93
N GLU K 174 27.80 8.47 -51.17
CA GLU K 174 28.05 8.52 -49.74
C GLU K 174 29.52 8.40 -49.39
N ARG K 175 30.38 8.19 -50.38
CA ARG K 175 31.80 8.01 -50.13
C ARG K 175 32.49 9.36 -50.14
N PRO K 176 33.12 9.78 -49.04
CA PRO K 176 33.90 11.02 -49.06
C PRO K 176 35.17 10.84 -49.89
N GLU K 177 36.01 11.88 -49.95
CA GLU K 177 37.18 11.88 -50.82
C GLU K 177 36.81 11.64 -52.28
N ASP K 178 35.63 12.14 -52.66
CA ASP K 178 35.14 12.07 -54.03
C ASP K 178 35.29 13.45 -54.66
N PHE K 179 36.09 13.55 -55.72
CA PHE K 179 36.34 14.82 -56.37
C PHE K 179 36.28 14.78 -57.89
N THR K 180 36.43 13.61 -58.52
CA THR K 180 36.33 13.51 -59.97
C THR K 180 34.98 13.04 -60.48
N PHE K 181 34.10 12.55 -59.59
CA PHE K 181 32.79 12.06 -59.98
C PHE K 181 31.66 13.00 -59.59
N MET K 182 31.81 13.70 -58.46
CA MET K 182 30.77 14.62 -58.02
C MET K 182 30.58 15.78 -59.01
N LEU K 183 31.68 16.37 -59.48
CA LEU K 183 31.56 17.45 -60.45
C LEU K 183 31.02 16.94 -61.78
N GLU K 184 31.46 15.76 -62.23
CA GLU K 184 30.90 15.17 -63.44
C GLU K 184 29.42 14.88 -63.29
N SER K 185 29.02 14.36 -62.13
CA SER K 185 27.61 14.09 -61.89
C SER K 185 26.79 15.38 -61.90
N ALA K 186 27.29 16.43 -61.27
CA ALA K 186 26.57 17.70 -61.27
C ALA K 186 26.46 18.28 -62.67
N LYS K 187 27.53 18.20 -63.46
CA LYS K 187 27.50 18.75 -64.81
C LYS K 187 26.59 17.95 -65.72
N ARG K 188 26.52 16.63 -65.53
CA ARG K 188 25.56 15.85 -66.32
C ARG K 188 24.13 16.08 -65.83
N GLU K 189 23.96 16.43 -64.56
CA GLU K 189 22.65 16.84 -64.07
C GLU K 189 22.20 18.15 -64.68
N ALA K 190 23.14 19.09 -64.85
CA ALA K 190 22.80 20.39 -65.42
C ALA K 190 22.25 20.25 -66.85
N THR K 191 22.70 19.22 -67.56
CA THR K 191 22.21 18.99 -68.92
C THR K 191 20.73 18.58 -68.89
N ASN K 192 19.93 19.25 -69.73
CA ASN K 192 18.50 18.98 -69.89
C ASN K 192 17.72 19.25 -68.61
N PHE K 193 18.42 19.66 -67.55
CA PHE K 193 17.78 20.07 -66.30
C PHE K 193 18.50 21.29 -65.77
N PHE K 194 18.77 22.26 -66.65
CA PHE K 194 19.57 23.42 -66.29
C PHE K 194 18.96 24.16 -65.10
N LYS K 195 17.68 24.51 -65.19
CA LYS K 195 16.95 25.24 -64.15
C LYS K 195 17.80 26.46 -63.77
N ASP K 196 18.23 26.60 -62.52
CA ASP K 196 19.20 27.60 -62.14
C ASP K 196 20.51 26.90 -61.79
N ASP K 197 21.63 27.51 -62.20
CA ASP K 197 22.92 26.84 -62.07
C ASP K 197 23.36 26.74 -60.62
N ARG K 198 22.66 27.40 -59.70
CA ARG K 198 22.99 27.31 -58.28
C ARG K 198 22.76 25.89 -57.76
N VAL K 199 23.72 25.37 -57.00
CA VAL K 199 23.62 24.03 -56.45
C VAL K 199 23.80 24.11 -54.93
N ILE K 200 22.99 23.33 -54.22
CA ILE K 200 22.96 23.32 -52.77
C ILE K 200 23.47 21.97 -52.27
N LEU K 201 24.28 22.00 -51.22
CA LEU K 201 24.86 20.78 -50.64
C LEU K 201 24.35 20.61 -49.22
N GLU K 202 23.99 19.38 -48.86
CA GLU K 202 23.47 19.06 -47.53
C GLU K 202 24.05 17.73 -47.08
N ARG K 203 23.64 17.32 -45.88
CA ARG K 203 23.95 15.97 -45.41
C ARG K 203 22.92 14.99 -45.97
N TYR K 204 23.39 13.82 -46.38
CA TYR K 204 22.51 12.79 -46.92
C TYR K 204 22.36 11.66 -45.91
N VAL K 205 21.12 11.30 -45.62
CA VAL K 205 20.78 10.25 -44.67
C VAL K 205 20.25 9.06 -45.44
N LYS K 206 20.79 7.88 -45.13
CA LYS K 206 20.37 6.66 -45.82
C LYS K 206 18.98 6.23 -45.36
N ARG K 207 18.71 6.35 -44.06
CA ARG K 207 17.45 5.90 -43.48
C ARG K 207 16.76 7.06 -42.76
N SER K 208 15.43 6.96 -42.68
CA SER K 208 14.62 7.99 -42.04
C SER K 208 13.48 7.36 -41.28
N ARG K 209 13.26 7.85 -40.06
CA ARG K 209 12.21 7.36 -39.18
C ARG K 209 11.76 8.62 -38.50
N HIS K 210 10.47 8.88 -38.46
CA HIS K 210 9.96 10.13 -37.91
C HIS K 210 9.70 10.12 -36.42
N ILE K 211 10.17 11.13 -35.70
CA ILE K 211 9.89 11.23 -34.28
C ILE K 211 9.19 12.56 -33.96
N GLU K 212 8.37 12.60 -32.93
CA GLU K 212 7.63 13.79 -32.58
C GLU K 212 7.27 13.81 -31.10
N CYS K 213 7.96 14.60 -30.30
CA CYS K 213 7.75 14.70 -28.87
C CYS K 213 6.60 15.67 -28.60
N GLN K 214 5.86 15.49 -27.52
CA GLN K 214 4.80 16.45 -27.14
C GLN K 214 5.23 17.41 -26.03
N ILE K 215 4.61 18.59 -25.99
CA ILE K 215 4.98 19.59 -24.99
C ILE K 215 3.77 20.35 -24.47
N PHE K 216 3.92 20.96 -23.31
CA PHE K 216 2.81 21.68 -22.69
C PHE K 216 3.33 22.88 -21.90
N PHE K 217 2.62 24.01 -21.95
CA PHE K 217 3.08 25.21 -21.28
C PHE K 217 1.95 26.04 -20.73
N ASP K 218 2.13 26.62 -19.55
CA ASP K 218 1.12 27.50 -19.00
C ASP K 218 1.50 28.87 -19.43
N LYS K 219 0.88 29.89 -18.82
CA LYS K 219 1.23 31.27 -19.12
C LYS K 219 1.97 31.88 -17.94
N HIS K 220 2.47 31.03 -17.04
CA HIS K 220 3.12 31.54 -15.86
C HIS K 220 4.49 30.89 -15.87
N GLY K 221 5.05 30.69 -17.06
CA GLY K 221 6.40 30.14 -17.18
C GLY K 221 6.73 28.78 -16.62
N ARG K 222 5.93 27.77 -16.94
CA ARG K 222 6.15 26.44 -16.41
C ARG K 222 5.56 25.42 -17.34
N GLY K 223 6.32 24.38 -17.68
CA GLY K 223 5.85 23.37 -18.62
C GLY K 223 6.46 22.00 -18.42
N VAL K 224 6.02 21.03 -19.21
CA VAL K 224 6.60 19.70 -19.12
C VAL K 224 6.38 18.87 -20.37
N PHE K 225 7.45 18.32 -20.93
CA PHE K 225 7.30 17.60 -22.19
C PHE K 225 6.72 16.22 -22.00
N PHE K 226 5.77 15.86 -22.86
CA PHE K 226 5.15 14.54 -22.77
C PHE K 226 6.04 13.52 -23.45
N PHE K 227 5.57 12.28 -23.56
CA PHE K 227 6.38 11.23 -24.14
C PHE K 227 6.50 11.34 -25.65
N GLU K 228 7.54 10.74 -26.21
CA GLU K 228 7.77 10.79 -27.66
C GLU K 228 6.70 10.06 -28.44
N ARG K 229 6.86 10.01 -29.76
CA ARG K 229 5.92 9.30 -30.61
C ARG K 229 6.63 8.87 -31.88
N ASP K 230 5.99 7.99 -32.65
CA ASP K 230 6.54 7.53 -33.92
C ASP K 230 5.45 7.62 -34.99
N CYS K 231 5.80 8.14 -36.16
CA CYS K 231 4.93 8.19 -37.33
C CYS K 231 5.66 7.67 -38.57
N SER K 232 6.33 6.52 -38.42
CA SER K 232 7.07 5.96 -39.54
C SER K 232 6.14 5.54 -40.67
N VAL K 233 4.97 5.00 -40.32
CA VAL K 233 4.05 4.46 -41.33
C VAL K 233 3.16 5.58 -41.83
N GLN K 234 3.30 5.93 -43.12
CA GLN K 234 2.42 6.87 -43.77
C GLN K 234 2.48 6.65 -45.28
N ARG K 235 1.33 6.71 -45.92
CA ARG K 235 1.22 6.54 -47.37
C ARG K 235 0.72 7.83 -48.00
N ARG K 236 1.49 8.33 -48.96
CA ARG K 236 1.16 9.56 -49.69
C ARG K 236 0.93 10.72 -48.72
N TYR K 237 1.80 10.83 -47.72
CA TYR K 237 1.74 11.86 -46.70
C TYR K 237 0.46 11.80 -45.89
N GLN K 238 -0.11 10.59 -45.74
CA GLN K 238 -1.31 10.39 -44.93
C GLN K 238 -0.98 9.42 -43.81
N LYS K 239 -1.31 9.81 -42.58
CA LYS K 239 -1.02 8.97 -41.42
C LYS K 239 -1.87 7.70 -41.45
N VAL K 240 -1.25 6.57 -41.14
CA VAL K 240 -1.93 5.28 -41.23
C VAL K 240 -1.97 4.59 -39.87
N LEU K 241 -0.80 4.30 -39.30
CA LEU K 241 -0.72 3.67 -37.99
C LEU K 241 0.50 4.21 -37.27
N GLU K 242 0.36 4.44 -35.97
CA GLU K 242 1.42 5.06 -35.17
C GLU K 242 1.47 4.45 -33.78
N GLU K 243 2.58 4.69 -33.10
CA GLU K 243 2.87 4.10 -31.79
C GLU K 243 3.44 5.19 -30.89
N ALA K 244 2.77 5.42 -29.76
CA ALA K 244 3.29 6.42 -28.82
C ALA K 244 4.63 6.04 -28.23
N PRO K 245 4.86 4.81 -27.71
CA PRO K 245 6.21 4.44 -27.26
C PRO K 245 7.05 3.96 -28.43
N ALA K 246 8.02 4.79 -28.79
CA ALA K 246 8.86 4.44 -29.90
C ALA K 246 9.63 3.21 -29.53
N PRO K 247 9.27 2.08 -30.15
CA PRO K 247 9.98 0.91 -29.70
C PRO K 247 11.44 1.08 -30.04
N HIS K 248 12.33 0.43 -29.29
CA HIS K 248 13.77 0.56 -29.53
C HIS K 248 14.28 1.99 -29.32
N LEU K 249 13.85 2.64 -28.25
CA LEU K 249 14.37 3.98 -27.95
C LEU K 249 14.92 4.05 -26.53
N SER K 250 16.21 4.32 -26.41
CA SER K 250 16.84 4.35 -25.09
C SER K 250 16.27 5.43 -24.19
N MET K 251 16.17 5.15 -22.91
CA MET K 251 15.62 6.12 -21.98
C MET K 251 16.37 7.43 -22.02
N GLU K 252 17.69 7.35 -21.99
CA GLU K 252 18.52 8.55 -21.97
C GLU K 252 18.18 9.47 -23.12
N THR K 253 17.96 8.90 -24.30
CA THR K 253 17.60 9.68 -25.47
C THR K 253 16.30 10.38 -25.23
N ARG K 254 15.32 9.64 -24.72
CA ARG K 254 14.03 10.23 -24.43
C ARG K 254 14.26 11.51 -23.69
N GLN K 255 15.02 11.43 -22.61
CA GLN K 255 15.29 12.61 -21.81
C GLN K 255 15.78 13.75 -22.66
N ARG K 256 16.79 13.49 -23.48
CA ARG K 256 17.40 14.56 -24.28
C ARG K 256 16.46 15.15 -25.32
N ILE K 257 15.63 14.32 -25.91
CA ILE K 257 14.67 14.82 -26.88
C ILE K 257 13.93 15.97 -26.24
N GLY K 258 13.66 15.84 -24.94
CA GLY K 258 12.98 16.90 -24.22
C GLY K 258 13.78 18.18 -24.13
N GLU K 259 15.06 18.09 -23.76
CA GLU K 259 15.84 19.31 -23.56
C GLU K 259 15.89 20.13 -24.85
N VAL K 260 16.07 19.45 -25.98
CA VAL K 260 16.07 20.13 -27.27
C VAL K 260 14.71 20.75 -27.55
N ALA K 261 13.64 20.01 -27.31
CA ALA K 261 12.30 20.50 -27.61
C ALA K 261 11.95 21.72 -26.77
N LEU K 262 12.28 21.69 -25.48
CA LEU K 262 11.95 22.81 -24.60
C LEU K 262 12.70 24.06 -25.00
N GLN K 263 13.94 23.93 -25.47
CA GLN K 263 14.71 25.09 -25.89
C GLN K 263 14.01 25.81 -27.03
N ALA K 264 13.55 25.07 -28.03
CA ALA K 264 12.91 25.69 -29.19
C ALA K 264 11.61 26.39 -28.81
N ALA K 265 10.77 25.72 -28.00
CA ALA K 265 9.50 26.31 -27.62
C ALA K 265 9.69 27.56 -26.77
N LYS K 266 10.65 27.53 -25.85
CA LYS K 266 10.93 28.72 -25.04
C LYS K 266 11.44 29.86 -25.91
N ALA K 267 12.27 29.56 -26.91
CA ALA K 267 12.85 30.61 -27.73
C ALA K 267 11.78 31.40 -28.47
N VAL K 268 10.81 30.70 -29.07
CA VAL K 268 9.71 31.37 -29.74
C VAL K 268 8.65 31.83 -28.75
N GLY K 269 8.66 31.29 -27.54
CA GLY K 269 7.60 31.56 -26.58
C GLY K 269 6.39 30.74 -26.93
N TYR K 270 5.79 30.05 -25.95
CA TYR K 270 4.71 29.15 -26.29
C TYR K 270 3.80 28.98 -25.08
N VAL K 271 2.50 28.81 -25.34
CA VAL K 271 1.51 28.55 -24.32
C VAL K 271 0.55 27.50 -24.85
N GLY K 272 0.19 26.54 -24.00
CA GLY K 272 -0.72 25.49 -24.42
C GLY K 272 -0.03 24.19 -24.75
N ALA K 273 -0.62 23.40 -25.65
CA ALA K 273 -0.10 22.10 -26.01
C ALA K 273 0.40 22.11 -27.46
N GLY K 274 1.50 21.41 -27.71
CA GLY K 274 2.08 21.37 -29.03
C GLY K 274 2.98 20.16 -29.20
N THR K 275 3.52 20.02 -30.41
CA THR K 275 4.32 18.87 -30.77
C THR K 275 5.49 19.31 -31.65
N VAL K 276 6.69 18.85 -31.31
CA VAL K 276 7.89 19.04 -32.11
C VAL K 276 8.16 17.76 -32.87
N GLU K 277 8.41 17.87 -34.17
CA GLU K 277 8.70 16.71 -35.02
C GLU K 277 10.17 16.70 -35.40
N PHE K 278 10.79 15.53 -35.33
CA PHE K 278 12.17 15.34 -35.75
C PHE K 278 12.24 14.39 -36.94
N ILE K 279 13.44 14.24 -37.47
CA ILE K 279 13.77 13.23 -38.47
C ILE K 279 15.07 12.57 -38.00
N PHE K 280 15.13 11.25 -38.13
CA PHE K 280 16.17 10.46 -37.47
C PHE K 280 16.72 9.41 -38.43
N ASP K 281 18.03 9.20 -38.39
CA ASP K 281 18.69 8.14 -39.12
C ASP K 281 19.36 7.20 -38.13
N THR K 282 19.08 5.90 -38.26
CA THR K 282 19.66 4.91 -37.36
C THR K 282 21.17 4.83 -37.54
N SER K 283 21.64 4.89 -38.78
CA SER K 283 23.07 4.74 -39.04
C SER K 283 23.87 5.88 -38.39
N THR K 284 23.39 7.11 -38.55
CA THR K 284 24.07 8.23 -37.90
C THR K 284 23.87 8.20 -36.39
N GLY K 285 22.67 7.82 -35.94
CA GLY K 285 22.35 7.83 -34.53
C GLY K 285 21.97 9.17 -33.97
N GLU K 286 21.85 10.20 -34.80
CA GLU K 286 21.49 11.54 -34.34
C GLU K 286 20.17 11.95 -34.97
N PHE K 287 19.48 12.85 -34.26
CA PHE K 287 18.22 13.39 -34.72
C PHE K 287 18.43 14.84 -35.17
N TYR K 288 17.79 15.21 -36.28
CA TYR K 288 17.85 16.56 -36.80
C TYR K 288 16.45 17.12 -36.94
N PHE K 289 16.30 18.39 -36.61
CA PHE K 289 15.00 19.03 -36.62
C PHE K 289 14.46 19.12 -38.05
N MET K 290 13.18 18.81 -38.20
CA MET K 290 12.50 18.98 -39.48
C MET K 290 11.39 20.02 -39.43
N GLU K 291 10.42 19.85 -38.53
CA GLU K 291 9.31 20.79 -38.45
C GLU K 291 8.65 20.67 -37.09
N MET K 292 7.87 21.69 -36.74
CA MET K 292 7.06 21.71 -35.53
C MET K 292 5.66 22.19 -35.92
N ASN K 293 4.65 21.79 -35.15
CA ASN K 293 3.28 22.24 -35.35
C ASN K 293 2.79 22.93 -34.08
N THR K 294 2.27 24.15 -34.24
CA THR K 294 1.70 24.89 -33.10
C THR K 294 0.19 24.69 -33.07
N ARG K 295 -0.20 23.45 -32.80
CA ARG K 295 -1.59 23.02 -32.84
C ARG K 295 -1.69 21.63 -32.24
N LEU K 296 -2.80 21.36 -31.56
CA LEU K 296 -3.06 20.03 -31.06
C LEU K 296 -3.17 19.04 -32.21
N GLN K 297 -2.49 17.90 -32.08
CA GLN K 297 -2.51 16.89 -33.12
C GLN K 297 -3.79 16.06 -33.03
N VAL K 298 -3.91 15.11 -33.96
CA VAL K 298 -5.02 14.16 -33.95
C VAL K 298 -4.59 12.97 -33.11
N GLU K 299 -3.28 12.80 -32.94
CA GLU K 299 -2.72 11.65 -32.26
C GLU K 299 -2.58 11.86 -30.76
N HIS K 300 -3.25 12.88 -30.21
CA HIS K 300 -3.17 13.12 -28.78
C HIS K 300 -3.63 11.96 -27.91
N PRO K 301 -4.76 11.28 -28.17
CA PRO K 301 -5.17 10.23 -27.23
C PRO K 301 -4.23 9.03 -27.23
N VAL K 302 -3.43 8.90 -28.28
CA VAL K 302 -2.50 7.78 -28.39
C VAL K 302 -1.39 7.90 -27.35
N THR K 303 -0.69 9.02 -27.35
CA THR K 303 0.40 9.21 -26.41
C THR K 303 -0.09 9.17 -24.97
N GLU K 304 -1.37 9.44 -24.77
CA GLU K 304 -1.94 9.43 -23.44
C GLU K 304 -1.84 8.07 -22.77
N GLU K 305 -2.02 7.00 -23.56
CA GLU K 305 -1.99 5.65 -22.98
C GLU K 305 -0.63 5.26 -22.41
N VAL K 306 0.41 6.03 -22.74
CA VAL K 306 1.74 5.70 -22.26
C VAL K 306 2.28 6.79 -21.32
N CYS K 307 1.39 7.48 -20.63
CA CYS K 307 1.83 8.50 -19.67
C CYS K 307 0.84 8.75 -18.55
N ARG K 308 1.31 8.70 -17.31
CA ARG K 308 0.44 8.97 -16.16
C ARG K 308 1.08 10.03 -15.29
N ILE K 309 0.28 10.94 -14.74
CA ILE K 309 0.83 12.02 -13.95
C ILE K 309 0.38 11.86 -12.50
N LYS K 310 1.32 11.75 -11.58
CA LYS K 310 0.96 11.51 -10.17
C LYS K 310 0.08 10.30 -10.04
N GLY K 311 0.36 9.27 -10.82
CA GLY K 311 -0.39 8.04 -10.72
C GLY K 311 -1.81 8.12 -11.20
N ALA K 312 -2.22 9.24 -11.79
CA ALA K 312 -3.59 9.46 -12.20
C ALA K 312 -3.68 9.49 -13.72
N PRO K 313 -4.82 9.13 -14.31
CA PRO K 313 -4.96 9.25 -15.76
C PRO K 313 -4.79 10.68 -16.23
N LEU K 314 -4.15 10.84 -17.38
CA LEU K 314 -3.92 12.17 -17.94
C LEU K 314 -4.97 12.51 -18.97
N ASP K 315 -5.47 13.75 -18.93
CA ASP K 315 -6.36 14.26 -19.96
C ASP K 315 -5.72 15.49 -20.59
N LEU K 316 -5.35 15.38 -21.86
CA LEU K 316 -4.64 16.46 -22.54
C LEU K 316 -5.52 17.69 -22.76
N VAL K 317 -6.79 17.49 -23.14
CA VAL K 317 -7.66 18.63 -23.40
C VAL K 317 -8.00 19.35 -22.10
N LYS K 318 -8.05 18.62 -21.00
CA LYS K 318 -8.38 19.19 -19.71
C LYS K 318 -7.42 20.27 -19.38
N LEU K 319 -6.14 19.96 -19.46
CA LEU K 319 -5.11 20.93 -19.09
C LEU K 319 -5.20 22.16 -19.98
N GLN K 320 -5.50 21.98 -21.26
CA GLN K 320 -5.58 23.12 -22.18
C GLN K 320 -6.66 24.10 -21.76
N ILE K 321 -7.79 23.59 -21.24
CA ILE K 321 -8.77 24.48 -20.65
C ILE K 321 -8.23 25.11 -19.37
N LYS K 322 -7.56 24.29 -18.54
CA LYS K 322 -6.96 24.82 -17.32
C LYS K 322 -5.84 25.80 -17.63
N THR K 323 -5.11 25.56 -18.72
CA THR K 323 -4.12 26.55 -19.17
C THR K 323 -4.80 27.85 -19.54
N ALA K 324 -5.93 27.76 -20.25
CA ALA K 324 -6.70 28.96 -20.56
C ALA K 324 -7.26 29.60 -19.31
N MET K 325 -7.51 28.80 -18.26
CA MET K 325 -7.98 29.34 -17.00
C MET K 325 -7.02 30.34 -16.38
N GLY K 326 -5.71 30.21 -16.67
CA GLY K 326 -4.71 31.01 -16.02
C GLY K 326 -4.09 30.36 -14.80
N LYS K 327 -4.62 29.23 -14.33
CA LYS K 327 -4.03 28.53 -13.22
C LYS K 327 -2.66 27.97 -13.62
N PRO K 328 -1.72 27.92 -12.65
CA PRO K 328 -0.42 27.35 -12.97
C PRO K 328 -0.44 25.85 -12.81
N LEU K 329 0.61 25.16 -13.26
CA LEU K 329 0.63 23.70 -13.21
C LEU K 329 0.73 23.15 -11.79
N THR K 330 0.73 21.84 -11.67
CA THR K 330 0.81 21.24 -10.36
C THR K 330 1.91 20.20 -10.34
N PHE K 331 2.48 19.89 -11.49
CA PHE K 331 3.48 18.84 -11.56
C PHE K 331 4.76 19.20 -12.32
N SER K 332 5.88 18.61 -11.91
CA SER K 332 7.11 18.83 -12.64
C SER K 332 7.15 17.82 -13.77
N GLN K 333 8.24 17.80 -14.53
CA GLN K 333 8.38 16.81 -15.58
C GLN K 333 8.43 15.44 -14.94
N GLU K 334 8.86 15.39 -13.69
CA GLU K 334 9.01 14.10 -13.00
C GLU K 334 7.72 13.33 -12.73
N ASP K 335 6.69 14.00 -12.21
CA ASP K 335 5.49 13.25 -11.83
C ASP K 335 4.96 12.37 -12.93
N VAL K 336 5.37 12.60 -14.17
CA VAL K 336 4.85 11.84 -15.28
C VAL K 336 5.64 10.58 -15.55
N THR K 337 4.99 9.44 -15.52
CA THR K 337 5.69 8.20 -15.82
C THR K 337 4.96 7.36 -16.87
N LEU K 338 5.71 6.71 -17.76
CA LEU K 338 5.10 5.82 -18.75
C LEU K 338 4.77 4.44 -18.18
N VAL K 339 3.75 3.80 -18.73
CA VAL K 339 3.35 2.48 -18.26
C VAL K 339 2.76 1.72 -19.42
N GLY K 340 3.50 0.74 -19.94
CA GLY K 340 2.97 -0.08 -21.01
C GLY K 340 3.13 0.54 -22.39
N SER K 341 2.45 -0.08 -23.36
CA SER K 341 2.56 0.27 -24.76
C SER K 341 1.17 0.33 -25.38
N CYS K 342 1.05 1.06 -26.50
CA CYS K 342 -0.20 1.19 -27.23
C CYS K 342 0.07 1.42 -28.71
N ILE K 343 -0.90 1.03 -29.55
CA ILE K 343 -0.82 1.20 -31.00
C ILE K 343 -2.14 1.80 -31.48
N GLU K 344 -2.10 2.51 -32.61
CA GLU K 344 -3.26 3.17 -33.18
C GLU K 344 -3.34 2.90 -34.67
N ALA K 345 -4.57 2.92 -35.21
CA ALA K 345 -4.80 2.82 -36.63
C ALA K 345 -6.04 3.64 -37.00
N ARG K 346 -6.00 4.24 -38.19
CA ARG K 346 -7.10 5.05 -38.71
C ARG K 346 -7.83 4.31 -39.80
N VAL K 347 -9.16 4.38 -39.79
CA VAL K 347 -9.99 3.77 -40.82
C VAL K 347 -10.54 4.88 -41.72
N TYR K 348 -10.38 4.71 -43.03
CA TYR K 348 -10.77 5.72 -44.01
C TYR K 348 -11.83 5.13 -44.93
N ALA K 349 -12.89 5.90 -45.17
CA ALA K 349 -13.98 5.48 -46.06
C ALA K 349 -13.51 5.61 -47.51
N GLU K 350 -12.53 4.80 -47.87
CA GLU K 350 -12.00 4.77 -49.22
C GLU K 350 -11.94 3.34 -49.72
N SER K 351 -11.66 3.18 -50.99
CA SER K 351 -11.59 1.86 -51.58
C SER K 351 -10.17 1.52 -51.88
N PRO K 352 -9.67 0.51 -51.21
CA PRO K 352 -8.29 0.09 -51.42
C PRO K 352 -8.05 -0.38 -52.86
N GLU K 353 -8.98 -1.10 -53.47
CA GLU K 353 -8.73 -1.55 -54.82
C GLU K 353 -8.58 -0.40 -55.79
N ARG K 354 -9.32 0.68 -55.52
CA ARG K 354 -9.26 1.83 -56.40
C ARG K 354 -8.16 2.79 -55.99
N GLY K 355 -8.11 3.95 -56.63
CA GLY K 355 -7.09 4.94 -56.32
C GLY K 355 -7.34 5.68 -55.03
N PHE K 356 -7.63 4.92 -53.97
CA PHE K 356 -7.96 5.44 -52.63
C PHE K 356 -8.86 6.68 -52.71
N LEU K 357 -9.90 6.57 -53.55
CA LEU K 357 -10.85 7.64 -53.79
C LEU K 357 -11.98 7.60 -52.78
N PRO K 358 -12.29 8.70 -52.11
CA PRO K 358 -13.38 8.69 -51.12
C PRO K 358 -14.72 8.37 -51.76
N GLU K 359 -15.57 7.71 -50.98
CA GLU K 359 -16.93 7.38 -51.41
C GLU K 359 -17.93 7.86 -50.37
N SER K 360 -19.07 8.33 -50.86
CA SER K 360 -20.14 8.84 -50.01
C SER K 360 -21.38 7.96 -50.16
N GLY K 361 -21.93 7.55 -49.03
CA GLY K 361 -23.09 6.69 -49.01
C GLY K 361 -23.65 6.52 -47.62
N PRO K 362 -24.91 6.14 -47.51
CA PRO K 362 -25.52 5.93 -46.19
C PRO K 362 -24.84 4.78 -45.45
N LEU K 363 -24.84 4.88 -44.13
CA LEU K 363 -24.24 3.86 -43.28
C LEU K 363 -25.31 2.86 -42.88
N THR K 364 -25.26 1.66 -43.46
CA THR K 364 -26.29 0.66 -43.22
C THR K 364 -26.15 -0.01 -41.86
N PHE K 365 -25.10 -0.80 -41.65
CA PHE K 365 -24.91 -1.45 -40.35
C PHE K 365 -23.48 -1.26 -39.90
N ILE K 366 -23.32 -0.87 -38.63
CA ILE K 366 -22.02 -0.53 -38.06
C ILE K 366 -21.86 -1.42 -36.83
N ARG K 367 -21.00 -2.43 -36.93
CA ARG K 367 -20.63 -3.21 -35.76
C ARG K 367 -19.72 -2.39 -34.86
N GLU K 368 -19.90 -2.54 -33.55
CA GLU K 368 -19.08 -1.82 -32.59
C GLU K 368 -18.24 -2.80 -31.80
N PRO K 369 -16.91 -2.71 -31.90
CA PRO K 369 -16.06 -3.63 -31.14
C PRO K 369 -16.20 -3.41 -29.64
N PHE K 370 -15.98 -4.48 -28.89
CA PHE K 370 -16.03 -4.41 -27.43
C PHE K 370 -15.00 -3.40 -26.94
N GLN K 371 -15.48 -2.29 -26.39
CA GLN K 371 -14.64 -1.19 -25.94
C GLN K 371 -14.29 -1.31 -24.45
N GLY K 372 -14.36 -2.53 -23.94
CA GLY K 372 -14.06 -2.77 -22.54
C GLY K 372 -12.77 -3.51 -22.24
N VAL K 373 -12.36 -3.49 -20.98
CA VAL K 373 -11.11 -4.13 -20.59
C VAL K 373 -11.23 -5.60 -20.42
N ARG K 374 -10.23 -6.33 -20.89
CA ARG K 374 -10.22 -7.76 -20.68
C ARG K 374 -8.83 -8.28 -20.98
N GLY K 375 -8.42 -9.32 -20.27
CA GLY K 375 -7.09 -9.84 -20.44
C GLY K 375 -6.07 -8.79 -20.07
N PRO K 376 -4.90 -8.84 -20.69
CA PRO K 376 -3.86 -7.86 -20.42
C PRO K 376 -3.86 -6.74 -21.43
N ALA K 377 -4.99 -6.07 -21.63
CA ALA K 377 -5.06 -5.03 -22.66
C ALA K 377 -6.28 -4.14 -22.62
N ARG K 378 -6.10 -2.89 -23.01
CA ARG K 378 -7.26 -2.02 -23.11
C ARG K 378 -7.44 -1.61 -24.56
N THR K 379 -8.67 -1.75 -25.04
CA THR K 379 -9.00 -1.41 -26.42
C THR K 379 -10.19 -0.45 -26.42
N ARG K 380 -10.06 0.63 -27.17
CA ARG K 380 -11.11 1.63 -27.25
C ARG K 380 -11.33 2.01 -28.71
N LEU K 381 -12.54 2.51 -28.98
CA LEU K 381 -12.90 3.00 -30.29
C LEU K 381 -13.57 4.36 -30.14
N ASP K 382 -13.14 5.33 -30.94
CA ASP K 382 -13.77 6.63 -31.00
C ASP K 382 -14.24 6.88 -32.43
N THR K 383 -15.55 7.06 -32.61
CA THR K 383 -16.11 7.28 -33.94
C THR K 383 -16.94 8.55 -33.94
N GLY K 384 -16.84 9.28 -35.04
CA GLY K 384 -17.58 10.52 -35.20
C GLY K 384 -18.85 10.34 -36.00
N PHE K 385 -19.21 9.08 -36.24
CA PHE K 385 -20.41 8.73 -36.97
C PHE K 385 -21.11 7.57 -36.27
N ARG K 386 -22.41 7.44 -36.52
CA ARG K 386 -23.22 6.38 -35.93
C ARG K 386 -24.14 5.81 -36.99
N GLU K 387 -25.05 4.94 -36.55
CA GLU K 387 -26.00 4.33 -37.46
C GLU K 387 -26.95 5.37 -38.03
N GLY K 388 -27.35 5.19 -39.28
CA GLY K 388 -28.24 6.11 -39.94
C GLY K 388 -27.57 7.36 -40.49
N ASP K 389 -26.27 7.52 -40.29
CA ASP K 389 -25.56 8.68 -40.78
C ASP K 389 -25.07 8.43 -42.21
N ASN K 390 -24.71 9.52 -42.89
CA ASN K 390 -24.23 9.46 -44.26
C ASN K 390 -22.94 10.26 -44.39
N VAL K 391 -21.99 9.71 -45.15
CA VAL K 391 -20.70 10.36 -45.33
C VAL K 391 -20.82 11.51 -46.32
N LEU K 392 -20.21 12.63 -45.99
CA LEU K 392 -20.20 13.81 -46.85
C LEU K 392 -18.91 13.82 -47.67
N ILE K 393 -19.04 14.09 -48.97
CA ILE K 393 -17.87 14.10 -49.85
C ILE K 393 -16.98 15.29 -49.55
N HIS K 394 -17.57 16.41 -49.09
CA HIS K 394 -16.78 17.59 -48.79
C HIS K 394 -15.77 17.32 -47.69
N TYR K 395 -16.18 16.59 -46.65
CA TYR K 395 -15.28 16.27 -45.57
C TYR K 395 -14.30 15.18 -45.98
N ASP K 396 -13.23 15.03 -45.20
CA ASP K 396 -12.29 13.94 -45.45
C ASP K 396 -12.93 12.62 -45.05
N PRO K 397 -12.54 11.51 -45.68
CA PRO K 397 -13.07 10.20 -45.25
C PRO K 397 -12.42 9.73 -43.96
N MET K 398 -13.14 9.83 -42.84
CA MET K 398 -12.58 9.46 -41.55
C MET K 398 -13.71 8.94 -40.66
N LEU K 399 -13.66 7.65 -40.34
CA LEU K 399 -14.74 7.01 -39.60
C LEU K 399 -14.44 6.95 -38.11
N ALA K 400 -13.34 6.30 -37.73
CA ALA K 400 -13.10 6.01 -36.33
C ALA K 400 -11.60 5.77 -36.11
N LYS K 401 -11.21 5.79 -34.85
CA LYS K 401 -9.84 5.49 -34.43
C LYS K 401 -9.88 4.39 -33.39
N VAL K 402 -9.00 3.40 -33.55
CA VAL K 402 -8.92 2.27 -32.63
C VAL K 402 -7.53 2.24 -32.01
N ILE K 403 -7.49 2.12 -30.68
CA ILE K 403 -6.24 2.17 -29.91
C ILE K 403 -6.23 1.00 -28.95
N SER K 404 -5.10 0.29 -28.87
CA SER K 404 -4.95 -0.88 -28.02
C SER K 404 -3.82 -0.65 -27.03
N TRP K 405 -4.16 -0.11 -25.86
CA TRP K 405 -3.21 -0.01 -24.76
C TRP K 405 -2.93 -1.38 -24.16
N GLY K 406 -1.69 -1.57 -23.72
CA GLY K 406 -1.30 -2.83 -23.12
C GLY K 406 -0.08 -2.65 -22.23
N ARG K 407 0.17 -3.69 -21.41
CA ARG K 407 1.36 -3.70 -20.58
C ARG K 407 2.62 -4.01 -21.39
N SER K 408 2.48 -4.73 -22.50
CA SER K 408 3.59 -4.99 -23.40
C SER K 408 3.13 -4.78 -24.83
N ARG K 409 4.09 -4.50 -25.70
CA ARG K 409 3.79 -4.27 -27.10
C ARG K 409 3.02 -5.40 -27.71
N GLU K 410 3.44 -6.62 -27.41
CA GLU K 410 2.80 -7.77 -27.98
C GLU K 410 1.32 -7.73 -27.69
N GLU K 411 0.98 -7.56 -26.43
CA GLU K 411 -0.42 -7.53 -26.05
C GLU K 411 -1.16 -6.51 -26.85
N ALA K 412 -0.58 -5.33 -26.97
CA ALA K 412 -1.23 -4.27 -27.72
C ALA K 412 -1.45 -4.66 -29.16
N LEU K 413 -0.41 -5.12 -29.85
CA LEU K 413 -0.57 -5.45 -31.27
C LEU K 413 -1.58 -6.57 -31.43
N ARG K 414 -1.50 -7.57 -30.57
CA ARG K 414 -2.41 -8.71 -30.69
C ARG K 414 -3.82 -8.25 -30.46
N GLY K 415 -4.00 -7.34 -29.52
CA GLY K 415 -5.33 -6.87 -29.24
C GLY K 415 -5.94 -6.25 -30.45
N LEU K 416 -5.22 -5.35 -31.09
CA LEU K 416 -5.78 -4.66 -32.22
C LEU K 416 -6.22 -5.68 -33.22
N ARG K 417 -5.35 -6.61 -33.58
CA ARG K 417 -5.69 -7.58 -34.61
C ARG K 417 -7.12 -8.01 -34.44
N GLN K 418 -7.45 -8.54 -33.28
CA GLN K 418 -8.80 -9.04 -33.08
C GLN K 418 -9.84 -7.94 -33.20
N ALA K 419 -9.56 -6.78 -32.62
CA ALA K 419 -10.51 -5.70 -32.70
C ALA K 419 -10.69 -5.28 -34.14
N LEU K 420 -9.59 -5.05 -34.84
CA LEU K 420 -9.71 -4.56 -36.20
C LEU K 420 -10.56 -5.53 -36.95
N GLY K 421 -10.37 -6.81 -36.70
CA GLY K 421 -11.21 -7.79 -37.34
C GLY K 421 -12.66 -7.63 -36.96
N GLU K 422 -12.97 -7.46 -35.68
CA GLU K 422 -14.36 -7.41 -35.23
C GLU K 422 -15.22 -6.25 -35.75
N TYR K 423 -14.68 -5.05 -35.78
CA TYR K 423 -15.43 -3.87 -36.25
C TYR K 423 -15.88 -4.09 -37.69
N LYS K 424 -17.14 -3.83 -37.96
CA LYS K 424 -17.68 -4.08 -39.29
C LYS K 424 -18.59 -2.97 -39.74
N VAL K 425 -18.44 -2.56 -41.00
CA VAL K 425 -19.30 -1.54 -41.54
C VAL K 425 -19.84 -2.06 -42.86
N ALA K 426 -21.11 -1.79 -43.13
CA ALA K 426 -21.66 -2.18 -44.42
C ALA K 426 -22.18 -0.98 -45.14
N GLY K 427 -21.88 -0.88 -46.42
CA GLY K 427 -22.39 0.21 -47.22
C GLY K 427 -21.35 0.89 -48.08
N ILE K 428 -20.13 1.05 -47.55
CA ILE K 428 -19.03 1.66 -48.29
C ILE K 428 -17.78 0.82 -48.06
N ASN K 429 -17.02 0.61 -49.14
CA ASN K 429 -15.74 -0.07 -49.04
C ASN K 429 -14.80 0.73 -48.16
N THR K 430 -14.00 0.02 -47.37
CA THR K 430 -13.05 0.64 -46.45
C THR K 430 -11.69 -0.03 -46.62
N ASN K 431 -10.68 0.57 -45.99
CA ASN K 431 -9.31 0.08 -46.03
C ASN K 431 -9.00 -0.83 -44.84
N ILE K 432 -10.04 -1.26 -44.11
CA ILE K 432 -9.85 -2.07 -42.92
C ILE K 432 -9.15 -3.38 -43.28
N GLU K 433 -9.48 -3.94 -44.43
CA GLU K 433 -8.78 -5.14 -44.88
C GLU K 433 -7.31 -4.85 -45.13
N PHE K 434 -6.99 -3.67 -45.65
CA PHE K 434 -5.59 -3.31 -45.88
C PHE K 434 -4.81 -3.25 -44.58
N LEU K 435 -5.37 -2.62 -43.55
CA LEU K 435 -4.65 -2.44 -42.30
C LEU K 435 -4.33 -3.79 -41.66
N LYS K 436 -5.28 -4.72 -41.69
CA LYS K 436 -5.04 -6.07 -41.17
C LYS K 436 -3.93 -6.76 -41.95
N ARG K 437 -3.94 -6.61 -43.27
CA ARG K 437 -2.86 -7.16 -44.09
C ARG K 437 -1.54 -6.50 -43.75
N CYS K 438 -1.58 -5.21 -43.37
CA CYS K 438 -0.37 -4.52 -42.95
C CYS K 438 0.15 -5.04 -41.62
N CYS K 439 -0.70 -5.72 -40.85
CA CYS K 439 -0.33 -6.14 -39.50
C CYS K 439 0.07 -7.61 -39.41
N GLU K 440 -0.48 -8.47 -40.28
CA GLU K 440 -0.23 -9.90 -40.15
C GLU K 440 1.11 -10.29 -40.78
N THR K 441 1.20 -10.21 -42.11
CA THR K 441 2.39 -10.72 -42.79
C THR K 441 3.63 -9.88 -42.55
N PRO K 442 3.60 -8.54 -42.65
CA PRO K 442 4.83 -7.77 -42.41
C PRO K 442 5.37 -8.03 -41.01
N GLU K 443 6.66 -8.36 -40.95
CA GLU K 443 7.32 -8.62 -39.68
C GLU K 443 7.76 -7.30 -39.06
N PHE K 444 6.84 -6.37 -38.92
CA PHE K 444 7.11 -5.13 -38.22
C PHE K 444 6.81 -5.22 -36.73
N ALA K 445 6.40 -6.40 -36.26
CA ALA K 445 6.30 -6.65 -34.84
C ALA K 445 7.64 -6.48 -34.14
N ARG K 446 8.74 -6.59 -34.88
CA ARG K 446 10.04 -6.30 -34.33
C ARG K 446 10.14 -4.85 -33.86
N GLY K 447 9.57 -3.92 -34.63
CA GLY K 447 9.53 -2.52 -34.24
C GLY K 447 10.35 -1.59 -35.10
N GLY K 448 11.07 -2.09 -36.09
CA GLY K 448 11.86 -1.21 -36.94
C GLY K 448 11.27 -1.02 -38.32
N VAL K 449 10.64 0.14 -38.54
CA VAL K 449 10.05 0.48 -39.83
C VAL K 449 10.47 1.89 -40.21
N THR K 450 10.84 2.06 -41.48
CA THR K 450 11.32 3.34 -41.96
C THR K 450 10.16 4.19 -42.50
N THR K 451 10.49 5.41 -42.91
CA THR K 451 9.47 6.31 -43.44
C THR K 451 8.86 5.75 -44.72
N ASN K 452 9.70 5.17 -45.57
CA ASN K 452 9.27 4.54 -46.81
C ASN K 452 8.90 3.08 -46.65
N PHE K 453 8.57 2.64 -45.43
CA PHE K 453 8.27 1.23 -45.19
C PHE K 453 7.11 0.73 -46.04
N ILE K 454 6.13 1.59 -46.30
CA ILE K 454 4.96 1.16 -47.06
C ILE K 454 5.33 0.91 -48.52
N SER K 455 6.33 1.62 -49.04
CA SER K 455 6.59 1.61 -50.48
C SER K 455 7.03 0.23 -50.97
N GLU K 456 7.91 -0.43 -50.23
CA GLU K 456 8.50 -1.67 -50.74
C GLU K 456 7.55 -2.85 -50.68
N HIS K 457 6.66 -2.89 -49.68
CA HIS K 457 5.80 -4.05 -49.48
C HIS K 457 4.44 -3.91 -50.16
N GLU K 458 4.35 -3.05 -51.19
CA GLU K 458 3.07 -2.86 -51.86
C GLU K 458 2.65 -4.10 -52.64
N SER K 459 3.61 -4.91 -53.07
CA SER K 459 3.27 -6.13 -53.77
C SER K 459 2.62 -7.10 -52.81
N GLN K 460 3.20 -7.23 -51.61
CA GLN K 460 2.66 -8.14 -50.61
C GLN K 460 1.26 -7.76 -50.19
N LEU K 461 1.02 -6.46 -50.06
CA LEU K 461 -0.28 -5.99 -49.58
C LEU K 461 -1.34 -5.88 -50.67
N LEU K 462 -2.37 -5.10 -50.41
CA LEU K 462 -3.47 -4.93 -51.38
C LEU K 462 -4.08 -6.28 -51.75
N LYS K 463 -4.13 -7.19 -50.77
CA LYS K 463 -4.61 -8.55 -50.99
C LYS K 463 -5.77 -8.85 -50.05
N SER K 464 -6.80 -9.50 -50.58
CA SER K 464 -8.04 -9.79 -49.88
C SER K 464 -8.40 -11.25 -50.06
N PRO K 465 -9.22 -11.81 -49.18
CA PRO K 465 -9.60 -13.22 -49.30
C PRO K 465 -10.39 -13.48 -50.58
N VAL K 466 -10.24 -14.70 -51.09
CA VAL K 466 -10.87 -15.12 -52.33
C VAL K 466 -12.31 -15.51 -52.05
N VAL K 467 -13.23 -14.99 -52.86
CA VAL K 467 -14.64 -15.31 -52.69
C VAL K 467 -14.87 -16.77 -53.10
N THR K 468 -15.10 -17.62 -52.11
CA THR K 468 -15.35 -19.04 -52.35
C THR K 468 -16.71 -19.22 -53.00
N PRO K 469 -16.90 -20.30 -53.77
CA PRO K 469 -18.21 -20.52 -54.40
C PRO K 469 -19.35 -20.62 -53.40
N GLU K 470 -19.06 -21.01 -52.15
CA GLU K 470 -20.10 -21.04 -51.13
C GLU K 470 -20.61 -19.64 -50.81
N VAL K 471 -19.72 -18.65 -50.75
CA VAL K 471 -20.14 -17.29 -50.39
C VAL K 471 -21.23 -16.81 -51.33
N ALA K 472 -21.11 -17.14 -52.62
CA ALA K 472 -22.15 -16.79 -53.58
C ALA K 472 -23.49 -17.42 -53.20
N ALA K 473 -23.46 -18.63 -52.61
CA ALA K 473 -24.70 -19.32 -52.29
C ALA K 473 -25.51 -18.57 -51.24
N MET K 474 -24.87 -18.18 -50.13
CA MET K 474 -25.58 -17.40 -49.13
C MET K 474 -25.92 -15.99 -49.63
N ALA K 475 -25.00 -15.36 -50.36
CA ALA K 475 -25.27 -14.04 -50.88
C ALA K 475 -26.42 -14.06 -51.87
N ALA K 476 -26.42 -15.02 -52.80
CA ALA K 476 -27.50 -15.09 -53.78
C ALA K 476 -28.83 -15.36 -53.12
N THR K 477 -28.86 -16.28 -52.16
CA THR K 477 -30.11 -16.64 -51.52
C THR K 477 -30.72 -15.45 -50.78
N ALA K 478 -29.89 -14.64 -50.14
CA ALA K 478 -30.40 -13.53 -49.34
C ALA K 478 -31.13 -12.51 -50.20
N TRP K 479 -30.62 -12.25 -51.41
CA TRP K 479 -31.23 -11.24 -52.27
C TRP K 479 -32.66 -11.62 -52.63
N LEU K 480 -32.89 -12.88 -52.93
CA LEU K 480 -34.24 -13.28 -53.21
C LEU K 480 -35.05 -13.08 -51.96
N LEU K 481 -34.82 -13.93 -50.97
CA LEU K 481 -35.63 -13.87 -49.76
C LEU K 481 -35.71 -12.49 -49.17
N ASN K 482 -34.67 -11.70 -49.31
CA ASN K 482 -34.71 -10.39 -48.67
C ASN K 482 -35.31 -9.43 -49.65
N ARG K 483 -36.11 -9.95 -50.57
CA ARG K 483 -36.80 -9.08 -51.48
C ARG K 483 -38.22 -9.58 -51.64
N CYS K 484 -38.43 -10.89 -51.61
CA CYS K 484 -39.77 -11.41 -51.86
C CYS K 484 -40.00 -12.80 -51.32
N ASP K 485 -41.07 -13.44 -51.78
CA ASP K 485 -41.39 -14.78 -51.32
C ASP K 485 -40.88 -15.84 -52.28
N ASN K 486 -39.77 -15.54 -52.96
CA ASN K 486 -39.18 -16.56 -53.83
C ASN K 486 -39.02 -17.81 -53.01
N TRP K 487 -39.36 -18.96 -53.58
CA TRP K 487 -39.14 -20.21 -52.85
C TRP K 487 -40.06 -20.29 -51.65
N ARG K 488 -41.06 -19.42 -51.59
CA ARG K 488 -42.02 -19.44 -50.50
C ARG K 488 -43.40 -19.67 -51.07
N GLY K 489 -43.98 -20.84 -50.79
CA GLY K 489 -45.30 -21.16 -51.33
C GLY K 489 -45.23 -21.54 -52.79
N ALA K 490 -44.02 -21.65 -53.33
CA ALA K 490 -43.86 -22.01 -54.73
C ALA K 490 -44.38 -23.41 -55.01
N PHE K 491 -44.90 -23.64 -56.20
CA PHE K 491 -45.44 -24.95 -56.56
C PHE K 491 -45.60 -25.11 -58.06
N ARG K 492 -45.21 -26.27 -58.57
CA ARG K 492 -45.42 -26.57 -59.99
C ARG K 492 -45.98 -27.98 -60.12
N LEU K 493 -46.10 -28.47 -61.35
CA LEU K 493 -46.70 -29.80 -61.55
C LEU K 493 -45.72 -30.83 -62.07
N ASN K 494 -45.66 -31.99 -61.40
CA ASN K 494 -44.78 -33.07 -61.84
C ASN K 494 -43.39 -32.56 -62.21
N SER K 495 -42.99 -31.45 -61.61
CA SER K 495 -41.66 -30.90 -61.90
C SER K 495 -41.03 -30.38 -60.62
N ASP K 496 -40.00 -29.55 -60.75
CA ASP K 496 -39.36 -28.98 -59.58
C ASP K 496 -39.02 -27.54 -59.85
N THR K 497 -38.82 -26.76 -58.80
CA THR K 497 -38.60 -25.34 -58.97
C THR K 497 -37.22 -24.96 -59.48
N ASN K 498 -37.07 -23.73 -59.99
CA ASN K 498 -35.77 -23.23 -60.41
C ASN K 498 -35.80 -21.71 -60.40
N ALA K 499 -34.73 -21.11 -59.90
CA ALA K 499 -34.56 -19.67 -59.92
C ALA K 499 -33.07 -19.34 -59.89
N THR K 500 -32.69 -18.33 -60.67
CA THR K 500 -31.28 -18.04 -60.92
C THR K 500 -30.99 -16.59 -60.61
N VAL K 501 -29.73 -16.34 -60.23
CA VAL K 501 -29.24 -15.00 -59.93
C VAL K 501 -27.95 -14.79 -60.72
N HIS K 502 -27.79 -13.60 -61.27
CA HIS K 502 -26.59 -13.23 -62.02
C HIS K 502 -25.77 -12.22 -61.24
N PHE K 503 -24.51 -12.56 -60.96
CA PHE K 503 -23.58 -11.69 -60.26
C PHE K 503 -22.54 -11.18 -61.23
N TYR K 504 -22.24 -9.87 -61.16
CA TYR K 504 -21.19 -9.28 -61.99
C TYR K 504 -19.91 -9.16 -61.16
N ILE K 505 -19.34 -10.32 -60.82
CA ILE K 505 -18.09 -10.34 -60.07
C ILE K 505 -16.95 -9.92 -60.99
N ASP K 506 -16.19 -8.91 -60.54
CA ASP K 506 -15.07 -8.34 -61.31
C ASP K 506 -15.63 -7.89 -62.66
N ASP K 507 -15.04 -8.28 -63.79
CA ASP K 507 -15.56 -7.93 -65.10
C ASP K 507 -16.17 -9.12 -65.81
N HIS K 508 -16.48 -10.20 -65.09
CA HIS K 508 -17.00 -11.42 -65.65
C HIS K 508 -18.35 -11.75 -65.01
N PRO K 509 -19.43 -11.85 -65.78
CA PRO K 509 -20.72 -12.22 -65.20
C PRO K 509 -20.67 -13.61 -64.55
N VAL K 510 -21.37 -13.75 -63.44
CA VAL K 510 -21.44 -15.01 -62.70
C VAL K 510 -22.90 -15.40 -62.55
N GLU K 511 -23.20 -16.65 -62.87
CA GLU K 511 -24.55 -17.19 -62.77
C GLU K 511 -24.59 -18.26 -61.67
N VAL K 512 -25.59 -18.16 -60.81
CA VAL K 512 -25.82 -19.15 -59.76
C VAL K 512 -27.27 -19.63 -59.89
N ARG K 513 -27.47 -20.94 -59.84
CA ARG K 513 -28.79 -21.54 -59.99
C ARG K 513 -29.15 -22.29 -58.73
N LEU K 514 -30.38 -22.08 -58.25
CA LEU K 514 -30.88 -22.72 -57.04
C LEU K 514 -32.19 -23.42 -57.36
N HIS K 515 -32.36 -24.62 -56.81
CA HIS K 515 -33.55 -25.43 -57.07
C HIS K 515 -33.79 -26.37 -55.89
N THR K 516 -34.98 -26.96 -55.87
CA THR K 516 -35.38 -27.83 -54.78
C THR K 516 -35.93 -29.15 -55.32
N GLU K 517 -35.81 -30.20 -54.50
CA GLU K 517 -36.35 -31.51 -54.79
C GLU K 517 -37.18 -31.97 -53.59
N GLY K 518 -38.28 -32.66 -53.88
CA GLY K 518 -39.20 -33.05 -52.83
C GLY K 518 -40.25 -31.98 -52.56
N ALA K 519 -40.86 -32.09 -51.39
CA ALA K 519 -41.81 -31.10 -51.01
C ALA K 519 -41.12 -30.18 -50.03
N ASN K 520 -39.79 -30.03 -50.15
CA ASN K 520 -39.08 -29.25 -49.15
C ASN K 520 -38.57 -27.90 -49.54
N TYR K 521 -39.02 -26.86 -48.85
CA TYR K 521 -38.46 -25.52 -49.09
C TYR K 521 -37.13 -25.64 -48.41
N HIS K 522 -37.05 -26.44 -47.36
CA HIS K 522 -35.80 -26.50 -46.59
C HIS K 522 -34.61 -27.06 -47.38
N LYS K 523 -34.79 -28.20 -48.03
CA LYS K 523 -33.69 -28.81 -48.76
C LYS K 523 -33.39 -28.02 -50.02
N ILE K 524 -32.20 -27.43 -50.08
CA ILE K 524 -31.84 -26.61 -51.24
C ILE K 524 -30.46 -26.96 -51.76
N PHE K 525 -30.24 -26.76 -53.06
CA PHE K 525 -28.96 -27.09 -53.67
C PHE K 525 -28.36 -25.87 -54.33
N PHE K 526 -27.25 -26.06 -55.05
CA PHE K 526 -26.59 -24.94 -55.70
C PHE K 526 -25.58 -25.46 -56.72
N SER K 527 -25.33 -24.64 -57.74
CA SER K 527 -24.35 -24.99 -58.76
C SER K 527 -23.75 -23.69 -59.28
N VAL K 528 -22.56 -23.35 -58.77
CA VAL K 528 -21.82 -22.17 -59.20
C VAL K 528 -20.41 -22.61 -59.55
N TRP K 529 -19.91 -22.13 -60.69
CA TRP K 529 -18.57 -22.48 -61.19
C TRP K 529 -18.39 -23.99 -61.27
N ASP K 530 -19.44 -24.68 -61.71
CA ASP K 530 -19.43 -26.13 -61.90
C ASP K 530 -19.15 -26.86 -60.59
N HIS K 531 -19.63 -26.30 -59.48
CA HIS K 531 -19.51 -26.93 -58.17
C HIS K 531 -20.90 -27.08 -57.57
N ASP K 532 -21.25 -28.30 -57.19
CA ASP K 532 -22.59 -28.63 -56.73
C ASP K 532 -22.56 -29.19 -55.31
N GLY K 533 -23.59 -28.87 -54.55
CA GLY K 533 -23.72 -29.36 -53.19
C GLY K 533 -25.15 -29.17 -52.72
N SER K 534 -25.36 -29.45 -51.43
CA SER K 534 -26.67 -29.28 -50.82
C SER K 534 -26.51 -28.56 -49.49
N PHE K 535 -27.55 -27.83 -49.10
CA PHE K 535 -27.57 -27.23 -47.78
C PHE K 535 -29.01 -26.98 -47.37
N GLU K 536 -29.20 -26.64 -46.13
CA GLU K 536 -30.51 -26.26 -45.71
C GLU K 536 -30.30 -24.87 -45.23
N VAL K 537 -31.36 -24.12 -45.13
CA VAL K 537 -31.32 -22.71 -44.71
C VAL K 537 -32.54 -22.42 -43.85
N CYS K 538 -32.31 -21.77 -42.71
CA CYS K 538 -33.37 -21.31 -41.83
C CYS K 538 -33.19 -19.82 -41.59
N SER K 539 -34.22 -19.04 -41.90
CA SER K 539 -34.14 -17.58 -41.88
C SER K 539 -34.47 -17.07 -40.48
N GLY K 540 -34.69 -15.76 -40.35
CA GLY K 540 -35.08 -15.17 -39.10
C GLY K 540 -36.37 -14.38 -39.24
N PRO K 541 -36.60 -13.44 -38.33
CA PRO K 541 -37.78 -12.56 -38.46
C PRO K 541 -37.70 -11.72 -39.72
N VAL K 542 -38.87 -11.49 -40.34
CA VAL K 542 -38.92 -10.64 -41.52
C VAL K 542 -38.96 -9.18 -41.09
N THR K 543 -38.08 -8.37 -41.67
CA THR K 543 -37.93 -6.98 -41.28
C THR K 543 -37.82 -6.09 -42.52
N SER K 544 -38.10 -4.81 -42.32
CA SER K 544 -37.99 -3.78 -43.36
C SER K 544 -38.89 -4.09 -44.55
N LYS K 545 -40.20 -4.09 -44.29
CA LYS K 545 -41.17 -4.31 -45.36
C LYS K 545 -41.12 -3.19 -46.40
N HIS K 546 -40.71 -1.98 -46.00
CA HIS K 546 -40.70 -0.86 -46.93
C HIS K 546 -39.62 -1.02 -47.99
N ARG K 547 -38.62 -1.88 -47.73
CA ARG K 547 -37.49 -2.16 -48.63
C ARG K 547 -36.98 -0.90 -49.32
N ASP K 548 -36.53 0.05 -48.49
CA ASP K 548 -35.96 1.31 -48.97
C ASP K 548 -34.51 1.12 -49.37
N GLN K 549 -33.77 2.23 -49.52
CA GLN K 549 -32.36 2.14 -49.89
C GLN K 549 -31.58 1.26 -48.92
N LYS K 550 -31.90 1.32 -47.63
CA LYS K 550 -31.26 0.42 -46.68
C LYS K 550 -31.70 -1.02 -46.89
N SER K 551 -32.93 -1.20 -47.38
CA SER K 551 -33.50 -2.52 -47.72
C SER K 551 -33.61 -3.33 -46.43
N ILE K 552 -33.34 -4.63 -46.48
CA ILE K 552 -33.67 -5.54 -45.40
C ILE K 552 -32.38 -6.06 -44.78
N VAL K 553 -32.29 -5.98 -43.46
CA VAL K 553 -31.17 -6.51 -42.69
C VAL K 553 -31.68 -7.65 -41.83
N ASN K 554 -31.34 -8.88 -42.20
CA ASN K 554 -31.78 -10.05 -41.46
C ASN K 554 -30.64 -11.02 -41.27
N ASP K 555 -30.73 -11.79 -40.19
CA ASP K 555 -29.78 -12.85 -39.89
C ASP K 555 -30.23 -14.12 -40.59
N PHE K 556 -29.27 -14.92 -41.03
CA PHE K 556 -29.55 -16.17 -41.72
C PHE K 556 -28.72 -17.29 -41.11
N THR K 557 -29.21 -18.52 -41.28
CA THR K 557 -28.50 -19.72 -40.83
C THR K 557 -28.39 -20.67 -41.99
N PHE K 558 -27.23 -21.25 -42.25
CA PHE K 558 -27.19 -22.19 -43.35
C PHE K 558 -26.54 -23.49 -42.94
N LEU K 559 -27.28 -24.59 -43.03
CA LEU K 559 -26.69 -25.87 -42.73
C LEU K 559 -26.32 -26.62 -44.00
N PHE K 560 -25.07 -26.57 -44.40
CA PHE K 560 -24.64 -27.31 -45.58
C PHE K 560 -24.51 -28.77 -45.25
N GLU K 561 -24.68 -29.63 -46.23
CA GLU K 561 -24.65 -31.08 -46.00
C GLU K 561 -23.37 -31.58 -45.34
N ASN K 562 -22.23 -31.10 -45.79
CA ASN K 562 -20.97 -31.58 -45.24
C ASN K 562 -21.12 -31.64 -43.74
N GLY K 563 -21.68 -30.59 -43.16
CA GLY K 563 -21.92 -30.59 -41.73
C GLY K 563 -21.83 -29.24 -41.08
N MET K 564 -21.35 -28.25 -41.81
CA MET K 564 -21.14 -26.96 -41.17
C MET K 564 -22.43 -26.22 -40.88
N HIS K 565 -22.32 -24.98 -40.42
CA HIS K 565 -23.48 -24.15 -40.15
C HIS K 565 -22.91 -22.78 -40.18
N HIS K 566 -23.72 -21.79 -40.53
CA HIS K 566 -23.22 -20.43 -40.65
C HIS K 566 -24.28 -19.43 -40.25
N THR K 567 -23.87 -18.24 -39.87
CA THR K 567 -24.83 -17.20 -39.55
C THR K 567 -24.47 -15.96 -40.34
N VAL K 568 -25.42 -15.41 -41.09
CA VAL K 568 -25.10 -14.28 -41.97
C VAL K 568 -26.12 -13.14 -41.94
N LEU K 569 -25.68 -11.96 -41.52
CA LEU K 569 -26.56 -10.81 -41.49
C LEU K 569 -26.52 -10.11 -42.82
N ALA K 570 -27.53 -10.31 -43.66
CA ALA K 570 -27.45 -9.77 -45.00
C ALA K 570 -28.30 -8.55 -45.32
N VAL K 571 -27.67 -7.42 -45.58
CA VAL K 571 -28.39 -6.22 -45.98
C VAL K 571 -28.31 -6.19 -47.50
N ALA K 572 -29.34 -6.65 -48.19
CA ALA K 572 -29.26 -6.78 -49.63
C ALA K 572 -29.99 -5.70 -50.38
N THR K 573 -29.39 -5.18 -51.46
CA THR K 573 -30.18 -4.25 -52.26
C THR K 573 -30.08 -4.66 -53.72
N GLU K 574 -30.77 -3.92 -54.58
CA GLU K 574 -30.72 -4.22 -56.01
C GLU K 574 -29.31 -4.05 -56.55
N GLY K 575 -28.58 -3.05 -56.04
CA GLY K 575 -27.23 -2.81 -56.53
C GLY K 575 -26.26 -3.90 -56.14
N ASP K 576 -26.36 -4.40 -54.90
CA ASP K 576 -25.37 -5.34 -54.42
C ASP K 576 -25.95 -6.14 -53.27
N VAL K 577 -25.27 -7.24 -52.93
CA VAL K 577 -25.59 -8.07 -51.78
C VAL K 577 -24.37 -8.10 -50.89
N THR K 578 -24.54 -7.71 -49.62
CA THR K 578 -23.46 -7.68 -48.66
C THR K 578 -23.69 -8.76 -47.61
N VAL K 579 -22.70 -9.61 -47.41
CA VAL K 579 -22.77 -10.70 -46.44
C VAL K 579 -21.61 -10.53 -45.45
N ILE K 580 -21.93 -10.60 -44.17
CA ILE K 580 -20.95 -10.45 -43.10
C ILE K 580 -21.05 -11.68 -42.20
N GLY K 581 -19.92 -12.29 -41.94
CA GLY K 581 -19.87 -13.48 -41.09
C GLY K 581 -18.45 -13.80 -40.74
N SER K 582 -18.24 -15.04 -40.27
CA SER K 582 -16.91 -15.47 -39.85
C SER K 582 -15.92 -15.45 -41.01
N PHE K 583 -16.42 -15.54 -42.24
CA PHE K 583 -15.57 -15.40 -43.41
C PHE K 583 -14.99 -14.00 -43.50
N GLY K 584 -15.74 -13.00 -43.04
CA GLY K 584 -15.39 -11.61 -43.17
C GLY K 584 -16.56 -10.83 -43.72
N LEU K 585 -16.26 -9.81 -44.52
CA LEU K 585 -17.27 -9.07 -45.25
C LEU K 585 -16.96 -9.20 -46.73
N HIS K 586 -18.00 -9.41 -47.53
CA HIS K 586 -17.89 -9.42 -48.99
C HIS K 586 -19.16 -8.83 -49.58
N GLN K 587 -19.00 -7.90 -50.52
CA GLN K 587 -20.11 -7.36 -51.29
C GLN K 587 -19.97 -7.82 -52.73
N LEU K 588 -21.04 -8.42 -53.25
CA LEU K 588 -21.06 -8.96 -54.60
C LEU K 588 -21.96 -8.10 -55.47
N ARG K 589 -21.42 -7.51 -56.52
CA ARG K 589 -22.22 -6.67 -57.37
C ARG K 589 -23.10 -7.50 -58.27
N LEU K 590 -24.37 -7.12 -58.36
CA LEU K 590 -25.29 -7.84 -59.21
C LEU K 590 -25.15 -7.37 -60.63
N LEU K 591 -25.08 -8.31 -61.57
CA LEU K 591 -24.93 -7.96 -62.98
C LEU K 591 -25.95 -6.91 -63.40
N PRO K 592 -25.48 -5.72 -63.77
CA PRO K 592 -26.38 -4.65 -64.20
C PRO K 592 -27.02 -4.99 -65.55
N LEU K 593 -28.33 -4.80 -65.66
CA LEU K 593 -29.02 -5.06 -66.93
C LEU K 593 -30.00 -3.95 -67.23
N THR K 594 -29.49 -2.76 -67.55
CA THR K 594 -30.36 -1.64 -67.87
C THR K 594 -29.82 -0.89 -69.09
N ASP K 595 -30.72 -0.54 -70.01
CA ASP K 595 -30.30 0.14 -71.23
C ASP K 595 -31.48 0.72 -71.98
N GLY K 596 -32.03 1.83 -71.48
CA GLY K 596 -33.18 2.43 -72.12
C GLY K 596 -34.10 1.34 -72.59
N PHE K 597 -34.53 0.47 -71.67
CA PHE K 597 -35.37 -0.65 -72.04
C PHE K 597 -36.16 -0.35 -73.27
N GLY K 598 -37.02 0.65 -73.18
CA GLY K 598 -37.90 0.92 -74.30
C GLY K 598 -37.33 1.49 -75.55
N ASP K 599 -36.77 2.67 -75.46
CA ASP K 599 -36.29 3.32 -76.67
C ASP K 599 -35.06 2.60 -77.20
N SER K 600 -35.24 1.42 -77.74
CA SER K 600 -34.11 0.72 -78.35
C SER K 600 -34.40 0.56 -79.83
N SER K 601 -34.10 1.60 -80.61
CA SER K 601 -34.41 1.63 -82.04
C SER K 601 -33.11 1.71 -82.82
N THR K 602 -32.88 0.72 -83.68
CA THR K 602 -31.75 0.71 -84.60
C THR K 602 -32.17 1.00 -86.04
N ALA K 603 -33.38 1.55 -86.23
CA ALA K 603 -33.89 1.80 -87.57
C ALA K 603 -33.01 2.80 -88.29
N GLY K 604 -32.80 2.55 -89.59
CA GLY K 604 -31.93 3.42 -90.37
C GLY K 604 -32.44 4.84 -90.47
N GLY K 605 -33.74 5.01 -90.65
CA GLY K 605 -34.30 6.34 -90.81
C GLY K 605 -33.81 7.07 -92.05
N THR K 606 -33.83 6.38 -93.20
CA THR K 606 -33.18 6.91 -94.39
C THR K 606 -33.87 8.16 -94.93
N SER K 607 -35.18 8.12 -95.09
CA SER K 607 -35.91 9.19 -95.75
C SER K 607 -37.29 9.36 -95.14
N THR K 608 -38.00 10.38 -95.66
CA THR K 608 -39.38 10.68 -95.28
C THR K 608 -39.48 10.89 -93.77
N LYS K 609 -38.70 11.83 -93.26
CA LYS K 609 -38.69 12.15 -91.84
C LYS K 609 -39.09 13.61 -91.63
N ILE K 610 -39.80 13.86 -90.54
CA ILE K 610 -40.36 15.17 -90.17
C ILE K 610 -40.93 15.88 -91.39
N VAL K 611 -41.65 15.14 -92.23
CA VAL K 611 -42.19 15.71 -93.45
C VAL K 611 -43.24 16.77 -93.08
N SER K 612 -43.27 17.82 -93.84
CA SER K 612 -44.23 18.87 -93.53
C SER K 612 -45.41 18.81 -94.49
N PRO K 613 -46.58 19.31 -94.06
CA PRO K 613 -47.74 19.35 -94.96
C PRO K 613 -47.51 20.31 -96.13
N MET K 614 -48.55 20.43 -96.94
CA MET K 614 -48.43 21.18 -98.20
C MET K 614 -47.96 22.61 -98.03
N PRO K 615 -48.51 23.44 -97.11
CA PRO K 615 -48.14 24.87 -97.11
C PRO K 615 -46.65 25.13 -96.97
N GLY K 616 -45.93 24.30 -96.22
CA GLY K 616 -44.49 24.46 -96.13
C GLY K 616 -44.11 25.74 -95.41
N LYS K 617 -43.21 26.52 -96.03
CA LYS K 617 -42.68 27.74 -95.44
C LYS K 617 -41.95 27.43 -94.13
N VAL K 618 -40.89 26.63 -94.22
CA VAL K 618 -40.10 26.31 -93.05
C VAL K 618 -39.27 27.52 -92.65
N SER K 619 -39.08 27.70 -91.35
CA SER K 619 -38.26 28.79 -90.84
C SER K 619 -37.90 28.51 -89.39
N LYS K 620 -36.90 29.24 -88.89
CA LYS K 620 -36.52 29.22 -87.49
C LYS K 620 -36.15 27.82 -87.02
N LEU K 621 -35.28 27.15 -87.78
CA LEU K 621 -34.77 25.85 -87.37
C LEU K 621 -33.66 26.02 -86.33
N LEU K 622 -33.83 25.38 -85.18
CA LEU K 622 -32.96 25.61 -84.03
C LEU K 622 -32.04 24.42 -83.72
N VAL K 623 -31.90 23.47 -84.64
CA VAL K 623 -31.08 22.28 -84.44
C VAL K 623 -29.90 22.36 -85.39
N LYS K 624 -28.72 22.00 -84.89
CA LYS K 624 -27.54 21.97 -85.76
C LYS K 624 -27.51 20.67 -86.55
N SER K 625 -27.10 20.75 -87.81
CA SER K 625 -26.97 19.58 -88.65
C SER K 625 -25.87 18.67 -88.12
N GLY K 626 -26.13 17.37 -88.15
CA GLY K 626 -25.16 16.41 -87.63
C GLY K 626 -24.94 16.49 -86.15
N ASP K 627 -26.02 16.64 -85.37
CA ASP K 627 -25.96 16.60 -83.92
C ASP K 627 -26.98 15.59 -83.42
N LEU K 628 -26.59 14.80 -82.42
CA LEU K 628 -27.42 13.70 -81.94
C LEU K 628 -28.75 14.21 -81.41
N VAL K 629 -29.83 13.51 -81.78
CA VAL K 629 -31.17 13.83 -81.30
C VAL K 629 -31.81 12.56 -80.74
N GLU K 630 -31.68 12.35 -79.43
CA GLU K 630 -32.39 11.23 -78.80
C GLU K 630 -33.68 11.71 -78.16
N LYS K 631 -33.61 12.78 -77.37
CA LYS K 631 -34.81 13.42 -76.86
C LYS K 631 -35.55 14.14 -77.99
N GLY K 632 -36.87 14.19 -77.89
CA GLY K 632 -37.68 14.73 -78.95
C GLY K 632 -37.77 16.25 -78.98
N GLN K 633 -36.67 16.91 -79.35
CA GLN K 633 -36.71 18.36 -79.54
C GLN K 633 -37.41 18.70 -80.84
N VAL K 634 -37.70 19.98 -81.03
CA VAL K 634 -38.34 20.47 -82.25
C VAL K 634 -37.27 20.53 -83.34
N LEU K 635 -37.22 19.50 -84.18
CA LEU K 635 -36.22 19.47 -85.26
C LEU K 635 -36.49 20.58 -86.26
N VAL K 636 -37.72 20.67 -86.76
CA VAL K 636 -38.13 21.72 -87.69
C VAL K 636 -39.51 22.19 -87.29
N ILE K 637 -39.77 23.49 -87.49
CA ILE K 637 -41.07 24.09 -87.23
C ILE K 637 -41.60 24.67 -88.53
N VAL K 638 -42.74 24.18 -89.00
CA VAL K 638 -43.29 24.61 -90.27
C VAL K 638 -44.58 25.28 -89.98
N GLU K 639 -44.98 26.27 -90.77
CA GLU K 639 -46.20 26.99 -90.41
C GLU K 639 -47.28 26.82 -91.46
N ALA K 640 -48.44 26.33 -91.04
CA ALA K 640 -49.55 26.16 -91.96
C ALA K 640 -50.73 26.91 -91.43
N MET K 641 -50.93 28.12 -91.92
CA MET K 641 -52.00 28.96 -91.41
C MET K 641 -51.81 29.17 -89.92
N LYS K 642 -50.67 29.73 -89.54
CA LYS K 642 -50.38 29.97 -88.13
C LYS K 642 -50.30 28.67 -87.35
N MET K 643 -50.11 27.57 -88.04
CA MET K 643 -49.97 26.31 -87.33
C MET K 643 -48.51 25.94 -87.23
N GLU K 644 -47.92 26.26 -86.10
CA GLU K 644 -46.55 25.89 -85.90
C GLU K 644 -46.47 24.38 -85.94
N HIS K 645 -47.47 23.71 -85.37
CA HIS K 645 -47.43 22.26 -85.29
C HIS K 645 -46.01 21.70 -85.34
N PRO K 646 -45.23 21.85 -84.26
CA PRO K 646 -43.88 21.28 -84.24
C PRO K 646 -43.92 19.77 -84.39
N VAL K 647 -43.00 19.25 -85.21
CA VAL K 647 -42.98 17.82 -85.48
C VAL K 647 -42.53 17.03 -84.25
N ARG K 648 -41.46 17.47 -83.60
CA ARG K 648 -40.94 16.83 -82.39
C ARG K 648 -40.60 15.35 -82.64
N ALA K 649 -39.61 15.11 -83.49
CA ALA K 649 -39.18 13.75 -83.75
C ALA K 649 -38.35 13.21 -82.60
N LEU K 650 -38.56 11.94 -82.27
CA LEU K 650 -37.83 11.27 -81.20
C LEU K 650 -36.90 10.17 -81.72
N GLN K 651 -36.69 10.09 -83.03
CA GLN K 651 -35.77 9.10 -83.58
C GLN K 651 -34.34 9.43 -83.20
N ASP K 652 -33.65 8.46 -82.61
CA ASP K 652 -32.29 8.68 -82.12
C ASP K 652 -31.30 8.74 -83.29
N GLY K 653 -30.20 9.43 -83.06
CA GLY K 653 -29.19 9.67 -84.07
C GLY K 653 -29.17 11.12 -84.53
N ARG K 654 -28.07 11.48 -85.19
CA ARG K 654 -27.92 12.84 -85.72
C ARG K 654 -28.88 13.06 -86.89
N VAL K 655 -29.30 14.31 -87.05
CA VAL K 655 -30.26 14.70 -88.07
C VAL K 655 -29.56 15.58 -89.10
N SER K 656 -29.76 15.28 -90.39
CA SER K 656 -29.11 15.99 -91.48
C SER K 656 -30.14 16.80 -92.25
N PHE K 657 -29.91 18.10 -92.36
CA PHE K 657 -30.88 19.00 -92.98
C PHE K 657 -30.61 19.11 -94.48
N LEU K 658 -31.67 19.00 -95.27
CA LEU K 658 -31.61 19.24 -96.70
C LEU K 658 -32.42 20.48 -97.11
N VAL K 659 -32.85 21.30 -96.17
CA VAL K 659 -33.64 22.49 -96.44
C VAL K 659 -33.04 23.66 -95.67
N LYS K 660 -33.46 24.86 -96.06
CA LYS K 660 -33.01 26.09 -95.43
C LYS K 660 -34.22 26.91 -94.97
N GLU K 661 -33.99 27.76 -93.97
CA GLU K 661 -35.06 28.59 -93.42
C GLU K 661 -35.65 29.50 -94.50
N GLY K 662 -36.97 29.66 -94.46
CA GLY K 662 -37.66 30.51 -95.40
C GLY K 662 -37.98 29.89 -96.73
N GLU K 663 -37.67 28.60 -96.91
CA GLU K 663 -37.87 27.92 -98.19
C GLU K 663 -39.21 27.20 -98.17
N VAL K 664 -40.10 27.60 -99.09
CA VAL K 664 -41.38 26.92 -99.20
C VAL K 664 -41.17 25.52 -99.77
N VAL K 665 -41.71 24.52 -99.09
CA VAL K 665 -41.49 23.12 -99.45
C VAL K 665 -42.83 22.46 -99.73
N GLY K 666 -42.80 21.42 -100.57
CA GLY K 666 -44.01 20.74 -100.94
C GLY K 666 -44.49 19.80 -99.85
N GLY K 667 -45.69 19.24 -100.09
CA GLY K 667 -46.27 18.34 -99.12
C GLY K 667 -45.45 17.06 -98.97
N ASP K 668 -45.26 16.65 -97.72
CA ASP K 668 -44.53 15.42 -97.39
C ASP K 668 -43.12 15.41 -97.96
N HIS K 669 -42.49 16.58 -97.97
CA HIS K 669 -41.13 16.70 -98.49
C HIS K 669 -40.14 16.13 -97.48
N VAL K 670 -38.99 15.68 -97.98
CA VAL K 670 -37.92 15.17 -97.14
C VAL K 670 -37.15 16.39 -96.61
N LEU K 671 -37.62 16.93 -95.49
CA LEU K 671 -36.94 18.09 -94.92
C LEU K 671 -35.59 17.70 -94.33
N ALA K 672 -35.53 16.52 -93.71
CA ALA K 672 -34.29 16.04 -93.11
C ALA K 672 -34.33 14.52 -93.04
N THR K 673 -33.14 13.92 -92.98
CA THR K 673 -32.99 12.48 -92.81
C THR K 673 -32.45 12.22 -91.41
N VAL K 674 -33.28 11.63 -90.56
CA VAL K 674 -32.90 11.30 -89.18
C VAL K 674 -32.37 9.87 -89.19
N ALA K 675 -31.06 9.75 -89.19
CA ALA K 675 -30.40 8.45 -89.33
C ALA K 675 -29.54 8.17 -88.10
N GLU K 676 -29.34 6.88 -87.84
CA GLU K 676 -28.47 6.48 -86.74
C GLU K 676 -27.07 7.03 -86.96
N GLU K 677 -26.44 7.49 -85.87
CA GLU K 677 -25.08 8.00 -85.97
C GLU K 677 -24.14 6.90 -86.42
N GLU K 678 -23.52 7.10 -87.58
CA GLU K 678 -22.59 6.12 -88.12
C GLU K 678 -21.19 6.72 -88.23
N GLU L 1 -28.33 -13.76 21.97
CA GLU L 1 -29.07 -12.74 21.22
C GLU L 1 -30.23 -13.37 20.46
N ARG L 2 -31.04 -12.54 19.81
CA ARG L 2 -32.25 -12.97 19.14
C ARG L 2 -32.09 -12.78 17.63
N LYS L 3 -32.39 -13.83 16.87
CA LYS L 3 -32.25 -13.79 15.43
C LYS L 3 -33.35 -12.94 14.81
N VAL L 4 -33.02 -12.24 13.72
CA VAL L 4 -33.95 -11.43 12.96
C VAL L 4 -33.95 -11.90 11.52
N GLU L 5 -35.14 -12.17 10.97
CA GLU L 5 -35.31 -12.51 9.57
C GLU L 5 -36.42 -11.74 8.88
N LYS L 6 -37.24 -11.01 9.64
CA LYS L 6 -38.35 -10.25 9.10
C LYS L 6 -38.26 -8.82 9.61
N LEU L 7 -38.37 -7.85 8.70
CA LEU L 7 -38.27 -6.44 9.04
C LEU L 7 -39.59 -5.76 8.69
N LEU L 8 -40.05 -4.88 9.57
CA LEU L 8 -41.32 -4.18 9.41
C LEU L 8 -41.05 -2.68 9.36
N VAL L 9 -41.75 -1.98 8.48
CA VAL L 9 -41.61 -0.54 8.32
C VAL L 9 -42.94 0.11 8.64
N ALA L 10 -42.90 1.25 9.33
CA ALA L 10 -44.14 1.95 9.66
C ALA L 10 -44.52 2.96 8.58
N ASN L 11 -43.64 3.90 8.29
CA ASN L 11 -44.00 5.06 7.48
C ASN L 11 -43.90 4.71 6.00
N ARG L 12 -44.01 5.72 5.14
CA ARG L 12 -43.97 5.56 3.70
C ARG L 12 -43.13 6.67 3.10
N GLY L 13 -42.51 6.38 1.96
CA GLY L 13 -41.76 7.38 1.23
C GLY L 13 -40.32 7.00 0.98
N GLU L 14 -39.43 7.99 1.02
CA GLU L 14 -38.02 7.74 0.77
C GLU L 14 -37.44 6.78 1.80
N ILE L 15 -37.85 6.94 3.06
CA ILE L 15 -37.33 6.09 4.12
C ILE L 15 -37.71 4.64 3.90
N ALA L 16 -38.89 4.37 3.34
CA ALA L 16 -39.29 3.00 3.09
C ALA L 16 -38.32 2.32 2.13
N CYS L 17 -38.02 2.98 1.01
CA CYS L 17 -37.09 2.41 0.04
C CYS L 17 -35.68 2.28 0.62
N ARG L 18 -35.25 3.27 1.40
CA ARG L 18 -33.91 3.21 1.99
C ARG L 18 -33.78 2.03 2.94
N VAL L 19 -34.74 1.89 3.86
CA VAL L 19 -34.73 0.77 4.79
C VAL L 19 -34.81 -0.55 4.03
N PHE L 20 -35.59 -0.57 2.95
CA PHE L 20 -35.75 -1.80 2.19
C PHE L 20 -34.46 -2.21 1.50
N ARG L 21 -33.74 -1.25 0.92
CA ARG L 21 -32.54 -1.57 0.14
C ARG L 21 -31.46 -2.31 0.92
N THR L 22 -30.88 -1.66 1.92
CA THR L 22 -29.80 -2.29 2.68
C THR L 22 -30.25 -3.66 3.13
N CYS L 23 -31.52 -3.78 3.47
CA CYS L 23 -32.05 -5.07 3.91
C CYS L 23 -31.67 -6.19 2.96
N ARG L 24 -31.56 -5.89 1.66
CA ARG L 24 -31.25 -6.94 0.71
C ARG L 24 -29.85 -7.44 0.96
N GLU L 25 -28.95 -6.53 1.28
CA GLU L 25 -27.56 -6.92 1.53
C GLU L 25 -27.42 -7.77 2.77
N MET L 26 -28.14 -7.43 3.82
CA MET L 26 -28.12 -8.26 5.01
C MET L 26 -28.87 -9.55 4.79
N HIS L 27 -29.52 -9.66 3.64
CA HIS L 27 -30.29 -10.86 3.33
C HIS L 27 -31.47 -11.06 4.29
N ILE L 28 -32.23 -10.01 4.57
CA ILE L 28 -33.38 -10.11 5.47
C ILE L 28 -34.70 -9.87 4.73
N ARG L 29 -35.80 -10.45 5.22
CA ARG L 29 -37.09 -10.31 4.53
C ARG L 29 -37.58 -8.89 4.62
N THR L 30 -38.59 -8.54 3.84
CA THR L 30 -39.15 -7.20 3.99
C THR L 30 -40.67 -7.23 3.99
N VAL L 31 -41.26 -6.21 4.62
CA VAL L 31 -42.72 -6.02 4.66
C VAL L 31 -43.03 -4.55 4.44
N ALA L 32 -44.07 -4.27 3.65
CA ALA L 32 -44.50 -2.92 3.32
C ALA L 32 -45.91 -2.65 3.84
N LEU L 33 -46.23 -1.37 4.02
CA LEU L 33 -47.53 -0.92 4.52
C LEU L 33 -48.05 0.22 3.65
N PHE L 34 -49.33 0.23 3.36
CA PHE L 34 -49.88 1.24 2.47
C PHE L 34 -51.31 1.60 2.81
N CYS L 35 -51.69 2.85 2.53
CA CYS L 35 -53.02 3.30 2.88
C CYS L 35 -54.04 2.86 1.84
N GLU L 36 -55.24 3.39 1.92
CA GLU L 36 -56.24 3.06 0.92
C GLU L 36 -55.60 3.27 -0.44
N ALA L 37 -55.81 2.34 -1.36
CA ALA L 37 -55.14 2.42 -2.65
C ALA L 37 -53.66 2.47 -2.38
N GLU L 38 -52.96 3.47 -2.92
CA GLU L 38 -51.54 3.62 -2.64
C GLU L 38 -50.84 2.28 -2.78
N ARG L 39 -51.27 1.49 -3.76
CA ARG L 39 -50.69 0.17 -3.93
C ARG L 39 -49.78 0.11 -5.14
N ASN L 40 -49.84 1.14 -5.99
CA ASN L 40 -48.94 1.18 -7.13
C ASN L 40 -47.65 1.83 -6.70
N ALA L 41 -47.62 2.36 -5.49
CA ALA L 41 -46.44 3.07 -5.04
C ALA L 41 -45.20 2.20 -5.13
N LYS L 42 -44.04 2.82 -5.24
CA LYS L 42 -42.82 2.05 -5.45
C LYS L 42 -42.45 1.17 -4.31
N HIS L 43 -42.56 1.69 -3.10
CA HIS L 43 -42.04 0.90 -1.97
C HIS L 43 -42.68 -0.49 -1.92
N VAL L 44 -43.99 -0.58 -2.16
CA VAL L 44 -44.66 -1.87 -2.14
C VAL L 44 -44.16 -2.77 -3.26
N ALA L 45 -43.76 -2.19 -4.40
CA ALA L 45 -43.14 -2.93 -5.48
C ALA L 45 -41.69 -3.28 -5.17
N GLU L 46 -41.20 -2.90 -4.00
CA GLU L 46 -39.86 -3.22 -3.56
C GLU L 46 -39.80 -4.26 -2.45
N ALA L 47 -40.86 -4.42 -1.68
CA ALA L 47 -40.87 -5.31 -0.51
C ALA L 47 -41.18 -6.74 -0.95
N ASP L 48 -41.44 -7.60 0.04
CA ASP L 48 -41.85 -8.97 -0.21
C ASP L 48 -43.35 -9.14 -0.05
N GLU L 49 -43.96 -8.35 0.84
CA GLU L 49 -45.39 -8.41 1.09
C GLU L 49 -45.90 -7.05 1.59
N ALA L 50 -47.09 -6.65 1.21
CA ALA L 50 -47.66 -5.37 1.62
C ALA L 50 -49.07 -5.56 2.14
N VAL L 51 -49.46 -4.74 3.12
CA VAL L 51 -50.77 -4.84 3.76
C VAL L 51 -51.42 -3.47 3.75
N CYS L 52 -52.70 -3.43 3.37
CA CYS L 52 -53.48 -2.20 3.43
C CYS L 52 -53.98 -1.98 4.86
N ILE L 53 -53.99 -0.72 5.28
CA ILE L 53 -54.27 -0.40 6.68
C ILE L 53 -55.55 0.40 6.89
N GLY L 54 -56.01 1.18 5.91
CA GLY L 54 -57.25 1.87 6.06
C GLY L 54 -57.26 3.29 5.53
N PRO L 55 -58.20 4.09 6.03
CA PRO L 55 -58.60 5.32 5.35
C PRO L 55 -57.47 6.33 5.30
N PRO L 56 -57.48 7.23 4.32
CA PRO L 56 -56.33 8.11 4.05
C PRO L 56 -55.94 8.98 5.23
N PRO L 57 -56.89 9.55 6.00
CA PRO L 57 -56.48 10.47 7.08
C PRO L 57 -55.52 9.81 8.06
N ALA L 58 -54.53 10.58 8.48
CA ALA L 58 -53.44 10.02 9.29
C ALA L 58 -53.95 9.42 10.58
N VAL L 59 -55.10 9.90 11.08
CA VAL L 59 -55.73 9.25 12.23
C VAL L 59 -56.07 7.81 11.91
N ASN L 60 -56.63 7.58 10.72
CA ASN L 60 -57.04 6.25 10.32
C ASN L 60 -55.87 5.38 9.86
N SER L 61 -54.86 5.97 9.23
CA SER L 61 -53.75 5.22 8.65
C SER L 61 -52.45 5.59 9.36
N TYR L 62 -51.71 4.57 9.78
CA TYR L 62 -50.39 4.62 10.40
C TYR L 62 -50.45 5.12 11.84
N LEU L 63 -51.63 5.26 12.43
CA LEU L 63 -51.78 5.65 13.82
C LEU L 63 -52.47 4.59 14.68
N ARG L 64 -53.07 3.58 14.07
CA ARG L 64 -53.67 2.48 14.82
C ARG L 64 -52.55 1.55 15.26
N GLY L 65 -51.78 1.99 16.26
CA GLY L 65 -50.62 1.23 16.68
C GLY L 65 -50.96 -0.15 17.18
N GLU L 66 -52.09 -0.28 17.88
CA GLU L 66 -52.54 -1.58 18.36
C GLU L 66 -52.85 -2.53 17.20
N HIS L 67 -53.50 -2.03 16.16
CA HIS L 67 -53.80 -2.86 15.00
C HIS L 67 -52.52 -3.27 14.28
N ILE L 68 -51.57 -2.32 14.17
CA ILE L 68 -50.29 -2.64 13.55
C ILE L 68 -49.58 -3.73 14.33
N ILE L 69 -49.62 -3.64 15.67
CA ILE L 69 -48.95 -4.62 16.51
C ILE L 69 -49.61 -5.98 16.38
N SER L 70 -50.95 -6.02 16.34
CA SER L 70 -51.64 -7.30 16.18
C SER L 70 -51.31 -7.93 14.82
N VAL L 71 -51.28 -7.11 13.77
CA VAL L 71 -50.93 -7.62 12.44
C VAL L 71 -49.49 -8.16 12.45
N ALA L 72 -48.57 -7.42 13.07
CA ALA L 72 -47.19 -7.86 13.13
C ALA L 72 -47.05 -9.16 13.90
N LYS L 73 -47.81 -9.30 14.99
CA LYS L 73 -47.80 -10.55 15.74
C LYS L 73 -48.31 -11.71 14.89
N GLN L 74 -49.38 -11.48 14.12
CA GLN L 74 -49.89 -12.53 13.24
C GLN L 74 -48.87 -12.91 12.18
N LEU L 75 -48.07 -11.95 11.73
CA LEU L 75 -46.99 -12.21 10.78
C LEU L 75 -45.73 -12.73 11.45
N ASN L 76 -45.69 -12.76 12.79
CA ASN L 76 -44.50 -13.16 13.55
C ASN L 76 -43.29 -12.33 13.14
N VAL L 77 -43.46 -11.01 13.16
CA VAL L 77 -42.39 -10.11 12.76
C VAL L 77 -41.29 -10.10 13.80
N ASP L 78 -40.04 -9.93 13.33
CA ASP L 78 -38.89 -9.87 14.21
C ASP L 78 -38.59 -8.45 14.70
N ALA L 79 -38.68 -7.45 13.82
CA ALA L 79 -38.30 -6.09 14.19
C ALA L 79 -39.16 -5.09 13.44
N ILE L 80 -39.33 -3.91 14.03
CA ILE L 80 -40.09 -2.81 13.46
C ILE L 80 -39.23 -1.56 13.51
N HIS L 81 -39.15 -0.84 12.38
CA HIS L 81 -38.51 0.46 12.37
C HIS L 81 -39.57 1.54 12.13
N PRO L 82 -39.90 2.34 13.14
CA PRO L 82 -40.95 3.36 12.94
C PRO L 82 -40.62 4.38 11.89
N GLY L 83 -39.35 4.76 11.74
CA GLY L 83 -39.04 5.89 10.91
C GLY L 83 -39.34 7.19 11.62
N TYR L 84 -39.56 8.24 10.83
CA TYR L 84 -39.86 9.56 11.36
C TYR L 84 -41.28 9.96 11.02
N GLY L 85 -41.97 10.56 11.99
CA GLY L 85 -43.37 10.89 11.85
C GLY L 85 -44.27 9.76 12.34
N PHE L 86 -45.57 10.08 12.42
CA PHE L 86 -46.59 9.13 12.87
C PHE L 86 -46.21 8.67 14.28
N LEU L 87 -45.96 7.38 14.50
CA LEU L 87 -45.64 6.85 15.82
C LEU L 87 -44.14 6.90 16.12
N SER L 88 -43.41 7.80 15.46
CA SER L 88 -41.97 7.90 15.71
C SER L 88 -41.69 8.29 17.15
N GLU L 89 -42.48 9.19 17.72
CA GLU L 89 -42.32 9.66 19.09
C GLU L 89 -43.60 9.35 19.87
N ASN L 90 -43.68 8.11 20.37
CA ASN L 90 -44.81 7.68 21.19
C ASN L 90 -44.33 6.53 22.05
N ALA L 91 -44.23 6.77 23.36
CA ALA L 91 -43.66 5.77 24.26
C ALA L 91 -44.61 4.60 24.47
N SER L 92 -45.93 4.85 24.40
CA SER L 92 -46.89 3.76 24.58
C SER L 92 -46.72 2.71 23.50
N PHE L 93 -46.52 3.13 22.26
CA PHE L 93 -46.34 2.19 21.17
C PHE L 93 -45.09 1.34 21.36
N ALA L 94 -43.98 1.98 21.77
CA ALA L 94 -42.75 1.24 22.02
C ALA L 94 -42.91 0.26 23.17
N ASP L 95 -43.58 0.67 24.24
CA ASP L 95 -43.81 -0.23 25.36
C ASP L 95 -44.67 -1.42 24.95
N ALA L 96 -45.71 -1.18 24.13
CA ALA L 96 -46.54 -2.28 23.65
C ALA L 96 -45.74 -3.22 22.77
N ILE L 97 -44.86 -2.69 21.93
CA ILE L 97 -43.99 -3.53 21.12
C ILE L 97 -43.10 -4.38 22.01
N THR L 98 -42.51 -3.78 23.05
CA THR L 98 -41.65 -4.53 23.96
C THR L 98 -42.43 -5.63 24.67
N ARG L 99 -43.66 -5.33 25.11
CA ARG L 99 -44.47 -6.36 25.76
C ARG L 99 -44.81 -7.48 24.80
N SER L 100 -45.06 -7.15 23.52
CA SER L 100 -45.33 -8.18 22.52
C SER L 100 -44.09 -9.01 22.20
N GLY L 101 -42.90 -8.51 22.53
CA GLY L 101 -41.68 -9.25 22.34
C GLY L 101 -40.92 -8.91 21.08
N ILE L 102 -41.38 -7.95 20.30
CA ILE L 102 -40.69 -7.54 19.07
C ILE L 102 -39.63 -6.51 19.42
N GLU L 103 -38.46 -6.62 18.76
CA GLU L 103 -37.35 -5.71 19.02
C GLU L 103 -37.65 -4.36 18.39
N PHE L 104 -38.07 -3.40 19.22
CA PHE L 104 -38.27 -2.04 18.73
C PHE L 104 -36.93 -1.43 18.36
N ILE L 105 -36.91 -0.66 17.28
CA ILE L 105 -35.70 0.01 16.82
C ILE L 105 -35.77 1.47 17.25
N GLY L 106 -34.85 1.87 18.13
CA GLY L 106 -34.80 3.22 18.61
C GLY L 106 -34.51 3.30 20.09
N PRO L 107 -34.76 4.46 20.68
CA PRO L 107 -34.51 4.64 22.12
C PRO L 107 -35.57 3.92 22.94
N PRO L 108 -35.30 3.69 24.22
CA PRO L 108 -36.35 3.14 25.09
C PRO L 108 -37.46 4.15 25.31
N ALA L 109 -38.60 3.65 25.79
CA ALA L 109 -39.77 4.53 25.97
C ALA L 109 -39.51 5.59 27.03
N SER L 110 -38.67 5.27 28.03
CA SER L 110 -38.40 6.21 29.11
C SER L 110 -37.76 7.49 28.58
N ALA L 111 -36.78 7.34 27.68
CA ALA L 111 -36.12 8.52 27.12
C ALA L 111 -37.08 9.38 26.32
N ILE L 112 -37.95 8.74 25.52
CA ILE L 112 -38.91 9.48 24.72
C ILE L 112 -39.89 10.23 25.62
N SER L 113 -40.40 9.56 26.66
CA SER L 113 -41.32 10.23 27.58
C SER L 113 -40.65 11.39 28.30
N LEU L 114 -39.41 11.19 28.75
CA LEU L 114 -38.70 12.24 29.45
C LEU L 114 -38.44 13.44 28.56
N MET L 115 -38.11 13.19 27.29
CA MET L 115 -37.81 14.30 26.39
C MET L 115 -39.09 14.90 25.80
N GLY L 116 -40.22 14.24 26.02
CA GLY L 116 -41.49 14.79 25.56
C GLY L 116 -41.82 16.12 26.22
N SER L 117 -41.56 16.23 27.51
CA SER L 117 -41.75 17.50 28.23
C SER L 117 -40.44 18.26 28.26
N LYS L 118 -40.48 19.52 27.82
CA LYS L 118 -39.26 20.31 27.75
C LYS L 118 -38.72 20.65 29.13
N SER L 119 -39.62 20.92 30.09
CA SER L 119 -39.18 21.33 31.42
C SER L 119 -38.41 20.21 32.11
N GLU L 120 -38.94 18.99 32.09
CA GLU L 120 -38.24 17.89 32.75
C GLU L 120 -36.96 17.53 32.02
N SER L 121 -36.95 17.65 30.69
CA SER L 121 -35.72 17.40 29.95
C SER L 121 -34.63 18.39 30.33
N LYS L 122 -34.94 19.69 30.30
CA LYS L 122 -33.94 20.68 30.67
C LYS L 122 -33.53 20.52 32.12
N ARG L 123 -34.46 20.07 32.98
CA ARG L 123 -34.09 19.73 34.35
C ARG L 123 -33.04 18.64 34.38
N ILE L 124 -33.23 17.59 33.56
CA ILE L 124 -32.27 16.49 33.53
C ILE L 124 -30.91 16.96 33.06
N MET L 125 -30.87 17.76 31.99
CA MET L 125 -29.57 18.23 31.49
C MET L 125 -28.92 19.21 32.47
N GLU L 126 -29.71 20.04 33.15
CA GLU L 126 -29.14 20.93 34.15
C GLU L 126 -28.54 20.14 35.31
N ALA L 127 -29.21 19.07 35.73
CA ALA L 127 -28.63 18.18 36.74
C ALA L 127 -27.37 17.52 36.23
N ALA L 128 -27.35 17.14 34.94
CA ALA L 128 -26.18 16.49 34.37
C ALA L 128 -24.97 17.42 34.32
N GLY L 129 -25.21 18.72 34.21
CA GLY L 129 -24.13 19.69 34.18
C GLY L 129 -23.76 20.21 32.80
N VAL L 130 -24.51 19.84 31.77
CA VAL L 130 -24.22 20.36 30.42
C VAL L 130 -24.56 21.84 30.37
N PRO L 131 -23.69 22.71 29.84
CA PRO L 131 -24.10 24.09 29.57
C PRO L 131 -25.41 24.15 28.81
N VAL L 132 -26.45 24.65 29.47
CA VAL L 132 -27.77 24.79 28.88
C VAL L 132 -28.23 26.23 29.10
N VAL L 133 -28.73 26.86 28.05
CA VAL L 133 -29.33 28.19 28.19
C VAL L 133 -30.80 28.00 28.56
N PRO L 134 -31.19 28.35 29.78
CA PRO L 134 -32.58 28.12 30.19
C PRO L 134 -33.51 29.17 29.61
N GLY L 135 -34.81 28.94 29.79
CA GLY L 135 -35.79 29.88 29.31
C GLY L 135 -36.26 30.87 30.36
N TYR L 136 -36.00 30.60 31.64
CA TYR L 136 -36.57 31.42 32.69
C TYR L 136 -35.80 31.23 34.00
N TYR L 137 -35.78 32.29 34.81
CA TYR L 137 -35.32 32.22 36.20
C TYR L 137 -36.31 32.96 37.07
N GLY L 138 -37.10 32.22 37.83
CA GLY L 138 -38.01 32.85 38.79
C GLY L 138 -39.02 33.77 38.14
N GLU L 139 -39.18 34.95 38.72
CA GLU L 139 -40.20 35.90 38.29
C GLU L 139 -39.72 37.31 38.67
N ASN L 140 -40.52 38.30 38.28
CA ASN L 140 -40.23 39.70 38.60
C ASN L 140 -40.80 40.07 39.97
N GLN L 141 -40.24 39.41 41.00
CA GLN L 141 -40.65 39.69 42.37
C GLN L 141 -40.26 41.11 42.77
N ASN L 142 -39.04 41.53 42.43
CA ASN L 142 -38.56 42.88 42.71
C ASN L 142 -37.84 43.42 41.48
N VAL L 143 -37.98 44.74 41.27
CA VAL L 143 -37.26 45.38 40.19
C VAL L 143 -35.76 45.46 40.49
N SER L 144 -35.38 45.53 41.76
CA SER L 144 -33.97 45.48 42.12
C SER L 144 -33.37 44.10 41.88
N PHE L 145 -34.19 43.04 41.94
CA PHE L 145 -33.69 41.71 41.62
C PHE L 145 -33.20 41.65 40.19
N LEU L 146 -33.84 42.42 39.30
CA LEU L 146 -33.38 42.49 37.92
C LEU L 146 -31.94 43.00 37.85
N ALA L 147 -31.62 44.05 38.59
CA ALA L 147 -30.23 44.50 38.64
C ALA L 147 -29.33 43.53 39.40
N GLU L 148 -29.90 42.77 40.35
CA GLU L 148 -29.11 41.82 41.11
C GLU L 148 -28.59 40.69 40.24
N GLU L 149 -29.46 40.11 39.42
CA GLU L 149 -29.05 38.99 38.57
C GLU L 149 -28.66 39.43 37.17
N ALA L 150 -28.87 40.71 36.85
CA ALA L 150 -28.48 41.22 35.55
C ALA L 150 -26.99 41.02 35.35
N LYS L 151 -26.22 41.31 36.39
CA LYS L 151 -24.78 41.12 36.31
C LYS L 151 -24.38 39.81 36.97
N LYS L 152 -25.37 39.05 37.41
CA LYS L 152 -25.09 37.77 38.08
C LYS L 152 -25.39 36.56 37.22
N VAL L 153 -26.59 36.04 37.31
CA VAL L 153 -26.91 34.80 36.59
C VAL L 153 -26.51 34.87 35.11
N GLY L 154 -26.92 35.93 34.42
CA GLY L 154 -26.60 36.06 33.01
C GLY L 154 -26.21 37.48 32.67
N PHE L 155 -24.94 37.70 32.35
CA PHE L 155 -24.49 39.05 32.09
C PHE L 155 -25.21 39.60 30.88
N PRO L 156 -25.29 38.79 29.80
CA PRO L 156 -26.09 39.28 28.67
C PRO L 156 -27.51 39.46 29.16
N ILE L 157 -28.15 40.55 28.79
CA ILE L 157 -29.49 40.82 29.33
C ILE L 157 -30.61 40.51 28.36
N LEU L 158 -31.43 39.53 28.70
CA LEU L 158 -32.58 39.21 27.86
C LEU L 158 -33.82 39.55 28.68
N ILE L 159 -34.36 40.74 28.48
CA ILE L 159 -35.48 41.19 29.29
C ILE L 159 -36.77 40.50 28.83
N LYS L 160 -37.17 40.75 27.58
CA LYS L 160 -38.38 40.17 27.00
C LYS L 160 -39.59 40.28 27.93
N ALA L 161 -40.35 39.21 28.04
CA ALA L 161 -41.53 39.17 28.89
C ALA L 161 -41.82 37.73 29.26
N VAL L 162 -42.92 37.51 29.98
CA VAL L 162 -43.32 36.15 30.34
C VAL L 162 -43.77 35.39 29.10
N SER L 163 -44.44 36.06 28.17
CA SER L 163 -44.91 35.46 26.93
C SER L 163 -45.09 36.56 25.90
N GLY L 164 -45.55 36.19 24.71
CA GLY L 164 -45.74 37.15 23.65
C GLY L 164 -44.45 37.47 22.90
N GLY L 165 -44.53 37.54 21.58
CA GLY L 165 -43.38 37.79 20.75
C GLY L 165 -43.11 39.25 20.45
N GLY L 166 -43.86 40.18 21.04
CA GLY L 166 -43.63 41.59 20.77
C GLY L 166 -42.24 42.03 21.19
N GLY L 167 -41.85 41.69 22.41
CA GLY L 167 -40.47 41.85 22.84
C GLY L 167 -39.97 43.27 22.90
N LYS L 168 -40.85 44.25 23.03
CA LYS L 168 -40.41 45.64 23.12
C LYS L 168 -39.68 45.92 24.43
N GLY L 169 -39.78 45.02 25.40
CA GLY L 169 -38.98 45.16 26.60
C GLY L 169 -37.51 44.87 26.37
N MET L 170 -37.19 44.18 25.27
CA MET L 170 -35.79 43.89 24.96
C MET L 170 -35.01 45.18 24.70
N LYS L 171 -35.43 45.95 23.70
CA LYS L 171 -34.75 47.17 23.24
C LYS L 171 -33.33 46.92 22.75
N ILE L 172 -32.94 45.65 22.58
CA ILE L 172 -31.59 45.27 22.21
C ILE L 172 -30.60 45.92 23.16
N VAL L 173 -30.78 45.71 24.47
CA VAL L 173 -29.94 46.34 25.48
C VAL L 173 -28.80 45.36 25.80
N GLU L 174 -27.78 45.39 24.96
CA GLU L 174 -26.61 44.54 25.13
C GLU L 174 -25.54 45.19 26.01
N ARG L 175 -25.76 46.44 26.43
CA ARG L 175 -24.78 47.17 27.22
C ARG L 175 -25.01 46.88 28.70
N PRO L 176 -24.06 46.31 29.41
CA PRO L 176 -24.20 46.15 30.86
C PRO L 176 -24.12 47.50 31.56
N GLU L 177 -24.17 47.49 32.90
CA GLU L 177 -24.23 48.73 33.68
C GLU L 177 -25.41 49.60 33.27
N ASP L 178 -26.51 48.96 32.88
CA ASP L 178 -27.75 49.61 32.52
C ASP L 178 -28.74 49.42 33.66
N PHE L 179 -29.16 50.52 34.26
CA PHE L 179 -30.08 50.47 35.41
C PHE L 179 -31.23 51.47 35.35
N THR L 180 -31.12 52.54 34.56
CA THR L 180 -32.22 53.51 34.44
C THR L 180 -33.07 53.31 33.20
N PHE L 181 -32.64 52.48 32.26
CA PHE L 181 -33.39 52.24 31.03
C PHE L 181 -34.06 50.88 30.99
N MET L 182 -33.45 49.87 31.61
CA MET L 182 -34.05 48.53 31.62
C MET L 182 -35.37 48.51 32.38
N LEU L 183 -35.42 49.16 33.55
CA LEU L 183 -36.68 49.19 34.29
C LEU L 183 -37.73 50.02 33.57
N GLU L 184 -37.33 51.14 32.97
CA GLU L 184 -38.28 51.94 32.18
C GLU L 184 -38.78 51.14 30.99
N SER L 185 -37.89 50.41 30.31
CA SER L 185 -38.31 49.58 29.18
C SER L 185 -39.29 48.50 29.61
N ALA L 186 -39.01 47.84 30.75
CA ALA L 186 -39.91 46.80 31.23
C ALA L 186 -41.27 47.37 31.61
N LYS L 187 -41.28 48.55 32.25
CA LYS L 187 -42.55 49.15 32.67
C LYS L 187 -43.35 49.64 31.47
N ARG L 188 -42.68 50.13 30.43
CA ARG L 188 -43.41 50.49 29.22
C ARG L 188 -43.88 49.26 28.45
N GLU L 189 -43.16 48.14 28.60
CA GLU L 189 -43.63 46.88 28.03
C GLU L 189 -44.88 46.40 28.75
N ALA L 190 -44.94 46.56 30.07
CA ALA L 190 -46.09 46.11 30.83
C ALA L 190 -47.36 46.82 30.38
N THR L 191 -47.25 48.05 29.90
CA THR L 191 -48.40 48.79 29.41
C THR L 191 -48.96 48.14 28.15
N ASN L 192 -50.28 47.92 28.14
CA ASN L 192 -51.00 47.35 26.99
C ASN L 192 -50.55 45.92 26.67
N PHE L 193 -49.58 45.42 27.43
CA PHE L 193 -49.14 44.04 27.31
C PHE L 193 -48.90 43.48 28.71
N PHE L 194 -49.84 43.74 29.62
CA PHE L 194 -49.66 43.36 31.01
C PHE L 194 -49.40 41.87 31.16
N LYS L 195 -50.27 41.04 30.59
CA LYS L 195 -50.17 39.57 30.65
C LYS L 195 -49.98 39.20 32.12
N ASP L 196 -48.89 38.54 32.49
CA ASP L 196 -48.53 38.33 33.88
C ASP L 196 -47.32 39.19 34.20
N ASP L 197 -47.31 39.78 35.41
CA ASP L 197 -46.28 40.75 35.76
C ASP L 197 -44.92 40.09 35.95
N ARG L 198 -44.88 38.77 35.98
CA ARG L 198 -43.61 38.05 36.11
C ARG L 198 -42.73 38.28 34.88
N VAL L 199 -41.45 38.57 35.11
CA VAL L 199 -40.50 38.81 34.03
C VAL L 199 -39.32 37.88 34.18
N ILE L 200 -38.86 37.33 33.06
CA ILE L 200 -37.78 36.36 33.02
C ILE L 200 -36.58 36.98 32.33
N LEU L 201 -35.39 36.74 32.87
CA LEU L 201 -34.15 37.26 32.33
C LEU L 201 -33.26 36.12 31.85
N GLU L 202 -32.65 36.30 30.68
CA GLU L 202 -31.78 35.30 30.08
C GLU L 202 -30.57 35.98 29.45
N ARG L 203 -29.71 35.15 28.86
CA ARG L 203 -28.63 35.68 28.03
C ARG L 203 -29.15 35.96 26.64
N TYR L 204 -28.71 37.08 26.06
CA TYR L 204 -29.12 37.46 24.72
C TYR L 204 -27.96 37.26 23.75
N VAL L 205 -28.21 36.55 22.66
CA VAL L 205 -27.22 36.26 21.65
C VAL L 205 -27.55 37.05 20.39
N LYS L 206 -26.54 37.74 19.85
CA LYS L 206 -26.76 38.56 18.67
C LYS L 206 -26.92 37.68 17.42
N ARG L 207 -26.14 36.61 17.32
CA ARG L 207 -26.15 35.75 16.16
C ARG L 207 -26.45 34.31 16.56
N SER L 208 -27.02 33.56 15.62
CA SER L 208 -27.39 32.17 15.87
C SER L 208 -27.13 31.33 14.63
N ARG L 209 -26.54 30.16 14.85
CA ARG L 209 -26.20 29.24 13.79
C ARG L 209 -26.46 27.90 14.43
N HIS L 210 -27.20 27.03 13.78
CA HIS L 210 -27.58 25.76 14.39
C HIS L 210 -26.58 24.62 14.19
N ILE L 211 -26.24 23.92 15.27
CA ILE L 211 -25.36 22.76 15.13
C ILE L 211 -26.05 21.51 15.69
N GLU L 212 -25.71 20.34 15.16
CA GLU L 212 -26.33 19.09 15.57
C GLU L 212 -25.41 17.91 15.34
N CYS L 213 -24.81 17.38 16.38
CA CYS L 213 -23.89 16.26 16.30
C CYS L 213 -24.67 14.96 16.28
N GLN L 214 -24.15 13.91 15.65
CA GLN L 214 -24.83 12.59 15.67
C GLN L 214 -24.19 11.62 16.66
N ILE L 215 -24.98 10.67 17.16
CA ILE L 215 -24.47 9.72 18.14
C ILE L 215 -25.02 8.32 17.92
N PHE L 216 -24.33 7.32 18.46
CA PHE L 216 -24.75 5.93 18.27
C PHE L 216 -24.40 5.10 19.51
N PHE L 217 -25.29 4.19 19.90
CA PHE L 217 -25.05 3.40 21.11
C PHE L 217 -25.58 1.99 20.98
N ASP L 218 -24.85 1.02 21.53
CA ASP L 218 -25.32 -0.34 21.52
C ASP L 218 -26.04 -0.53 22.82
N LYS L 219 -26.33 -1.78 23.17
CA LYS L 219 -26.96 -2.08 24.45
C LYS L 219 -25.97 -2.73 25.38
N HIS L 220 -24.69 -2.64 25.05
CA HIS L 220 -23.68 -3.31 25.86
C HIS L 220 -22.73 -2.21 26.27
N GLY L 221 -23.24 -1.00 26.49
CA GLY L 221 -22.43 0.10 26.97
C GLY L 221 -21.26 0.59 26.15
N ARG L 222 -21.46 0.85 24.86
CA ARG L 222 -20.38 1.29 24.00
C ARG L 222 -20.93 2.08 22.85
N GLY L 223 -20.37 3.25 22.56
CA GLY L 223 -20.88 4.10 21.51
C GLY L 223 -19.84 5.00 20.87
N VAL L 224 -20.23 5.75 19.85
CA VAL L 224 -19.30 6.68 19.23
C VAL L 224 -19.99 7.79 18.47
N PHE L 225 -19.64 9.03 18.76
CA PHE L 225 -20.34 10.15 18.13
C PHE L 225 -19.90 10.38 16.69
N PHE L 226 -20.87 10.58 15.81
CA PHE L 226 -20.56 10.84 14.41
C PHE L 226 -20.18 12.30 14.23
N PHE L 227 -19.96 12.71 12.99
CA PHE L 227 -19.54 14.09 12.74
C PHE L 227 -20.66 15.09 12.90
N GLU L 228 -20.30 16.35 13.15
CA GLU L 228 -21.29 17.40 13.35
C GLU L 228 -22.10 17.69 12.10
N ARG L 229 -22.98 18.69 12.18
CA ARG L 229 -23.79 19.06 11.03
C ARG L 229 -24.21 20.52 11.20
N ASP L 230 -24.73 21.10 10.12
CA ASP L 230 -25.22 22.48 10.14
C ASP L 230 -26.59 22.53 9.50
N CYS L 231 -27.52 23.24 10.15
CA CYS L 231 -28.86 23.51 9.62
C CYS L 231 -29.19 25.00 9.72
N SER L 232 -28.25 25.85 9.29
CA SER L 232 -28.48 27.29 9.36
C SER L 232 -29.61 27.72 8.44
N VAL L 233 -29.71 27.11 7.27
CA VAL L 233 -30.70 27.51 6.26
C VAL L 233 -32.01 26.80 6.54
N GLN L 234 -33.04 27.55 6.90
CA GLN L 234 -34.38 27.02 7.05
C GLN L 234 -35.38 28.16 6.93
N ARG L 235 -36.48 27.91 6.23
CA ARG L 235 -37.54 28.90 6.04
C ARG L 235 -38.81 28.40 6.70
N ARG L 236 -39.37 29.21 7.59
CA ARG L 236 -40.61 28.90 8.31
C ARG L 236 -40.49 27.55 9.03
N TYR L 237 -39.34 27.34 9.67
CA TYR L 237 -39.06 26.10 10.40
C TYR L 237 -39.07 24.88 9.50
N GLN L 238 -38.73 25.05 8.23
CA GLN L 238 -38.65 23.95 7.27
C GLN L 238 -37.22 23.87 6.73
N LYS L 239 -36.63 22.68 6.81
CA LYS L 239 -35.26 22.51 6.35
C LYS L 239 -35.17 22.65 4.84
N VAL L 240 -34.14 23.37 4.39
CA VAL L 240 -34.00 23.69 2.97
C VAL L 240 -32.72 23.10 2.41
N LEU L 241 -31.57 23.53 2.95
CA LEU L 241 -30.27 23.01 2.51
C LEU L 241 -29.34 22.96 3.71
N GLU L 242 -28.53 21.90 3.78
CA GLU L 242 -27.68 21.66 4.94
C GLU L 242 -26.34 21.07 4.49
N GLU L 243 -25.37 21.13 5.40
CA GLU L 243 -24.00 20.72 5.13
C GLU L 243 -23.50 19.89 6.31
N ALA L 244 -23.08 18.66 6.05
CA ALA L 244 -22.56 17.82 7.12
C ALA L 244 -21.26 18.38 7.72
N PRO L 245 -20.23 18.77 6.92
CA PRO L 245 -19.06 19.42 7.52
C PRO L 245 -19.31 20.90 7.72
N ALA L 246 -19.44 21.27 8.98
CA ALA L 246 -19.71 22.66 9.29
C ALA L 246 -18.51 23.44 8.86
N PRO L 247 -18.67 24.22 7.78
CA PRO L 247 -17.47 24.90 7.35
C PRO L 247 -17.06 25.86 8.44
N HIS L 248 -15.77 26.19 8.52
CA HIS L 248 -15.28 27.08 9.57
C HIS L 248 -15.47 26.53 10.98
N LEU L 249 -15.17 25.26 11.18
CA LEU L 249 -15.25 24.68 12.53
C LEU L 249 -13.95 24.02 12.93
N SER L 250 -13.32 24.52 13.99
CA SER L 250 -12.02 24.00 14.40
C SER L 250 -12.10 22.54 14.84
N MET L 251 -11.07 21.78 14.55
CA MET L 251 -11.06 20.37 14.91
C MET L 251 -11.27 20.17 16.39
N GLU L 252 -10.55 20.93 17.19
CA GLU L 252 -10.64 20.79 18.64
C GLU L 252 -12.07 20.90 19.12
N THR L 253 -12.82 21.84 18.56
CA THR L 253 -14.20 22.03 18.94
C THR L 253 -14.97 20.79 18.61
N ARG L 254 -14.78 20.27 17.41
CA ARG L 254 -15.47 19.07 16.99
C ARG L 254 -15.34 18.07 18.11
N GLN L 255 -14.11 17.81 18.54
CA GLN L 255 -13.88 16.85 19.59
C GLN L 255 -14.76 17.12 20.78
N ARG L 256 -14.76 18.36 21.26
CA ARG L 256 -15.50 18.71 22.46
C ARG L 256 -17.01 18.58 22.32
N ILE L 257 -17.53 18.92 21.14
CA ILE L 257 -18.94 18.77 20.91
C ILE L 257 -19.33 17.36 21.28
N GLY L 258 -18.44 16.41 21.00
CA GLY L 258 -18.70 15.03 21.34
C GLY L 258 -18.77 14.78 22.84
N GLU L 259 -17.81 15.30 23.60
CA GLU L 259 -17.80 15.00 25.03
C GLU L 259 -19.08 15.49 25.70
N VAL L 260 -19.54 16.67 25.31
CA VAL L 260 -20.80 17.18 25.84
C VAL L 260 -21.97 16.30 25.42
N ALA L 261 -22.01 15.90 24.15
CA ALA L 261 -23.12 15.10 23.65
C ALA L 261 -23.20 13.74 24.33
N LEU L 262 -22.05 13.10 24.51
CA LEU L 262 -22.03 11.76 25.13
C LEU L 262 -22.50 11.83 26.58
N GLN L 263 -22.15 12.90 27.30
CA GLN L 263 -22.58 13.04 28.68
C GLN L 263 -24.10 13.05 28.78
N ALA L 264 -24.77 13.82 27.92
CA ALA L 264 -26.22 13.93 27.98
C ALA L 264 -26.89 12.60 27.66
N ALA L 265 -26.42 11.92 26.60
CA ALA L 265 -27.04 10.65 26.20
C ALA L 265 -26.83 9.57 27.27
N LYS L 266 -25.64 9.53 27.87
CA LYS L 266 -25.41 8.56 28.94
C LYS L 266 -26.30 8.85 30.15
N ALA L 267 -26.50 10.13 30.47
CA ALA L 267 -27.26 10.48 31.65
C ALA L 267 -28.70 9.98 31.55
N VAL L 268 -29.33 10.19 30.40
CA VAL L 268 -30.68 9.67 30.20
C VAL L 268 -30.68 8.19 29.84
N GLY L 269 -29.53 7.66 29.42
CA GLY L 269 -29.46 6.30 28.92
C GLY L 269 -29.99 6.26 27.50
N TYR L 270 -29.26 5.62 26.59
CA TYR L 270 -29.68 5.67 25.20
C TYR L 270 -29.16 4.46 24.46
N VAL L 271 -29.94 3.98 23.50
CA VAL L 271 -29.56 2.87 22.64
C VAL L 271 -29.99 3.21 21.22
N GLY L 272 -29.13 2.92 20.24
CA GLY L 272 -29.45 3.20 18.86
C GLY L 272 -28.79 4.46 18.33
N ALA L 273 -29.42 5.11 17.36
CA ALA L 273 -28.88 6.29 16.72
C ALA L 273 -29.71 7.52 17.08
N GLY L 274 -29.04 8.65 17.26
CA GLY L 274 -29.72 9.88 17.63
C GLY L 274 -28.88 11.09 17.31
N THR L 275 -29.46 12.27 17.58
CA THR L 275 -28.82 13.53 17.23
C THR L 275 -29.09 14.55 18.34
N VAL L 276 -28.01 15.23 18.77
CA VAL L 276 -28.09 16.34 19.71
C VAL L 276 -27.97 17.63 18.92
N GLU L 277 -28.87 18.57 19.18
CA GLU L 277 -28.86 19.87 18.51
C GLU L 277 -28.39 20.94 19.47
N PHE L 278 -27.54 21.83 18.99
CA PHE L 278 -27.07 22.98 19.75
C PHE L 278 -27.53 24.28 19.09
N ILE L 279 -27.25 25.38 19.77
CA ILE L 279 -27.39 26.73 19.24
C ILE L 279 -26.11 27.48 19.58
N PHE L 280 -25.60 28.25 18.62
CA PHE L 280 -24.25 28.79 18.70
C PHE L 280 -24.24 30.26 18.28
N ASP L 281 -23.45 31.06 18.98
CA ASP L 281 -23.21 32.45 18.62
C ASP L 281 -21.73 32.64 18.34
N THR L 282 -21.42 33.21 17.17
CA THR L 282 -20.03 33.42 16.80
C THR L 282 -19.36 34.42 17.72
N SER L 283 -20.08 35.49 18.09
CA SER L 283 -19.49 36.54 18.92
C SER L 283 -19.09 35.99 20.29
N THR L 284 -19.97 35.22 20.92
CA THR L 284 -19.63 34.61 22.20
C THR L 284 -18.59 33.51 22.02
N GLY L 285 -18.68 32.74 20.95
CA GLY L 285 -17.79 31.62 20.73
C GLY L 285 -18.14 30.37 21.50
N GLU L 286 -19.27 30.34 22.20
CA GLU L 286 -19.67 29.18 22.97
C GLU L 286 -20.99 28.63 22.42
N PHE L 287 -21.20 27.35 22.64
CA PHE L 287 -22.42 26.66 22.23
C PHE L 287 -23.26 26.36 23.47
N TYR L 288 -24.57 26.55 23.34
CA TYR L 288 -25.51 26.26 24.41
C TYR L 288 -26.57 25.30 23.92
N PHE L 289 -26.94 24.36 24.78
CA PHE L 289 -27.88 23.32 24.40
C PHE L 289 -29.25 23.92 24.13
N MET L 290 -29.89 23.45 23.07
CA MET L 290 -31.26 23.84 22.76
C MET L 290 -32.22 22.67 22.81
N GLU L 291 -31.97 21.61 22.03
CA GLU L 291 -32.87 20.47 22.03
C GLU L 291 -32.13 19.25 21.48
N MET L 292 -32.71 18.07 21.74
CA MET L 292 -32.23 16.81 21.21
C MET L 292 -33.42 16.05 20.67
N ASN L 293 -33.19 15.16 19.70
CA ASN L 293 -34.23 14.31 19.13
C ASN L 293 -33.81 12.85 19.32
N THR L 294 -34.71 12.05 19.89
CA THR L 294 -34.47 10.61 20.08
C THR L 294 -35.12 9.85 18.93
N ARG L 295 -34.58 10.07 17.74
CA ARG L 295 -35.14 9.52 16.51
C ARG L 295 -34.14 9.76 15.38
N LEU L 296 -34.09 8.82 14.45
CA LEU L 296 -33.26 9.01 13.27
C LEU L 296 -33.76 10.19 12.46
N GLN L 297 -32.83 11.05 12.04
CA GLN L 297 -33.19 12.23 11.27
C GLN L 297 -33.40 11.87 9.81
N VAL L 298 -33.77 12.88 9.03
CA VAL L 298 -33.92 12.72 7.58
C VAL L 298 -32.56 13.00 6.95
N GLU L 299 -31.70 13.70 7.68
CA GLU L 299 -30.41 14.14 7.17
C GLU L 299 -29.31 13.12 7.41
N HIS L 300 -29.66 11.88 7.73
CA HIS L 300 -28.65 10.85 7.96
C HIS L 300 -27.74 10.59 6.76
N PRO L 301 -28.21 10.47 5.52
CA PRO L 301 -27.27 10.13 4.44
C PRO L 301 -26.28 11.26 4.15
N VAL L 302 -26.61 12.47 4.58
CA VAL L 302 -25.73 13.61 4.35
C VAL L 302 -24.45 13.49 5.16
N THR L 303 -24.58 13.33 6.47
CA THR L 303 -23.41 13.23 7.32
C THR L 303 -22.55 12.02 6.95
N GLU L 304 -23.17 11.02 6.31
CA GLU L 304 -22.45 9.83 5.92
C GLU L 304 -21.32 10.13 4.95
N GLU L 305 -21.54 11.06 4.03
CA GLU L 305 -20.52 11.38 3.02
C GLU L 305 -19.24 11.95 3.62
N VAL L 306 -19.29 12.38 4.88
CA VAL L 306 -18.12 12.97 5.50
C VAL L 306 -17.60 12.11 6.66
N CYS L 307 -17.84 10.81 6.59
CA CYS L 307 -17.33 9.91 7.64
C CYS L 307 -17.09 8.49 7.17
N ARG L 308 -15.90 7.95 7.42
CA ARG L 308 -15.59 6.58 7.05
C ARG L 308 -15.08 5.83 8.26
N ILE L 309 -15.46 4.57 8.41
CA ILE L 309 -15.06 3.83 9.60
C ILE L 309 -14.14 2.69 9.16
N LYS L 310 -12.92 2.66 9.68
CA LYS L 310 -11.94 1.65 9.25
C LYS L 310 -11.77 1.66 7.76
N GLY L 311 -11.77 2.85 7.18
CA GLY L 311 -11.55 2.97 5.76
C GLY L 311 -12.67 2.46 4.88
N ALA L 312 -13.79 2.04 5.47
CA ALA L 312 -14.88 1.44 4.74
C ALA L 312 -16.08 2.39 4.71
N PRO L 313 -16.95 2.31 3.71
CA PRO L 313 -18.16 3.14 3.72
C PRO L 313 -19.03 2.83 4.92
N LEU L 314 -19.64 3.88 5.48
CA LEU L 314 -20.51 3.73 6.64
C LEU L 314 -21.96 3.65 6.21
N ASP L 315 -22.71 2.73 6.82
CA ASP L 315 -24.16 2.65 6.63
C ASP L 315 -24.82 2.82 7.98
N LEU L 316 -25.54 3.92 8.16
CA LEU L 316 -26.17 4.24 9.44
C LEU L 316 -27.29 3.29 9.81
N VAL L 317 -28.13 2.92 8.83
CA VAL L 317 -29.26 2.03 9.12
C VAL L 317 -28.77 0.62 9.42
N LYS L 318 -27.66 0.24 8.83
CA LYS L 318 -27.11 -1.08 9.04
C LYS L 318 -26.83 -1.31 10.48
N LEU L 319 -26.11 -0.39 11.08
CA LEU L 319 -25.73 -0.52 12.48
C LEU L 319 -26.97 -0.60 13.37
N GLN L 320 -28.00 0.17 13.04
CA GLN L 320 -29.21 0.17 13.86
C GLN L 320 -29.86 -1.20 13.88
N ILE L 321 -29.83 -1.92 12.76
CA ILE L 321 -30.26 -3.31 12.79
C ILE L 321 -29.30 -4.17 13.60
N LYS L 322 -27.99 -3.94 13.41
CA LYS L 322 -27.00 -4.66 14.19
C LYS L 322 -27.09 -4.31 15.67
N THR L 323 -27.42 -3.06 15.99
CA THR L 323 -27.69 -2.71 17.38
C THR L 323 -28.88 -3.49 17.92
N ALA L 324 -29.93 -3.61 17.12
CA ALA L 324 -31.07 -4.43 17.52
C ALA L 324 -30.69 -5.89 17.62
N MET L 325 -29.69 -6.33 16.85
CA MET L 325 -29.21 -7.70 16.94
C MET L 325 -28.69 -8.06 18.31
N GLY L 326 -28.19 -7.07 19.07
CA GLY L 326 -27.54 -7.33 20.33
C GLY L 326 -26.04 -7.48 20.24
N LYS L 327 -25.48 -7.52 19.02
CA LYS L 327 -24.04 -7.57 18.88
C LYS L 327 -23.41 -6.27 19.36
N PRO L 328 -22.19 -6.36 19.92
CA PRO L 328 -21.52 -5.13 20.33
C PRO L 328 -20.76 -4.50 19.19
N LEU L 329 -20.28 -3.28 19.37
CA LEU L 329 -19.60 -2.57 18.27
C LEU L 329 -18.26 -3.19 17.91
N THR L 330 -17.60 -2.62 16.92
CA THR L 330 -16.32 -3.14 16.51
C THR L 330 -15.31 -2.02 16.44
N PHE L 331 -15.76 -0.78 16.60
CA PHE L 331 -14.86 0.35 16.45
C PHE L 331 -14.93 1.38 17.57
N SER L 332 -13.81 2.04 17.85
CA SER L 332 -13.82 3.10 18.84
C SER L 332 -14.22 4.37 18.12
N GLN L 333 -14.22 5.50 18.82
CA GLN L 333 -14.51 6.76 18.18
C GLN L 333 -13.42 7.05 17.17
N GLU L 334 -12.24 6.48 17.39
CA GLU L 334 -11.10 6.74 16.51
C GLU L 334 -11.23 6.23 15.08
N ASP L 335 -11.63 4.97 14.90
CA ASP L 335 -11.65 4.42 13.56
C ASP L 335 -12.35 5.29 12.55
N VAL L 336 -13.17 6.23 13.02
CA VAL L 336 -13.94 7.05 12.09
C VAL L 336 -13.20 8.28 11.67
N THR L 337 -13.01 8.48 10.38
CA THR L 337 -12.37 9.69 9.91
C THR L 337 -13.17 10.39 8.81
N LEU L 338 -13.17 11.72 8.81
CA LEU L 338 -13.84 12.47 7.75
C LEU L 338 -12.99 12.60 6.50
N VAL L 339 -13.64 12.70 5.34
CA VAL L 339 -12.93 12.82 4.08
C VAL L 339 -13.78 13.64 3.14
N GLY L 340 -13.37 14.88 2.88
CA GLY L 340 -14.08 15.70 1.93
C GLY L 340 -15.30 16.39 2.52
N SER L 341 -16.10 16.96 1.60
CA SER L 341 -17.26 17.77 1.95
C SER L 341 -18.44 17.38 1.10
N CYS L 342 -19.64 17.69 1.58
CA CYS L 342 -20.89 17.41 0.87
C CYS L 342 -21.96 18.43 1.23
N ILE L 343 -22.91 18.63 0.32
CA ILE L 343 -24.03 19.55 0.51
C ILE L 343 -25.31 18.83 0.10
N GLU L 344 -26.44 19.26 0.68
CA GLU L 344 -27.74 18.65 0.42
C GLU L 344 -28.78 19.72 0.17
N ALA L 345 -29.81 19.38 -0.61
CA ALA L 345 -30.96 20.24 -0.81
C ALA L 345 -32.20 19.39 -1.00
N ARG L 346 -33.33 19.90 -0.52
CA ARG L 346 -34.63 19.22 -0.61
C ARG L 346 -35.49 19.92 -1.64
N VAL L 347 -36.18 19.12 -2.47
CA VAL L 347 -37.12 19.64 -3.45
C VAL L 347 -38.54 19.37 -2.97
N TYR L 348 -39.36 20.41 -2.98
CA TYR L 348 -40.73 20.35 -2.47
C TYR L 348 -41.71 20.66 -3.59
N ALA L 349 -42.76 19.83 -3.71
CA ALA L 349 -43.78 20.03 -4.72
C ALA L 349 -44.70 21.18 -4.31
N GLU L 350 -44.12 22.38 -4.27
CA GLU L 350 -44.85 23.58 -3.93
C GLU L 350 -44.58 24.65 -4.97
N SER L 351 -45.33 25.74 -4.89
CA SER L 351 -45.17 26.82 -5.84
C SER L 351 -44.53 27.97 -5.17
N PRO L 352 -43.34 28.32 -5.61
CA PRO L 352 -42.62 29.44 -5.00
C PRO L 352 -43.38 30.76 -5.20
N GLU L 353 -43.99 30.99 -6.35
CA GLU L 353 -44.68 32.25 -6.51
C GLU L 353 -45.83 32.41 -5.53
N ARG L 354 -46.47 31.29 -5.21
CA ARG L 354 -47.59 31.32 -4.28
C ARG L 354 -47.13 31.20 -2.84
N GLY L 355 -48.08 31.08 -1.93
CA GLY L 355 -47.76 30.96 -0.51
C GLY L 355 -47.23 29.60 -0.14
N PHE L 356 -46.26 29.10 -0.91
CA PHE L 356 -45.66 27.77 -0.75
C PHE L 356 -46.70 26.71 -0.39
N LEU L 357 -47.81 26.73 -1.15
CA LEU L 357 -48.93 25.83 -0.96
C LEU L 357 -48.72 24.54 -1.74
N PRO L 358 -48.85 23.38 -1.12
CA PRO L 358 -48.65 22.12 -1.84
C PRO L 358 -49.67 21.95 -2.97
N GLU L 359 -49.24 21.28 -4.04
CA GLU L 359 -50.10 20.97 -5.17
C GLU L 359 -50.04 19.47 -5.46
N SER L 360 -51.18 18.93 -5.86
CA SER L 360 -51.31 17.52 -6.18
C SER L 360 -51.66 17.36 -7.65
N GLY L 361 -50.92 16.50 -8.34
CA GLY L 361 -51.13 16.25 -9.75
C GLY L 361 -50.29 15.11 -10.26
N PRO L 362 -50.69 14.52 -11.38
CA PRO L 362 -49.92 13.41 -11.94
C PRO L 362 -48.53 13.86 -12.38
N LEU L 363 -47.59 12.94 -12.32
CA LEU L 363 -46.20 13.22 -12.69
C LEU L 363 -46.01 12.85 -14.16
N THR L 364 -45.90 13.86 -15.02
CA THR L 364 -45.82 13.62 -16.46
C THR L 364 -44.45 13.13 -16.88
N PHE L 365 -43.42 13.97 -16.80
CA PHE L 365 -42.08 13.53 -17.18
C PHE L 365 -41.09 13.95 -16.11
N ILE L 366 -40.24 13.01 -15.72
CA ILE L 366 -39.29 13.19 -14.62
C ILE L 366 -37.90 12.91 -15.19
N ARG L 367 -37.11 13.96 -15.39
CA ARG L 367 -35.72 13.77 -15.75
C ARG L 367 -34.94 13.28 -14.54
N GLU L 368 -33.98 12.39 -14.80
CA GLU L 368 -33.16 11.87 -13.73
C GLU L 368 -31.72 12.30 -13.91
N PRO L 369 -31.16 13.06 -12.98
CA PRO L 369 -29.76 13.49 -13.11
C PRO L 369 -28.81 12.30 -13.07
N PHE L 370 -27.68 12.46 -13.73
CA PHE L 370 -26.65 11.43 -13.72
C PHE L 370 -26.19 11.18 -12.30
N GLN L 371 -26.49 9.99 -11.79
CA GLN L 371 -26.19 9.63 -10.40
C GLN L 371 -24.85 8.90 -10.28
N GLY L 372 -23.98 9.14 -11.25
CA GLY L 372 -22.68 8.48 -11.25
C GLY L 372 -21.49 9.38 -10.97
N VAL L 373 -20.34 8.76 -10.70
CA VAL L 373 -19.15 9.52 -10.36
C VAL L 373 -18.45 10.07 -11.56
N ARG L 374 -17.99 11.31 -11.45
CA ARG L 374 -17.21 11.89 -12.52
C ARG L 374 -16.51 13.12 -12.00
N GLY L 375 -15.33 13.39 -12.52
CA GLY L 375 -14.56 14.52 -12.05
C GLY L 375 -14.22 14.31 -10.59
N PRO L 376 -14.06 15.41 -9.85
CA PRO L 376 -13.77 15.32 -8.43
C PRO L 376 -15.00 15.44 -7.57
N ALA L 377 -16.00 14.60 -7.81
CA ALA L 377 -17.25 14.74 -7.06
C ALA L 377 -18.21 13.59 -7.19
N ARG L 378 -18.95 13.32 -6.12
CA ARG L 378 -19.99 12.31 -6.22
C ARG L 378 -21.35 12.96 -6.02
N THR L 379 -22.27 12.67 -6.92
CA THR L 379 -23.62 13.23 -6.87
C THR L 379 -24.62 12.09 -6.92
N ARG L 380 -25.59 12.11 -6.01
CA ARG L 380 -26.60 11.08 -5.95
C ARG L 380 -27.97 11.73 -5.79
N LEU L 381 -28.99 10.99 -6.20
CA LEU L 381 -30.38 11.42 -6.04
C LEU L 381 -31.19 10.26 -5.47
N ASP L 382 -31.98 10.55 -4.45
CA ASP L 382 -32.91 9.59 -3.87
C ASP L 382 -34.32 10.15 -3.98
N THR L 383 -35.18 9.44 -4.69
CA THR L 383 -36.55 9.90 -4.89
C THR L 383 -37.53 8.81 -4.47
N GLY L 384 -38.62 9.23 -3.83
CA GLY L 384 -39.64 8.31 -3.38
C GLY L 384 -40.80 8.22 -4.35
N PHE L 385 -40.62 8.79 -5.54
CA PHE L 385 -41.63 8.78 -6.59
C PHE L 385 -40.96 8.49 -7.92
N ARG L 386 -41.75 7.99 -8.87
CA ARG L 386 -41.26 7.67 -10.20
C ARG L 386 -42.28 8.14 -11.23
N GLU L 387 -42.03 7.77 -12.48
CA GLU L 387 -42.94 8.15 -13.57
C GLU L 387 -44.29 7.46 -13.38
N GLY L 388 -45.35 8.17 -13.77
CA GLY L 388 -46.69 7.64 -13.64
C GLY L 388 -47.30 7.77 -12.27
N ASP L 389 -46.55 8.30 -11.29
CA ASP L 389 -47.06 8.44 -9.94
C ASP L 389 -47.78 9.78 -9.79
N ASN L 390 -48.57 9.90 -8.73
CA ASN L 390 -49.33 11.11 -8.45
C ASN L 390 -49.12 11.52 -7.00
N VAL L 391 -48.97 12.83 -6.78
CA VAL L 391 -48.73 13.35 -5.45
C VAL L 391 -50.03 13.37 -4.65
N LEU L 392 -49.96 12.93 -3.39
CA LEU L 392 -51.10 12.92 -2.50
C LEU L 392 -51.06 14.18 -1.64
N ILE L 393 -52.21 14.84 -1.51
CA ILE L 393 -52.28 16.07 -0.72
C ILE L 393 -52.13 15.78 0.77
N HIS L 394 -52.56 14.60 1.21
CA HIS L 394 -52.44 14.25 2.63
C HIS L 394 -50.98 14.22 3.06
N TYR L 395 -50.11 13.66 2.23
CA TYR L 395 -48.70 13.61 2.57
C TYR L 395 -48.05 14.99 2.39
N ASP L 396 -46.87 15.15 2.97
CA ASP L 396 -46.11 16.37 2.77
C ASP L 396 -45.56 16.40 1.34
N PRO L 397 -45.36 17.59 0.77
CA PRO L 397 -44.75 17.65 -0.56
C PRO L 397 -43.25 17.40 -0.51
N MET L 398 -42.82 16.21 -0.93
CA MET L 398 -41.40 15.84 -0.85
C MET L 398 -41.10 14.89 -1.99
N LEU L 399 -40.29 15.34 -2.93
CA LEU L 399 -39.99 14.56 -4.13
C LEU L 399 -38.70 13.76 -3.99
N ALA L 400 -37.59 14.45 -3.77
CA ALA L 400 -36.28 13.81 -3.84
C ALA L 400 -35.27 14.62 -3.04
N LYS L 401 -34.12 14.00 -2.79
CA LYS L 401 -32.99 14.64 -2.12
C LYS L 401 -31.76 14.48 -2.99
N VAL L 402 -31.01 15.56 -3.15
CA VAL L 402 -29.80 15.55 -3.97
C VAL L 402 -28.62 15.94 -3.10
N ILE L 403 -27.55 15.14 -3.16
CA ILE L 403 -26.37 15.31 -2.32
C ILE L 403 -25.14 15.26 -3.21
N SER L 404 -24.21 16.20 -3.00
CA SER L 404 -22.99 16.29 -3.80
C SER L 404 -21.77 16.15 -2.89
N TRP L 405 -21.30 14.93 -2.72
CA TRP L 405 -20.04 14.67 -2.04
C TRP L 405 -18.86 15.11 -2.89
N GLY L 406 -17.82 15.62 -2.22
CA GLY L 406 -16.64 16.07 -2.92
C GLY L 406 -15.43 16.06 -2.01
N ARG L 407 -14.26 16.18 -2.63
CA ARG L 407 -13.02 16.30 -1.86
C ARG L 407 -12.86 17.71 -1.27
N SER L 408 -13.45 18.72 -1.90
CA SER L 408 -13.46 20.06 -1.35
C SER L 408 -14.86 20.65 -1.48
N ARG L 409 -15.14 21.63 -0.64
CA ARG L 409 -16.43 22.26 -0.64
C ARG L 409 -16.79 22.80 -2.00
N GLU L 410 -15.84 23.44 -2.64
CA GLU L 410 -16.10 24.03 -3.93
C GLU L 410 -16.64 23.00 -4.87
N GLU L 411 -15.94 21.88 -4.97
CA GLU L 411 -16.38 20.84 -5.87
C GLU L 411 -17.79 20.43 -5.57
N ALA L 412 -18.09 20.26 -4.30
CA ALA L 412 -19.43 19.85 -3.92
C ALA L 412 -20.46 20.89 -4.35
N LEU L 413 -20.25 22.16 -4.02
CA LEU L 413 -21.25 23.16 -4.35
C LEU L 413 -21.40 23.26 -5.86
N ARG L 414 -20.28 23.23 -6.57
CA ARG L 414 -20.35 23.37 -8.01
C ARG L 414 -21.10 22.19 -8.59
N GLY L 415 -20.87 21.02 -8.05
CA GLY L 415 -21.53 19.86 -8.56
C GLY L 415 -23.01 20.01 -8.48
N LEU L 416 -23.51 20.39 -7.31
CA LEU L 416 -24.94 20.49 -7.15
C LEU L 416 -25.48 21.40 -8.20
N ARG L 417 -24.90 22.59 -8.33
CA ARG L 417 -25.43 23.56 -9.26
C ARG L 417 -25.85 22.87 -10.54
N GLN L 418 -24.91 22.17 -11.16
CA GLN L 418 -25.23 21.53 -12.43
C GLN L 418 -26.31 20.47 -12.28
N ALA L 419 -26.24 19.67 -11.22
CA ALA L 419 -27.24 18.66 -11.04
C ALA L 419 -28.59 19.31 -10.81
N LEU L 420 -28.66 20.27 -9.92
CA LEU L 420 -29.95 20.87 -9.61
C LEU L 420 -30.52 21.36 -10.91
N GLY L 421 -29.69 21.94 -11.74
CA GLY L 421 -30.17 22.38 -13.02
C GLY L 421 -30.69 21.23 -13.86
N GLU L 422 -29.96 20.13 -13.94
CA GLU L 422 -30.35 19.02 -14.82
C GLU L 422 -31.67 18.32 -14.51
N TYR L 423 -31.95 18.04 -13.24
CA TYR L 423 -33.17 17.35 -12.84
C TYR L 423 -34.37 18.15 -13.28
N LYS L 424 -35.34 17.50 -13.91
CA LYS L 424 -36.50 18.21 -14.44
C LYS L 424 -37.78 17.44 -14.19
N VAL L 425 -38.81 18.15 -13.78
CA VAL L 425 -40.09 17.52 -13.56
C VAL L 425 -41.13 18.34 -14.28
N ALA L 426 -42.09 17.68 -14.91
CA ALA L 426 -43.16 18.42 -15.57
C ALA L 426 -44.48 18.01 -14.98
N GLY L 427 -45.33 18.98 -14.70
CA GLY L 427 -46.66 18.68 -14.21
C GLY L 427 -47.06 19.50 -12.99
N ILE L 428 -46.12 19.75 -12.09
CA ILE L 428 -46.38 20.56 -10.90
C ILE L 428 -45.22 21.52 -10.71
N ASN L 429 -45.55 22.77 -10.37
CA ASN L 429 -44.54 23.75 -10.06
C ASN L 429 -43.74 23.32 -8.83
N THR L 430 -42.45 23.59 -8.85
CA THR L 430 -41.54 23.20 -7.77
C THR L 430 -40.69 24.40 -7.39
N ASN L 431 -39.97 24.26 -6.28
CA ASN L 431 -39.09 25.30 -5.75
C ASN L 431 -37.66 25.14 -6.25
N ILE L 432 -37.46 24.28 -7.25
CA ILE L 432 -36.12 24.01 -7.75
C ILE L 432 -35.47 25.27 -8.29
N GLU L 433 -36.26 26.14 -8.91
CA GLU L 433 -35.74 27.43 -9.35
C GLU L 433 -35.29 28.28 -8.17
N PHE L 434 -36.04 28.21 -7.06
CA PHE L 434 -35.65 28.97 -5.87
C PHE L 434 -34.30 28.52 -5.32
N LEU L 435 -34.10 27.21 -5.24
CA LEU L 435 -32.87 26.70 -4.64
C LEU L 435 -31.65 27.12 -5.46
N LYS L 436 -31.76 27.08 -6.78
CA LYS L 436 -30.66 27.52 -7.64
C LYS L 436 -30.39 29.01 -7.44
N ARG L 437 -31.45 29.81 -7.31
CA ARG L 437 -31.28 31.22 -7.01
C ARG L 437 -30.64 31.41 -5.64
N CYS L 438 -30.92 30.50 -4.71
CA CYS L 438 -30.30 30.56 -3.39
C CYS L 438 -28.81 30.23 -3.46
N CYS L 439 -28.38 29.59 -4.54
CA CYS L 439 -27.00 29.10 -4.63
C CYS L 439 -26.11 30.00 -5.48
N GLU L 440 -26.66 30.68 -6.48
CA GLU L 440 -25.81 31.45 -7.39
C GLU L 440 -25.44 32.82 -6.80
N THR L 441 -26.44 33.71 -6.67
CA THR L 441 -26.13 35.08 -6.27
C THR L 441 -25.69 35.20 -4.83
N PRO L 442 -26.34 34.58 -3.84
CA PRO L 442 -25.87 34.73 -2.45
C PRO L 442 -24.45 34.24 -2.31
N GLU L 443 -23.60 35.09 -1.72
CA GLU L 443 -22.21 34.74 -1.49
C GLU L 443 -22.08 33.94 -0.21
N PHE L 444 -22.84 32.85 -0.11
CA PHE L 444 -22.72 31.93 1.01
C PHE L 444 -21.71 30.82 0.71
N ALA L 445 -21.06 30.86 -0.46
CA ALA L 445 -19.94 29.98 -0.72
C ALA L 445 -18.81 30.19 0.28
N ARG L 446 -18.77 31.35 0.92
CA ARG L 446 -17.82 31.58 2.00
C ARG L 446 -18.03 30.60 3.15
N GLY L 447 -19.30 30.33 3.49
CA GLY L 447 -19.63 29.36 4.51
C GLY L 447 -20.25 29.92 5.77
N GLY L 448 -20.42 31.24 5.87
CA GLY L 448 -21.03 31.81 7.05
C GLY L 448 -22.45 32.29 6.83
N VAL L 449 -23.42 31.51 7.30
CA VAL L 449 -24.84 31.85 7.17
C VAL L 449 -25.50 31.65 8.52
N THR L 450 -26.35 32.61 8.90
CA THR L 450 -27.02 32.57 10.19
C THR L 450 -28.36 31.85 10.07
N THR L 451 -29.03 31.70 11.22
CA THR L 451 -30.33 31.03 11.24
C THR L 451 -31.36 31.82 10.44
N ASN L 452 -31.32 33.15 10.54
CA ASN L 452 -32.20 34.04 9.80
C ASN L 452 -31.65 34.44 8.45
N PHE L 453 -30.70 33.68 7.90
CA PHE L 453 -30.06 34.04 6.63
C PHE L 453 -31.08 34.20 5.50
N ILE L 454 -32.14 33.40 5.52
CA ILE L 454 -33.11 33.47 4.44
C ILE L 454 -33.92 34.76 4.49
N SER L 455 -34.11 35.32 5.70
CA SER L 455 -35.05 36.42 5.87
C SER L 455 -34.60 37.67 5.13
N GLU L 456 -33.31 38.00 5.20
CA GLU L 456 -32.88 39.29 4.65
C GLU L 456 -32.80 39.29 3.14
N HIS L 457 -32.49 38.16 2.51
CA HIS L 457 -32.27 38.12 1.07
C HIS L 457 -33.53 37.74 0.30
N GLU L 458 -34.71 37.94 0.89
CA GLU L 458 -35.95 37.57 0.21
C GLU L 458 -36.21 38.46 -1.00
N SER L 459 -35.70 39.69 -0.97
CA SER L 459 -35.87 40.57 -2.11
C SER L 459 -35.06 40.05 -3.29
N GLN L 460 -33.83 39.64 -3.01
CA GLN L 460 -32.96 39.14 -4.07
C GLN L 460 -33.52 37.88 -4.69
N LEU L 461 -34.09 37.01 -3.87
CA LEU L 461 -34.58 35.72 -4.38
C LEU L 461 -35.99 35.81 -4.99
N LEU L 462 -36.66 34.67 -5.07
CA LEU L 462 -38.00 34.61 -5.65
C LEU L 462 -38.01 35.18 -7.07
N LYS L 463 -36.92 34.95 -7.80
CA LYS L 463 -36.73 35.51 -9.14
C LYS L 463 -36.48 34.38 -10.13
N SER L 464 -37.13 34.48 -11.29
CA SER L 464 -37.11 33.46 -12.33
C SER L 464 -36.79 34.11 -13.67
N PRO L 465 -36.31 33.33 -14.64
CA PRO L 465 -36.00 33.90 -15.95
C PRO L 465 -37.25 34.44 -16.65
N VAL L 466 -37.02 35.46 -17.46
CA VAL L 466 -38.10 36.14 -18.19
C VAL L 466 -38.45 35.33 -19.42
N VAL L 467 -39.74 35.10 -19.64
CA VAL L 467 -40.19 34.35 -20.80
C VAL L 467 -39.98 35.22 -22.04
N THR L 468 -38.99 34.86 -22.85
CA THR L 468 -38.69 35.58 -24.08
C THR L 468 -39.79 35.33 -25.11
N PRO L 469 -40.00 36.27 -26.04
CA PRO L 469 -41.04 36.06 -27.05
C PRO L 469 -40.83 34.81 -27.89
N GLU L 470 -39.58 34.33 -28.00
CA GLU L 470 -39.32 33.09 -28.71
C GLU L 470 -39.94 31.90 -27.99
N VAL L 471 -39.87 31.87 -26.66
CA VAL L 471 -40.40 30.72 -25.92
C VAL L 471 -41.86 30.51 -26.26
N ALA L 472 -42.62 31.59 -26.43
CA ALA L 472 -44.01 31.45 -26.84
C ALA L 472 -44.14 30.77 -28.19
N ALA L 473 -43.17 31.00 -29.08
CA ALA L 473 -43.26 30.43 -30.42
C ALA L 473 -43.20 28.92 -30.39
N MET L 474 -42.22 28.34 -29.69
CA MET L 474 -42.16 26.88 -29.58
C MET L 474 -43.30 26.33 -28.74
N ALA L 475 -43.65 27.02 -27.64
CA ALA L 475 -44.76 26.55 -26.81
C ALA L 475 -46.07 26.57 -27.58
N ALA L 476 -46.35 27.66 -28.29
CA ALA L 476 -47.60 27.75 -29.04
C ALA L 476 -47.66 26.70 -30.13
N THR L 477 -46.56 26.50 -30.85
CA THR L 477 -46.55 25.55 -31.96
C THR L 477 -46.83 24.14 -31.45
N ALA L 478 -46.26 23.77 -30.30
CA ALA L 478 -46.41 22.40 -29.80
C ALA L 478 -47.86 22.06 -29.50
N TRP L 479 -48.62 23.02 -28.96
CA TRP L 479 -50.00 22.74 -28.59
C TRP L 479 -50.84 22.36 -29.81
N LEU L 480 -50.64 23.06 -30.91
CA LEU L 480 -51.36 22.69 -32.10
C LEU L 480 -50.91 21.30 -32.49
N LEU L 481 -49.68 21.19 -32.99
CA LEU L 481 -49.22 19.91 -33.50
C LEU L 481 -49.41 18.78 -32.50
N ASN L 482 -49.32 19.07 -31.22
CA ASN L 482 -49.43 17.98 -30.27
C ASN L 482 -50.88 17.82 -29.93
N ARG L 483 -51.74 18.23 -30.84
CA ARG L 483 -53.15 18.02 -30.62
C ARG L 483 -53.78 17.57 -31.92
N CYS L 484 -53.30 18.09 -33.05
CA CYS L 484 -53.94 17.76 -34.32
C CYS L 484 -53.06 17.96 -35.53
N ASP L 485 -53.67 17.98 -36.71
CA ASP L 485 -52.91 18.16 -37.94
C ASP L 485 -52.92 19.61 -38.38
N ASN L 486 -53.00 20.54 -37.44
CA ASN L 486 -52.92 21.95 -37.80
C ASN L 486 -51.68 22.11 -38.65
N TRP L 487 -51.78 22.87 -39.73
CA TRP L 487 -50.59 23.13 -40.56
C TRP L 487 -50.13 21.86 -41.23
N ARG L 488 -50.96 20.82 -41.21
CA ARG L 488 -50.62 19.58 -41.88
C ARG L 488 -51.65 19.29 -42.96
N GLY L 489 -51.23 19.36 -44.22
CA GLY L 489 -52.15 19.13 -45.31
C GLY L 489 -53.06 20.33 -45.54
N ALA L 490 -52.81 21.41 -44.83
CA ALA L 490 -53.61 22.62 -44.97
C ALA L 490 -53.49 23.21 -46.38
N PHE L 491 -54.55 23.82 -46.87
CA PHE L 491 -54.53 24.39 -48.21
C PHE L 491 -55.66 25.38 -48.43
N ARG L 492 -55.35 26.52 -49.04
CA ARG L 492 -56.39 27.49 -49.38
C ARG L 492 -56.18 27.95 -50.82
N LEU L 493 -56.93 28.95 -51.27
CA LEU L 493 -56.82 29.40 -52.65
C LEU L 493 -56.26 30.81 -52.79
N ASN L 494 -55.25 30.98 -53.63
CA ASN L 494 -54.67 32.29 -53.87
C ASN L 494 -54.46 33.07 -52.57
N SER L 495 -54.28 32.35 -51.47
CA SER L 495 -54.07 33.01 -50.19
C SER L 495 -53.01 32.27 -49.39
N ASP L 496 -52.94 32.52 -48.09
CA ASP L 496 -51.98 31.81 -47.25
C ASP L 496 -52.64 31.46 -45.93
N THR L 497 -52.08 30.50 -45.23
CA THR L 497 -52.71 30.03 -44.00
C THR L 497 -52.57 30.96 -42.80
N ASN L 498 -53.39 30.77 -41.78
CA ASN L 498 -53.26 31.53 -40.54
C ASN L 498 -53.92 30.76 -39.42
N ALA L 499 -53.26 30.73 -38.26
CA ALA L 499 -53.81 30.11 -37.06
C ALA L 499 -53.17 30.78 -35.85
N THR L 500 -53.99 31.01 -34.82
CA THR L 500 -53.60 31.81 -33.68
C THR L 500 -53.83 31.06 -32.39
N VAL L 501 -53.03 31.38 -31.38
CA VAL L 501 -53.12 30.80 -30.05
C VAL L 501 -53.15 31.94 -29.04
N HIS L 502 -54.00 31.80 -28.03
CA HIS L 502 -54.10 32.80 -26.96
C HIS L 502 -53.54 32.22 -25.66
N PHE L 503 -52.55 32.92 -25.10
CA PHE L 503 -51.93 32.55 -23.84
C PHE L 503 -52.35 33.53 -22.75
N TYR L 504 -52.70 33.00 -21.59
CA TYR L 504 -53.04 33.85 -20.45
C TYR L 504 -51.83 33.96 -19.51
N ILE L 505 -50.79 34.62 -20.02
CA ILE L 505 -49.58 34.84 -19.22
C ILE L 505 -49.88 35.88 -18.14
N ASP L 506 -49.59 35.51 -16.89
CA ASP L 506 -49.85 36.37 -15.72
C ASP L 506 -51.33 36.72 -15.74
N ASP L 507 -51.71 37.99 -15.64
CA ASP L 507 -53.10 38.40 -15.70
C ASP L 507 -53.44 39.13 -16.99
N HIS L 508 -52.59 39.00 -18.02
CA HIS L 508 -52.75 39.68 -19.28
C HIS L 508 -52.80 38.67 -20.42
N PRO L 509 -53.90 38.63 -21.19
CA PRO L 509 -53.94 37.69 -22.31
C PRO L 509 -52.85 37.99 -23.33
N VAL L 510 -52.31 36.92 -23.92
CA VAL L 510 -51.25 37.01 -24.91
C VAL L 510 -51.71 36.30 -26.17
N GLU L 511 -51.56 36.96 -27.32
CA GLU L 511 -51.93 36.40 -28.61
C GLU L 511 -50.68 36.17 -29.44
N VAL L 512 -50.58 34.99 -30.04
CA VAL L 512 -49.49 34.66 -30.95
C VAL L 512 -50.11 34.16 -32.25
N ARG L 513 -49.61 34.68 -33.38
CA ARG L 513 -50.14 34.34 -34.69
C ARG L 513 -49.05 33.66 -35.52
N LEU L 514 -49.40 32.56 -36.17
CA LEU L 514 -48.49 31.79 -36.99
C LEU L 514 -49.08 31.61 -38.37
N HIS L 515 -48.25 31.75 -39.40
CA HIS L 515 -48.69 31.66 -40.78
C HIS L 515 -47.54 31.21 -41.66
N THR L 516 -47.86 30.82 -42.89
CA THR L 516 -46.87 30.29 -43.83
C THR L 516 -46.99 31.00 -45.18
N GLU L 517 -45.86 31.04 -45.88
CA GLU L 517 -45.79 31.58 -47.23
C GLU L 517 -45.13 30.55 -48.14
N GLY L 518 -45.60 30.46 -49.38
CA GLY L 518 -45.12 29.45 -50.29
C GLY L 518 -45.90 28.15 -50.17
N ALA L 519 -45.28 27.09 -50.66
CA ALA L 519 -45.90 25.80 -50.55
C ALA L 519 -45.21 25.09 -49.41
N ASN L 520 -44.70 25.84 -48.43
CA ASN L 520 -43.92 25.20 -47.37
C ASN L 520 -44.54 25.07 -46.01
N TYR L 521 -44.69 23.84 -45.53
CA TYR L 521 -45.15 23.66 -44.16
C TYR L 521 -43.94 24.00 -43.38
N HIS L 522 -42.75 23.76 -43.95
CA HIS L 522 -41.52 23.98 -43.17
C HIS L 522 -41.28 25.44 -42.81
N LYS L 523 -41.37 26.34 -43.78
CA LYS L 523 -41.09 27.75 -43.51
C LYS L 523 -42.22 28.35 -42.71
N ILE L 524 -41.91 28.78 -41.48
CA ILE L 524 -42.95 29.33 -40.61
C ILE L 524 -42.49 30.64 -39.97
N PHE L 525 -43.45 31.51 -39.66
CA PHE L 525 -43.11 32.80 -39.07
C PHE L 525 -43.83 32.97 -37.74
N PHE L 526 -43.73 34.17 -37.15
CA PHE L 526 -44.37 34.41 -35.87
C PHE L 526 -44.39 35.91 -35.60
N SER L 527 -45.38 36.33 -34.79
CA SER L 527 -45.49 37.72 -34.41
C SER L 527 -46.14 37.76 -33.02
N VAL L 528 -45.30 37.92 -32.00
CA VAL L 528 -45.76 38.04 -30.62
C VAL L 528 -45.11 39.28 -30.02
N TRP L 529 -45.92 40.08 -29.32
CA TRP L 529 -45.47 41.33 -28.70
C TRP L 529 -44.79 42.24 -29.72
N ASP L 530 -45.36 42.28 -30.92
CA ASP L 530 -44.88 43.13 -32.01
C ASP L 530 -43.43 42.78 -32.40
N HIS L 531 -43.09 41.50 -32.30
CA HIS L 531 -41.78 41.01 -32.71
C HIS L 531 -41.97 39.91 -33.74
N ASP L 532 -41.32 40.06 -34.90
CA ASP L 532 -41.52 39.16 -36.02
C ASP L 532 -40.20 38.53 -36.44
N GLY L 533 -40.30 37.28 -36.89
CA GLY L 533 -39.14 36.55 -37.36
C GLY L 533 -39.59 35.34 -38.15
N SER L 534 -38.61 34.51 -38.51
CA SER L 534 -38.88 33.29 -39.25
C SER L 534 -38.11 32.14 -38.61
N PHE L 535 -38.65 30.94 -38.74
CA PHE L 535 -37.93 29.75 -38.33
C PHE L 535 -38.47 28.54 -39.08
N GLU L 536 -37.78 27.44 -38.96
CA GLU L 536 -38.30 26.24 -39.54
C GLU L 536 -38.42 25.35 -38.36
N VAL L 537 -39.21 24.32 -38.48
CA VAL L 537 -39.47 23.37 -37.41
C VAL L 537 -39.57 21.97 -37.98
N CYS L 538 -38.89 21.02 -37.35
CA CYS L 538 -38.95 19.62 -37.71
C CYS L 538 -39.32 18.82 -36.47
N SER L 539 -40.41 18.06 -36.55
CA SER L 539 -40.97 17.37 -35.39
C SER L 539 -40.31 16.01 -35.24
N GLY L 540 -40.88 15.15 -34.40
CA GLY L 540 -40.40 13.80 -34.22
C GLY L 540 -41.49 12.78 -34.47
N PRO L 541 -41.33 11.58 -33.92
CA PRO L 541 -42.40 10.57 -34.02
C PRO L 541 -43.67 11.03 -33.33
N VAL L 542 -44.82 10.67 -33.91
CA VAL L 542 -46.09 11.00 -33.28
C VAL L 542 -46.42 9.96 -32.21
N THR L 543 -46.76 10.44 -31.02
CA THR L 543 -47.00 9.58 -29.87
C THR L 543 -48.23 10.03 -29.12
N SER L 544 -48.79 9.11 -28.34
CA SER L 544 -49.94 9.35 -27.48
C SER L 544 -51.16 9.79 -28.29
N LYS L 545 -51.62 8.87 -29.15
CA LYS L 545 -52.82 9.14 -29.94
C LYS L 545 -54.05 9.31 -29.06
N HIS L 546 -54.06 8.68 -27.87
CA HIS L 546 -55.24 8.74 -27.00
C HIS L 546 -55.42 10.14 -26.42
N ARG L 547 -54.35 10.93 -26.41
CA ARG L 547 -54.33 12.31 -25.87
C ARG L 547 -55.13 12.43 -24.58
N ASP L 548 -54.69 11.67 -23.58
CA ASP L 548 -55.30 11.68 -22.25
C ASP L 548 -54.78 12.86 -21.44
N GLN L 549 -54.99 12.81 -20.12
CA GLN L 549 -54.52 13.89 -19.25
C GLN L 549 -53.02 14.13 -19.42
N LYS L 550 -52.25 13.06 -19.59
CA LYS L 550 -50.82 13.23 -19.86
C LYS L 550 -50.59 13.84 -21.23
N SER L 551 -51.50 13.57 -22.17
CA SER L 551 -51.48 14.13 -23.54
C SER L 551 -50.22 13.61 -24.24
N ILE L 552 -49.56 14.44 -25.04
CA ILE L 552 -48.53 14.00 -25.96
C ILE L 552 -47.19 14.57 -25.51
N VAL L 553 -46.19 13.70 -25.41
CA VAL L 553 -44.82 14.08 -25.07
C VAL L 553 -43.95 13.79 -26.29
N ASN L 554 -43.52 14.84 -26.99
CA ASN L 554 -42.70 14.67 -28.16
C ASN L 554 -41.56 15.68 -28.15
N ASP L 555 -40.46 15.29 -28.81
CA ASP L 555 -39.31 16.15 -28.99
C ASP L 555 -39.52 16.99 -30.23
N PHE L 556 -39.02 18.22 -30.20
CA PHE L 556 -39.15 19.14 -31.33
C PHE L 556 -37.79 19.75 -31.63
N THR L 557 -37.64 20.20 -32.88
CA THR L 557 -36.43 20.89 -33.32
C THR L 557 -36.84 22.20 -33.96
N PHE L 558 -36.19 23.32 -33.64
CA PHE L 558 -36.59 24.53 -34.30
C PHE L 558 -35.40 25.27 -34.88
N LEU L 559 -35.36 25.45 -36.18
CA LEU L 559 -34.29 26.22 -36.76
C LEU L 559 -34.74 27.64 -37.08
N PHE L 560 -34.43 28.59 -36.22
CA PHE L 560 -34.78 29.97 -36.48
C PHE L 560 -33.83 30.55 -37.51
N GLU L 561 -34.29 31.54 -38.25
CA GLU L 561 -33.48 32.11 -39.33
C GLU L 561 -32.13 32.65 -38.89
N ASN L 562 -32.09 33.34 -37.76
CA ASN L 562 -30.84 33.93 -37.31
C ASN L 562 -29.77 32.89 -37.46
N GLY L 563 -30.06 31.66 -37.04
CA GLY L 563 -29.11 30.57 -37.22
C GLY L 563 -29.16 29.53 -36.15
N MET L 564 -29.89 29.79 -35.08
CA MET L 564 -29.85 28.84 -33.98
C MET L 564 -30.61 27.55 -34.26
N HIS L 565 -30.73 26.70 -33.26
CA HIS L 565 -31.47 25.47 -33.40
C HIS L 565 -31.80 25.12 -31.98
N HIS L 566 -32.90 24.41 -31.76
CA HIS L 566 -33.31 24.10 -30.41
C HIS L 566 -33.98 22.74 -30.36
N THR L 567 -33.99 22.12 -29.18
CA THR L 567 -34.70 20.86 -29.03
C THR L 567 -35.63 20.97 -27.86
N VAL L 568 -36.91 20.66 -28.05
CA VAL L 568 -37.88 20.86 -26.98
C VAL L 568 -38.86 19.72 -26.79
N LEU L 569 -38.84 19.09 -25.62
CA LEU L 569 -39.75 17.99 -25.31
C LEU L 569 -41.02 18.57 -24.75
N ALA L 570 -42.08 18.66 -25.55
CA ALA L 570 -43.28 19.32 -25.08
C ALA L 570 -44.46 18.45 -24.71
N VAL L 571 -44.83 18.42 -23.44
CA VAL L 571 -46.01 17.69 -23.01
C VAL L 571 -47.11 18.71 -22.91
N ALA L 572 -47.95 18.82 -23.93
CA ALA L 572 -48.94 19.88 -23.95
C ALA L 572 -50.34 19.44 -23.61
N THR L 573 -51.07 20.22 -22.83
CA THR L 573 -52.46 19.86 -22.62
C THR L 573 -53.32 21.09 -22.86
N GLU L 574 -54.64 20.90 -22.74
CA GLU L 574 -55.56 22.02 -22.93
C GLU L 574 -55.33 23.08 -21.85
N GLY L 575 -55.00 22.67 -20.64
CA GLY L 575 -54.78 23.63 -19.56
C GLY L 575 -53.53 24.46 -19.76
N ASP L 576 -52.44 23.83 -20.21
CA ASP L 576 -51.17 24.53 -20.28
C ASP L 576 -50.26 23.84 -21.27
N VAL L 577 -49.21 24.54 -21.66
CA VAL L 577 -48.14 24.01 -22.51
C VAL L 577 -46.84 24.12 -21.74
N THR L 578 -46.15 22.99 -21.57
CA THR L 578 -44.89 22.94 -20.85
C THR L 578 -43.77 22.65 -21.83
N VAL L 579 -42.75 23.50 -21.82
CA VAL L 579 -41.58 23.37 -22.69
C VAL L 579 -40.34 23.28 -21.82
N ILE L 580 -39.51 22.27 -22.10
CA ILE L 580 -38.28 22.04 -21.36
C ILE L 580 -37.13 22.00 -22.36
N GLY L 581 -36.09 22.77 -22.09
CA GLY L 581 -34.93 22.82 -22.95
C GLY L 581 -33.81 23.55 -22.27
N SER L 582 -32.82 23.96 -23.08
CA SER L 582 -31.64 24.65 -22.53
C SER L 582 -32.03 25.96 -21.86
N PHE L 583 -33.17 26.54 -22.25
CA PHE L 583 -33.67 27.73 -21.56
C PHE L 583 -34.05 27.41 -20.14
N GLY L 584 -34.51 26.20 -19.87
CA GLY L 584 -35.01 25.79 -18.59
C GLY L 584 -36.35 25.11 -18.76
N LEU L 585 -37.23 25.30 -17.79
CA LEU L 585 -38.61 24.85 -17.87
C LEU L 585 -39.52 26.07 -17.76
N HIS L 586 -40.55 26.13 -18.59
CA HIS L 586 -41.58 27.15 -18.51
C HIS L 586 -42.92 26.54 -18.88
N GLN L 587 -43.93 26.80 -18.07
CA GLN L 587 -45.30 26.41 -18.39
C GLN L 587 -46.11 27.67 -18.63
N LEU L 588 -46.79 27.71 -19.78
CA LEU L 588 -47.58 28.86 -20.17
C LEU L 588 -49.05 28.51 -20.11
N ARG L 589 -49.82 29.21 -19.31
CA ARG L 589 -51.23 28.92 -19.20
C ARG L 589 -51.99 29.43 -20.39
N LEU L 590 -52.86 28.59 -20.92
CA LEU L 590 -53.65 28.99 -22.06
C LEU L 590 -54.84 29.77 -21.60
N LEU L 591 -55.11 30.90 -22.25
CA LEU L 591 -56.25 31.74 -21.89
C LEU L 591 -57.52 30.93 -21.75
N PRO L 592 -58.07 30.85 -20.53
CA PRO L 592 -59.31 30.10 -20.32
C PRO L 592 -60.50 30.81 -20.98
N LEU L 593 -61.33 30.05 -21.69
CA LEU L 593 -62.50 30.63 -22.32
C LEU L 593 -63.71 29.72 -22.14
N THR L 594 -64.19 29.64 -20.90
CA THR L 594 -65.36 28.81 -20.61
C THR L 594 -66.32 29.54 -19.69
N ASP L 595 -67.60 29.47 -19.99
CA ASP L 595 -68.60 30.19 -19.19
C ASP L 595 -70.01 29.73 -19.52
N GLY L 596 -70.39 28.54 -19.04
CA GLY L 596 -71.71 28.02 -19.34
C GLY L 596 -72.06 28.35 -20.77
N PHE L 597 -71.22 27.93 -21.71
CA PHE L 597 -71.42 28.26 -23.10
C PHE L 597 -72.89 28.48 -23.38
N GLY L 598 -73.68 27.45 -23.19
CA GLY L 598 -75.07 27.56 -23.56
C GLY L 598 -75.98 28.42 -22.75
N ASP L 599 -76.13 28.10 -21.48
CA ASP L 599 -77.07 28.84 -20.67
C ASP L 599 -76.54 30.24 -20.39
N SER L 600 -76.53 31.09 -21.41
CA SER L 600 -76.12 32.48 -21.18
C SER L 600 -77.31 33.38 -21.48
N SER L 601 -78.18 33.55 -20.49
CA SER L 601 -79.42 34.29 -20.64
C SER L 601 -79.38 35.51 -19.73
N THR L 602 -79.48 36.69 -20.32
CA THR L 602 -79.60 37.95 -19.58
C THR L 602 -81.02 38.51 -19.62
N ALA L 603 -82.00 37.69 -19.99
CA ALA L 603 -83.37 38.17 -20.13
C ALA L 603 -83.90 38.65 -18.78
N GLY L 604 -84.65 39.75 -18.82
CA GLY L 604 -85.17 40.32 -17.59
C GLY L 604 -86.11 39.40 -16.84
N GLY L 605 -86.98 38.71 -17.57
CA GLY L 605 -87.95 37.84 -16.93
C GLY L 605 -88.94 38.57 -16.05
N THR L 606 -89.52 39.66 -16.57
CA THR L 606 -90.31 40.56 -15.73
C THR L 606 -91.59 39.91 -15.24
N SER L 607 -92.36 39.29 -16.14
CA SER L 607 -93.69 38.79 -15.77
C SER L 607 -94.01 37.53 -16.56
N THR L 608 -95.18 36.97 -16.25
CA THR L 608 -95.72 35.79 -16.94
C THR L 608 -94.73 34.63 -16.86
N LYS L 609 -94.36 34.27 -15.65
CA LYS L 609 -93.43 33.17 -15.41
C LYS L 609 -94.10 32.09 -14.57
N ILE L 610 -93.74 30.84 -14.85
CA ILE L 610 -94.31 29.64 -14.25
C ILE L 610 -95.82 29.77 -14.06
N VAL L 611 -96.50 30.29 -15.09
CA VAL L 611 -97.93 30.50 -14.99
C VAL L 611 -98.63 29.15 -14.89
N SER L 612 -99.67 29.11 -14.11
CA SER L 612 -100.37 27.85 -13.95
C SER L 612 -101.66 27.85 -14.76
N PRO L 613 -102.14 26.67 -15.15
CA PRO L 613 -103.42 26.58 -15.86
C PRO L 613 -104.59 27.02 -14.98
N MET L 614 -105.78 26.92 -15.56
CA MET L 614 -106.98 27.44 -14.91
C MET L 614 -107.23 26.88 -13.51
N PRO L 615 -107.17 25.55 -13.26
CA PRO L 615 -107.61 25.05 -11.94
C PRO L 615 -106.85 25.67 -10.76
N GLY L 616 -105.57 25.98 -10.93
CA GLY L 616 -104.84 26.65 -9.87
C GLY L 616 -104.67 25.75 -8.65
N LYS L 617 -105.01 26.29 -7.48
CA LYS L 617 -104.82 25.59 -6.21
C LYS L 617 -103.34 25.28 -5.97
N VAL L 618 -102.53 26.34 -5.89
CA VAL L 618 -101.11 26.17 -5.62
C VAL L 618 -100.91 25.77 -4.17
N SER L 619 -99.92 24.92 -3.92
CA SER L 619 -99.59 24.50 -2.57
C SER L 619 -98.20 23.88 -2.56
N LYS L 620 -97.65 23.75 -1.36
CA LYS L 620 -96.38 23.04 -1.14
C LYS L 620 -95.24 23.64 -1.96
N LEU L 621 -95.08 24.95 -1.88
CA LEU L 621 -93.97 25.62 -2.54
C LEU L 621 -92.71 25.46 -1.69
N LEU L 622 -91.65 24.93 -2.29
CA LEU L 622 -90.44 24.54 -1.57
C LEU L 622 -89.24 25.44 -1.87
N VAL L 623 -89.46 26.60 -2.48
CA VAL L 623 -88.39 27.51 -2.84
C VAL L 623 -88.52 28.77 -1.99
N LYS L 624 -87.41 29.28 -1.50
CA LYS L 624 -87.44 30.54 -0.75
C LYS L 624 -87.46 31.73 -1.70
N SER L 625 -88.24 32.74 -1.35
CA SER L 625 -88.29 33.96 -2.15
C SER L 625 -86.95 34.68 -2.12
N GLY L 626 -86.55 35.19 -3.27
CA GLY L 626 -85.26 35.88 -3.37
C GLY L 626 -84.06 34.97 -3.18
N ASP L 627 -84.10 33.78 -3.78
CA ASP L 627 -82.98 32.86 -3.79
C ASP L 627 -82.67 32.45 -5.23
N LEU L 628 -81.39 32.41 -5.57
CA LEU L 628 -80.98 32.17 -6.95
C LEU L 628 -81.47 30.81 -7.45
N VAL L 629 -82.00 30.81 -8.67
CA VAL L 629 -82.45 29.58 -9.32
C VAL L 629 -81.81 29.47 -10.70
N GLU L 630 -80.68 28.79 -10.79
CA GLU L 630 -80.09 28.52 -12.10
C GLU L 630 -80.47 27.14 -12.60
N LYS L 631 -80.29 26.12 -11.76
CA LYS L 631 -80.79 24.79 -12.06
C LYS L 631 -82.32 24.78 -11.99
N GLY L 632 -82.92 23.95 -12.81
CA GLY L 632 -84.38 23.92 -12.92
C GLY L 632 -85.08 23.14 -11.83
N GLN L 633 -85.10 23.66 -10.61
CA GLN L 633 -85.88 23.05 -9.55
C GLN L 633 -87.35 23.36 -9.74
N VAL L 634 -88.18 22.68 -8.95
CA VAL L 634 -89.63 22.89 -9.00
C VAL L 634 -89.94 24.18 -8.23
N LEU L 635 -90.10 25.29 -8.97
CA LEU L 635 -90.39 26.56 -8.33
C LEU L 635 -91.75 26.53 -7.65
N VAL L 636 -92.79 26.13 -8.38
CA VAL L 636 -94.13 25.99 -7.85
C VAL L 636 -94.74 24.71 -8.40
N ILE L 637 -95.58 24.07 -7.60
CA ILE L 637 -96.29 22.86 -8.00
C ILE L 637 -97.79 23.14 -7.89
N VAL L 638 -98.50 23.05 -9.00
CA VAL L 638 -99.92 23.38 -9.02
C VAL L 638 -100.65 22.12 -9.37
N GLU L 639 -101.86 21.93 -8.88
CA GLU L 639 -102.52 20.65 -9.13
C GLU L 639 -103.77 20.83 -9.96
N ALA L 640 -103.84 20.13 -11.09
CA ALA L 640 -105.01 20.21 -11.94
C ALA L 640 -105.53 18.82 -12.15
N MET L 641 -106.52 18.43 -11.37
CA MET L 641 -107.03 17.07 -11.44
C MET L 641 -105.91 16.10 -11.16
N LYS L 642 -105.29 16.21 -10.00
CA LYS L 642 -104.19 15.32 -9.64
C LYS L 642 -103.01 15.48 -10.58
N MET L 643 -102.96 16.59 -11.28
CA MET L 643 -101.82 16.83 -12.15
C MET L 643 -100.85 17.76 -11.48
N GLU L 644 -99.84 17.19 -10.85
CA GLU L 644 -98.83 18.01 -10.23
C GLU L 644 -98.18 18.83 -11.32
N HIS L 645 -97.98 18.22 -12.49
CA HIS L 645 -97.27 18.91 -13.57
C HIS L 645 -96.35 20.02 -13.06
N PRO L 646 -95.22 19.66 -12.44
CA PRO L 646 -94.28 20.69 -11.99
C PRO L 646 -93.76 21.53 -13.15
N VAL L 647 -93.68 22.84 -12.94
CA VAL L 647 -93.27 23.75 -14.01
C VAL L 647 -91.78 23.56 -14.32
N ARG L 648 -90.94 23.52 -13.29
CA ARG L 648 -89.49 23.33 -13.44
C ARG L 648 -88.88 24.41 -14.33
N ALA L 649 -88.91 25.65 -13.85
CA ALA L 649 -88.31 26.75 -14.61
C ALA L 649 -86.79 26.71 -14.48
N LEU L 650 -86.10 27.00 -15.59
CA LEU L 650 -84.65 27.05 -15.62
C LEU L 650 -84.09 28.45 -15.84
N GLN L 651 -84.94 29.48 -15.74
CA GLN L 651 -84.45 30.85 -15.89
C GLN L 651 -83.59 31.24 -14.70
N ASP L 652 -82.37 31.71 -14.99
CA ASP L 652 -81.43 32.05 -13.94
C ASP L 652 -81.83 33.34 -13.23
N GLY L 653 -81.39 33.46 -11.98
CA GLY L 653 -81.75 34.58 -11.14
C GLY L 653 -82.70 34.18 -10.02
N ARG L 654 -82.80 35.07 -9.02
CA ARG L 654 -83.69 34.82 -7.90
C ARG L 654 -85.15 34.95 -8.34
N VAL L 655 -86.02 34.20 -7.67
CA VAL L 655 -87.44 34.14 -8.00
C VAL L 655 -88.23 34.78 -6.86
N SER L 656 -89.16 35.67 -7.21
CA SER L 656 -89.96 36.41 -6.24
C SER L 656 -91.41 35.94 -6.29
N PHE L 657 -91.93 35.49 -5.16
CA PHE L 657 -93.27 34.91 -5.10
C PHE L 657 -94.30 36.00 -4.83
N LEU L 658 -95.38 35.99 -5.60
CA LEU L 658 -96.54 36.85 -5.36
C LEU L 658 -97.77 36.06 -4.96
N VAL L 659 -97.63 34.78 -4.64
CA VAL L 659 -98.75 33.93 -4.25
C VAL L 659 -98.37 33.18 -2.98
N LYS L 660 -99.39 32.60 -2.33
CA LYS L 660 -99.21 31.83 -1.12
C LYS L 660 -99.84 30.45 -1.30
N GLU L 661 -99.34 29.48 -0.52
CA GLU L 661 -99.82 28.11 -0.59
C GLU L 661 -101.31 28.04 -0.28
N GLY L 662 -102.01 27.19 -1.02
CA GLY L 662 -103.43 26.99 -0.83
C GLY L 662 -104.33 28.02 -1.49
N GLU L 663 -103.77 28.94 -2.26
CA GLU L 663 -104.52 30.03 -2.89
C GLU L 663 -104.88 29.61 -4.31
N VAL L 664 -106.18 29.52 -4.60
CA VAL L 664 -106.63 29.21 -5.95
C VAL L 664 -106.35 30.41 -6.85
N VAL L 665 -105.68 30.15 -7.97
CA VAL L 665 -105.24 31.20 -8.87
C VAL L 665 -105.84 30.96 -10.25
N GLY L 666 -106.01 32.05 -10.99
CA GLY L 666 -106.61 31.95 -12.32
C GLY L 666 -105.64 31.42 -13.35
N GLY L 667 -106.18 31.20 -14.55
CA GLY L 667 -105.36 30.67 -15.63
C GLY L 667 -104.29 31.67 -16.05
N ASP L 668 -103.08 31.15 -16.26
CA ASP L 668 -101.93 31.94 -16.72
C ASP L 668 -101.65 33.12 -15.78
N HIS L 669 -101.85 32.91 -14.48
CA HIS L 669 -101.58 33.95 -13.50
C HIS L 669 -100.08 34.13 -13.29
N VAL L 670 -99.69 35.32 -12.88
CA VAL L 670 -98.30 35.61 -12.57
C VAL L 670 -98.05 35.09 -11.15
N LEU L 671 -97.67 33.82 -11.05
CA LEU L 671 -97.39 33.25 -9.74
C LEU L 671 -96.10 33.81 -9.16
N ALA L 672 -95.10 34.03 -10.01
CA ALA L 672 -93.82 34.55 -9.57
C ALA L 672 -93.13 35.24 -10.74
N THR L 673 -92.24 36.16 -10.43
CA THR L 673 -91.42 36.85 -11.42
C THR L 673 -89.98 36.35 -11.28
N VAL L 674 -89.51 35.61 -12.27
CA VAL L 674 -88.16 35.09 -12.28
C VAL L 674 -87.28 36.10 -13.01
N ALA L 675 -86.56 36.90 -12.25
CA ALA L 675 -85.77 38.00 -12.81
C ALA L 675 -84.30 37.81 -12.46
N GLU L 676 -83.45 38.38 -13.30
CA GLU L 676 -82.02 38.34 -13.04
C GLU L 676 -81.70 39.00 -11.71
N GLU L 677 -80.78 38.41 -10.97
CA GLU L 677 -80.38 38.98 -9.69
C GLU L 677 -79.77 40.35 -9.90
N GLU L 678 -80.40 41.37 -9.33
CA GLU L 678 -79.92 42.74 -9.45
C GLU L 678 -79.55 43.30 -8.09
C11 BTI M . 107.34 -18.21 16.02
O11 BTI M . 106.64 -17.53 15.30
C10 BTI M . 107.21 -18.07 17.53
C9 BTI M . 106.43 -19.26 18.06
C8 BTI M . 105.97 -18.98 19.49
C7 BTI M . 105.29 -20.20 20.08
C2 BTI M . 104.71 -19.87 21.44
S1 BTI M . 105.99 -19.33 22.52
C6 BTI M . 105.23 -19.94 23.98
C5 BTI M . 104.28 -21.05 23.60
N3 BTI M . 104.85 -22.36 23.84
C3 BTI M . 104.93 -23.07 22.72
O3 BTI M . 105.29 -24.22 22.68
N2 BTI M . 104.54 -22.35 21.69
C4 BTI M . 104.01 -21.06 22.10
C11 BTI N . 73.76 58.60 56.88
O11 BTI N . 72.57 58.36 56.94
C10 BTI N . 74.76 57.48 56.90
C9 BTI N . 75.29 57.26 55.49
C8 BTI N . 76.01 55.92 55.39
C7 BTI N . 76.64 55.76 54.01
C2 BTI N . 77.22 54.37 53.87
S1 BTI N . 78.44 54.11 55.13
C6 BTI N . 79.41 53.01 54.16
C5 BTI N . 79.13 53.28 52.69
N3 BTI N . 80.17 54.09 52.10
C3 BTI N . 79.69 55.23 51.62
O3 BTI N . 80.34 56.04 50.99
N2 BTI N . 78.39 55.34 51.91
C4 BTI N . 77.88 54.13 52.52
C11 BTI O . 54.14 -25.43 92.23
O11 BTI O . 53.68 -26.01 91.25
C10 BTI O . 55.13 -24.31 92.03
C9 BTI O . 54.44 -22.97 92.24
C8 BTI O . 55.30 -21.84 91.71
C7 BTI O . 54.66 -20.50 92.01
C2 BTI O . 55.46 -19.38 91.34
S1 BTI O . 57.11 -19.41 91.94
C6 BTI O . 57.36 -17.67 91.77
C5 BTI O . 55.99 -16.99 91.79
N3 BTI O . 55.72 -16.41 93.09
C3 BTI O . 54.62 -16.94 93.62
O3 BTI O . 54.12 -16.55 94.66
N2 BTI O . 54.15 -17.91 92.85
C4 BTI O . 54.88 -18.00 91.60
C11 BTI P . -106.85 18.51 -17.18
O11 BTI P . -107.41 19.12 -16.29
C10 BTI P . -106.31 17.12 -16.95
C9 BTI P . -106.87 16.17 -18.01
C8 BTI P . -106.30 14.77 -17.85
C7 BTI P . -106.93 13.83 -18.86
C2 BTI P . -106.30 12.45 -18.81
S1 BTI P . -106.87 11.45 -20.15
C6 BTI P . -106.74 9.94 -19.27
C5 BTI P . -106.89 10.25 -17.80
N3 BTI P . -108.25 10.05 -17.35
C3 BTI P . -108.78 11.18 -16.93
O3 BTI P . -109.95 11.33 -16.59
N2 BTI P . -107.88 12.16 -16.95
C4 BTI P . -106.64 11.71 -17.53
C11 BTI Q . -74.22 -58.74 -55.15
O11 BTI Q . -74.06 -58.48 -53.97
C10 BTI Q . -74.78 -57.71 -56.08
C9 BTI Q . -73.63 -56.95 -56.73
C8 BTI Q . -74.14 -55.75 -57.53
C7 BTI Q . -73.00 -55.02 -58.20
C2 BTI Q . -73.53 -53.89 -59.06
S1 BTI Q . -74.84 -54.50 -60.07
C6 BTI Q . -74.50 -53.40 -61.41
C5 BTI Q . -73.03 -53.04 -61.35
N3 BTI Q . -72.24 -53.88 -62.21
C3 BTI Q . -71.37 -54.60 -61.50
O3 BTI Q . -70.64 -55.46 -61.96
N2 BTI Q . -71.42 -54.26 -60.22
C4 BTI Q . -72.48 -53.31 -59.97
C11 BTI R . -54.86 23.87 -92.15
O11 BTI R . -54.51 24.59 -93.07
C10 BTI R . -55.21 24.48 -90.80
C9 BTI R . -56.71 24.35 -90.58
C8 BTI R . -57.11 24.92 -89.22
C7 BTI R . -58.62 24.91 -89.06
C2 BTI R . -59.03 25.41 -87.68
S1 BTI R . -60.76 25.16 -87.44
C6 BTI R . -60.96 26.56 -86.38
C5 BTI R . -59.87 27.56 -86.75
N3 BTI R . -60.35 28.56 -87.67
C3 BTI R . -59.70 28.49 -88.82
O3 BTI R . -59.98 29.15 -89.81
N2 BTI R . -58.73 27.59 -88.76
C4 BTI R . -58.75 26.89 -87.51
#